data_4R76
#
_entry.id   4R76
#
_cell.length_a   174.041
_cell.length_b   177.408
_cell.length_c   231.770
_cell.angle_alpha   90.00
_cell.angle_beta   90.00
_cell.angle_gamma   90.00
#
_symmetry.space_group_name_H-M   'P 21 21 21'
#
loop_
_entity.id
_entity.type
_entity.pdbx_description
1 polymer 'M17 family aminopeptidase'
2 non-polymer 'ZINC ION'
3 non-polymer 'CARBONATE ION'
4 non-polymer 3-amino-N-{(1R)-2-(hydroxyamino)-2-oxo-1-[4-(1H-pyrazol-1-yl)phenyl]ethyl}benzamide
5 non-polymer 'SULFATE ION'
6 non-polymer 'PENTAETHYLENE GLYCOL'
7 water water
#
_entity_poly.entity_id   1
_entity_poly.type   'polypeptide(L)'
_entity_poly.pdbx_seq_one_letter_code
;MASEVPQVVSLDPTSIPIEYNTPIHDIKVQVYDIKGGCNVEEGLTIFLVNNPGKENGPVKISSKVNDKQVSEFLKDENME
KFNVKLGTSKHFYMFNDNKNSVAVGYVGCGSVADLSEADMKRVVLSLVTMLHDNKLSKLTVVFEINVDKNLFRFFLETLF
YEYMTDERFKSTDKNVNMEYIKHLGVYINNADTYKEEVEKARVYYFGTYYASQLIAAPSNYCNPVSLSNAAVELAQKLNL
EYKILGVKELEELKMGAYLSVGKGSMYPNKFIHLTYKSKGDVKKKIALVGKGITFDSGGYNLKAAPGSMIDLMKFDMSGC
AAVLGCAYCVGTLKPENVEIHFLSAVCENMVSKNSYRPGDIITASNGKTIEVGNTDAEGRLTLADALVYAEKLGVDYIVD
IATLTGAMLYSLGTSYAGVFGNNEELINKILQSSKTSNEPVWWLPIINEYRATLNSKYADINQISSSVKASSIVASLFLK
EFVQNTAWAHIDIAGVSWNFKARKPKGFGVRLLTEFVLNDALHHHHHH
;
_entity_poly.pdbx_strand_id   A,B,C,D,E,F,G,H,I,J,K,L
#
loop_
_chem_comp.id
_chem_comp.type
_chem_comp.name
_chem_comp.formula
1PE non-polymer 'PENTAETHYLENE GLYCOL' 'C10 H22 O6'
CO3 non-polymer 'CARBONATE ION' 'C O3 -2'
R5X non-polymer 3-amino-N-{(1R)-2-(hydroxyamino)-2-oxo-1-[4-(1H-pyrazol-1-yl)phenyl]ethyl}benzamide 'C18 H17 N5 O3'
SO4 non-polymer 'SULFATE ION' 'O4 S -2'
ZN non-polymer 'ZINC ION' 'Zn 2'
#
# COMPACT_ATOMS: atom_id res chain seq x y z
N SER A 3 -33.59 -47.98 45.07
CA SER A 3 -33.53 -47.74 46.51
C SER A 3 -34.81 -47.08 47.02
N GLU A 4 -35.05 -47.20 48.32
CA GLU A 4 -36.22 -46.57 48.94
C GLU A 4 -35.91 -45.10 49.25
N VAL A 5 -36.83 -44.22 48.86
CA VAL A 5 -36.66 -42.80 49.09
C VAL A 5 -37.15 -42.42 50.48
N PRO A 6 -36.24 -41.88 51.32
CA PRO A 6 -36.60 -41.46 52.68
C PRO A 6 -37.61 -40.31 52.69
N GLN A 7 -38.55 -40.37 53.62
CA GLN A 7 -39.55 -39.32 53.78
C GLN A 7 -39.51 -38.73 55.17
N VAL A 8 -39.92 -37.47 55.29
CA VAL A 8 -40.16 -36.87 56.60
C VAL A 8 -41.61 -37.08 56.97
N VAL A 9 -42.49 -36.90 55.99
CA VAL A 9 -43.91 -37.21 56.13
C VAL A 9 -44.33 -38.17 55.01
N SER A 10 -45.45 -38.85 55.20
CA SER A 10 -45.92 -39.83 54.22
C SER A 10 -46.41 -39.15 52.94
N LEU A 11 -46.57 -37.83 53.01
CA LEU A 11 -47.02 -37.06 51.85
C LEU A 11 -45.85 -36.70 50.93
N ASP A 12 -44.63 -36.86 51.44
CA ASP A 12 -43.43 -36.63 50.64
C ASP A 12 -43.39 -37.60 49.46
N PRO A 13 -43.25 -37.06 48.24
CA PRO A 13 -43.17 -37.88 47.03
C PRO A 13 -41.96 -38.80 47.03
N THR A 14 -42.11 -39.98 46.45
CA THR A 14 -41.04 -40.99 46.48
C THR A 14 -40.56 -41.38 45.09
N SER A 15 -40.85 -40.55 44.11
CA SER A 15 -40.38 -40.77 42.74
C SER A 15 -40.54 -39.52 41.88
N ILE A 16 -39.75 -39.43 40.82
CA ILE A 16 -39.92 -38.37 39.84
C ILE A 16 -40.94 -38.79 38.80
N PRO A 17 -42.01 -38.01 38.63
CA PRO A 17 -42.94 -38.28 37.53
C PRO A 17 -42.29 -38.02 36.19
N ILE A 18 -42.33 -39.00 35.30
CA ILE A 18 -41.70 -38.86 33.98
C ILE A 18 -42.67 -39.25 32.87
N GLU A 19 -42.83 -38.37 31.90
CA GLU A 19 -43.64 -38.67 30.72
C GLU A 19 -42.75 -39.19 29.60
N TYR A 20 -42.91 -40.47 29.26
CA TYR A 20 -42.19 -41.04 28.13
C TYR A 20 -42.99 -40.85 26.86
N ASN A 21 -44.22 -41.37 26.85
CA ASN A 21 -45.10 -41.24 25.70
C ASN A 21 -45.72 -39.85 25.61
N THR A 22 -45.04 -38.94 24.93
CA THR A 22 -45.54 -37.57 24.76
C THR A 22 -46.43 -37.48 23.53
N PRO A 23 -47.31 -36.45 23.50
CA PRO A 23 -48.14 -36.21 22.31
C PRO A 23 -47.32 -36.08 21.03
N ILE A 24 -46.11 -35.54 21.14
CA ILE A 24 -45.22 -35.36 20.01
C ILE A 24 -44.90 -36.69 19.34
N HIS A 25 -44.77 -37.73 20.15
CA HIS A 25 -44.43 -39.05 19.64
C HIS A 25 -45.55 -39.69 18.82
N ASP A 26 -46.75 -39.11 18.93
CA ASP A 26 -47.90 -39.64 18.22
C ASP A 26 -48.15 -38.89 16.91
N ILE A 27 -47.40 -37.82 16.70
CA ILE A 27 -47.52 -37.05 15.46
C ILE A 27 -46.88 -37.79 14.29
N LYS A 28 -47.69 -38.10 13.28
CA LYS A 28 -47.16 -38.68 12.05
C LYS A 28 -46.56 -37.58 11.19
N VAL A 29 -45.30 -37.75 10.79
CA VAL A 29 -44.59 -36.73 10.03
C VAL A 29 -44.40 -37.15 8.58
N GLN A 30 -44.85 -36.31 7.66
CA GLN A 30 -44.70 -36.56 6.23
C GLN A 30 -43.87 -35.45 5.58
N VAL A 31 -42.93 -35.85 4.72
CA VAL A 31 -42.09 -34.89 4.02
C VAL A 31 -42.30 -34.96 2.52
N TYR A 32 -42.56 -33.81 1.89
CA TYR A 32 -42.78 -33.75 0.45
C TYR A 32 -41.80 -32.82 -0.24
N ASP A 33 -41.65 -33.00 -1.55
CA ASP A 33 -40.82 -32.11 -2.36
C ASP A 33 -41.69 -31.01 -2.96
N ILE A 34 -41.24 -29.76 -2.82
CA ILE A 34 -41.97 -28.60 -3.30
C ILE A 34 -42.21 -28.64 -4.81
N LYS A 35 -41.24 -29.18 -5.55
CA LYS A 35 -41.33 -29.26 -7.01
C LYS A 35 -42.50 -30.13 -7.50
N GLY A 36 -43.31 -30.62 -6.57
CA GLY A 36 -44.50 -31.38 -6.92
C GLY A 36 -45.78 -30.63 -6.58
N GLY A 37 -45.64 -29.45 -5.99
CA GLY A 37 -46.78 -28.63 -5.63
C GLY A 37 -47.29 -28.92 -4.24
N CYS A 38 -47.95 -27.93 -3.64
CA CYS A 38 -48.47 -28.07 -2.29
C CYS A 38 -49.97 -28.36 -2.27
N ASN A 39 -50.37 -29.38 -1.52
CA ASN A 39 -51.79 -29.63 -1.27
C ASN A 39 -52.23 -28.92 0.00
N VAL A 40 -53.31 -28.16 -0.11
CA VAL A 40 -53.81 -27.38 1.03
C VAL A 40 -55.21 -27.85 1.43
N GLU A 41 -55.32 -28.52 2.57
CA GLU A 41 -56.59 -29.10 2.99
C GLU A 41 -56.90 -28.82 4.46
N GLU A 42 -57.00 -29.89 5.26
CA GLU A 42 -57.41 -29.76 6.65
C GLU A 42 -56.29 -29.18 7.51
N GLY A 43 -56.67 -28.57 8.63
CA GLY A 43 -55.70 -28.01 9.55
C GLY A 43 -55.18 -26.65 9.12
N LEU A 44 -53.93 -26.37 9.47
CA LEU A 44 -53.32 -25.08 9.19
C LEU A 44 -52.06 -25.23 8.34
N THR A 45 -52.02 -24.52 7.21
CA THR A 45 -50.89 -24.57 6.30
C THR A 45 -50.08 -23.29 6.37
N ILE A 46 -48.84 -23.38 6.85
CA ILE A 46 -48.00 -22.20 7.05
C ILE A 46 -46.78 -22.17 6.13
N PHE A 47 -46.57 -21.02 5.49
CA PHE A 47 -45.41 -20.79 4.65
C PHE A 47 -44.32 -20.04 5.42
N LEU A 48 -43.11 -20.57 5.41
CA LEU A 48 -41.98 -19.81 5.95
C LEU A 48 -41.38 -18.97 4.83
N VAL A 49 -41.59 -17.66 4.92
CA VAL A 49 -41.25 -16.75 3.83
C VAL A 49 -40.29 -15.65 4.28
N ASN A 50 -39.32 -15.33 3.43
CA ASN A 50 -38.46 -14.18 3.67
C ASN A 50 -38.43 -13.22 2.48
N ASN A 51 -37.48 -12.30 2.50
CA ASN A 51 -37.27 -11.37 1.40
C ASN A 51 -35.85 -10.83 1.45
N PRO A 52 -34.92 -11.53 0.78
CA PRO A 52 -33.49 -11.23 0.86
C PRO A 52 -33.15 -9.81 0.41
N GLY A 53 -32.35 -9.10 1.21
CA GLY A 53 -31.92 -7.76 0.86
C GLY A 53 -32.84 -6.67 1.39
N LYS A 54 -34.07 -6.65 0.90
CA LYS A 54 -35.05 -5.63 1.31
C LYS A 54 -35.70 -6.01 2.64
N GLU A 55 -35.27 -5.34 3.71
CA GLU A 55 -35.79 -5.60 5.04
C GLU A 55 -37.24 -5.16 5.17
N ASN A 56 -38.03 -5.95 5.89
CA ASN A 56 -39.47 -5.75 6.01
C ASN A 56 -40.14 -5.68 4.64
N GLY A 57 -39.56 -6.39 3.67
CA GLY A 57 -40.10 -6.40 2.33
C GLY A 57 -41.41 -7.15 2.26
N PRO A 58 -42.13 -6.99 1.14
CA PRO A 58 -43.44 -7.63 0.96
C PRO A 58 -43.36 -9.15 0.89
N VAL A 59 -44.49 -9.82 1.13
CA VAL A 59 -44.55 -11.27 1.10
C VAL A 59 -44.75 -11.79 -0.32
N LYS A 60 -43.92 -12.76 -0.71
CA LYS A 60 -44.10 -13.44 -1.99
C LYS A 60 -44.08 -14.95 -1.80
N ILE A 61 -45.08 -15.63 -2.36
CA ILE A 61 -45.14 -17.08 -2.28
C ILE A 61 -44.60 -17.70 -3.56
N SER A 62 -43.55 -18.51 -3.42
CA SER A 62 -42.86 -19.09 -4.57
C SER A 62 -43.47 -20.43 -4.98
N SER A 63 -43.83 -21.24 -3.99
CA SER A 63 -44.25 -22.62 -4.24
C SER A 63 -45.54 -22.73 -5.04
N LYS A 64 -45.58 -23.74 -5.91
CA LYS A 64 -46.79 -24.07 -6.65
C LYS A 64 -47.83 -24.66 -5.70
N VAL A 65 -49.03 -24.10 -5.73
CA VAL A 65 -50.12 -24.62 -4.90
C VAL A 65 -51.14 -25.33 -5.77
N ASN A 66 -51.31 -26.63 -5.55
CA ASN A 66 -52.20 -27.44 -6.36
C ASN A 66 -53.68 -27.18 -6.05
N ASP A 67 -54.07 -25.92 -6.16
CA ASP A 67 -55.45 -25.50 -5.94
C ASP A 67 -55.65 -24.12 -6.56
N LYS A 68 -56.63 -24.02 -7.46
CA LYS A 68 -56.85 -22.79 -8.20
C LYS A 68 -57.32 -21.66 -7.30
N GLN A 69 -58.21 -21.97 -6.36
CA GLN A 69 -58.74 -20.97 -5.44
C GLN A 69 -57.64 -20.38 -4.57
N VAL A 70 -56.87 -21.26 -3.93
CA VAL A 70 -55.81 -20.85 -3.01
C VAL A 70 -54.70 -20.08 -3.74
N SER A 71 -54.34 -20.55 -4.93
CA SER A 71 -53.32 -19.88 -5.73
C SER A 71 -53.71 -18.44 -6.06
N GLU A 72 -54.98 -18.25 -6.40
CA GLU A 72 -55.52 -16.92 -6.64
C GLU A 72 -55.42 -16.04 -5.39
N PHE A 73 -55.71 -16.65 -4.24
CA PHE A 73 -55.64 -15.93 -2.98
C PHE A 73 -54.19 -15.56 -2.65
N LEU A 74 -53.29 -16.51 -2.88
CA LEU A 74 -51.88 -16.32 -2.51
C LEU A 74 -51.07 -15.62 -3.59
N LYS A 75 -51.73 -15.03 -4.58
CA LYS A 75 -51.01 -14.35 -5.65
C LYS A 75 -50.32 -13.10 -5.10
N ASP A 76 -49.28 -12.66 -5.79
CA ASP A 76 -48.43 -11.56 -5.31
C ASP A 76 -49.20 -10.27 -5.03
N GLU A 77 -50.11 -9.94 -5.94
CA GLU A 77 -50.91 -8.72 -5.82
C GLU A 77 -51.67 -8.67 -4.49
N ASN A 78 -52.08 -9.85 -4.01
CA ASN A 78 -52.79 -9.96 -2.75
C ASN A 78 -51.88 -9.89 -1.52
N MET A 79 -50.71 -10.52 -1.62
CA MET A 79 -49.83 -10.68 -0.46
C MET A 79 -48.96 -9.47 -0.17
N GLU A 80 -48.92 -8.51 -1.10
CA GLU A 80 -48.00 -7.38 -0.99
C GLU A 80 -48.26 -6.50 0.24
N LYS A 81 -49.48 -6.58 0.79
CA LYS A 81 -49.84 -5.78 1.96
C LYS A 81 -49.21 -6.33 3.24
N PHE A 82 -48.60 -7.49 3.15
CA PHE A 82 -47.93 -8.11 4.29
C PHE A 82 -46.42 -8.07 4.12
N ASN A 83 -45.69 -7.94 5.23
CA ASN A 83 -44.23 -7.90 5.17
C ASN A 83 -43.59 -9.08 5.89
N VAL A 84 -42.28 -9.24 5.70
CA VAL A 84 -41.58 -10.43 6.18
C VAL A 84 -40.78 -10.19 7.46
N LYS A 85 -41.11 -9.12 8.19
CA LYS A 85 -40.43 -8.81 9.45
C LYS A 85 -40.36 -10.04 10.34
N LEU A 86 -39.15 -10.44 10.69
CA LEU A 86 -38.90 -11.69 11.41
C LEU A 86 -39.78 -11.80 12.66
N GLY A 87 -40.63 -12.81 12.68
CA GLY A 87 -41.54 -13.03 13.78
C GLY A 87 -42.99 -12.71 13.44
N THR A 88 -43.19 -12.00 12.34
CA THR A 88 -44.53 -11.63 11.89
C THR A 88 -45.31 -12.85 11.42
N SER A 89 -46.60 -12.88 11.71
CA SER A 89 -47.46 -13.98 11.30
C SER A 89 -48.84 -13.47 10.90
N LYS A 90 -49.47 -14.18 9.96
CA LYS A 90 -50.83 -13.84 9.54
C LYS A 90 -51.65 -15.09 9.30
N HIS A 91 -52.95 -15.00 9.58
CA HIS A 91 -53.87 -16.11 9.32
C HIS A 91 -54.74 -15.82 8.10
N PHE A 92 -54.90 -16.82 7.24
CA PHE A 92 -55.77 -16.69 6.08
C PHE A 92 -56.90 -17.70 6.14
N TYR A 93 -58.08 -17.31 5.66
CA TYR A 93 -59.24 -18.18 5.60
C TYR A 93 -59.85 -18.14 4.21
N MET A 94 -60.09 -19.30 3.62
CA MET A 94 -60.63 -19.38 2.27
C MET A 94 -61.21 -20.75 1.95
N PHE A 95 -61.90 -20.85 0.81
CA PHE A 95 -62.45 -22.11 0.33
C PHE A 95 -61.64 -22.62 -0.85
N ASN A 96 -61.29 -23.91 -0.83
CA ASN A 96 -60.49 -24.47 -1.90
C ASN A 96 -61.33 -24.95 -3.09
N ASP A 97 -60.69 -25.63 -4.03
CA ASP A 97 -61.36 -26.09 -5.25
C ASP A 97 -62.54 -27.03 -4.96
N ASN A 98 -62.42 -27.81 -3.90
CA ASN A 98 -63.45 -28.77 -3.55
C ASN A 98 -64.48 -28.19 -2.56
N LYS A 99 -64.60 -26.87 -2.57
CA LYS A 99 -65.60 -26.15 -1.76
C LYS A 99 -65.46 -26.42 -0.26
N ASN A 100 -64.23 -26.63 0.19
CA ASN A 100 -63.96 -26.81 1.61
C ASN A 100 -63.15 -25.66 2.18
N SER A 101 -63.49 -25.22 3.39
CA SER A 101 -62.77 -24.13 4.04
C SER A 101 -61.39 -24.59 4.50
N VAL A 102 -60.36 -23.86 4.09
CA VAL A 102 -59.01 -24.19 4.49
C VAL A 102 -58.38 -23.01 5.24
N ALA A 103 -57.37 -23.32 6.05
CA ALA A 103 -56.67 -22.29 6.81
C ALA A 103 -55.21 -22.20 6.40
N VAL A 104 -54.81 -21.05 5.89
CA VAL A 104 -53.45 -20.84 5.41
C VAL A 104 -52.81 -19.68 6.19
N GLY A 105 -51.50 -19.53 6.07
CA GLY A 105 -50.80 -18.44 6.73
C GLY A 105 -49.31 -18.48 6.49
N TYR A 106 -48.59 -17.53 7.08
CA TYR A 106 -47.14 -17.49 6.93
C TYR A 106 -46.45 -16.98 8.19
N VAL A 107 -45.15 -17.24 8.28
CA VAL A 107 -44.32 -16.65 9.32
C VAL A 107 -43.12 -15.99 8.67
N GLY A 108 -42.90 -14.71 8.98
CA GLY A 108 -41.83 -13.95 8.38
C GLY A 108 -40.46 -14.36 8.88
N CYS A 109 -39.54 -14.59 7.94
CA CYS A 109 -38.18 -14.99 8.29
C CYS A 109 -37.17 -13.90 7.94
N GLY A 110 -37.59 -12.65 8.11
CA GLY A 110 -36.70 -11.51 7.94
C GLY A 110 -36.20 -11.33 6.52
N SER A 111 -35.00 -10.77 6.40
CA SER A 111 -34.41 -10.45 5.10
C SER A 111 -33.02 -11.06 4.93
N VAL A 112 -32.49 -11.68 5.99
CA VAL A 112 -31.19 -12.31 5.92
C VAL A 112 -31.32 -13.73 5.39
N ALA A 113 -30.56 -14.04 4.34
CA ALA A 113 -30.65 -15.32 3.66
C ALA A 113 -30.28 -16.50 4.56
N ASP A 114 -29.38 -16.26 5.51
CA ASP A 114 -28.95 -17.30 6.43
C ASP A 114 -29.44 -17.04 7.85
N LEU A 115 -30.34 -17.90 8.32
CA LEU A 115 -30.90 -17.77 9.67
C LEU A 115 -29.99 -18.38 10.72
N SER A 116 -29.74 -17.63 11.79
CA SER A 116 -28.99 -18.15 12.93
C SER A 116 -29.90 -19.04 13.77
N GLU A 117 -29.31 -19.77 14.71
CA GLU A 117 -30.09 -20.70 15.53
C GLU A 117 -31.09 -19.93 16.41
N ALA A 118 -30.78 -18.67 16.70
CA ALA A 118 -31.66 -17.83 17.50
C ALA A 118 -32.84 -17.34 16.67
N ASP A 119 -32.54 -16.84 15.47
CA ASP A 119 -33.58 -16.40 14.53
C ASP A 119 -34.58 -17.52 14.27
N MET A 120 -34.06 -18.73 14.14
CA MET A 120 -34.88 -19.91 13.91
C MET A 120 -35.84 -20.14 15.08
N LYS A 121 -35.33 -19.95 16.29
CA LYS A 121 -36.15 -20.10 17.49
C LYS A 121 -37.29 -19.09 17.51
N ARG A 122 -37.01 -17.87 17.06
CA ARG A 122 -38.01 -16.81 17.03
C ARG A 122 -39.11 -17.16 16.03
N VAL A 123 -38.72 -17.75 14.90
CA VAL A 123 -39.68 -18.20 13.89
C VAL A 123 -40.57 -19.30 14.43
N VAL A 124 -39.95 -20.28 15.10
CA VAL A 124 -40.69 -21.41 15.67
C VAL A 124 -41.66 -20.93 16.76
N LEU A 125 -41.20 -20.01 17.60
CA LEU A 125 -42.04 -19.45 18.66
C LEU A 125 -43.27 -18.74 18.08
N SER A 126 -43.10 -18.14 16.92
CA SER A 126 -44.23 -17.51 16.21
C SER A 126 -45.17 -18.59 15.70
N LEU A 127 -44.59 -19.70 15.25
CA LEU A 127 -45.37 -20.82 14.74
C LEU A 127 -46.13 -21.53 15.86
N VAL A 128 -45.50 -21.64 17.02
CA VAL A 128 -46.12 -22.26 18.18
C VAL A 128 -47.33 -21.45 18.65
N THR A 129 -47.22 -20.13 18.54
CA THR A 129 -48.33 -19.23 18.86
C THR A 129 -49.55 -19.59 18.02
N MET A 130 -49.33 -19.93 16.76
CA MET A 130 -50.41 -20.31 15.87
C MET A 130 -50.96 -21.69 16.23
N LEU A 131 -50.14 -22.50 16.91
CA LEU A 131 -50.55 -23.83 17.34
C LEU A 131 -51.34 -23.76 18.65
N HIS A 132 -51.00 -22.78 19.49
CA HIS A 132 -51.67 -22.63 20.77
C HIS A 132 -53.03 -21.95 20.63
N ASP A 133 -53.95 -22.33 21.52
CA ASP A 133 -55.31 -21.80 21.53
C ASP A 133 -56.01 -22.02 20.20
N ASN A 134 -55.67 -23.12 19.53
CA ASN A 134 -56.30 -23.52 18.28
C ASN A 134 -56.31 -25.04 18.19
N LYS A 135 -57.49 -25.62 18.09
CA LYS A 135 -57.63 -27.07 18.08
C LYS A 135 -57.42 -27.64 16.69
N LEU A 136 -56.15 -27.75 16.30
CA LEU A 136 -55.79 -28.22 14.97
C LEU A 136 -55.47 -29.71 14.95
N SER A 137 -55.92 -30.39 13.90
CA SER A 137 -55.66 -31.81 13.73
C SER A 137 -54.39 -32.06 12.94
N LYS A 138 -53.98 -31.06 12.17
CA LYS A 138 -52.83 -31.19 11.28
C LYS A 138 -52.14 -29.85 11.04
N LEU A 139 -50.80 -29.87 11.01
CA LEU A 139 -50.02 -28.71 10.62
C LEU A 139 -49.21 -29.00 9.35
N THR A 140 -49.16 -28.04 8.44
CA THR A 140 -48.35 -28.16 7.24
C THR A 140 -47.41 -26.97 7.12
N VAL A 141 -46.12 -27.25 7.01
CA VAL A 141 -45.11 -26.21 6.90
C VAL A 141 -44.44 -26.24 5.53
N VAL A 142 -44.37 -25.07 4.88
CA VAL A 142 -43.76 -24.96 3.57
C VAL A 142 -42.52 -24.07 3.62
N PHE A 143 -41.35 -24.67 3.43
CA PHE A 143 -40.10 -23.93 3.47
C PHE A 143 -39.81 -23.18 2.18
N GLU A 144 -39.93 -21.85 2.23
CA GLU A 144 -39.47 -21.01 1.14
C GLU A 144 -38.24 -20.24 1.59
N ILE A 145 -37.45 -20.89 2.44
CA ILE A 145 -36.18 -20.36 2.92
C ILE A 145 -35.10 -21.43 2.79
N ASN A 146 -33.86 -21.00 2.65
CA ASN A 146 -32.74 -21.93 2.55
C ASN A 146 -32.25 -22.39 3.90
N VAL A 147 -32.38 -23.68 4.18
CA VAL A 147 -31.86 -24.27 5.41
C VAL A 147 -31.08 -25.54 5.10
N ASP A 148 -29.96 -25.76 5.78
CA ASP A 148 -29.20 -26.99 5.63
C ASP A 148 -29.87 -28.08 6.45
N LYS A 149 -29.30 -29.29 6.41
CA LYS A 149 -29.88 -30.44 7.08
C LYS A 149 -29.93 -30.25 8.60
N ASN A 150 -28.87 -29.66 9.15
CA ASN A 150 -28.80 -29.45 10.60
C ASN A 150 -29.82 -28.41 11.09
N LEU A 151 -29.99 -27.35 10.33
CA LEU A 151 -30.91 -26.29 10.72
C LEU A 151 -32.36 -26.76 10.59
N PHE A 152 -32.59 -27.63 9.60
CA PHE A 152 -33.90 -28.23 9.42
C PHE A 152 -34.24 -29.12 10.61
N ARG A 153 -33.28 -29.94 11.02
CA ARG A 153 -33.46 -30.81 12.17
C ARG A 153 -33.71 -29.98 13.41
N PHE A 154 -32.97 -28.88 13.53
CA PHE A 154 -33.09 -27.97 14.67
C PHE A 154 -34.48 -27.33 14.71
N PHE A 155 -35.03 -27.05 13.53
CA PHE A 155 -36.38 -26.51 13.43
C PHE A 155 -37.38 -27.48 14.05
N LEU A 156 -37.30 -28.74 13.65
CA LEU A 156 -38.19 -29.78 14.13
C LEU A 156 -38.08 -29.99 15.63
N GLU A 157 -36.83 -30.06 16.12
CA GLU A 157 -36.57 -30.24 17.55
C GLU A 157 -37.16 -29.10 18.36
N THR A 158 -36.93 -27.88 17.90
CA THR A 158 -37.39 -26.68 18.59
C THR A 158 -38.92 -26.62 18.57
N LEU A 159 -39.50 -26.99 17.43
CA LEU A 159 -40.95 -27.07 17.30
C LEU A 159 -41.50 -28.07 18.31
N PHE A 160 -40.94 -29.27 18.29
CA PHE A 160 -41.38 -30.34 19.20
C PHE A 160 -41.20 -29.96 20.66
N TYR A 161 -40.13 -29.24 20.97
CA TYR A 161 -39.84 -28.87 22.35
C TYR A 161 -40.81 -27.80 22.85
N GLU A 162 -40.92 -26.71 22.11
CA GLU A 162 -41.75 -25.58 22.53
C GLU A 162 -43.25 -25.90 22.49
N TYR A 163 -43.64 -26.76 21.55
CA TYR A 163 -45.03 -27.18 21.41
C TYR A 163 -45.46 -27.96 22.65
N MET A 164 -44.56 -28.79 23.15
CA MET A 164 -44.82 -29.62 24.31
C MET A 164 -45.02 -28.80 25.58
N THR A 165 -45.96 -29.22 26.42
CA THR A 165 -46.25 -28.53 27.67
C THR A 165 -46.22 -29.49 28.85
N ASP A 166 -45.40 -29.16 29.85
CA ASP A 166 -45.25 -30.00 31.03
C ASP A 166 -46.37 -29.73 32.03
N GLU A 167 -47.22 -30.73 32.27
CA GLU A 167 -48.29 -30.60 33.24
C GLU A 167 -48.21 -31.67 34.33
N ARG A 168 -47.00 -32.14 34.60
CA ARG A 168 -46.79 -33.23 35.56
C ARG A 168 -47.19 -32.85 36.98
N PHE A 169 -47.15 -31.56 37.30
CA PHE A 169 -47.40 -31.11 38.65
C PHE A 169 -48.65 -30.22 38.73
N LYS A 170 -49.40 -30.18 37.63
CA LYS A 170 -50.70 -29.53 37.63
C LYS A 170 -51.74 -30.47 38.25
N SER A 171 -52.67 -29.91 39.00
CA SER A 171 -53.74 -30.72 39.57
C SER A 171 -55.10 -30.14 39.21
N THR A 172 -55.37 -28.94 39.71
CA THR A 172 -56.66 -28.30 39.52
C THR A 172 -56.62 -27.26 38.39
N ASP A 173 -55.50 -27.18 37.70
CA ASP A 173 -55.34 -26.14 36.69
C ASP A 173 -54.73 -26.70 35.40
N LYS A 174 -55.53 -27.41 34.63
CA LYS A 174 -55.10 -27.98 33.36
C LYS A 174 -55.64 -27.18 32.17
N ASN A 175 -55.66 -27.82 31.01
CA ASN A 175 -56.18 -27.23 29.77
C ASN A 175 -55.51 -25.91 29.42
N GLU A 179 -55.13 -30.44 23.30
CA GLU A 179 -55.34 -31.08 22.01
C GLU A 179 -54.19 -30.79 21.05
N TYR A 180 -53.28 -31.74 20.92
CA TYR A 180 -52.13 -31.59 20.03
C TYR A 180 -52.47 -32.06 18.62
N ILE A 181 -51.73 -31.56 17.64
CA ILE A 181 -51.92 -32.03 16.26
C ILE A 181 -51.53 -33.50 16.18
N LYS A 182 -52.09 -34.19 15.19
CA LYS A 182 -51.81 -35.61 15.01
C LYS A 182 -50.95 -35.82 13.77
N HIS A 183 -50.93 -34.80 12.90
CA HIS A 183 -50.21 -34.91 11.65
C HIS A 183 -49.37 -33.66 11.38
N LEU A 184 -48.17 -33.88 10.84
CA LEU A 184 -47.27 -32.80 10.48
C LEU A 184 -46.72 -33.02 9.08
N GLY A 185 -47.12 -32.16 8.14
CA GLY A 185 -46.63 -32.25 6.78
C GLY A 185 -45.55 -31.21 6.53
N VAL A 186 -44.49 -31.63 5.84
CA VAL A 186 -43.40 -30.71 5.51
C VAL A 186 -43.08 -30.72 4.03
N TYR A 187 -43.22 -29.56 3.39
CA TYR A 187 -42.81 -29.40 2.00
C TYR A 187 -41.46 -28.69 1.96
N ILE A 188 -40.52 -29.25 1.19
CA ILE A 188 -39.19 -28.67 1.09
C ILE A 188 -38.49 -29.18 -0.17
N ASN A 189 -37.65 -28.34 -0.77
CA ASN A 189 -36.87 -28.74 -1.94
C ASN A 189 -35.90 -29.85 -1.55
N ASN A 190 -35.69 -30.78 -2.48
CA ASN A 190 -34.82 -31.94 -2.25
C ASN A 190 -35.21 -32.68 -0.98
N ALA A 191 -36.49 -33.00 -0.88
CA ALA A 191 -37.07 -33.59 0.33
C ALA A 191 -36.39 -34.90 0.74
N ASP A 192 -35.96 -35.68 -0.24
CA ASP A 192 -35.32 -36.97 0.01
C ASP A 192 -34.07 -36.80 0.86
N THR A 193 -33.41 -35.66 0.73
CA THR A 193 -32.17 -35.39 1.43
C THR A 193 -32.43 -34.95 2.88
N TYR A 194 -33.69 -34.67 3.21
CA TYR A 194 -34.03 -34.16 4.54
C TYR A 194 -34.77 -35.17 5.41
N LYS A 195 -35.36 -36.19 4.78
CA LYS A 195 -36.18 -37.17 5.48
C LYS A 195 -35.46 -37.85 6.64
N GLU A 196 -34.16 -38.08 6.48
CA GLU A 196 -33.35 -38.77 7.48
C GLU A 196 -33.27 -38.00 8.79
N GLU A 197 -33.49 -36.69 8.73
CA GLU A 197 -33.38 -35.83 9.90
C GLU A 197 -34.62 -35.90 10.80
N VAL A 198 -35.73 -36.37 10.24
CA VAL A 198 -37.01 -36.37 10.95
C VAL A 198 -36.97 -37.17 12.26
N GLU A 199 -36.59 -38.44 12.17
CA GLU A 199 -36.58 -39.28 13.36
C GLU A 199 -35.40 -38.96 14.27
N LYS A 200 -34.35 -38.37 13.69
CA LYS A 200 -33.24 -37.88 14.49
C LYS A 200 -33.72 -36.72 15.35
N ALA A 201 -34.51 -35.84 14.75
CA ALA A 201 -35.09 -34.70 15.45
C ALA A 201 -36.00 -35.17 16.57
N ARG A 202 -36.81 -36.18 16.31
CA ARG A 202 -37.75 -36.70 17.30
C ARG A 202 -37.00 -37.35 18.47
N VAL A 203 -35.86 -37.96 18.17
CA VAL A 203 -35.03 -38.57 19.19
C VAL A 203 -34.31 -37.49 20.01
N TYR A 204 -33.75 -36.51 19.33
CA TYR A 204 -33.10 -35.38 20.00
C TYR A 204 -34.10 -34.58 20.82
N TYR A 205 -35.34 -34.50 20.33
CA TYR A 205 -36.41 -33.82 21.05
C TYR A 205 -36.61 -34.42 22.43
N PHE A 206 -36.75 -35.73 22.51
CA PHE A 206 -37.10 -36.33 23.79
C PHE A 206 -35.92 -36.33 24.74
N GLY A 207 -34.72 -36.55 24.22
CA GLY A 207 -33.52 -36.50 25.02
C GLY A 207 -33.45 -35.16 25.74
N THR A 208 -33.72 -34.11 24.98
CA THR A 208 -33.75 -32.75 25.52
C THR A 208 -34.95 -32.56 26.46
N TYR A 209 -36.11 -33.07 26.06
CA TYR A 209 -37.31 -32.90 26.88
C TYR A 209 -37.24 -33.77 28.13
N TYR A 210 -36.56 -34.90 28.04
CA TYR A 210 -36.35 -35.76 29.20
C TYR A 210 -35.52 -35.03 30.26
N ALA A 211 -34.40 -34.47 29.83
CA ALA A 211 -33.55 -33.69 30.72
C ALA A 211 -34.33 -32.52 31.32
N SER A 212 -35.16 -31.91 30.48
CA SER A 212 -36.00 -30.79 30.90
C SER A 212 -36.93 -31.19 32.06
N GLN A 213 -37.53 -32.37 31.96
CA GLN A 213 -38.44 -32.86 33.00
C GLN A 213 -37.71 -33.05 34.32
N LEU A 214 -36.47 -33.52 34.26
CA LEU A 214 -35.68 -33.76 35.46
C LEU A 214 -35.28 -32.45 36.13
N ILE A 215 -34.90 -31.48 35.32
CA ILE A 215 -34.47 -30.18 35.83
C ILE A 215 -35.66 -29.40 36.41
N ALA A 216 -36.79 -29.49 35.72
CA ALA A 216 -38.00 -28.77 36.14
C ALA A 216 -38.58 -29.34 37.43
N ALA A 217 -38.43 -30.65 37.61
CA ALA A 217 -38.96 -31.33 38.79
C ALA A 217 -38.31 -30.79 40.06
N PRO A 218 -39.14 -30.40 41.05
CA PRO A 218 -38.69 -29.79 42.30
C PRO A 218 -37.82 -30.74 43.12
N SER A 219 -37.03 -30.17 44.03
CA SER A 219 -36.02 -30.93 44.76
C SER A 219 -36.62 -31.98 45.70
N ASN A 220 -37.88 -31.80 46.10
CA ASN A 220 -38.54 -32.79 46.95
C ASN A 220 -39.02 -33.97 46.11
N TYR A 221 -39.20 -33.74 44.82
CA TYR A 221 -39.48 -34.81 43.88
C TYR A 221 -38.17 -35.40 43.36
N CYS A 222 -37.28 -34.50 42.94
CA CYS A 222 -35.99 -34.92 42.38
C CYS A 222 -34.87 -34.80 43.41
N ASN A 223 -34.63 -35.89 44.14
CA ASN A 223 -33.58 -35.97 45.14
C ASN A 223 -32.55 -37.00 44.67
N PRO A 224 -31.39 -37.11 45.36
CA PRO A 224 -30.38 -38.06 44.87
C PRO A 224 -30.85 -39.51 44.76
N VAL A 225 -31.74 -39.94 45.64
CA VAL A 225 -32.23 -41.32 45.57
C VAL A 225 -33.21 -41.50 44.41
N SER A 226 -34.17 -40.58 44.30
CA SER A 226 -35.18 -40.66 43.26
C SER A 226 -34.62 -40.39 41.87
N LEU A 227 -33.58 -39.56 41.80
CA LEU A 227 -32.95 -39.27 40.51
C LEU A 227 -32.18 -40.47 39.99
N SER A 228 -31.39 -41.09 40.87
CA SER A 228 -30.63 -42.28 40.51
C SER A 228 -31.58 -43.42 40.12
N ASN A 229 -32.74 -43.47 40.79
CA ASN A 229 -33.78 -44.42 40.43
C ASN A 229 -34.27 -44.21 39.00
N ALA A 230 -34.41 -42.95 38.61
CA ALA A 230 -34.85 -42.61 37.26
C ALA A 230 -33.82 -43.05 36.22
N ALA A 231 -32.54 -43.00 36.60
CA ALA A 231 -31.46 -43.43 35.72
C ALA A 231 -31.49 -44.93 35.51
N VAL A 232 -31.74 -45.68 36.59
CA VAL A 232 -31.87 -47.12 36.50
C VAL A 232 -33.03 -47.51 35.59
N GLU A 233 -34.15 -46.82 35.76
CA GLU A 233 -35.33 -47.06 34.94
C GLU A 233 -35.04 -46.74 33.47
N LEU A 234 -34.30 -45.67 33.22
CA LEU A 234 -33.95 -45.30 31.86
C LEU A 234 -33.01 -46.31 31.21
N ALA A 235 -32.02 -46.75 31.98
CA ALA A 235 -31.07 -47.74 31.51
C ALA A 235 -31.77 -49.05 31.15
N GLN A 236 -32.70 -49.46 32.01
CA GLN A 236 -33.46 -50.69 31.81
C GLN A 236 -34.29 -50.64 30.52
N LYS A 237 -34.83 -49.46 30.21
CA LYS A 237 -35.65 -49.30 29.02
C LYS A 237 -34.79 -49.24 27.76
N LEU A 238 -33.53 -48.84 27.90
CA LEU A 238 -32.63 -48.73 26.76
C LEU A 238 -31.63 -49.87 26.68
N ASN A 239 -31.74 -50.83 27.61
CA ASN A 239 -30.79 -51.94 27.72
C ASN A 239 -29.35 -51.47 27.90
N LEU A 240 -29.18 -50.39 28.65
CA LEU A 240 -27.85 -49.91 29.00
C LEU A 240 -27.36 -50.63 30.26
N GLU A 241 -26.06 -50.90 30.31
CA GLU A 241 -25.47 -51.37 31.55
C GLU A 241 -25.50 -50.23 32.55
N TYR A 242 -25.76 -50.53 33.82
CA TYR A 242 -25.80 -49.48 34.82
C TYR A 242 -25.22 -49.95 36.16
N LYS A 243 -24.65 -49.00 36.89
CA LYS A 243 -24.16 -49.27 38.23
C LYS A 243 -24.45 -48.06 39.11
N ILE A 244 -25.14 -48.28 40.22
CA ILE A 244 -25.44 -47.20 41.15
C ILE A 244 -24.68 -47.40 42.45
N LEU A 245 -23.65 -46.59 42.65
CA LEU A 245 -22.80 -46.72 43.83
C LEU A 245 -23.39 -45.98 45.02
N GLY A 246 -23.47 -46.68 46.15
CA GLY A 246 -23.97 -46.09 47.38
C GLY A 246 -22.85 -45.68 48.30
N VAL A 247 -23.20 -45.17 49.47
CA VAL A 247 -22.23 -44.62 50.42
C VAL A 247 -21.13 -45.59 50.80
N LYS A 248 -21.50 -46.85 51.09
CA LYS A 248 -20.54 -47.86 51.50
C LYS A 248 -19.46 -48.10 50.43
N GLU A 249 -19.86 -48.09 49.17
CA GLU A 249 -18.92 -48.25 48.06
C GLU A 249 -18.09 -46.99 47.88
N LEU A 250 -18.72 -45.84 48.06
CA LEU A 250 -18.04 -44.56 47.92
C LEU A 250 -16.97 -44.39 48.99
N GLU A 251 -17.22 -44.91 50.19
CA GLU A 251 -16.27 -44.83 51.27
C GLU A 251 -15.01 -45.64 50.99
N GLU A 252 -15.18 -46.86 50.49
CA GLU A 252 -14.05 -47.73 50.20
C GLU A 252 -13.29 -47.21 48.99
N LEU A 253 -13.97 -46.48 48.10
CA LEU A 253 -13.31 -45.83 46.98
C LEU A 253 -12.70 -44.49 47.38
N LYS A 254 -12.84 -44.15 48.66
CA LYS A 254 -12.20 -42.98 49.25
C LYS A 254 -12.64 -41.65 48.62
N MET A 255 -13.89 -41.57 48.18
CA MET A 255 -14.39 -40.34 47.57
C MET A 255 -14.79 -39.32 48.63
N GLY A 256 -13.79 -38.76 49.31
CA GLY A 256 -14.01 -37.88 50.44
C GLY A 256 -14.57 -36.51 50.08
N ALA A 257 -14.18 -35.99 48.92
CA ALA A 257 -14.67 -34.69 48.48
C ALA A 257 -16.16 -34.76 48.16
N TYR A 258 -16.54 -35.77 47.41
CA TYR A 258 -17.92 -35.98 47.01
C TYR A 258 -18.79 -36.34 48.22
N LEU A 259 -18.28 -37.20 49.08
CA LEU A 259 -19.04 -37.64 50.25
C LEU A 259 -19.30 -36.50 51.23
N SER A 260 -18.38 -35.54 51.29
CA SER A 260 -18.50 -34.41 52.21
C SER A 260 -19.70 -33.53 51.89
N VAL A 261 -19.88 -33.25 50.60
CA VAL A 261 -20.96 -32.38 50.13
C VAL A 261 -22.34 -32.86 50.56
N GLY A 262 -22.53 -34.19 50.55
CA GLY A 262 -23.82 -34.77 50.86
C GLY A 262 -24.03 -35.15 52.31
N LYS A 263 -23.04 -34.87 53.15
CA LYS A 263 -23.09 -35.23 54.56
C LYS A 263 -24.34 -34.69 55.27
N GLY A 264 -24.69 -33.44 54.97
CA GLY A 264 -25.79 -32.79 55.65
C GLY A 264 -27.17 -33.05 55.05
N SER A 265 -27.23 -33.98 54.11
CA SER A 265 -28.51 -34.32 53.48
C SER A 265 -29.18 -35.52 54.15
N MET A 266 -30.50 -35.58 54.07
CA MET A 266 -31.24 -36.75 54.54
C MET A 266 -31.18 -37.86 53.51
N TYR A 267 -30.84 -37.48 52.28
CA TYR A 267 -30.73 -38.41 51.18
C TYR A 267 -29.28 -38.84 51.01
N PRO A 268 -29.02 -40.15 51.13
CA PRO A 268 -27.67 -40.69 50.91
C PRO A 268 -27.15 -40.40 49.50
N ASN A 269 -25.84 -40.30 49.35
CA ASN A 269 -25.25 -40.06 48.04
C ASN A 269 -25.41 -41.26 47.11
N LYS A 270 -25.68 -40.98 45.84
CA LYS A 270 -25.80 -42.01 44.82
C LYS A 270 -25.00 -41.64 43.58
N PHE A 271 -24.01 -42.48 43.25
CA PHE A 271 -23.17 -42.25 42.09
C PHE A 271 -23.70 -43.05 40.90
N ILE A 272 -24.17 -42.33 39.88
CA ILE A 272 -24.73 -42.98 38.70
C ILE A 272 -23.66 -43.34 37.69
N HIS A 273 -23.63 -44.61 37.28
CA HIS A 273 -22.72 -45.04 36.22
C HIS A 273 -23.48 -45.85 35.18
N LEU A 274 -23.79 -45.21 34.06
CA LEU A 274 -24.42 -45.88 32.93
C LEU A 274 -23.38 -46.11 31.84
N THR A 275 -23.48 -47.25 31.15
CA THR A 275 -22.53 -47.55 30.09
C THR A 275 -23.22 -48.07 28.83
N TYR A 276 -22.89 -47.47 27.69
CA TYR A 276 -23.29 -47.97 26.40
C TYR A 276 -22.07 -48.54 25.67
N LYS A 277 -22.13 -49.82 25.32
CA LYS A 277 -21.06 -50.44 24.55
C LYS A 277 -21.57 -50.90 23.20
N SER A 278 -20.86 -50.53 22.14
CA SER A 278 -21.24 -50.92 20.79
C SER A 278 -20.97 -52.40 20.55
N LYS A 279 -21.77 -53.03 19.71
CA LYS A 279 -21.66 -54.46 19.42
C LYS A 279 -20.54 -54.76 18.43
N GLY A 280 -19.82 -53.71 18.02
CA GLY A 280 -18.66 -53.88 17.17
C GLY A 280 -17.40 -53.54 17.94
N ASP A 281 -16.25 -53.94 17.40
CA ASP A 281 -14.96 -53.66 18.04
C ASP A 281 -14.80 -52.17 18.34
N VAL A 282 -14.33 -51.86 19.53
CA VAL A 282 -14.29 -50.48 20.00
C VAL A 282 -13.08 -49.71 19.46
N LYS A 283 -13.30 -48.45 19.12
CA LYS A 283 -12.24 -47.58 18.61
C LYS A 283 -12.06 -46.36 19.50
N LYS A 284 -13.15 -45.93 20.14
CA LYS A 284 -13.11 -44.81 21.07
C LYS A 284 -13.84 -45.09 22.37
N LYS A 285 -13.27 -44.64 23.48
CA LYS A 285 -13.92 -44.73 24.77
C LYS A 285 -14.14 -43.33 25.33
N ILE A 286 -15.37 -43.00 25.68
CA ILE A 286 -15.73 -41.65 26.10
C ILE A 286 -16.42 -41.65 27.46
N ALA A 287 -16.05 -40.69 28.32
CA ALA A 287 -16.69 -40.51 29.61
C ALA A 287 -17.40 -39.16 29.67
N LEU A 288 -18.70 -39.18 29.94
CA LEU A 288 -19.49 -37.97 30.06
C LEU A 288 -19.92 -37.76 31.50
N VAL A 289 -19.44 -36.69 32.13
CA VAL A 289 -19.70 -36.45 33.54
C VAL A 289 -20.56 -35.19 33.76
N GLY A 290 -21.65 -35.34 34.48
CA GLY A 290 -22.52 -34.21 34.73
C GLY A 290 -22.66 -33.88 36.21
N LYS A 291 -22.64 -32.60 36.53
CA LYS A 291 -22.85 -32.16 37.91
C LYS A 291 -24.28 -32.47 38.33
N GLY A 292 -24.43 -33.17 39.45
CA GLY A 292 -25.73 -33.62 39.89
C GLY A 292 -26.07 -33.23 41.32
N ILE A 293 -26.10 -31.93 41.58
CA ILE A 293 -26.57 -31.43 42.87
C ILE A 293 -28.07 -31.19 42.79
N THR A 294 -28.85 -32.01 43.49
CA THR A 294 -30.30 -31.98 43.36
C THR A 294 -30.92 -30.72 43.95
N PHE A 295 -30.28 -30.19 44.99
CA PHE A 295 -30.59 -28.84 45.46
C PHE A 295 -29.36 -28.21 46.06
N ASP A 296 -29.11 -26.95 45.69
CA ASP A 296 -27.94 -26.24 46.20
C ASP A 296 -28.36 -25.08 47.09
N SER A 297 -28.38 -25.32 48.39
CA SER A 297 -28.75 -24.28 49.36
C SER A 297 -27.54 -23.40 49.66
N GLY A 298 -26.36 -23.90 49.31
CA GLY A 298 -25.13 -23.19 49.55
C GLY A 298 -24.36 -23.74 50.73
N GLY A 299 -25.03 -24.57 51.53
CA GLY A 299 -24.42 -25.08 52.74
C GLY A 299 -24.38 -23.99 53.79
N TYR A 300 -23.37 -24.03 54.65
CA TYR A 300 -23.24 -23.00 55.69
C TYR A 300 -22.89 -21.65 55.07
N ASN A 301 -22.29 -21.67 53.88
CA ASN A 301 -22.24 -20.48 53.04
C ASN A 301 -23.56 -20.37 52.29
N LEU A 302 -24.64 -20.25 53.07
CA LEU A 302 -26.00 -20.25 52.58
C LEU A 302 -26.25 -19.17 51.52
N LYS A 303 -27.02 -19.51 50.50
CA LYS A 303 -27.40 -18.54 49.49
C LYS A 303 -28.42 -17.56 50.06
N ALA A 304 -27.92 -16.51 50.70
CA ALA A 304 -28.77 -15.54 51.37
C ALA A 304 -28.56 -14.14 50.82
N ALA A 305 -27.45 -13.94 50.11
CA ALA A 305 -27.14 -12.65 49.51
C ALA A 305 -28.17 -12.29 48.43
N PRO A 306 -28.47 -10.99 48.28
CA PRO A 306 -29.40 -10.53 47.25
C PRO A 306 -28.98 -10.96 45.85
N GLY A 307 -29.86 -11.68 45.16
CA GLY A 307 -29.60 -12.11 43.80
C GLY A 307 -28.92 -13.47 43.70
N SER A 308 -28.87 -14.19 44.81
CA SER A 308 -28.23 -15.51 44.83
C SER A 308 -29.19 -16.59 44.31
N MET A 309 -30.47 -16.26 44.24
CA MET A 309 -31.47 -17.11 43.59
C MET A 309 -31.54 -18.54 44.12
N ILE A 310 -31.78 -18.70 45.41
CA ILE A 310 -31.81 -20.03 46.01
C ILE A 310 -33.03 -20.83 45.52
N ASP A 311 -34.04 -20.14 45.02
CA ASP A 311 -35.27 -20.80 44.58
C ASP A 311 -35.12 -21.47 43.21
N LEU A 312 -34.04 -21.16 42.51
CA LEU A 312 -33.76 -21.73 41.20
C LEU A 312 -32.92 -23.00 41.34
N MET A 313 -32.38 -23.19 42.54
CA MET A 313 -31.28 -24.12 42.77
C MET A 313 -31.64 -25.61 42.69
N LYS A 314 -32.81 -25.92 42.16
CA LYS A 314 -33.14 -27.29 41.78
C LYS A 314 -32.49 -27.58 40.43
N PHE A 315 -32.12 -26.51 39.74
CA PHE A 315 -31.48 -26.55 38.43
C PHE A 315 -30.09 -27.17 38.48
N ASP A 316 -29.56 -27.33 39.70
CA ASP A 316 -28.15 -27.61 39.88
C ASP A 316 -27.74 -29.04 39.52
N MET A 317 -28.66 -29.80 38.94
CA MET A 317 -28.34 -31.12 38.41
C MET A 317 -28.55 -31.15 36.91
N SER A 318 -28.55 -29.98 36.29
CA SER A 318 -28.75 -29.83 34.85
C SER A 318 -27.73 -30.62 34.05
N GLY A 319 -26.48 -30.60 34.50
CA GLY A 319 -25.42 -31.34 33.84
C GLY A 319 -25.69 -32.83 33.85
N CYS A 320 -26.15 -33.33 34.99
CA CYS A 320 -26.54 -34.73 35.12
C CYS A 320 -27.70 -35.06 34.18
N ALA A 321 -28.65 -34.14 34.09
CA ALA A 321 -29.82 -34.33 33.23
C ALA A 321 -29.42 -34.39 31.77
N ALA A 322 -28.52 -33.49 31.35
CA ALA A 322 -28.07 -33.44 29.97
C ALA A 322 -27.35 -34.74 29.60
N VAL A 323 -26.56 -35.26 30.53
CA VAL A 323 -25.82 -36.50 30.31
C VAL A 323 -26.79 -37.68 30.17
N LEU A 324 -27.84 -37.70 31.01
CA LEU A 324 -28.84 -38.75 30.96
C LEU A 324 -29.67 -38.65 29.69
N GLY A 325 -29.91 -37.43 29.25
CA GLY A 325 -30.63 -37.20 28.00
C GLY A 325 -29.79 -37.67 26.83
N CYS A 326 -28.50 -37.42 26.91
CA CYS A 326 -27.54 -37.92 25.91
C CYS A 326 -27.57 -39.43 25.88
N ALA A 327 -27.70 -40.03 27.06
CA ALA A 327 -27.80 -41.48 27.19
C ALA A 327 -29.03 -41.99 26.45
N TYR A 328 -30.11 -41.22 26.47
CA TYR A 328 -31.30 -41.61 25.74
C TYR A 328 -31.06 -41.55 24.24
N CYS A 329 -30.45 -40.47 23.78
CA CYS A 329 -30.21 -40.29 22.36
C CYS A 329 -29.23 -41.33 21.83
N VAL A 330 -28.23 -41.67 22.63
CA VAL A 330 -27.22 -42.63 22.21
C VAL A 330 -27.77 -44.07 22.24
N GLY A 331 -28.44 -44.41 23.34
CA GLY A 331 -29.00 -45.75 23.49
C GLY A 331 -30.11 -46.04 22.49
N THR A 332 -30.62 -45.00 21.86
CA THR A 332 -31.69 -45.14 20.88
C THR A 332 -31.13 -45.19 19.46
N LEU A 333 -30.22 -44.27 19.16
CA LEU A 333 -29.61 -44.21 17.84
C LEU A 333 -28.56 -45.30 17.66
N LYS A 334 -27.95 -45.72 18.77
CA LYS A 334 -26.99 -46.82 18.80
C LYS A 334 -25.82 -46.64 17.82
N PRO A 335 -24.87 -45.77 18.18
CA PRO A 335 -23.65 -45.57 17.38
C PRO A 335 -22.69 -46.74 17.48
N GLU A 336 -21.91 -46.98 16.42
CA GLU A 336 -21.04 -48.15 16.37
C GLU A 336 -19.60 -47.85 16.76
N ASN A 337 -18.88 -48.91 17.15
CA ASN A 337 -17.45 -48.86 17.44
C ASN A 337 -17.09 -47.86 18.54
N VAL A 338 -17.99 -47.67 19.49
CA VAL A 338 -17.74 -46.71 20.55
C VAL A 338 -18.32 -47.19 21.89
N GLU A 339 -17.65 -46.84 22.97
CA GLU A 339 -18.11 -47.15 24.32
C GLU A 339 -18.24 -45.86 25.12
N ILE A 340 -19.42 -45.60 25.66
CA ILE A 340 -19.67 -44.37 26.39
C ILE A 340 -20.01 -44.64 27.85
N HIS A 341 -19.43 -43.85 28.74
CA HIS A 341 -19.80 -43.90 30.15
C HIS A 341 -20.49 -42.62 30.57
N PHE A 342 -21.73 -42.75 31.03
CA PHE A 342 -22.49 -41.61 31.52
C PHE A 342 -22.41 -41.59 33.05
N LEU A 343 -21.75 -40.57 33.59
CA LEU A 343 -21.42 -40.53 35.01
C LEU A 343 -22.01 -39.31 35.72
N SER A 344 -22.38 -39.49 36.98
CA SER A 344 -22.85 -38.37 37.80
C SER A 344 -22.75 -38.66 39.30
N ALA A 345 -22.06 -37.78 40.01
CA ALA A 345 -21.96 -37.88 41.47
C ALA A 345 -23.10 -37.09 42.10
N VAL A 346 -24.21 -37.76 42.34
CA VAL A 346 -25.43 -37.09 42.80
C VAL A 346 -25.50 -36.96 44.32
N CYS A 347 -25.78 -35.74 44.78
CA CYS A 347 -25.97 -35.48 46.20
C CYS A 347 -26.67 -34.14 46.40
N GLU A 348 -27.00 -33.83 47.65
CA GLU A 348 -27.73 -32.61 47.97
C GLU A 348 -26.94 -31.77 48.99
N ASN A 349 -26.78 -30.49 48.69
CA ASN A 349 -25.99 -29.60 49.54
C ASN A 349 -26.89 -28.84 50.51
N MET A 350 -26.92 -29.29 51.76
CA MET A 350 -27.89 -28.78 52.74
C MET A 350 -27.23 -28.28 54.01
N VAL A 351 -28.00 -27.56 54.82
CA VAL A 351 -27.54 -27.09 56.12
C VAL A 351 -28.05 -28.02 57.21
N SER A 352 -27.12 -28.48 58.05
CA SER A 352 -27.46 -29.46 59.08
C SER A 352 -26.35 -29.53 60.13
N LYS A 353 -26.61 -30.25 61.21
CA LYS A 353 -25.57 -30.49 62.21
C LYS A 353 -24.52 -31.43 61.62
N ASN A 354 -24.92 -32.13 60.56
CA ASN A 354 -24.05 -33.11 59.92
C ASN A 354 -23.27 -32.56 58.74
N SER A 355 -23.57 -31.32 58.35
CA SER A 355 -22.96 -30.70 57.18
C SER A 355 -21.46 -30.49 57.39
N TYR A 356 -20.74 -30.36 56.28
CA TYR A 356 -19.32 -30.03 56.34
C TYR A 356 -19.19 -28.51 56.48
N ARG A 357 -18.08 -28.06 57.05
CA ARG A 357 -17.92 -26.68 57.45
C ARG A 357 -16.96 -25.90 56.57
N PRO A 358 -17.16 -24.58 56.47
CA PRO A 358 -16.15 -23.73 55.83
C PRO A 358 -14.82 -23.80 56.59
N GLY A 359 -13.77 -24.27 55.92
CA GLY A 359 -12.48 -24.42 56.56
C GLY A 359 -12.06 -25.87 56.69
N ASP A 360 -13.03 -26.78 56.50
CA ASP A 360 -12.76 -28.21 56.60
C ASP A 360 -11.74 -28.66 55.56
N ILE A 361 -10.92 -29.63 55.93
CA ILE A 361 -9.96 -30.21 55.00
C ILE A 361 -10.36 -31.64 54.67
N ILE A 362 -10.60 -31.90 53.38
CA ILE A 362 -11.13 -33.18 52.94
C ILE A 362 -10.26 -33.82 51.85
N THR A 363 -10.26 -35.15 51.80
CA THR A 363 -9.36 -35.88 50.91
C THR A 363 -10.09 -36.55 49.75
N ALA A 364 -9.79 -36.10 48.54
CA ALA A 364 -10.35 -36.71 47.33
C ALA A 364 -9.77 -38.09 47.10
N SER A 365 -10.40 -38.86 46.23
CA SER A 365 -10.03 -40.25 46.00
C SER A 365 -8.63 -40.43 45.39
N ASN A 366 -8.05 -39.34 44.90
CA ASN A 366 -6.70 -39.41 44.35
C ASN A 366 -5.64 -39.02 45.39
N GLY A 367 -6.08 -38.81 46.62
CA GLY A 367 -5.16 -38.53 47.71
C GLY A 367 -4.93 -37.05 47.99
N LYS A 368 -5.33 -36.20 47.05
CA LYS A 368 -5.16 -34.76 47.23
C LYS A 368 -6.04 -34.24 48.36
N THR A 369 -5.44 -33.48 49.27
CA THR A 369 -6.20 -32.84 50.35
C THR A 369 -6.69 -31.46 49.90
N ILE A 370 -7.93 -31.14 50.27
CA ILE A 370 -8.56 -29.91 49.82
C ILE A 370 -9.09 -29.10 51.00
N GLU A 371 -8.75 -27.82 51.04
CA GLU A 371 -9.32 -26.92 52.06
C GLU A 371 -10.55 -26.22 51.51
N VAL A 372 -11.70 -26.52 52.11
CA VAL A 372 -12.95 -25.88 51.72
C VAL A 372 -13.02 -24.45 52.25
N GLY A 373 -12.96 -23.49 51.35
CA GLY A 373 -13.06 -22.09 51.74
C GLY A 373 -14.47 -21.56 51.64
N ASN A 374 -15.35 -22.36 51.04
CA ASN A 374 -16.73 -21.97 50.82
C ASN A 374 -17.56 -23.18 50.40
N THR A 375 -18.55 -23.54 51.22
CA THR A 375 -19.35 -24.74 50.97
C THR A 375 -20.27 -24.59 49.76
N ASP A 376 -20.49 -23.36 49.31
CA ASP A 376 -21.35 -23.12 48.15
C ASP A 376 -20.56 -23.26 46.85
N ALA A 377 -19.31 -23.69 46.96
CA ALA A 377 -18.55 -24.06 45.78
C ALA A 377 -18.40 -25.57 45.76
N GLU A 378 -19.53 -26.25 45.93
CA GLU A 378 -19.55 -27.70 46.18
C GLU A 378 -19.48 -28.52 44.91
N GLY A 379 -19.84 -27.91 43.78
CA GLY A 379 -19.89 -28.61 42.51
C GLY A 379 -18.56 -29.16 42.07
N ARG A 380 -17.51 -28.35 42.23
CA ARG A 380 -16.17 -28.76 41.81
C ARG A 380 -15.66 -29.90 42.71
N LEU A 381 -16.16 -29.94 43.94
CA LEU A 381 -15.79 -30.99 44.89
C LEU A 381 -16.35 -32.33 44.44
N THR A 382 -17.62 -32.35 44.06
CA THR A 382 -18.26 -33.56 43.56
C THR A 382 -17.59 -34.00 42.26
N LEU A 383 -17.40 -33.05 41.34
CA LEU A 383 -16.79 -33.32 40.05
C LEU A 383 -15.37 -33.86 40.18
N ALA A 384 -14.67 -33.44 41.23
CA ALA A 384 -13.29 -33.87 41.46
C ALA A 384 -13.20 -35.38 41.59
N ASP A 385 -14.04 -35.95 42.45
CA ASP A 385 -14.05 -37.39 42.66
C ASP A 385 -14.65 -38.14 41.47
N ALA A 386 -15.51 -37.47 40.73
CA ALA A 386 -16.11 -38.05 39.54
C ALA A 386 -15.10 -38.10 38.40
N LEU A 387 -14.26 -37.06 38.31
CA LEU A 387 -13.24 -36.99 37.28
C LEU A 387 -12.15 -38.04 37.50
N VAL A 388 -11.79 -38.26 38.75
CA VAL A 388 -10.83 -39.31 39.10
C VAL A 388 -11.39 -40.67 38.70
N TYR A 389 -12.67 -40.88 39.02
CA TYR A 389 -13.38 -42.09 38.64
C TYR A 389 -13.38 -42.27 37.13
N ALA A 390 -13.67 -41.18 36.42
CA ALA A 390 -13.75 -41.21 34.95
C ALA A 390 -12.44 -41.65 34.32
N GLU A 391 -11.33 -41.08 34.76
CA GLU A 391 -10.02 -41.39 34.20
C GLU A 391 -9.61 -42.82 34.50
N LYS A 392 -10.03 -43.33 35.67
CA LYS A 392 -9.74 -44.71 36.05
C LYS A 392 -10.37 -45.71 35.08
N LEU A 393 -11.40 -45.28 34.37
CA LEU A 393 -12.06 -46.14 33.39
C LEU A 393 -11.18 -46.36 32.16
N GLY A 394 -10.18 -45.51 32.00
CA GLY A 394 -9.28 -45.61 30.86
C GLY A 394 -9.98 -45.27 29.56
N VAL A 395 -10.30 -43.99 29.39
CA VAL A 395 -10.99 -43.53 28.19
C VAL A 395 -10.12 -42.58 27.38
N ASP A 396 -10.57 -42.26 26.17
CA ASP A 396 -9.83 -41.35 25.30
C ASP A 396 -10.20 -39.89 25.58
N TYR A 397 -11.49 -39.64 25.83
CA TYR A 397 -11.97 -38.30 26.13
C TYR A 397 -12.81 -38.28 27.41
N ILE A 398 -12.53 -37.30 28.26
CA ILE A 398 -13.42 -36.99 29.38
C ILE A 398 -14.06 -35.62 29.15
N VAL A 399 -15.38 -35.58 29.18
CA VAL A 399 -16.09 -34.32 29.05
C VAL A 399 -17.08 -34.14 30.20
N ASP A 400 -16.95 -33.03 30.91
CA ASP A 400 -17.90 -32.75 31.97
C ASP A 400 -18.77 -31.55 31.61
N ILE A 401 -20.01 -31.58 32.09
CA ILE A 401 -20.95 -30.50 31.85
C ILE A 401 -21.62 -30.14 33.17
N ALA A 402 -21.63 -28.86 33.52
CA ALA A 402 -22.01 -28.47 34.87
C ALA A 402 -22.51 -27.04 34.98
N THR A 403 -23.48 -26.84 35.86
CA THR A 403 -23.92 -25.50 36.24
C THR A 403 -23.02 -25.00 37.36
N LEU A 404 -21.77 -24.73 37.02
CA LEU A 404 -20.71 -24.59 38.01
C LEU A 404 -20.57 -23.20 38.62
N THR A 405 -20.59 -22.16 37.80
CA THR A 405 -20.31 -20.81 38.29
C THR A 405 -21.30 -19.76 37.79
N GLY A 406 -21.79 -18.93 38.71
CA GLY A 406 -22.71 -17.86 38.37
C GLY A 406 -22.06 -16.78 37.53
N ALA A 407 -20.72 -16.78 37.50
CA ALA A 407 -19.96 -15.80 36.75
C ALA A 407 -20.18 -15.92 35.25
N MET A 408 -20.66 -17.08 34.81
CA MET A 408 -20.93 -17.33 33.39
C MET A 408 -22.00 -16.38 32.85
N LEU A 409 -22.84 -15.88 33.74
CA LEU A 409 -23.86 -14.91 33.36
C LEU A 409 -23.22 -13.55 33.11
N TYR A 410 -22.01 -13.37 33.63
CA TYR A 410 -21.29 -12.11 33.47
C TYR A 410 -20.32 -12.18 32.30
N SER A 411 -19.97 -13.40 31.89
CA SER A 411 -19.03 -13.58 30.78
C SER A 411 -19.75 -13.79 29.46
N LEU A 412 -20.52 -14.86 29.35
CA LEU A 412 -21.16 -15.21 28.09
C LEU A 412 -22.67 -14.98 28.10
N GLY A 413 -23.24 -14.81 29.29
CA GLY A 413 -24.66 -14.54 29.42
C GLY A 413 -25.53 -15.79 29.36
N THR A 414 -26.73 -15.65 28.83
CA THR A 414 -27.73 -16.73 28.87
C THR A 414 -27.82 -17.54 27.58
N SER A 415 -27.11 -17.10 26.54
CA SER A 415 -27.21 -17.75 25.24
CA SER A 415 -27.21 -17.75 25.24
C SER A 415 -26.07 -18.73 24.98
N TYR A 416 -24.86 -18.34 25.35
CA TYR A 416 -23.68 -19.16 25.05
C TYR A 416 -23.11 -19.84 26.30
N ALA A 417 -22.79 -21.12 26.17
CA ALA A 417 -22.09 -21.85 27.21
C ALA A 417 -20.59 -21.68 27.03
N GLY A 418 -19.83 -21.98 28.08
CA GLY A 418 -18.38 -21.87 28.00
C GLY A 418 -17.73 -23.23 28.02
N VAL A 419 -16.70 -23.42 27.19
CA VAL A 419 -15.94 -24.67 27.21
C VAL A 419 -14.49 -24.42 27.59
N PHE A 420 -14.01 -25.20 28.57
CA PHE A 420 -12.62 -25.15 29.00
C PHE A 420 -12.03 -26.53 28.80
N GLY A 421 -10.71 -26.63 28.75
CA GLY A 421 -10.08 -27.92 28.57
C GLY A 421 -8.56 -27.94 28.61
N ASN A 422 -7.99 -29.14 28.50
CA ASN A 422 -6.55 -29.34 28.52
C ASN A 422 -6.00 -29.84 27.19
N ASN A 423 -6.88 -29.98 26.20
CA ASN A 423 -6.51 -30.55 24.91
C ASN A 423 -7.23 -29.83 23.77
N GLU A 424 -6.47 -29.15 22.92
CA GLU A 424 -7.04 -28.29 21.88
C GLU A 424 -7.92 -29.03 20.87
N GLU A 425 -7.55 -30.25 20.52
CA GLU A 425 -8.30 -30.99 19.51
C GLU A 425 -9.69 -31.36 20.04
N LEU A 426 -9.76 -31.78 21.31
CA LEU A 426 -11.03 -32.09 21.94
C LEU A 426 -11.91 -30.85 22.02
N ILE A 427 -11.30 -29.71 22.35
CA ILE A 427 -12.01 -28.44 22.40
C ILE A 427 -12.64 -28.13 21.04
N ASN A 428 -11.85 -28.27 19.99
CA ASN A 428 -12.33 -28.07 18.64
C ASN A 428 -13.44 -29.05 18.28
N LYS A 429 -13.39 -30.25 18.85
CA LYS A 429 -14.42 -31.25 18.62
C LYS A 429 -15.72 -30.86 19.33
N ILE A 430 -15.60 -30.25 20.51
CA ILE A 430 -16.76 -29.75 21.22
C ILE A 430 -17.39 -28.60 20.45
N LEU A 431 -16.55 -27.75 19.88
CA LEU A 431 -17.00 -26.58 19.13
C LEU A 431 -17.70 -26.99 17.83
N GLN A 432 -17.22 -28.07 17.22
CA GLN A 432 -17.86 -28.60 16.01
C GLN A 432 -19.21 -29.20 16.36
N SER A 433 -19.28 -29.85 17.53
CA SER A 433 -20.53 -30.40 18.03
C SER A 433 -21.53 -29.29 18.30
N SER A 434 -21.00 -28.14 18.71
CA SER A 434 -21.83 -26.96 18.94
C SER A 434 -22.53 -26.52 17.65
N LYS A 435 -21.75 -26.40 16.57
CA LYS A 435 -22.27 -25.95 15.29
C LYS A 435 -23.31 -26.91 14.71
N THR A 436 -23.05 -28.20 14.79
CA THR A 436 -23.94 -29.19 14.18
C THR A 436 -25.19 -29.46 15.01
N SER A 437 -25.16 -29.06 16.29
CA SER A 437 -26.31 -29.21 17.17
C SER A 437 -27.06 -27.90 17.32
N ASN A 438 -26.42 -26.82 16.88
CA ASN A 438 -26.93 -25.46 17.05
C ASN A 438 -27.16 -25.11 18.53
N GLU A 439 -26.34 -25.69 19.40
CA GLU A 439 -26.30 -25.28 20.79
C GLU A 439 -24.99 -24.53 21.03
N PRO A 440 -25.05 -23.19 21.00
CA PRO A 440 -23.89 -22.29 21.04
C PRO A 440 -22.99 -22.48 22.25
N VAL A 441 -21.70 -22.66 21.98
CA VAL A 441 -20.67 -22.79 23.01
C VAL A 441 -19.48 -21.93 22.61
N TRP A 442 -18.82 -21.33 23.59
CA TRP A 442 -17.64 -20.51 23.32
C TRP A 442 -16.43 -20.98 24.11
N TRP A 443 -15.26 -20.90 23.48
CA TRP A 443 -14.02 -21.37 24.09
C TRP A 443 -13.42 -20.31 25.01
N LEU A 444 -13.24 -20.66 26.28
CA LEU A 444 -12.66 -19.75 27.26
C LEU A 444 -11.36 -20.33 27.81
N PRO A 445 -10.41 -19.46 28.19
CA PRO A 445 -9.07 -19.92 28.58
C PRO A 445 -8.99 -20.47 30.00
N ILE A 446 -8.01 -21.35 30.21
CA ILE A 446 -7.62 -21.76 31.56
C ILE A 446 -6.30 -21.05 31.88
N ILE A 447 -6.41 -19.84 32.41
CA ILE A 447 -5.24 -18.99 32.67
C ILE A 447 -4.44 -19.52 33.85
N ASN A 448 -3.23 -20.00 33.57
CA ASN A 448 -2.40 -20.65 34.58
C ASN A 448 -1.79 -19.70 35.60
N GLU A 449 -1.77 -18.41 35.27
CA GLU A 449 -1.24 -17.40 36.20
C GLU A 449 -2.06 -17.37 37.48
N TYR A 450 -3.32 -17.77 37.38
CA TYR A 450 -4.24 -17.75 38.52
C TYR A 450 -4.08 -18.96 39.44
N ARG A 451 -3.38 -20.00 38.95
CA ARG A 451 -3.23 -21.25 39.68
C ARG A 451 -2.64 -21.07 41.07
N ALA A 452 -1.72 -20.12 41.21
CA ALA A 452 -1.02 -19.89 42.47
C ALA A 452 -1.97 -19.49 43.61
N THR A 453 -3.14 -18.97 43.26
CA THR A 453 -4.10 -18.52 44.26
C THR A 453 -4.84 -19.69 44.91
N LEU A 454 -4.63 -20.89 44.39
CA LEU A 454 -5.23 -22.09 44.95
C LEU A 454 -4.24 -22.83 45.84
N ASN A 455 -3.08 -22.22 46.07
CA ASN A 455 -2.07 -22.79 46.95
C ASN A 455 -2.44 -22.61 48.42
N SER A 456 -2.87 -23.69 49.05
CA SER A 456 -3.28 -23.64 50.45
C SER A 456 -2.09 -23.69 51.40
N LYS A 457 -2.24 -23.05 52.55
CA LYS A 457 -1.18 -23.03 53.56
C LYS A 457 -1.04 -24.39 54.23
N TYR A 458 -2.16 -25.09 54.41
CA TYR A 458 -2.16 -26.36 55.14
C TYR A 458 -2.57 -27.54 54.27
N ALA A 459 -3.54 -27.33 53.39
CA ALA A 459 -4.00 -28.39 52.50
C ALA A 459 -3.13 -28.47 51.25
N ASP A 460 -3.35 -29.49 50.43
CA ASP A 460 -2.65 -29.60 49.15
C ASP A 460 -3.12 -28.50 48.18
N ILE A 461 -4.38 -28.13 48.29
CA ILE A 461 -4.95 -27.16 47.37
C ILE A 461 -6.19 -26.47 47.94
N ASN A 462 -6.37 -25.19 47.58
CA ASN A 462 -7.57 -24.45 47.92
C ASN A 462 -8.73 -24.79 46.99
N GLN A 463 -9.91 -24.95 47.59
CA GLN A 463 -11.13 -25.12 46.82
C GLN A 463 -11.41 -23.86 45.99
N ILE A 464 -11.26 -22.71 46.62
CA ILE A 464 -11.52 -21.43 45.97
C ILE A 464 -10.33 -20.50 46.07
N SER A 465 -10.33 -19.46 45.22
CA SER A 465 -9.32 -18.43 45.27
C SER A 465 -9.77 -17.30 46.20
N SER A 466 -8.81 -16.67 46.87
CA SER A 466 -9.13 -15.53 47.72
C SER A 466 -9.19 -14.24 46.90
N SER A 467 -8.19 -14.06 46.05
CA SER A 467 -8.05 -12.83 45.28
C SER A 467 -8.85 -12.83 43.98
N VAL A 468 -8.52 -13.76 43.08
CA VAL A 468 -9.07 -13.79 41.73
C VAL A 468 -10.59 -13.85 41.69
N LYS A 469 -11.18 -12.92 40.95
CA LYS A 469 -12.63 -12.82 40.82
C LYS A 469 -13.15 -13.57 39.59
N ALA A 470 -12.24 -14.20 38.86
CA ALA A 470 -12.61 -15.00 37.69
C ALA A 470 -12.94 -16.43 38.08
N SER A 471 -14.04 -16.59 38.80
CA SER A 471 -14.41 -17.88 39.38
C SER A 471 -14.59 -19.00 38.35
N SER A 472 -15.12 -18.67 37.18
CA SER A 472 -15.30 -19.67 36.13
C SER A 472 -13.97 -20.26 35.67
N ILE A 473 -12.92 -19.44 35.65
CA ILE A 473 -11.60 -19.90 35.26
C ILE A 473 -10.90 -20.62 36.42
N VAL A 474 -10.99 -20.04 37.62
CA VAL A 474 -10.41 -20.64 38.81
C VAL A 474 -10.97 -22.04 39.06
N ALA A 475 -12.29 -22.17 38.89
CA ALA A 475 -12.95 -23.46 39.06
C ALA A 475 -12.41 -24.49 38.07
N SER A 476 -12.12 -24.03 36.86
CA SER A 476 -11.56 -24.89 35.83
C SER A 476 -10.13 -25.32 36.17
N LEU A 477 -9.38 -24.41 36.76
CA LEU A 477 -8.04 -24.72 37.25
C LEU A 477 -8.08 -25.81 38.30
N PHE A 478 -9.08 -25.75 39.17
CA PHE A 478 -9.24 -26.73 40.24
C PHE A 478 -9.57 -28.11 39.67
N LEU A 479 -10.48 -28.15 38.71
CA LEU A 479 -10.89 -29.41 38.10
C LEU A 479 -9.75 -30.08 37.35
N LYS A 480 -8.93 -29.28 36.68
CA LYS A 480 -7.82 -29.79 35.89
C LYS A 480 -6.81 -30.55 36.75
N GLU A 481 -6.78 -30.21 38.03
CA GLU A 481 -5.87 -30.86 38.97
C GLU A 481 -6.25 -32.32 39.24
N PHE A 482 -7.43 -32.73 38.78
CA PHE A 482 -7.93 -34.06 39.05
C PHE A 482 -8.03 -34.93 37.79
N VAL A 483 -7.44 -34.43 36.70
CA VAL A 483 -7.28 -35.21 35.48
C VAL A 483 -5.80 -35.25 35.13
N GLN A 484 -5.16 -36.39 35.40
CA GLN A 484 -3.70 -36.50 35.34
C GLN A 484 -3.17 -36.51 33.90
N ASN A 485 -3.62 -37.46 33.10
CA ASN A 485 -3.12 -37.58 31.73
C ASN A 485 -4.17 -38.08 30.74
N THR A 486 -5.26 -37.32 30.60
CA THR A 486 -6.30 -37.64 29.64
C THR A 486 -6.89 -36.36 29.06
N ALA A 487 -7.21 -36.39 27.77
CA ALA A 487 -7.87 -35.27 27.11
C ALA A 487 -9.20 -34.99 27.81
N TRP A 488 -9.39 -33.75 28.26
CA TRP A 488 -10.53 -33.41 29.10
C TRP A 488 -11.10 -32.04 28.77
N ALA A 489 -12.43 -31.96 28.75
CA ALA A 489 -13.12 -30.70 28.49
C ALA A 489 -14.17 -30.41 29.57
N HIS A 490 -14.38 -29.13 29.85
CA HIS A 490 -15.33 -28.71 30.88
C HIS A 490 -16.31 -27.70 30.30
N ILE A 491 -17.61 -28.02 30.35
CA ILE A 491 -18.63 -27.12 29.85
C ILE A 491 -19.47 -26.54 30.98
N ASP A 492 -19.48 -25.22 31.06
CA ASP A 492 -20.21 -24.52 32.12
C ASP A 492 -21.54 -24.00 31.60
N ILE A 493 -22.62 -24.54 32.15
CA ILE A 493 -23.97 -24.21 31.67
C ILE A 493 -24.82 -23.53 32.74
N ALA A 494 -24.17 -22.91 33.72
CA ALA A 494 -24.89 -22.20 34.77
C ALA A 494 -25.71 -21.05 34.20
N GLY A 495 -25.18 -20.42 33.15
CA GLY A 495 -25.84 -19.29 32.54
C GLY A 495 -26.96 -19.66 31.59
N VAL A 496 -26.81 -20.77 30.89
CA VAL A 496 -27.70 -21.10 29.78
C VAL A 496 -28.71 -22.21 30.06
N SER A 497 -28.59 -22.87 31.20
CA SER A 497 -29.44 -24.04 31.47
C SER A 497 -30.91 -23.68 31.67
N TRP A 498 -31.17 -22.56 32.34
CA TRP A 498 -32.54 -22.17 32.63
C TRP A 498 -32.99 -20.98 31.79
N ASN A 499 -34.15 -21.11 31.17
CA ASN A 499 -34.73 -20.03 30.38
C ASN A 499 -35.54 -19.08 31.29
N PHE A 500 -34.89 -18.00 31.71
CA PHE A 500 -35.45 -17.11 32.72
C PHE A 500 -36.75 -16.41 32.26
N LYS A 501 -36.79 -15.98 31.02
CA LYS A 501 -37.96 -15.26 30.52
C LYS A 501 -39.14 -16.22 30.32
N ALA A 502 -38.84 -17.45 29.94
CA ALA A 502 -39.88 -18.44 29.69
C ALA A 502 -40.20 -19.29 30.92
N ARG A 503 -39.42 -19.10 31.98
CA ARG A 503 -39.64 -19.77 33.26
C ARG A 503 -39.57 -21.30 33.18
N LYS A 504 -38.63 -21.81 32.39
CA LYS A 504 -38.50 -23.27 32.21
C LYS A 504 -37.07 -23.67 31.86
N PRO A 505 -36.73 -24.96 32.03
CA PRO A 505 -35.41 -25.44 31.62
C PRO A 505 -35.24 -25.44 30.11
N LYS A 506 -34.00 -25.51 29.64
CA LYS A 506 -33.72 -25.66 28.22
C LYS A 506 -33.34 -27.10 27.89
N GLY A 507 -32.82 -27.82 28.88
CA GLY A 507 -32.30 -29.15 28.64
C GLY A 507 -31.03 -29.05 27.82
N PHE A 508 -30.31 -27.95 28.03
CA PHE A 508 -29.10 -27.64 27.27
C PHE A 508 -28.03 -28.72 27.46
N GLY A 509 -27.40 -29.11 26.36
CA GLY A 509 -26.29 -30.05 26.42
C GLY A 509 -26.56 -31.41 25.82
N VAL A 510 -27.82 -31.83 25.81
CA VAL A 510 -28.21 -33.15 25.31
C VAL A 510 -27.81 -33.34 23.86
N ARG A 511 -28.26 -32.43 23.01
CA ARG A 511 -27.97 -32.53 21.58
C ARG A 511 -26.49 -32.29 21.28
N LEU A 512 -25.85 -31.44 22.07
CA LEU A 512 -24.43 -31.15 21.86
C LEU A 512 -23.55 -32.37 22.18
N LEU A 513 -23.77 -32.97 23.34
CA LEU A 513 -23.00 -34.14 23.73
C LEU A 513 -23.24 -35.32 22.79
N THR A 514 -24.45 -35.44 22.27
CA THR A 514 -24.80 -36.54 21.38
C THR A 514 -24.14 -36.38 20.02
N GLU A 515 -24.08 -35.15 19.51
CA GLU A 515 -23.39 -34.88 18.26
C GLU A 515 -21.90 -35.17 18.42
N PHE A 516 -21.37 -34.89 19.61
CA PHE A 516 -19.98 -35.16 19.92
C PHE A 516 -19.69 -36.66 19.84
N VAL A 517 -20.55 -37.45 20.46
CA VAL A 517 -20.43 -38.90 20.44
C VAL A 517 -20.54 -39.44 19.01
N LEU A 518 -21.48 -38.91 18.26
CA LEU A 518 -21.80 -39.41 16.93
C LEU A 518 -20.75 -39.05 15.88
N ASN A 519 -20.31 -37.80 15.88
CA ASN A 519 -19.37 -37.32 14.87
C ASN A 519 -17.92 -37.66 15.18
N ASP A 520 -17.71 -38.65 16.03
CA ASP A 520 -16.36 -39.07 16.41
C ASP A 520 -16.23 -40.59 16.36
N SER B 3 -15.94 -39.88 74.47
CA SER B 3 -14.55 -40.12 74.09
C SER B 3 -14.45 -40.58 72.64
N GLU B 4 -15.40 -41.42 72.23
CA GLU B 4 -15.46 -41.86 70.84
C GLU B 4 -16.03 -40.75 69.97
N VAL B 5 -15.30 -40.40 68.91
CA VAL B 5 -15.71 -39.32 68.02
C VAL B 5 -16.81 -39.78 67.06
N PRO B 6 -17.97 -39.12 67.11
CA PRO B 6 -19.06 -39.44 66.19
C PRO B 6 -18.67 -39.10 64.75
N GLN B 7 -19.14 -39.90 63.80
CA GLN B 7 -18.89 -39.64 62.38
C GLN B 7 -20.19 -39.60 61.61
N VAL B 8 -20.17 -38.96 60.45
CA VAL B 8 -21.26 -39.08 59.49
C VAL B 8 -20.90 -40.18 58.51
N VAL B 9 -19.70 -40.08 57.95
CA VAL B 9 -19.15 -41.12 57.09
C VAL B 9 -17.83 -41.64 57.67
N SER B 10 -17.41 -42.82 57.22
CA SER B 10 -16.21 -43.45 57.75
C SER B 10 -14.94 -42.66 57.43
N LEU B 11 -15.00 -41.83 56.39
CA LEU B 11 -13.86 -41.02 55.98
C LEU B 11 -13.70 -39.78 56.88
N ASP B 12 -14.65 -39.53 57.75
CA ASP B 12 -14.54 -38.46 58.73
C ASP B 12 -13.44 -38.79 59.74
N PRO B 13 -12.58 -37.80 60.04
CA PRO B 13 -11.49 -37.97 61.01
C PRO B 13 -12.03 -38.19 62.42
N THR B 14 -11.29 -38.95 63.24
CA THR B 14 -11.72 -39.22 64.60
C THR B 14 -10.66 -38.79 65.62
N SER B 15 -9.68 -38.01 65.17
CA SER B 15 -8.64 -37.50 66.05
C SER B 15 -7.88 -36.35 65.42
N ILE B 16 -7.38 -35.46 66.26
CA ILE B 16 -6.55 -34.34 65.80
C ILE B 16 -5.11 -34.78 65.66
N PRO B 17 -4.56 -34.69 64.44
CA PRO B 17 -3.14 -34.99 64.24
C PRO B 17 -2.25 -34.02 65.00
N ILE B 18 -1.42 -34.53 65.90
CA ILE B 18 -0.53 -33.70 66.69
C ILE B 18 0.90 -34.19 66.61
N GLU B 19 1.82 -33.32 66.20
CA GLU B 19 3.23 -33.64 66.28
C GLU B 19 3.83 -33.03 67.55
N TYR B 20 4.42 -33.88 68.39
CA TYR B 20 4.98 -33.44 69.66
C TYR B 20 6.47 -33.18 69.54
N ASN B 21 7.20 -34.10 68.93
CA ASN B 21 8.62 -33.93 68.72
C ASN B 21 8.90 -33.31 67.36
N THR B 22 9.11 -32.01 67.35
CA THR B 22 9.32 -31.25 66.11
C THR B 22 10.80 -31.26 65.72
N PRO B 23 11.11 -30.91 64.46
CA PRO B 23 12.51 -30.75 64.05
C PRO B 23 13.24 -29.70 64.90
N ILE B 24 12.49 -28.74 65.41
CA ILE B 24 13.03 -27.71 66.30
C ILE B 24 13.60 -28.34 67.57
N HIS B 25 13.00 -29.44 68.01
CA HIS B 25 13.49 -30.17 69.17
C HIS B 25 14.79 -30.91 68.87
N ASP B 26 15.06 -31.12 67.58
CA ASP B 26 16.25 -31.86 67.16
C ASP B 26 17.45 -30.93 66.96
N ILE B 27 17.22 -29.63 67.13
CA ILE B 27 18.30 -28.65 66.98
C ILE B 27 19.14 -28.55 68.25
N LYS B 28 20.41 -28.94 68.16
CA LYS B 28 21.34 -28.75 69.27
C LYS B 28 21.75 -27.29 69.33
N VAL B 29 21.57 -26.67 70.50
CA VAL B 29 21.85 -25.26 70.65
C VAL B 29 23.03 -25.01 71.60
N GLN B 30 24.02 -24.27 71.12
CA GLN B 30 25.17 -23.90 71.92
C GLN B 30 25.27 -22.39 72.05
N VAL B 31 25.55 -21.93 73.26
CA VAL B 31 25.74 -20.50 73.51
C VAL B 31 27.16 -20.21 73.98
N TYR B 32 27.89 -19.43 73.20
CA TYR B 32 29.25 -19.05 73.56
C TYR B 32 29.30 -17.58 73.92
N ASP B 33 30.36 -17.16 74.61
CA ASP B 33 30.56 -15.74 74.85
C ASP B 33 31.40 -15.15 73.72
N ILE B 34 30.95 -14.01 73.22
CA ILE B 34 31.57 -13.36 72.08
C ILE B 34 32.99 -12.89 72.41
N LYS B 35 33.25 -12.65 73.69
CA LYS B 35 34.56 -12.20 74.13
C LYS B 35 35.51 -13.38 74.22
N GLY B 36 35.75 -14.00 73.07
CA GLY B 36 36.62 -15.16 72.96
C GLY B 36 36.83 -15.41 71.48
N GLY B 37 36.03 -14.73 70.67
CA GLY B 37 36.11 -14.84 69.21
C GLY B 37 35.02 -15.73 68.65
N CYS B 38 34.72 -15.54 67.37
CA CYS B 38 33.74 -16.36 66.63
C CYS B 38 34.50 -17.29 65.68
N ASN B 39 34.15 -18.57 65.56
CA ASN B 39 34.83 -19.27 64.48
C ASN B 39 33.69 -19.61 63.56
N VAL B 40 34.04 -19.90 62.31
CA VAL B 40 33.11 -19.94 61.19
C VAL B 40 32.92 -21.36 60.69
N GLU B 41 33.83 -21.78 59.82
CA GLU B 41 33.79 -23.11 59.23
C GLU B 41 32.42 -23.46 58.62
N GLU B 42 31.84 -24.55 59.09
CA GLU B 42 30.63 -25.12 58.50
C GLU B 42 29.39 -24.24 58.61
N GLY B 43 28.46 -24.43 57.66
CA GLY B 43 27.14 -23.83 57.73
C GLY B 43 27.06 -22.37 57.34
N LEU B 44 26.09 -21.67 57.92
CA LEU B 44 25.86 -20.26 57.63
C LEU B 44 26.03 -19.42 58.89
N THR B 45 26.87 -18.39 58.81
CA THR B 45 27.12 -17.52 59.95
C THR B 45 26.56 -16.12 59.70
N ILE B 46 25.61 -15.72 60.54
CA ILE B 46 24.92 -14.45 60.36
C ILE B 46 25.20 -13.46 61.48
N PHE B 47 25.62 -12.25 61.11
CA PHE B 47 25.89 -11.20 62.08
C PHE B 47 24.74 -10.21 62.19
N LEU B 48 24.10 -10.18 63.35
CA LEU B 48 23.07 -9.18 63.63
C LEU B 48 23.75 -7.84 63.94
N VAL B 49 23.71 -6.92 62.99
CA VAL B 49 24.42 -5.65 63.14
C VAL B 49 23.49 -4.44 63.02
N ASN B 50 23.89 -3.35 63.67
CA ASN B 50 23.16 -2.10 63.58
C ASN B 50 24.12 -0.92 63.49
N ASN B 51 23.59 0.28 63.53
CA ASN B 51 24.40 1.49 63.52
C ASN B 51 23.66 2.63 64.22
N PRO B 52 23.90 2.80 65.52
CA PRO B 52 23.26 3.85 66.31
C PRO B 52 23.51 5.24 65.72
N GLY B 53 22.44 6.02 65.52
CA GLY B 53 22.56 7.36 64.99
C GLY B 53 22.19 7.45 63.52
N LYS B 54 23.13 7.07 62.65
CA LYS B 54 22.89 7.10 61.22
C LYS B 54 21.78 6.13 60.82
N GLU B 55 20.82 6.61 60.06
CA GLU B 55 19.69 5.80 59.62
C GLU B 55 20.14 4.56 58.86
N ASN B 56 20.69 4.77 57.66
CA ASN B 56 21.22 3.68 56.86
C ASN B 56 22.74 3.68 56.86
N GLY B 57 23.32 3.81 58.05
CA GLY B 57 24.76 3.81 58.21
C GLY B 57 25.39 2.51 57.75
N PRO B 58 26.71 2.53 57.52
CA PRO B 58 27.41 1.36 56.99
C PRO B 58 27.46 0.19 57.96
N VAL B 59 27.67 -1.01 57.43
CA VAL B 59 27.80 -2.21 58.26
C VAL B 59 29.20 -2.31 58.86
N LYS B 60 29.27 -2.37 60.17
CA LYS B 60 30.55 -2.45 60.87
C LYS B 60 30.60 -3.65 61.79
N ILE B 61 31.36 -4.67 61.38
CA ILE B 61 31.55 -5.86 62.21
C ILE B 61 32.59 -5.57 63.29
N SER B 62 32.15 -5.55 64.54
CA SER B 62 33.02 -5.17 65.64
C SER B 62 33.65 -6.38 66.33
N SER B 63 32.96 -7.51 66.29
CA SER B 63 33.38 -8.69 67.03
C SER B 63 34.66 -9.31 66.47
N LYS B 64 35.40 -9.99 67.34
CA LYS B 64 36.62 -10.67 66.93
C LYS B 64 36.31 -11.99 66.25
N VAL B 65 36.88 -12.18 65.07
CA VAL B 65 36.69 -13.42 64.32
C VAL B 65 37.97 -14.25 64.34
N ASN B 66 37.88 -15.49 64.82
CA ASN B 66 39.04 -16.36 64.92
C ASN B 66 39.43 -16.97 63.58
N ASP B 67 39.56 -16.12 62.56
CA ASP B 67 39.97 -16.57 61.24
C ASP B 67 40.54 -15.41 60.44
N LYS B 68 41.80 -15.53 60.05
CA LYS B 68 42.50 -14.47 59.31
C LYS B 68 41.79 -14.11 58.01
N GLN B 69 41.38 -15.13 57.27
CA GLN B 69 40.67 -14.93 56.01
C GLN B 69 39.35 -14.21 56.21
N VAL B 70 38.52 -14.75 57.09
CA VAL B 70 37.20 -14.18 57.36
C VAL B 70 37.30 -12.74 57.88
N SER B 71 38.34 -12.48 58.66
CA SER B 71 38.55 -11.14 59.21
C SER B 71 38.91 -10.13 58.13
N GLU B 72 39.76 -10.55 57.19
CA GLU B 72 40.15 -9.70 56.08
C GLU B 72 38.95 -9.37 55.21
N PHE B 73 38.06 -10.35 55.03
CA PHE B 73 36.85 -10.15 54.25
C PHE B 73 35.88 -9.23 54.98
N LEU B 74 35.90 -9.28 56.31
CA LEU B 74 34.97 -8.49 57.11
C LEU B 74 35.56 -7.18 57.60
N LYS B 75 36.54 -6.65 56.87
CA LYS B 75 37.08 -5.33 57.18
C LYS B 75 36.02 -4.27 56.95
N ASP B 76 36.14 -3.14 57.65
CA ASP B 76 35.18 -2.05 57.53
C ASP B 76 35.06 -1.57 56.08
N GLU B 77 36.21 -1.47 55.42
CA GLU B 77 36.28 -1.01 54.03
C GLU B 77 35.45 -1.89 53.10
N ASN B 78 35.44 -3.19 53.36
CA ASN B 78 34.70 -4.12 52.53
C ASN B 78 33.19 -4.09 52.80
N MET B 79 32.81 -3.86 54.05
CA MET B 79 31.41 -3.86 54.44
C MET B 79 30.77 -2.48 54.25
N GLU B 80 31.59 -1.48 53.97
CA GLU B 80 31.15 -0.09 53.90
C GLU B 80 30.04 0.15 52.87
N LYS B 81 29.97 -0.71 51.86
CA LYS B 81 28.98 -0.57 50.80
C LYS B 81 27.59 -1.00 51.24
N PHE B 82 27.53 -1.75 52.35
CA PHE B 82 26.26 -2.25 52.87
C PHE B 82 25.72 -1.36 53.98
N ASN B 83 24.41 -1.30 54.14
CA ASN B 83 23.80 -0.55 55.22
C ASN B 83 23.00 -1.47 56.15
N VAL B 84 22.49 -0.89 57.24
CA VAL B 84 21.86 -1.69 58.30
C VAL B 84 20.34 -1.51 58.38
N LYS B 85 19.71 -1.16 57.27
CA LYS B 85 18.26 -0.98 57.24
C LYS B 85 17.54 -2.20 57.80
N LEU B 86 16.61 -1.97 58.71
CA LEU B 86 15.90 -3.03 59.41
C LEU B 86 15.29 -4.06 58.46
N GLY B 87 15.88 -5.25 58.41
CA GLY B 87 15.38 -6.32 57.57
C GLY B 87 16.32 -6.67 56.43
N THR B 88 17.30 -5.80 56.17
CA THR B 88 18.28 -6.03 55.11
C THR B 88 19.10 -7.30 55.41
N SER B 89 19.39 -8.06 54.37
CA SER B 89 20.11 -9.32 54.50
C SER B 89 21.06 -9.54 53.32
N LYS B 90 22.24 -10.10 53.58
CA LYS B 90 23.20 -10.40 52.54
C LYS B 90 23.91 -11.74 52.79
N HIS B 91 24.33 -12.39 51.71
CA HIS B 91 25.08 -13.64 51.81
C HIS B 91 26.51 -13.49 51.28
N PHE B 92 27.48 -14.10 51.96
CA PHE B 92 28.87 -14.02 51.54
C PHE B 92 29.46 -15.41 51.31
N TYR B 93 30.39 -15.49 50.36
CA TYR B 93 31.11 -16.71 50.04
C TYR B 93 32.61 -16.46 50.07
N MET B 94 33.35 -17.35 50.72
CA MET B 94 34.80 -17.19 50.85
C MET B 94 35.45 -18.46 51.37
N PHE B 95 36.79 -18.47 51.35
CA PHE B 95 37.55 -19.58 51.90
C PHE B 95 38.25 -19.14 53.19
N ASN B 96 38.18 -19.97 54.21
CA ASN B 96 38.80 -19.65 55.49
C ASN B 96 40.26 -20.13 55.55
N ASP B 97 40.84 -20.10 56.75
CA ASP B 97 42.23 -20.52 56.94
C ASP B 97 42.41 -22.00 56.63
N ASN B 98 41.34 -22.77 56.81
CA ASN B 98 41.35 -24.20 56.52
C ASN B 98 41.17 -24.47 55.03
N LYS B 99 41.22 -23.40 54.24
CA LYS B 99 41.00 -23.45 52.79
C LYS B 99 39.64 -24.05 52.45
N ASN B 100 38.70 -23.95 53.39
CA ASN B 100 37.35 -24.48 53.19
C ASN B 100 36.37 -23.35 52.89
N SER B 101 35.44 -23.62 51.98
CA SER B 101 34.41 -22.64 51.64
C SER B 101 33.45 -22.46 52.81
N VAL B 102 33.22 -21.21 53.20
CA VAL B 102 32.31 -20.90 54.29
C VAL B 102 31.26 -19.88 53.84
N ALA B 103 30.10 -19.92 54.48
CA ALA B 103 29.03 -18.98 54.17
C ALA B 103 28.82 -17.99 55.32
N VAL B 104 28.91 -16.70 55.01
CA VAL B 104 28.77 -15.65 56.01
C VAL B 104 27.74 -14.64 55.51
N GLY B 105 27.17 -13.85 56.42
CA GLY B 105 26.23 -12.82 56.04
C GLY B 105 25.78 -12.01 57.23
N TYR B 106 24.85 -11.09 57.02
CA TYR B 106 24.35 -10.25 58.10
C TYR B 106 22.87 -9.90 57.93
N VAL B 107 22.22 -9.61 59.05
CA VAL B 107 20.87 -9.06 59.03
C VAL B 107 20.88 -7.66 59.64
N GLY B 108 20.33 -6.69 58.91
CA GLY B 108 20.29 -5.32 59.38
C GLY B 108 19.32 -5.13 60.52
N CYS B 109 19.81 -4.59 61.64
CA CYS B 109 18.97 -4.40 62.82
C CYS B 109 18.62 -2.94 63.06
N GLY B 110 18.61 -2.14 61.99
CA GLY B 110 18.19 -0.75 62.07
C GLY B 110 19.22 0.17 62.71
N SER B 111 18.74 1.32 63.19
CA SER B 111 19.60 2.34 63.75
C SER B 111 19.31 2.62 65.22
N VAL B 112 18.21 2.05 65.71
CA VAL B 112 17.79 2.27 67.09
C VAL B 112 18.51 1.31 68.04
N ALA B 113 18.93 1.82 69.18
CA ALA B 113 19.69 1.04 70.16
C ALA B 113 18.85 -0.05 70.82
N ASP B 114 17.55 0.20 70.97
CA ASP B 114 16.66 -0.76 71.61
C ASP B 114 15.60 -1.26 70.64
N LEU B 115 15.75 -2.49 70.18
CA LEU B 115 14.84 -3.07 69.21
C LEU B 115 13.49 -3.43 69.85
N SER B 116 12.41 -3.21 69.11
CA SER B 116 11.08 -3.51 69.60
C SER B 116 10.64 -4.94 69.24
N GLU B 117 9.54 -5.38 69.84
CA GLU B 117 9.00 -6.70 69.58
C GLU B 117 8.67 -6.88 68.11
N ALA B 118 7.99 -5.88 67.54
CA ALA B 118 7.63 -5.90 66.13
C ALA B 118 8.88 -5.88 65.25
N ASP B 119 9.89 -5.14 65.68
CA ASP B 119 11.15 -5.03 64.93
C ASP B 119 11.95 -6.33 65.00
N MET B 120 12.01 -6.93 66.18
CA MET B 120 12.75 -8.17 66.37
C MET B 120 12.15 -9.29 65.53
N LYS B 121 10.83 -9.29 65.41
CA LYS B 121 10.14 -10.25 64.56
C LYS B 121 10.52 -10.03 63.09
N ARG B 122 10.72 -8.77 62.73
CA ARG B 122 11.16 -8.43 61.38
C ARG B 122 12.58 -8.93 61.13
N VAL B 123 13.41 -8.88 62.15
CA VAL B 123 14.77 -9.40 62.05
C VAL B 123 14.74 -10.91 61.88
N VAL B 124 13.92 -11.57 62.68
CA VAL B 124 13.77 -13.02 62.64
C VAL B 124 13.25 -13.51 61.29
N LEU B 125 12.16 -12.91 60.82
CA LEU B 125 11.57 -13.28 59.53
C LEU B 125 12.57 -13.14 58.40
N SER B 126 13.38 -12.08 58.44
CA SER B 126 14.44 -11.89 57.47
C SER B 126 15.49 -12.99 57.59
N LEU B 127 15.71 -13.44 58.82
CA LEU B 127 16.67 -14.50 59.10
C LEU B 127 16.13 -15.86 58.67
N VAL B 128 14.83 -16.07 58.91
CA VAL B 128 14.17 -17.32 58.56
C VAL B 128 14.14 -17.49 57.04
N THR B 129 14.03 -16.37 56.33
CA THR B 129 14.07 -16.39 54.87
C THR B 129 15.38 -16.97 54.37
N MET B 130 16.45 -16.72 55.12
CA MET B 130 17.78 -17.22 54.77
C MET B 130 17.90 -18.73 55.02
N LEU B 131 16.98 -19.28 55.80
CA LEU B 131 17.01 -20.69 56.14
C LEU B 131 16.12 -21.54 55.23
N HIS B 132 15.15 -20.90 54.59
CA HIS B 132 14.12 -21.61 53.85
C HIS B 132 14.56 -22.10 52.47
N ASP B 133 15.46 -21.37 51.82
CA ASP B 133 15.86 -21.69 50.45
C ASP B 133 17.26 -22.30 50.37
N ASN B 134 17.82 -22.67 51.52
CA ASN B 134 19.18 -23.20 51.57
C ASN B 134 19.25 -24.48 52.38
N LYS B 135 19.96 -25.48 51.85
CA LYS B 135 20.14 -26.75 52.55
C LYS B 135 21.31 -26.66 53.52
N LEU B 136 21.10 -25.93 54.61
CA LEU B 136 22.13 -25.74 55.63
C LEU B 136 22.05 -26.80 56.72
N SER B 137 23.20 -27.16 57.27
CA SER B 137 23.25 -28.16 58.33
C SER B 137 23.40 -27.49 59.69
N LYS B 138 23.80 -26.23 59.68
CA LYS B 138 24.03 -25.49 60.91
C LYS B 138 23.88 -23.98 60.70
N LEU B 139 23.23 -23.33 61.66
CA LEU B 139 23.15 -21.88 61.67
C LEU B 139 23.96 -21.31 62.83
N THR B 140 24.69 -20.25 62.58
CA THR B 140 25.36 -19.53 63.65
C THR B 140 24.95 -18.07 63.64
N VAL B 141 24.48 -17.58 64.79
CA VAL B 141 24.03 -16.20 64.90
C VAL B 141 24.88 -15.43 65.90
N VAL B 142 25.50 -14.35 65.43
CA VAL B 142 26.31 -13.51 66.29
C VAL B 142 25.58 -12.21 66.61
N PHE B 143 25.34 -11.96 67.89
CA PHE B 143 24.63 -10.78 68.34
C PHE B 143 25.56 -9.58 68.52
N GLU B 144 25.57 -8.68 67.54
CA GLU B 144 26.27 -7.42 67.69
C GLU B 144 25.27 -6.30 67.93
N ILE B 145 24.24 -6.62 68.72
CA ILE B 145 23.26 -5.64 69.18
C ILE B 145 22.96 -5.89 70.65
N ASN B 146 22.32 -4.95 71.31
CA ASN B 146 21.99 -5.09 72.72
C ASN B 146 20.57 -5.59 72.95
N VAL B 147 20.45 -6.76 73.59
CA VAL B 147 19.15 -7.32 73.94
C VAL B 147 19.17 -7.84 75.36
N ASP B 148 18.09 -7.59 76.11
CA ASP B 148 17.96 -8.14 77.45
C ASP B 148 17.50 -9.59 77.37
N LYS B 149 17.46 -10.27 78.51
CA LYS B 149 17.17 -11.71 78.54
C LYS B 149 15.82 -12.06 77.93
N ASN B 150 14.80 -11.26 78.22
CA ASN B 150 13.47 -11.49 77.69
C ASN B 150 13.44 -11.39 76.17
N LEU B 151 14.03 -10.32 75.63
CA LEU B 151 14.05 -10.12 74.19
C LEU B 151 14.88 -11.19 73.49
N PHE B 152 15.93 -11.65 74.16
CA PHE B 152 16.74 -12.74 73.63
C PHE B 152 15.92 -14.02 73.51
N ARG B 153 15.23 -14.36 74.60
CA ARG B 153 14.36 -15.53 74.61
C ARG B 153 13.31 -15.40 73.51
N PHE B 154 12.74 -14.20 73.42
CA PHE B 154 11.76 -13.87 72.38
C PHE B 154 12.30 -14.14 70.98
N PHE B 155 13.56 -13.79 70.75
CA PHE B 155 14.23 -14.03 69.47
C PHE B 155 14.24 -15.52 69.15
N LEU B 156 14.59 -16.33 70.14
CA LEU B 156 14.65 -17.78 69.95
C LEU B 156 13.26 -18.36 69.67
N GLU B 157 12.30 -18.02 70.53
CA GLU B 157 10.91 -18.44 70.36
C GLU B 157 10.41 -18.11 68.96
N THR B 158 10.55 -16.85 68.59
CA THR B 158 10.08 -16.34 67.31
C THR B 158 10.83 -17.00 66.16
N LEU B 159 12.11 -17.27 66.37
CA LEU B 159 12.88 -18.00 65.37
C LEU B 159 12.31 -19.39 65.19
N PHE B 160 12.18 -20.12 66.29
CA PHE B 160 11.66 -21.48 66.29
C PHE B 160 10.26 -21.55 65.68
N TYR B 161 9.39 -20.65 66.08
CA TYR B 161 8.00 -20.64 65.61
C TYR B 161 7.90 -20.44 64.10
N GLU B 162 8.54 -19.38 63.60
CA GLU B 162 8.44 -19.03 62.19
C GLU B 162 9.23 -19.98 61.30
N TYR B 163 10.19 -20.70 61.89
CA TYR B 163 11.02 -21.64 61.14
C TYR B 163 10.25 -22.94 60.90
N MET B 164 9.49 -23.36 61.90
CA MET B 164 8.73 -24.60 61.82
C MET B 164 7.56 -24.48 60.84
N THR B 165 7.36 -25.51 60.03
CA THR B 165 6.28 -25.53 59.05
C THR B 165 5.32 -26.68 59.29
N ASP B 166 4.02 -26.36 59.38
CA ASP B 166 3.00 -27.36 59.63
C ASP B 166 2.61 -28.06 58.34
N GLU B 167 2.86 -29.37 58.28
CA GLU B 167 2.54 -30.17 57.10
C GLU B 167 1.66 -31.37 57.45
N ARG B 168 0.91 -31.26 58.54
CA ARG B 168 0.02 -32.33 58.99
C ARG B 168 -1.04 -32.67 57.95
N PHE B 169 -1.46 -31.67 57.19
CA PHE B 169 -2.58 -31.84 56.27
C PHE B 169 -2.16 -31.80 54.80
N LYS B 170 -0.86 -31.85 54.56
CA LYS B 170 -0.35 -31.99 53.20
C LYS B 170 -0.24 -33.46 52.84
N SER B 171 -0.60 -33.80 51.61
CA SER B 171 -0.34 -35.14 51.07
C SER B 171 0.61 -34.98 49.89
N THR B 172 0.07 -34.47 48.78
CA THR B 172 0.83 -34.03 47.62
C THR B 172 -0.12 -33.53 46.53
N GLU B 179 14.43 -29.93 54.93
CA GLU B 179 15.72 -30.14 55.58
C GLU B 179 16.01 -29.06 56.61
N TYR B 180 15.64 -29.32 57.87
CA TYR B 180 15.93 -28.41 58.97
C TYR B 180 17.38 -28.52 59.41
N ILE B 181 17.93 -27.44 59.94
CA ILE B 181 19.26 -27.46 60.52
C ILE B 181 19.28 -28.37 61.74
N LYS B 182 20.47 -28.85 62.10
CA LYS B 182 20.61 -29.72 63.26
C LYS B 182 21.38 -29.03 64.39
N HIS B 183 22.08 -27.95 64.04
CA HIS B 183 22.82 -27.18 65.03
C HIS B 183 22.49 -25.69 64.94
N LEU B 184 22.49 -25.03 66.09
CA LEU B 184 22.34 -23.58 66.15
C LEU B 184 23.35 -23.00 67.12
N GLY B 185 24.28 -22.20 66.61
CA GLY B 185 25.28 -21.56 67.44
C GLY B 185 24.93 -20.11 67.70
N VAL B 186 25.17 -19.65 68.93
CA VAL B 186 24.85 -18.29 69.31
C VAL B 186 25.99 -17.62 70.07
N TYR B 187 26.56 -16.56 69.50
CA TYR B 187 27.55 -15.75 70.17
C TYR B 187 26.90 -14.51 70.78
N ILE B 188 27.18 -14.25 72.05
CA ILE B 188 26.49 -13.19 72.77
C ILE B 188 27.29 -12.72 74.00
N ASN B 189 27.29 -11.40 74.23
CA ASN B 189 27.89 -10.84 75.43
C ASN B 189 27.11 -11.28 76.66
N ASN B 190 27.83 -11.52 77.76
CA ASN B 190 27.22 -12.01 79.00
C ASN B 190 26.44 -13.29 78.76
N ALA B 191 27.05 -14.22 78.04
CA ALA B 191 26.38 -15.42 77.54
C ALA B 191 25.82 -16.32 78.64
N ASP B 192 26.52 -16.40 79.77
CA ASP B 192 26.17 -17.34 80.84
C ASP B 192 24.75 -17.15 81.38
N THR B 193 24.27 -15.90 81.39
CA THR B 193 22.94 -15.60 81.90
C THR B 193 21.87 -15.88 80.85
N TYR B 194 22.23 -15.75 79.57
CA TYR B 194 21.30 -16.02 78.48
C TYR B 194 21.06 -17.51 78.28
N LYS B 195 22.00 -18.32 78.76
CA LYS B 195 21.98 -19.76 78.53
C LYS B 195 20.71 -20.43 79.06
N GLU B 196 20.23 -19.98 80.21
CA GLU B 196 19.03 -20.56 80.83
C GLU B 196 17.77 -20.25 80.02
N GLU B 197 17.83 -19.19 79.21
CA GLU B 197 16.68 -18.78 78.41
C GLU B 197 16.43 -19.72 77.24
N VAL B 198 17.43 -20.52 76.89
CA VAL B 198 17.37 -21.38 75.70
C VAL B 198 16.28 -22.44 75.82
N GLU B 199 16.35 -23.27 76.86
CA GLU B 199 15.37 -24.33 77.02
C GLU B 199 14.02 -23.79 77.45
N LYS B 200 14.01 -22.60 78.06
CA LYS B 200 12.76 -21.93 78.37
C LYS B 200 12.09 -21.50 77.07
N ALA B 201 12.90 -21.04 76.13
CA ALA B 201 12.42 -20.65 74.81
C ALA B 201 11.88 -21.85 74.06
N ARG B 202 12.54 -22.99 74.20
CA ARG B 202 12.11 -24.22 73.53
C ARG B 202 10.75 -24.66 74.07
N VAL B 203 10.56 -24.53 75.37
CA VAL B 203 9.30 -24.87 76.00
C VAL B 203 8.20 -23.89 75.60
N TYR B 204 8.51 -22.59 75.68
CA TYR B 204 7.56 -21.57 75.25
C TYR B 204 7.20 -21.72 73.78
N TYR B 205 8.19 -22.10 72.98
CA TYR B 205 7.99 -22.32 71.55
C TYR B 205 6.90 -23.36 71.29
N PHE B 206 7.00 -24.51 71.93
CA PHE B 206 6.08 -25.59 71.63
C PHE B 206 4.70 -25.35 72.21
N GLY B 207 4.64 -24.77 73.41
CA GLY B 207 3.36 -24.41 74.01
C GLY B 207 2.58 -23.53 73.06
N THR B 208 3.28 -22.57 72.46
CA THR B 208 2.71 -21.72 71.43
C THR B 208 2.36 -22.51 70.18
N TYR B 209 3.28 -23.37 69.75
CA TYR B 209 3.08 -24.14 68.52
C TYR B 209 2.07 -25.27 68.71
N TYR B 210 1.94 -25.76 69.95
CA TYR B 210 0.90 -26.72 70.26
C TYR B 210 -0.46 -26.06 70.08
N ALA B 211 -0.56 -24.83 70.56
CA ALA B 211 -1.78 -24.05 70.44
C ALA B 211 -2.14 -23.81 68.98
N SER B 212 -1.15 -23.45 68.18
CA SER B 212 -1.37 -23.17 66.77
C SER B 212 -1.81 -24.40 65.99
N GLN B 213 -1.24 -25.56 66.34
CA GLN B 213 -1.63 -26.81 65.70
C GLN B 213 -3.12 -27.08 65.90
N LEU B 214 -3.61 -26.81 67.12
CA LEU B 214 -5.01 -26.99 67.44
C LEU B 214 -5.90 -26.03 66.66
N ILE B 215 -5.51 -24.76 66.66
CA ILE B 215 -6.26 -23.70 65.98
C ILE B 215 -6.27 -23.91 64.47
N ALA B 216 -5.10 -24.17 63.90
CA ALA B 216 -4.96 -24.40 62.47
C ALA B 216 -5.77 -25.61 62.02
N ALA B 217 -5.80 -26.63 62.86
CA ALA B 217 -6.59 -27.84 62.58
C ALA B 217 -8.05 -27.49 62.32
N PRO B 218 -8.54 -27.84 61.13
CA PRO B 218 -9.93 -27.56 60.72
C PRO B 218 -10.95 -28.21 61.64
N SER B 219 -12.21 -27.78 61.51
CA SER B 219 -13.25 -28.13 62.48
C SER B 219 -13.79 -29.55 62.30
N ASN B 220 -13.51 -30.19 61.17
CA ASN B 220 -13.89 -31.59 61.00
C ASN B 220 -12.90 -32.48 61.74
N TYR B 221 -11.67 -32.00 61.88
CA TYR B 221 -10.67 -32.69 62.68
C TYR B 221 -10.83 -32.31 64.15
N CYS B 222 -10.81 -31.02 64.42
CA CYS B 222 -10.88 -30.52 65.79
C CYS B 222 -12.32 -30.22 66.21
N ASN B 223 -12.95 -31.20 66.84
CA ASN B 223 -14.32 -31.08 67.32
C ASN B 223 -14.33 -31.17 68.85
N PRO B 224 -15.48 -30.92 69.50
CA PRO B 224 -15.50 -30.99 70.97
C PRO B 224 -15.03 -32.32 71.56
N VAL B 225 -15.21 -33.42 70.82
CA VAL B 225 -14.80 -34.72 71.32
C VAL B 225 -13.30 -34.96 71.15
N SER B 226 -12.78 -34.62 69.97
CA SER B 226 -11.38 -34.84 69.66
C SER B 226 -10.48 -33.87 70.42
N LEU B 227 -10.94 -32.64 70.60
CA LEU B 227 -10.16 -31.63 71.34
C LEU B 227 -10.01 -32.03 72.80
N SER B 228 -11.10 -32.46 73.41
CA SER B 228 -11.09 -32.90 74.79
C SER B 228 -10.25 -34.17 74.96
N ASN B 229 -10.25 -35.01 73.93
CA ASN B 229 -9.39 -36.19 73.92
C ASN B 229 -7.92 -35.78 73.88
N ALA B 230 -7.61 -34.77 73.07
CA ALA B 230 -6.26 -34.26 72.96
C ALA B 230 -5.78 -33.71 74.30
N ALA B 231 -6.67 -33.02 75.01
CA ALA B 231 -6.35 -32.45 76.31
C ALA B 231 -6.05 -33.54 77.34
N VAL B 232 -6.84 -34.61 77.31
CA VAL B 232 -6.61 -35.76 78.19
C VAL B 232 -5.24 -36.37 77.91
N GLU B 233 -4.93 -36.53 76.62
CA GLU B 233 -3.64 -37.06 76.21
C GLU B 233 -2.50 -36.17 76.68
N LEU B 234 -2.68 -34.86 76.53
CA LEU B 234 -1.71 -33.89 77.01
C LEU B 234 -1.53 -34.02 78.53
N ALA B 235 -2.66 -34.09 79.23
CA ALA B 235 -2.66 -34.24 80.69
C ALA B 235 -1.93 -35.52 81.11
N GLN B 236 -2.06 -36.56 80.30
CA GLN B 236 -1.43 -37.85 80.58
C GLN B 236 0.07 -37.83 80.25
N LYS B 237 0.46 -37.08 79.22
CA LYS B 237 1.87 -36.99 78.85
C LYS B 237 2.64 -36.13 79.84
N LEU B 238 1.97 -35.13 80.38
CA LEU B 238 2.45 -34.47 81.58
C LEU B 238 1.94 -35.32 82.74
N ASN B 239 1.66 -34.72 83.89
CA ASN B 239 0.96 -35.48 84.90
C ASN B 239 0.01 -34.60 85.68
N LEU B 240 -0.82 -33.88 84.93
CA LEU B 240 -1.85 -33.04 85.50
C LEU B 240 -3.08 -33.89 85.80
N GLU B 241 -3.82 -33.53 86.82
CA GLU B 241 -5.12 -34.13 87.05
C GLU B 241 -6.04 -33.68 85.92
N TYR B 242 -6.94 -34.56 85.50
CA TYR B 242 -7.86 -34.23 84.42
C TYR B 242 -9.22 -34.86 84.65
N LYS B 243 -10.27 -34.12 84.31
CA LYS B 243 -11.59 -34.69 84.24
C LYS B 243 -12.39 -34.01 83.13
N ILE B 244 -13.02 -34.81 82.30
CA ILE B 244 -13.86 -34.31 81.23
C ILE B 244 -15.32 -34.49 81.58
N LEU B 245 -16.00 -33.37 81.83
CA LEU B 245 -17.41 -33.40 82.19
C LEU B 245 -18.27 -33.61 80.96
N GLY B 246 -19.10 -34.65 80.98
CA GLY B 246 -19.99 -34.95 79.87
C GLY B 246 -21.35 -34.31 80.06
N VAL B 247 -22.22 -34.46 79.08
CA VAL B 247 -23.55 -33.87 79.10
C VAL B 247 -24.31 -34.18 80.38
N LYS B 248 -24.25 -35.44 80.80
CA LYS B 248 -24.93 -35.89 82.01
C LYS B 248 -24.47 -35.12 83.24
N GLU B 249 -23.15 -34.98 83.39
CA GLU B 249 -22.58 -34.23 84.51
C GLU B 249 -22.89 -32.74 84.39
N LEU B 250 -22.84 -32.23 83.16
CA LEU B 250 -23.11 -30.82 82.91
C LEU B 250 -24.57 -30.49 83.16
N GLU B 251 -25.44 -31.48 82.98
CA GLU B 251 -26.85 -31.33 83.30
C GLU B 251 -27.05 -31.27 84.81
N GLU B 252 -26.29 -32.09 85.54
CA GLU B 252 -26.38 -32.12 87.00
C GLU B 252 -25.85 -30.83 87.63
N LEU B 253 -24.97 -30.15 86.90
CA LEU B 253 -24.40 -28.89 87.37
C LEU B 253 -25.21 -27.71 86.84
N LYS B 254 -26.18 -28.02 85.98
CA LYS B 254 -27.15 -27.05 85.48
C LYS B 254 -26.50 -25.92 84.69
N MET B 255 -25.48 -26.28 83.90
CA MET B 255 -24.83 -25.32 83.02
C MET B 255 -25.67 -25.16 81.75
N GLY B 256 -26.81 -24.49 81.90
CA GLY B 256 -27.78 -24.38 80.82
C GLY B 256 -27.37 -23.47 79.67
N ALA B 257 -26.66 -22.39 79.98
CA ALA B 257 -26.18 -21.47 78.95
C ALA B 257 -25.17 -22.18 78.06
N TYR B 258 -24.29 -22.96 78.68
CA TYR B 258 -23.27 -23.70 77.95
C TYR B 258 -23.89 -24.86 77.17
N LEU B 259 -24.85 -25.54 77.78
CA LEU B 259 -25.50 -26.68 77.11
C LEU B 259 -26.36 -26.23 75.93
N SER B 260 -26.89 -25.00 76.01
CA SER B 260 -27.73 -24.47 74.95
C SER B 260 -26.98 -24.29 73.64
N VAL B 261 -25.76 -23.76 73.73
CA VAL B 261 -24.94 -23.48 72.55
C VAL B 261 -24.68 -24.74 71.73
N GLY B 262 -24.39 -25.84 72.43
CA GLY B 262 -24.03 -27.09 71.76
C GLY B 262 -25.20 -27.96 71.35
N LYS B 263 -26.42 -27.46 71.54
CA LYS B 263 -27.62 -28.23 71.25
C LYS B 263 -27.73 -28.65 69.78
N GLY B 264 -27.26 -27.78 68.88
CA GLY B 264 -27.38 -28.05 67.46
C GLY B 264 -26.17 -28.77 66.87
N SER B 265 -25.30 -29.28 67.72
CA SER B 265 -24.07 -29.93 67.24
C SER B 265 -24.17 -31.45 67.32
N MET B 266 -23.49 -32.13 66.41
CA MET B 266 -23.47 -33.59 66.38
C MET B 266 -22.45 -34.13 67.38
N TYR B 267 -21.68 -33.23 67.97
CA TYR B 267 -20.69 -33.61 68.97
C TYR B 267 -21.15 -33.18 70.36
N PRO B 268 -21.24 -34.15 71.29
CA PRO B 268 -21.62 -33.86 72.67
C PRO B 268 -20.66 -32.90 73.34
N ASN B 269 -21.19 -32.01 74.17
CA ASN B 269 -20.34 -31.05 74.88
C ASN B 269 -19.33 -31.72 75.79
N LYS B 270 -18.10 -31.20 75.79
CA LYS B 270 -17.07 -31.68 76.68
C LYS B 270 -16.44 -30.52 77.44
N PHE B 271 -16.54 -30.55 78.76
CA PHE B 271 -15.93 -29.53 79.60
C PHE B 271 -14.56 -29.99 80.09
N ILE B 272 -13.52 -29.27 79.69
CA ILE B 272 -12.16 -29.64 80.04
C ILE B 272 -11.71 -29.02 81.36
N HIS B 273 -11.30 -29.86 82.31
CA HIS B 273 -10.77 -29.40 83.58
C HIS B 273 -9.41 -30.05 83.87
N LEU B 274 -8.35 -29.29 83.66
CA LEU B 274 -7.00 -29.75 83.97
C LEU B 274 -6.50 -29.05 85.24
N THR B 275 -5.65 -29.73 86.00
CA THR B 275 -5.13 -29.15 87.24
C THR B 275 -3.65 -29.46 87.45
N TYR B 276 -2.89 -28.41 87.74
CA TYR B 276 -1.51 -28.58 88.18
C TYR B 276 -1.37 -28.15 89.63
N LYS B 277 -0.75 -28.99 90.45
CA LYS B 277 -0.48 -28.66 91.84
C LYS B 277 1.02 -28.76 92.13
N SER B 278 1.55 -27.76 92.81
CA SER B 278 2.94 -27.78 93.24
C SER B 278 3.12 -28.80 94.36
N LYS B 279 4.35 -29.24 94.57
CA LYS B 279 4.63 -30.26 95.58
C LYS B 279 4.88 -29.63 96.95
N GLY B 280 4.48 -28.36 97.09
CA GLY B 280 4.66 -27.65 98.34
C GLY B 280 3.43 -26.85 98.73
N ASP B 281 3.61 -25.92 99.67
CA ASP B 281 2.52 -25.08 100.15
C ASP B 281 2.00 -24.15 99.05
N VAL B 282 0.71 -24.24 98.76
CA VAL B 282 0.08 -23.42 97.74
C VAL B 282 -0.24 -22.03 98.27
N LYS B 283 0.30 -21.01 97.63
CA LYS B 283 0.10 -19.63 98.05
C LYS B 283 -0.86 -18.88 97.12
N LYS B 284 -1.11 -19.47 95.95
CA LYS B 284 -2.00 -18.85 94.98
C LYS B 284 -2.72 -19.92 94.14
N LYS B 285 -4.05 -19.87 94.14
CA LYS B 285 -4.85 -20.73 93.28
C LYS B 285 -5.36 -19.92 92.10
N ILE B 286 -5.20 -20.46 90.89
CA ILE B 286 -5.53 -19.72 89.68
C ILE B 286 -6.41 -20.56 88.73
N ALA B 287 -7.41 -19.90 88.14
CA ALA B 287 -8.27 -20.55 87.16
C ALA B 287 -8.12 -19.91 85.79
N LEU B 288 -7.64 -20.68 84.83
CA LEU B 288 -7.53 -20.22 83.45
C LEU B 288 -8.71 -20.75 82.62
N VAL B 289 -9.45 -19.83 82.00
CA VAL B 289 -10.64 -20.19 81.25
C VAL B 289 -10.52 -19.85 79.77
N GLY B 290 -10.58 -20.87 78.91
CA GLY B 290 -10.48 -20.64 77.48
C GLY B 290 -11.78 -20.90 76.75
N LYS B 291 -12.17 -19.97 75.90
CA LYS B 291 -13.33 -20.16 75.04
C LYS B 291 -13.02 -21.25 74.02
N GLY B 292 -13.83 -22.31 74.03
CA GLY B 292 -13.57 -23.45 73.18
C GLY B 292 -14.70 -23.77 72.21
N ILE B 293 -15.00 -22.84 71.32
CA ILE B 293 -15.95 -23.11 70.25
C ILE B 293 -15.19 -23.63 69.03
N THR B 294 -15.31 -24.94 68.77
CA THR B 294 -14.55 -25.58 67.71
C THR B 294 -14.92 -25.01 66.34
N PHE B 295 -16.20 -24.74 66.14
CA PHE B 295 -16.62 -23.99 64.96
C PHE B 295 -17.80 -23.08 65.29
N ASP B 296 -17.73 -21.84 64.79
CA ASP B 296 -18.77 -20.86 65.04
C ASP B 296 -19.49 -20.48 63.76
N SER B 297 -20.59 -21.15 63.48
CA SER B 297 -21.41 -20.83 62.31
C SER B 297 -22.25 -19.59 62.60
N GLY B 298 -22.51 -19.36 63.88
CA GLY B 298 -23.33 -18.23 64.30
C GLY B 298 -24.67 -18.68 64.84
N GLY B 299 -24.97 -19.96 64.66
CA GLY B 299 -26.29 -20.47 65.00
C GLY B 299 -27.29 -19.97 63.99
N TYR B 300 -28.55 -19.82 64.39
CA TYR B 300 -29.56 -19.31 63.48
C TYR B 300 -29.31 -17.86 63.11
N ASN B 301 -28.57 -17.15 63.95
CA ASN B 301 -27.99 -15.87 63.55
C ASN B 301 -26.75 -16.12 62.69
N LEU B 302 -26.96 -16.85 61.60
CA LEU B 302 -25.90 -17.31 60.71
C LEU B 302 -24.97 -16.19 60.28
N LYS B 303 -23.68 -16.52 60.17
CA LYS B 303 -22.70 -15.59 59.64
C LYS B 303 -22.80 -15.54 58.13
N ALA B 304 -23.73 -14.74 57.61
CA ALA B 304 -23.94 -14.65 56.17
C ALA B 304 -23.58 -13.28 55.64
N ALA B 305 -23.49 -12.30 56.54
CA ALA B 305 -23.19 -10.92 56.17
C ALA B 305 -21.79 -10.81 55.57
N PRO B 306 -21.62 -9.87 54.62
CA PRO B 306 -20.29 -9.58 54.07
C PRO B 306 -19.31 -9.18 55.17
N GLY B 307 -18.19 -9.90 55.27
CA GLY B 307 -17.15 -9.56 56.23
C GLY B 307 -17.23 -10.34 57.54
N SER B 308 -18.14 -11.31 57.60
CA SER B 308 -18.30 -12.11 58.81
C SER B 308 -17.25 -13.22 58.89
N MET B 309 -16.61 -13.49 57.76
CA MET B 309 -15.47 -14.41 57.68
C MET B 309 -15.72 -15.77 58.35
N ILE B 310 -16.75 -16.48 57.90
CA ILE B 310 -17.14 -17.73 58.53
C ILE B 310 -16.09 -18.84 58.34
N ASP B 311 -15.34 -18.78 57.25
CA ASP B 311 -14.37 -19.84 56.94
C ASP B 311 -13.15 -19.77 57.85
N LEU B 312 -13.09 -18.73 58.67
CA LEU B 312 -11.99 -18.57 59.63
C LEU B 312 -12.36 -19.18 60.99
N MET B 313 -13.66 -19.32 61.23
CA MET B 313 -14.18 -19.59 62.57
C MET B 313 -13.74 -20.89 63.23
N LYS B 314 -12.79 -21.60 62.63
CA LYS B 314 -12.17 -22.74 63.30
C LYS B 314 -11.28 -22.22 64.43
N PHE B 315 -10.94 -20.94 64.36
CA PHE B 315 -10.06 -20.29 65.32
C PHE B 315 -10.80 -19.90 66.61
N ASP B 316 -12.10 -20.18 66.66
CA ASP B 316 -12.92 -19.72 67.78
C ASP B 316 -12.68 -20.52 69.06
N MET B 317 -11.73 -21.44 68.99
CA MET B 317 -11.29 -22.17 70.18
C MET B 317 -9.84 -21.82 70.49
N SER B 318 -9.40 -20.66 70.00
CA SER B 318 -8.05 -20.17 70.25
C SER B 318 -7.81 -19.95 71.74
N GLY B 319 -8.85 -19.51 72.44
CA GLY B 319 -8.78 -19.30 73.87
C GLY B 319 -8.48 -20.59 74.60
N CYS B 320 -9.13 -21.66 74.17
CA CYS B 320 -8.88 -22.98 74.72
C CYS B 320 -7.47 -23.46 74.37
N ALA B 321 -7.07 -23.21 73.13
CA ALA B 321 -5.74 -23.58 72.65
C ALA B 321 -4.66 -22.84 73.44
N ALA B 322 -4.92 -21.58 73.75
CA ALA B 322 -4.00 -20.79 74.55
C ALA B 322 -3.86 -21.36 75.96
N VAL B 323 -4.98 -21.77 76.53
CA VAL B 323 -4.99 -22.33 77.87
C VAL B 323 -4.28 -23.68 77.93
N LEU B 324 -4.48 -24.50 76.89
CA LEU B 324 -3.81 -25.80 76.82
C LEU B 324 -2.31 -25.63 76.60
N GLY B 325 -1.95 -24.63 75.79
CA GLY B 325 -0.54 -24.35 75.53
C GLY B 325 0.17 -23.89 76.79
N CYS B 326 -0.55 -23.18 77.66
CA CYS B 326 -0.01 -22.75 78.93
C CYS B 326 0.14 -23.94 79.88
N ALA B 327 -0.82 -24.86 79.81
CA ALA B 327 -0.79 -26.06 80.65
C ALA B 327 0.44 -26.90 80.35
N TYR B 328 0.84 -26.94 79.08
CA TYR B 328 2.06 -27.65 78.70
C TYR B 328 3.29 -27.00 79.32
N CYS B 329 3.40 -25.69 79.19
CA CYS B 329 4.53 -24.93 79.73
C CYS B 329 4.60 -25.08 81.25
N VAL B 330 3.47 -24.86 81.91
CA VAL B 330 3.39 -25.01 83.36
C VAL B 330 3.69 -26.46 83.77
N GLY B 331 3.19 -27.41 82.99
CA GLY B 331 3.42 -28.82 83.25
C GLY B 331 4.88 -29.21 83.06
N THR B 332 5.55 -28.54 82.13
CA THR B 332 6.95 -28.80 81.85
C THR B 332 7.86 -28.11 82.85
N LEU B 333 7.59 -26.84 83.11
CA LEU B 333 8.46 -26.03 83.94
C LEU B 333 8.27 -26.27 85.43
N LYS B 334 7.13 -26.84 85.79
CA LYS B 334 6.80 -27.17 87.18
C LYS B 334 7.08 -26.03 88.16
N PRO B 335 6.30 -24.94 88.07
CA PRO B 335 6.49 -23.84 89.02
C PRO B 335 6.08 -24.26 90.44
N GLU B 336 6.46 -23.45 91.44
CA GLU B 336 6.21 -23.82 92.82
C GLU B 336 5.18 -22.91 93.49
N ASN B 337 4.62 -23.38 94.59
CA ASN B 337 3.68 -22.62 95.41
C ASN B 337 2.42 -22.17 94.69
N VAL B 338 2.01 -22.94 93.68
CA VAL B 338 0.80 -22.59 92.93
C VAL B 338 -0.07 -23.81 92.62
N GLU B 339 -1.36 -23.53 92.41
CA GLU B 339 -2.31 -24.51 91.92
C GLU B 339 -3.11 -23.90 90.78
N ILE B 340 -2.91 -24.43 89.58
CA ILE B 340 -3.55 -23.84 88.39
C ILE B 340 -4.65 -24.76 87.85
N HIS B 341 -5.80 -24.16 87.54
CA HIS B 341 -6.90 -24.88 86.93
C HIS B 341 -7.08 -24.45 85.48
N PHE B 342 -6.94 -25.41 84.56
CA PHE B 342 -7.08 -25.13 83.14
C PHE B 342 -8.45 -25.55 82.65
N LEU B 343 -9.30 -24.57 82.37
CA LEU B 343 -10.70 -24.82 82.10
C LEU B 343 -11.11 -24.41 80.69
N SER B 344 -12.03 -25.17 80.10
CA SER B 344 -12.61 -24.82 78.82
C SER B 344 -13.94 -25.53 78.59
N ALA B 345 -15.01 -24.75 78.47
CA ALA B 345 -16.31 -25.30 78.12
C ALA B 345 -16.41 -25.44 76.62
N VAL B 346 -16.10 -26.62 76.10
CA VAL B 346 -16.02 -26.83 74.66
C VAL B 346 -17.34 -27.31 74.05
N CYS B 347 -17.71 -26.70 72.94
CA CYS B 347 -18.88 -27.11 72.16
C CYS B 347 -18.79 -26.55 70.75
N GLU B 348 -19.82 -26.81 69.95
CA GLU B 348 -19.86 -26.33 68.57
C GLU B 348 -21.17 -25.61 68.30
N ASN B 349 -21.10 -24.46 67.65
CA ASN B 349 -22.28 -23.65 67.38
C ASN B 349 -22.82 -23.86 65.96
N MET B 350 -23.83 -24.72 65.83
CA MET B 350 -24.30 -25.14 64.51
C MET B 350 -25.78 -24.84 64.27
N VAL B 351 -26.16 -24.93 63.00
CA VAL B 351 -27.55 -24.76 62.61
C VAL B 351 -28.21 -26.13 62.43
N SER B 352 -29.32 -26.33 63.15
CA SER B 352 -29.97 -27.63 63.19
C SER B 352 -31.39 -27.50 63.72
N LYS B 353 -32.15 -28.57 63.66
CA LYS B 353 -33.48 -28.57 64.25
C LYS B 353 -33.39 -28.54 65.77
N ASN B 354 -32.24 -28.97 66.28
CA ASN B 354 -32.02 -29.04 67.72
C ASN B 354 -31.31 -27.81 68.26
N SER B 355 -30.93 -26.90 67.37
CA SER B 355 -30.24 -25.67 67.78
C SER B 355 -31.12 -24.81 68.68
N TYR B 356 -30.49 -23.94 69.46
CA TYR B 356 -31.22 -22.98 70.28
C TYR B 356 -31.57 -21.78 69.41
N ARG B 357 -32.66 -21.09 69.75
CA ARG B 357 -33.20 -20.04 68.91
C ARG B 357 -32.97 -18.65 69.48
N PRO B 358 -32.84 -17.64 68.60
CA PRO B 358 -32.83 -16.26 69.09
C PRO B 358 -34.15 -15.91 69.76
N GLY B 359 -34.10 -15.53 71.03
CA GLY B 359 -35.29 -15.27 71.79
C GLY B 359 -35.40 -16.20 72.98
N ASP B 360 -34.75 -17.36 72.87
CA ASP B 360 -34.75 -18.36 73.93
C ASP B 360 -34.25 -17.81 75.26
N ILE B 361 -34.90 -18.22 76.35
CA ILE B 361 -34.43 -17.87 77.68
C ILE B 361 -33.84 -19.09 78.36
N ILE B 362 -32.56 -18.99 78.70
CA ILE B 362 -31.81 -20.10 79.26
C ILE B 362 -31.34 -19.79 80.67
N THR B 363 -31.09 -20.83 81.46
CA THR B 363 -30.72 -20.64 82.86
C THR B 363 -29.28 -21.04 83.13
N ALA B 364 -28.49 -20.11 83.63
CA ALA B 364 -27.09 -20.37 83.96
C ALA B 364 -26.98 -21.15 85.26
N SER B 365 -25.81 -21.72 85.51
CA SER B 365 -25.59 -22.55 86.70
C SER B 365 -25.66 -21.76 88.00
N ASN B 366 -25.52 -20.43 87.91
CA ASN B 366 -25.66 -19.59 89.09
C ASN B 366 -27.08 -19.10 89.28
N GLY B 367 -27.99 -19.61 88.45
CA GLY B 367 -29.41 -19.35 88.60
C GLY B 367 -29.98 -18.21 87.78
N LYS B 368 -29.09 -17.40 87.21
CA LYS B 368 -29.53 -16.23 86.44
C LYS B 368 -30.10 -16.64 85.08
N THR B 369 -31.29 -16.14 84.75
CA THR B 369 -31.92 -16.42 83.48
C THR B 369 -31.46 -15.43 82.41
N ILE B 370 -31.23 -15.93 81.20
CA ILE B 370 -30.63 -15.14 80.14
C ILE B 370 -31.48 -15.13 78.88
N GLU B 371 -31.82 -13.93 78.39
CA GLU B 371 -32.53 -13.83 77.12
C GLU B 371 -31.53 -13.73 75.97
N VAL B 372 -31.57 -14.71 75.08
CA VAL B 372 -30.69 -14.74 73.92
C VAL B 372 -31.19 -13.82 72.82
N GLY B 373 -30.47 -12.73 72.57
CA GLY B 373 -30.85 -11.78 71.54
C GLY B 373 -30.16 -12.05 70.22
N ASN B 374 -29.11 -12.88 70.28
CA ASN B 374 -28.33 -13.22 69.09
C ASN B 374 -27.53 -14.49 69.36
N THR B 375 -27.76 -15.52 68.56
CA THR B 375 -27.12 -16.81 68.77
C THR B 375 -25.62 -16.79 68.44
N ASP B 376 -25.18 -15.76 67.71
CA ASP B 376 -23.77 -15.68 67.33
C ASP B 376 -22.92 -15.05 68.44
N ALA B 377 -23.59 -14.57 69.49
CA ALA B 377 -22.89 -14.10 70.68
C ALA B 377 -22.82 -15.23 71.70
N GLU B 378 -22.29 -16.37 71.27
CA GLU B 378 -22.38 -17.61 72.05
C GLU B 378 -21.19 -17.84 72.97
N GLY B 379 -20.08 -17.15 72.70
CA GLY B 379 -18.88 -17.32 73.49
C GLY B 379 -19.08 -16.94 74.95
N ARG B 380 -19.75 -15.82 75.17
CA ARG B 380 -19.96 -15.31 76.53
C ARG B 380 -20.92 -16.19 77.32
N LEU B 381 -21.75 -16.97 76.61
CA LEU B 381 -22.67 -17.89 77.25
C LEU B 381 -21.94 -19.09 77.83
N THR B 382 -21.02 -19.66 77.03
CA THR B 382 -20.20 -20.76 77.51
C THR B 382 -19.24 -20.28 78.60
N LEU B 383 -18.79 -19.04 78.46
CA LEU B 383 -17.89 -18.44 79.44
C LEU B 383 -18.58 -18.25 80.78
N ALA B 384 -19.84 -17.77 80.71
CA ALA B 384 -20.63 -17.52 81.92
C ALA B 384 -20.70 -18.75 82.81
N ASP B 385 -21.02 -19.89 82.22
CA ASP B 385 -21.11 -21.13 82.98
C ASP B 385 -19.73 -21.63 83.40
N ALA B 386 -18.70 -21.27 82.64
CA ALA B 386 -17.34 -21.65 82.98
C ALA B 386 -16.82 -20.78 84.13
N LEU B 387 -17.25 -19.52 84.17
CA LEU B 387 -16.85 -18.60 85.24
C LEU B 387 -17.50 -18.98 86.56
N VAL B 388 -18.75 -19.43 86.50
CA VAL B 388 -19.46 -19.93 87.68
C VAL B 388 -18.73 -21.14 88.24
N TYR B 389 -18.32 -22.03 87.34
CA TYR B 389 -17.59 -23.23 87.70
C TYR B 389 -16.24 -22.88 88.33
N ALA B 390 -15.54 -21.93 87.72
CA ALA B 390 -14.21 -21.54 88.16
C ALA B 390 -14.21 -20.94 89.57
N GLU B 391 -15.25 -20.17 89.88
CA GLU B 391 -15.34 -19.51 91.17
C GLU B 391 -15.68 -20.50 92.28
N LYS B 392 -16.38 -21.58 91.92
CA LYS B 392 -16.72 -22.63 92.87
C LYS B 392 -15.50 -23.44 93.27
N LEU B 393 -14.41 -23.30 92.51
CA LEU B 393 -13.16 -23.97 92.82
C LEU B 393 -12.45 -23.27 93.98
N GLY B 394 -12.88 -22.05 94.27
CA GLY B 394 -12.29 -21.27 95.35
C GLY B 394 -10.89 -20.80 95.03
N VAL B 395 -10.76 -20.05 93.93
CA VAL B 395 -9.45 -19.59 93.48
C VAL B 395 -9.20 -18.13 93.85
N ASP B 396 -7.96 -17.69 93.67
CA ASP B 396 -7.59 -16.30 93.93
C ASP B 396 -7.79 -15.43 92.69
N TYR B 397 -7.46 -15.99 91.53
CA TYR B 397 -7.59 -15.26 90.28
C TYR B 397 -8.35 -16.07 89.24
N ILE B 398 -9.26 -15.40 88.54
CA ILE B 398 -9.91 -15.99 87.37
C ILE B 398 -9.55 -15.19 86.13
N VAL B 399 -8.84 -15.82 85.21
CA VAL B 399 -8.50 -15.17 83.95
C VAL B 399 -9.04 -15.97 82.77
N ASP B 400 -9.84 -15.31 81.94
CA ASP B 400 -10.35 -15.95 80.74
C ASP B 400 -9.77 -15.29 79.50
N ILE B 401 -9.47 -16.11 78.49
CA ILE B 401 -8.93 -15.63 77.23
C ILE B 401 -9.79 -16.18 76.09
N ALA B 402 -10.19 -15.30 75.17
CA ALA B 402 -11.22 -15.68 74.20
C ALA B 402 -11.24 -14.84 72.93
N THR B 403 -11.63 -15.48 71.83
CA THR B 403 -11.94 -14.77 70.59
C THR B 403 -13.41 -14.37 70.64
N LEU B 404 -13.71 -13.36 71.44
CA LEU B 404 -15.09 -13.08 71.81
C LEU B 404 -15.81 -12.09 70.89
N THR B 405 -15.15 -10.98 70.55
CA THR B 405 -15.83 -9.92 69.80
C THR B 405 -15.05 -9.45 68.58
N GLY B 406 -15.75 -9.26 67.47
CA GLY B 406 -15.15 -8.77 66.25
C GLY B 406 -14.84 -7.28 66.28
N ALA B 407 -15.36 -6.61 67.30
CA ALA B 407 -15.14 -5.17 67.46
C ALA B 407 -13.69 -4.87 67.86
N MET B 408 -12.96 -5.88 68.29
CA MET B 408 -11.57 -5.72 68.69
C MET B 408 -10.72 -5.23 67.53
N LEU B 409 -11.06 -5.68 66.32
CA LEU B 409 -10.32 -5.29 65.11
C LEU B 409 -10.45 -3.80 64.82
N TYR B 410 -11.51 -3.17 65.33
CA TYR B 410 -11.74 -1.76 65.12
C TYR B 410 -11.19 -0.91 66.27
N SER B 411 -10.96 -1.56 67.40
CA SER B 411 -10.46 -0.85 68.58
C SER B 411 -8.93 -0.91 68.67
N LEU B 412 -8.39 -2.11 68.77
CA LEU B 412 -6.95 -2.28 68.96
C LEU B 412 -6.26 -2.86 67.72
N GLY B 413 -7.04 -3.46 66.82
CA GLY B 413 -6.48 -4.01 65.60
C GLY B 413 -5.98 -5.44 65.73
N THR B 414 -4.87 -5.74 65.07
CA THR B 414 -4.38 -7.11 64.97
C THR B 414 -3.15 -7.42 65.81
N SER B 415 -2.59 -6.40 66.45
CA SER B 415 -1.38 -6.59 67.25
C SER B 415 -1.67 -6.67 68.74
N TYR B 416 -2.56 -5.82 69.21
CA TYR B 416 -2.81 -5.69 70.64
C TYR B 416 -4.11 -6.33 71.09
N ALA B 417 -4.02 -7.31 71.99
CA ALA B 417 -5.21 -7.87 72.61
C ALA B 417 -5.74 -6.88 73.65
N GLY B 418 -7.02 -7.02 73.99
CA GLY B 418 -7.62 -6.16 75.00
C GLY B 418 -7.83 -6.91 76.30
N VAL B 419 -7.65 -6.22 77.42
CA VAL B 419 -7.89 -6.84 78.72
C VAL B 419 -8.92 -6.05 79.52
N PHE B 420 -9.91 -6.78 80.04
CA PHE B 420 -10.97 -6.19 80.87
C PHE B 420 -10.94 -6.86 82.24
N GLY B 421 -11.55 -6.25 83.23
CA GLY B 421 -11.54 -6.84 84.57
C GLY B 421 -12.14 -6.01 85.68
N ASN B 422 -12.29 -6.65 86.85
CA ASN B 422 -12.90 -6.00 88.01
C ASN B 422 -11.90 -5.71 89.13
N ASN B 423 -10.62 -5.86 88.82
CA ASN B 423 -9.58 -5.69 89.83
C ASN B 423 -8.28 -5.15 89.23
N GLU B 424 -7.88 -3.96 89.66
CA GLU B 424 -6.75 -3.25 89.06
C GLU B 424 -5.43 -3.99 89.24
N GLU B 425 -5.25 -4.60 90.41
CA GLU B 425 -4.03 -5.35 90.70
C GLU B 425 -3.87 -6.51 89.73
N LEU B 426 -4.96 -7.26 89.55
CA LEU B 426 -4.96 -8.38 88.61
C LEU B 426 -4.63 -7.92 87.20
N ILE B 427 -5.21 -6.79 86.80
CA ILE B 427 -4.96 -6.21 85.50
C ILE B 427 -3.48 -5.85 85.36
N ASN B 428 -2.93 -5.26 86.41
CA ASN B 428 -1.52 -4.87 86.44
C ASN B 428 -0.59 -6.07 86.24
N LYS B 429 -0.96 -7.20 86.82
CA LYS B 429 -0.17 -8.41 86.68
C LYS B 429 -0.24 -8.96 85.26
N ILE B 430 -1.41 -8.84 84.64
CA ILE B 430 -1.58 -9.26 83.25
C ILE B 430 -0.78 -8.36 82.31
N LEU B 431 -0.83 -7.05 82.57
CA LEU B 431 -0.07 -6.09 81.79
C LEU B 431 1.43 -6.32 81.95
N GLN B 432 1.85 -6.69 83.15
CA GLN B 432 3.24 -7.00 83.42
C GLN B 432 3.65 -8.24 82.63
N SER B 433 2.78 -9.25 82.65
CA SER B 433 3.01 -10.50 81.93
C SER B 433 3.06 -10.26 80.43
N SER B 434 2.34 -9.24 79.97
CA SER B 434 2.33 -8.88 78.56
C SER B 434 3.70 -8.35 78.14
N LYS B 435 4.34 -7.62 79.05
CA LYS B 435 5.65 -7.04 78.78
C LYS B 435 6.74 -8.10 78.67
N THR B 436 6.81 -8.97 79.67
CA THR B 436 7.88 -9.96 79.75
C THR B 436 7.71 -11.10 78.75
N SER B 437 6.47 -11.38 78.36
CA SER B 437 6.21 -12.42 77.37
C SER B 437 6.23 -11.86 75.95
N ASN B 438 6.30 -10.54 75.85
CA ASN B 438 6.26 -9.83 74.57
C ASN B 438 5.04 -10.20 73.73
N GLU B 439 3.92 -10.42 74.39
CA GLU B 439 2.64 -10.54 73.71
C GLU B 439 1.78 -9.36 74.13
N PRO B 440 1.72 -8.33 73.27
CA PRO B 440 1.16 -7.02 73.62
C PRO B 440 -0.32 -7.08 74.00
N VAL B 441 -0.67 -6.34 75.05
CA VAL B 441 -2.03 -6.28 75.55
C VAL B 441 -2.31 -4.86 76.05
N TRP B 442 -3.47 -4.32 75.70
CA TRP B 442 -3.84 -2.99 76.14
C TRP B 442 -5.05 -3.05 77.05
N TRP B 443 -5.04 -2.20 78.08
CA TRP B 443 -6.13 -2.18 79.06
C TRP B 443 -7.32 -1.38 78.54
N LEU B 444 -8.49 -2.02 78.54
CA LEU B 444 -9.73 -1.39 78.10
C LEU B 444 -10.76 -1.38 79.23
N PRO B 445 -11.64 -0.36 79.24
CA PRO B 445 -12.54 -0.15 80.38
C PRO B 445 -13.82 -0.98 80.35
N ILE B 446 -14.31 -1.35 81.53
CA ILE B 446 -15.67 -1.88 81.67
C ILE B 446 -16.57 -0.74 82.08
N ILE B 447 -17.22 -0.11 81.11
CA ILE B 447 -18.06 1.06 81.36
C ILE B 447 -19.42 0.63 81.90
N ASN B 448 -19.66 0.94 83.18
CA ASN B 448 -20.88 0.52 83.86
C ASN B 448 -22.13 1.23 83.37
N GLU B 449 -21.95 2.36 82.70
CA GLU B 449 -23.08 3.12 82.19
C GLU B 449 -23.86 2.32 81.14
N TYR B 450 -23.15 1.43 80.46
CA TYR B 450 -23.75 0.62 79.40
C TYR B 450 -24.50 -0.60 79.96
N ARG B 451 -24.30 -0.89 81.24
CA ARG B 451 -24.91 -2.05 81.90
C ARG B 451 -26.44 -2.06 81.80
N ALA B 452 -27.03 -0.88 81.83
CA ALA B 452 -28.49 -0.75 81.78
C ALA B 452 -29.08 -1.33 80.50
N THR B 453 -28.27 -1.42 79.45
CA THR B 453 -28.73 -1.95 78.17
C THR B 453 -28.78 -3.47 78.18
N LEU B 454 -28.37 -4.07 79.29
CA LEU B 454 -28.44 -5.52 79.44
C LEU B 454 -29.64 -5.94 80.27
N ASN B 455 -30.44 -4.96 80.68
CA ASN B 455 -31.67 -5.24 81.41
C ASN B 455 -32.74 -5.83 80.50
N SER B 456 -33.26 -7.01 80.85
CA SER B 456 -34.28 -7.65 80.05
C SER B 456 -35.66 -7.45 80.66
N LYS B 457 -36.69 -7.50 79.81
CA LYS B 457 -38.06 -7.35 80.25
C LYS B 457 -38.58 -8.62 80.91
N TYR B 458 -38.04 -9.76 80.51
CA TYR B 458 -38.53 -11.05 80.98
C TYR B 458 -37.46 -11.88 81.69
N ALA B 459 -36.26 -11.94 81.11
CA ALA B 459 -35.15 -12.63 81.74
C ALA B 459 -34.50 -11.74 82.81
N ASP B 460 -33.57 -12.31 83.57
CA ASP B 460 -32.82 -11.54 84.55
C ASP B 460 -31.86 -10.57 83.87
N ILE B 461 -31.34 -10.98 82.71
CA ILE B 461 -30.39 -10.16 81.98
C ILE B 461 -30.44 -10.46 80.48
N ASN B 462 -30.10 -9.45 79.68
CA ASN B 462 -29.93 -9.63 78.25
C ASN B 462 -28.55 -10.17 77.92
N GLN B 463 -28.48 -11.00 76.89
CA GLN B 463 -27.21 -11.50 76.38
C GLN B 463 -26.45 -10.38 75.67
N ILE B 464 -27.15 -9.68 74.79
CA ILE B 464 -26.55 -8.60 74.01
C ILE B 464 -27.20 -7.26 74.34
N SER B 465 -26.55 -6.18 73.93
CA SER B 465 -27.02 -4.83 74.21
C SER B 465 -28.06 -4.37 73.19
N SER B 466 -28.84 -3.36 73.58
CA SER B 466 -29.84 -2.78 72.69
C SER B 466 -29.25 -1.64 71.87
N SER B 467 -28.62 -0.69 72.56
CA SER B 467 -28.12 0.52 71.93
C SER B 467 -26.62 0.48 71.65
N VAL B 468 -25.84 0.23 72.70
CA VAL B 468 -24.38 0.33 72.63
C VAL B 468 -23.74 -0.58 71.59
N LYS B 469 -22.87 0.00 70.76
CA LYS B 469 -22.16 -0.75 69.72
C LYS B 469 -20.78 -1.17 70.18
N ALA B 470 -20.42 -0.83 71.41
CA ALA B 470 -19.14 -1.23 71.97
C ALA B 470 -19.25 -2.64 72.55
N SER B 471 -19.31 -3.63 71.67
CA SER B 471 -19.61 -5.00 72.04
C SER B 471 -18.55 -5.64 72.92
N SER B 472 -17.28 -5.27 72.73
CA SER B 472 -16.19 -5.82 73.53
C SER B 472 -16.32 -5.39 74.98
N ILE B 473 -16.96 -4.25 75.21
CA ILE B 473 -17.21 -3.76 76.55
C ILE B 473 -18.52 -4.34 77.10
N VAL B 474 -19.54 -4.37 76.24
CA VAL B 474 -20.84 -4.93 76.61
C VAL B 474 -20.71 -6.40 76.97
N ALA B 475 -19.89 -7.14 76.21
CA ALA B 475 -19.64 -8.54 76.51
C ALA B 475 -18.93 -8.69 77.84
N SER B 476 -18.00 -7.77 78.12
CA SER B 476 -17.29 -7.76 79.39
C SER B 476 -18.24 -7.51 80.54
N LEU B 477 -19.20 -6.62 80.32
CA LEU B 477 -20.23 -6.32 81.31
C LEU B 477 -21.10 -7.55 81.59
N PHE B 478 -21.34 -8.35 80.56
CA PHE B 478 -22.14 -9.56 80.72
C PHE B 478 -21.38 -10.62 81.51
N LEU B 479 -20.07 -10.72 81.25
CA LEU B 479 -19.22 -11.70 81.93
C LEU B 479 -19.10 -11.39 83.42
N LYS B 480 -19.03 -10.12 83.75
CA LYS B 480 -18.82 -9.68 85.13
C LYS B 480 -19.99 -10.08 86.04
N GLU B 481 -21.14 -10.31 85.42
CA GLU B 481 -22.34 -10.72 86.15
C GLU B 481 -22.22 -12.14 86.71
N PHE B 482 -21.19 -12.86 86.29
CA PHE B 482 -21.04 -14.26 86.69
C PHE B 482 -19.78 -14.49 87.51
N VAL B 483 -19.24 -13.41 88.06
CA VAL B 483 -18.19 -13.49 89.07
C VAL B 483 -18.55 -12.58 90.24
N GLN B 484 -18.97 -13.19 91.35
CA GLN B 484 -19.53 -12.42 92.46
C GLN B 484 -18.46 -11.82 93.38
N ASN B 485 -17.42 -12.59 93.69
CA ASN B 485 -16.41 -12.12 94.63
C ASN B 485 -15.03 -12.73 94.43
N THR B 486 -14.53 -12.65 93.20
CA THR B 486 -13.19 -13.13 92.89
C THR B 486 -12.56 -12.20 91.85
N ALA B 487 -11.28 -11.87 92.05
CA ALA B 487 -10.57 -11.03 91.10
C ALA B 487 -10.55 -11.69 89.73
N TRP B 488 -11.10 -10.99 88.74
CA TRP B 488 -11.28 -11.56 87.40
C TRP B 488 -10.83 -10.61 86.29
N ALA B 489 -10.13 -11.17 85.31
CA ALA B 489 -9.69 -10.41 84.15
C ALA B 489 -10.04 -11.15 82.87
N HIS B 490 -10.36 -10.39 81.82
CA HIS B 490 -10.82 -10.95 80.55
C HIS B 490 -9.95 -10.48 79.40
N ILE B 491 -9.42 -11.42 78.62
CA ILE B 491 -8.54 -11.10 77.52
C ILE B 491 -9.16 -11.46 76.17
N ASP B 492 -9.51 -10.43 75.39
CA ASP B 492 -10.14 -10.64 74.09
C ASP B 492 -9.08 -10.72 72.99
N ILE B 493 -8.94 -11.89 72.41
CA ILE B 493 -7.91 -12.14 71.41
C ILE B 493 -8.50 -12.39 70.03
N ALA B 494 -9.70 -11.89 69.79
CA ALA B 494 -10.37 -12.07 68.50
C ALA B 494 -9.67 -11.29 67.39
N GLY B 495 -8.95 -10.26 67.76
CA GLY B 495 -8.26 -9.43 66.80
C GLY B 495 -6.87 -9.95 66.45
N VAL B 496 -6.23 -10.61 67.40
CA VAL B 496 -4.82 -10.96 67.27
C VAL B 496 -4.53 -12.44 67.07
N SER B 497 -5.54 -13.29 67.23
CA SER B 497 -5.31 -14.74 67.22
C SER B 497 -4.83 -15.26 65.87
N TRP B 498 -5.40 -14.73 64.79
CA TRP B 498 -5.04 -15.20 63.45
C TRP B 498 -4.17 -14.18 62.72
N ASN B 499 -3.01 -14.64 62.24
CA ASN B 499 -2.12 -13.82 61.42
C ASN B 499 -2.59 -13.86 59.97
N PHE B 500 -3.32 -12.83 59.56
CA PHE B 500 -3.94 -12.79 58.24
C PHE B 500 -2.91 -12.76 57.11
N LYS B 501 -1.82 -12.03 57.32
CA LYS B 501 -0.79 -11.90 56.30
C LYS B 501 -0.08 -13.23 56.06
N ALA B 502 0.17 -13.96 57.13
CA ALA B 502 0.89 -15.24 57.05
C ALA B 502 -0.07 -16.42 56.86
N ARG B 503 -1.37 -16.15 57.00
CA ARG B 503 -2.41 -17.17 56.86
C ARG B 503 -2.25 -18.30 57.88
N LYS B 504 -1.94 -17.94 59.13
CA LYS B 504 -1.72 -18.94 60.16
C LYS B 504 -1.95 -18.35 61.55
N PRO B 505 -2.23 -19.20 62.55
CA PRO B 505 -2.42 -18.70 63.92
C PRO B 505 -1.13 -18.11 64.51
N LYS B 506 -1.27 -17.28 65.54
CA LYS B 506 -0.11 -16.76 66.25
C LYS B 506 0.18 -17.60 67.48
N GLY B 507 -0.83 -18.33 67.94
CA GLY B 507 -0.74 -19.05 69.21
C GLY B 507 -0.71 -18.04 70.33
N PHE B 508 -1.43 -16.93 70.15
CA PHE B 508 -1.42 -15.81 71.08
C PHE B 508 -2.00 -16.18 72.43
N GLY B 509 -1.25 -15.91 73.49
CA GLY B 509 -1.74 -16.10 74.84
C GLY B 509 -0.94 -17.07 75.68
N VAL B 510 -0.34 -18.06 75.02
CA VAL B 510 0.41 -19.10 75.70
C VAL B 510 1.52 -18.54 76.58
N ARG B 511 2.36 -17.71 76.00
CA ARG B 511 3.49 -17.13 76.73
C ARG B 511 3.06 -16.09 77.76
N LEU B 512 1.98 -15.36 77.46
CA LEU B 512 1.46 -14.38 78.39
C LEU B 512 0.93 -15.04 79.67
N LEU B 513 0.14 -16.08 79.49
CA LEU B 513 -0.46 -16.78 80.62
C LEU B 513 0.59 -17.52 81.45
N THR B 514 1.64 -17.99 80.78
CA THR B 514 2.70 -18.71 81.48
C THR B 514 3.53 -17.74 82.31
N GLU B 515 3.85 -16.59 81.74
CA GLU B 515 4.56 -15.54 82.46
C GLU B 515 3.76 -15.10 83.68
N PHE B 516 2.44 -15.09 83.52
CA PHE B 516 1.54 -14.72 84.61
C PHE B 516 1.56 -15.74 85.75
N VAL B 517 1.66 -17.02 85.39
CA VAL B 517 1.66 -18.09 86.38
C VAL B 517 3.01 -18.22 87.07
N LEU B 518 4.09 -18.14 86.29
CA LEU B 518 5.44 -18.27 86.81
C LEU B 518 5.79 -17.15 87.78
N ASN B 519 5.50 -15.92 87.37
CA ASN B 519 5.82 -14.74 88.19
C ASN B 519 4.58 -14.15 88.84
N SER C 3 -48.15 -35.37 73.41
CA SER C 3 -48.30 -34.79 74.75
C SER C 3 -46.94 -34.56 75.40
N GLU C 4 -46.00 -35.47 75.16
CA GLU C 4 -44.66 -35.36 75.74
C GLU C 4 -43.77 -34.46 74.89
N VAL C 5 -43.37 -33.34 75.46
CA VAL C 5 -42.48 -32.40 74.77
C VAL C 5 -41.08 -32.98 74.66
N PRO C 6 -40.56 -33.10 73.42
CA PRO C 6 -39.21 -33.61 73.18
C PRO C 6 -38.13 -32.67 73.72
N GLN C 7 -37.07 -33.24 74.30
CA GLN C 7 -35.96 -32.45 74.81
C GLN C 7 -34.64 -32.81 74.12
N VAL C 8 -33.74 -31.84 74.02
CA VAL C 8 -32.38 -32.11 73.57
C VAL C 8 -31.50 -32.39 74.78
N VAL C 9 -31.71 -31.61 75.84
CA VAL C 9 -31.05 -31.82 77.12
C VAL C 9 -32.09 -31.72 78.24
N SER C 10 -31.75 -32.22 79.42
CA SER C 10 -32.70 -32.28 80.53
C SER C 10 -33.15 -30.90 81.01
N LEU C 11 -32.32 -29.89 80.77
CA LEU C 11 -32.63 -28.53 81.19
C LEU C 11 -33.63 -27.85 80.26
N ASP C 12 -33.91 -28.48 79.13
CA ASP C 12 -34.93 -27.97 78.22
C ASP C 12 -36.31 -28.05 78.88
N PRO C 13 -37.04 -26.93 78.88
CA PRO C 13 -38.38 -26.88 79.48
C PRO C 13 -39.37 -27.79 78.75
N THR C 14 -40.39 -28.26 79.47
CA THR C 14 -41.35 -29.21 78.91
C THR C 14 -42.79 -28.69 79.01
N SER C 15 -42.93 -27.42 79.37
CA SER C 15 -44.25 -26.80 79.47
C SER C 15 -44.13 -25.29 79.53
N ILE C 16 -45.15 -24.59 79.06
CA ILE C 16 -45.21 -23.14 79.16
C ILE C 16 -45.70 -22.75 80.55
N PRO C 17 -44.88 -21.98 81.29
CA PRO C 17 -45.36 -21.49 82.58
C PRO C 17 -46.49 -20.49 82.38
N ILE C 18 -47.66 -20.78 82.94
CA ILE C 18 -48.82 -19.91 82.81
C ILE C 18 -49.38 -19.54 84.17
N GLU C 19 -49.58 -18.24 84.38
CA GLU C 19 -50.15 -17.75 85.62
C GLU C 19 -51.63 -17.44 85.44
N TYR C 20 -52.49 -18.28 86.04
CA TYR C 20 -53.94 -18.10 85.93
C TYR C 20 -54.45 -17.12 86.99
N ASN C 21 -54.15 -17.40 88.25
CA ASN C 21 -54.53 -16.51 89.34
C ASN C 21 -53.56 -15.35 89.48
N THR C 22 -53.86 -14.25 88.81
CA THR C 22 -53.05 -13.05 88.87
C THR C 22 -53.47 -12.18 90.06
N PRO C 23 -52.58 -11.30 90.53
CA PRO C 23 -52.93 -10.34 91.58
C PRO C 23 -54.10 -9.43 91.18
N ILE C 24 -54.32 -9.27 89.88
CA ILE C 24 -55.45 -8.48 89.38
C ILE C 24 -56.77 -9.11 89.84
N HIS C 25 -56.78 -10.44 89.93
CA HIS C 25 -57.99 -11.17 90.31
C HIS C 25 -58.28 -11.06 91.80
N ASP C 26 -57.31 -10.58 92.58
CA ASP C 26 -57.48 -10.45 94.02
C ASP C 26 -58.01 -9.08 94.41
N ILE C 27 -58.12 -8.18 93.44
CA ILE C 27 -58.57 -6.82 93.70
C ILE C 27 -60.09 -6.75 93.84
N LYS C 28 -60.55 -6.29 95.00
CA LYS C 28 -61.96 -6.01 95.18
C LYS C 28 -62.31 -4.69 94.52
N VAL C 29 -63.28 -4.72 93.60
CA VAL C 29 -63.68 -3.52 92.88
C VAL C 29 -65.08 -3.08 93.26
N GLN C 30 -65.20 -1.83 93.70
CA GLN C 30 -66.49 -1.26 94.07
C GLN C 30 -66.79 -0.06 93.18
N VAL C 31 -68.05 0.09 92.78
CA VAL C 31 -68.46 1.22 91.97
C VAL C 31 -69.52 2.05 92.70
N TYR C 32 -69.21 3.32 92.93
CA TYR C 32 -70.14 4.23 93.59
C TYR C 32 -70.57 5.32 92.62
N ASP C 33 -71.74 5.90 92.88
CA ASP C 33 -72.20 7.04 92.07
C ASP C 33 -71.63 8.33 92.65
N ILE C 34 -71.17 9.21 91.76
CA ILE C 34 -70.54 10.46 92.16
C ILE C 34 -71.48 11.37 92.95
N LYS C 35 -72.76 11.37 92.59
CA LYS C 35 -73.74 12.26 93.21
C LYS C 35 -73.87 12.03 94.72
N GLY C 36 -73.37 10.88 95.18
CA GLY C 36 -73.41 10.57 96.59
C GLY C 36 -72.25 11.16 97.37
N GLY C 37 -71.24 11.65 96.64
CA GLY C 37 -70.07 12.23 97.27
C GLY C 37 -68.95 11.23 97.44
N CYS C 38 -67.71 11.71 97.42
CA CYS C 38 -66.54 10.84 97.49
C CYS C 38 -65.94 10.78 98.89
N ASN C 39 -65.70 9.56 99.37
CA ASN C 39 -64.98 9.37 100.63
C ASN C 39 -63.49 9.17 100.38
N VAL C 40 -62.67 9.91 101.10
CA VAL C 40 -61.22 9.79 100.99
C VAL C 40 -60.63 9.27 102.29
N GLU C 41 -60.04 8.08 102.24
CA GLU C 41 -59.53 7.43 103.45
C GLU C 41 -58.12 6.89 103.27
N GLU C 42 -58.01 5.61 102.91
CA GLU C 42 -56.71 4.98 102.76
C GLU C 42 -56.24 4.98 101.31
N GLY C 43 -54.98 4.64 101.12
CA GLY C 43 -54.41 4.52 99.79
C GLY C 43 -54.36 5.81 99.00
N LEU C 44 -54.58 5.71 97.69
CA LEU C 44 -54.48 6.85 96.80
C LEU C 44 -55.80 7.12 96.10
N THR C 45 -56.20 8.39 96.06
CA THR C 45 -57.43 8.81 95.39
C THR C 45 -57.13 9.72 94.21
N ILE C 46 -57.44 9.24 93.01
CA ILE C 46 -57.08 9.95 91.79
C ILE C 46 -58.29 10.48 91.01
N PHE C 47 -58.29 11.78 90.75
CA PHE C 47 -59.34 12.40 89.96
C PHE C 47 -58.97 12.47 88.49
N LEU C 48 -59.86 12.01 87.62
CA LEU C 48 -59.65 12.17 86.18
C LEU C 48 -60.28 13.47 85.73
N VAL C 49 -59.46 14.51 85.62
CA VAL C 49 -59.95 15.85 85.34
C VAL C 49 -59.53 16.38 83.97
N ASN C 50 -60.49 16.95 83.24
CA ASN C 50 -60.19 17.67 82.01
C ASN C 50 -60.76 19.08 82.11
N ASN C 51 -60.50 19.89 81.08
CA ASN C 51 -61.15 21.20 80.98
C ASN C 51 -61.36 21.58 79.51
N PRO C 52 -62.54 21.25 78.98
CA PRO C 52 -62.87 21.33 77.55
C PRO C 52 -62.83 22.75 76.99
N GLY C 53 -62.21 22.89 75.82
CA GLY C 53 -62.00 24.18 75.21
C GLY C 53 -60.64 24.72 75.57
N LYS C 54 -60.53 25.29 76.77
CA LYS C 54 -59.27 25.83 77.26
C LYS C 54 -58.17 24.78 77.33
N GLU C 55 -57.28 24.80 76.34
CA GLU C 55 -56.16 23.85 76.29
C GLU C 55 -55.14 24.17 77.38
N ASN C 56 -54.62 23.12 78.03
CA ASN C 56 -53.77 23.25 79.20
C ASN C 56 -54.41 24.13 80.26
N GLY C 57 -55.73 24.10 80.32
CA GLY C 57 -56.49 24.93 81.23
C GLY C 57 -56.31 24.50 82.67
N PRO C 58 -56.83 25.29 83.60
CA PRO C 58 -56.68 25.03 85.04
C PRO C 58 -57.39 23.76 85.48
N VAL C 59 -57.01 23.24 86.63
CA VAL C 59 -57.64 22.05 87.19
C VAL C 59 -58.78 22.47 88.12
N LYS C 60 -59.95 21.88 87.90
CA LYS C 60 -61.10 22.18 88.73
C LYS C 60 -61.84 20.90 89.13
N ILE C 61 -61.83 20.61 90.42
CA ILE C 61 -62.50 19.43 90.96
C ILE C 61 -63.95 19.73 91.28
N SER C 62 -64.86 19.13 90.51
CA SER C 62 -66.28 19.43 90.62
C SER C 62 -67.02 18.51 91.59
N SER C 63 -66.56 17.26 91.68
CA SER C 63 -67.20 16.27 92.54
C SER C 63 -67.23 16.72 94.00
N LYS C 64 -68.34 16.43 94.67
CA LYS C 64 -68.46 16.74 96.10
C LYS C 64 -67.68 15.72 96.91
N VAL C 65 -66.72 16.21 97.70
CA VAL C 65 -65.93 15.34 98.55
C VAL C 65 -66.49 15.34 99.97
N ASN C 66 -66.74 14.15 100.50
CA ASN C 66 -67.32 14.02 101.84
C ASN C 66 -66.27 14.15 102.94
N ASP C 67 -65.56 15.27 102.93
CA ASP C 67 -64.56 15.56 103.96
C ASP C 67 -64.22 17.04 103.92
N LYS C 68 -64.30 17.71 105.08
CA LYS C 68 -64.11 19.14 105.16
C LYS C 68 -62.69 19.57 104.80
N GLN C 69 -61.71 18.84 105.30
CA GLN C 69 -60.31 19.18 105.07
C GLN C 69 -59.88 18.94 103.62
N VAL C 70 -60.24 17.78 103.09
CA VAL C 70 -59.89 17.42 101.73
C VAL C 70 -60.55 18.37 100.72
N SER C 71 -61.82 18.69 100.94
CA SER C 71 -62.55 19.58 100.05
C SER C 71 -61.94 20.98 100.03
N GLU C 72 -61.47 21.44 101.17
CA GLU C 72 -60.82 22.75 101.26
C GLU C 72 -59.48 22.73 100.52
N PHE C 73 -58.76 21.62 100.63
CA PHE C 73 -57.51 21.43 99.92
C PHE C 73 -57.72 21.51 98.42
N LEU C 74 -58.84 20.95 97.96
CA LEU C 74 -59.11 20.83 96.53
C LEU C 74 -59.89 22.02 95.96
N LYS C 75 -59.91 23.12 96.70
CA LYS C 75 -60.58 24.33 96.21
C LYS C 75 -59.92 24.81 94.92
N ASP C 76 -60.69 25.55 94.13
CA ASP C 76 -60.21 26.06 92.85
C ASP C 76 -58.98 26.94 93.04
N GLU C 77 -58.97 27.70 94.14
CA GLU C 77 -57.85 28.58 94.46
C GLU C 77 -56.55 27.79 94.60
N ASN C 78 -56.65 26.59 95.17
CA ASN C 78 -55.48 25.76 95.39
CA ASN C 78 -55.48 25.75 95.40
C ASN C 78 -55.11 24.92 94.18
N MET C 79 -56.09 24.62 93.34
CA MET C 79 -55.87 23.76 92.17
C MET C 79 -55.51 24.56 90.91
N GLU C 80 -55.64 25.88 90.99
CA GLU C 80 -55.49 26.74 89.82
C GLU C 80 -54.07 26.70 89.22
N LYS C 81 -53.10 26.34 90.04
CA LYS C 81 -51.70 26.29 89.63
C LYS C 81 -51.37 25.05 88.81
N PHE C 82 -52.30 24.11 88.75
CA PHE C 82 -52.11 22.88 87.99
C PHE C 82 -52.94 22.92 86.71
N ASN C 83 -52.47 22.25 85.66
CA ASN C 83 -53.18 22.22 84.40
C ASN C 83 -53.59 20.80 83.98
N VAL C 84 -54.49 20.70 83.00
CA VAL C 84 -55.08 19.42 82.63
C VAL C 84 -54.49 18.83 81.36
N LYS C 85 -53.25 19.20 81.03
CA LYS C 85 -52.56 18.64 79.88
C LYS C 85 -52.58 17.11 79.93
N LEU C 86 -53.01 16.50 78.82
CA LEU C 86 -53.16 15.05 78.72
C LEU C 86 -51.91 14.28 79.16
N GLY C 87 -52.03 13.52 80.25
CA GLY C 87 -50.93 12.72 80.73
C GLY C 87 -50.26 13.30 81.96
N THR C 88 -50.55 14.56 82.26
CA THR C 88 -50.03 15.21 83.45
C THR C 88 -50.66 14.61 84.71
N SER C 89 -49.82 14.27 85.68
CA SER C 89 -50.29 13.77 86.95
C SER C 89 -49.57 14.45 88.10
N LYS C 90 -50.25 14.61 89.22
CA LYS C 90 -49.64 15.20 90.41
C LYS C 90 -50.08 14.45 91.67
N HIS C 91 -49.21 14.49 92.69
CA HIS C 91 -49.52 13.89 93.97
C HIS C 91 -49.78 14.97 95.01
N PHE C 92 -50.79 14.74 95.86
CA PHE C 92 -51.06 15.63 96.97
C PHE C 92 -50.97 14.88 98.29
N TYR C 93 -50.57 15.57 99.36
CA TYR C 93 -50.51 14.98 100.69
C TYR C 93 -51.20 15.89 101.70
N MET C 94 -52.09 15.32 102.50
CA MET C 94 -52.87 16.11 103.45
C MET C 94 -53.51 15.27 104.55
N PHE C 95 -54.15 15.93 105.50
CA PHE C 95 -54.89 15.25 106.55
C PHE C 95 -56.39 15.45 106.39
N ASN C 96 -57.16 14.39 106.60
CA ASN C 96 -58.61 14.48 106.50
C ASN C 96 -59.27 14.80 107.84
N ASP C 97 -60.58 14.75 107.89
CA ASP C 97 -61.34 15.13 109.09
C ASP C 97 -61.03 14.26 110.30
N ASN C 98 -60.65 13.01 110.06
CA ASN C 98 -60.33 12.09 111.14
C ASN C 98 -58.85 12.18 111.55
N LYS C 99 -58.21 13.28 111.16
CA LYS C 99 -56.79 13.49 111.43
C LYS C 99 -55.94 12.33 110.89
N ASN C 100 -56.25 11.91 109.67
CA ASN C 100 -55.48 10.87 109.00
C ASN C 100 -54.79 11.40 107.75
N SER C 101 -53.56 10.95 107.52
CA SER C 101 -52.84 11.35 106.31
C SER C 101 -53.37 10.60 105.10
N VAL C 102 -53.86 11.36 104.11
CA VAL C 102 -54.41 10.76 102.90
C VAL C 102 -53.62 11.17 101.67
N ALA C 103 -53.68 10.36 100.62
CA ALA C 103 -53.01 10.66 99.37
C ALA C 103 -54.03 10.96 98.27
N VAL C 104 -53.92 12.13 97.67
CA VAL C 104 -54.85 12.56 96.63
C VAL C 104 -54.05 13.01 95.40
N GLY C 105 -54.66 12.92 94.22
CA GLY C 105 -54.01 13.38 93.01
C GLY C 105 -54.98 13.49 91.85
N TYR C 106 -54.47 13.91 90.71
CA TYR C 106 -55.29 13.99 89.51
C TYR C 106 -54.48 13.59 88.27
N VAL C 107 -55.18 13.28 87.19
CA VAL C 107 -54.53 13.02 85.91
C VAL C 107 -55.19 13.86 84.84
N GLY C 108 -54.39 14.65 84.13
CA GLY C 108 -54.90 15.51 83.08
C GLY C 108 -55.44 14.74 81.89
N CYS C 109 -56.67 15.04 81.50
CA CYS C 109 -57.31 14.36 80.38
C CYS C 109 -57.50 15.28 79.19
N GLY C 110 -56.57 16.21 79.02
CA GLY C 110 -56.56 17.10 77.87
C GLY C 110 -57.72 18.08 77.83
N SER C 111 -57.98 18.62 76.64
CA SER C 111 -59.01 19.63 76.46
C SER C 111 -60.13 19.15 75.53
N VAL C 112 -60.01 17.92 75.05
CA VAL C 112 -61.04 17.34 74.18
C VAL C 112 -62.07 16.61 75.03
N ALA C 113 -63.35 16.89 74.77
CA ALA C 113 -64.44 16.32 75.56
C ALA C 113 -64.54 14.81 75.37
N ASP C 114 -64.18 14.32 74.19
CA ASP C 114 -64.23 12.89 73.90
C ASP C 114 -62.84 12.31 73.67
N LEU C 115 -62.36 11.56 74.64
CA LEU C 115 -61.02 10.96 74.54
C LEU C 115 -61.00 9.78 73.57
N SER C 116 -59.94 9.70 72.78
CA SER C 116 -59.79 8.62 71.80
C SER C 116 -59.21 7.37 72.43
N GLU C 117 -59.04 6.34 71.61
CA GLU C 117 -58.44 5.08 72.05
C GLU C 117 -57.01 5.31 72.52
N ALA C 118 -56.25 6.06 71.73
CA ALA C 118 -54.85 6.36 72.04
C ALA C 118 -54.74 7.26 73.26
N ASP C 119 -55.70 8.16 73.42
CA ASP C 119 -55.67 9.11 74.53
C ASP C 119 -55.95 8.46 75.88
N MET C 120 -56.92 7.55 75.91
CA MET C 120 -57.29 6.88 77.15
C MET C 120 -56.17 6.00 77.68
N LYS C 121 -55.48 5.31 76.77
CA LYS C 121 -54.33 4.49 77.17
C LYS C 121 -53.22 5.37 77.73
N ARG C 122 -53.08 6.56 77.16
CA ARG C 122 -52.12 7.54 77.65
C ARG C 122 -52.46 7.95 79.09
N VAL C 123 -53.75 8.20 79.34
CA VAL C 123 -54.24 8.52 80.68
C VAL C 123 -53.96 7.36 81.64
N VAL C 124 -54.29 6.15 81.19
CA VAL C 124 -54.10 4.95 82.00
C VAL C 124 -52.63 4.74 82.33
N LEU C 125 -51.76 4.93 81.34
CA LEU C 125 -50.32 4.81 81.55
C LEU C 125 -49.81 5.77 82.61
N SER C 126 -50.31 7.00 82.61
CA SER C 126 -49.93 7.98 83.62
C SER C 126 -50.38 7.52 85.01
N LEU C 127 -51.59 6.98 85.07
CA LEU C 127 -52.13 6.43 86.32
C LEU C 127 -51.24 5.32 86.87
N VAL C 128 -50.79 4.44 85.98
CA VAL C 128 -50.00 3.27 86.36
C VAL C 128 -48.64 3.67 86.93
N THR C 129 -48.09 4.79 86.45
CA THR C 129 -46.83 5.28 86.99
C THR C 129 -46.97 5.65 88.46
N MET C 130 -48.17 6.10 88.85
CA MET C 130 -48.45 6.43 90.23
C MET C 130 -48.59 5.17 91.08
N LEU C 131 -48.96 4.07 90.43
CA LEU C 131 -49.09 2.78 91.11
C LEU C 131 -47.75 2.06 91.23
N HIS C 132 -46.83 2.39 90.35
CA HIS C 132 -45.49 1.83 90.39
C HIS C 132 -44.61 2.60 91.37
N ASP C 133 -43.66 1.90 91.99
CA ASP C 133 -42.72 2.51 92.93
C ASP C 133 -43.43 3.19 94.09
N ASN C 134 -44.62 2.69 94.42
CA ASN C 134 -45.40 3.13 95.56
C ASN C 134 -46.10 1.93 96.16
N LYS C 135 -46.01 1.77 97.47
CA LYS C 135 -46.64 0.64 98.12
C LYS C 135 -48.00 1.04 98.69
N LEU C 136 -49.02 0.92 97.84
CA LEU C 136 -50.39 1.27 98.20
C LEU C 136 -51.22 0.01 98.40
N SER C 137 -52.22 0.09 99.26
CA SER C 137 -53.11 -1.03 99.50
C SER C 137 -54.43 -0.85 98.75
N LYS C 138 -54.72 0.39 98.36
CA LYS C 138 -55.99 0.70 97.72
C LYS C 138 -55.91 1.90 96.77
N LEU C 139 -56.60 1.79 95.63
CA LEU C 139 -56.69 2.89 94.68
C LEU C 139 -58.15 3.32 94.51
N THR C 140 -58.37 4.62 94.42
CA THR C 140 -59.69 5.17 94.14
C THR C 140 -59.64 6.11 92.96
N VAL C 141 -60.44 5.84 91.94
CA VAL C 141 -60.48 6.70 90.76
C VAL C 141 -61.84 7.39 90.61
N VAL C 142 -61.82 8.71 90.55
CA VAL C 142 -63.05 9.49 90.39
C VAL C 142 -63.13 10.10 89.00
N PHE C 143 -64.14 9.69 88.25
CA PHE C 143 -64.31 10.13 86.86
C PHE C 143 -64.98 11.50 86.75
N GLU C 144 -64.18 12.54 86.54
CA GLU C 144 -64.73 13.85 86.25
C GLU C 144 -64.67 14.13 84.75
N ILE C 145 -64.73 13.05 83.98
CA ILE C 145 -64.87 13.13 82.53
C ILE C 145 -66.03 12.24 82.11
N ASN C 146 -66.59 12.49 80.93
CA ASN C 146 -67.69 11.67 80.45
C ASN C 146 -67.20 10.53 79.56
N VAL C 147 -67.53 9.30 79.96
CA VAL C 147 -67.14 8.12 79.20
C VAL C 147 -68.31 7.14 79.11
N ASP C 148 -68.47 6.50 77.95
CA ASP C 148 -69.52 5.50 77.79
C ASP C 148 -69.05 4.16 78.35
N LYS C 149 -69.93 3.17 78.32
CA LYS C 149 -69.62 1.86 78.91
C LYS C 149 -68.42 1.19 78.23
N ASN C 150 -68.31 1.34 76.92
CA ASN C 150 -67.20 0.75 76.17
C ASN C 150 -65.85 1.37 76.54
N LEU C 151 -65.81 2.69 76.69
CA LEU C 151 -64.58 3.38 77.02
C LEU C 151 -64.23 3.19 78.49
N PHE C 152 -65.25 2.97 79.31
CA PHE C 152 -65.05 2.70 80.73
C PHE C 152 -64.44 1.31 80.92
N ARG C 153 -64.98 0.33 80.21
CA ARG C 153 -64.46 -1.03 80.26
C ARG C 153 -63.03 -1.06 79.74
N PHE C 154 -62.78 -0.28 78.69
CA PHE C 154 -61.46 -0.17 78.10
C PHE C 154 -60.46 0.39 79.10
N PHE C 155 -60.91 1.35 79.89
CA PHE C 155 -60.10 1.90 80.99
C PHE C 155 -59.68 0.80 81.95
N LEU C 156 -60.64 -0.04 82.33
CA LEU C 156 -60.39 -1.11 83.29
C LEU C 156 -59.47 -2.20 82.73
N GLU C 157 -59.69 -2.59 81.48
CA GLU C 157 -58.84 -3.59 80.82
C GLU C 157 -57.39 -3.10 80.77
N THR C 158 -57.22 -1.88 80.29
CA THR C 158 -55.89 -1.30 80.12
C THR C 158 -55.19 -1.10 81.46
N LEU C 159 -55.94 -0.67 82.47
CA LEU C 159 -55.36 -0.51 83.81
C LEU C 159 -54.83 -1.85 84.31
N PHE C 160 -55.67 -2.88 84.23
CA PHE C 160 -55.29 -4.21 84.65
C PHE C 160 -54.09 -4.74 83.88
N TYR C 161 -54.11 -4.57 82.56
CA TYR C 161 -53.07 -5.11 81.70
C TYR C 161 -51.72 -4.43 81.91
N GLU C 162 -51.73 -3.11 82.05
CA GLU C 162 -50.49 -2.36 82.21
C GLU C 162 -49.94 -2.46 83.63
N TYR C 163 -50.84 -2.63 84.60
CA TYR C 163 -50.44 -2.80 85.99
C TYR C 163 -49.65 -4.08 86.18
N MET C 164 -50.21 -5.17 85.64
CA MET C 164 -49.63 -6.50 85.79
C MET C 164 -48.21 -6.59 85.23
N THR C 165 -47.33 -7.23 85.98
CA THR C 165 -45.95 -7.42 85.56
C THR C 165 -45.60 -8.91 85.42
N ASP C 166 -45.18 -9.30 84.23
CA ASP C 166 -44.85 -10.69 83.94
C ASP C 166 -43.45 -11.04 84.45
N GLU C 167 -43.39 -11.88 85.47
CA GLU C 167 -42.11 -12.26 86.08
C GLU C 167 -41.89 -13.78 86.06
N ARG C 168 -42.52 -14.45 85.10
CA ARG C 168 -42.44 -15.90 84.97
C ARG C 168 -41.01 -16.36 84.71
N PHE C 169 -40.21 -15.53 84.04
CA PHE C 169 -38.86 -15.90 83.66
C PHE C 169 -37.81 -15.13 84.45
N LYS C 170 -38.26 -14.43 85.49
CA LYS C 170 -37.34 -13.78 86.42
C LYS C 170 -36.91 -14.78 87.48
N SER C 171 -35.64 -14.75 87.85
CA SER C 171 -35.11 -15.64 88.87
C SER C 171 -34.37 -14.85 89.94
N THR C 172 -33.12 -14.50 89.65
CA THR C 172 -32.29 -13.75 90.59
C THR C 172 -32.63 -12.25 90.57
N ASP C 173 -33.55 -11.86 89.70
CA ASP C 173 -33.85 -10.45 89.52
C ASP C 173 -35.35 -10.15 89.54
N LYS C 174 -36.02 -10.59 90.61
CA LYS C 174 -37.41 -10.22 90.82
C LYS C 174 -37.49 -8.81 91.39
N ASN C 175 -38.59 -8.12 91.12
CA ASN C 175 -38.82 -6.83 91.77
C ASN C 175 -39.21 -7.08 93.22
N VAL C 176 -38.40 -6.58 94.14
CA VAL C 176 -38.61 -6.82 95.56
C VAL C 176 -39.63 -5.86 96.15
N ASN C 177 -39.97 -4.82 95.39
CA ASN C 177 -40.88 -3.79 95.86
C ASN C 177 -42.23 -3.83 95.14
N MET C 178 -42.63 -5.01 94.71
CA MET C 178 -43.87 -5.17 93.96
C MET C 178 -45.03 -5.62 94.85
N GLU C 179 -45.78 -4.66 95.36
CA GLU C 179 -47.00 -4.95 96.10
C GLU C 179 -48.20 -4.40 95.34
N TYR C 180 -49.14 -5.29 95.01
CA TYR C 180 -50.33 -4.89 94.27
C TYR C 180 -51.44 -4.43 95.21
N ILE C 181 -52.18 -3.41 94.80
CA ILE C 181 -53.34 -2.93 95.56
C ILE C 181 -54.35 -4.06 95.74
N LYS C 182 -55.09 -4.01 96.85
CA LYS C 182 -56.06 -5.05 97.16
C LYS C 182 -57.49 -4.58 96.90
N HIS C 183 -57.68 -3.27 96.82
CA HIS C 183 -59.01 -2.72 96.60
C HIS C 183 -58.99 -1.61 95.55
N LEU C 184 -60.03 -1.58 94.72
CA LEU C 184 -60.19 -0.51 93.75
C LEU C 184 -61.56 0.16 93.90
N GLY C 185 -61.56 1.47 94.12
CA GLY C 185 -62.79 2.21 94.22
C GLY C 185 -63.00 3.09 93.00
N VAL C 186 -64.19 3.03 92.43
CA VAL C 186 -64.52 3.87 91.28
C VAL C 186 -65.76 4.71 91.56
N TYR C 187 -65.62 6.03 91.41
CA TYR C 187 -66.74 6.94 91.51
C TYR C 187 -67.10 7.42 90.10
N ILE C 188 -68.32 7.15 89.67
CA ILE C 188 -68.73 7.52 88.33
C ILE C 188 -70.22 7.88 88.30
N ASN C 189 -70.58 8.84 87.45
CA ASN C 189 -71.96 9.20 87.23
C ASN C 189 -72.70 8.03 86.60
N ASN C 190 -73.96 7.83 87.01
CA ASN C 190 -74.78 6.71 86.53
C ASN C 190 -74.11 5.37 86.80
N ALA C 191 -73.65 5.19 88.03
CA ALA C 191 -72.83 4.04 88.42
C ALA C 191 -73.48 2.70 88.10
N ASP C 192 -74.78 2.59 88.34
CA ASP C 192 -75.51 1.34 88.14
C ASP C 192 -75.36 0.77 86.73
N THR C 193 -75.33 1.64 85.74
CA THR C 193 -75.18 1.21 84.36
C THR C 193 -73.76 0.71 84.08
N TYR C 194 -72.81 1.16 84.90
CA TYR C 194 -71.40 0.86 84.68
C TYR C 194 -70.89 -0.38 85.42
N LYS C 195 -71.65 -0.84 86.41
CA LYS C 195 -71.17 -1.93 87.27
C LYS C 195 -70.99 -3.27 86.55
N GLU C 196 -71.81 -3.52 85.52
CA GLU C 196 -71.74 -4.78 84.80
C GLU C 196 -70.50 -4.86 83.90
N GLU C 197 -69.89 -3.71 83.64
CA GLU C 197 -68.70 -3.65 82.81
C GLU C 197 -67.44 -4.04 83.59
N VAL C 198 -67.55 -4.08 84.91
CA VAL C 198 -66.40 -4.37 85.76
C VAL C 198 -65.86 -5.78 85.54
N GLU C 199 -66.72 -6.78 85.71
CA GLU C 199 -66.28 -8.16 85.58
C GLU C 199 -66.09 -8.57 84.12
N LYS C 200 -66.75 -7.86 83.20
CA LYS C 200 -66.51 -8.08 81.79
C LYS C 200 -65.08 -7.68 81.45
N ALA C 201 -64.63 -6.58 82.05
CA ALA C 201 -63.29 -6.08 81.85
C ALA C 201 -62.24 -7.08 82.31
N ARG C 202 -62.44 -7.65 83.51
CA ARG C 202 -61.47 -8.57 84.07
C ARG C 202 -61.39 -9.85 83.25
N VAL C 203 -62.48 -10.20 82.59
CA VAL C 203 -62.46 -11.31 81.65
C VAL C 203 -61.66 -10.94 80.42
N TYR C 204 -61.95 -9.76 79.87
CA TYR C 204 -61.21 -9.25 78.73
C TYR C 204 -59.74 -9.06 79.05
N TYR C 205 -59.47 -8.59 80.27
CA TYR C 205 -58.09 -8.41 80.70
C TYR C 205 -57.32 -9.72 80.66
N PHE C 206 -57.89 -10.77 81.23
CA PHE C 206 -57.16 -12.03 81.29
C PHE C 206 -57.12 -12.71 79.93
N GLY C 207 -58.16 -12.53 79.14
CA GLY C 207 -58.16 -13.05 77.78
C GLY C 207 -56.95 -12.50 77.05
N THR C 208 -56.75 -11.20 77.18
CA THR C 208 -55.61 -10.51 76.59
C THR C 208 -54.29 -10.96 77.21
N TYR C 209 -54.22 -10.92 78.54
CA TYR C 209 -52.98 -11.22 79.25
C TYR C 209 -52.53 -12.66 79.04
N TYR C 210 -53.50 -13.57 78.87
CA TYR C 210 -53.18 -14.97 78.59
C TYR C 210 -52.48 -15.08 77.24
N ALA C 211 -53.00 -14.37 76.25
CA ALA C 211 -52.36 -14.30 74.95
C ALA C 211 -50.97 -13.70 75.08
N SER C 212 -50.88 -12.64 75.87
CA SER C 212 -49.62 -11.95 76.13
C SER C 212 -48.58 -12.91 76.70
N GLN C 213 -48.97 -13.70 77.69
CA GLN C 213 -48.07 -14.68 78.29
C GLN C 213 -47.62 -15.71 77.28
N LEU C 214 -48.54 -16.11 76.40
CA LEU C 214 -48.26 -17.12 75.39
C LEU C 214 -47.28 -16.61 74.36
N ILE C 215 -47.48 -15.37 73.92
CA ILE C 215 -46.59 -14.75 72.93
C ILE C 215 -45.22 -14.44 73.53
N ALA C 216 -45.22 -13.86 74.73
CA ALA C 216 -43.98 -13.47 75.40
C ALA C 216 -43.13 -14.67 75.76
N ALA C 217 -43.76 -15.83 75.96
CA ALA C 217 -43.04 -17.07 76.22
C ALA C 217 -42.17 -17.43 75.02
N PRO C 218 -40.85 -17.56 75.25
CA PRO C 218 -39.86 -17.84 74.20
C PRO C 218 -40.08 -19.20 73.53
N SER C 219 -39.36 -19.42 72.43
CA SER C 219 -39.62 -20.57 71.57
C SER C 219 -39.12 -21.90 72.13
N ASN C 220 -38.30 -21.87 73.17
CA ASN C 220 -37.85 -23.11 73.79
C ASN C 220 -38.85 -23.57 74.84
N TYR C 221 -39.60 -22.61 75.39
CA TYR C 221 -40.71 -22.94 76.29
C TYR C 221 -41.98 -23.22 75.49
N CYS C 222 -42.30 -22.32 74.58
CA CYS C 222 -43.52 -22.44 73.79
C CYS C 222 -43.23 -23.06 72.42
N ASN C 223 -43.51 -24.35 72.31
CA ASN C 223 -43.29 -25.10 71.07
C ASN C 223 -44.61 -25.74 70.62
N PRO C 224 -44.67 -26.30 69.40
CA PRO C 224 -45.92 -26.92 68.93
C PRO C 224 -46.57 -27.91 69.91
N VAL C 225 -45.76 -28.63 70.68
CA VAL C 225 -46.31 -29.59 71.64
C VAL C 225 -46.79 -28.91 72.92
N SER C 226 -45.96 -28.04 73.48
CA SER C 226 -46.28 -27.38 74.75
C SER C 226 -47.42 -26.38 74.61
N LEU C 227 -47.54 -25.76 73.45
CA LEU C 227 -48.62 -24.81 73.21
C LEU C 227 -49.94 -25.55 73.06
N SER C 228 -49.90 -26.71 72.41
CA SER C 228 -51.08 -27.54 72.25
C SER C 228 -51.51 -28.14 73.58
N ASN C 229 -50.53 -28.43 74.44
CA ASN C 229 -50.81 -28.92 75.78
C ASN C 229 -51.54 -27.86 76.60
N ALA C 230 -51.14 -26.61 76.42
CA ALA C 230 -51.76 -25.49 77.13
C ALA C 230 -53.19 -25.29 76.68
N ALA C 231 -53.43 -25.48 75.38
CA ALA C 231 -54.77 -25.35 74.80
C ALA C 231 -55.73 -26.36 75.41
N VAL C 232 -55.26 -27.59 75.56
CA VAL C 232 -56.05 -28.66 76.18
C VAL C 232 -56.36 -28.32 77.63
N GLU C 233 -55.32 -27.92 78.37
CA GLU C 233 -55.46 -27.51 79.76
C GLU C 233 -56.49 -26.39 79.90
N LEU C 234 -56.43 -25.44 78.97
CA LEU C 234 -57.39 -24.33 78.96
C LEU C 234 -58.81 -24.85 78.70
N ALA C 235 -58.96 -25.70 77.71
CA ALA C 235 -60.25 -26.28 77.35
C ALA C 235 -60.84 -27.03 78.54
N GLN C 236 -60.03 -27.90 79.14
CA GLN C 236 -60.43 -28.65 80.33
C GLN C 236 -60.93 -27.73 81.44
N LYS C 237 -60.30 -26.58 81.57
CA LYS C 237 -60.65 -25.62 82.61
C LYS C 237 -61.95 -24.88 82.29
N LEU C 238 -62.23 -24.72 80.99
CA LEU C 238 -63.42 -23.98 80.57
C LEU C 238 -64.56 -24.90 80.16
N ASN C 239 -64.28 -26.21 80.18
CA ASN C 239 -65.25 -27.24 79.79
C ASN C 239 -65.63 -27.14 78.30
N LEU C 240 -64.63 -26.91 77.46
CA LEU C 240 -64.84 -26.92 76.01
C LEU C 240 -64.45 -28.26 75.41
N GLU C 241 -65.13 -28.64 74.34
CA GLU C 241 -64.69 -29.78 73.55
C GLU C 241 -63.33 -29.44 72.94
N TYR C 242 -62.40 -30.37 72.97
CA TYR C 242 -61.09 -30.11 72.37
C TYR C 242 -60.58 -31.31 71.59
N LYS C 243 -59.76 -31.01 70.59
CA LYS C 243 -59.20 -32.02 69.71
C LYS C 243 -57.82 -31.58 69.23
N ILE C 244 -56.80 -32.40 69.49
CA ILE C 244 -55.47 -32.13 68.98
C ILE C 244 -55.12 -33.14 67.90
N LEU C 245 -54.95 -32.66 66.66
CA LEU C 245 -54.63 -33.54 65.56
C LEU C 245 -53.13 -33.75 65.44
N GLY C 246 -52.70 -35.01 65.52
CA GLY C 246 -51.30 -35.35 65.39
C GLY C 246 -50.91 -35.57 63.94
N VAL C 247 -49.62 -35.80 63.72
CA VAL C 247 -49.07 -35.92 62.36
C VAL C 247 -49.76 -37.00 61.53
N LYS C 248 -49.99 -38.17 62.11
CA LYS C 248 -50.62 -39.27 61.40
C LYS C 248 -52.00 -38.89 60.87
N GLU C 249 -52.74 -38.10 61.65
CA GLU C 249 -54.07 -37.66 61.26
C GLU C 249 -54.01 -36.54 60.23
N LEU C 250 -53.05 -35.64 60.39
CA LEU C 250 -52.83 -34.58 59.42
C LEU C 250 -52.45 -35.16 58.06
N GLU C 251 -51.76 -36.29 58.09
CA GLU C 251 -51.34 -36.98 56.87
C GLU C 251 -52.53 -37.55 56.10
N GLU C 252 -53.43 -38.24 56.80
CA GLU C 252 -54.58 -38.84 56.15
C GLU C 252 -55.57 -37.75 55.72
N LEU C 253 -55.46 -36.58 56.34
CA LEU C 253 -56.25 -35.42 55.92
C LEU C 253 -55.54 -34.70 54.78
N LYS C 254 -54.34 -35.17 54.45
CA LYS C 254 -53.56 -34.68 53.31
C LYS C 254 -53.21 -33.19 53.39
N MET C 255 -52.94 -32.70 54.59
CA MET C 255 -52.53 -31.32 54.77
C MET C 255 -51.05 -31.15 54.42
N GLY C 256 -50.72 -31.30 53.14
CA GLY C 256 -49.34 -31.32 52.69
C GLY C 256 -48.59 -30.02 52.81
N ALA C 257 -49.29 -28.90 52.69
CA ALA C 257 -48.66 -27.59 52.80
C ALA C 257 -48.26 -27.32 54.24
N TYR C 258 -49.20 -27.54 55.15
CA TYR C 258 -48.98 -27.36 56.58
C TYR C 258 -47.89 -28.29 57.11
N LEU C 259 -47.98 -29.56 56.76
CA LEU C 259 -46.97 -30.55 57.20
C LEU C 259 -45.60 -30.24 56.65
N SER C 260 -45.54 -29.72 55.43
CA SER C 260 -44.28 -29.35 54.80
C SER C 260 -43.54 -28.32 55.64
N VAL C 261 -44.27 -27.31 56.12
CA VAL C 261 -43.68 -26.21 56.88
C VAL C 261 -42.95 -26.67 58.15
N GLY C 262 -43.50 -27.67 58.83
CA GLY C 262 -42.89 -28.16 60.05
C GLY C 262 -42.00 -29.38 59.87
N LYS C 263 -41.68 -29.69 58.61
CA LYS C 263 -40.87 -30.87 58.29
C LYS C 263 -39.51 -30.87 58.99
N GLY C 264 -38.91 -29.69 59.12
CA GLY C 264 -37.57 -29.59 59.67
C GLY C 264 -37.52 -29.32 61.16
N SER C 265 -38.63 -29.53 61.85
CA SER C 265 -38.69 -29.24 63.28
C SER C 265 -38.60 -30.51 64.12
N MET C 266 -37.89 -30.42 65.24
CA MET C 266 -37.78 -31.53 66.18
C MET C 266 -39.10 -31.72 66.93
N TYR C 267 -39.97 -30.72 66.84
CA TYR C 267 -41.30 -30.80 67.43
C TYR C 267 -42.32 -31.21 66.36
N PRO C 268 -43.13 -32.22 66.66
CA PRO C 268 -44.17 -32.67 65.73
C PRO C 268 -45.30 -31.65 65.61
N ASN C 269 -45.90 -31.56 64.43
CA ASN C 269 -47.01 -30.66 64.20
C ASN C 269 -48.21 -30.98 65.08
N LYS C 270 -48.81 -29.93 65.64
CA LYS C 270 -50.02 -30.08 66.46
C LYS C 270 -51.12 -29.16 65.94
N PHE C 271 -52.24 -29.74 65.56
CA PHE C 271 -53.38 -28.95 65.11
C PHE C 271 -54.39 -28.79 66.25
N ILE C 272 -54.60 -27.54 66.67
CA ILE C 272 -55.51 -27.26 67.78
C ILE C 272 -56.92 -27.00 67.28
N HIS C 273 -57.88 -27.71 67.86
CA HIS C 273 -59.29 -27.54 67.54
C HIS C 273 -60.13 -27.52 68.82
N LEU C 274 -60.47 -26.31 69.27
CA LEU C 274 -61.36 -26.13 70.41
C LEU C 274 -62.75 -25.72 69.92
N THR C 275 -63.78 -26.13 70.63
CA THR C 275 -65.14 -25.85 70.21
C THR C 275 -66.06 -25.47 71.37
N TYR C 276 -66.69 -24.31 71.27
CA TYR C 276 -67.70 -23.89 72.22
C TYR C 276 -69.07 -23.89 71.57
N LYS C 277 -70.02 -24.60 72.16
CA LYS C 277 -71.40 -24.55 71.68
C LYS C 277 -72.35 -24.08 72.77
N SER C 278 -73.20 -23.13 72.42
CA SER C 278 -74.19 -22.61 73.35
C SER C 278 -75.23 -23.67 73.66
N LYS C 279 -75.77 -23.64 74.87
CA LYS C 279 -76.86 -24.53 75.23
C LYS C 279 -78.18 -23.91 74.79
N GLY C 280 -78.53 -24.14 73.53
CA GLY C 280 -79.73 -23.58 72.93
C GLY C 280 -79.61 -23.64 71.42
N ASP C 281 -80.60 -23.07 70.73
CA ASP C 281 -80.61 -23.08 69.28
C ASP C 281 -79.44 -22.24 68.72
N VAL C 282 -78.58 -22.89 67.93
CA VAL C 282 -77.46 -22.20 67.31
C VAL C 282 -77.95 -21.40 66.11
N LYS C 283 -77.56 -20.12 66.05
CA LYS C 283 -77.96 -19.26 64.94
C LYS C 283 -76.76 -18.89 64.07
N LYS C 284 -75.57 -18.92 64.67
CA LYS C 284 -74.34 -18.63 63.95
C LYS C 284 -73.25 -19.63 64.30
N LYS C 285 -72.59 -20.17 63.28
CA LYS C 285 -71.43 -21.03 63.47
C LYS C 285 -70.18 -20.34 62.94
N ILE C 286 -69.17 -20.16 63.80
CA ILE C 286 -68.02 -19.36 63.46
C ILE C 286 -66.70 -20.12 63.64
N ALA C 287 -65.81 -19.97 62.65
CA ALA C 287 -64.49 -20.56 62.73
C ALA C 287 -63.43 -19.47 62.87
N LEU C 288 -62.69 -19.51 63.98
CA LEU C 288 -61.60 -18.57 64.21
C LEU C 288 -60.25 -19.26 64.03
N VAL C 289 -59.46 -18.78 63.07
CA VAL C 289 -58.19 -19.41 62.75
C VAL C 289 -57.00 -18.53 63.12
N GLY C 290 -56.11 -19.07 63.96
CA GLY C 290 -54.93 -18.34 64.36
C GLY C 290 -53.66 -18.93 63.76
N LYS C 291 -52.77 -18.07 63.29
CA LYS C 291 -51.47 -18.51 62.81
C LYS C 291 -50.60 -18.89 64.00
N GLY C 292 -50.15 -20.14 64.02
CA GLY C 292 -49.39 -20.64 65.13
C GLY C 292 -47.99 -21.12 64.79
N ILE C 293 -47.14 -20.20 64.34
CA ILE C 293 -45.73 -20.52 64.13
C ILE C 293 -44.98 -20.16 65.40
N THR C 294 -44.50 -21.18 66.11
CA THR C 294 -43.87 -20.98 67.42
C THR C 294 -42.54 -20.24 67.30
N PHE C 295 -41.77 -20.59 66.26
CA PHE C 295 -40.61 -19.79 65.89
C PHE C 295 -40.46 -19.78 64.38
N ASP C 296 -40.20 -18.59 63.83
CA ASP C 296 -40.04 -18.44 62.40
C ASP C 296 -38.61 -18.01 62.06
N SER C 297 -37.77 -19.00 61.77
CA SER C 297 -36.40 -18.73 61.35
C SER C 297 -36.37 -18.30 59.89
N GLY C 298 -37.42 -18.66 59.16
CA GLY C 298 -37.52 -18.35 57.75
C GLY C 298 -37.29 -19.57 56.88
N GLY C 299 -36.84 -20.65 57.51
CA GLY C 299 -36.44 -21.83 56.76
C GLY C 299 -35.15 -21.55 56.00
N TYR C 300 -35.00 -22.16 54.83
CA TYR C 300 -33.77 -21.99 54.05
C TYR C 300 -33.66 -20.57 53.49
N ASN C 301 -34.79 -19.88 53.35
CA ASN C 301 -34.76 -18.44 53.15
C ASN C 301 -34.63 -17.76 54.50
N LEU C 302 -33.50 -18.03 55.15
CA LEU C 302 -33.23 -17.59 56.51
C LEU C 302 -33.37 -16.08 56.68
N LYS C 303 -33.90 -15.67 57.83
CA LYS C 303 -33.98 -14.25 58.17
C LYS C 303 -32.58 -13.76 58.55
N ALA C 304 -31.78 -13.41 57.55
CA ALA C 304 -30.40 -13.01 57.78
C ALA C 304 -30.17 -11.55 57.40
N ALA C 305 -31.07 -11.00 56.61
CA ALA C 305 -30.95 -9.63 56.14
C ALA C 305 -31.20 -8.64 57.28
N PRO C 306 -30.57 -7.46 57.22
CA PRO C 306 -30.78 -6.43 58.24
C PRO C 306 -32.24 -5.96 58.29
N GLY C 307 -32.81 -5.95 59.50
CA GLY C 307 -34.18 -5.51 59.67
C GLY C 307 -35.19 -6.64 59.67
N SER C 308 -34.68 -7.87 59.52
CA SER C 308 -35.55 -9.04 59.47
C SER C 308 -36.07 -9.43 60.85
N MET C 309 -35.36 -9.00 61.90
CA MET C 309 -35.80 -9.16 63.28
C MET C 309 -36.11 -10.60 63.66
N ILE C 310 -35.12 -11.47 63.50
CA ILE C 310 -35.27 -12.90 63.75
C ILE C 310 -35.46 -13.22 65.25
N ASP C 311 -34.98 -12.34 66.11
CA ASP C 311 -35.07 -12.57 67.55
C ASP C 311 -36.46 -12.22 68.09
N LEU C 312 -37.32 -11.73 67.22
CA LEU C 312 -38.68 -11.35 67.59
C LEU C 312 -39.68 -12.44 67.22
N MET C 313 -39.22 -13.35 66.36
CA MET C 313 -40.11 -14.30 65.69
C MET C 313 -40.77 -15.34 66.59
N LYS C 314 -40.68 -15.17 67.89
CA LYS C 314 -41.52 -15.93 68.82
C LYS C 314 -42.92 -15.34 68.79
N PHE C 315 -43.03 -14.14 68.23
CA PHE C 315 -44.28 -13.41 68.12
C PHE C 315 -45.22 -14.02 67.07
N ASP C 316 -44.69 -14.96 66.30
CA ASP C 316 -45.39 -15.49 65.12
C ASP C 316 -46.52 -16.43 65.49
N MET C 317 -46.87 -16.47 66.77
CA MET C 317 -47.95 -17.31 67.29
C MET C 317 -49.09 -16.43 67.75
N SER C 318 -48.90 -15.13 67.62
CA SER C 318 -49.81 -14.14 68.19
C SER C 318 -51.24 -14.29 67.68
N GLY C 319 -51.38 -14.80 66.47
CA GLY C 319 -52.68 -15.13 65.92
C GLY C 319 -53.31 -16.26 66.72
N CYS C 320 -52.53 -17.31 66.95
CA CYS C 320 -52.99 -18.44 67.74
C CYS C 320 -53.30 -18.02 69.17
N ALA C 321 -52.44 -17.19 69.75
CA ALA C 321 -52.63 -16.71 71.11
C ALA C 321 -53.91 -15.88 71.20
N ALA C 322 -54.16 -15.08 70.16
CA ALA C 322 -55.38 -14.27 70.09
C ALA C 322 -56.61 -15.15 70.10
N VAL C 323 -56.58 -16.22 69.31
CA VAL C 323 -57.69 -17.15 69.21
C VAL C 323 -57.91 -17.90 70.52
N LEU C 324 -56.83 -18.29 71.19
CA LEU C 324 -56.93 -18.99 72.48
C LEU C 324 -57.40 -18.04 73.58
N GLY C 325 -56.94 -16.79 73.52
CA GLY C 325 -57.38 -15.78 74.47
C GLY C 325 -58.86 -15.51 74.33
N CYS C 326 -59.35 -15.52 73.10
CA CYS C 326 -60.78 -15.39 72.83
C CYS C 326 -61.54 -16.57 73.40
N ALA C 327 -60.96 -17.77 73.22
CA ALA C 327 -61.54 -18.99 73.72
C ALA C 327 -61.78 -18.92 75.22
N TYR C 328 -60.88 -18.26 75.94
CA TYR C 328 -61.08 -18.06 77.38
C TYR C 328 -62.29 -17.18 77.64
N CYS C 329 -62.34 -16.04 76.95
CA CYS C 329 -63.42 -15.08 77.13
C CYS C 329 -64.77 -15.68 76.76
N VAL C 330 -64.80 -16.42 75.65
CA VAL C 330 -66.02 -17.05 75.20
C VAL C 330 -66.47 -18.14 76.16
N GLY C 331 -65.52 -18.99 76.57
CA GLY C 331 -65.81 -20.06 77.51
C GLY C 331 -66.28 -19.54 78.86
N THR C 332 -65.76 -18.39 79.25
CA THR C 332 -66.08 -17.81 80.56
C THR C 332 -67.41 -17.05 80.55
N LEU C 333 -67.62 -16.23 79.52
CA LEU C 333 -68.83 -15.42 79.43
C LEU C 333 -70.02 -16.19 78.88
N LYS C 334 -69.74 -17.33 78.26
CA LYS C 334 -70.76 -18.24 77.74
C LYS C 334 -71.87 -17.56 76.92
N PRO C 335 -71.53 -17.03 75.75
CA PRO C 335 -72.54 -16.39 74.89
C PRO C 335 -73.54 -17.41 74.36
N GLU C 336 -74.69 -16.92 73.89
CA GLU C 336 -75.76 -17.79 73.46
C GLU C 336 -75.98 -17.76 71.95
N ASN C 337 -76.57 -18.83 71.43
CA ASN C 337 -76.93 -18.94 70.01
C ASN C 337 -75.73 -18.84 69.07
N VAL C 338 -74.57 -19.31 69.51
CA VAL C 338 -73.38 -19.35 68.66
C VAL C 338 -72.61 -20.65 68.87
N GLU C 339 -72.00 -21.14 67.79
CA GLU C 339 -71.06 -22.26 67.89
C GLU C 339 -69.71 -21.80 67.35
N ILE C 340 -68.71 -21.75 68.22
CA ILE C 340 -67.41 -21.24 67.83
C ILE C 340 -66.36 -22.34 67.73
N HIS C 341 -65.60 -22.32 66.65
CA HIS C 341 -64.48 -23.23 66.48
C HIS C 341 -63.17 -22.45 66.53
N PHE C 342 -62.30 -22.82 67.47
CA PHE C 342 -61.01 -22.16 67.62
C PHE C 342 -59.92 -23.03 66.99
N LEU C 343 -59.38 -22.57 65.87
CA LEU C 343 -58.48 -23.38 65.07
C LEU C 343 -57.09 -22.77 64.97
N SER C 344 -56.07 -23.64 65.00
CA SER C 344 -54.69 -23.22 64.80
C SER C 344 -53.82 -24.38 64.35
N ALA C 345 -53.21 -24.22 63.18
CA ALA C 345 -52.26 -25.19 62.68
C ALA C 345 -50.86 -24.87 63.18
N VAL C 346 -50.50 -25.43 64.34
CA VAL C 346 -49.26 -25.07 65.02
C VAL C 346 -48.06 -25.88 64.53
N CYS C 347 -46.96 -25.17 64.23
CA CYS C 347 -45.71 -25.81 63.85
C CYS C 347 -44.57 -24.80 63.98
N GLU C 348 -43.36 -25.20 63.56
CA GLU C 348 -42.18 -24.38 63.72
C GLU C 348 -41.35 -24.37 62.44
N ASN C 349 -40.95 -23.18 61.99
CA ASN C 349 -40.22 -23.03 60.75
C ASN C 349 -38.71 -22.98 60.98
N MET C 350 -38.04 -24.11 60.77
CA MET C 350 -36.63 -24.24 61.14
C MET C 350 -35.74 -24.63 59.97
N VAL C 351 -34.43 -24.60 60.19
CA VAL C 351 -33.45 -25.01 59.19
C VAL C 351 -32.84 -26.36 59.55
N SER C 352 -33.11 -27.37 58.73
CA SER C 352 -32.66 -28.73 59.00
C SER C 352 -32.39 -29.47 57.69
N LYS C 353 -31.93 -30.71 57.80
CA LYS C 353 -31.81 -31.56 56.62
C LYS C 353 -33.19 -31.99 56.17
N ASN C 354 -34.14 -31.94 57.09
CA ASN C 354 -35.51 -32.39 56.83
C ASN C 354 -36.44 -31.26 56.40
N SER C 355 -35.90 -30.05 56.31
CA SER C 355 -36.71 -28.88 55.94
C SER C 355 -37.19 -28.94 54.50
N TYR C 356 -38.21 -28.13 54.20
CA TYR C 356 -38.69 -27.98 52.83
C TYR C 356 -37.85 -26.91 52.13
N ARG C 357 -37.62 -27.07 50.84
CA ARG C 357 -36.70 -26.22 50.11
C ARG C 357 -37.44 -25.17 49.31
N PRO C 358 -36.77 -24.04 49.04
CA PRO C 358 -37.28 -23.11 48.03
C PRO C 358 -37.40 -23.82 46.70
N GLY C 359 -38.59 -23.83 46.11
CA GLY C 359 -38.79 -24.49 44.83
C GLY C 359 -39.64 -25.74 44.90
N ASP C 360 -39.77 -26.31 46.09
CA ASP C 360 -40.58 -27.50 46.28
C ASP C 360 -42.03 -27.28 45.87
N ILE C 361 -42.63 -28.28 45.24
CA ILE C 361 -44.06 -28.23 44.96
C ILE C 361 -44.83 -29.13 45.92
N ILE C 362 -45.75 -28.52 46.66
CA ILE C 362 -46.49 -29.23 47.70
C ILE C 362 -47.98 -29.24 47.40
N THR C 363 -48.67 -30.28 47.85
CA THR C 363 -50.10 -30.43 47.60
C THR C 363 -50.92 -30.16 48.86
N ALA C 364 -51.89 -29.25 48.75
CA ALA C 364 -52.78 -28.94 49.87
C ALA C 364 -53.91 -29.97 49.95
N SER C 365 -54.62 -29.98 51.07
CA SER C 365 -55.67 -30.96 51.32
C SER C 365 -56.89 -30.76 50.41
N ASN C 366 -56.96 -29.61 49.73
CA ASN C 366 -58.01 -29.39 48.75
C ASN C 366 -57.52 -29.70 47.33
N GLY C 367 -56.35 -30.33 47.25
CA GLY C 367 -55.84 -30.84 45.99
C GLY C 367 -54.95 -29.91 45.20
N LYS C 368 -54.96 -28.63 45.54
CA LYS C 368 -54.19 -27.64 44.81
C LYS C 368 -52.68 -27.78 45.05
N THR C 369 -51.92 -27.86 43.96
CA THR C 369 -50.47 -27.90 44.06
C THR C 369 -49.92 -26.49 44.19
N ILE C 370 -48.90 -26.32 45.03
CA ILE C 370 -48.32 -25.02 45.30
C ILE C 370 -46.82 -25.03 45.05
N GLU C 371 -46.31 -23.98 44.39
CA GLU C 371 -44.87 -23.85 44.22
C GLU C 371 -44.27 -22.90 45.25
N VAL C 372 -43.51 -23.45 46.19
CA VAL C 372 -42.86 -22.66 47.22
C VAL C 372 -41.73 -21.82 46.65
N GLY C 373 -41.91 -20.50 46.65
CA GLY C 373 -40.91 -19.59 46.12
C GLY C 373 -40.01 -19.02 47.18
N ASN C 374 -40.49 -19.07 48.43
CA ASN C 374 -39.74 -18.54 49.56
C ASN C 374 -40.23 -19.19 50.84
N THR C 375 -39.33 -19.88 51.54
CA THR C 375 -39.68 -20.65 52.73
C THR C 375 -40.07 -19.78 53.92
N ASP C 376 -39.82 -18.47 53.82
CA ASP C 376 -40.14 -17.55 54.89
C ASP C 376 -41.58 -17.04 54.75
N ALA C 377 -42.25 -17.48 53.68
CA ALA C 377 -43.66 -17.21 53.51
C ALA C 377 -44.46 -18.44 53.94
N GLU C 378 -44.14 -18.94 55.13
CA GLU C 378 -44.67 -20.21 55.61
C GLU C 378 -46.07 -20.08 56.21
N GLY C 379 -46.42 -18.88 56.65
CA GLY C 379 -47.69 -18.65 57.30
C GLY C 379 -48.89 -18.95 56.42
N ARG C 380 -48.82 -18.49 55.17
CA ARG C 380 -49.92 -18.69 54.22
C ARG C 380 -50.09 -20.17 53.86
N LEU C 381 -49.02 -20.94 54.02
CA LEU C 381 -49.06 -22.36 53.71
C LEU C 381 -49.81 -23.14 54.79
N THR C 382 -49.58 -22.76 56.05
CA THR C 382 -50.26 -23.41 57.17
C THR C 382 -51.74 -23.04 57.19
N LEU C 383 -52.02 -21.77 56.95
CA LEU C 383 -53.39 -21.26 56.98
C LEU C 383 -54.24 -21.88 55.88
N ALA C 384 -53.61 -22.17 54.74
CA ALA C 384 -54.31 -22.76 53.60
C ALA C 384 -55.00 -24.06 53.98
N ASP C 385 -54.24 -24.99 54.54
CA ASP C 385 -54.79 -26.26 55.01
C ASP C 385 -55.78 -26.02 56.16
N ALA C 386 -55.47 -25.04 57.00
CA ALA C 386 -56.33 -24.68 58.12
C ALA C 386 -57.68 -24.15 57.61
N LEU C 387 -57.63 -23.32 56.58
CA LEU C 387 -58.84 -22.74 56.01
C LEU C 387 -59.69 -23.82 55.34
N VAL C 388 -59.04 -24.79 54.72
CA VAL C 388 -59.74 -25.92 54.11
C VAL C 388 -60.42 -26.74 55.19
N TYR C 389 -59.72 -26.95 56.30
CA TYR C 389 -60.28 -27.64 57.46
C TYR C 389 -61.48 -26.89 58.01
N ALA C 390 -61.33 -25.57 58.15
CA ALA C 390 -62.38 -24.72 58.68
C ALA C 390 -63.67 -24.79 57.86
N GLU C 391 -63.54 -24.66 56.54
CA GLU C 391 -64.70 -24.67 55.66
C GLU C 391 -65.39 -26.03 55.64
N LYS C 392 -64.63 -27.08 55.95
CA LYS C 392 -65.20 -28.43 56.00
C LYS C 392 -66.15 -28.58 57.19
N LEU C 393 -65.99 -27.74 58.20
CA LEU C 393 -66.87 -27.76 59.37
C LEU C 393 -68.27 -27.28 59.01
N GLY C 394 -68.40 -26.57 57.89
CA GLY C 394 -69.67 -26.01 57.48
C GLY C 394 -70.07 -24.87 58.39
N VAL C 395 -69.27 -23.80 58.36
CA VAL C 395 -69.53 -22.64 59.20
C VAL C 395 -70.10 -21.47 58.40
N ASP C 396 -70.54 -20.44 59.11
CA ASP C 396 -71.12 -19.26 58.47
C ASP C 396 -70.06 -18.20 58.23
N TYR C 397 -69.12 -18.07 59.16
CA TYR C 397 -68.03 -17.11 59.06
C TYR C 397 -66.68 -17.76 59.32
N ILE C 398 -65.70 -17.41 58.49
CA ILE C 398 -64.32 -17.80 58.76
C ILE C 398 -63.45 -16.57 58.93
N VAL C 399 -62.91 -16.38 60.13
CA VAL C 399 -62.01 -15.27 60.37
C VAL C 399 -60.63 -15.76 60.80
N ASP C 400 -59.61 -15.41 60.03
CA ASP C 400 -58.25 -15.76 60.41
C ASP C 400 -57.52 -14.54 60.93
N ILE C 401 -56.64 -14.75 61.89
CA ILE C 401 -55.84 -13.67 62.45
C ILE C 401 -54.38 -14.11 62.45
N ALA C 402 -53.51 -13.31 61.83
CA ALA C 402 -52.14 -13.75 61.60
C ALA C 402 -51.13 -12.60 61.59
N THR C 403 -49.92 -12.91 62.06
CA THR C 403 -48.78 -12.03 61.88
C THR C 403 -48.12 -12.40 60.55
N LEU C 404 -48.79 -12.04 59.46
CA LEU C 404 -48.49 -12.64 58.16
C LEU C 404 -47.39 -11.94 57.37
N THR C 405 -47.46 -10.62 57.24
CA THR C 405 -46.50 -9.90 56.40
C THR C 405 -45.91 -8.65 57.07
N GLY C 406 -44.60 -8.52 56.98
CA GLY C 406 -43.89 -7.37 57.52
C GLY C 406 -44.20 -6.08 56.78
N ALA C 407 -44.82 -6.19 55.61
CA ALA C 407 -45.20 -5.03 54.82
C ALA C 407 -46.24 -4.18 55.54
N MET C 408 -46.90 -4.77 56.53
CA MET C 408 -47.90 -4.06 57.33
C MET C 408 -47.31 -2.86 58.05
N LEU C 409 -46.01 -2.92 58.33
CA LEU C 409 -45.31 -1.82 58.99
C LEU C 409 -45.15 -0.61 58.06
N TYR C 410 -45.24 -0.85 56.75
CA TYR C 410 -45.07 0.21 55.77
C TYR C 410 -46.41 0.74 55.26
N SER C 411 -47.49 0.08 55.65
CA SER C 411 -48.82 0.47 55.19
C SER C 411 -49.64 1.13 56.31
N LEU C 412 -49.83 0.43 57.42
CA LEU C 412 -50.65 0.94 58.51
C LEU C 412 -49.83 1.25 59.76
N GLY C 413 -48.68 0.60 59.90
CA GLY C 413 -47.81 0.88 61.02
C GLY C 413 -48.03 -0.03 62.22
N THR C 414 -47.90 0.52 63.41
CA THR C 414 -47.93 -0.28 64.64
C THR C 414 -49.18 -0.08 65.48
N SER C 415 -50.11 0.74 65.00
CA SER C 415 -51.34 1.00 65.75
C SER C 415 -52.55 0.33 65.13
N TYR C 416 -52.63 0.35 63.80
CA TYR C 416 -53.77 -0.21 63.09
C TYR C 416 -53.44 -1.53 62.42
N ALA C 417 -54.27 -2.54 62.67
CA ALA C 417 -54.13 -3.81 61.97
C ALA C 417 -54.90 -3.75 60.66
N GLY C 418 -54.51 -4.57 59.70
CA GLY C 418 -55.18 -4.62 58.42
C GLY C 418 -56.19 -5.75 58.36
N VAL C 419 -57.34 -5.49 57.75
CA VAL C 419 -58.32 -6.54 57.54
C VAL C 419 -58.64 -6.71 56.06
N PHE C 420 -58.66 -7.95 55.61
CA PHE C 420 -58.98 -8.28 54.22
C PHE C 420 -60.14 -9.26 54.23
N GLY C 421 -60.75 -9.50 53.08
CA GLY C 421 -61.85 -10.43 53.00
C GLY C 421 -62.58 -10.49 51.68
N ASN C 422 -63.41 -11.51 51.53
CA ASN C 422 -64.19 -11.72 50.31
C ASN C 422 -65.65 -11.31 50.45
N ASN C 423 -65.97 -10.70 51.59
CA ASN C 423 -67.36 -10.43 51.96
C ASN C 423 -67.48 -9.13 52.75
N GLU C 424 -68.20 -8.16 52.20
CA GLU C 424 -68.23 -6.81 52.78
C GLU C 424 -69.04 -6.75 54.08
N GLU C 425 -70.00 -7.65 54.24
CA GLU C 425 -70.82 -7.68 55.45
C GLU C 425 -70.03 -8.20 56.63
N LEU C 426 -69.16 -9.19 56.39
CA LEU C 426 -68.33 -9.75 57.44
C LEU C 426 -67.24 -8.77 57.83
N ILE C 427 -66.71 -8.05 56.85
CA ILE C 427 -65.69 -7.03 57.11
C ILE C 427 -66.26 -5.90 57.96
N ASN C 428 -67.49 -5.50 57.68
CA ASN C 428 -68.16 -4.45 58.45
C ASN C 428 -68.39 -4.87 59.91
N LYS C 429 -68.60 -6.16 60.13
CA LYS C 429 -68.77 -6.66 61.48
C LYS C 429 -67.44 -6.63 62.23
N ILE C 430 -66.37 -6.95 61.52
CA ILE C 430 -65.02 -6.88 62.08
C ILE C 430 -64.67 -5.44 62.46
N LEU C 431 -64.96 -4.51 61.55
CA LEU C 431 -64.70 -3.09 61.80
C LEU C 431 -65.51 -2.60 62.99
N GLN C 432 -66.75 -3.08 63.09
CA GLN C 432 -67.62 -2.70 64.20
C GLN C 432 -67.04 -3.17 65.52
N SER C 433 -66.61 -4.42 65.56
CA SER C 433 -65.99 -5.00 66.75
C SER C 433 -64.73 -4.25 67.12
N SER C 434 -64.04 -3.71 66.12
CA SER C 434 -62.85 -2.90 66.34
C SER C 434 -63.23 -1.62 67.07
N LYS C 435 -64.39 -1.08 66.71
CA LYS C 435 -64.88 0.15 67.33
C LYS C 435 -65.25 -0.07 68.79
N THR C 436 -65.84 -1.22 69.08
CA THR C 436 -66.34 -1.49 70.43
C THR C 436 -65.32 -2.18 71.33
N SER C 437 -64.29 -2.78 70.73
CA SER C 437 -63.22 -3.40 71.51
C SER C 437 -62.05 -2.44 71.63
N ASN C 438 -62.12 -1.35 70.88
CA ASN C 438 -61.07 -0.32 70.87
C ASN C 438 -59.71 -0.85 70.42
N GLU C 439 -59.73 -1.87 69.57
CA GLU C 439 -58.52 -2.34 68.92
C GLU C 439 -58.60 -1.97 67.44
N PRO C 440 -57.96 -0.86 67.07
CA PRO C 440 -58.06 -0.23 65.74
C PRO C 440 -57.70 -1.14 64.57
N VAL C 441 -58.52 -1.08 63.53
CA VAL C 441 -58.37 -1.93 62.35
C VAL C 441 -58.83 -1.16 61.10
N TRP C 442 -58.08 -1.28 60.01
CA TRP C 442 -58.43 -0.59 58.78
C TRP C 442 -58.68 -1.59 57.63
N TRP C 443 -59.66 -1.29 56.78
CA TRP C 443 -60.02 -2.15 55.67
C TRP C 443 -59.09 -1.94 54.47
N LEU C 444 -58.49 -3.02 53.99
CA LEU C 444 -57.58 -2.95 52.87
C LEU C 444 -58.05 -3.87 51.74
N PRO C 445 -57.81 -3.46 50.48
CA PRO C 445 -58.36 -4.18 49.33
C PRO C 445 -57.62 -5.47 48.98
N ILE C 446 -58.36 -6.42 48.43
CA ILE C 446 -57.75 -7.55 47.74
C ILE C 446 -57.84 -7.26 46.24
N ILE C 447 -56.72 -6.84 45.67
CA ILE C 447 -56.68 -6.38 44.28
C ILE C 447 -56.51 -7.55 43.33
N ASN C 448 -57.55 -7.85 42.56
CA ASN C 448 -57.57 -9.02 41.68
C ASN C 448 -56.58 -8.94 40.52
N GLU C 449 -56.10 -7.74 40.20
CA GLU C 449 -55.17 -7.57 39.09
C GLU C 449 -53.84 -8.25 39.39
N TYR C 450 -53.54 -8.46 40.67
CA TYR C 450 -52.26 -9.04 41.06
C TYR C 450 -52.31 -10.57 41.05
N ARG C 451 -53.51 -11.11 40.87
CA ARG C 451 -53.72 -12.56 40.90
C ARG C 451 -52.88 -13.29 39.86
N ALA C 452 -52.71 -12.66 38.69
CA ALA C 452 -51.96 -13.27 37.60
C ALA C 452 -50.50 -13.54 37.98
N THR C 453 -49.98 -12.78 38.92
CA THR C 453 -48.59 -12.93 39.34
C THR C 453 -48.42 -14.12 40.28
N LEU C 454 -49.51 -14.82 40.54
CA LEU C 454 -49.47 -16.02 41.38
C LEU C 454 -49.59 -17.26 40.51
N ASN C 455 -49.65 -17.05 39.20
CA ASN C 455 -49.66 -18.16 38.25
C ASN C 455 -48.31 -18.85 38.21
N SER C 456 -48.31 -20.16 38.46
CA SER C 456 -47.09 -20.95 38.40
C SER C 456 -46.99 -21.66 37.05
N LYS C 457 -45.77 -21.98 36.64
CA LYS C 457 -45.54 -22.64 35.37
C LYS C 457 -45.77 -24.14 35.48
N TYR C 458 -45.62 -24.68 36.69
CA TYR C 458 -45.71 -26.12 36.90
C TYR C 458 -46.78 -26.53 37.89
N ALA C 459 -46.89 -25.79 38.99
CA ALA C 459 -47.93 -26.06 39.98
C ALA C 459 -49.18 -25.25 39.67
N ASP C 460 -50.27 -25.56 40.35
CA ASP C 460 -51.52 -24.84 40.15
C ASP C 460 -51.37 -23.37 40.53
N ILE C 461 -50.55 -23.10 41.54
CA ILE C 461 -50.40 -21.73 42.03
C ILE C 461 -49.04 -21.48 42.68
N ASN C 462 -48.55 -20.25 42.55
CA ASN C 462 -47.36 -19.81 43.25
C ASN C 462 -47.68 -19.39 44.68
N GLN C 463 -46.75 -19.65 45.58
CA GLN C 463 -46.89 -19.26 46.98
C GLN C 463 -46.70 -17.75 47.13
N ILE C 464 -45.78 -17.20 46.35
CA ILE C 464 -45.50 -15.76 46.38
C ILE C 464 -45.51 -15.14 44.98
N SER C 465 -45.42 -13.82 44.94
CA SER C 465 -45.36 -13.09 43.67
C SER C 465 -43.94 -12.63 43.37
N SER C 466 -43.51 -12.79 42.13
CA SER C 466 -42.18 -12.35 41.72
C SER C 466 -42.11 -10.83 41.63
N SER C 467 -43.12 -10.23 41.01
CA SER C 467 -43.12 -8.79 40.74
C SER C 467 -43.73 -7.96 41.87
N VAL C 468 -45.04 -8.14 42.10
CA VAL C 468 -45.80 -7.30 43.02
C VAL C 468 -45.20 -7.21 44.42
N LYS C 469 -44.87 -5.99 44.84
CA LYS C 469 -44.26 -5.74 46.13
C LYS C 469 -45.27 -5.57 47.25
N ALA C 470 -46.55 -5.63 46.91
CA ALA C 470 -47.62 -5.51 47.90
C ALA C 470 -47.87 -6.84 48.59
N SER C 471 -46.95 -7.24 49.47
CA SER C 471 -46.96 -8.56 50.09
C SER C 471 -48.26 -8.88 50.82
N SER C 472 -48.77 -7.92 51.59
CA SER C 472 -49.99 -8.11 52.37
C SER C 472 -51.17 -8.47 51.47
N ILE C 473 -51.26 -7.79 50.34
CA ILE C 473 -52.34 -8.01 49.38
C ILE C 473 -52.19 -9.35 48.68
N VAL C 474 -50.99 -9.62 48.18
CA VAL C 474 -50.70 -10.87 47.48
C VAL C 474 -50.95 -12.07 48.38
N ALA C 475 -50.58 -11.93 49.65
CA ALA C 475 -50.78 -13.00 50.63
C ALA C 475 -52.27 -13.28 50.81
N SER C 476 -53.08 -12.22 50.78
CA SER C 476 -54.53 -12.36 50.93
C SER C 476 -55.15 -13.02 49.71
N LEU C 477 -54.62 -12.72 48.52
CA LEU C 477 -55.05 -13.37 47.29
C LEU C 477 -54.83 -14.87 47.38
N PHE C 478 -53.71 -15.26 47.97
CA PHE C 478 -53.37 -16.67 48.13
C PHE C 478 -54.35 -17.37 49.05
N LEU C 479 -54.57 -16.78 50.23
CA LEU C 479 -55.50 -17.35 51.21
C LEU C 479 -56.90 -17.48 50.62
N LYS C 480 -57.27 -16.53 49.77
CA LYS C 480 -58.60 -16.52 49.16
C LYS C 480 -58.83 -17.76 48.31
N GLU C 481 -57.76 -18.31 47.75
CA GLU C 481 -57.85 -19.48 46.88
C GLU C 481 -58.21 -20.76 47.62
N PHE C 482 -58.36 -20.67 48.94
CA PHE C 482 -58.60 -21.86 49.74
C PHE C 482 -59.90 -21.77 50.52
N VAL C 483 -60.70 -20.74 50.22
CA VAL C 483 -62.07 -20.67 50.67
C VAL C 483 -62.97 -20.56 49.45
N GLN C 484 -63.71 -21.62 49.17
CA GLN C 484 -64.49 -21.70 47.95
C GLN C 484 -65.78 -20.88 48.00
N ASN C 485 -66.58 -21.07 49.04
CA ASN C 485 -67.89 -20.43 49.11
C ASN C 485 -68.34 -20.07 50.53
N THR C 486 -67.43 -19.53 51.32
CA THR C 486 -67.75 -19.12 52.69
C THR C 486 -67.30 -17.69 52.93
N ALA C 487 -68.11 -16.91 53.62
CA ALA C 487 -67.71 -15.57 54.05
C ALA C 487 -66.44 -15.69 54.88
N TRP C 488 -65.41 -14.95 54.46
CA TRP C 488 -64.10 -15.08 55.08
C TRP C 488 -63.40 -13.74 55.21
N ALA C 489 -62.81 -13.49 56.38
CA ALA C 489 -62.06 -12.27 56.63
C ALA C 489 -60.66 -12.60 57.17
N HIS C 490 -59.69 -11.77 56.81
CA HIS C 490 -58.30 -11.98 57.17
C HIS C 490 -57.72 -10.76 57.87
N ILE C 491 -57.21 -10.95 59.08
CA ILE C 491 -56.65 -9.85 59.85
C ILE C 491 -55.15 -9.98 60.05
N ASP C 492 -54.41 -9.07 59.44
CA ASP C 492 -52.95 -9.08 59.49
C ASP C 492 -52.42 -8.22 60.63
N ILE C 493 -51.91 -8.86 61.67
CA ILE C 493 -51.48 -8.16 62.88
C ILE C 493 -49.97 -8.17 63.06
N ALA C 494 -49.23 -8.29 61.96
CA ALA C 494 -47.77 -8.37 62.02
C ALA C 494 -47.15 -7.11 62.62
N GLY C 495 -47.75 -5.97 62.33
CA GLY C 495 -47.21 -4.69 62.77
C GLY C 495 -47.69 -4.23 64.13
N VAL C 496 -48.82 -4.75 64.59
CA VAL C 496 -49.43 -4.28 65.83
C VAL C 496 -49.29 -5.25 66.98
N SER C 497 -48.90 -6.49 66.70
CA SER C 497 -48.84 -7.52 67.74
C SER C 497 -47.87 -7.16 68.85
N TRP C 498 -46.63 -6.88 68.48
CA TRP C 498 -45.61 -6.56 69.46
C TRP C 498 -45.53 -5.07 69.73
N ASN C 499 -45.52 -4.69 71.01
CA ASN C 499 -45.27 -3.31 71.39
C ASN C 499 -43.77 -3.11 71.51
N PHE C 500 -43.20 -2.40 70.53
CA PHE C 500 -41.76 -2.22 70.47
C PHE C 500 -41.25 -1.25 71.53
N LYS C 501 -42.04 -0.23 71.83
CA LYS C 501 -41.66 0.77 72.83
C LYS C 501 -41.62 0.17 74.23
N ALA C 502 -42.60 -0.70 74.51
CA ALA C 502 -42.69 -1.33 75.83
C ALA C 502 -42.00 -2.68 75.86
N ARG C 503 -41.56 -3.15 74.70
CA ARG C 503 -40.85 -4.43 74.55
C ARG C 503 -41.68 -5.60 75.11
N LYS C 504 -42.95 -5.65 74.74
CA LYS C 504 -43.83 -6.73 75.22
C LYS C 504 -45.05 -6.89 74.30
N PRO C 505 -45.67 -8.07 74.31
CA PRO C 505 -46.86 -8.29 73.47
C PRO C 505 -48.02 -7.41 73.89
N LYS C 506 -48.88 -7.07 72.93
CA LYS C 506 -50.11 -6.34 73.25
C LYS C 506 -51.22 -7.34 73.55
N GLY C 507 -51.08 -8.55 73.04
CA GLY C 507 -52.14 -9.54 73.14
C GLY C 507 -53.27 -9.12 72.22
N PHE C 508 -52.90 -8.52 71.08
CA PHE C 508 -53.86 -7.92 70.16
C PHE C 508 -54.81 -8.94 69.56
N GLY C 509 -56.10 -8.63 69.56
CA GLY C 509 -57.08 -9.42 68.85
C GLY C 509 -58.08 -10.15 69.72
N VAL C 510 -57.71 -10.43 70.96
CA VAL C 510 -58.58 -11.18 71.87
C VAL C 510 -59.92 -10.46 72.07
N ARG C 511 -59.85 -9.19 72.44
CA ARG C 511 -61.05 -8.38 72.61
C ARG C 511 -61.79 -8.19 71.30
N LEU C 512 -61.05 -7.97 70.22
CA LEU C 512 -61.62 -7.83 68.89
C LEU C 512 -62.51 -9.01 68.53
N LEU C 513 -61.92 -10.20 68.55
CA LEU C 513 -62.62 -11.42 68.20
C LEU C 513 -63.79 -11.70 69.14
N THR C 514 -63.59 -11.45 70.43
CA THR C 514 -64.60 -11.74 71.43
C THR C 514 -65.84 -10.88 71.24
N GLU C 515 -65.63 -9.59 70.94
CA GLU C 515 -66.73 -8.69 70.64
C GLU C 515 -67.46 -9.12 69.37
N PHE C 516 -66.70 -9.66 68.42
CA PHE C 516 -67.27 -10.16 67.18
C PHE C 516 -68.20 -11.34 67.44
N VAL C 517 -67.74 -12.28 68.27
CA VAL C 517 -68.53 -13.44 68.65
C VAL C 517 -69.76 -13.03 69.48
N LEU C 518 -69.54 -12.09 70.39
CA LEU C 518 -70.56 -11.71 71.36
C LEU C 518 -71.66 -10.82 70.78
N ASN C 519 -71.26 -9.83 69.98
CA ASN C 519 -72.22 -8.87 69.44
C ASN C 519 -72.82 -9.30 68.11
N ASP C 520 -72.74 -10.59 67.81
CA ASP C 520 -73.31 -11.12 66.58
C ASP C 520 -74.22 -12.32 66.86
N SER D 3 -39.70 32.26 30.00
CA SER D 3 -38.31 32.40 30.42
C SER D 3 -37.38 31.60 29.53
N GLU D 4 -36.11 32.01 29.48
CA GLU D 4 -35.12 31.32 28.67
C GLU D 4 -34.49 30.17 29.44
N VAL D 5 -34.53 28.98 28.84
CA VAL D 5 -33.93 27.80 29.45
C VAL D 5 -32.41 27.86 29.41
N PRO D 6 -31.78 27.86 30.59
CA PRO D 6 -30.31 27.88 30.66
C PRO D 6 -29.71 26.57 30.14
N GLN D 7 -28.52 26.66 29.55
CA GLN D 7 -27.86 25.47 29.00
C GLN D 7 -26.44 25.35 29.54
N VAL D 8 -25.90 24.14 29.45
CA VAL D 8 -24.48 23.93 29.71
C VAL D 8 -23.75 23.92 28.36
N VAL D 9 -24.33 23.22 27.39
CA VAL D 9 -23.79 23.16 26.03
C VAL D 9 -24.88 23.52 25.02
N SER D 10 -24.46 23.89 23.81
CA SER D 10 -25.39 24.37 22.79
C SER D 10 -26.34 23.28 22.30
N LEU D 11 -26.04 22.02 22.60
CA LEU D 11 -26.87 20.91 22.16
C LEU D 11 -27.96 20.57 23.17
N ASP D 12 -27.93 21.24 24.32
CA ASP D 12 -28.96 21.05 25.33
C ASP D 12 -30.29 21.62 24.85
N PRO D 13 -31.35 20.80 24.87
CA PRO D 13 -32.68 21.22 24.43
C PRO D 13 -33.23 22.35 25.30
N THR D 14 -34.04 23.22 24.73
CA THR D 14 -34.53 24.40 25.44
C THR D 14 -36.06 24.46 25.45
N SER D 15 -36.70 23.33 25.16
CA SER D 15 -38.16 23.21 25.24
C SER D 15 -38.56 21.75 25.17
N ILE D 16 -39.76 21.44 25.69
CA ILE D 16 -40.29 20.09 25.62
C ILE D 16 -41.11 19.90 24.35
N PRO D 17 -40.73 18.90 23.53
CA PRO D 17 -41.53 18.58 22.34
C PRO D 17 -42.92 18.10 22.73
N ILE D 18 -43.97 18.69 22.16
CA ILE D 18 -45.33 18.31 22.48
C ILE D 18 -46.16 18.10 21.21
N GLU D 19 -46.82 16.95 21.12
CA GLU D 19 -47.78 16.70 20.04
C GLU D 19 -49.19 17.01 20.51
N TYR D 20 -49.83 17.98 19.86
CA TYR D 20 -51.21 18.33 20.18
C TYR D 20 -52.16 17.58 19.25
N ASN D 21 -51.96 17.75 17.95
CA ASN D 21 -52.73 17.00 16.96
C ASN D 21 -52.16 15.60 16.77
N THR D 22 -52.86 14.62 17.31
CA THR D 22 -52.45 13.22 17.20
C THR D 22 -53.29 12.52 16.15
N PRO D 23 -52.81 11.37 15.64
CA PRO D 23 -53.62 10.58 14.70
C PRO D 23 -54.97 10.16 15.26
N ILE D 24 -55.06 10.03 16.58
CA ILE D 24 -56.29 9.66 17.25
C ILE D 24 -57.40 10.68 16.99
N HIS D 25 -57.03 11.95 16.93
CA HIS D 25 -57.99 13.02 16.70
C HIS D 25 -58.59 12.97 15.29
N ASP D 26 -57.97 12.17 14.41
CA ASP D 26 -58.45 12.03 13.04
C ASP D 26 -59.37 10.83 12.87
N ILE D 27 -59.56 10.06 13.94
CA ILE D 27 -60.40 8.88 13.86
C ILE D 27 -61.88 9.24 13.98
N LYS D 28 -62.64 8.93 12.93
CA LYS D 28 -64.07 9.16 12.94
C LYS D 28 -64.78 7.98 13.56
N VAL D 29 -65.47 8.24 14.67
CA VAL D 29 -66.10 7.16 15.44
C VAL D 29 -67.60 7.08 15.17
N GLN D 30 -68.06 5.87 14.82
CA GLN D 30 -69.47 5.62 14.64
C GLN D 30 -69.92 4.55 15.62
N VAL D 31 -71.07 4.76 16.24
CA VAL D 31 -71.62 3.79 17.18
C VAL D 31 -73.00 3.30 16.73
N TYR D 32 -73.09 2.01 16.42
CA TYR D 32 -74.34 1.42 15.95
C TYR D 32 -74.92 0.49 17.01
N ASP D 33 -76.22 0.27 16.94
CA ASP D 33 -76.87 -0.67 17.85
C ASP D 33 -76.70 -2.08 17.31
N ILE D 34 -76.44 -3.03 18.21
CA ILE D 34 -76.10 -4.38 17.81
C ILE D 34 -77.32 -5.21 17.42
N LYS D 35 -78.52 -4.71 17.74
CA LYS D 35 -79.75 -5.42 17.43
C LYS D 35 -80.04 -5.45 15.94
N GLY D 36 -79.48 -4.49 15.20
CA GLY D 36 -79.74 -4.37 13.78
C GLY D 36 -78.90 -5.29 12.92
N GLY D 37 -77.86 -5.87 13.50
CA GLY D 37 -76.94 -6.71 12.77
C GLY D 37 -75.71 -5.93 12.33
N CYS D 38 -74.63 -6.64 12.04
CA CYS D 38 -73.36 -5.99 11.73
C CYS D 38 -73.01 -6.03 10.25
N ASN D 39 -72.47 -4.93 9.75
CA ASN D 39 -71.94 -4.90 8.40
C ASN D 39 -70.42 -5.09 8.41
N VAL D 40 -69.97 -6.11 7.69
CA VAL D 40 -68.54 -6.37 7.55
C VAL D 40 -68.15 -6.19 6.09
N GLU D 41 -67.73 -4.97 5.75
CA GLU D 41 -67.38 -4.63 4.38
C GLU D 41 -65.96 -4.09 4.32
N GLU D 42 -65.65 -3.18 5.23
CA GLU D 42 -64.34 -2.56 5.29
C GLU D 42 -63.59 -2.99 6.54
N GLY D 43 -62.26 -2.85 6.46
CA GLY D 43 -61.40 -2.94 7.62
C GLY D 43 -61.39 -4.23 8.43
N LEU D 44 -60.91 -4.10 9.65
CA LEU D 44 -60.81 -5.21 10.59
C LEU D 44 -61.98 -5.22 11.56
N THR D 45 -62.58 -6.40 11.75
CA THR D 45 -63.70 -6.52 12.67
C THR D 45 -63.36 -7.49 13.80
N ILE D 46 -63.51 -7.02 15.04
CA ILE D 46 -63.23 -7.85 16.21
C ILE D 46 -64.47 -8.00 17.07
N PHE D 47 -64.79 -9.24 17.44
CA PHE D 47 -65.91 -9.50 18.33
C PHE D 47 -65.44 -9.69 19.77
N LEU D 48 -65.97 -8.88 20.67
CA LEU D 48 -65.70 -9.06 22.09
C LEU D 48 -66.67 -10.08 22.65
N VAL D 49 -66.18 -11.27 22.95
CA VAL D 49 -67.03 -12.35 23.41
C VAL D 49 -66.59 -12.92 24.75
N ASN D 50 -67.55 -13.44 25.51
CA ASN D 50 -67.24 -14.16 26.73
C ASN D 50 -68.02 -15.46 26.82
N ASN D 51 -67.75 -16.24 27.86
CA ASN D 51 -68.49 -17.47 28.10
C ASN D 51 -68.70 -17.67 29.60
N PRO D 52 -69.77 -17.06 30.14
CA PRO D 52 -70.09 -17.17 31.57
C PRO D 52 -70.26 -18.62 32.02
N GLY D 53 -69.63 -18.98 33.13
CA GLY D 53 -69.76 -20.31 33.69
C GLY D 53 -68.60 -21.23 33.34
N LYS D 54 -68.46 -21.54 32.05
CA LYS D 54 -67.39 -22.43 31.60
C LYS D 54 -66.08 -21.67 31.38
N GLU D 55 -65.20 -21.75 32.36
CA GLU D 55 -63.88 -21.13 32.27
C GLU D 55 -63.12 -21.64 31.05
N ASN D 56 -62.47 -20.74 30.33
CA ASN D 56 -61.79 -21.06 29.08
C ASN D 56 -62.73 -21.71 28.07
N GLY D 57 -64.01 -21.37 28.17
CA GLY D 57 -65.02 -21.94 27.29
C GLY D 57 -64.82 -21.53 25.85
N PRO D 58 -65.45 -22.27 24.93
CA PRO D 58 -65.30 -22.02 23.49
C PRO D 58 -65.92 -20.70 23.05
N VAL D 59 -65.45 -20.16 21.94
CA VAL D 59 -65.99 -18.92 21.39
C VAL D 59 -67.27 -19.19 20.60
N LYS D 60 -68.27 -18.35 20.82
CA LYS D 60 -69.51 -18.44 20.07
C LYS D 60 -70.00 -17.05 19.69
N ILE D 61 -70.12 -16.80 18.39
CA ILE D 61 -70.62 -15.52 17.90
C ILE D 61 -72.13 -15.57 17.73
N SER D 62 -72.83 -14.61 18.32
CA SER D 62 -74.29 -14.60 18.29
C SER D 62 -74.84 -13.65 17.24
N SER D 63 -74.18 -12.51 17.08
CA SER D 63 -74.63 -11.47 16.16
C SER D 63 -74.77 -11.97 14.73
N LYS D 64 -75.88 -11.63 14.09
CA LYS D 64 -76.07 -11.95 12.68
C LYS D 64 -75.24 -11.00 11.83
N VAL D 65 -74.57 -11.54 10.82
CA VAL D 65 -73.70 -10.73 9.98
C VAL D 65 -74.23 -10.68 8.55
N ASN D 66 -74.28 -9.47 7.99
CA ASN D 66 -74.77 -9.29 6.63
C ASN D 66 -73.67 -9.52 5.59
N ASP D 67 -73.02 -10.67 5.67
CA ASP D 67 -72.04 -11.08 4.68
C ASP D 67 -71.88 -12.60 4.68
N LYS D 68 -72.19 -13.23 3.56
CA LYS D 68 -72.23 -14.69 3.45
C LYS D 68 -70.89 -15.36 3.76
N GLN D 69 -69.79 -14.75 3.31
CA GLN D 69 -68.47 -15.30 3.54
C GLN D 69 -68.08 -15.21 5.01
N VAL D 70 -68.26 -14.01 5.58
CA VAL D 70 -67.93 -13.77 6.98
C VAL D 70 -68.84 -14.59 7.91
N SER D 71 -70.11 -14.73 7.51
CA SER D 71 -71.07 -15.51 8.30
C SER D 71 -70.62 -16.97 8.42
N GLU D 72 -70.17 -17.54 7.32
CA GLU D 72 -69.69 -18.92 7.31
C GLU D 72 -68.44 -19.06 8.17
N PHE D 73 -67.62 -18.03 8.19
CA PHE D 73 -66.41 -18.03 9.00
C PHE D 73 -66.75 -18.08 10.49
N LEU D 74 -67.80 -17.38 10.86
CA LEU D 74 -68.16 -17.19 12.27
C LEU D 74 -69.06 -18.29 12.83
N LYS D 75 -69.27 -19.37 12.08
CA LYS D 75 -70.16 -20.43 12.53
C LYS D 75 -69.56 -21.20 13.71
N ASP D 76 -70.43 -21.78 14.54
CA ASP D 76 -70.02 -22.43 15.78
C ASP D 76 -68.96 -23.51 15.58
N GLU D 77 -69.07 -24.25 14.48
CA GLU D 77 -68.13 -25.33 14.17
C GLU D 77 -66.70 -24.83 14.10
N ASN D 78 -66.52 -23.61 13.59
CA ASN D 78 -65.20 -23.02 13.44
C ASN D 78 -64.73 -22.29 14.70
N MET D 79 -65.65 -21.60 15.36
CA MET D 79 -65.30 -20.77 16.50
C MET D 79 -65.05 -21.56 17.78
N GLU D 80 -65.60 -22.79 17.83
CA GLU D 80 -65.43 -23.63 19.01
C GLU D 80 -64.00 -24.16 19.12
N LYS D 81 -63.22 -23.98 18.06
CA LYS D 81 -61.81 -24.34 18.07
C LYS D 81 -61.01 -23.34 18.89
N PHE D 82 -61.63 -22.20 19.20
CA PHE D 82 -61.00 -21.15 19.98
C PHE D 82 -61.69 -21.00 21.34
N ASN D 83 -60.99 -20.39 22.30
CA ASN D 83 -61.55 -20.19 23.63
C ASN D 83 -61.56 -18.72 24.04
N VAL D 84 -62.24 -18.43 25.15
CA VAL D 84 -62.48 -17.05 25.57
C VAL D 84 -61.57 -16.57 26.70
N LYS D 85 -60.46 -17.29 26.93
CA LYS D 85 -59.52 -16.92 27.99
C LYS D 85 -59.14 -15.46 27.85
N LEU D 86 -59.24 -14.72 28.94
CA LEU D 86 -59.08 -13.26 28.94
C LEU D 86 -57.78 -12.80 28.28
N GLY D 87 -57.91 -12.07 27.18
CA GLY D 87 -56.76 -11.53 26.48
C GLY D 87 -56.42 -12.26 25.20
N THR D 88 -56.90 -13.49 25.06
CA THR D 88 -56.61 -14.31 23.89
C THR D 88 -57.32 -13.78 22.63
N SER D 89 -56.57 -13.66 21.54
CA SER D 89 -57.14 -13.15 20.30
C SER D 89 -56.73 -13.99 19.09
N LYS D 90 -57.62 -14.04 18.11
CA LYS D 90 -57.35 -14.62 16.80
C LYS D 90 -57.97 -13.70 15.74
N HIS D 91 -57.35 -13.61 14.57
CA HIS D 91 -57.97 -12.88 13.47
C HIS D 91 -57.48 -13.39 12.11
N PHE D 92 -58.41 -13.52 11.17
CA PHE D 92 -58.12 -14.08 9.86
C PHE D 92 -58.39 -13.09 8.74
N TYR D 93 -57.59 -13.17 7.68
CA TYR D 93 -57.85 -12.41 6.46
C TYR D 93 -58.61 -13.26 5.45
N MET D 94 -59.66 -12.69 4.88
CA MET D 94 -60.51 -13.41 3.94
C MET D 94 -61.12 -12.42 2.95
N PHE D 95 -61.77 -12.94 1.92
CA PHE D 95 -62.53 -12.10 1.00
C PHE D 95 -64.00 -12.16 1.35
N ASN D 96 -64.65 -11.00 1.36
CA ASN D 96 -66.08 -10.94 1.63
C ASN D 96 -66.88 -11.23 0.37
N ASP D 97 -68.18 -10.96 0.40
CA ASP D 97 -69.05 -11.28 -0.72
C ASP D 97 -68.76 -10.40 -1.93
N ASN D 98 -68.16 -9.24 -1.70
CA ASN D 98 -67.83 -8.32 -2.78
C ASN D 98 -66.37 -8.46 -3.22
N LYS D 99 -65.76 -9.60 -2.89
CA LYS D 99 -64.37 -9.89 -3.21
C LYS D 99 -63.41 -8.83 -2.65
N ASN D 100 -63.76 -8.26 -1.51
CA ASN D 100 -62.87 -7.33 -0.82
C ASN D 100 -62.15 -8.01 0.34
N SER D 101 -60.90 -7.61 0.57
CA SER D 101 -60.11 -8.20 1.64
C SER D 101 -60.46 -7.58 2.98
N VAL D 102 -61.00 -8.38 3.89
CA VAL D 102 -61.32 -7.93 5.23
C VAL D 102 -60.64 -8.83 6.26
N ALA D 103 -60.64 -8.40 7.52
CA ALA D 103 -60.09 -9.21 8.58
C ALA D 103 -61.10 -9.35 9.71
N VAL D 104 -61.34 -10.59 10.14
CA VAL D 104 -62.35 -10.89 11.16
C VAL D 104 -61.73 -11.65 12.33
N GLY D 105 -62.07 -11.26 13.54
CA GLY D 105 -61.53 -11.92 14.72
C GLY D 105 -62.28 -11.68 16.02
N TYR D 106 -61.68 -12.10 17.11
CA TYR D 106 -62.28 -11.97 18.43
C TYR D 106 -61.23 -11.69 19.50
N VAL D 107 -61.70 -11.21 20.66
CA VAL D 107 -60.88 -11.13 21.86
C VAL D 107 -61.65 -11.73 23.02
N GLY D 108 -61.04 -12.69 23.70
CA GLY D 108 -61.67 -13.35 24.83
C GLY D 108 -61.83 -12.43 26.02
N CYS D 109 -63.03 -12.38 26.59
CA CYS D 109 -63.30 -11.49 27.70
C CYS D 109 -63.62 -12.25 28.99
N GLY D 110 -63.17 -13.50 29.05
CA GLY D 110 -63.28 -14.29 30.27
C GLY D 110 -64.61 -15.01 30.45
N SER D 111 -64.88 -15.41 31.69
CA SER D 111 -66.10 -16.14 32.01
C SER D 111 -66.92 -15.42 33.07
N VAL D 112 -66.50 -14.21 33.41
CA VAL D 112 -67.23 -13.37 34.36
C VAL D 112 -68.00 -12.30 33.59
N ALA D 113 -69.31 -12.21 33.88
CA ALA D 113 -70.21 -11.33 33.13
C ALA D 113 -69.79 -9.86 33.15
N ASP D 114 -69.15 -9.44 34.24
CA ASP D 114 -68.72 -8.06 34.36
C ASP D 114 -67.21 -7.92 34.37
N LEU D 115 -66.68 -7.20 33.37
CA LEU D 115 -65.25 -6.90 33.33
C LEU D 115 -64.92 -5.80 34.35
N SER D 116 -63.78 -5.92 34.98
CA SER D 116 -63.27 -4.84 35.82
C SER D 116 -62.50 -3.87 34.94
N GLU D 117 -61.96 -2.82 35.56
CA GLU D 117 -61.09 -1.89 34.86
C GLU D 117 -59.89 -2.61 34.25
N ALA D 118 -59.42 -3.64 34.96
CA ALA D 118 -58.15 -4.26 34.66
C ALA D 118 -58.33 -5.28 33.56
N ASP D 119 -59.45 -6.00 33.61
CA ASP D 119 -59.81 -6.95 32.58
C ASP D 119 -60.02 -6.23 31.25
N MET D 120 -60.69 -5.08 31.32
CA MET D 120 -60.92 -4.26 30.13
C MET D 120 -59.61 -3.77 29.55
N LYS D 121 -58.65 -3.48 30.42
CA LYS D 121 -57.33 -3.06 29.99
C LYS D 121 -56.63 -4.18 29.23
N ARG D 122 -56.75 -5.41 29.74
CA ARG D 122 -56.15 -6.57 29.09
C ARG D 122 -56.82 -6.87 27.75
N VAL D 123 -58.12 -6.63 27.69
CA VAL D 123 -58.89 -6.81 26.45
C VAL D 123 -58.40 -5.84 25.37
N VAL D 124 -58.17 -4.60 25.77
CA VAL D 124 -57.73 -3.56 24.85
C VAL D 124 -56.32 -3.80 24.35
N LEU D 125 -55.43 -4.23 25.24
CA LEU D 125 -54.04 -4.48 24.87
C LEU D 125 -53.96 -5.60 23.84
N SER D 126 -54.81 -6.61 24.00
CA SER D 126 -54.94 -7.67 23.01
C SER D 126 -55.40 -7.09 21.67
N LEU D 127 -56.29 -6.12 21.76
CA LEU D 127 -56.84 -5.45 20.59
C LEU D 127 -55.80 -4.56 19.92
N VAL D 128 -55.11 -3.79 20.75
CA VAL D 128 -54.09 -2.86 20.31
C VAL D 128 -52.92 -3.61 19.64
N THR D 129 -52.63 -4.80 20.16
CA THR D 129 -51.58 -5.66 19.59
C THR D 129 -51.88 -5.99 18.12
N MET D 130 -53.16 -6.15 17.79
CA MET D 130 -53.55 -6.43 16.41
C MET D 130 -53.47 -5.21 15.48
N LEU D 131 -53.80 -4.03 16.00
CA LEU D 131 -53.80 -2.77 15.21
C LEU D 131 -52.39 -2.40 14.83
N HIS D 132 -51.53 -2.69 15.78
CA HIS D 132 -50.10 -2.51 15.72
C HIS D 132 -49.39 -3.35 14.70
N ASP D 133 -50.13 -4.30 14.13
CA ASP D 133 -49.67 -5.10 13.01
C ASP D 133 -50.66 -4.97 11.85
N ASN D 134 -51.33 -3.82 11.77
CA ASN D 134 -52.41 -3.63 10.81
C ASN D 134 -52.21 -2.37 9.96
N LYS D 135 -52.47 -2.47 8.66
CA LYS D 135 -52.34 -1.32 7.77
C LYS D 135 -53.70 -0.92 7.21
N LEU D 136 -54.76 -1.45 7.84
CA LEU D 136 -56.12 -1.26 7.36
C LEU D 136 -56.67 0.09 7.83
N SER D 137 -57.77 0.52 7.20
CA SER D 137 -58.30 1.86 7.41
C SER D 137 -59.36 1.93 8.51
N LYS D 138 -60.08 0.83 8.72
CA LYS D 138 -61.16 0.82 9.69
C LYS D 138 -61.04 -0.31 10.70
N LEU D 139 -61.31 0.00 11.96
CA LEU D 139 -61.52 -1.01 12.98
C LEU D 139 -62.99 -1.00 13.40
N THR D 140 -63.60 -2.18 13.45
CA THR D 140 -64.95 -2.31 13.96
C THR D 140 -64.96 -3.25 15.15
N VAL D 141 -65.47 -2.78 16.27
CA VAL D 141 -65.51 -3.57 17.49
C VAL D 141 -66.96 -3.90 17.87
N VAL D 142 -67.24 -5.18 18.03
CA VAL D 142 -68.59 -5.64 18.35
C VAL D 142 -68.69 -6.16 19.78
N PHE D 143 -69.42 -5.43 20.61
CA PHE D 143 -69.58 -5.77 22.02
C PHE D 143 -70.65 -6.84 22.25
N GLU D 144 -70.23 -8.11 22.29
CA GLU D 144 -71.15 -9.17 22.70
C GLU D 144 -70.98 -9.44 24.19
N ILE D 145 -70.67 -8.38 24.93
CA ILE D 145 -70.53 -8.44 26.38
C ILE D 145 -71.28 -7.28 27.01
N ASN D 146 -71.34 -7.23 28.33
CA ASN D 146 -72.06 -6.18 29.04
C ASN D 146 -71.15 -5.13 29.67
N VAL D 147 -71.24 -3.90 29.18
CA VAL D 147 -70.53 -2.78 29.78
C VAL D 147 -71.48 -1.60 29.97
N ASP D 148 -71.24 -0.80 31.01
CA ASP D 148 -72.05 0.39 31.22
C ASP D 148 -71.44 1.57 30.48
N LYS D 149 -72.02 2.76 30.64
CA LYS D 149 -71.55 3.95 29.96
C LYS D 149 -70.11 4.30 30.35
N ASN D 150 -69.82 4.30 31.64
CA ASN D 150 -68.49 4.63 32.14
C ASN D 150 -67.42 3.65 31.65
N LEU D 151 -67.71 2.35 31.76
CA LEU D 151 -66.76 1.34 31.32
C LEU D 151 -66.54 1.42 29.81
N PHE D 152 -67.58 1.80 29.08
CA PHE D 152 -67.46 1.97 27.63
C PHE D 152 -66.55 3.14 27.29
N ARG D 153 -66.75 4.27 27.98
CA ARG D 153 -65.90 5.43 27.75
C ARG D 153 -64.47 5.09 28.17
N PHE D 154 -64.35 4.27 29.21
CA PHE D 154 -63.05 3.79 29.66
C PHE D 154 -62.37 2.97 28.58
N PHE D 155 -63.17 2.14 27.90
CA PHE D 155 -62.68 1.33 26.79
C PHE D 155 -62.07 2.20 25.70
N LEU D 156 -62.76 3.30 25.36
CA LEU D 156 -62.30 4.18 24.30
C LEU D 156 -61.03 4.95 24.70
N GLU D 157 -61.02 5.47 25.92
CA GLU D 157 -59.85 6.17 26.44
C GLU D 157 -58.62 5.27 26.42
N THR D 158 -58.78 4.08 27.00
CA THR D 158 -57.69 3.11 27.06
C THR D 158 -57.25 2.71 25.65
N LEU D 159 -58.20 2.41 24.78
CA LEU D 159 -57.90 2.08 23.39
C LEU D 159 -57.11 3.19 22.72
N PHE D 160 -57.61 4.41 22.82
CA PHE D 160 -56.93 5.58 22.25
C PHE D 160 -55.52 5.74 22.81
N TYR D 161 -55.41 5.72 24.14
CA TYR D 161 -54.14 5.94 24.81
C TYR D 161 -53.09 4.89 24.46
N GLU D 162 -53.48 3.63 24.49
CA GLU D 162 -52.56 2.52 24.24
C GLU D 162 -52.20 2.39 22.75
N TYR D 163 -53.15 2.74 21.89
CA TYR D 163 -52.94 2.69 20.44
C TYR D 163 -51.87 3.69 20.02
N MET D 164 -51.91 4.88 20.62
CA MET D 164 -50.98 5.96 20.30
C MET D 164 -49.56 5.65 20.79
N THR D 165 -48.56 5.99 19.99
CA THR D 165 -47.17 5.77 20.36
C THR D 165 -46.35 7.06 20.31
N ASP D 166 -45.59 7.31 21.37
CA ASP D 166 -44.77 8.52 21.49
C ASP D 166 -43.45 8.34 20.75
N GLU D 167 -43.29 9.08 19.64
CA GLU D 167 -42.10 8.95 18.80
C GLU D 167 -41.26 10.23 18.77
N ARG D 168 -41.55 11.14 19.68
CA ARG D 168 -40.89 12.45 19.71
C ARG D 168 -39.37 12.39 19.82
N PHE D 169 -38.86 11.35 20.49
CA PHE D 169 -37.42 11.25 20.72
C PHE D 169 -36.78 10.13 19.92
N LYS D 170 -37.44 9.73 18.82
CA LYS D 170 -36.90 8.68 17.97
C LYS D 170 -36.40 9.23 16.63
N SER D 171 -35.76 8.35 15.86
CA SER D 171 -35.14 8.66 14.56
C SER D 171 -33.88 9.51 14.75
N THR D 172 -32.79 9.09 14.11
CA THR D 172 -32.79 7.89 13.27
C THR D 172 -32.07 6.72 13.96
N ASN D 177 -44.22 -0.36 9.59
CA ASN D 177 -45.14 -1.12 8.75
C ASN D 177 -46.59 -0.98 9.21
N MET D 178 -47.03 0.26 9.40
CA MET D 178 -48.37 0.54 9.91
C MET D 178 -48.74 2.02 9.85
N GLU D 179 -49.96 2.29 9.40
CA GLU D 179 -50.55 3.63 9.53
C GLU D 179 -51.78 3.53 10.42
N TYR D 180 -52.14 4.63 11.07
CA TYR D 180 -53.31 4.67 11.94
C TYR D 180 -54.62 4.60 11.17
N ILE D 181 -55.62 3.96 11.77
CA ILE D 181 -56.95 3.87 11.17
C ILE D 181 -57.59 5.25 11.07
N LYS D 182 -58.54 5.40 10.16
CA LYS D 182 -59.24 6.66 9.98
C LYS D 182 -60.67 6.60 10.51
N HIS D 183 -61.19 5.39 10.67
CA HIS D 183 -62.55 5.21 11.17
C HIS D 183 -62.63 4.13 12.25
N LEU D 184 -63.44 4.39 13.26
CA LEU D 184 -63.75 3.38 14.27
C LEU D 184 -65.24 3.08 14.29
N GLY D 185 -65.58 1.80 14.13
CA GLY D 185 -66.96 1.37 14.20
C GLY D 185 -67.23 0.60 15.47
N VAL D 186 -68.34 0.89 16.13
CA VAL D 186 -68.69 0.21 17.37
C VAL D 186 -70.13 -0.29 17.36
N TYR D 187 -70.29 -1.59 17.55
CA TYR D 187 -71.61 -2.18 17.72
C TYR D 187 -71.86 -2.50 19.19
N ILE D 188 -72.98 -2.02 19.71
CA ILE D 188 -73.31 -2.19 21.12
C ILE D 188 -74.79 -1.95 21.36
N ASN D 189 -75.36 -2.70 22.30
CA ASN D 189 -76.74 -2.51 22.71
C ASN D 189 -76.96 -1.10 23.25
N ASN D 190 -78.07 -0.47 22.86
CA ASN D 190 -78.41 0.90 23.26
C ASN D 190 -77.38 1.92 22.81
N ALA D 191 -77.05 1.90 21.52
CA ALA D 191 -76.01 2.76 20.96
C ALA D 191 -76.19 4.24 21.26
N ASP D 192 -77.42 4.72 21.16
CA ASP D 192 -77.72 6.14 21.29
C ASP D 192 -77.34 6.72 22.66
N THR D 193 -77.27 5.86 23.67
CA THR D 193 -76.91 6.31 25.02
C THR D 193 -75.39 6.33 25.21
N TYR D 194 -74.68 5.61 24.34
CA TYR D 194 -73.22 5.55 24.42
C TYR D 194 -72.55 6.58 23.52
N LYS D 195 -73.32 7.13 22.59
CA LYS D 195 -72.80 8.10 21.63
C LYS D 195 -72.22 9.33 22.34
N GLU D 196 -72.87 9.73 23.43
CA GLU D 196 -72.46 10.90 24.20
C GLU D 196 -71.09 10.69 24.85
N GLU D 197 -70.70 9.43 25.01
CA GLU D 197 -69.44 9.10 25.66
C GLU D 197 -68.22 9.26 24.74
N VAL D 198 -68.46 9.23 23.43
CA VAL D 198 -67.39 9.19 22.44
C VAL D 198 -66.45 10.38 22.52
N GLU D 199 -67.00 11.59 22.46
CA GLU D 199 -66.17 12.79 22.45
C GLU D 199 -65.63 13.15 23.83
N LYS D 200 -66.26 12.65 24.87
CA LYS D 200 -65.73 12.80 26.22
C LYS D 200 -64.48 11.95 26.35
N ALA D 201 -64.51 10.77 25.73
CA ALA D 201 -63.37 9.86 25.74
C ALA D 201 -62.18 10.45 25.00
N ARG D 202 -62.44 11.19 23.93
CA ARG D 202 -61.36 11.78 23.14
C ARG D 202 -60.67 12.90 23.91
N VAL D 203 -61.44 13.64 24.70
CA VAL D 203 -60.87 14.71 25.52
C VAL D 203 -60.09 14.11 26.68
N TYR D 204 -60.69 13.12 27.34
CA TYR D 204 -60.03 12.44 28.44
C TYR D 204 -58.77 11.74 27.95
N TYR D 205 -58.81 11.26 26.71
CA TYR D 205 -57.66 10.62 26.11
C TYR D 205 -56.47 11.57 26.03
N PHE D 206 -56.67 12.75 25.46
CA PHE D 206 -55.54 13.64 25.23
C PHE D 206 -55.03 14.25 26.52
N GLY D 207 -55.93 14.55 27.45
CA GLY D 207 -55.54 15.06 28.74
C GLY D 207 -54.55 14.10 29.38
N THR D 208 -54.85 12.82 29.29
CA THR D 208 -53.99 11.77 29.81
C THR D 208 -52.70 11.67 28.99
N TYR D 209 -52.83 11.70 27.66
CA TYR D 209 -51.67 11.57 26.79
C TYR D 209 -50.76 12.79 26.87
N TYR D 210 -51.36 13.96 27.09
CA TYR D 210 -50.58 15.18 27.29
C TYR D 210 -49.79 15.07 28.58
N ALA D 211 -50.42 14.54 29.62
CA ALA D 211 -49.75 14.30 30.89
C ALA D 211 -48.61 13.29 30.67
N SER D 212 -48.89 12.26 29.88
CA SER D 212 -47.92 11.23 29.56
C SER D 212 -46.70 11.81 28.86
N GLN D 213 -46.92 12.72 27.91
CA GLN D 213 -45.82 13.33 27.17
C GLN D 213 -44.87 14.09 28.08
N LEU D 214 -45.43 14.76 29.10
CA LEU D 214 -44.62 15.52 30.04
C LEU D 214 -43.83 14.58 30.95
N ILE D 215 -44.48 13.53 31.44
CA ILE D 215 -43.84 12.58 32.34
C ILE D 215 -42.71 11.83 31.66
N ALA D 216 -42.96 11.39 30.43
CA ALA D 216 -41.99 10.59 29.68
C ALA D 216 -40.80 11.43 29.22
N ALA D 217 -41.04 12.72 29.00
CA ALA D 217 -39.97 13.63 28.60
C ALA D 217 -38.85 13.62 29.63
N PRO D 218 -37.63 13.29 29.18
CA PRO D 218 -36.45 13.20 30.06
C PRO D 218 -36.13 14.55 30.70
N SER D 219 -35.41 14.51 31.82
CA SER D 219 -35.19 15.71 32.63
C SER D 219 -34.31 16.76 31.96
N ASN D 220 -33.62 16.38 30.88
CA ASN D 220 -32.83 17.36 30.14
C ASN D 220 -33.72 18.11 29.16
N TYR D 221 -34.85 17.51 28.80
CA TYR D 221 -35.87 18.19 28.01
C TYR D 221 -36.88 18.88 28.92
N CYS D 222 -37.26 18.19 29.98
CA CYS D 222 -38.29 18.69 30.89
C CYS D 222 -37.69 19.16 32.21
N ASN D 223 -37.43 20.46 32.30
CA ASN D 223 -36.87 21.09 33.47
C ASN D 223 -37.88 22.11 34.03
N PRO D 224 -37.62 22.69 35.21
CA PRO D 224 -38.55 23.70 35.74
C PRO D 224 -38.89 24.84 34.78
N VAL D 225 -37.91 25.27 33.99
CA VAL D 225 -38.13 26.38 33.07
C VAL D 225 -38.97 25.95 31.86
N SER D 226 -38.61 24.84 31.24
CA SER D 226 -39.30 24.37 30.05
C SER D 226 -40.71 23.88 30.37
N LEU D 227 -40.88 23.27 31.53
CA LEU D 227 -42.18 22.74 31.93
C LEU D 227 -43.17 23.87 32.22
N SER D 228 -42.70 24.93 32.84
CA SER D 228 -43.54 26.09 33.12
C SER D 228 -43.89 26.79 31.82
N ASN D 229 -42.94 26.81 30.88
CA ASN D 229 -43.17 27.37 29.56
C ASN D 229 -44.25 26.58 28.82
N ALA D 230 -44.28 25.27 29.03
CA ALA D 230 -45.27 24.41 28.41
C ALA D 230 -46.66 24.70 28.98
N ALA D 231 -46.73 24.86 30.29
CA ALA D 231 -47.98 25.14 30.98
C ALA D 231 -48.58 26.47 30.51
N VAL D 232 -47.72 27.44 30.23
CA VAL D 232 -48.16 28.73 29.71
C VAL D 232 -48.73 28.57 28.31
N GLU D 233 -48.03 27.78 27.48
CA GLU D 233 -48.48 27.49 26.13
C GLU D 233 -49.84 26.80 26.14
N LEU D 234 -49.99 25.85 27.06
CA LEU D 234 -51.27 25.16 27.25
C LEU D 234 -52.35 26.14 27.69
N ALA D 235 -51.99 27.04 28.60
CA ALA D 235 -52.91 28.04 29.13
C ALA D 235 -53.37 28.99 28.03
N GLN D 236 -52.45 29.39 27.16
CA GLN D 236 -52.76 30.32 26.08
C GLN D 236 -53.66 29.67 25.03
N LYS D 237 -53.50 28.37 24.83
CA LYS D 237 -54.29 27.65 23.82
C LYS D 237 -55.73 27.41 24.27
N LEU D 238 -55.97 27.57 25.57
CA LEU D 238 -57.31 27.38 26.13
C LEU D 238 -57.83 28.68 26.74
N ASN D 239 -57.00 29.72 26.70
CA ASN D 239 -57.28 30.99 27.35
C ASN D 239 -57.66 30.86 28.81
N LEU D 240 -56.79 30.22 29.58
CA LEU D 240 -56.90 30.19 31.02
C LEU D 240 -56.00 31.27 31.60
N GLU D 241 -56.42 31.91 32.68
CA GLU D 241 -55.57 32.87 33.37
C GLU D 241 -54.33 32.15 33.88
N TYR D 242 -53.16 32.75 33.64
CA TYR D 242 -51.94 32.11 34.09
C TYR D 242 -50.98 33.08 34.77
N LYS D 243 -50.06 32.52 35.54
CA LYS D 243 -49.11 33.30 36.31
C LYS D 243 -47.94 32.40 36.71
N ILE D 244 -46.76 32.71 36.20
CA ILE D 244 -45.57 31.98 36.61
C ILE D 244 -44.75 32.80 37.59
N LEU D 245 -44.68 32.33 38.83
CA LEU D 245 -43.91 33.01 39.86
C LEU D 245 -42.45 32.60 39.81
N GLY D 246 -41.57 33.59 39.74
CA GLY D 246 -40.14 33.34 39.70
C GLY D 246 -39.52 33.48 41.08
N VAL D 247 -38.21 33.26 41.15
CA VAL D 247 -37.48 33.26 42.43
C VAL D 247 -37.72 34.53 43.25
N LYS D 248 -37.63 35.69 42.62
CA LYS D 248 -37.83 36.95 43.32
C LYS D 248 -39.19 36.96 44.02
N GLU D 249 -40.26 36.80 43.24
CA GLU D 249 -41.62 36.76 43.79
C GLU D 249 -41.80 35.68 44.87
N LEU D 250 -41.10 34.56 44.71
CA LEU D 250 -41.18 33.48 45.69
C LEU D 250 -40.53 33.83 47.02
N GLU D 251 -39.44 34.59 46.96
CA GLU D 251 -38.75 35.02 48.18
C GLU D 251 -39.60 36.01 48.96
N GLU D 252 -40.29 36.89 48.26
CA GLU D 252 -41.19 37.85 48.88
C GLU D 252 -42.37 37.15 49.56
N LEU D 253 -42.76 36.00 49.02
CA LEU D 253 -43.83 35.21 49.63
C LEU D 253 -43.25 34.25 50.67
N LYS D 254 -41.93 34.28 50.81
CA LYS D 254 -41.21 33.56 51.86
C LYS D 254 -41.42 32.05 51.83
N MET D 255 -41.55 31.48 50.64
CA MET D 255 -41.69 30.04 50.49
C MET D 255 -40.32 29.36 50.60
N GLY D 256 -39.84 29.24 51.84
CA GLY D 256 -38.49 28.77 52.09
C GLY D 256 -38.28 27.28 51.96
N ALA D 257 -39.34 26.50 52.16
CA ALA D 257 -39.24 25.06 52.03
C ALA D 257 -39.12 24.66 50.56
N TYR D 258 -39.93 25.30 49.73
CA TYR D 258 -39.92 25.04 48.29
C TYR D 258 -38.62 25.53 47.67
N LEU D 259 -38.16 26.70 48.08
CA LEU D 259 -36.93 27.28 47.54
C LEU D 259 -35.69 26.48 47.92
N SER D 260 -35.69 25.94 49.14
CA SER D 260 -34.56 25.14 49.62
C SER D 260 -34.32 23.90 48.76
N VAL D 261 -35.41 23.25 48.36
CA VAL D 261 -35.34 22.06 47.54
C VAL D 261 -34.64 22.33 46.19
N GLY D 262 -34.93 23.49 45.62
CA GLY D 262 -34.41 23.84 44.31
C GLY D 262 -33.07 24.55 44.31
N LYS D 263 -32.52 24.77 45.50
CA LYS D 263 -31.25 25.50 45.65
C LYS D 263 -30.11 24.90 44.84
N GLY D 264 -30.11 23.58 44.72
CA GLY D 264 -29.00 22.89 44.06
C GLY D 264 -29.13 22.78 42.56
N SER D 265 -30.24 23.28 42.01
CA SER D 265 -30.46 23.16 40.57
C SER D 265 -29.88 24.33 39.79
N MET D 266 -29.50 24.07 38.54
CA MET D 266 -29.09 25.13 37.62
C MET D 266 -30.34 25.79 37.05
N TYR D 267 -31.48 25.17 37.31
CA TYR D 267 -32.76 25.68 36.84
C TYR D 267 -33.49 26.42 37.95
N PRO D 268 -33.84 27.70 37.70
CA PRO D 268 -34.55 28.52 38.68
C PRO D 268 -35.93 27.96 38.97
N ASN D 269 -36.35 27.99 40.23
CA ASN D 269 -37.68 27.55 40.61
C ASN D 269 -38.76 28.32 39.87
N LYS D 270 -39.80 27.60 39.45
CA LYS D 270 -40.95 28.23 38.80
C LYS D 270 -42.25 27.71 39.42
N PHE D 271 -43.09 28.62 39.90
CA PHE D 271 -44.37 28.23 40.46
C PHE D 271 -45.48 28.47 39.43
N ILE D 272 -46.13 27.38 39.02
CA ILE D 272 -47.20 27.47 38.04
C ILE D 272 -48.54 27.74 38.71
N HIS D 273 -49.30 28.68 38.16
CA HIS D 273 -50.65 28.98 38.65
C HIS D 273 -51.59 29.26 37.48
N LEU D 274 -52.39 28.26 37.13
CA LEU D 274 -53.41 28.42 36.10
C LEU D 274 -54.78 28.54 36.76
N THR D 275 -55.69 29.26 36.11
CA THR D 275 -57.04 29.42 36.64
C THR D 275 -58.09 29.27 35.55
N TYR D 276 -59.07 28.41 35.79
CA TYR D 276 -60.27 28.38 34.96
C TYR D 276 -61.43 28.93 35.75
N LYS D 277 -62.03 30.02 35.27
CA LYS D 277 -63.18 30.61 35.93
C LYS D 277 -64.41 30.51 35.02
N SER D 278 -65.50 29.99 35.56
CA SER D 278 -66.73 29.83 34.80
C SER D 278 -67.32 31.19 34.42
N LYS D 279 -68.02 31.23 33.30
CA LYS D 279 -68.59 32.48 32.80
C LYS D 279 -69.90 32.84 33.50
N GLY D 280 -70.23 32.10 34.55
CA GLY D 280 -71.41 32.39 35.35
C GLY D 280 -71.01 32.64 36.79
N ASP D 281 -72.00 32.66 37.68
CA ASP D 281 -71.73 32.79 39.11
C ASP D 281 -70.90 31.60 39.60
N VAL D 282 -69.89 31.88 40.41
CA VAL D 282 -69.05 30.83 40.96
C VAL D 282 -69.68 30.26 42.23
N LYS D 283 -69.76 28.94 42.31
CA LYS D 283 -70.41 28.30 43.46
C LYS D 283 -69.45 27.40 44.22
N LYS D 284 -68.36 27.00 43.57
CA LYS D 284 -67.33 26.21 44.23
C LYS D 284 -65.94 26.59 43.73
N LYS D 285 -65.05 26.92 44.66
CA LYS D 285 -63.66 27.20 44.33
C LYS D 285 -62.78 26.00 44.67
N ILE D 286 -62.05 25.51 43.68
CA ILE D 286 -61.22 24.32 43.86
C ILE D 286 -59.76 24.60 43.54
N ALA D 287 -58.88 24.06 44.38
CA ALA D 287 -57.44 24.15 44.13
C ALA D 287 -56.85 22.76 43.92
N LEU D 288 -56.28 22.52 42.74
CA LEU D 288 -55.61 21.26 42.45
C LEU D 288 -54.10 21.44 42.51
N VAL D 289 -53.46 20.66 43.36
CA VAL D 289 -52.02 20.80 43.61
C VAL D 289 -51.24 19.59 43.11
N GLY D 290 -50.23 19.83 42.28
CA GLY D 290 -49.42 18.75 41.76
C GLY D 290 -47.96 18.85 42.14
N LYS D 291 -47.36 17.73 42.53
CA LYS D 291 -45.94 17.69 42.83
C LYS D 291 -45.13 17.85 41.55
N GLY D 292 -44.26 18.85 41.50
CA GLY D 292 -43.53 19.15 40.29
C GLY D 292 -42.02 19.10 40.42
N ILE D 293 -41.49 17.91 40.69
CA ILE D 293 -40.05 17.71 40.70
C ILE D 293 -39.60 17.10 39.38
N THR D 294 -39.00 17.92 38.53
CA THR D 294 -38.64 17.47 37.18
C THR D 294 -37.59 16.37 37.21
N PHE D 295 -36.73 16.39 38.22
CA PHE D 295 -35.87 15.25 38.50
C PHE D 295 -35.52 15.18 39.97
N ASP D 296 -35.52 13.97 40.51
CA ASP D 296 -35.25 13.74 41.91
C ASP D 296 -34.04 12.83 42.09
N SER D 297 -32.86 13.43 42.21
CA SER D 297 -31.65 12.66 42.46
C SER D 297 -31.64 12.17 43.89
N GLY D 298 -32.36 12.88 44.74
CA GLY D 298 -32.42 12.57 46.17
C GLY D 298 -31.68 13.59 46.99
N GLY D 299 -30.90 14.44 46.31
CA GLY D 299 -30.06 15.40 46.99
C GLY D 299 -28.86 14.69 47.60
N TYR D 300 -28.31 15.25 48.68
CA TYR D 300 -27.16 14.63 49.33
C TYR D 300 -27.54 13.28 49.93
N ASN D 301 -28.82 13.09 50.23
CA ASN D 301 -29.34 11.76 50.50
C ASN D 301 -29.62 11.07 49.18
N LEU D 302 -28.58 10.94 48.37
CA LEU D 302 -28.67 10.47 47.00
C LEU D 302 -29.27 9.07 46.87
N LYS D 303 -30.17 8.91 45.90
CA LYS D 303 -30.75 7.61 45.61
C LYS D 303 -29.69 6.66 45.07
N ALA D 304 -28.96 6.01 45.97
CA ALA D 304 -27.88 5.11 45.56
C ALA D 304 -28.13 3.69 46.05
N ALA D 305 -29.08 3.54 46.96
CA ALA D 305 -29.46 2.22 47.46
C ALA D 305 -30.12 1.40 46.35
N PRO D 306 -29.89 0.08 46.35
CA PRO D 306 -30.50 -0.79 45.35
C PRO D 306 -32.02 -0.80 45.44
N GLY D 307 -32.69 -0.40 44.35
CA GLY D 307 -34.13 -0.38 44.34
C GLY D 307 -34.69 1.03 44.43
N SER D 308 -33.81 2.01 44.54
CA SER D 308 -34.21 3.40 44.61
C SER D 308 -34.61 3.91 43.22
N MET D 309 -34.21 3.17 42.19
CA MET D 309 -34.64 3.41 40.81
C MET D 309 -34.44 4.85 40.35
N ILE D 310 -33.21 5.35 40.39
CA ILE D 310 -32.94 6.76 40.11
C ILE D 310 -33.17 7.09 38.63
N ASP D 311 -33.11 6.09 37.76
CA ASP D 311 -33.31 6.30 36.34
C ASP D 311 -34.79 6.52 36.00
N LEU D 312 -35.65 6.36 37.00
CA LEU D 312 -37.08 6.55 36.81
C LEU D 312 -37.49 7.97 37.22
N MET D 313 -36.57 8.65 37.90
CA MET D 313 -36.91 9.86 38.64
C MET D 313 -37.28 11.08 37.80
N LYS D 314 -37.46 10.88 36.49
CA LYS D 314 -38.09 11.88 35.65
C LYS D 314 -39.60 11.85 35.87
N PHE D 315 -40.05 10.80 36.55
CA PHE D 315 -41.45 10.57 36.89
C PHE D 315 -41.98 11.56 37.93
N ASP D 316 -41.06 12.24 38.61
CA ASP D 316 -41.38 12.89 39.89
C ASP D 316 -42.18 14.18 39.74
N MET D 317 -42.61 14.48 38.51
CA MET D 317 -43.50 15.61 38.28
C MET D 317 -44.83 15.12 37.72
N SER D 318 -45.10 13.83 37.90
CA SER D 318 -46.34 13.20 37.46
C SER D 318 -47.55 13.87 38.07
N GLY D 319 -47.41 14.33 39.32
CA GLY D 319 -48.47 15.06 39.98
C GLY D 319 -48.78 16.35 39.24
N CYS D 320 -47.74 17.08 38.86
CA CYS D 320 -47.89 18.29 38.07
C CYS D 320 -48.53 17.98 36.72
N ALA D 321 -48.04 16.92 36.08
CA ALA D 321 -48.55 16.50 34.78
C ALA D 321 -50.04 16.21 34.82
N ALA D 322 -50.48 15.56 35.90
CA ALA D 322 -51.89 15.21 36.06
C ALA D 322 -52.76 16.45 36.18
N VAL D 323 -52.27 17.44 36.94
CA VAL D 323 -53.01 18.67 37.13
C VAL D 323 -53.13 19.44 35.81
N LEU D 324 -52.06 19.43 35.02
CA LEU D 324 -52.07 20.09 33.72
C LEU D 324 -52.96 19.33 32.73
N GLY D 325 -52.96 18.01 32.84
CA GLY D 325 -53.80 17.18 32.00
C GLY D 325 -55.27 17.42 32.32
N CYS D 326 -55.54 17.76 33.58
CA CYS D 326 -56.89 18.07 34.01
C CYS D 326 -57.29 19.45 33.50
N ALA D 327 -56.34 20.37 33.50
CA ALA D 327 -56.57 21.73 33.02
C ALA D 327 -56.96 21.73 31.55
N TYR D 328 -56.38 20.80 30.79
CA TYR D 328 -56.76 20.66 29.39
C TYR D 328 -58.22 20.24 29.29
N CYS D 329 -58.57 19.15 29.97
CA CYS D 329 -59.92 18.61 29.94
C CYS D 329 -60.95 19.63 30.40
N VAL D 330 -60.65 20.30 31.52
CA VAL D 330 -61.55 21.31 32.07
C VAL D 330 -61.67 22.52 31.15
N GLY D 331 -60.52 22.99 30.65
CA GLY D 331 -60.51 24.12 29.73
C GLY D 331 -61.18 23.82 28.42
N THR D 332 -61.31 22.53 28.11
CA THR D 332 -61.94 22.09 26.87
C THR D 332 -63.44 21.85 27.09
N LEU D 333 -63.77 21.22 28.21
CA LEU D 333 -65.16 20.87 28.50
C LEU D 333 -65.92 22.06 29.08
N LYS D 334 -65.19 22.98 29.70
CA LYS D 334 -65.76 24.23 30.23
C LYS D 334 -66.98 24.02 31.13
N PRO D 335 -66.75 23.49 32.35
CA PRO D 335 -67.85 23.31 33.31
C PRO D 335 -68.39 24.64 33.84
N GLU D 336 -69.61 24.62 34.37
CA GLU D 336 -70.25 25.83 34.85
C GLU D 336 -70.20 25.96 36.38
N ASN D 337 -70.37 27.20 36.84
CA ASN D 337 -70.48 27.50 38.27
C ASN D 337 -69.27 27.06 39.10
N VAL D 338 -68.11 26.95 38.46
CA VAL D 338 -66.93 26.48 39.15
C VAL D 338 -65.68 27.30 38.79
N GLU D 339 -64.84 27.55 39.79
CA GLU D 339 -63.55 28.20 39.57
C GLU D 339 -62.45 27.31 40.10
N ILE D 340 -61.54 26.91 39.22
CA ILE D 340 -60.51 25.95 39.58
C ILE D 340 -59.11 26.54 39.44
N HIS D 341 -58.24 26.25 40.40
CA HIS D 341 -56.86 26.70 40.37
C HIS D 341 -55.91 25.52 40.20
N PHE D 342 -54.99 25.64 39.25
CA PHE D 342 -54.02 24.58 38.98
C PHE D 342 -52.64 25.01 39.43
N LEU D 343 -52.15 24.42 40.52
CA LEU D 343 -50.92 24.87 41.14
C LEU D 343 -49.84 23.80 41.15
N SER D 344 -48.60 24.21 40.90
CA SER D 344 -47.46 23.32 41.04
C SER D 344 -46.18 24.10 41.30
N ALA D 345 -45.59 23.87 42.47
CA ALA D 345 -44.28 24.44 42.80
C ALA D 345 -43.21 23.59 42.12
N VAL D 346 -42.75 24.03 40.96
CA VAL D 346 -41.84 23.24 40.14
C VAL D 346 -40.37 23.56 40.40
N CYS D 347 -39.59 22.51 40.68
CA CYS D 347 -38.15 22.66 40.88
C CYS D 347 -37.42 21.35 40.58
N GLU D 348 -36.12 21.32 40.85
CA GLU D 348 -35.30 20.16 40.58
C GLU D 348 -34.40 19.85 41.78
N ASN D 349 -34.39 18.60 42.22
CA ASN D 349 -33.63 18.20 43.41
C ASN D 349 -32.29 17.58 43.06
N MET D 350 -31.22 18.36 43.20
CA MET D 350 -29.91 17.94 42.70
C MET D 350 -28.81 18.04 43.75
N VAL D 351 -27.68 17.40 43.47
CA VAL D 351 -26.49 17.49 44.31
C VAL D 351 -25.57 18.59 43.80
N SER D 352 -25.25 19.53 44.68
CA SER D 352 -24.41 20.66 44.30
C SER D 352 -23.70 21.26 45.49
N LYS D 353 -22.85 22.25 45.24
CA LYS D 353 -22.24 23.03 46.31
C LYS D 353 -23.31 23.92 46.93
N ASN D 354 -24.42 24.08 46.21
CA ASN D 354 -25.49 24.98 46.61
C ASN D 354 -26.71 24.26 47.15
N SER D 355 -26.69 22.93 47.13
CA SER D 355 -27.83 22.14 47.58
C SER D 355 -28.08 22.32 49.07
N TYR D 356 -29.31 22.05 49.52
CA TYR D 356 -29.59 22.08 50.94
C TYR D 356 -29.11 20.77 51.58
N ARG D 357 -28.68 20.86 52.82
CA ARG D 357 -28.04 19.73 53.49
C ARG D 357 -29.01 19.06 54.45
N PRO D 358 -28.79 17.77 54.72
CA PRO D 358 -29.55 17.11 55.78
C PRO D 358 -29.31 17.80 57.11
N GLY D 359 -30.37 18.05 57.87
CA GLY D 359 -30.24 18.70 59.16
C GLY D 359 -30.51 20.20 59.12
N ASP D 360 -30.54 20.77 57.93
CA ASP D 360 -30.88 22.18 57.76
C ASP D 360 -32.28 22.49 58.29
N ILE D 361 -32.42 23.63 58.95
CA ILE D 361 -33.73 24.08 59.38
C ILE D 361 -34.20 25.24 58.51
N ILE D 362 -35.33 25.05 57.85
CA ILE D 362 -35.85 26.03 56.91
C ILE D 362 -37.25 26.49 57.32
N THR D 363 -37.69 27.61 56.77
CA THR D 363 -38.94 28.23 57.18
C THR D 363 -39.94 28.34 56.04
N ALA D 364 -41.05 27.63 56.16
CA ALA D 364 -42.12 27.70 55.16
C ALA D 364 -42.84 29.03 55.24
N SER D 365 -43.69 29.29 54.25
CA SER D 365 -44.35 30.59 54.12
C SER D 365 -45.40 30.85 55.21
N ASN D 366 -45.75 29.82 55.98
CA ASN D 366 -46.73 29.99 57.05
C ASN D 366 -46.05 30.20 58.40
N GLY D 367 -44.73 30.23 58.40
CA GLY D 367 -43.98 30.52 59.60
C GLY D 367 -43.35 29.30 60.27
N LYS D 368 -43.82 28.10 59.92
CA LYS D 368 -43.35 26.88 60.55
C LYS D 368 -41.93 26.52 60.14
N THR D 369 -41.07 26.31 61.13
CA THR D 369 -39.70 25.88 60.89
C THR D 369 -39.65 24.36 60.74
N ILE D 370 -38.86 23.89 59.78
CA ILE D 370 -38.81 22.47 59.46
C ILE D 370 -37.38 21.92 59.51
N GLU D 371 -37.19 20.85 60.27
CA GLU D 371 -35.88 20.20 60.31
C GLU D 371 -35.82 19.09 59.28
N VAL D 372 -34.84 19.18 58.38
CA VAL D 372 -34.69 18.23 57.29
C VAL D 372 -33.88 17.01 57.72
N GLY D 373 -34.54 15.87 57.81
CA GLY D 373 -33.87 14.64 58.18
C GLY D 373 -33.32 13.91 56.97
N ASN D 374 -33.91 14.20 55.81
CA ASN D 374 -33.58 13.51 54.58
C ASN D 374 -33.94 14.36 53.36
N THR D 375 -32.93 14.73 52.58
CA THR D 375 -33.15 15.61 51.43
C THR D 375 -33.94 14.91 50.31
N ASP D 376 -34.04 13.60 50.41
CA ASP D 376 -34.77 12.82 49.42
C ASP D 376 -36.27 12.81 49.74
N ALA D 377 -36.63 13.47 50.82
CA ALA D 377 -38.04 13.68 51.16
C ALA D 377 -38.44 15.10 50.77
N GLU D 378 -38.07 15.50 49.55
CA GLU D 378 -38.20 16.88 49.13
C GLU D 378 -39.61 17.27 48.68
N GLY D 379 -40.39 16.27 48.28
CA GLY D 379 -41.72 16.52 47.75
C GLY D 379 -42.65 17.20 48.73
N ARG D 380 -42.70 16.69 49.95
CA ARG D 380 -43.58 17.25 50.98
C ARG D 380 -43.19 18.68 51.32
N LEU D 381 -41.92 19.02 51.11
CA LEU D 381 -41.42 20.36 51.37
C LEU D 381 -41.98 21.36 50.36
N THR D 382 -41.98 20.99 49.08
CA THR D 382 -42.50 21.85 48.03
C THR D 382 -44.02 21.99 48.16
N LEU D 383 -44.68 20.89 48.48
CA LEU D 383 -46.13 20.88 48.64
C LEU D 383 -46.55 21.75 49.83
N ALA D 384 -45.73 21.75 50.88
CA ALA D 384 -46.02 22.49 52.09
C ALA D 384 -46.27 23.98 51.81
N ASP D 385 -45.35 24.60 51.07
CA ASP D 385 -45.52 25.98 50.67
C ASP D 385 -46.65 26.16 49.67
N ALA D 386 -46.84 25.14 48.82
CA ALA D 386 -47.91 25.16 47.83
C ALA D 386 -49.27 25.11 48.50
N LEU D 387 -49.38 24.30 49.53
CA LEU D 387 -50.64 24.19 50.28
C LEU D 387 -50.97 25.50 51.00
N VAL D 388 -49.94 26.14 51.54
CA VAL D 388 -50.11 27.45 52.18
C VAL D 388 -50.56 28.48 51.16
N TYR D 389 -50.04 28.35 49.95
CA TYR D 389 -50.44 29.21 48.83
C TYR D 389 -51.91 28.98 48.48
N ALA D 390 -52.27 27.71 48.34
CA ALA D 390 -53.62 27.32 47.93
C ALA D 390 -54.68 27.77 48.93
N GLU D 391 -54.38 27.65 50.22
CA GLU D 391 -55.33 28.02 51.26
C GLU D 391 -55.54 29.53 51.31
N LYS D 392 -54.56 30.28 50.83
CA LYS D 392 -54.64 31.74 50.82
C LYS D 392 -55.61 32.24 49.74
N LEU D 393 -55.81 31.43 48.71
CA LEU D 393 -56.72 31.80 47.62
C LEU D 393 -58.18 31.81 48.10
N GLY D 394 -58.46 31.05 49.14
CA GLY D 394 -59.80 30.96 49.69
C GLY D 394 -60.69 30.04 48.88
N VAL D 395 -60.33 28.77 48.85
CA VAL D 395 -61.09 27.78 48.09
C VAL D 395 -61.88 26.85 49.01
N ASP D 396 -62.81 26.11 48.44
CA ASP D 396 -63.63 25.19 49.20
C ASP D 396 -62.91 23.85 49.36
N TYR D 397 -62.21 23.44 48.31
CA TYR D 397 -61.52 22.15 48.29
C TYR D 397 -60.06 22.30 47.86
N ILE D 398 -59.16 21.65 48.59
CA ILE D 398 -57.77 21.55 48.16
C ILE D 398 -57.40 20.09 47.98
N VAL D 399 -57.08 19.70 46.74
CA VAL D 399 -56.67 18.33 46.47
C VAL D 399 -55.27 18.30 45.87
N ASP D 400 -54.33 17.68 46.57
CA ASP D 400 -52.98 17.55 46.05
C ASP D 400 -52.75 16.16 45.50
N ILE D 401 -51.93 16.07 44.45
CA ILE D 401 -51.58 14.78 43.87
C ILE D 401 -50.07 14.73 43.67
N ALA D 402 -49.46 13.64 44.12
CA ALA D 402 -48.01 13.57 44.20
C ALA D 402 -47.47 12.15 44.14
N THR D 403 -46.31 12.01 43.53
CA THR D 403 -45.56 10.76 43.58
C THR D 403 -44.71 10.77 44.83
N LEU D 404 -45.38 10.69 45.99
CA LEU D 404 -44.77 11.10 47.25
C LEU D 404 -43.91 10.03 47.93
N THR D 405 -44.48 8.85 48.18
CA THR D 405 -43.77 7.85 48.97
C THR D 405 -43.68 6.49 48.30
N GLY D 406 -42.47 5.94 48.25
CA GLY D 406 -42.24 4.63 47.66
C GLY D 406 -42.87 3.50 48.45
N ALA D 407 -43.23 3.78 49.69
CA ALA D 407 -43.87 2.79 50.56
C ALA D 407 -45.23 2.36 50.00
N MET D 408 -45.77 3.15 49.09
CA MET D 408 -47.04 2.84 48.43
C MET D 408 -46.95 1.52 47.65
N LEU D 409 -45.75 1.19 47.18
CA LEU D 409 -45.52 -0.05 46.46
C LEU D 409 -45.66 -1.26 47.38
N TYR D 410 -45.47 -1.02 48.67
CA TYR D 410 -45.55 -2.10 49.66
C TYR D 410 -46.96 -2.19 50.26
N SER D 411 -47.79 -1.19 50.00
CA SER D 411 -49.13 -1.15 50.57
C SER D 411 -50.22 -1.46 49.55
N LEU D 412 -50.33 -0.64 48.52
CA LEU D 412 -51.38 -0.81 47.52
C LEU D 412 -50.86 -1.40 46.22
N GLY D 413 -49.56 -1.26 45.98
CA GLY D 413 -48.95 -1.81 44.79
C GLY D 413 -48.92 -0.84 43.62
N THR D 414 -49.09 -1.37 42.42
CA THR D 414 -48.95 -0.57 41.21
C THR D 414 -50.30 -0.24 40.56
N SER D 415 -51.37 -0.77 41.12
CA SER D 415 -52.70 -0.60 40.51
C SER D 415 -53.52 0.47 41.23
N TYR D 416 -53.50 0.44 42.56
CA TYR D 416 -54.33 1.33 43.36
C TYR D 416 -53.53 2.49 43.95
N ALA D 417 -54.06 3.70 43.80
CA ALA D 417 -53.48 4.87 44.45
C ALA D 417 -54.08 5.03 45.83
N GLY D 418 -53.36 5.70 46.72
CA GLY D 418 -53.84 5.92 48.07
C GLY D 418 -54.29 7.34 48.29
N VAL D 419 -55.45 7.52 48.92
CA VAL D 419 -55.92 8.85 49.24
C VAL D 419 -55.99 9.06 50.76
N PHE D 420 -55.51 10.23 51.18
CA PHE D 420 -55.55 10.64 52.57
C PHE D 420 -56.27 11.97 52.65
N GLY D 421 -56.73 12.36 53.85
CA GLY D 421 -57.43 13.62 53.99
C GLY D 421 -57.85 14.00 55.39
N ASN D 422 -58.30 15.24 55.54
CA ASN D 422 -58.79 15.73 56.82
C ASN D 422 -60.30 15.88 56.84
N ASN D 423 -60.94 15.61 55.70
CA ASN D 423 -62.37 15.81 55.55
C ASN D 423 -63.05 14.63 54.88
N GLU D 424 -63.94 13.97 55.62
CA GLU D 424 -64.59 12.74 55.15
C GLU D 424 -65.42 12.95 53.88
N GLU D 425 -66.10 14.09 53.79
CA GLU D 425 -66.94 14.39 52.64
C GLU D 425 -66.11 14.51 51.37
N LEU D 426 -65.03 15.28 51.43
CA LEU D 426 -64.15 15.46 50.28
C LEU D 426 -63.54 14.13 49.85
N ILE D 427 -63.23 13.28 50.81
CA ILE D 427 -62.64 11.97 50.52
C ILE D 427 -63.63 11.08 49.78
N ASN D 428 -64.89 11.11 50.19
CA ASN D 428 -65.93 10.32 49.53
C ASN D 428 -66.17 10.79 48.10
N LYS D 429 -66.04 12.10 47.87
CA LYS D 429 -66.16 12.63 46.52
C LYS D 429 -65.04 12.09 45.63
N ILE D 430 -63.83 12.02 46.19
CA ILE D 430 -62.69 11.47 45.49
C ILE D 430 -62.91 9.99 45.15
N LEU D 431 -63.37 9.23 46.14
CA LEU D 431 -63.64 7.81 45.94
C LEU D 431 -64.70 7.60 44.88
N GLN D 432 -65.67 8.51 44.83
CA GLN D 432 -66.72 8.46 43.82
C GLN D 432 -66.13 8.74 42.43
N SER D 433 -65.17 9.66 42.38
CA SER D 433 -64.51 10.01 41.14
C SER D 433 -63.63 8.86 40.66
N SER D 434 -63.08 8.11 41.60
CA SER D 434 -62.29 6.93 41.27
C SER D 434 -63.15 5.90 40.56
N LYS D 435 -64.42 5.81 40.95
CA LYS D 435 -65.31 4.79 40.42
C LYS D 435 -65.77 5.11 39.00
N THR D 436 -66.07 6.38 38.74
CA THR D 436 -66.59 6.76 37.42
C THR D 436 -65.48 7.09 36.43
N SER D 437 -64.27 7.34 36.92
CA SER D 437 -63.13 7.56 36.04
C SER D 437 -62.38 6.25 35.81
N ASN D 438 -62.72 5.25 36.62
CA ASN D 438 -62.06 3.94 36.58
C ASN D 438 -60.56 4.02 36.82
N GLU D 439 -60.14 5.03 37.56
CA GLU D 439 -58.77 5.09 38.06
C GLU D 439 -58.80 4.81 39.55
N PRO D 440 -58.48 3.57 39.94
CA PRO D 440 -58.70 3.00 41.27
C PRO D 440 -57.94 3.71 42.38
N VAL D 441 -58.66 4.10 43.42
CA VAL D 441 -58.09 4.78 44.57
C VAL D 441 -58.65 4.19 45.86
N TRP D 442 -57.77 3.88 46.82
CA TRP D 442 -58.21 3.36 48.10
C TRP D 442 -57.96 4.36 49.23
N TRP D 443 -58.89 4.42 50.16
CA TRP D 443 -58.81 5.36 51.28
C TRP D 443 -57.90 4.82 52.38
N LEU D 444 -56.88 5.60 52.72
CA LEU D 444 -55.93 5.23 53.78
C LEU D 444 -55.98 6.25 54.92
N PRO D 445 -55.74 5.79 56.16
CA PRO D 445 -55.95 6.63 57.34
C PRO D 445 -54.79 7.56 57.71
N ILE D 446 -55.14 8.72 58.26
CA ILE D 446 -54.16 9.58 58.92
C ILE D 446 -54.21 9.29 60.41
N ILE D 447 -53.30 8.43 60.88
CA ILE D 447 -53.30 7.99 62.26
C ILE D 447 -52.57 9.00 63.15
N ASN D 448 -53.34 9.72 63.95
CA ASN D 448 -52.82 10.81 64.78
C ASN D 448 -51.83 10.36 65.84
N GLU D 449 -51.87 9.08 66.20
CA GLU D 449 -50.96 8.55 67.22
C GLU D 449 -49.51 8.59 66.74
N TYR D 450 -49.32 8.74 65.43
CA TYR D 450 -47.98 8.80 64.85
C TYR D 450 -47.47 10.24 64.80
N ARG D 451 -48.36 11.22 64.96
CA ARG D 451 -48.01 12.63 64.79
C ARG D 451 -46.83 13.07 65.67
N ALA D 452 -46.73 12.48 66.86
CA ALA D 452 -45.68 12.86 67.81
C ALA D 452 -44.28 12.53 67.30
N THR D 453 -44.20 11.70 66.26
CA THR D 453 -42.91 11.33 65.69
C THR D 453 -42.34 12.50 64.88
N LEU D 454 -43.15 13.51 64.62
CA LEU D 454 -42.73 14.68 63.86
C LEU D 454 -42.32 15.84 64.77
N ASN D 455 -42.22 15.58 66.06
CA ASN D 455 -41.82 16.62 67.01
C ASN D 455 -40.31 16.81 67.04
N SER D 456 -39.85 17.88 66.41
CA SER D 456 -38.42 18.18 66.34
C SER D 456 -37.92 18.82 67.64
N LYS D 457 -36.70 18.45 68.03
CA LYS D 457 -36.10 18.97 69.25
C LYS D 457 -35.78 20.45 69.11
N TYR D 458 -35.54 20.90 67.88
CA TYR D 458 -35.10 22.27 67.65
C TYR D 458 -36.05 23.06 66.75
N ALA D 459 -36.61 22.41 65.74
CA ALA D 459 -37.55 23.05 64.83
C ALA D 459 -38.98 22.90 65.33
N ASP D 460 -39.91 23.58 64.66
CA ASP D 460 -41.33 23.47 64.98
C ASP D 460 -41.82 22.05 64.72
N ILE D 461 -41.31 21.44 63.65
CA ILE D 461 -41.74 20.12 63.25
C ILE D 461 -40.64 19.41 62.48
N ASN D 462 -40.66 18.08 62.49
CA ASN D 462 -39.77 17.30 61.65
C ASN D 462 -40.34 17.07 60.25
N GLN D 463 -39.45 16.97 59.28
CA GLN D 463 -39.82 16.63 57.91
C GLN D 463 -40.22 15.18 57.82
N ILE D 464 -39.40 14.30 58.39
CA ILE D 464 -39.67 12.87 58.39
C ILE D 464 -39.66 12.28 59.80
N SER D 465 -39.93 10.98 59.86
CA SER D 465 -39.87 10.25 61.11
C SER D 465 -38.51 9.58 61.28
N SER D 466 -38.15 9.26 62.52
CA SER D 466 -36.98 8.46 62.78
C SER D 466 -37.40 7.00 62.90
N SER D 467 -38.54 6.79 63.53
CA SER D 467 -39.01 5.46 63.88
C SER D 467 -40.00 4.88 62.88
N VAL D 468 -41.24 5.38 62.93
CA VAL D 468 -42.37 4.80 62.20
C VAL D 468 -42.10 4.56 60.71
N LYS D 469 -42.33 3.34 60.26
CA LYS D 469 -42.08 2.95 58.88
C LYS D 469 -43.26 3.29 57.97
N ALA D 470 -44.35 3.74 58.57
CA ALA D 470 -45.54 4.14 57.81
C ALA D 470 -45.31 5.50 57.14
N SER D 471 -44.39 5.52 56.18
CA SER D 471 -43.96 6.76 55.53
C SER D 471 -45.10 7.54 54.90
N SER D 472 -46.01 6.83 54.24
CA SER D 472 -47.13 7.46 53.55
C SER D 472 -48.07 8.16 54.53
N ILE D 473 -48.27 7.55 55.69
CA ILE D 473 -49.11 8.14 56.72
C ILE D 473 -48.40 9.33 57.38
N VAL D 474 -47.12 9.15 57.67
CA VAL D 474 -46.31 10.20 58.28
C VAL D 474 -46.19 11.40 57.34
N ALA D 475 -46.05 11.13 56.05
CA ALA D 475 -46.00 12.18 55.04
C ALA D 475 -47.31 12.97 55.03
N SER D 476 -48.42 12.24 55.17
CA SER D 476 -49.74 12.86 55.21
C SER D 476 -49.88 13.75 56.44
N LEU D 477 -49.35 13.27 57.56
CA LEU D 477 -49.35 14.04 58.80
C LEU D 477 -48.59 15.34 58.63
N PHE D 478 -47.51 15.30 57.87
CA PHE D 478 -46.69 16.48 57.61
C PHE D 478 -47.47 17.52 56.80
N LEU D 479 -48.04 17.08 55.68
CA LEU D 479 -48.81 17.96 54.80
C LEU D 479 -50.01 18.57 55.51
N LYS D 480 -50.63 17.77 56.37
CA LYS D 480 -51.82 18.18 57.12
C LYS D 480 -51.55 19.41 58.00
N GLU D 481 -50.29 19.60 58.37
CA GLU D 481 -49.89 20.73 59.20
C GLU D 481 -49.87 22.06 58.44
N PHE D 482 -50.06 22.01 57.13
CA PHE D 482 -50.00 23.22 56.31
C PHE D 482 -51.35 23.53 55.67
N VAL D 483 -52.39 22.89 56.19
CA VAL D 483 -53.76 23.20 55.81
C VAL D 483 -54.57 23.40 57.09
N GLN D 484 -54.85 24.65 57.43
CA GLN D 484 -55.42 24.98 58.74
C GLN D 484 -56.93 24.78 58.80
N ASN D 485 -57.65 25.37 57.86
CA ASN D 485 -59.11 25.39 57.95
C ASN D 485 -59.82 25.15 56.62
N THR D 486 -59.39 24.12 55.90
CA THR D 486 -59.97 23.81 54.60
C THR D 486 -60.05 22.31 54.35
N ALA D 487 -61.12 21.87 53.72
CA ALA D 487 -61.26 20.47 53.30
C ALA D 487 -60.12 20.11 52.37
N TRP D 488 -59.35 19.09 52.73
CA TRP D 488 -58.14 18.76 51.99
C TRP D 488 -57.96 17.25 51.80
N ALA D 489 -57.65 16.85 50.57
CA ALA D 489 -57.38 15.46 50.26
C ALA D 489 -55.97 15.32 49.70
N HIS D 490 -55.37 14.15 49.93
CA HIS D 490 -54.01 13.89 49.48
C HIS D 490 -53.93 12.58 48.71
N ILE D 491 -53.56 12.66 47.44
CA ILE D 491 -53.48 11.47 46.59
C ILE D 491 -52.03 11.10 46.28
N ASP D 492 -51.62 9.92 46.72
CA ASP D 492 -50.26 9.45 46.54
C ASP D 492 -50.20 8.45 45.39
N ILE D 493 -49.53 8.84 44.31
CA ILE D 493 -49.49 8.02 43.10
C ILE D 493 -48.08 7.54 42.76
N ALA D 494 -47.24 7.39 43.79
CA ALA D 494 -45.86 6.97 43.60
C ALA D 494 -45.76 5.56 43.02
N GLY D 495 -46.75 4.72 43.33
CA GLY D 495 -46.73 3.34 42.88
C GLY D 495 -47.47 3.10 41.57
N VAL D 496 -48.40 3.98 41.24
CA VAL D 496 -49.28 3.75 40.10
C VAL D 496 -49.00 4.65 38.90
N SER D 497 -48.09 5.61 39.07
CA SER D 497 -47.80 6.58 38.00
C SER D 497 -47.12 5.94 36.80
N TRP D 498 -46.08 5.15 37.05
CA TRP D 498 -45.31 4.54 35.97
C TRP D 498 -45.73 3.09 35.70
N ASN D 499 -45.87 2.76 34.42
CA ASN D 499 -46.17 1.40 34.00
C ASN D 499 -44.87 0.64 33.76
N PHE D 500 -44.41 -0.07 34.79
CA PHE D 500 -43.11 -0.75 34.74
C PHE D 500 -43.08 -1.87 33.71
N LYS D 501 -44.20 -2.54 33.51
CA LYS D 501 -44.28 -3.61 32.54
C LYS D 501 -44.12 -3.09 31.11
N ALA D 502 -44.79 -1.96 30.82
CA ALA D 502 -44.82 -1.42 29.46
C ALA D 502 -43.78 -0.32 29.24
N ARG D 503 -43.05 0.03 30.29
CA ARG D 503 -41.99 1.03 30.21
C ARG D 503 -42.47 2.41 29.76
N LYS D 504 -43.57 2.88 30.33
CA LYS D 504 -44.12 4.19 29.95
C LYS D 504 -45.07 4.72 31.04
N PRO D 505 -45.36 6.03 31.02
CA PRO D 505 -46.29 6.57 32.02
C PRO D 505 -47.72 6.08 31.82
N LYS D 506 -48.57 6.32 32.81
CA LYS D 506 -50.00 6.04 32.69
C LYS D 506 -50.78 7.34 32.53
N GLY D 507 -50.16 8.44 32.96
CA GLY D 507 -50.86 9.71 33.03
C GLY D 507 -51.96 9.62 34.08
N PHE D 508 -51.68 8.88 35.15
CA PHE D 508 -52.65 8.61 36.20
C PHE D 508 -53.15 9.88 36.87
N GLY D 509 -54.47 10.01 36.97
CA GLY D 509 -55.05 11.09 37.75
C GLY D 509 -55.75 12.18 36.96
N VAL D 510 -55.45 12.27 35.67
CA VAL D 510 -56.08 13.28 34.82
C VAL D 510 -57.60 13.10 34.83
N ARG D 511 -58.04 11.87 34.56
CA ARG D 511 -59.45 11.54 34.50
C ARG D 511 -60.09 11.60 35.89
N LEU D 512 -59.36 11.10 36.89
CA LEU D 512 -59.79 11.17 38.28
C LEU D 512 -60.13 12.60 38.70
N LEU D 513 -59.13 13.48 38.57
CA LEU D 513 -59.28 14.87 38.96
C LEU D 513 -60.35 15.59 38.13
N THR D 514 -60.51 15.19 36.87
CA THR D 514 -61.49 15.82 35.98
C THR D 514 -62.90 15.36 36.33
N GLU D 515 -63.05 14.09 36.67
CA GLU D 515 -64.35 13.59 37.12
C GLU D 515 -64.73 14.24 38.44
N PHE D 516 -63.73 14.52 39.26
CA PHE D 516 -63.95 15.17 40.55
C PHE D 516 -64.52 16.57 40.40
N VAL D 517 -63.98 17.34 39.47
CA VAL D 517 -64.41 18.71 39.29
C VAL D 517 -65.73 18.79 38.51
N LEU D 518 -65.96 17.82 37.64
CA LEU D 518 -67.14 17.82 36.77
C LEU D 518 -68.40 17.34 37.48
N ASN D 519 -68.28 16.27 38.26
CA ASN D 519 -69.44 15.62 38.86
C ASN D 519 -69.73 16.07 40.30
N ASP D 520 -69.06 17.13 40.73
CA ASP D 520 -69.26 17.66 42.07
C ASP D 520 -69.65 19.14 42.02
N SER E 3 -16.14 37.65 55.71
CA SER E 3 -16.98 38.33 56.68
C SER E 3 -18.45 38.26 56.30
N GLU E 4 -18.75 38.55 55.02
CA GLU E 4 -20.12 38.49 54.52
C GLU E 4 -20.48 37.09 54.06
N VAL E 5 -21.57 36.55 54.59
CA VAL E 5 -21.98 35.18 54.29
C VAL E 5 -22.73 35.09 52.97
N PRO E 6 -22.20 34.31 52.02
CA PRO E 6 -22.83 34.10 50.70
C PRO E 6 -24.17 33.38 50.81
N GLN E 7 -25.09 33.71 49.90
CA GLN E 7 -26.40 33.08 49.89
C GLN E 7 -26.76 32.56 48.50
N VAL E 8 -27.58 31.51 48.45
CA VAL E 8 -28.14 31.04 47.20
C VAL E 8 -29.47 31.74 46.95
N VAL E 9 -30.26 31.86 48.01
CA VAL E 9 -31.51 32.62 47.97
C VAL E 9 -31.54 33.59 49.14
N SER E 10 -32.42 34.59 49.07
CA SER E 10 -32.48 35.64 50.07
C SER E 10 -32.97 35.14 51.43
N LEU E 11 -33.55 33.94 51.43
CA LEU E 11 -34.09 33.37 52.67
C LEU E 11 -33.03 32.59 53.44
N ASP E 12 -31.85 32.44 52.86
CA ASP E 12 -30.74 31.77 53.53
C ASP E 12 -30.21 32.62 54.68
N PRO E 13 -30.01 32.01 55.85
CA PRO E 13 -29.52 32.72 57.05
C PRO E 13 -28.11 33.27 56.84
N THR E 14 -27.79 34.38 57.50
CA THR E 14 -26.50 35.01 57.33
C THR E 14 -25.71 35.13 58.63
N SER E 15 -26.22 34.49 59.68
CA SER E 15 -25.53 34.46 60.97
C SER E 15 -26.12 33.39 61.89
N ILE E 16 -25.31 32.91 62.83
CA ILE E 16 -25.77 31.95 63.83
C ILE E 16 -26.42 32.69 65.00
N PRO E 17 -27.72 32.43 65.23
CA PRO E 17 -28.35 33.00 66.43
C PRO E 17 -27.70 32.44 67.70
N ILE E 18 -27.29 33.32 68.60
CA ILE E 18 -26.70 32.91 69.86
C ILE E 18 -27.41 33.59 71.03
N GLU E 19 -27.72 32.81 72.06
CA GLU E 19 -28.27 33.35 73.29
C GLU E 19 -27.18 33.41 74.35
N TYR E 20 -26.80 34.62 74.76
CA TYR E 20 -25.75 34.78 75.76
C TYR E 20 -26.35 34.87 77.17
N ASN E 21 -27.30 35.77 77.35
CA ASN E 21 -27.98 35.89 78.64
C ASN E 21 -29.11 34.86 78.76
N THR E 22 -28.82 33.75 79.43
CA THR E 22 -29.77 32.68 79.64
C THR E 22 -30.47 32.83 81.00
N PRO E 23 -31.67 32.25 81.14
CA PRO E 23 -32.39 32.32 82.43
C PRO E 23 -31.60 31.69 83.58
N ILE E 24 -30.70 30.77 83.26
CA ILE E 24 -29.84 30.15 84.26
C ILE E 24 -29.03 31.21 85.01
N HIS E 25 -28.61 32.24 84.28
CA HIS E 25 -27.85 33.34 84.87
C HIS E 25 -28.69 34.17 85.83
N ASP E 26 -30.00 33.99 85.80
CA ASP E 26 -30.89 34.72 86.69
C ASP E 26 -31.25 33.93 87.95
N ILE E 27 -30.57 32.79 88.15
CA ILE E 27 -30.86 31.95 89.30
C ILE E 27 -29.96 32.28 90.48
N LYS E 28 -30.57 32.73 91.56
CA LYS E 28 -29.84 33.06 92.79
C LYS E 28 -29.60 31.79 93.62
N VAL E 29 -28.33 31.40 93.73
CA VAL E 29 -27.99 30.16 94.42
C VAL E 29 -27.39 30.40 95.81
N GLN E 30 -28.08 29.88 96.82
CA GLN E 30 -27.57 29.92 98.18
C GLN E 30 -27.28 28.49 98.67
N VAL E 31 -26.19 28.32 99.40
CA VAL E 31 -25.79 27.01 99.89
C VAL E 31 -25.68 26.99 101.41
N TYR E 32 -26.51 26.17 102.06
CA TYR E 32 -26.51 26.08 103.52
C TYR E 32 -25.94 24.75 103.99
N ASP E 33 -25.51 24.71 105.26
CA ASP E 33 -25.08 23.48 105.88
C ASP E 33 -26.28 22.76 106.47
N ILE E 34 -26.34 21.43 106.30
CA ILE E 34 -27.45 20.63 106.79
C ILE E 34 -27.60 20.76 108.31
N LYS E 35 -26.47 20.77 109.00
CA LYS E 35 -26.46 20.98 110.45
C LYS E 35 -27.21 22.25 110.80
N GLY E 36 -28.19 22.12 111.69
CA GLY E 36 -29.08 23.22 112.03
C GLY E 36 -30.47 22.96 111.48
N GLY E 37 -30.59 21.94 110.64
CA GLY E 37 -31.86 21.54 110.08
C GLY E 37 -32.20 22.28 108.80
N CYS E 38 -33.21 21.80 108.09
CA CYS E 38 -33.62 22.40 106.82
C CYS E 38 -34.95 23.12 106.97
N ASN E 39 -35.07 24.28 106.32
CA ASN E 39 -36.33 25.00 106.28
C ASN E 39 -37.09 24.73 104.98
N VAL E 40 -38.38 24.48 105.11
CA VAL E 40 -39.26 24.27 103.96
C VAL E 40 -40.38 25.30 103.98
N GLU E 41 -40.35 26.23 103.02
CA GLU E 41 -41.32 27.31 103.01
C GLU E 41 -41.90 27.60 101.63
N GLU E 42 -41.08 27.50 100.59
CA GLU E 42 -41.54 27.77 99.24
C GLU E 42 -41.02 26.75 98.23
N GLY E 43 -41.73 26.63 97.11
CA GLY E 43 -41.29 25.81 95.99
C GLY E 43 -41.09 24.34 96.28
N LEU E 44 -40.19 23.72 95.51
CA LEU E 44 -39.94 22.29 95.61
C LEU E 44 -38.69 22.00 96.42
N THR E 45 -38.78 21.00 97.29
CA THR E 45 -37.63 20.54 98.06
C THR E 45 -37.38 19.07 97.80
N ILE E 46 -36.23 18.76 97.23
CA ILE E 46 -35.90 17.39 96.87
C ILE E 46 -34.72 16.87 97.69
N PHE E 47 -34.91 15.70 98.29
CA PHE E 47 -33.83 15.04 99.02
C PHE E 47 -33.14 14.02 98.13
N LEU E 48 -31.82 14.09 98.06
CA LEU E 48 -31.04 13.10 97.33
C LEU E 48 -30.66 11.98 98.29
N VAL E 49 -31.33 10.83 98.13
CA VAL E 49 -31.24 9.75 99.10
C VAL E 49 -30.74 8.44 98.48
N ASN E 50 -29.90 7.72 99.23
CA ASN E 50 -29.46 6.39 98.83
C ASN E 50 -29.76 5.35 99.90
N ASN E 51 -29.35 4.11 99.67
CA ASN E 51 -29.47 3.05 100.67
C ASN E 51 -28.33 2.06 100.52
N PRO E 52 -27.16 2.39 101.08
CA PRO E 52 -25.97 1.52 100.99
C PRO E 52 -26.16 0.20 101.74
N LYS E 54 -30.64 -2.59 101.16
CA LYS E 54 -29.58 -2.31 100.20
C LYS E 54 -30.14 -1.97 98.82
N GLU E 55 -29.89 -2.84 97.85
CA GLU E 55 -30.34 -2.63 96.47
C GLU E 55 -31.85 -2.46 96.38
N ASN E 56 -32.28 -1.37 95.76
CA ASN E 56 -33.70 -0.99 95.70
C ASN E 56 -34.31 -0.86 97.09
N GLY E 57 -33.48 -0.50 98.06
CA GLY E 57 -33.91 -0.38 99.44
C GLY E 57 -34.86 0.77 99.65
N PRO E 58 -35.49 0.82 100.83
CA PRO E 58 -36.49 1.83 101.19
C PRO E 58 -35.88 3.23 101.32
N VAL E 59 -36.71 4.25 101.15
CA VAL E 59 -36.27 5.64 101.32
C VAL E 59 -36.33 6.05 102.79
N LYS E 60 -35.24 6.63 103.28
CA LYS E 60 -35.20 7.11 104.66
C LYS E 60 -34.56 8.50 104.71
N ILE E 61 -35.26 9.45 105.33
CA ILE E 61 -34.78 10.82 105.42
C ILE E 61 -34.11 11.08 106.78
N SER E 62 -32.83 11.39 106.74
CA SER E 62 -32.04 11.56 107.97
C SER E 62 -32.06 12.99 108.48
N SER E 63 -32.33 13.94 107.59
CA SER E 63 -32.17 15.35 107.91
C SER E 63 -33.35 15.93 108.68
N LYS E 64 -33.04 16.80 109.64
CA LYS E 64 -34.05 17.49 110.44
C LYS E 64 -34.73 18.59 109.64
N VAL E 65 -36.06 18.59 109.63
CA VAL E 65 -36.81 19.61 108.93
C VAL E 65 -37.54 20.52 109.90
N ASN E 66 -37.18 21.80 109.88
CA ASN E 66 -37.75 22.78 110.79
C ASN E 66 -39.18 23.16 110.42
N ASP E 67 -39.99 22.14 110.16
CA ASP E 67 -41.40 22.31 109.82
C ASP E 67 -42.11 21.02 110.21
N LYS E 68 -43.12 21.15 111.07
CA LYS E 68 -43.78 19.98 111.65
C LYS E 68 -44.55 19.16 110.60
N GLN E 69 -45.28 19.85 109.72
CA GLN E 69 -46.06 19.18 108.69
C GLN E 69 -45.18 18.33 107.75
N VAL E 70 -44.13 18.95 107.22
CA VAL E 70 -43.21 18.25 106.33
C VAL E 70 -42.49 17.11 107.05
N SER E 71 -42.13 17.34 108.30
CA SER E 71 -41.51 16.30 109.13
C SER E 71 -42.40 15.07 109.24
N GLU E 72 -43.70 15.31 109.42
CA GLU E 72 -44.68 14.23 109.49
C GLU E 72 -44.74 13.46 108.18
N PHE E 73 -44.69 14.19 107.07
CA PHE E 73 -44.68 13.59 105.74
C PHE E 73 -43.41 12.76 105.53
N LEU E 74 -42.32 13.18 106.16
CA LEU E 74 -41.01 12.57 105.90
C LEU E 74 -40.66 11.46 106.88
N LYS E 75 -41.57 11.15 107.80
CA LYS E 75 -41.32 10.08 108.77
C LYS E 75 -41.13 8.75 108.05
N ASP E 76 -40.39 7.84 108.68
CA ASP E 76 -39.97 6.60 108.04
C ASP E 76 -41.13 5.76 107.51
N GLU E 77 -42.25 5.78 108.22
CA GLU E 77 -43.41 4.98 107.82
C GLU E 77 -43.96 5.45 106.47
N ASN E 78 -43.82 6.74 106.18
CA ASN E 78 -44.26 7.29 104.91
C ASN E 78 -43.27 7.06 103.79
N MET E 79 -41.98 7.19 104.11
CA MET E 79 -40.93 7.16 103.10
C MET E 79 -40.49 5.74 102.75
N GLU E 80 -40.82 4.78 103.61
CA GLU E 80 -40.45 3.39 103.35
C GLU E 80 -41.34 2.79 102.27
N LYS E 81 -42.38 3.54 101.88
CA LYS E 81 -43.26 3.13 100.79
C LYS E 81 -42.58 3.35 99.45
N PHE E 82 -41.48 4.08 99.47
CA PHE E 82 -40.73 4.38 98.25
C PHE E 82 -39.35 3.73 98.32
N ASN E 83 -38.68 3.63 97.17
CA ASN E 83 -37.37 2.99 97.12
C ASN E 83 -36.32 3.86 96.44
N VAL E 84 -35.05 3.47 96.58
CA VAL E 84 -33.94 4.30 96.14
C VAL E 84 -33.34 3.89 94.80
N LYS E 85 -34.09 3.11 94.02
CA LYS E 85 -33.61 2.71 92.69
C LYS E 85 -33.15 3.94 91.91
N LEU E 86 -31.89 3.90 91.48
CA LEU E 86 -31.19 5.03 90.91
C LEU E 86 -32.01 5.79 89.85
N GLY E 87 -32.51 6.96 90.24
CA GLY E 87 -33.25 7.81 89.31
C GLY E 87 -34.73 7.88 89.57
N THR E 88 -35.23 7.01 90.44
CA THR E 88 -36.66 7.02 90.80
C THR E 88 -36.97 8.23 91.67
N SER E 89 -38.10 8.89 91.38
CA SER E 89 -38.48 10.06 92.15
C SER E 89 -39.99 10.11 92.39
N LYS E 90 -40.35 10.67 93.55
CA LYS E 90 -41.72 10.99 93.87
C LYS E 90 -41.73 12.40 94.46
N HIS E 91 -42.79 13.15 94.22
CA HIS E 91 -42.94 14.42 94.93
C HIS E 91 -44.42 14.76 95.15
N PHE E 92 -44.70 15.34 96.30
CA PHE E 92 -46.06 15.60 96.74
C PHE E 92 -46.27 17.08 97.03
N TYR E 93 -47.48 17.56 96.76
CA TYR E 93 -47.86 18.91 97.16
C TYR E 93 -48.61 18.87 98.49
N MET E 94 -48.27 19.80 99.38
CA MET E 94 -48.82 19.84 100.72
C MET E 94 -48.65 21.22 101.34
N PHE E 95 -49.41 21.48 102.40
CA PHE E 95 -49.27 22.73 103.13
C PHE E 95 -48.29 22.57 104.28
N ASN E 96 -47.51 23.62 104.55
CA ASN E 96 -46.58 23.61 105.67
C ASN E 96 -47.22 24.26 106.91
N ASP E 97 -46.42 24.46 107.95
CA ASP E 97 -46.89 25.05 109.19
C ASP E 97 -47.55 26.41 108.96
N ASN E 98 -47.10 27.10 107.91
CA ASN E 98 -47.60 28.43 107.61
C ASN E 98 -48.80 28.40 106.67
N LYS E 99 -49.32 27.20 106.43
CA LYS E 99 -50.44 26.98 105.51
C LYS E 99 -50.11 27.45 104.10
N ASN E 100 -48.82 27.44 103.77
CA ASN E 100 -48.35 27.81 102.44
C ASN E 100 -48.04 26.57 101.61
N SER E 101 -48.40 26.61 100.34
CA SER E 101 -48.21 25.46 99.47
C SER E 101 -46.73 25.17 99.18
N VAL E 102 -46.32 23.95 99.46
CA VAL E 102 -44.97 23.51 99.18
C VAL E 102 -44.98 22.14 98.51
N ALA E 103 -43.87 21.79 97.88
CA ALA E 103 -43.73 20.48 97.27
C ALA E 103 -42.48 19.78 97.81
N VAL E 104 -42.64 18.55 98.27
CA VAL E 104 -41.53 17.79 98.82
C VAL E 104 -41.42 16.44 98.13
N GLY E 105 -40.19 16.00 97.91
CA GLY E 105 -39.95 14.71 97.28
C GLY E 105 -38.49 14.31 97.36
N TYR E 106 -38.14 13.27 96.61
CA TYR E 106 -36.78 12.76 96.63
C TYR E 106 -36.34 12.29 95.25
N VAL E 107 -35.03 12.14 95.07
CA VAL E 107 -34.49 11.40 93.93
C VAL E 107 -33.64 10.25 94.47
N GLY E 108 -33.98 9.03 94.06
CA GLY E 108 -33.23 7.86 94.49
C GLY E 108 -31.83 7.87 93.91
N CYS E 109 -30.83 7.60 94.75
CA CYS E 109 -29.45 7.60 94.31
C CYS E 109 -28.82 6.21 94.42
N GLY E 110 -29.64 5.17 94.28
CA GLY E 110 -29.15 3.81 94.27
C GLY E 110 -28.63 3.31 95.60
N SER E 111 -27.76 2.31 95.54
CA SER E 111 -27.25 1.65 96.74
C SER E 111 -25.73 1.76 96.88
N VAL E 112 -25.08 2.34 95.87
CA VAL E 112 -23.63 2.52 95.92
C VAL E 112 -23.29 3.89 96.52
N ALA E 113 -22.31 3.90 97.42
CA ALA E 113 -21.97 5.10 98.18
C ALA E 113 -21.37 6.20 97.31
N ASP E 114 -20.47 5.84 96.40
CA ASP E 114 -19.80 6.82 95.56
C ASP E 114 -20.41 6.88 94.16
N LEU E 115 -21.16 7.95 93.90
CA LEU E 115 -21.81 8.12 92.61
C LEU E 115 -20.83 8.49 91.51
N SER E 116 -20.96 7.83 90.36
CA SER E 116 -20.14 8.13 89.20
C SER E 116 -20.76 9.29 88.42
N GLU E 117 -20.01 9.82 87.46
CA GLU E 117 -20.50 10.91 86.63
C GLU E 117 -21.75 10.49 85.86
N ALA E 118 -21.81 9.23 85.45
CA ALA E 118 -22.96 8.69 84.75
C ALA E 118 -24.16 8.58 85.69
N ASP E 119 -23.90 8.13 86.92
CA ASP E 119 -24.94 8.01 87.94
C ASP E 119 -25.53 9.37 88.30
N MET E 120 -24.66 10.36 88.50
CA MET E 120 -25.10 11.70 88.88
C MET E 120 -25.95 12.35 87.80
N LYS E 121 -25.68 12.00 86.55
CA LYS E 121 -26.44 12.55 85.43
C LYS E 121 -27.86 12.01 85.41
N ARG E 122 -28.02 10.73 85.74
CA ARG E 122 -29.35 10.12 85.80
C ARG E 122 -30.16 10.74 86.93
N VAL E 123 -29.49 11.11 88.01
CA VAL E 123 -30.14 11.76 89.14
C VAL E 123 -30.62 13.15 88.73
N VAL E 124 -29.75 13.90 88.06
CA VAL E 124 -30.07 15.25 87.61
C VAL E 124 -31.21 15.24 86.59
N LEU E 125 -31.21 14.24 85.70
CA LEU E 125 -32.25 14.11 84.69
C LEU E 125 -33.62 13.86 85.33
N SER E 126 -33.62 13.15 86.45
CA SER E 126 -34.85 12.93 87.20
C SER E 126 -35.26 14.22 87.90
N LEU E 127 -34.28 14.99 88.34
CA LEU E 127 -34.50 16.27 88.99
C LEU E 127 -35.06 17.30 88.02
N VAL E 128 -34.51 17.32 86.80
CA VAL E 128 -34.90 18.27 85.78
C VAL E 128 -36.30 17.95 85.24
N THR E 129 -36.66 16.67 85.24
CA THR E 129 -38.00 16.25 84.84
C THR E 129 -39.05 16.93 85.70
N MET E 130 -38.82 16.95 87.01
CA MET E 130 -39.72 17.62 87.93
C MET E 130 -39.72 19.13 87.72
N LEU E 131 -38.58 19.67 87.32
CA LEU E 131 -38.46 21.10 87.08
C LEU E 131 -39.25 21.55 85.85
N HIS E 132 -39.26 20.71 84.82
CA HIS E 132 -39.87 21.08 83.54
C HIS E 132 -41.40 21.06 83.55
N ASP E 133 -42.01 20.31 84.48
CA ASP E 133 -43.46 20.21 84.50
C ASP E 133 -44.08 20.76 85.79
N ASN E 134 -43.31 21.54 86.53
CA ASN E 134 -43.83 22.27 87.69
C ASN E 134 -43.44 23.74 87.57
N LYS E 135 -44.38 24.63 87.86
CA LYS E 135 -44.16 26.07 87.68
C LYS E 135 -43.47 26.71 88.87
N LEU E 136 -42.40 26.05 89.33
CA LEU E 136 -41.74 26.41 90.58
C LEU E 136 -41.00 27.75 90.54
N SER E 137 -40.99 28.43 91.68
CA SER E 137 -40.21 29.64 91.85
C SER E 137 -38.85 29.32 92.45
N LYS E 138 -38.75 28.16 93.08
CA LYS E 138 -37.57 27.80 93.84
C LYS E 138 -37.39 26.30 93.98
N LEU E 139 -36.19 25.83 93.63
CA LEU E 139 -35.83 24.44 93.90
C LEU E 139 -34.85 24.41 95.06
N THR E 140 -35.07 23.47 95.97
CA THR E 140 -34.13 23.25 97.07
C THR E 140 -33.67 21.80 97.03
N VAL E 141 -32.36 21.59 97.00
CA VAL E 141 -31.82 20.25 96.96
C VAL E 141 -31.07 19.94 98.25
N VAL E 142 -31.49 18.90 98.95
CA VAL E 142 -30.83 18.45 100.16
C VAL E 142 -29.96 17.24 99.89
N PHE E 143 -28.66 17.39 100.08
CA PHE E 143 -27.71 16.32 99.82
C PHE E 143 -27.54 15.39 101.01
N GLU E 144 -28.20 14.24 100.95
CA GLU E 144 -28.02 13.21 101.97
C GLU E 144 -27.12 12.10 101.43
N ILE E 145 -26.31 12.46 100.45
CA ILE E 145 -25.32 11.56 99.88
C ILE E 145 -23.95 12.22 99.96
N ASN E 146 -22.90 11.48 99.65
CA ASN E 146 -21.56 12.05 99.69
C ASN E 146 -21.03 12.39 98.31
N VAL E 147 -20.68 13.67 98.14
CA VAL E 147 -20.07 14.13 96.90
C VAL E 147 -18.87 15.03 97.20
N ASP E 148 -17.80 14.87 96.44
CA ASP E 148 -16.64 15.73 96.58
C ASP E 148 -16.93 17.09 95.95
N LYS E 149 -15.97 17.99 96.01
CA LYS E 149 -16.13 19.33 95.43
C LYS E 149 -16.37 19.25 93.94
N ASN E 150 -15.59 18.41 93.25
CA ASN E 150 -15.70 18.26 91.81
C ASN E 150 -17.06 17.71 91.38
N LEU E 151 -17.53 16.69 92.07
CA LEU E 151 -18.81 16.09 91.72
C LEU E 151 -19.96 17.04 92.03
N PHE E 152 -19.77 17.88 93.05
CA PHE E 152 -20.77 18.89 93.37
C PHE E 152 -20.87 19.93 92.27
N ARG E 153 -19.72 20.45 91.84
CA ARG E 153 -19.71 21.43 90.75
C ARG E 153 -20.29 20.80 89.49
N PHE E 154 -19.94 19.54 89.26
CA PHE E 154 -20.45 18.79 88.11
C PHE E 154 -21.97 18.64 88.17
N PHE E 155 -22.50 18.49 89.38
CA PHE E 155 -23.94 18.41 89.60
C PHE E 155 -24.62 19.71 89.16
N LEU E 156 -24.01 20.84 89.53
CA LEU E 156 -24.56 22.15 89.20
C LEU E 156 -24.49 22.44 87.71
N GLU E 157 -23.36 22.12 87.09
CA GLU E 157 -23.17 22.32 85.65
C GLU E 157 -24.19 21.52 84.86
N THR E 158 -24.30 20.24 85.19
CA THR E 158 -25.23 19.34 84.51
C THR E 158 -26.67 19.74 84.77
N LEU E 159 -26.96 20.19 85.98
CA LEU E 159 -28.30 20.67 86.31
C LEU E 159 -28.66 21.87 85.44
N PHE E 160 -27.74 22.83 85.36
CA PHE E 160 -27.94 24.03 84.56
C PHE E 160 -28.08 23.71 83.08
N TYR E 161 -27.27 22.78 82.59
CA TYR E 161 -27.24 22.46 81.16
C TYR E 161 -28.50 21.72 80.70
N GLU E 162 -28.95 20.77 81.49
CA GLU E 162 -30.13 19.98 81.14
C GLU E 162 -31.42 20.80 81.31
N TYR E 163 -31.41 21.70 82.29
CA TYR E 163 -32.56 22.55 82.57
C TYR E 163 -32.82 23.50 81.41
N MET E 164 -31.74 24.04 80.84
CA MET E 164 -31.82 25.01 79.76
C MET E 164 -32.38 24.41 78.46
N THR E 165 -33.33 25.11 77.85
CA THR E 165 -33.92 24.66 76.60
C THR E 165 -33.55 25.58 75.43
N ASP E 166 -32.94 25.00 74.40
CA ASP E 166 -32.59 25.74 73.19
C ASP E 166 -33.81 25.90 72.30
N GLU E 167 -34.21 27.15 72.04
CA GLU E 167 -35.42 27.41 71.26
C GLU E 167 -35.20 28.44 70.16
N ARG E 168 -33.94 28.63 69.77
CA ARG E 168 -33.57 29.63 68.76
C ARG E 168 -34.25 29.39 67.41
N PHE E 169 -34.63 28.15 67.15
CA PHE E 169 -35.19 27.77 65.86
C PHE E 169 -36.67 27.41 65.97
N LYS E 170 -37.25 27.73 67.12
CA LYS E 170 -38.70 27.58 67.31
C LYS E 170 -39.39 28.84 66.82
N SER E 171 -40.52 28.67 66.12
CA SER E 171 -41.24 29.82 65.58
C SER E 171 -42.70 29.81 66.01
N THR E 172 -43.50 28.97 65.36
CA THR E 172 -44.91 28.84 65.71
C THR E 172 -45.10 27.95 66.94
N GLU E 179 -40.98 29.66 82.24
CA GLU E 179 -41.00 30.08 83.64
C GLU E 179 -39.99 29.30 84.47
N TYR E 180 -38.73 29.68 84.37
CA TYR E 180 -37.67 29.04 85.14
C TYR E 180 -37.69 29.50 86.60
N ILE E 181 -37.09 28.69 87.47
CA ILE E 181 -36.96 29.05 88.88
C ILE E 181 -36.04 30.25 89.02
N LYS E 182 -36.21 31.01 90.10
CA LYS E 182 -35.39 32.18 90.34
C LYS E 182 -34.43 31.95 91.51
N HIS E 183 -34.68 30.89 92.26
CA HIS E 183 -33.88 30.60 93.45
C HIS E 183 -33.50 29.12 93.51
N LEU E 184 -32.22 28.85 93.77
CA LEU E 184 -31.75 27.49 93.98
C LEU E 184 -31.10 27.36 95.36
N GLY E 185 -31.64 26.46 96.18
CA GLY E 185 -31.13 26.25 97.52
C GLY E 185 -30.41 24.93 97.66
N VAL E 186 -29.32 24.92 98.41
CA VAL E 186 -28.54 23.70 98.61
C VAL E 186 -28.22 23.45 100.09
N TYR E 187 -28.76 22.37 100.63
CA TYR E 187 -28.35 21.90 101.95
C TYR E 187 -27.35 20.77 101.78
N ILE E 188 -26.15 20.99 102.31
CA ILE E 188 -25.06 20.03 102.16
C ILE E 188 -24.12 20.14 103.36
N ASN E 189 -23.55 19.02 103.78
CA ASN E 189 -22.58 19.03 104.86
C ASN E 189 -21.31 19.74 104.43
N ASN E 190 -20.74 20.55 105.32
CA ASN E 190 -19.56 21.37 105.02
C ASN E 190 -19.80 22.34 103.87
N ALA E 191 -20.95 23.02 103.92
CA ALA E 191 -21.39 23.90 102.86
C ALA E 191 -20.36 24.95 102.44
N ASP E 192 -19.56 25.41 103.40
CA ASP E 192 -18.59 26.48 103.16
C ASP E 192 -17.57 26.11 102.08
N THR E 193 -17.08 24.87 102.11
CA THR E 193 -16.08 24.44 101.15
C THR E 193 -16.63 24.30 99.74
N TYR E 194 -17.96 24.25 99.62
CA TYR E 194 -18.61 24.02 98.34
C TYR E 194 -19.06 25.30 97.64
N LYS E 195 -19.16 26.39 98.39
CA LYS E 195 -19.69 27.64 97.86
C LYS E 195 -18.88 28.19 96.68
N GLU E 196 -17.57 28.00 96.72
CA GLU E 196 -16.70 28.55 95.69
C GLU E 196 -16.86 27.84 94.34
N GLU E 197 -17.48 26.65 94.38
CA GLU E 197 -17.71 25.88 93.16
C GLU E 197 -18.92 26.40 92.39
N VAL E 198 -19.76 27.18 93.06
CA VAL E 198 -21.03 27.63 92.49
C VAL E 198 -20.84 28.49 91.25
N GLU E 199 -20.10 29.58 91.37
CA GLU E 199 -19.89 30.48 90.24
C GLU E 199 -19.04 29.85 89.15
N LYS E 200 -18.13 28.97 89.55
CA LYS E 200 -17.31 28.23 88.59
C LYS E 200 -18.21 27.32 87.75
N ALA E 201 -19.23 26.78 88.39
CA ALA E 201 -20.20 25.92 87.70
C ALA E 201 -20.96 26.71 86.65
N ARG E 202 -21.35 27.93 87.00
CA ARG E 202 -22.11 28.80 86.09
C ARG E 202 -21.28 29.11 84.85
N VAL E 203 -19.99 29.35 85.03
CA VAL E 203 -19.09 29.62 83.91
C VAL E 203 -18.92 28.39 83.04
N TYR E 204 -18.65 27.25 83.67
CA TYR E 204 -18.46 26.00 82.95
C TYR E 204 -19.73 25.60 82.21
N TYR E 205 -20.89 25.92 82.80
CA TYR E 205 -22.16 25.62 82.18
C TYR E 205 -22.32 26.35 80.85
N PHE E 206 -22.08 27.66 80.85
CA PHE E 206 -22.30 28.42 79.62
C PHE E 206 -21.28 28.06 78.55
N GLY E 207 -20.04 27.82 78.96
CA GLY E 207 -19.01 27.39 78.03
C GLY E 207 -19.45 26.15 77.31
N THR E 208 -20.06 25.23 78.08
CA THR E 208 -20.63 24.02 77.53
C THR E 208 -21.87 24.32 76.70
N TYR E 209 -22.71 25.23 77.19
CA TYR E 209 -23.94 25.58 76.49
C TYR E 209 -23.66 26.38 75.23
N TYR E 210 -22.69 27.28 75.29
CA TYR E 210 -22.27 28.03 74.11
C TYR E 210 -21.83 27.07 73.01
N ALA E 211 -21.00 26.10 73.38
CA ALA E 211 -20.53 25.09 72.45
C ALA E 211 -21.70 24.32 71.86
N SER E 212 -22.60 23.85 72.72
CA SER E 212 -23.77 23.10 72.28
C SER E 212 -24.63 23.90 71.30
N GLN E 213 -24.69 25.22 71.51
CA GLN E 213 -25.44 26.09 70.63
C GLN E 213 -24.85 26.08 69.22
N LEU E 214 -23.53 25.98 69.12
CA LEU E 214 -22.86 25.96 67.83
C LEU E 214 -23.05 24.61 67.12
N ILE E 215 -22.99 23.53 67.88
CA ILE E 215 -23.13 22.18 67.33
C ILE E 215 -24.56 21.92 66.85
N ALA E 216 -25.53 22.35 67.65
CA ALA E 216 -26.94 22.12 67.35
C ALA E 216 -27.40 22.96 66.16
N ALA E 217 -26.74 24.10 65.96
CA ALA E 217 -27.06 24.97 64.84
C ALA E 217 -26.83 24.26 63.52
N PRO E 218 -27.87 24.17 62.69
CA PRO E 218 -27.82 23.48 61.39
C PRO E 218 -26.75 24.03 60.46
N SER E 219 -26.42 23.27 59.43
CA SER E 219 -25.29 23.61 58.55
C SER E 219 -25.58 24.81 57.65
N ASN E 220 -26.84 25.20 57.53
CA ASN E 220 -27.18 26.40 56.76
C ASN E 220 -27.07 27.65 57.62
N TYR E 221 -27.16 27.47 58.93
CA TYR E 221 -26.92 28.56 59.88
C TYR E 221 -25.44 28.61 60.23
N CYS E 222 -24.89 27.46 60.61
CA CYS E 222 -23.48 27.35 60.94
C CYS E 222 -22.66 26.90 59.73
N ASN E 223 -22.05 27.87 59.06
CA ASN E 223 -21.16 27.60 57.93
C ASN E 223 -19.78 28.19 58.24
N PRO E 224 -18.75 27.85 57.44
CA PRO E 224 -17.40 28.37 57.70
C PRO E 224 -17.33 29.88 57.99
N VAL E 225 -18.10 30.66 57.25
CA VAL E 225 -18.05 32.12 57.40
C VAL E 225 -18.71 32.58 58.69
N SER E 226 -19.96 32.18 58.90
CA SER E 226 -20.72 32.61 60.07
C SER E 226 -20.12 32.09 61.38
N LEU E 227 -19.54 30.89 61.33
CA LEU E 227 -18.90 30.31 62.51
C LEU E 227 -17.67 31.12 62.92
N SER E 228 -16.88 31.52 61.94
CA SER E 228 -15.72 32.35 62.21
C SER E 228 -16.15 33.73 62.67
N ASN E 229 -17.22 34.24 62.09
CA ASN E 229 -17.81 35.51 62.51
C ASN E 229 -18.22 35.45 63.98
N ALA E 230 -18.78 34.31 64.37
CA ALA E 230 -19.18 34.09 65.75
C ALA E 230 -17.97 34.14 66.68
N ALA E 231 -16.88 33.50 66.25
CA ALA E 231 -15.64 33.46 67.03
C ALA E 231 -15.09 34.85 67.28
N VAL E 232 -15.23 35.73 66.29
CA VAL E 232 -14.77 37.10 66.44
C VAL E 232 -15.63 37.85 67.45
N GLU E 233 -16.94 37.72 67.31
CA GLU E 233 -17.89 38.33 68.24
C GLU E 233 -17.59 37.92 69.68
N LEU E 234 -17.36 36.63 69.88
CA LEU E 234 -17.00 36.10 71.19
C LEU E 234 -15.66 36.66 71.66
N ALA E 235 -14.68 36.68 70.76
CA ALA E 235 -13.35 37.18 71.07
C ALA E 235 -13.36 38.64 71.50
N GLN E 236 -14.30 39.40 70.95
CA GLN E 236 -14.42 40.82 71.26
C GLN E 236 -15.07 41.05 72.63
N LYS E 237 -16.05 40.21 72.96
CA LYS E 237 -16.72 40.31 74.25
C LYS E 237 -15.79 39.93 75.39
N LEU E 238 -14.81 39.10 75.10
CA LEU E 238 -13.89 38.59 76.11
C LEU E 238 -12.53 39.29 76.07
N ASN E 239 -12.39 40.23 75.14
CA ASN E 239 -11.14 40.96 74.93
C ASN E 239 -9.97 40.03 74.64
N LEU E 240 -10.24 38.97 73.90
CA LEU E 240 -9.18 38.13 73.36
C LEU E 240 -8.79 38.68 71.99
N GLU E 241 -7.50 38.69 71.68
CA GLU E 241 -7.07 39.07 70.35
C GLU E 241 -7.51 37.98 69.38
N TYR E 242 -7.74 38.33 68.13
CA TYR E 242 -8.24 37.36 67.17
C TYR E 242 -7.67 37.58 65.77
N LYS E 243 -7.70 36.52 64.98
CA LYS E 243 -7.24 36.57 63.60
C LYS E 243 -7.98 35.52 62.78
N ILE E 244 -8.69 35.97 61.74
CA ILE E 244 -9.35 35.04 60.83
C ILE E 244 -8.59 35.00 59.50
N LEU E 245 -8.04 33.83 59.19
CA LEU E 245 -7.30 33.66 57.95
C LEU E 245 -8.23 33.26 56.80
N GLY E 246 -8.22 34.08 55.74
CA GLY E 246 -8.99 33.79 54.55
C GLY E 246 -8.16 32.99 53.55
N VAL E 247 -8.74 32.72 52.39
CA VAL E 247 -8.13 31.83 51.40
C VAL E 247 -6.78 32.33 50.89
N LYS E 248 -6.64 33.64 50.71
CA LYS E 248 -5.38 34.22 50.22
C LYS E 248 -4.23 33.95 51.19
N GLU E 249 -4.46 34.18 52.47
CA GLU E 249 -3.46 33.88 53.49
C GLU E 249 -3.14 32.39 53.52
N LEU E 250 -4.20 31.57 53.50
CA LEU E 250 -4.06 30.12 53.54
C LEU E 250 -3.26 29.60 52.35
N GLU E 251 -3.36 30.29 51.23
CA GLU E 251 -2.61 29.93 50.03
C GLU E 251 -1.14 30.30 50.14
N GLU E 252 -0.87 31.44 50.79
CA GLU E 252 0.50 31.88 50.99
C GLU E 252 1.18 31.02 52.05
N LEU E 253 0.37 30.40 52.91
CA LEU E 253 0.88 29.49 53.92
C LEU E 253 0.95 28.07 53.38
N LYS E 254 0.47 27.90 52.15
CA LYS E 254 0.53 26.63 51.43
C LYS E 254 -0.20 25.49 52.15
N MET E 255 -1.35 25.79 52.75
CA MET E 255 -2.14 24.78 53.43
C MET E 255 -2.99 23.99 52.43
N GLY E 256 -2.36 23.06 51.70
CA GLY E 256 -3.02 22.32 50.66
C GLY E 256 -4.00 21.27 51.11
N ALA E 257 -3.69 20.61 52.22
CA ALA E 257 -4.56 19.55 52.76
C ALA E 257 -5.90 20.13 53.20
N TYR E 258 -5.84 21.25 53.93
CA TYR E 258 -7.02 21.92 54.44
C TYR E 258 -7.80 22.62 53.34
N LEU E 259 -7.09 23.26 52.41
CA LEU E 259 -7.73 23.94 51.30
C LEU E 259 -8.38 22.97 50.33
N SER E 260 -7.81 21.79 50.19
CA SER E 260 -8.37 20.78 49.30
C SER E 260 -9.77 20.39 49.72
N VAL E 261 -9.95 20.12 51.01
CA VAL E 261 -11.23 19.69 51.55
C VAL E 261 -12.34 20.70 51.28
N GLY E 262 -12.02 21.98 51.37
CA GLY E 262 -13.02 23.03 51.22
C GLY E 262 -13.33 23.42 49.78
N LYS E 263 -12.67 22.77 48.82
CA LYS E 263 -12.78 23.15 47.40
C LYS E 263 -14.21 23.10 46.85
N GLY E 264 -15.00 22.14 47.31
CA GLY E 264 -16.35 21.95 46.79
C GLY E 264 -17.44 22.74 47.49
N SER E 265 -17.04 23.68 48.34
CA SER E 265 -18.00 24.47 49.10
C SER E 265 -18.24 25.85 48.47
N MET E 266 -19.43 26.39 48.69
CA MET E 266 -19.74 27.75 48.29
C MET E 266 -19.20 28.72 49.33
N TYR E 267 -18.89 28.19 50.50
CA TYR E 267 -18.35 28.98 51.60
C TYR E 267 -16.83 28.89 51.62
N PRO E 268 -16.16 30.04 51.52
CA PRO E 268 -14.69 30.08 51.56
C PRO E 268 -14.14 29.55 52.87
N ASN E 269 -12.99 28.87 52.81
CA ASN E 269 -12.32 28.39 54.02
C ASN E 269 -12.00 29.54 54.96
N LYS E 270 -12.16 29.29 56.26
CA LYS E 270 -11.88 30.31 57.27
C LYS E 270 -11.12 29.70 58.43
N PHE E 271 -9.93 30.22 58.70
CA PHE E 271 -9.10 29.71 59.79
C PHE E 271 -9.22 30.58 61.03
N ILE E 272 -9.73 29.99 62.11
CA ILE E 272 -9.93 30.73 63.35
C ILE E 272 -8.70 30.63 64.26
N HIS E 273 -8.20 31.79 64.69
CA HIS E 273 -7.07 31.85 65.61
C HIS E 273 -7.34 32.88 66.71
N LEU E 274 -7.77 32.39 67.86
CA LEU E 274 -7.99 33.24 69.04
C LEU E 274 -6.87 33.02 70.05
N THR E 275 -6.47 34.09 70.73
CA THR E 275 -5.38 33.98 71.70
C THR E 275 -5.71 34.63 73.04
N TYR E 276 -5.51 33.87 74.11
CA TYR E 276 -5.56 34.43 75.45
C TYR E 276 -4.16 34.57 76.01
N LYS E 277 -3.82 35.77 76.47
CA LYS E 277 -2.53 36.00 77.10
C LYS E 277 -2.73 36.52 78.51
N SER E 278 -1.93 36.02 79.45
CA SER E 278 -2.01 36.45 80.84
C SER E 278 -1.22 37.74 81.04
N LYS E 279 -1.68 38.57 81.97
CA LYS E 279 -0.98 39.79 82.33
C LYS E 279 0.36 39.44 82.99
N GLY E 280 0.37 38.33 83.71
CA GLY E 280 1.59 37.86 84.34
C GLY E 280 2.53 37.22 83.34
N ASP E 281 3.81 37.17 83.68
CA ASP E 281 4.83 36.56 82.82
C ASP E 281 4.44 35.16 82.41
N VAL E 282 4.38 34.92 81.10
CA VAL E 282 3.95 33.64 80.55
C VAL E 282 4.98 32.55 80.86
N LYS E 283 4.51 31.44 81.41
CA LYS E 283 5.39 30.32 81.75
C LYS E 283 5.00 29.07 80.98
N LYS E 284 3.80 29.07 80.41
CA LYS E 284 3.34 27.95 79.59
C LYS E 284 2.54 28.44 78.40
N LYS E 285 2.81 27.86 77.23
CA LYS E 285 2.07 28.20 76.02
C LYS E 285 1.35 26.97 75.47
N ILE E 286 0.04 27.09 75.33
CA ILE E 286 -0.79 25.98 74.87
C ILE E 286 -1.55 26.34 73.60
N ALA E 287 -1.64 25.39 72.68
CA ALA E 287 -2.47 25.55 71.49
C ALA E 287 -3.54 24.48 71.48
N LEU E 288 -4.80 24.91 71.44
CA LEU E 288 -5.93 23.98 71.37
C LEU E 288 -6.49 23.95 69.94
N VAL E 289 -6.49 22.78 69.33
CA VAL E 289 -6.91 22.63 67.95
C VAL E 289 -8.23 21.87 67.84
N GLY E 290 -9.22 22.47 67.19
CA GLY E 290 -10.52 21.82 67.05
C GLY E 290 -10.89 21.55 65.61
N LYS E 291 -11.38 20.34 65.34
CA LYS E 291 -11.87 20.02 64.01
C LYS E 291 -13.10 20.85 63.69
N GLY E 292 -13.04 21.58 62.58
CA GLY E 292 -14.12 22.49 62.23
C GLY E 292 -14.76 22.24 60.89
N ILE E 293 -15.40 21.09 60.74
CA ILE E 293 -16.17 20.81 59.53
C ILE E 293 -17.65 21.12 59.78
N THR E 294 -18.11 22.24 59.24
CA THR E 294 -19.48 22.70 59.48
C THR E 294 -20.52 21.72 58.92
N PHE E 295 -20.18 21.06 57.83
CA PHE E 295 -20.96 19.92 57.36
C PHE E 295 -20.09 18.92 56.63
N ASP E 296 -20.33 17.64 56.91
CA ASP E 296 -19.55 16.58 56.30
C ASP E 296 -20.44 15.60 55.52
N SER E 297 -20.60 15.86 54.24
CA SER E 297 -21.35 14.94 53.38
C SER E 297 -20.47 13.75 53.01
N GLY E 298 -19.16 13.92 53.19
CA GLY E 298 -18.22 12.86 52.89
C GLY E 298 -17.55 13.05 51.54
N GLY E 299 -17.96 14.09 50.83
CA GLY E 299 -17.43 14.36 49.51
C GLY E 299 -17.85 13.29 48.52
N TYR E 300 -17.03 13.07 47.49
CA TYR E 300 -17.35 12.07 46.47
C TYR E 300 -17.43 10.66 47.06
N ASN E 301 -16.76 10.45 48.19
CA ASN E 301 -17.01 9.27 49.00
C ASN E 301 -18.20 9.54 49.91
N LEU E 302 -19.35 9.76 49.29
CA LEU E 302 -20.56 10.20 49.98
C LEU E 302 -20.97 9.26 51.11
N LYS E 303 -21.49 9.85 52.19
CA LYS E 303 -22.05 9.05 53.27
C LYS E 303 -23.40 8.50 52.86
N ALA E 304 -23.38 7.38 52.16
CA ALA E 304 -24.59 6.81 51.57
C ALA E 304 -24.87 5.39 52.08
N ALA E 305 -23.92 4.83 52.81
CA ALA E 305 -24.09 3.50 53.39
C ALA E 305 -25.04 3.54 54.59
N PRO E 306 -25.78 2.45 54.82
CA PRO E 306 -26.68 2.36 55.98
C PRO E 306 -25.96 2.62 57.30
N GLY E 307 -26.42 3.62 58.04
CA GLY E 307 -25.85 3.95 59.33
C GLY E 307 -24.69 4.92 59.24
N SER E 308 -24.60 5.64 58.13
CA SER E 308 -23.56 6.66 57.97
C SER E 308 -24.02 7.97 58.58
N MET E 309 -25.31 8.07 58.87
CA MET E 309 -25.89 9.18 59.63
C MET E 309 -25.53 10.56 59.06
N ILE E 310 -25.81 10.78 57.79
CA ILE E 310 -25.44 12.03 57.13
C ILE E 310 -26.25 13.21 57.66
N ASP E 311 -27.41 12.90 58.24
CA ASP E 311 -28.28 13.93 58.81
C ASP E 311 -27.78 14.47 60.16
N LEU E 312 -26.85 13.76 60.79
CA LEU E 312 -26.21 14.23 62.02
C LEU E 312 -25.12 15.25 61.62
N MET E 313 -24.27 14.84 60.68
CA MET E 313 -23.04 15.55 60.29
C MET E 313 -22.92 17.07 60.41
N LYS E 314 -23.89 17.77 61.00
CA LYS E 314 -23.64 19.17 61.39
C LYS E 314 -22.75 19.23 62.64
N PHE E 315 -22.59 18.08 63.29
CA PHE E 315 -21.85 17.95 64.54
C PHE E 315 -20.34 17.97 64.27
N ASP E 316 -19.96 17.90 63.00
CA ASP E 316 -18.57 17.64 62.66
C ASP E 316 -17.66 18.83 62.95
N MET E 317 -18.20 19.82 63.65
CA MET E 317 -17.40 20.94 64.12
C MET E 317 -17.46 21.03 65.65
N SER E 318 -17.87 19.94 66.28
CA SER E 318 -17.96 19.85 67.73
C SER E 318 -16.61 20.15 68.39
N GLY E 319 -15.54 19.72 67.73
CA GLY E 319 -14.19 19.98 68.20
C GLY E 319 -13.91 21.48 68.26
N CYS E 320 -14.24 22.18 67.18
CA CYS E 320 -14.10 23.63 67.14
C CYS E 320 -15.00 24.29 68.19
N ALA E 321 -16.19 23.74 68.36
CA ALA E 321 -17.14 24.25 69.34
C ALA E 321 -16.59 24.10 70.76
N ALA E 322 -15.99 22.94 71.04
CA ALA E 322 -15.39 22.68 72.33
C ALA E 322 -14.26 23.66 72.63
N VAL E 323 -13.45 23.92 71.61
CA VAL E 323 -12.33 24.86 71.72
C VAL E 323 -12.84 26.27 72.02
N LEU E 324 -13.86 26.70 71.28
CA LEU E 324 -14.47 28.01 71.51
C LEU E 324 -15.16 28.07 72.87
N GLY E 325 -15.78 26.96 73.27
CA GLY E 325 -16.40 26.86 74.58
C GLY E 325 -15.36 27.01 75.67
N CYS E 326 -14.18 26.46 75.42
CA CYS E 326 -13.05 26.60 76.34
C CYS E 326 -12.58 28.05 76.38
N ALA E 327 -12.58 28.70 75.23
CA ALA E 327 -12.16 30.08 75.10
C ALA E 327 -13.03 31.01 75.96
N TYR E 328 -14.31 30.69 76.06
CA TYR E 328 -15.20 31.47 76.92
C TYR E 328 -14.78 31.34 78.39
N CYS E 329 -14.62 30.10 78.84
CA CYS E 329 -14.26 29.83 80.22
C CYS E 329 -12.92 30.46 80.59
N VAL E 330 -11.93 30.25 79.73
CA VAL E 330 -10.59 30.79 79.96
C VAL E 330 -10.61 32.31 80.04
N GLY E 331 -11.28 32.94 79.08
CA GLY E 331 -11.36 34.38 79.04
C GLY E 331 -12.15 34.96 80.20
N THR E 332 -13.01 34.13 80.79
CA THR E 332 -13.84 34.56 81.92
C THR E 332 -13.09 34.41 83.24
N LEU E 333 -12.59 33.21 83.50
CA LEU E 333 -11.90 32.92 84.75
C LEU E 333 -10.50 33.52 84.78
N LYS E 334 -9.97 33.84 83.60
CA LYS E 334 -8.70 34.57 83.45
C LYS E 334 -7.54 33.97 84.24
N PRO E 335 -7.08 32.77 83.84
CA PRO E 335 -5.94 32.16 84.55
C PRO E 335 -4.65 32.96 84.35
N GLU E 336 -3.66 32.71 85.19
CA GLU E 336 -2.41 33.47 85.12
C GLU E 336 -1.25 32.63 84.60
N ASN E 337 -0.24 33.31 84.07
CA ASN E 337 1.00 32.70 83.61
C ASN E 337 0.84 31.73 82.45
N VAL E 338 -0.17 31.94 81.61
CA VAL E 338 -0.37 31.10 80.43
C VAL E 338 -0.73 31.90 79.19
N GLU E 339 -0.30 31.41 78.04
CA GLU E 339 -0.73 31.93 76.76
C GLU E 339 -1.42 30.81 75.99
N ILE E 340 -2.71 31.00 75.70
CA ILE E 340 -3.48 29.95 75.04
C ILE E 340 -3.89 30.37 73.63
N HIS E 341 -3.66 29.47 72.67
CA HIS E 341 -4.08 29.71 71.30
C HIS E 341 -5.24 28.78 70.93
N PHE E 342 -6.36 29.39 70.54
CA PHE E 342 -7.55 28.63 70.19
C PHE E 342 -7.69 28.58 68.67
N LEU E 343 -7.45 27.39 68.10
CA LEU E 343 -7.34 27.23 66.66
C LEU E 343 -8.42 26.34 66.05
N SER E 344 -8.78 26.64 64.80
CA SER E 344 -9.67 25.77 64.03
C SER E 344 -9.63 26.09 62.54
N ALA E 345 -9.22 25.11 61.74
CA ALA E 345 -9.28 25.23 60.29
C ALA E 345 -10.69 24.85 59.83
N VAL E 346 -11.53 25.85 59.63
CA VAL E 346 -12.94 25.61 59.35
C VAL E 346 -13.25 25.57 57.86
N CYS E 347 -14.02 24.57 57.44
CA CYS E 347 -14.46 24.44 56.07
C CYS E 347 -15.67 23.52 55.97
N GLU E 348 -16.11 23.25 54.75
CA GLU E 348 -17.26 22.38 54.53
C GLU E 348 -16.92 21.31 53.50
N ASN E 349 -17.38 20.09 53.74
CA ASN E 349 -17.09 18.97 52.85
C ASN E 349 -18.27 18.62 51.96
N MET E 350 -18.23 19.08 50.72
CA MET E 350 -19.38 18.97 49.82
C MET E 350 -19.05 18.27 48.50
N VAL E 351 -20.08 17.90 47.77
CA VAL E 351 -19.92 17.29 46.45
C VAL E 351 -20.18 18.34 45.36
N SER E 352 -19.23 18.49 44.45
CA SER E 352 -19.30 19.53 43.43
C SER E 352 -18.42 19.22 42.23
N LYS E 353 -18.42 20.09 41.24
CA LYS E 353 -17.50 19.95 40.13
C LYS E 353 -16.11 20.40 40.55
N ASN E 354 -16.07 21.19 41.63
CA ASN E 354 -14.83 21.76 42.13
C ASN E 354 -14.21 20.95 43.26
N SER E 355 -14.89 19.88 43.67
CA SER E 355 -14.44 19.08 44.80
C SER E 355 -13.17 18.29 44.53
N TYR E 356 -12.48 17.94 45.60
CA TYR E 356 -11.32 17.06 45.54
C TYR E 356 -11.81 15.64 45.30
N ARG E 357 -11.07 14.89 44.49
CA ARG E 357 -11.49 13.53 44.14
C ARG E 357 -10.73 12.49 44.93
N PRO E 358 -11.32 11.29 45.08
CA PRO E 358 -10.54 10.14 45.56
C PRO E 358 -9.37 9.88 44.63
N GLY E 359 -8.18 9.71 45.18
CA GLY E 359 -7.01 9.47 44.37
C GLY E 359 -6.07 10.67 44.30
N ASP E 360 -6.64 11.87 44.42
CA ASP E 360 -5.87 13.10 44.37
C ASP E 360 -4.67 13.10 45.32
N ILE E 361 -3.55 13.62 44.86
CA ILE E 361 -2.37 13.77 45.71
C ILE E 361 -2.15 15.25 46.00
N ILE E 362 -2.17 15.59 47.28
CA ILE E 362 -2.13 16.98 47.71
C ILE E 362 -0.96 17.26 48.64
N THR E 363 -0.54 18.52 48.70
CA THR E 363 0.65 18.89 49.46
C THR E 363 0.32 19.73 50.68
N ALA E 364 0.65 19.21 51.86
CA ALA E 364 0.44 19.95 53.11
C ALA E 364 1.48 21.05 53.22
N SER E 365 1.27 21.95 54.20
CA SER E 365 2.13 23.12 54.35
C SER E 365 3.54 22.77 54.83
N ASN E 366 3.74 21.54 55.28
CA ASN E 366 5.07 21.10 55.69
C ASN E 366 5.78 20.34 54.58
N GLY E 367 5.19 20.35 53.38
CA GLY E 367 5.81 19.78 52.22
C GLY E 367 5.50 18.31 51.95
N LYS E 368 4.77 17.69 52.87
CA LYS E 368 4.41 16.28 52.73
C LYS E 368 3.29 16.08 51.73
N THR E 369 3.54 15.25 50.72
CA THR E 369 2.53 14.93 49.72
C THR E 369 1.63 13.80 50.25
N ILE E 370 0.33 13.94 50.04
CA ILE E 370 -0.65 13.03 50.61
C ILE E 370 -1.55 12.44 49.53
N GLU E 371 -1.62 11.12 49.45
CA GLU E 371 -2.57 10.49 48.52
C GLU E 371 -3.91 10.29 49.19
N VAL E 372 -4.93 10.95 48.66
CA VAL E 372 -6.28 10.86 49.20
C VAL E 372 -6.98 9.57 48.76
N GLY E 373 -7.22 8.69 49.72
CA GLY E 373 -7.86 7.41 49.44
C GLY E 373 -9.36 7.44 49.71
N ASN E 374 -9.80 8.40 50.51
CA ASN E 374 -11.20 8.53 50.88
C ASN E 374 -11.53 9.95 51.31
N THR E 375 -12.38 10.62 50.52
CA THR E 375 -12.71 12.03 50.75
C THR E 375 -13.47 12.22 52.06
N ASP E 376 -14.06 11.15 52.58
CA ASP E 376 -14.80 11.22 53.83
C ASP E 376 -13.85 11.29 55.02
N ALA E 377 -12.59 10.97 54.81
CA ALA E 377 -11.59 11.11 55.86
C ALA E 377 -10.95 12.49 55.79
N GLU E 378 -11.80 13.51 55.68
CA GLU E 378 -11.34 14.88 55.46
C GLU E 378 -10.80 15.52 56.72
N GLY E 379 -11.27 15.03 57.88
CA GLY E 379 -10.91 15.61 59.16
C GLY E 379 -9.43 15.70 59.42
N ARG E 380 -8.73 14.60 59.15
CA ARG E 380 -7.29 14.52 59.41
C ARG E 380 -6.49 15.42 58.47
N LEU E 381 -7.06 15.74 57.31
CA LEU E 381 -6.39 16.59 56.34
C LEU E 381 -6.41 18.04 56.80
N THR E 382 -7.56 18.49 57.27
CA THR E 382 -7.68 19.83 57.81
C THR E 382 -6.82 19.96 59.07
N LEU E 383 -6.82 18.91 59.88
CA LEU E 383 -6.05 18.88 61.11
C LEU E 383 -4.54 18.90 60.86
N ALA E 384 -4.12 18.34 59.73
CA ALA E 384 -2.70 18.27 59.38
C ALA E 384 -2.08 19.66 59.28
N ASP E 385 -2.73 20.55 58.54
CA ASP E 385 -2.23 21.91 58.37
C ASP E 385 -2.45 22.75 59.63
N ALA E 386 -3.42 22.35 60.44
CA ALA E 386 -3.68 23.02 61.70
C ALA E 386 -2.56 22.70 62.69
N LEU E 387 -2.14 21.43 62.70
CA LEU E 387 -1.06 20.99 63.57
C LEU E 387 0.28 21.60 63.14
N VAL E 388 0.48 21.73 61.83
CA VAL E 388 1.66 22.39 61.30
C VAL E 388 1.68 23.86 61.73
N TYR E 389 0.54 24.52 61.58
CA TYR E 389 0.37 25.91 62.00
C TYR E 389 0.62 26.07 63.49
N ALA E 390 0.14 25.11 64.28
CA ALA E 390 0.22 25.18 65.73
C ALA E 390 1.67 25.09 66.24
N GLU E 391 2.44 24.18 65.65
CA GLU E 391 3.82 23.97 66.07
C GLU E 391 4.67 25.21 65.77
N LYS E 392 4.31 25.91 64.69
CA LYS E 392 5.03 27.11 64.27
C LYS E 392 4.88 28.25 65.27
N LEU E 393 3.98 28.08 66.24
CA LEU E 393 3.75 29.10 67.27
C LEU E 393 4.74 28.94 68.41
N GLY E 394 5.44 27.81 68.45
CA GLY E 394 6.38 27.52 69.52
C GLY E 394 5.67 27.38 70.86
N VAL E 395 4.83 26.35 70.97
CA VAL E 395 4.08 26.10 72.19
C VAL E 395 4.66 24.91 72.93
N ASP E 396 4.22 24.72 74.17
CA ASP E 396 4.66 23.60 74.98
C ASP E 396 3.75 22.39 74.78
N TYR E 397 2.45 22.66 74.67
CA TYR E 397 1.45 21.60 74.46
C TYR E 397 0.58 21.87 73.24
N ILE E 398 0.29 20.81 72.49
CA ILE E 398 -0.74 20.88 71.47
C ILE E 398 -1.80 19.82 71.74
N VAL E 399 -3.04 20.25 71.90
CA VAL E 399 -4.14 19.31 72.09
C VAL E 399 -5.19 19.53 71.02
N ASP E 400 -5.44 18.51 70.20
CA ASP E 400 -6.54 18.63 69.27
C ASP E 400 -7.73 17.79 69.76
N ILE E 401 -8.93 18.24 69.40
CA ILE E 401 -10.15 17.58 69.81
C ILE E 401 -11.07 17.49 68.59
N ALA E 402 -11.47 16.28 68.24
CA ALA E 402 -12.10 16.06 66.95
C ALA E 402 -13.11 14.92 66.92
N THR E 403 -14.17 15.13 66.13
CA THR E 403 -15.10 14.06 65.80
C THR E 403 -14.54 13.31 64.59
N LEU E 404 -13.48 12.56 64.81
CA LEU E 404 -12.61 12.10 63.73
C LEU E 404 -12.95 10.72 63.17
N THR E 405 -13.21 9.74 64.03
CA THR E 405 -13.43 8.38 63.57
C THR E 405 -14.70 7.75 64.14
N GLY E 406 -15.51 7.20 63.26
CA GLY E 406 -16.73 6.51 63.66
C GLY E 406 -16.44 5.19 64.35
N ALA E 407 -15.20 4.74 64.25
CA ALA E 407 -14.79 3.48 64.87
C ALA E 407 -14.80 3.59 66.40
N MET E 408 -14.77 4.82 66.90
CA MET E 408 -14.83 5.07 68.34
C MET E 408 -16.08 4.49 68.97
N LEU E 409 -17.15 4.39 68.17
CA LEU E 409 -18.41 3.83 68.64
C LEU E 409 -18.30 2.33 68.92
N TYR E 410 -17.31 1.69 68.31
CA TYR E 410 -17.11 0.25 68.47
C TYR E 410 -16.04 -0.05 69.51
N SER E 411 -15.20 0.93 69.82
CA SER E 411 -14.16 0.76 70.82
C SER E 411 -14.66 1.16 72.21
N LEU E 412 -14.91 2.46 72.40
CA LEU E 412 -15.30 2.96 73.71
C LEU E 412 -16.80 3.22 73.82
N GLY E 413 -17.44 3.53 72.70
CA GLY E 413 -18.87 3.78 72.71
C GLY E 413 -19.22 5.25 72.84
N THR E 414 -20.32 5.52 73.53
CA THR E 414 -20.90 6.86 73.56
C THR E 414 -20.62 7.66 74.82
N SER E 415 -19.90 7.08 75.79
CA SER E 415 -19.67 7.77 77.05
C SER E 415 -18.20 8.16 77.25
N TYR E 416 -17.29 7.29 76.83
CA TYR E 416 -15.87 7.57 76.97
C TYR E 416 -15.22 8.00 75.67
N ALA E 417 -14.54 9.14 75.71
CA ALA E 417 -13.77 9.61 74.57
C ALA E 417 -12.39 8.98 74.61
N GLY E 418 -11.74 8.89 73.46
CA GLY E 418 -10.40 8.34 73.39
C GLY E 418 -9.35 9.43 73.34
N VAL E 419 -8.21 9.18 73.97
CA VAL E 419 -7.10 10.11 73.87
C VAL E 419 -5.84 9.40 73.40
N PHE E 420 -5.20 9.97 72.38
CA PHE E 420 -3.96 9.47 71.83
C PHE E 420 -2.89 10.55 71.99
N GLY E 421 -1.61 10.16 71.91
CA GLY E 421 -0.55 11.14 72.04
C GLY E 421 0.85 10.61 71.84
N ASN E 422 1.82 11.53 71.84
CA ASN E 422 3.23 11.18 71.67
C ASN E 422 4.03 11.43 72.95
N ASN E 423 3.36 11.93 73.97
CA ASN E 423 4.01 12.33 75.21
C ASN E 423 3.22 11.90 76.45
N GLU E 424 3.83 11.04 77.26
CA GLU E 424 3.15 10.39 78.38
C GLU E 424 2.65 11.37 79.44
N GLU E 425 3.41 12.42 79.70
CA GLU E 425 3.02 13.39 80.72
C GLU E 425 1.82 14.21 80.30
N LEU E 426 1.75 14.55 79.02
CA LEU E 426 0.63 15.34 78.50
C LEU E 426 -0.66 14.54 78.54
N ILE E 427 -0.57 13.26 78.17
CA ILE E 427 -1.74 12.37 78.18
C ILE E 427 -2.28 12.22 79.61
N ASN E 428 -1.37 12.07 80.57
CA ASN E 428 -1.76 11.96 81.96
C ASN E 428 -2.39 13.24 82.49
N LYS E 429 -1.91 14.38 82.00
CA LYS E 429 -2.49 15.68 82.35
C LYS E 429 -3.92 15.76 81.84
N ILE E 430 -4.16 15.20 80.66
CA ILE E 430 -5.49 15.12 80.09
C ILE E 430 -6.36 14.18 80.93
N LEU E 431 -5.82 13.01 81.23
CA LEU E 431 -6.54 12.00 82.02
C LEU E 431 -6.95 12.54 83.39
N GLN E 432 -6.10 13.39 83.97
CA GLN E 432 -6.41 14.02 85.25
C GLN E 432 -7.50 15.06 85.10
N SER E 433 -7.45 15.80 83.99
CA SER E 433 -8.47 16.79 83.68
C SER E 433 -9.82 16.11 83.46
N SER E 434 -9.77 14.90 82.91
CA SER E 434 -10.97 14.10 82.72
C SER E 434 -11.59 13.75 84.06
N LYS E 435 -10.74 13.46 85.04
CA LYS E 435 -11.18 13.12 86.37
C LYS E 435 -11.83 14.30 87.07
N THR E 436 -11.20 15.47 86.97
CA THR E 436 -11.66 16.66 87.69
C THR E 436 -12.80 17.39 86.98
N SER E 437 -12.96 17.16 85.68
CA SER E 437 -14.05 17.79 84.93
C SER E 437 -15.24 16.85 84.83
N ASN E 438 -15.01 15.58 85.18
CA ASN E 438 -16.00 14.51 85.08
C ASN E 438 -16.50 14.30 83.65
N GLU E 439 -15.61 14.57 82.69
CA GLU E 439 -15.86 14.19 81.30
C GLU E 439 -14.93 13.04 80.97
N PRO E 440 -15.49 11.82 80.93
CA PRO E 440 -14.73 10.56 80.87
C PRO E 440 -13.88 10.42 79.62
N VAL E 441 -12.59 10.14 79.82
CA VAL E 441 -11.66 9.96 78.71
C VAL E 441 -10.76 8.76 78.99
N TRP E 442 -10.60 7.89 77.99
CA TRP E 442 -9.75 6.71 78.14
C TRP E 442 -8.54 6.75 77.21
N TRP E 443 -7.38 6.40 77.75
CA TRP E 443 -6.13 6.42 76.98
C TRP E 443 -6.07 5.24 76.01
N LEU E 444 -5.76 5.55 74.75
CA LEU E 444 -5.65 4.53 73.72
C LEU E 444 -4.27 4.59 73.04
N PRO E 445 -3.76 3.44 72.60
CA PRO E 445 -2.39 3.34 72.09
C PRO E 445 -2.21 3.72 70.63
N ILE E 446 -1.12 4.41 70.32
CA ILE E 446 -0.74 4.63 68.93
C ILE E 446 0.24 3.55 68.52
N ILE E 447 -0.28 2.50 67.90
CA ILE E 447 0.50 1.31 67.58
C ILE E 447 1.36 1.53 66.33
N ASN E 448 2.66 1.63 66.54
CA ASN E 448 3.62 1.94 65.47
C ASN E 448 3.68 0.87 64.38
N GLU E 449 3.34 -0.36 64.74
CA GLU E 449 3.38 -1.47 63.80
C GLU E 449 2.37 -1.29 62.66
N TYR E 450 1.46 -0.35 62.82
CA TYR E 450 0.44 -0.07 61.82
C TYR E 450 0.87 1.01 60.83
N ARG E 451 1.93 1.74 61.19
CA ARG E 451 2.41 2.87 60.39
C ARG E 451 2.69 2.51 58.92
N ALA E 452 3.19 1.31 58.70
CA ALA E 452 3.61 0.89 57.36
C ALA E 452 2.46 0.83 56.35
N THR E 453 1.23 0.81 56.84
CA THR E 453 0.07 0.75 55.95
C THR E 453 -0.23 2.12 55.34
N LEU E 454 0.41 3.16 55.86
CA LEU E 454 0.23 4.51 55.34
C LEU E 454 1.30 4.88 54.33
N ASN E 455 2.21 3.94 54.06
CA ASN E 455 3.25 4.15 53.05
C ASN E 455 2.66 4.17 51.64
N SER E 456 2.51 5.35 51.06
CA SER E 456 1.95 5.49 49.72
C SER E 456 2.93 4.98 48.66
N LYS E 457 2.39 4.52 47.55
CA LYS E 457 3.21 4.06 46.43
C LYS E 457 3.75 5.25 45.64
N TYR E 458 3.04 6.37 45.69
CA TYR E 458 3.41 7.54 44.90
C TYR E 458 3.61 8.81 45.72
N ALA E 459 2.83 8.97 46.79
CA ALA E 459 2.99 10.12 47.67
C ALA E 459 3.95 9.80 48.81
N ASP E 460 4.23 10.80 49.64
CA ASP E 460 5.05 10.59 50.82
C ASP E 460 4.30 9.75 51.85
N ILE E 461 2.99 9.89 51.84
CA ILE E 461 2.16 9.20 52.83
C ILE E 461 0.72 9.03 52.33
N ASN E 462 0.07 7.98 52.80
CA ASN E 462 -1.36 7.78 52.54
C ASN E 462 -2.22 8.58 53.51
N GLN E 463 -3.42 8.94 53.05
CA GLN E 463 -4.40 9.58 53.91
C GLN E 463 -5.03 8.55 54.84
N ILE E 464 -5.36 7.39 54.27
CA ILE E 464 -5.97 6.32 55.03
C ILE E 464 -5.25 4.99 54.80
N SER E 465 -5.68 3.97 55.54
CA SER E 465 -5.19 2.61 55.32
C SER E 465 -6.22 1.82 54.53
N SER E 466 -5.74 0.95 53.65
CA SER E 466 -6.64 0.12 52.86
C SER E 466 -7.01 -1.15 53.62
N SER E 467 -6.06 -1.67 54.39
CA SER E 467 -6.27 -2.93 55.09
C SER E 467 -6.80 -2.72 56.50
N VAL E 468 -5.92 -2.23 57.39
CA VAL E 468 -6.19 -2.13 58.81
C VAL E 468 -7.48 -1.37 59.14
N LYS E 469 -8.32 -1.99 59.95
CA LYS E 469 -9.62 -1.43 60.31
C LYS E 469 -9.60 -0.73 61.66
N ALA E 470 -8.43 -0.66 62.28
CA ALA E 470 -8.25 0.12 63.50
C ALA E 470 -8.17 1.60 63.14
N SER E 471 -9.29 2.14 62.69
CA SER E 471 -9.34 3.46 62.07
C SER E 471 -8.85 4.59 62.98
N SER E 472 -9.19 4.53 64.25
CA SER E 472 -8.81 5.57 65.21
C SER E 472 -7.30 5.60 65.40
N ILE E 473 -6.68 4.42 65.46
CA ILE E 473 -5.25 4.32 65.63
C ILE E 473 -4.50 4.72 64.37
N VAL E 474 -5.01 4.30 63.21
CA VAL E 474 -4.44 4.68 61.93
C VAL E 474 -4.46 6.20 61.76
N ALA E 475 -5.60 6.80 62.10
CA ALA E 475 -5.76 8.25 62.00
C ALA E 475 -4.84 8.99 62.96
N SER E 476 -4.54 8.36 64.10
CA SER E 476 -3.63 8.94 65.08
C SER E 476 -2.20 8.94 64.55
N LEU E 477 -1.81 7.85 63.91
CA LEU E 477 -0.51 7.75 63.27
C LEU E 477 -0.33 8.81 62.19
N PHE E 478 -1.40 9.08 61.45
CA PHE E 478 -1.38 10.08 60.39
C PHE E 478 -1.08 11.48 60.95
N LEU E 479 -1.87 11.90 61.92
CA LEU E 479 -1.69 13.22 62.55
C LEU E 479 -0.31 13.33 63.21
N LYS E 480 0.22 12.20 63.66
CA LYS E 480 1.51 12.17 64.34
C LYS E 480 2.64 12.59 63.39
N GLU E 481 2.40 12.42 62.10
CA GLU E 481 3.39 12.78 61.08
C GLU E 481 3.51 14.29 60.89
N PHE E 482 2.64 15.05 61.55
CA PHE E 482 2.59 16.49 61.32
C PHE E 482 2.94 17.28 62.57
N VAL E 483 3.45 16.60 63.58
CA VAL E 483 4.01 17.25 64.76
C VAL E 483 5.42 16.71 64.98
N GLN E 484 6.41 17.56 64.73
CA GLN E 484 7.79 17.11 64.69
C GLN E 484 8.47 17.02 66.05
N ASN E 485 8.37 18.07 66.86
CA ASN E 485 9.05 18.09 68.14
C ASN E 485 8.28 18.83 69.23
N THR E 486 7.02 18.45 69.43
CA THR E 486 6.19 19.05 70.45
C THR E 486 5.28 18.02 71.10
N ALA E 487 5.09 18.15 72.42
CA ALA E 487 4.15 17.31 73.15
C ALA E 487 2.75 17.49 72.57
N TRP E 488 2.16 16.39 72.10
CA TRP E 488 0.88 16.46 71.40
C TRP E 488 -0.05 15.34 71.85
N ALA E 489 -1.31 15.69 72.09
CA ALA E 489 -2.33 14.72 72.45
C ALA E 489 -3.56 14.89 71.56
N HIS E 490 -4.23 13.77 71.26
CA HIS E 490 -5.38 13.78 70.36
C HIS E 490 -6.62 13.19 71.00
N ILE E 491 -7.71 13.95 71.02
CA ILE E 491 -8.95 13.47 71.63
C ILE E 491 -10.05 13.26 70.59
N ASP E 492 -10.39 11.99 70.36
CA ASP E 492 -11.41 11.64 69.38
C ASP E 492 -12.79 11.59 70.06
N ILE E 493 -13.60 12.61 69.82
CA ILE E 493 -14.89 12.74 70.48
C ILE E 493 -16.06 12.41 69.55
N ALA E 494 -15.80 11.63 68.51
CA ALA E 494 -16.82 11.30 67.52
C ALA E 494 -17.97 10.52 68.15
N GLY E 495 -17.63 9.66 69.11
CA GLY E 495 -18.62 8.80 69.73
C GLY E 495 -19.40 9.42 70.87
N VAL E 496 -18.84 10.45 71.49
CA VAL E 496 -19.43 11.03 72.69
C VAL E 496 -20.02 12.42 72.48
N SER E 497 -19.75 13.03 71.33
CA SER E 497 -20.18 14.40 71.08
C SER E 497 -21.70 14.56 71.13
N TRP E 498 -22.40 13.74 70.36
CA TRP E 498 -23.85 13.85 70.26
C TRP E 498 -24.58 12.92 71.23
N ASN E 499 -25.46 13.48 72.06
CA ASN E 499 -26.33 12.69 72.91
C ASN E 499 -27.49 12.16 72.09
N PHE E 500 -27.36 10.92 71.62
CA PHE E 500 -28.34 10.33 70.71
C PHE E 500 -29.70 10.15 71.36
N LYS E 501 -29.70 9.62 72.57
CA LYS E 501 -30.94 9.39 73.31
C LYS E 501 -31.71 10.69 73.51
N ALA E 502 -30.99 11.76 73.83
CA ALA E 502 -31.61 13.04 74.13
C ALA E 502 -31.70 13.95 72.90
N ARG E 503 -31.17 13.47 71.78
CA ARG E 503 -31.26 14.19 70.50
C ARG E 503 -30.67 15.61 70.56
N LYS E 504 -29.49 15.73 71.17
CA LYS E 504 -28.87 17.05 71.34
C LYS E 504 -27.37 16.90 71.61
N PRO E 505 -26.61 18.00 71.43
CA PRO E 505 -25.18 17.91 71.76
C PRO E 505 -24.93 17.84 73.26
N LYS E 506 -23.77 17.33 73.65
CA LYS E 506 -23.36 17.38 75.05
C LYS E 506 -22.50 18.61 75.32
N GLY E 507 -21.91 19.15 74.25
CA GLY E 507 -20.92 20.19 74.40
C GLY E 507 -19.69 19.60 75.07
N PHE E 508 -19.40 18.36 74.73
CA PHE E 508 -18.32 17.60 75.35
C PHE E 508 -16.95 18.22 75.08
N GLY E 509 -16.14 18.35 76.13
CA GLY E 509 -14.77 18.79 75.97
C GLY E 509 -14.44 20.16 76.51
N VAL E 510 -15.46 21.02 76.66
CA VAL E 510 -15.25 22.37 77.17
C VAL E 510 -14.64 22.34 78.58
N ARG E 511 -15.30 21.63 79.48
CA ARG E 511 -14.87 21.54 80.87
C ARG E 511 -13.56 20.78 80.98
N LEU E 512 -13.41 19.74 80.17
CA LEU E 512 -12.17 18.96 80.12
C LEU E 512 -10.96 19.83 79.80
N LEU E 513 -11.04 20.55 78.68
CA LEU E 513 -9.93 21.40 78.24
C LEU E 513 -9.68 22.57 79.19
N THR E 514 -10.75 23.07 79.80
CA THR E 514 -10.62 24.20 80.72
C THR E 514 -9.88 23.79 81.99
N GLU E 515 -10.25 22.62 82.52
CA GLU E 515 -9.56 22.07 83.69
C GLU E 515 -8.10 21.82 83.36
N PHE E 516 -7.81 21.48 82.11
CA PHE E 516 -6.45 21.25 81.66
C PHE E 516 -5.62 22.52 81.70
N VAL E 517 -6.24 23.63 81.31
CA VAL E 517 -5.55 24.92 81.26
C VAL E 517 -5.34 25.50 82.66
N LEU E 518 -6.35 25.33 83.52
CA LEU E 518 -6.32 25.94 84.86
C LEU E 518 -5.49 25.16 85.86
N ASN E 519 -5.48 23.83 85.75
CA ASN E 519 -4.80 22.99 86.72
C ASN E 519 -3.45 22.49 86.20
N SER F 3 -6.47 25.52 26.60
CA SER F 3 -5.08 25.14 26.81
C SER F 3 -4.62 25.48 28.22
N GLU F 4 -5.27 26.45 28.84
CA GLU F 4 -4.97 26.83 30.21
C GLU F 4 -5.84 26.08 31.21
N VAL F 5 -5.21 25.36 32.13
CA VAL F 5 -5.93 24.57 33.13
C VAL F 5 -6.59 25.46 34.16
N PRO F 6 -7.91 25.32 34.35
CA PRO F 6 -8.62 26.07 35.38
C PRO F 6 -8.28 25.61 36.79
N GLN F 7 -8.24 26.53 37.75
CA GLN F 7 -7.92 26.21 39.14
C GLN F 7 -9.01 26.67 40.10
N VAL F 8 -9.26 25.87 41.12
CA VAL F 8 -10.14 26.28 42.21
C VAL F 8 -9.34 27.09 43.22
N VAL F 9 -8.20 26.55 43.60
CA VAL F 9 -7.25 27.26 44.44
C VAL F 9 -5.92 27.36 43.72
N SER F 10 -5.09 28.33 44.12
CA SER F 10 -3.81 28.57 43.48
C SER F 10 -2.86 27.38 43.56
N LEU F 11 -3.13 26.49 44.52
CA LEU F 11 -2.28 25.34 44.76
C LEU F 11 -2.60 24.16 43.85
N ASP F 12 -3.71 24.25 43.11
CA ASP F 12 -4.09 23.22 42.16
C ASP F 12 -3.05 23.12 41.04
N PRO F 13 -2.54 21.90 40.80
CA PRO F 13 -1.54 21.67 39.74
C PRO F 13 -2.07 22.02 38.36
N THR F 14 -1.20 22.54 37.49
CA THR F 14 -1.62 22.99 36.17
C THR F 14 -1.01 22.16 35.04
N SER F 15 -0.30 21.10 35.40
CA SER F 15 0.32 20.22 34.41
C SER F 15 0.72 18.88 35.00
N ILE F 16 0.73 17.86 34.14
CA ILE F 16 1.22 16.55 34.54
C ILE F 16 2.74 16.51 34.49
N PRO F 17 3.38 16.16 35.61
CA PRO F 17 4.83 15.97 35.57
C PRO F 17 5.19 14.75 34.74
N ILE F 18 6.09 14.92 33.77
CA ILE F 18 6.50 13.81 32.92
C ILE F 18 8.01 13.68 32.87
N GLU F 19 8.51 12.50 33.24
CA GLU F 19 9.92 12.18 33.09
C GLU F 19 10.15 11.48 31.76
N TYR F 20 10.87 12.15 30.86
CA TYR F 20 11.21 11.56 29.57
C TYR F 20 12.54 10.83 29.65
N ASN F 21 13.52 11.49 30.25
CA ASN F 21 14.86 10.91 30.40
C ASN F 21 14.95 10.07 31.66
N THR F 22 14.63 8.78 31.54
CA THR F 22 14.69 7.86 32.65
C THR F 22 16.09 7.26 32.76
N PRO F 23 16.51 6.88 33.98
CA PRO F 23 17.79 6.22 34.21
C PRO F 23 18.01 5.01 33.31
N ILE F 24 16.92 4.33 32.96
CA ILE F 24 16.95 3.18 32.07
C ILE F 24 17.63 3.52 30.74
N HIS F 25 17.41 4.74 30.25
CA HIS F 25 18.00 5.19 28.99
C HIS F 25 19.52 5.28 29.05
N ASP F 26 20.07 5.39 30.25
CA ASP F 26 21.51 5.54 30.42
C ASP F 26 22.23 4.20 30.55
N ILE F 27 21.47 3.11 30.47
CA ILE F 27 22.05 1.78 30.60
C ILE F 27 22.61 1.27 29.28
N LYS F 28 23.90 0.93 29.28
CA LYS F 28 24.55 0.39 28.09
C LYS F 28 24.40 -1.13 28.03
N VAL F 29 23.79 -1.63 26.96
CA VAL F 29 23.49 -3.05 26.88
C VAL F 29 24.27 -3.75 25.78
N GLN F 30 24.96 -4.84 26.14
CA GLN F 30 25.72 -5.62 25.18
C GLN F 30 25.35 -7.10 25.28
N VAL F 31 25.37 -7.80 24.14
CA VAL F 31 24.94 -9.19 24.08
C VAL F 31 26.05 -10.11 23.59
N TYR F 32 26.37 -11.13 24.38
CA TYR F 32 27.43 -12.06 24.03
C TYR F 32 26.92 -13.49 23.87
N ASP F 33 27.64 -14.30 23.10
CA ASP F 33 27.30 -15.70 22.92
C ASP F 33 27.85 -16.54 24.06
N ILE F 34 27.02 -17.41 24.61
CA ILE F 34 27.39 -18.19 25.79
C ILE F 34 28.46 -19.24 25.51
N LYS F 35 28.62 -19.59 24.23
CA LYS F 35 29.59 -20.61 23.83
C LYS F 35 31.03 -20.18 24.10
N GLY F 36 31.25 -18.87 24.15
CA GLY F 36 32.58 -18.32 24.34
C GLY F 36 33.00 -18.25 25.79
N GLY F 37 32.08 -18.55 26.71
CA GLY F 37 32.36 -18.49 28.13
C GLY F 37 31.91 -17.18 28.74
N CYS F 38 31.79 -17.15 30.07
CA CYS F 38 31.28 -15.97 30.77
C CYS F 38 32.37 -15.29 31.59
N ASN F 39 32.51 -13.98 31.40
CA ASN F 39 33.46 -13.19 32.17
C ASN F 39 32.81 -12.51 33.36
N VAL F 40 33.41 -12.69 34.53
CA VAL F 40 32.91 -12.07 35.76
C VAL F 40 33.92 -11.09 36.33
N GLU F 41 33.55 -9.80 36.37
CA GLU F 41 34.44 -8.77 36.89
C GLU F 41 33.70 -7.80 37.80
N GLU F 42 32.85 -6.96 37.21
CA GLU F 42 32.13 -5.95 37.96
C GLU F 42 30.67 -6.32 38.17
N GLY F 43 30.11 -5.85 39.29
CA GLY F 43 28.69 -5.97 39.54
C GLY F 43 28.16 -7.36 39.82
N LEU F 44 26.90 -7.57 39.46
CA LEU F 44 26.19 -8.81 39.75
C LEU F 44 25.96 -9.65 38.50
N THR F 45 26.16 -10.95 38.61
CA THR F 45 25.91 -11.88 37.52
C THR F 45 24.83 -12.88 37.90
N ILE F 46 23.77 -12.94 37.10
CA ILE F 46 22.65 -13.83 37.40
C ILE F 46 22.42 -14.88 36.31
N PHE F 47 22.41 -16.14 36.73
CA PHE F 47 22.14 -17.25 35.83
C PHE F 47 20.68 -17.68 35.90
N LEU F 48 20.00 -17.68 34.76
CA LEU F 48 18.63 -18.18 34.69
C LEU F 48 18.65 -19.67 34.42
N VAL F 49 18.21 -20.46 35.40
CA VAL F 49 18.31 -21.92 35.30
C VAL F 49 16.97 -22.63 35.52
N ASN F 50 16.83 -23.81 34.93
CA ASN F 50 15.65 -24.64 35.13
C ASN F 50 16.03 -26.10 35.37
N ASN F 51 15.03 -26.96 35.52
CA ASN F 51 15.28 -28.38 35.71
C ASN F 51 14.14 -29.25 35.19
N PRO F 52 14.14 -29.53 33.88
CA PRO F 52 13.12 -30.40 33.26
C PRO F 52 13.19 -31.83 33.81
N GLU F 55 12.53 -31.04 39.00
CA GLU F 55 11.16 -30.57 39.19
C GLU F 55 10.58 -30.98 40.55
N ASN F 56 10.77 -30.16 41.57
CA ASN F 56 11.54 -28.92 41.47
C ASN F 56 12.96 -29.13 42.00
N GLY F 57 13.78 -29.80 41.20
CA GLY F 57 15.10 -30.26 41.64
C GLY F 57 16.13 -29.16 41.83
N PRO F 58 17.37 -29.58 42.14
CA PRO F 58 18.51 -28.71 42.46
C PRO F 58 19.01 -27.89 41.27
N VAL F 59 19.82 -26.88 41.57
CA VAL F 59 20.40 -26.01 40.56
C VAL F 59 21.67 -26.62 39.98
N LYS F 60 21.79 -26.60 38.66
CA LYS F 60 22.98 -27.11 37.98
C LYS F 60 23.41 -26.17 36.85
N ILE F 61 24.53 -25.49 37.05
CA ILE F 61 25.05 -24.55 36.07
C ILE F 61 25.82 -25.28 34.97
N SER F 62 25.58 -24.91 33.72
CA SER F 62 26.19 -25.58 32.59
C SER F 62 27.19 -24.70 31.83
N SER F 63 26.94 -23.40 31.81
CA SER F 63 27.79 -22.47 31.07
C SER F 63 29.20 -22.40 31.68
N LYS F 64 30.19 -22.23 30.82
CA LYS F 64 31.58 -22.13 31.26
C LYS F 64 31.89 -20.71 31.75
N VAL F 65 32.43 -20.62 32.96
CA VAL F 65 32.76 -19.32 33.54
C VAL F 65 34.26 -19.08 33.52
N ASN F 66 34.68 -18.07 32.77
CA ASN F 66 36.10 -17.77 32.59
C ASN F 66 36.74 -17.11 33.81
N ASP F 67 36.61 -17.77 34.96
CA ASP F 67 37.13 -17.25 36.21
C ASP F 67 37.22 -18.35 37.26
N LYS F 68 38.42 -18.55 37.81
CA LYS F 68 38.69 -19.67 38.70
C LYS F 68 37.84 -19.65 39.98
N GLN F 69 37.82 -18.51 40.66
CA GLN F 69 37.14 -18.41 41.95
C GLN F 69 35.63 -18.60 41.83
N VAL F 70 35.02 -17.95 40.85
CA VAL F 70 33.58 -18.05 40.65
C VAL F 70 33.18 -19.45 40.18
N SER F 71 34.07 -20.09 39.43
CA SER F 71 33.82 -21.44 38.94
C SER F 71 33.71 -22.44 40.08
N GLU F 72 34.54 -22.26 41.10
CA GLU F 72 34.48 -23.09 42.29
C GLU F 72 33.16 -22.89 43.02
N PHE F 73 32.71 -21.64 43.08
CA PHE F 73 31.43 -21.30 43.69
C PHE F 73 30.28 -21.97 42.96
N LEU F 74 30.37 -22.01 41.63
CA LEU F 74 29.30 -22.56 40.81
C LEU F 74 29.41 -24.08 40.62
N LYS F 75 30.21 -24.72 41.47
CA LYS F 75 30.38 -26.17 41.41
C LYS F 75 29.07 -26.88 41.74
N ASP F 76 28.86 -28.04 41.12
CA ASP F 76 27.63 -28.81 41.29
C ASP F 76 27.33 -29.13 42.75
N GLU F 77 28.38 -29.37 43.53
CA GLU F 77 28.22 -29.74 44.93
C GLU F 77 27.60 -28.61 45.75
N ASN F 78 28.07 -27.39 45.54
CA ASN F 78 27.57 -26.24 46.27
C ASN F 78 26.18 -25.79 45.80
N MET F 79 25.93 -25.95 44.51
CA MET F 79 24.69 -25.46 43.90
C MET F 79 23.51 -26.42 44.10
N GLU F 80 23.81 -27.65 44.51
CA GLU F 80 22.79 -28.65 44.72
C GLU F 80 21.91 -28.33 45.94
N LYS F 81 22.42 -27.42 46.78
CA LYS F 81 21.70 -27.02 47.99
C LYS F 81 20.59 -26.02 47.68
N PHE F 82 20.52 -25.58 46.43
CA PHE F 82 19.49 -24.65 45.99
C PHE F 82 18.58 -25.33 44.97
N ASN F 83 17.33 -24.88 44.87
CA ASN F 83 16.40 -25.46 43.89
C ASN F 83 15.87 -24.41 42.90
N VAL F 84 15.29 -24.89 41.81
CA VAL F 84 14.91 -24.02 40.69
C VAL F 84 13.44 -23.63 40.68
N LYS F 85 12.79 -23.73 41.84
CA LYS F 85 11.38 -23.31 41.98
C LYS F 85 11.20 -21.92 41.38
N LEU F 86 10.16 -21.76 40.56
CA LEU F 86 9.96 -20.55 39.78
C LEU F 86 9.96 -19.30 40.66
N GLY F 87 10.90 -18.40 40.39
CA GLY F 87 10.97 -17.14 41.12
C GLY F 87 11.96 -17.14 42.27
N THR F 88 12.29 -18.34 42.76
CA THR F 88 13.24 -18.46 43.86
C THR F 88 14.63 -17.99 43.43
N SER F 89 15.34 -17.33 44.32
CA SER F 89 16.66 -16.80 44.00
C SER F 89 17.58 -16.71 45.21
N LYS F 90 18.87 -16.73 44.94
CA LYS F 90 19.89 -16.54 45.96
C LYS F 90 21.12 -15.93 45.29
N HIS F 91 21.78 -15.01 45.98
CA HIS F 91 23.00 -14.39 45.43
C HIS F 91 24.02 -14.12 46.53
N PHE F 92 25.28 -14.39 46.22
CA PHE F 92 26.35 -14.29 47.20
C PHE F 92 27.42 -13.28 46.78
N TYR F 93 28.06 -12.66 47.76
CA TYR F 93 29.20 -11.78 47.50
C TYR F 93 30.51 -12.51 47.78
N MET F 94 31.47 -12.33 46.88
CA MET F 94 32.76 -13.02 46.99
C MET F 94 33.83 -12.30 46.18
N PHE F 95 35.07 -12.76 46.31
CA PHE F 95 36.18 -12.20 45.54
C PHE F 95 36.47 -13.07 44.32
N ASN F 96 36.74 -12.43 43.19
CA ASN F 96 37.09 -13.16 41.98
C ASN F 96 38.60 -13.39 41.90
N ASP F 97 39.09 -13.67 40.69
CA ASP F 97 40.51 -13.96 40.50
C ASP F 97 41.39 -12.72 40.72
N ASN F 98 40.83 -11.55 40.47
CA ASN F 98 41.58 -10.31 40.65
C ASN F 98 41.34 -9.68 42.01
N LYS F 99 40.91 -10.50 42.97
CA LYS F 99 40.59 -10.06 44.32
C LYS F 99 39.61 -8.90 44.32
N ASN F 100 38.68 -8.93 43.37
CA ASN F 100 37.64 -7.91 43.28
C ASN F 100 36.30 -8.45 43.76
N SER F 101 35.51 -7.58 44.40
CA SER F 101 34.19 -7.96 44.88
C SER F 101 33.22 -8.14 43.72
N VAL F 102 32.77 -9.37 43.52
CA VAL F 102 31.78 -9.67 42.50
C VAL F 102 30.62 -10.42 43.14
N ALA F 103 29.43 -10.27 42.56
CA ALA F 103 28.24 -10.91 43.11
C ALA F 103 27.66 -11.92 42.13
N VAL F 104 27.46 -13.15 42.61
CA VAL F 104 26.97 -14.24 41.77
C VAL F 104 25.71 -14.88 42.35
N GLY F 105 24.71 -15.09 41.50
CA GLY F 105 23.47 -15.70 41.92
C GLY F 105 22.67 -16.34 40.80
N TYR F 106 21.50 -16.87 41.15
CA TYR F 106 20.63 -17.51 40.18
C TYR F 106 19.16 -17.15 40.43
N VAL F 107 18.34 -17.26 39.38
CA VAL F 107 16.89 -17.16 39.53
C VAL F 107 16.24 -18.41 38.95
N GLY F 108 15.41 -19.07 39.74
CA GLY F 108 14.75 -20.29 39.31
C GLY F 108 13.73 -20.07 38.20
N CYS F 109 13.82 -20.86 37.15
CA CYS F 109 12.90 -20.74 36.02
C CYS F 109 11.97 -21.95 35.92
N GLY F 110 11.80 -22.65 37.04
CA GLY F 110 10.91 -23.79 37.09
C GLY F 110 11.45 -25.01 36.36
N SER F 111 10.55 -25.78 35.75
CA SER F 111 10.93 -27.03 35.12
C SER F 111 10.35 -27.15 33.72
N VAL F 112 9.48 -26.22 33.35
CA VAL F 112 8.87 -26.22 32.03
C VAL F 112 9.85 -25.66 31.00
N ALA F 113 9.97 -26.35 29.87
CA ALA F 113 10.88 -25.95 28.81
C ALA F 113 10.56 -24.56 28.27
N ASP F 114 9.27 -24.30 28.05
CA ASP F 114 8.83 -23.02 27.51
C ASP F 114 8.20 -22.14 28.59
N LEU F 115 8.82 -20.99 28.86
CA LEU F 115 8.31 -20.05 29.84
C LEU F 115 7.19 -19.19 29.27
N SER F 116 6.07 -19.16 29.99
CA SER F 116 4.95 -18.30 29.58
C SER F 116 5.27 -16.84 29.89
N GLU F 117 4.44 -15.94 29.36
CA GLU F 117 4.58 -14.51 29.62
C GLU F 117 4.57 -14.22 31.12
N ALA F 118 3.73 -14.96 31.86
CA ALA F 118 3.58 -14.76 33.30
C ALA F 118 4.76 -15.35 34.07
N ASP F 119 5.30 -16.45 33.57
CA ASP F 119 6.46 -17.09 34.21
C ASP F 119 7.68 -16.20 34.12
N MET F 120 7.95 -15.71 32.91
CA MET F 120 9.05 -14.79 32.67
C MET F 120 8.94 -13.56 33.58
N LYS F 121 7.71 -13.12 33.82
CA LYS F 121 7.46 -11.96 34.66
C LYS F 121 7.80 -12.25 36.13
N ARG F 122 7.49 -13.46 36.58
CA ARG F 122 7.82 -13.86 37.94
C ARG F 122 9.34 -13.93 38.11
N VAL F 123 10.04 -14.24 37.03
CA VAL F 123 11.49 -14.29 37.02
C VAL F 123 12.10 -12.89 37.13
N VAL F 124 11.58 -11.97 36.32
CA VAL F 124 12.07 -10.60 36.29
C VAL F 124 11.89 -9.89 37.64
N LEU F 125 10.75 -10.11 38.27
CA LEU F 125 10.45 -9.48 39.55
C LEU F 125 11.44 -9.93 40.63
N SER F 126 11.84 -11.19 40.57
CA SER F 126 12.85 -11.71 41.48
C SER F 126 14.19 -11.04 41.21
N LEU F 127 14.50 -10.85 39.93
CA LEU F 127 15.71 -10.16 39.52
C LEU F 127 15.73 -8.72 40.01
N VAL F 128 14.63 -8.01 39.73
CA VAL F 128 14.48 -6.61 40.13
C VAL F 128 14.58 -6.44 41.65
N THR F 129 14.10 -7.43 42.39
CA THR F 129 14.20 -7.41 43.84
C THR F 129 15.65 -7.28 44.29
N MET F 130 16.53 -8.01 43.61
CA MET F 130 17.96 -7.96 43.93
C MET F 130 18.58 -6.65 43.47
N LEU F 131 18.02 -6.05 42.43
CA LEU F 131 18.51 -4.78 41.90
C LEU F 131 18.12 -3.61 42.81
N HIS F 132 16.94 -3.70 43.41
CA HIS F 132 16.40 -2.63 44.24
C HIS F 132 17.02 -2.57 45.63
N ASP F 133 17.91 -3.51 45.92
CA ASP F 133 18.51 -3.60 47.24
C ASP F 133 20.00 -3.30 47.24
N ASN F 134 20.59 -3.19 46.06
CA ASN F 134 22.05 -3.07 45.96
C ASN F 134 22.54 -1.87 45.17
N LYS F 135 23.77 -1.48 45.44
CA LYS F 135 24.41 -0.35 44.76
C LYS F 135 25.27 -0.84 43.60
N LEU F 136 24.64 -1.48 42.63
CA LEU F 136 25.36 -2.08 41.51
C LEU F 136 25.58 -1.10 40.35
N SER F 137 26.67 -1.29 39.63
CA SER F 137 26.96 -0.50 38.44
C SER F 137 26.67 -1.31 37.19
N LYS F 138 26.80 -2.63 37.32
CA LYS F 138 26.59 -3.53 36.18
C LYS F 138 25.81 -4.79 36.56
N LEU F 139 24.84 -5.14 35.73
CA LEU F 139 24.12 -6.40 35.87
C LEU F 139 24.40 -7.29 34.67
N THR F 140 24.63 -8.58 34.92
CA THR F 140 24.87 -9.53 33.84
C THR F 140 23.96 -10.74 33.97
N VAL F 141 23.25 -11.06 32.89
CA VAL F 141 22.32 -12.17 32.88
C VAL F 141 22.78 -13.27 31.91
N VAL F 142 22.83 -14.51 32.41
CA VAL F 142 23.21 -15.65 31.58
C VAL F 142 22.03 -16.58 31.34
N PHE F 143 21.58 -16.63 30.09
CA PHE F 143 20.43 -17.44 29.72
C PHE F 143 20.77 -18.92 29.59
N GLU F 144 20.53 -19.69 30.64
CA GLU F 144 20.65 -21.14 30.56
C GLU F 144 19.28 -21.76 30.38
N ILE F 145 18.42 -21.03 29.68
CA ILE F 145 17.09 -21.47 29.32
C ILE F 145 16.83 -21.10 27.87
N ASN F 146 15.76 -21.63 27.28
CA ASN F 146 15.47 -21.36 25.88
C ASN F 146 14.36 -20.34 25.66
N VAL F 147 14.73 -19.20 25.09
CA VAL F 147 13.76 -18.15 24.77
C VAL F 147 13.91 -17.71 23.31
N ASP F 148 12.80 -17.42 22.66
CA ASP F 148 12.83 -16.92 21.29
C ASP F 148 13.16 -15.43 21.31
N LYS F 149 13.13 -14.79 20.15
CA LYS F 149 13.47 -13.37 20.05
C LYS F 149 12.43 -12.50 20.77
N ASN F 150 11.16 -12.81 20.56
CA ASN F 150 10.08 -12.03 21.15
C ASN F 150 10.06 -12.13 22.68
N LEU F 151 10.30 -13.32 23.21
CA LEU F 151 10.31 -13.52 24.65
C LEU F 151 11.55 -12.87 25.28
N PHE F 152 12.64 -12.85 24.54
CA PHE F 152 13.85 -12.16 25.00
C PHE F 152 13.59 -10.67 25.14
N ARG F 153 12.99 -10.08 24.11
CA ARG F 153 12.66 -8.67 24.12
C ARG F 153 11.72 -8.38 25.28
N PHE F 154 10.79 -9.29 25.51
CA PHE F 154 9.82 -9.19 26.60
C PHE F 154 10.53 -9.13 27.95
N PHE F 155 11.57 -9.93 28.09
CA PHE F 155 12.39 -9.95 29.31
C PHE F 155 12.99 -8.57 29.58
N LEU F 156 13.55 -7.97 28.53
CA LEU F 156 14.19 -6.66 28.64
C LEU F 156 13.19 -5.56 29.00
N GLU F 157 12.08 -5.50 28.27
CA GLU F 157 11.02 -4.54 28.53
C GLU F 157 10.57 -4.62 29.97
N THR F 158 10.18 -5.83 30.38
CA THR F 158 9.70 -6.08 31.72
C THR F 158 10.76 -5.75 32.77
N LEU F 159 12.01 -6.04 32.44
CA LEU F 159 13.12 -5.71 33.33
C LEU F 159 13.24 -4.20 33.52
N PHE F 160 13.32 -3.48 32.41
CA PHE F 160 13.41 -2.02 32.44
C PHE F 160 12.22 -1.39 33.14
N TYR F 161 11.03 -1.91 32.85
CA TYR F 161 9.80 -1.37 33.41
C TYR F 161 9.72 -1.56 34.92
N GLU F 162 9.97 -2.77 35.39
CA GLU F 162 9.88 -3.07 36.81
C GLU F 162 11.03 -2.45 37.59
N TYR F 163 12.16 -2.25 36.92
CA TYR F 163 13.31 -1.61 37.55
C TYR F 163 13.01 -0.15 37.87
N MET F 164 12.38 0.52 36.92
CA MET F 164 12.09 1.95 37.04
C MET F 164 11.12 2.23 38.19
N THR F 165 11.36 3.34 38.90
CA THR F 165 10.53 3.73 40.03
C THR F 165 10.02 5.17 39.90
N ASP F 166 8.70 5.30 39.88
CA ASP F 166 8.06 6.61 39.70
C ASP F 166 8.10 7.40 41.02
N GLU F 167 8.77 8.54 41.00
CA GLU F 167 8.91 9.37 42.19
C GLU F 167 8.49 10.82 41.97
N ARG F 168 7.64 11.05 40.96
CA ARG F 168 7.22 12.41 40.61
C ARG F 168 6.48 13.12 41.74
N PHE F 169 5.77 12.36 42.57
CA PHE F 169 4.93 12.94 43.60
C PHE F 169 5.52 12.72 44.98
N LYS F 170 6.80 12.35 45.01
CA LYS F 170 7.54 12.21 46.26
C LYS F 170 8.21 13.54 46.60
N SER F 171 8.08 13.97 47.86
CA SER F 171 8.71 15.19 48.32
C SER F 171 9.53 14.96 49.58
N THR F 172 8.93 14.24 50.53
CA THR F 172 9.52 13.96 51.83
C THR F 172 9.82 15.25 52.59
N GLU F 179 22.40 5.54 41.34
CA GLU F 179 21.61 4.55 42.04
C GLU F 179 21.23 3.40 41.11
N TYR F 180 21.03 3.71 39.84
CA TYR F 180 20.72 2.71 38.83
C TYR F 180 21.99 2.19 38.19
N ILE F 181 21.96 0.92 37.77
CA ILE F 181 23.12 0.34 37.12
C ILE F 181 23.41 1.10 35.85
N LYS F 182 24.69 1.16 35.51
CA LYS F 182 25.05 1.85 34.30
C LYS F 182 25.16 0.92 33.08
N HIS F 183 25.58 -0.35 33.20
CA HIS F 183 25.39 -1.14 31.99
C HIS F 183 24.95 -2.57 32.30
N LEU F 184 24.46 -3.25 31.26
CA LEU F 184 23.75 -4.54 31.33
C LEU F 184 24.39 -5.53 30.37
N GLY F 185 24.84 -6.67 30.88
CA GLY F 185 25.47 -7.68 30.05
C GLY F 185 24.61 -8.91 29.89
N VAL F 186 24.50 -9.42 28.65
CA VAL F 186 23.66 -10.57 28.38
C VAL F 186 24.43 -11.66 27.65
N TYR F 187 24.46 -12.85 28.24
CA TYR F 187 25.03 -14.01 27.57
C TYR F 187 23.90 -14.94 27.12
N ILE F 188 23.89 -15.27 25.84
CA ILE F 188 22.81 -16.05 25.26
C ILE F 188 23.25 -16.75 23.97
N ASN F 189 22.77 -17.98 23.77
CA ASN F 189 23.05 -18.71 22.54
C ASN F 189 22.49 -17.98 21.32
N ASN F 190 23.27 -17.95 20.25
CA ASN F 190 22.93 -17.21 19.03
C ASN F 190 22.67 -15.74 19.35
N ALA F 191 23.61 -15.13 20.05
CA ALA F 191 23.50 -13.75 20.52
C ALA F 191 23.19 -12.77 19.39
N ASP F 192 23.78 -12.99 18.22
CA ASP F 192 23.65 -12.09 17.08
C ASP F 192 22.18 -11.86 16.69
N THR F 193 21.38 -12.92 16.81
CA THR F 193 19.98 -12.85 16.38
C THR F 193 19.11 -12.07 17.36
N TYR F 194 19.54 -11.96 18.60
CA TYR F 194 18.77 -11.27 19.64
C TYR F 194 19.10 -9.78 19.73
N LYS F 195 20.24 -9.39 19.18
CA LYS F 195 20.76 -8.03 19.31
C LYS F 195 19.76 -6.96 18.82
N GLU F 196 19.06 -7.25 17.74
CA GLU F 196 18.12 -6.29 17.15
C GLU F 196 16.93 -6.00 18.07
N GLU F 197 16.72 -6.89 19.04
CA GLU F 197 15.59 -6.77 19.95
C GLU F 197 15.87 -5.80 21.10
N VAL F 198 17.14 -5.45 21.28
CA VAL F 198 17.56 -4.66 22.44
C VAL F 198 16.97 -3.24 22.44
N GLU F 199 17.23 -2.49 21.38
CA GLU F 199 16.76 -1.10 21.33
C GLU F 199 15.26 -1.02 21.07
N LYS F 200 14.70 -2.08 20.51
CA LYS F 200 13.25 -2.16 20.36
C LYS F 200 12.61 -2.31 21.73
N ALA F 201 13.23 -3.13 22.57
CA ALA F 201 12.79 -3.31 23.95
C ALA F 201 12.86 -1.99 24.71
N ARG F 202 13.90 -1.22 24.43
CA ARG F 202 14.08 0.09 25.03
C ARG F 202 12.92 1.02 24.66
N VAL F 203 12.52 0.96 23.39
CA VAL F 203 11.42 1.78 22.89
C VAL F 203 10.09 1.34 23.48
N TYR F 204 9.87 0.03 23.50
CA TYR F 204 8.63 -0.52 24.05
C TYR F 204 8.48 -0.20 25.53
N TYR F 205 9.60 -0.17 26.24
CA TYR F 205 9.60 0.14 27.66
C TYR F 205 9.03 1.53 27.94
N PHE F 206 9.56 2.54 27.26
CA PHE F 206 9.15 3.90 27.59
C PHE F 206 7.73 4.20 27.14
N GLY F 207 7.30 3.56 26.04
CA GLY F 207 5.92 3.68 25.60
C GLY F 207 5.01 3.21 26.71
N THR F 208 5.36 2.08 27.31
CA THR F 208 4.62 1.52 28.43
C THR F 208 4.79 2.36 29.68
N TYR F 209 5.99 2.92 29.87
CA TYR F 209 6.24 3.74 31.06
C TYR F 209 5.62 5.12 30.91
N TYR F 210 5.51 5.62 29.68
CA TYR F 210 4.84 6.89 29.44
C TYR F 210 3.36 6.72 29.73
N ALA F 211 2.84 5.54 29.44
CA ALA F 211 1.45 5.22 29.74
C ALA F 211 1.24 5.20 31.25
N SER F 212 2.13 4.51 31.96
CA SER F 212 2.06 4.40 33.41
C SER F 212 2.09 5.77 34.09
N GLN F 213 2.95 6.65 33.59
CA GLN F 213 3.05 8.00 34.15
C GLN F 213 1.72 8.75 34.03
N LEU F 214 1.08 8.60 32.88
CA LEU F 214 -0.22 9.24 32.65
C LEU F 214 -1.30 8.62 33.53
N ILE F 215 -1.32 7.30 33.58
CA ILE F 215 -2.34 6.56 34.33
C ILE F 215 -2.19 6.79 35.83
N ALA F 216 -0.96 6.72 36.33
CA ALA F 216 -0.69 6.89 37.75
C ALA F 216 -0.94 8.31 38.22
N ALA F 217 -0.84 9.26 37.29
CA ALA F 217 -1.07 10.66 37.60
C ALA F 217 -2.47 10.88 38.14
N PRO F 218 -2.57 11.40 39.38
CA PRO F 218 -3.85 11.66 40.04
C PRO F 218 -4.72 12.62 39.22
N SER F 219 -6.03 12.59 39.46
CA SER F 219 -6.97 13.32 38.62
C SER F 219 -6.93 14.84 38.84
N ASN F 220 -6.30 15.29 39.92
CA ASN F 220 -6.08 16.72 40.10
C ASN F 220 -4.89 17.18 39.25
N TYR F 221 -4.00 16.23 38.93
CA TYR F 221 -2.90 16.48 38.03
C TYR F 221 -3.31 16.21 36.58
N CYS F 222 -3.85 15.01 36.35
CA CYS F 222 -4.24 14.59 35.01
C CYS F 222 -5.72 14.88 34.75
N ASN F 223 -5.99 16.06 34.19
CA ASN F 223 -7.34 16.47 33.83
C ASN F 223 -7.45 16.61 32.32
N PRO F 224 -8.69 16.66 31.77
CA PRO F 224 -8.87 16.75 30.31
C PRO F 224 -8.01 17.82 29.64
N VAL F 225 -7.86 18.97 30.29
CA VAL F 225 -7.05 20.05 29.75
C VAL F 225 -5.57 19.71 29.79
N SER F 226 -5.09 19.29 30.96
CA SER F 226 -3.67 19.01 31.15
C SER F 226 -3.22 17.75 30.38
N LEU F 227 -4.17 16.87 30.08
CA LEU F 227 -3.84 15.63 29.39
C LEU F 227 -3.70 15.85 27.89
N SER F 228 -4.61 16.63 27.30
CA SER F 228 -4.51 16.97 25.89
C SER F 228 -3.28 17.83 25.64
N ASN F 229 -2.84 18.55 26.66
CA ASN F 229 -1.60 19.32 26.61
C ASN F 229 -0.38 18.40 26.52
N ALA F 230 -0.36 17.38 27.37
CA ALA F 230 0.72 16.40 27.36
C ALA F 230 0.81 15.68 26.03
N ALA F 231 -0.36 15.47 25.41
CA ALA F 231 -0.44 14.84 24.10
C ALA F 231 0.19 15.72 23.04
N VAL F 232 -0.14 17.00 23.06
CA VAL F 232 0.42 17.97 22.13
C VAL F 232 1.94 18.01 22.25
N GLU F 233 2.41 18.09 23.49
CA GLU F 233 3.84 18.11 23.77
C GLU F 233 4.53 16.87 23.22
N LEU F 234 3.91 15.72 23.43
CA LEU F 234 4.45 14.46 22.93
C LEU F 234 4.50 14.46 21.41
N ALA F 235 3.42 14.94 20.78
CA ALA F 235 3.32 14.97 19.33
C ALA F 235 4.40 15.87 18.71
N GLN F 236 4.75 16.93 19.42
CA GLN F 236 5.74 17.89 18.92
C GLN F 236 7.14 17.30 18.95
N LYS F 237 7.44 16.50 19.96
CA LYS F 237 8.74 15.85 20.06
C LYS F 237 8.92 14.80 18.98
N LEU F 238 7.80 14.24 18.51
CA LEU F 238 7.82 13.13 17.57
C LEU F 238 7.51 13.61 16.15
N ASN F 239 7.35 14.91 15.99
CA ASN F 239 6.95 15.51 14.71
C ASN F 239 5.72 14.84 14.12
N LEU F 240 4.74 14.57 14.98
CA LEU F 240 3.45 14.06 14.53
C LEU F 240 2.50 15.23 14.33
N GLU F 241 1.62 15.11 13.34
CA GLU F 241 0.54 16.08 13.19
C GLU F 241 -0.35 15.98 14.42
N TYR F 242 -0.89 17.10 14.88
CA TYR F 242 -1.75 17.06 16.06
C TYR F 242 -2.87 18.10 15.98
N LYS F 243 -4.04 17.70 16.46
CA LYS F 243 -5.20 18.56 16.50
C LYS F 243 -5.94 18.38 17.81
N ILE F 244 -6.26 19.48 18.49
CA ILE F 244 -7.05 19.43 19.70
C ILE F 244 -8.39 20.12 19.49
N LEU F 245 -9.46 19.35 19.55
CA LEU F 245 -10.80 19.88 19.34
C LEU F 245 -11.43 20.34 20.66
N GLY F 246 -11.92 21.58 20.67
CA GLY F 246 -12.53 22.14 21.85
C GLY F 246 -14.05 22.04 21.82
N VAL F 247 -14.69 22.54 22.87
CA VAL F 247 -16.14 22.45 23.03
C VAL F 247 -16.92 22.98 21.83
N LYS F 248 -16.54 24.16 21.35
CA LYS F 248 -17.22 24.79 20.23
C LYS F 248 -17.15 23.93 18.97
N GLU F 249 -15.98 23.36 18.71
CA GLU F 249 -15.81 22.48 17.56
C GLU F 249 -16.52 21.14 17.77
N LEU F 250 -16.60 20.70 19.03
CA LEU F 250 -17.30 19.47 19.37
C LEU F 250 -18.80 19.66 19.21
N GLU F 251 -19.27 20.85 19.60
CA GLU F 251 -20.67 21.21 19.43
C GLU F 251 -21.02 21.28 17.95
N GLU F 252 -20.11 21.82 17.15
CA GLU F 252 -20.33 21.98 15.72
C GLU F 252 -20.37 20.62 15.02
N LEU F 253 -19.73 19.62 15.61
CA LEU F 253 -19.72 18.27 15.06
C LEU F 253 -20.86 17.44 15.64
N LYS F 254 -21.62 18.07 16.54
CA LYS F 254 -22.80 17.48 17.15
C LYS F 254 -22.48 16.21 17.94
N MET F 255 -21.35 16.21 18.64
CA MET F 255 -20.95 15.07 19.46
C MET F 255 -21.65 15.14 20.83
N GLY F 256 -22.96 14.94 20.82
CA GLY F 256 -23.79 15.13 22.01
C GLY F 256 -23.55 14.15 23.14
N ALA F 257 -23.30 12.89 22.81
CA ALA F 257 -23.03 11.88 23.83
C ALA F 257 -21.78 12.23 24.61
N TYR F 258 -20.66 12.33 23.90
CA TYR F 258 -19.38 12.76 24.44
C TYR F 258 -19.52 14.02 25.29
N LEU F 259 -20.17 15.04 24.75
CA LEU F 259 -20.32 16.32 25.44
C LEU F 259 -21.20 16.22 26.68
N SER F 260 -22.13 15.27 26.69
CA SER F 260 -23.05 15.12 27.81
C SER F 260 -22.33 14.60 29.06
N VAL F 261 -21.38 13.70 28.86
CA VAL F 261 -20.63 13.12 29.97
C VAL F 261 -19.80 14.17 30.69
N GLY F 262 -19.25 15.12 29.93
CA GLY F 262 -18.36 16.11 30.49
C GLY F 262 -19.04 17.37 31.00
N LYS F 263 -20.37 17.42 30.91
CA LYS F 263 -21.13 18.60 31.31
C LYS F 263 -20.92 18.99 32.77
N GLY F 264 -20.71 18.00 33.62
CA GLY F 264 -20.60 18.24 35.05
C GLY F 264 -19.20 18.53 35.53
N SER F 265 -18.24 18.57 34.62
CA SER F 265 -16.84 18.80 34.97
C SER F 265 -16.46 20.27 34.95
N MET F 266 -15.49 20.65 35.78
CA MET F 266 -14.95 22.01 35.74
C MET F 266 -13.94 22.13 34.62
N TYR F 267 -13.63 21.01 34.00
CA TYR F 267 -12.69 20.97 32.89
C TYR F 267 -13.42 20.78 31.57
N PRO F 268 -13.18 21.69 30.60
CA PRO F 268 -13.79 21.57 29.27
C PRO F 268 -13.35 20.28 28.56
N ASN F 269 -14.27 19.66 27.83
CA ASN F 269 -13.96 18.50 27.02
C ASN F 269 -12.89 18.82 25.98
N LYS F 270 -11.94 17.92 25.81
CA LYS F 270 -10.87 18.12 24.82
C LYS F 270 -10.64 16.85 24.02
N PHE F 271 -10.81 16.95 22.70
CA PHE F 271 -10.65 15.80 21.82
C PHE F 271 -9.26 15.80 21.20
N ILE F 272 -8.50 14.74 21.44
CA ILE F 272 -7.15 14.63 20.93
C ILE F 272 -7.10 13.84 19.61
N HIS F 273 -6.43 14.42 18.61
CA HIS F 273 -6.22 13.74 17.34
C HIS F 273 -4.75 13.84 16.93
N LEU F 274 -4.05 12.71 16.99
CA LEU F 274 -2.66 12.64 16.55
C LEU F 274 -2.55 11.77 15.31
N THR F 275 -1.68 12.15 14.38
CA THR F 275 -1.56 11.42 13.13
C THR F 275 -0.11 11.13 12.77
N TYR F 276 0.15 9.89 12.37
CA TYR F 276 1.45 9.51 11.84
C TYR F 276 1.31 9.04 10.40
N LYS F 277 2.04 9.69 9.49
CA LYS F 277 2.04 9.30 8.08
C LYS F 277 3.43 8.85 7.65
N SER F 278 3.48 7.82 6.82
CA SER F 278 4.75 7.30 6.34
C SER F 278 5.15 7.98 5.04
N GLY F 280 5.10 8.29 1.34
CA GLY F 280 3.70 8.51 1.05
C GLY F 280 2.99 7.26 0.57
N ASP F 281 3.76 6.19 0.40
CA ASP F 281 3.22 4.93 -0.09
C ASP F 281 2.43 4.19 0.99
N VAL F 282 1.22 4.67 1.26
CA VAL F 282 0.39 4.09 2.31
C VAL F 282 -0.35 2.85 1.84
N LYS F 283 -0.21 1.76 2.59
CA LYS F 283 -0.87 0.50 2.26
C LYS F 283 -2.02 0.20 3.21
N LYS F 284 -1.99 0.83 4.39
CA LYS F 284 -3.05 0.64 5.38
C LYS F 284 -3.19 1.86 6.28
N LYS F 285 -4.42 2.29 6.48
CA LYS F 285 -4.72 3.39 7.39
C LYS F 285 -5.46 2.87 8.62
N ILE F 286 -4.86 3.07 9.79
CA ILE F 286 -5.44 2.56 11.02
C ILE F 286 -5.89 3.68 11.97
N ALA F 287 -7.04 3.49 12.60
CA ALA F 287 -7.50 4.40 13.63
C ALA F 287 -7.48 3.70 14.99
N LEU F 288 -6.76 4.27 15.95
CA LEU F 288 -6.72 3.74 17.31
C LEU F 288 -7.46 4.67 18.25
N VAL F 289 -8.50 4.15 18.91
CA VAL F 289 -9.34 4.96 19.77
C VAL F 289 -9.18 4.59 21.25
N GLY F 290 -8.88 5.58 22.08
CA GLY F 290 -8.71 5.34 23.50
C GLY F 290 -9.75 6.06 24.35
N LYS F 291 -10.26 5.38 25.35
CA LYS F 291 -11.20 5.99 26.28
C LYS F 291 -10.45 6.86 27.27
N GLY F 292 -10.81 8.14 27.33
CA GLY F 292 -10.09 9.10 28.15
C GLY F 292 -10.93 9.77 29.22
N ILE F 293 -11.37 8.99 30.20
CA ILE F 293 -12.03 9.55 31.38
C ILE F 293 -11.00 9.78 32.49
N THR F 294 -10.66 11.04 32.72
CA THR F 294 -9.60 11.37 33.67
C THR F 294 -9.99 11.03 35.10
N PHE F 295 -11.28 11.07 35.39
CA PHE F 295 -11.81 10.52 36.64
C PHE F 295 -13.27 10.16 36.49
N ASP F 296 -13.62 8.96 36.94
CA ASP F 296 -14.98 8.45 36.82
C ASP F 296 -15.64 8.28 38.19
N SER F 297 -16.30 9.33 38.64
CA SER F 297 -17.06 9.27 39.89
C SER F 297 -18.27 8.37 39.69
N GLY F 298 -18.77 8.33 38.46
CA GLY F 298 -19.94 7.54 38.12
C GLY F 298 -21.11 8.42 37.74
N GLY F 299 -20.92 9.72 37.85
CA GLY F 299 -22.01 10.67 37.64
C GLY F 299 -23.00 10.55 38.78
N TYR F 300 -24.28 10.78 38.48
CA TYR F 300 -25.31 10.68 39.50
C TYR F 300 -25.52 9.24 39.95
N ASN F 301 -25.18 8.29 39.08
CA ASN F 301 -25.03 6.90 39.52
C ASN F 301 -23.66 6.76 40.18
N LEU F 302 -23.52 7.40 41.34
CA LEU F 302 -22.26 7.47 42.05
C LEU F 302 -21.71 6.09 42.37
N LYS F 303 -20.39 5.95 42.28
CA LYS F 303 -19.74 4.71 42.68
C LYS F 303 -19.70 4.65 44.20
N ALA F 304 -20.78 4.15 44.79
CA ALA F 304 -20.93 4.10 46.24
C ALA F 304 -21.16 2.68 46.72
N ALA F 305 -21.52 1.81 45.79
CA ALA F 305 -21.69 0.39 46.11
C ALA F 305 -20.37 -0.20 46.58
N PRO F 306 -20.44 -1.19 47.48
CA PRO F 306 -19.21 -1.83 47.96
C PRO F 306 -18.38 -2.42 46.81
N GLY F 307 -17.08 -2.15 46.82
CA GLY F 307 -16.18 -2.69 45.81
C GLY F 307 -16.28 -2.00 44.46
N SER F 308 -16.87 -0.82 44.43
CA SER F 308 -16.93 -0.04 43.20
C SER F 308 -15.59 0.66 42.98
N MET F 309 -14.78 0.71 44.04
CA MET F 309 -13.40 1.19 43.97
C MET F 309 -13.26 2.57 43.32
N ILE F 310 -13.96 3.55 43.88
CA ILE F 310 -13.97 4.89 43.31
C ILE F 310 -12.59 5.56 43.37
N ASP F 311 -11.73 5.08 44.26
CA ASP F 311 -10.40 5.66 44.44
C ASP F 311 -9.42 5.18 43.38
N LEU F 312 -9.84 4.23 42.56
CA LEU F 312 -9.00 3.71 41.48
C LEU F 312 -9.28 4.46 40.18
N MET F 313 -10.43 5.13 40.14
CA MET F 313 -11.00 5.64 38.89
C MET F 313 -10.23 6.80 38.23
N LYS F 314 -8.99 7.02 38.65
CA LYS F 314 -8.09 7.86 37.88
C LYS F 314 -7.57 7.03 36.70
N PHE F 315 -7.70 5.71 36.86
CA PHE F 315 -7.18 4.76 35.88
C PHE F 315 -8.08 4.70 34.64
N ASP F 316 -9.15 5.48 34.63
CA ASP F 316 -10.18 5.34 33.62
C ASP F 316 -9.84 6.02 32.30
N MET F 317 -8.59 6.46 32.15
CA MET F 317 -8.10 6.96 30.87
C MET F 317 -6.96 6.07 30.39
N SER F 318 -6.96 4.83 30.85
CA SER F 318 -5.92 3.86 30.52
C SER F 318 -5.87 3.55 29.03
N GLY F 319 -7.03 3.56 28.38
CA GLY F 319 -7.10 3.32 26.96
C GLY F 319 -6.40 4.43 26.18
N CYS F 320 -6.73 5.66 26.52
CA CYS F 320 -6.09 6.83 25.95
C CYS F 320 -4.57 6.79 26.12
N ALA F 321 -4.14 6.47 27.33
CA ALA F 321 -2.73 6.38 27.65
C ALA F 321 -2.03 5.33 26.80
N ALA F 322 -2.69 4.20 26.61
CA ALA F 322 -2.16 3.11 25.79
C ALA F 322 -2.02 3.56 24.34
N VAL F 323 -2.94 4.42 23.91
CA VAL F 323 -2.91 4.96 22.55
C VAL F 323 -1.74 5.94 22.38
N LEU F 324 -1.54 6.80 23.38
CA LEU F 324 -0.45 7.77 23.34
C LEU F 324 0.91 7.09 23.47
N GLY F 325 0.97 6.04 24.28
CA GLY F 325 2.18 5.24 24.42
C GLY F 325 2.49 4.52 23.13
N CYS F 326 1.43 4.20 22.38
CA CYS F 326 1.59 3.63 21.04
C CYS F 326 2.12 4.69 20.10
N ALA F 327 1.60 5.91 20.24
CA ALA F 327 2.02 7.04 19.42
C ALA F 327 3.51 7.31 19.59
N TYR F 328 4.02 7.10 20.80
CA TYR F 328 5.45 7.27 21.03
C TYR F 328 6.24 6.21 20.27
N CYS F 329 5.88 4.96 20.47
CA CYS F 329 6.59 3.84 19.86
C CYS F 329 6.56 3.92 18.35
N VAL F 330 5.41 4.29 17.80
CA VAL F 330 5.26 4.43 16.36
C VAL F 330 6.11 5.58 15.84
N GLY F 331 6.03 6.73 16.50
CA GLY F 331 6.78 7.89 16.10
C GLY F 331 8.29 7.74 16.25
N THR F 332 8.70 6.76 17.04
CA THR F 332 10.12 6.49 17.26
C THR F 332 10.67 5.49 16.26
N LEU F 333 10.07 4.31 16.21
CA LEU F 333 10.51 3.26 15.30
C LEU F 333 10.29 3.63 13.84
N LYS F 334 9.32 4.51 13.61
CA LYS F 334 8.98 5.00 12.27
C LYS F 334 8.76 3.88 11.27
N PRO F 335 7.71 3.07 11.46
CA PRO F 335 7.39 2.04 10.47
C PRO F 335 6.93 2.69 9.17
N GLU F 336 6.87 1.94 8.07
CA GLU F 336 6.51 2.54 6.79
C GLU F 336 5.36 1.80 6.09
N ASN F 337 4.80 2.46 5.08
CA ASN F 337 3.60 2.01 4.38
C ASN F 337 2.41 1.92 5.31
N VAL F 338 2.31 2.91 6.20
CA VAL F 338 1.26 2.93 7.21
C VAL F 338 0.89 4.36 7.62
N GLU F 339 -0.40 4.60 7.80
CA GLU F 339 -0.88 5.85 8.37
C GLU F 339 -1.75 5.55 9.58
N ILE F 340 -1.43 6.18 10.70
CA ILE F 340 -2.15 5.90 11.95
C ILE F 340 -2.74 7.17 12.56
N HIS F 341 -3.99 7.08 12.98
CA HIS F 341 -4.65 8.17 13.69
C HIS F 341 -4.87 7.78 15.14
N PHE F 342 -4.43 8.65 16.04
CA PHE F 342 -4.53 8.39 17.48
C PHE F 342 -5.61 9.28 18.10
N LEU F 343 -6.70 8.66 18.53
CA LEU F 343 -7.89 9.39 18.97
C LEU F 343 -8.29 9.11 20.41
N SER F 344 -8.74 10.15 21.10
CA SER F 344 -9.29 9.99 22.44
C SER F 344 -10.27 11.12 22.78
N ALA F 345 -11.50 10.76 23.08
CA ALA F 345 -12.50 11.72 23.54
C ALA F 345 -12.37 11.91 25.04
N VAL F 346 -11.68 12.98 25.44
CA VAL F 346 -11.29 13.15 26.83
C VAL F 346 -12.23 14.05 27.63
N CYS F 347 -12.65 13.57 28.79
CA CYS F 347 -13.49 14.34 29.70
C CYS F 347 -13.47 13.73 31.10
N GLU F 348 -14.27 14.31 32.00
CA GLU F 348 -14.32 13.88 33.39
C GLU F 348 -15.78 13.70 33.81
N ASN F 349 -16.10 12.53 34.37
CA ASN F 349 -17.48 12.24 34.78
C ASN F 349 -17.73 12.59 36.24
N MET F 350 -18.37 13.72 36.48
CA MET F 350 -18.50 14.26 37.83
C MET F 350 -19.95 14.50 38.25
N VAL F 351 -20.14 14.73 39.54
CA VAL F 351 -21.44 15.09 40.09
C VAL F 351 -21.53 16.60 40.25
N SER F 352 -22.56 17.19 39.66
CA SER F 352 -22.72 18.64 39.69
C SER F 352 -24.15 19.02 39.32
N LYS F 353 -24.47 20.30 39.43
CA LYS F 353 -25.79 20.79 39.03
C LYS F 353 -25.90 20.87 37.51
N ASN F 354 -24.78 20.67 36.83
CA ASN F 354 -24.75 20.70 35.37
C ASN F 354 -24.58 19.32 34.74
N SER F 355 -24.53 18.29 35.59
CA SER F 355 -24.30 16.93 35.12
C SER F 355 -25.47 16.40 34.29
N TYR F 356 -25.19 15.40 33.44
CA TYR F 356 -26.25 14.63 32.78
C TYR F 356 -26.93 13.76 33.82
N ARG F 357 -28.25 13.60 33.68
CA ARG F 357 -29.05 12.84 34.62
C ARG F 357 -29.32 11.45 34.08
N PRO F 358 -29.56 10.50 34.98
CA PRO F 358 -30.11 9.21 34.57
C PRO F 358 -31.48 9.42 33.93
N GLY F 359 -31.65 8.92 32.71
CA GLY F 359 -32.93 9.07 32.03
C GLY F 359 -32.86 10.04 30.88
N ASP F 360 -31.80 10.86 30.85
CA ASP F 360 -31.62 11.83 29.77
C ASP F 360 -31.53 11.15 28.42
N ILE F 361 -32.12 11.78 27.40
CA ILE F 361 -32.01 11.28 26.04
C ILE F 361 -31.13 12.24 25.25
N ILE F 362 -29.99 11.73 24.79
CA ILE F 362 -29.00 12.53 24.10
C ILE F 362 -28.77 12.06 22.67
N THR F 363 -28.21 12.93 21.84
CA THR F 363 -28.04 12.62 20.42
C THR F 363 -26.58 12.60 20.00
N ALA F 364 -26.13 11.46 19.47
CA ALA F 364 -24.74 11.32 19.03
C ALA F 364 -24.53 11.99 17.68
N SER F 365 -23.28 11.94 17.20
CA SER F 365 -22.90 12.63 15.98
C SER F 365 -23.56 12.08 14.73
N ASN F 366 -23.96 10.82 14.77
CA ASN F 366 -24.59 10.19 13.60
C ASN F 366 -26.11 10.32 13.61
N GLY F 367 -26.64 11.02 14.61
CA GLY F 367 -28.07 11.30 14.66
C GLY F 367 -28.87 10.34 15.53
N LYS F 368 -28.24 9.27 16.00
CA LYS F 368 -28.92 8.31 16.86
C LYS F 368 -29.18 8.91 18.24
N THR F 369 -30.43 8.85 18.68
CA THR F 369 -30.78 9.28 20.03
C THR F 369 -30.53 8.13 21.01
N ILE F 370 -29.95 8.47 22.16
CA ILE F 370 -29.60 7.48 23.16
C ILE F 370 -30.23 7.79 24.51
N GLU F 371 -31.02 6.86 25.03
CA GLU F 371 -31.57 7.03 26.37
C GLU F 371 -30.56 6.57 27.40
N VAL F 372 -30.23 7.45 28.33
CA VAL F 372 -29.24 7.16 29.36
C VAL F 372 -29.88 6.46 30.55
N GLY F 373 -29.53 5.19 30.74
CA GLY F 373 -30.09 4.39 31.83
C GLY F 373 -29.25 4.42 33.07
N ASN F 374 -27.95 4.62 32.90
CA ASN F 374 -27.01 4.65 34.02
C ASN F 374 -25.83 5.56 33.69
N THR F 375 -25.63 6.59 34.51
CA THR F 375 -24.58 7.57 34.26
C THR F 375 -23.17 6.98 34.39
N ASP F 376 -23.04 5.89 35.14
CA ASP F 376 -21.73 5.28 35.36
C ASP F 376 -21.24 4.49 34.15
N ALA F 377 -22.10 4.30 33.15
CA ALA F 377 -21.68 3.67 31.90
C ALA F 377 -21.38 4.73 30.84
N GLU F 378 -20.49 5.66 31.19
CA GLU F 378 -20.24 6.83 30.35
C GLU F 378 -19.19 6.58 29.28
N GLY F 379 -18.37 5.55 29.46
CA GLY F 379 -17.29 5.25 28.54
C GLY F 379 -17.76 4.97 27.12
N ARG F 380 -18.83 4.20 27.00
CA ARG F 380 -19.36 3.85 25.68
C ARG F 380 -19.97 5.08 25.00
N LEU F 381 -20.46 6.02 25.80
CA LEU F 381 -21.06 7.22 25.26
C LEU F 381 -20.02 8.09 24.56
N THR F 382 -18.87 8.27 25.20
CA THR F 382 -17.78 9.04 24.63
C THR F 382 -17.15 8.30 23.45
N LEU F 383 -17.09 6.98 23.54
CA LEU F 383 -16.52 6.17 22.47
C LEU F 383 -17.36 6.20 21.21
N ALA F 384 -18.69 6.21 21.39
CA ALA F 384 -19.63 6.22 20.27
C ALA F 384 -19.37 7.39 19.33
N ASP F 385 -19.12 8.56 19.90
CA ASP F 385 -18.84 9.75 19.11
C ASP F 385 -17.44 9.70 18.49
N ALA F 386 -16.51 9.07 19.20
CA ALA F 386 -15.15 8.93 18.71
C ALA F 386 -15.09 7.94 17.55
N LEU F 387 -15.94 6.92 17.60
CA LEU F 387 -15.99 5.91 16.54
C LEU F 387 -16.63 6.47 15.27
N VAL F 388 -17.62 7.35 15.44
CA VAL F 388 -18.21 8.06 14.32
C VAL F 388 -17.16 8.95 13.67
N TYR F 389 -16.41 9.64 14.51
CA TYR F 389 -15.31 10.48 14.07
C TYR F 389 -14.25 9.64 13.34
N ALA F 390 -13.95 8.47 13.88
CA ALA F 390 -12.92 7.60 13.34
C ALA F 390 -13.26 7.08 11.95
N GLU F 391 -14.50 6.63 11.77
CA GLU F 391 -14.93 6.06 10.50
C GLU F 391 -14.96 7.10 9.39
N LYS F 392 -15.21 8.36 9.78
CA LYS F 392 -15.23 9.46 8.81
C LYS F 392 -13.85 9.75 8.25
N LEU F 393 -12.81 9.23 8.91
CA LEU F 393 -11.44 9.42 8.43
C LEU F 393 -11.12 8.47 7.29
N GLY F 394 -12.09 7.65 6.90
CA GLY F 394 -11.92 6.70 5.81
C GLY F 394 -10.74 5.78 6.00
N VAL F 395 -10.71 5.09 7.13
CA VAL F 395 -9.59 4.20 7.45
C VAL F 395 -9.92 2.74 7.15
N ASP F 396 -8.94 1.86 7.36
CA ASP F 396 -9.11 0.45 7.08
C ASP F 396 -9.53 -0.32 8.34
N TYR F 397 -8.78 -0.13 9.42
CA TYR F 397 -9.10 -0.77 10.69
C TYR F 397 -9.40 0.26 11.76
N ILE F 398 -10.45 0.00 12.55
CA ILE F 398 -10.72 0.78 13.74
C ILE F 398 -10.56 -0.08 14.98
N VAL F 399 -9.55 0.21 15.79
CA VAL F 399 -9.35 -0.50 17.03
C VAL F 399 -9.51 0.46 18.20
N ASP F 400 -10.38 0.12 19.14
CA ASP F 400 -10.46 0.92 20.36
C ASP F 400 -10.05 0.09 21.56
N ILE F 401 -9.59 0.78 22.60
CA ILE F 401 -9.11 0.13 23.80
C ILE F 401 -9.60 0.95 25.00
N ALA F 402 -10.13 0.27 26.01
CA ALA F 402 -10.83 0.98 27.07
C ALA F 402 -11.03 0.17 28.34
N THR F 403 -11.10 0.87 29.45
CA THR F 403 -11.51 0.30 30.72
C THR F 403 -13.02 0.46 30.80
N LEU F 404 -13.74 -0.36 30.03
CA LEU F 404 -15.15 -0.14 29.78
C LEU F 404 -16.07 -0.80 30.79
N THR F 405 -15.86 -2.09 31.04
CA THR F 405 -16.76 -2.83 31.93
C THR F 405 -16.02 -3.61 33.01
N GLY F 406 -16.48 -3.46 34.25
CA GLY F 406 -15.89 -4.18 35.37
C GLY F 406 -16.20 -5.66 35.35
N ALA F 407 -17.03 -6.08 34.39
CA ALA F 407 -17.41 -7.47 34.25
C ALA F 407 -16.24 -8.34 33.76
N MET F 408 -15.24 -7.69 33.16
CA MET F 408 -14.05 -8.39 32.69
C MET F 408 -13.34 -9.10 33.83
N LEU F 409 -13.47 -8.55 35.03
CA LEU F 409 -12.89 -9.14 36.22
C LEU F 409 -13.58 -10.45 36.58
N TYR F 410 -14.81 -10.62 36.12
CA TYR F 410 -15.56 -11.84 36.37
C TYR F 410 -15.43 -12.85 35.23
N SER F 411 -14.95 -12.39 34.08
CA SER F 411 -14.82 -13.26 32.92
C SER F 411 -13.38 -13.69 32.70
N LEU F 412 -12.52 -12.75 32.32
CA LEU F 412 -11.13 -13.09 32.02
C LEU F 412 -10.20 -12.82 33.20
N GLY F 413 -10.60 -11.92 34.08
CA GLY F 413 -9.82 -11.61 35.26
C GLY F 413 -8.85 -10.46 35.08
N THR F 414 -7.65 -10.61 35.61
CA THR F 414 -6.69 -9.52 35.66
C THR F 414 -5.49 -9.70 34.72
N SER F 415 -5.46 -10.79 33.97
CA SER F 415 -4.32 -11.10 33.12
C SER F 415 -4.63 -10.96 31.63
N TYR F 416 -5.78 -11.47 31.21
CA TYR F 416 -6.19 -11.41 29.81
C TYR F 416 -7.21 -10.32 29.55
N ALA F 417 -6.93 -9.46 28.58
CA ALA F 417 -7.93 -8.51 28.10
C ALA F 417 -8.84 -9.23 27.12
N GLY F 418 -10.04 -8.69 26.91
CA GLY F 418 -10.96 -9.28 25.96
C GLY F 418 -11.03 -8.46 24.67
N VAL F 419 -11.13 -9.14 23.55
CA VAL F 419 -11.30 -8.44 22.28
C VAL F 419 -12.63 -8.80 21.63
N PHE F 420 -13.38 -7.77 21.26
CA PHE F 420 -14.65 -7.93 20.56
C PHE F 420 -14.50 -7.31 19.17
N GLY F 421 -15.25 -7.78 18.19
CA GLY F 421 -15.13 -7.23 16.86
C GLY F 421 -16.20 -7.65 15.87
N ASN F 422 -16.23 -6.96 14.73
CA ASN F 422 -17.18 -7.27 13.66
C ASN F 422 -16.50 -7.91 12.45
N ASN F 423 -15.24 -8.29 12.62
CA ASN F 423 -14.45 -8.83 11.51
C ASN F 423 -13.42 -9.84 12.01
N GLU F 424 -13.54 -11.07 11.56
CA GLU F 424 -12.69 -12.16 12.06
C GLU F 424 -11.21 -11.97 11.74
N GLU F 425 -10.91 -11.46 10.55
CA GLU F 425 -9.53 -11.25 10.15
C GLU F 425 -8.83 -10.25 11.06
N LEU F 426 -9.52 -9.16 11.39
CA LEU F 426 -8.96 -8.14 12.27
C LEU F 426 -8.78 -8.67 13.69
N ILE F 427 -9.74 -9.48 14.14
CA ILE F 427 -9.62 -10.12 15.44
C ILE F 427 -8.34 -10.96 15.50
N ASN F 428 -8.11 -11.74 14.45
CA ASN F 428 -6.95 -12.61 14.38
C ASN F 428 -5.64 -11.83 14.33
N LYS F 429 -5.67 -10.65 13.70
CA LYS F 429 -4.49 -9.79 13.68
C LYS F 429 -4.18 -9.29 15.09
N ILE F 430 -5.24 -9.01 15.85
CA ILE F 430 -5.09 -8.61 17.24
C ILE F 430 -4.55 -9.77 18.08
N LEU F 431 -5.09 -10.96 17.84
CA LEU F 431 -4.65 -12.16 18.56
C LEU F 431 -3.19 -12.47 18.25
N GLN F 432 -2.78 -12.25 17.01
CA GLN F 432 -1.40 -12.49 16.61
C GLN F 432 -0.47 -11.45 17.24
N SER F 433 -0.96 -10.22 17.37
CA SER F 433 -0.19 -9.17 18.03
C SER F 433 0.01 -9.50 19.49
N SER F 434 -1.00 -10.09 20.11
CA SER F 434 -0.93 -10.52 21.50
C SER F 434 0.15 -11.59 21.67
N LYS F 435 0.28 -12.44 20.66
CA LYS F 435 1.29 -13.49 20.67
C LYS F 435 2.70 -12.91 20.65
N THR F 436 2.92 -11.94 19.77
CA THR F 436 4.27 -11.38 19.58
C THR F 436 4.62 -10.32 20.61
N SER F 437 3.62 -9.63 21.15
CA SER F 437 3.87 -8.60 22.16
C SER F 437 3.84 -9.19 23.56
N ASN F 438 3.36 -10.42 23.67
CA ASN F 438 3.20 -11.13 24.94
C ASN F 438 2.30 -10.41 25.94
N GLU F 439 1.41 -9.55 25.44
CA GLU F 439 0.33 -9.01 26.26
C GLU F 439 -0.94 -9.81 25.98
N PRO F 440 -1.27 -10.75 26.88
CA PRO F 440 -2.31 -11.76 26.66
C PRO F 440 -3.69 -11.18 26.40
N VAL F 441 -4.33 -11.68 25.35
CA VAL F 441 -5.69 -11.26 24.97
C VAL F 441 -6.51 -12.48 24.54
N TRP F 442 -7.76 -12.55 24.99
CA TRP F 442 -8.64 -13.63 24.57
C TRP F 442 -9.85 -13.08 23.82
N TRP F 443 -10.32 -13.84 22.84
CA TRP F 443 -11.41 -13.40 21.97
C TRP F 443 -12.77 -13.72 22.58
N LEU F 444 -13.59 -12.68 22.73
CA LEU F 444 -14.94 -12.84 23.28
C LEU F 444 -15.99 -12.53 22.20
N PRO F 445 -17.12 -13.25 22.24
CA PRO F 445 -18.13 -13.11 21.19
C PRO F 445 -19.04 -11.89 21.37
N ILE F 446 -19.47 -11.33 20.25
CA ILE F 446 -20.58 -10.39 20.22
C ILE F 446 -21.83 -11.15 19.77
N ILE F 447 -22.64 -11.53 20.75
CA ILE F 447 -23.83 -12.36 20.57
C ILE F 447 -25.04 -11.52 20.23
N ASN F 448 -25.55 -11.49 18.99
CA ASN F 448 -26.50 -10.39 18.73
C ASN F 448 -27.92 -10.75 19.17
N GLU F 449 -28.07 -11.93 19.80
CA GLU F 449 -29.35 -12.27 20.40
C GLU F 449 -29.66 -11.30 21.54
N TYR F 450 -28.63 -10.62 22.03
CA TYR F 450 -28.78 -9.67 23.13
C TYR F 450 -29.12 -8.25 22.66
N ARG F 451 -29.03 -8.01 21.36
CA ARG F 451 -29.25 -6.69 20.78
C ARG F 451 -30.63 -6.12 21.14
N ALA F 452 -31.63 -7.00 21.22
CA ALA F 452 -33.00 -6.59 21.49
C ALA F 452 -33.14 -5.94 22.87
N THR F 453 -32.21 -6.20 23.77
CA THR F 453 -32.27 -5.66 25.12
C THR F 453 -31.89 -4.17 25.14
N LEU F 454 -31.32 -3.70 24.03
CA LEU F 454 -30.94 -2.30 23.93
C LEU F 454 -32.03 -1.47 23.25
N ASN F 455 -33.13 -2.14 22.89
CA ASN F 455 -34.24 -1.46 22.22
C ASN F 455 -35.00 -0.53 23.16
N SER F 456 -34.67 0.75 23.10
CA SER F 456 -35.31 1.75 23.96
C SER F 456 -36.75 2.03 23.52
N LYS F 457 -37.58 2.43 24.48
CA LYS F 457 -38.98 2.74 24.22
C LYS F 457 -39.14 4.12 23.60
N TYR F 458 -38.24 5.05 23.97
CA TYR F 458 -38.39 6.43 23.55
C TYR F 458 -37.24 6.94 22.69
N ALA F 459 -36.04 6.43 22.92
CA ALA F 459 -34.88 6.79 22.09
C ALA F 459 -34.66 5.74 21.02
N ASP F 460 -33.68 5.96 20.16
CA ASP F 460 -33.34 4.99 19.12
C ASP F 460 -32.70 3.75 19.72
N ILE F 461 -31.99 3.93 20.82
CA ILE F 461 -31.28 2.84 21.46
C ILE F 461 -31.00 3.13 22.94
N ASN F 462 -30.95 2.08 23.75
CA ASN F 462 -30.56 2.20 25.15
C ASN F 462 -29.04 2.21 25.32
N GLN F 463 -28.60 2.92 26.36
CA GLN F 463 -27.18 2.98 26.71
C GLN F 463 -26.76 1.66 27.35
N ILE F 464 -27.59 1.15 28.26
CA ILE F 464 -27.33 -0.13 28.90
C ILE F 464 -28.51 -1.08 28.74
N SER F 465 -28.30 -2.34 29.10
CA SER F 465 -29.39 -3.31 29.14
C SER F 465 -29.97 -3.38 30.55
N SER F 466 -31.29 -3.48 30.66
CA SER F 466 -31.89 -3.58 31.98
C SER F 466 -31.49 -4.89 32.69
N SER F 467 -31.62 -6.04 32.04
CA SER F 467 -31.47 -7.39 32.67
C SER F 467 -30.10 -8.01 32.35
N VAL F 468 -29.88 -8.37 31.06
CA VAL F 468 -28.67 -9.07 30.63
C VAL F 468 -27.41 -8.62 31.33
N LYS F 469 -26.95 -9.47 32.24
CA LYS F 469 -25.87 -9.09 33.11
C LYS F 469 -24.51 -9.22 32.43
N ALA F 470 -24.49 -9.80 31.24
CA ALA F 470 -23.26 -9.90 30.46
C ALA F 470 -22.91 -8.53 29.89
N SER F 471 -22.39 -7.66 30.76
CA SER F 471 -22.23 -6.25 30.43
C SER F 471 -21.22 -5.95 29.34
N SER F 472 -20.17 -6.77 29.26
CA SER F 472 -19.14 -6.56 28.24
C SER F 472 -19.69 -6.76 26.84
N ILE F 473 -20.50 -7.80 26.68
CA ILE F 473 -21.10 -8.12 25.38
C ILE F 473 -22.15 -7.08 25.00
N VAL F 474 -23.00 -6.71 25.94
CA VAL F 474 -24.01 -5.67 25.71
C VAL F 474 -23.35 -4.35 25.34
N ALA F 475 -22.25 -4.03 26.03
CA ALA F 475 -21.50 -2.82 25.76
C ALA F 475 -20.91 -2.83 24.35
N SER F 476 -20.42 -3.98 23.93
CA SER F 476 -19.86 -4.14 22.59
C SER F 476 -20.95 -3.99 21.55
N LEU F 477 -22.12 -4.56 21.83
CA LEU F 477 -23.28 -4.42 20.96
C LEU F 477 -23.64 -2.96 20.76
N PHE F 478 -23.46 -2.15 21.81
CA PHE F 478 -23.74 -0.73 21.75
C PHE F 478 -22.73 -0.01 20.86
N LEU F 479 -21.46 -0.35 21.04
CA LEU F 479 -20.39 0.28 20.26
C LEU F 479 -20.49 -0.07 18.78
N LYS F 480 -20.92 -1.29 18.48
CA LYS F 480 -21.05 -1.75 17.09
C LYS F 480 -22.06 -0.90 16.32
N GLU F 481 -22.98 -0.29 17.06
CA GLU F 481 -24.02 0.55 16.45
C GLU F 481 -23.50 1.88 15.95
N PHE F 482 -22.20 2.12 16.12
CA PHE F 482 -21.61 3.39 15.71
C PHE F 482 -20.46 3.20 14.72
N VAL F 483 -20.32 1.98 14.22
CA VAL F 483 -19.40 1.67 13.14
C VAL F 483 -20.20 1.02 12.02
N GLN F 484 -20.39 1.77 10.93
CA GLN F 484 -21.32 1.37 9.88
C GLN F 484 -20.74 0.35 8.88
N ASN F 485 -19.57 0.65 8.34
CA ASN F 485 -19.00 -0.21 7.31
C ASN F 485 -17.47 -0.26 7.32
N THR F 486 -16.91 -0.58 8.48
CA THR F 486 -15.46 -0.68 8.63
C THR F 486 -15.10 -1.84 9.54
N ALA F 487 -13.96 -2.48 9.26
CA ALA F 487 -13.41 -3.48 10.16
C ALA F 487 -13.11 -2.83 11.51
N TRP F 488 -13.71 -3.36 12.57
CA TRP F 488 -13.60 -2.75 13.89
C TRP F 488 -13.44 -3.77 15.01
N ALA F 489 -12.47 -3.52 15.88
CA ALA F 489 -12.23 -4.39 17.03
C ALA F 489 -12.23 -3.58 18.33
N HIS F 490 -12.55 -4.24 19.44
CA HIS F 490 -12.71 -3.57 20.72
C HIS F 490 -12.01 -4.35 21.85
N ILE F 491 -11.03 -3.72 22.48
CA ILE F 491 -10.30 -4.36 23.57
C ILE F 491 -10.66 -3.76 24.92
N ASP F 492 -11.30 -4.56 25.77
CA ASP F 492 -11.67 -4.10 27.11
C ASP F 492 -10.57 -4.48 28.10
N ILE F 493 -9.95 -3.46 28.70
CA ILE F 493 -8.81 -3.69 29.58
C ILE F 493 -9.10 -3.33 31.03
N ALA F 494 -10.37 -3.22 31.37
CA ALA F 494 -10.78 -2.83 32.72
C ALA F 494 -10.23 -3.79 33.77
N GLY F 495 -10.11 -5.06 33.40
CA GLY F 495 -9.61 -6.06 34.31
C GLY F 495 -8.11 -6.11 34.44
N VAL F 496 -7.41 -5.75 33.36
CA VAL F 496 -5.96 -5.96 33.29
C VAL F 496 -5.14 -4.67 33.40
N SER F 497 -5.82 -3.52 33.42
CA SER F 497 -5.10 -2.25 33.37
C SER F 497 -4.26 -1.98 34.62
N TRP F 498 -4.84 -2.22 35.79
CA TRP F 498 -4.17 -1.90 37.05
C TRP F 498 -3.57 -3.14 37.71
N ASN F 499 -2.35 -3.00 38.20
CA ASN F 499 -1.70 -4.05 38.98
C ASN F 499 -2.04 -3.88 40.46
N PHE F 500 -3.05 -4.62 40.91
CA PHE F 500 -3.58 -4.45 42.26
C PHE F 500 -2.60 -4.87 43.35
N LYS F 501 -1.84 -5.93 43.08
CA LYS F 501 -0.85 -6.40 44.04
C LYS F 501 0.28 -5.39 44.21
N ALA F 502 0.77 -4.86 43.09
CA ALA F 502 1.91 -3.95 43.11
C ALA F 502 1.49 -2.49 43.24
N ARG F 503 0.18 -2.24 43.25
CA ARG F 503 -0.37 -0.90 43.44
C ARG F 503 0.10 0.10 42.37
N LYS F 504 0.18 -0.33 41.13
CA LYS F 504 0.58 0.56 40.04
C LYS F 504 -0.07 0.12 38.73
N PRO F 505 -0.02 0.98 37.69
CA PRO F 505 -0.55 0.53 36.40
C PRO F 505 0.38 -0.46 35.71
N LYS F 506 -0.14 -1.16 34.70
CA LYS F 506 0.68 -2.06 33.90
C LYS F 506 1.11 -1.38 32.60
N GLY F 507 0.42 -0.31 32.24
CA GLY F 507 0.63 0.33 30.95
C GLY F 507 0.24 -0.64 29.86
N PHE F 508 -0.87 -1.35 30.08
CA PHE F 508 -1.31 -2.41 29.18
C PHE F 508 -1.80 -1.87 27.84
N GLY F 509 -1.37 -2.52 26.77
CA GLY F 509 -1.89 -2.21 25.45
C GLY F 509 -0.91 -1.53 24.52
N VAL F 510 0.09 -0.87 25.08
CA VAL F 510 1.07 -0.15 24.26
C VAL F 510 1.83 -1.08 23.34
N ARG F 511 2.45 -2.11 23.91
CA ARG F 511 3.19 -3.09 23.13
C ARG F 511 2.27 -3.89 22.21
N LEU F 512 1.05 -4.13 22.66
CA LEU F 512 0.06 -4.83 21.85
C LEU F 512 -0.27 -4.04 20.60
N LEU F 513 -0.70 -2.80 20.78
CA LEU F 513 -1.09 -1.94 19.68
C LEU F 513 0.09 -1.63 18.74
N THR F 514 1.29 -1.53 19.31
CA THR F 514 2.46 -1.21 18.51
C THR F 514 2.82 -2.37 17.59
N GLU F 515 2.74 -3.59 18.10
CA GLU F 515 2.98 -4.77 17.29
C GLU F 515 1.93 -4.90 16.20
N PHE F 516 0.72 -4.43 16.49
CA PHE F 516 -0.37 -4.49 15.53
C PHE F 516 -0.08 -3.66 14.28
N VAL F 517 0.41 -2.44 14.47
CA VAL F 517 0.68 -1.55 13.36
C VAL F 517 1.99 -1.91 12.65
N LEU F 518 2.88 -2.59 13.36
CA LEU F 518 4.17 -2.98 12.79
C LEU F 518 4.04 -4.19 11.87
N ASN F 519 3.29 -5.19 12.31
CA ASN F 519 3.18 -6.45 11.57
C ASN F 519 2.13 -6.43 10.47
N ASP F 520 1.58 -5.26 10.18
CA ASP F 520 0.58 -5.12 9.12
C ASP F 520 1.00 -4.05 8.12
N SER G 3 19.02 -38.76 -58.03
CA SER G 3 19.06 -38.41 -56.61
C SER G 3 17.75 -37.82 -56.12
N GLU G 4 17.56 -37.82 -54.81
CA GLU G 4 16.39 -37.21 -54.20
C GLU G 4 16.65 -35.74 -53.90
N VAL G 5 15.73 -34.89 -54.33
CA VAL G 5 15.86 -33.45 -54.08
C VAL G 5 15.33 -33.08 -52.71
N PRO G 6 16.20 -32.48 -51.88
CA PRO G 6 15.80 -32.08 -50.52
C PRO G 6 14.78 -30.94 -50.54
N GLN G 7 13.89 -30.94 -49.55
CA GLN G 7 12.90 -29.90 -49.40
C GLN G 7 12.93 -29.33 -47.99
N VAL G 8 12.50 -28.07 -47.85
CA VAL G 8 12.33 -27.48 -46.53
C VAL G 8 10.86 -27.66 -46.12
N VAL G 9 9.99 -27.57 -47.12
CA VAL G 9 8.57 -27.87 -46.95
C VAL G 9 8.12 -28.76 -48.09
N SER G 10 7.00 -29.46 -47.90
CA SER G 10 6.52 -30.42 -48.88
C SER G 10 6.08 -29.76 -50.18
N LEU G 11 5.86 -28.44 -50.13
CA LEU G 11 5.41 -27.70 -51.30
C LEU G 11 6.57 -27.32 -52.21
N ASP G 12 7.79 -27.47 -51.70
CA ASP G 12 8.99 -27.21 -52.50
C ASP G 12 9.07 -28.18 -53.67
N PRO G 13 9.21 -27.64 -54.90
CA PRO G 13 9.30 -28.45 -56.12
C PRO G 13 10.49 -29.40 -56.09
N THR G 14 10.34 -30.57 -56.71
CA THR G 14 11.38 -31.60 -56.67
C THR G 14 11.89 -32.00 -58.05
N SER G 15 11.61 -31.18 -59.05
CA SER G 15 12.15 -31.38 -60.39
C SER G 15 11.93 -30.15 -61.26
N ILE G 16 12.74 -30.00 -62.30
CA ILE G 16 12.54 -28.93 -63.26
C ILE G 16 11.53 -29.36 -64.31
N PRO G 17 10.44 -28.59 -64.45
CA PRO G 17 9.51 -28.87 -65.56
C PRO G 17 10.17 -28.59 -66.90
N ILE G 18 10.22 -29.59 -67.76
CA ILE G 18 10.83 -29.44 -69.08
C ILE G 18 9.84 -29.82 -70.18
N GLU G 19 9.70 -28.96 -71.17
CA GLU G 19 8.89 -29.27 -72.33
C GLU G 19 9.77 -29.75 -73.48
N TYR G 20 9.60 -31.01 -73.86
CA TYR G 20 10.35 -31.57 -74.98
C TYR G 20 9.57 -31.42 -76.28
N ASN G 21 8.33 -31.89 -76.28
CA ASN G 21 7.47 -31.80 -77.45
C ASN G 21 6.77 -30.43 -77.52
N THR G 22 7.46 -29.47 -78.13
CA THR G 22 6.94 -28.11 -78.27
C THR G 22 6.10 -27.99 -79.54
N PRO G 23 5.17 -27.03 -79.58
CA PRO G 23 4.33 -26.78 -80.75
C PRO G 23 5.11 -26.64 -82.05
N ILE G 24 6.35 -26.15 -81.95
CA ILE G 24 7.22 -26.01 -83.10
C ILE G 24 7.49 -27.36 -83.76
N HIS G 25 7.64 -28.39 -82.95
CA HIS G 25 7.94 -29.73 -83.45
C HIS G 25 6.75 -30.35 -84.19
N ASP G 26 5.59 -29.74 -84.09
CA ASP G 26 4.40 -30.24 -84.77
C ASP G 26 4.19 -29.57 -86.12
N ILE G 27 4.95 -28.51 -86.38
CA ILE G 27 4.82 -27.76 -87.62
C ILE G 27 5.45 -28.49 -88.80
N LYS G 28 4.64 -28.83 -89.79
CA LYS G 28 5.15 -29.35 -91.05
C LYS G 28 5.74 -28.21 -91.87
N VAL G 29 6.98 -28.38 -92.33
CA VAL G 29 7.66 -27.33 -93.08
C VAL G 29 7.92 -27.75 -94.52
N GLN G 30 7.52 -26.88 -95.45
CA GLN G 30 7.68 -27.13 -96.87
C GLN G 30 8.48 -26.01 -97.54
N VAL G 31 9.49 -26.38 -98.31
CA VAL G 31 10.30 -25.40 -99.03
C VAL G 31 10.11 -25.54 -100.54
N TYR G 32 9.68 -24.46 -101.18
CA TYR G 32 9.48 -24.45 -102.63
C TYR G 32 10.44 -23.47 -103.31
N ASP G 33 10.60 -23.62 -104.62
CA ASP G 33 11.44 -22.72 -105.38
C ASP G 33 10.61 -21.58 -105.96
N ILE G 34 11.14 -20.36 -105.87
CA ILE G 34 10.46 -19.16 -106.36
C ILE G 34 10.19 -19.22 -107.86
N LYS G 35 11.07 -19.88 -108.60
CA LYS G 35 10.96 -19.98 -110.05
C LYS G 35 9.63 -20.56 -110.52
N GLY G 36 9.00 -21.38 -109.68
CA GLY G 36 7.75 -22.00 -110.03
C GLY G 36 6.51 -21.23 -109.62
N GLY G 37 6.72 -20.03 -109.06
CA GLY G 37 5.62 -19.19 -108.64
C GLY G 37 5.12 -19.53 -107.24
N CYS G 38 4.37 -18.60 -106.64
CA CYS G 38 3.88 -18.77 -105.28
C CYS G 38 2.37 -18.99 -105.24
N ASN G 39 1.94 -20.03 -104.54
CA ASN G 39 0.53 -20.26 -104.32
C ASN G 39 0.05 -19.59 -103.04
N VAL G 40 -0.94 -18.72 -103.18
CA VAL G 40 -1.47 -17.95 -102.06
C VAL G 40 -2.84 -18.47 -101.64
N GLU G 41 -2.92 -19.06 -100.45
CA GLU G 41 -4.15 -19.67 -99.98
C GLU G 41 -4.41 -19.42 -98.49
N GLU G 42 -4.62 -20.50 -97.76
CA GLU G 42 -4.99 -20.41 -96.35
C GLU G 42 -3.87 -19.80 -95.50
N GLY G 43 -4.26 -19.17 -94.40
CA GLY G 43 -3.30 -18.60 -93.47
C GLY G 43 -2.78 -17.23 -93.88
N LEU G 44 -1.51 -16.99 -93.60
CA LEU G 44 -0.89 -15.70 -93.86
C LEU G 44 0.35 -15.86 -94.73
N THR G 45 0.35 -15.20 -95.89
CA THR G 45 1.50 -15.21 -96.79
C THR G 45 2.30 -13.93 -96.65
N ILE G 46 3.57 -14.06 -96.27
CA ILE G 46 4.40 -12.89 -96.00
C ILE G 46 5.62 -12.80 -96.90
N PHE G 47 5.75 -11.65 -97.58
CA PHE G 47 6.90 -11.39 -98.44
C PHE G 47 8.00 -10.64 -97.70
N LEU G 48 9.22 -11.15 -97.77
CA LEU G 48 10.35 -10.39 -97.25
C LEU G 48 10.95 -9.57 -98.38
N VAL G 49 10.80 -8.25 -98.28
CA VAL G 49 11.22 -7.35 -99.34
C VAL G 49 12.20 -6.29 -98.86
N ASN G 50 13.05 -5.83 -99.78
CA ASN G 50 13.90 -4.68 -99.52
C ASN G 50 13.90 -3.74 -100.72
N ASN G 51 14.74 -2.72 -100.66
CA ASN G 51 14.91 -1.80 -101.77
C ASN G 51 16.31 -1.20 -101.73
N PRO G 52 17.29 -1.92 -102.31
CA PRO G 52 18.71 -1.55 -102.25
C PRO G 52 18.98 -0.11 -102.66
N GLY G 53 19.76 0.61 -101.85
CA GLY G 53 20.12 1.98 -102.14
C GLY G 53 19.20 3.01 -101.52
N LYS G 54 17.96 3.05 -101.99
CA LYS G 54 17.00 4.06 -101.54
C LYS G 54 16.48 3.77 -100.13
N GLU G 55 16.88 4.61 -99.17
CA GLU G 55 16.39 4.51 -97.81
C GLU G 55 14.89 4.77 -97.79
N ASN G 56 14.15 3.88 -97.13
CA ASN G 56 12.69 3.91 -97.12
C ASN G 56 12.12 3.87 -98.54
N GLY G 57 12.75 3.08 -99.40
CA GLY G 57 12.28 2.92 -100.76
C GLY G 57 10.95 2.20 -100.81
N PRO G 58 10.24 2.29 -101.95
CA PRO G 58 8.93 1.66 -102.10
C PRO G 58 9.01 0.14 -102.19
N VAL G 59 7.90 -0.53 -101.90
CA VAL G 59 7.83 -1.98 -101.97
C VAL G 59 7.63 -2.48 -103.39
N LYS G 60 8.43 -3.46 -103.80
CA LYS G 60 8.25 -4.11 -105.09
C LYS G 60 8.24 -5.63 -104.94
N ILE G 61 7.14 -6.25 -105.39
CA ILE G 61 7.02 -7.70 -105.37
C ILE G 61 7.54 -8.29 -106.68
N SER G 62 8.62 -9.05 -106.61
CA SER G 62 9.29 -9.55 -107.82
C SER G 62 8.88 -10.98 -108.16
N SER G 63 8.43 -11.74 -107.17
CA SER G 63 8.08 -13.14 -107.37
C SER G 63 6.84 -13.30 -108.24
N LYS G 64 6.79 -14.41 -108.98
CA LYS G 64 5.59 -14.77 -109.73
C LYS G 64 4.53 -15.32 -108.78
N VAL G 65 3.33 -14.78 -108.85
CA VAL G 65 2.24 -15.27 -108.01
C VAL G 65 1.20 -15.97 -108.88
N ASN G 66 0.96 -17.25 -108.58
CA ASN G 66 0.04 -18.06 -109.38
C ASN G 66 -1.42 -17.77 -109.06
N ASP G 67 -1.80 -16.51 -109.21
CA ASP G 67 -3.18 -16.07 -108.99
C ASP G 67 -3.37 -14.70 -109.62
N LYS G 68 -4.33 -14.59 -110.52
CA LYS G 68 -4.57 -13.35 -111.25
C LYS G 68 -5.00 -12.21 -110.35
N GLN G 69 -5.86 -12.52 -109.38
CA GLN G 69 -6.37 -11.52 -108.45
C GLN G 69 -5.24 -10.95 -107.58
N VAL G 70 -4.51 -11.84 -106.93
CA VAL G 70 -3.44 -11.45 -106.02
C VAL G 70 -2.32 -10.73 -106.76
N SER G 71 -1.97 -11.24 -107.95
CA SER G 71 -0.96 -10.60 -108.79
C SER G 71 -1.35 -9.17 -109.10
N GLU G 72 -2.64 -8.95 -109.32
CA GLU G 72 -3.16 -7.62 -109.59
C GLU G 72 -3.06 -6.73 -108.35
N PHE G 73 -3.38 -7.31 -107.18
CA PHE G 73 -3.29 -6.57 -105.92
C PHE G 73 -1.86 -6.14 -105.66
N LEU G 74 -0.92 -7.03 -105.93
CA LEU G 74 0.48 -6.79 -105.60
C LEU G 74 1.27 -6.18 -106.75
N LYS G 75 0.57 -5.51 -107.68
CA LYS G 75 1.26 -4.84 -108.77
C LYS G 75 1.95 -3.58 -108.25
N ASP G 76 2.93 -3.09 -108.99
CA ASP G 76 3.80 -2.02 -108.55
C ASP G 76 3.08 -0.74 -108.14
N GLU G 77 2.05 -0.36 -108.90
CA GLU G 77 1.32 0.88 -108.63
C GLU G 77 0.64 0.85 -107.27
N ASN G 78 0.14 -0.32 -106.89
CA ASN G 78 -0.55 -0.48 -105.61
C ASN G 78 0.40 -0.48 -104.42
N MET G 79 1.57 -1.08 -104.61
CA MET G 79 2.53 -1.24 -103.51
C MET G 79 3.41 -0.01 -103.31
N GLU G 80 3.31 0.94 -104.22
CA GLU G 80 4.10 2.16 -104.19
C GLU G 80 3.88 2.96 -102.90
N LYS G 81 2.69 2.86 -102.33
CA LYS G 81 2.33 3.62 -101.14
C LYS G 81 3.02 3.11 -99.87
N PHE G 82 3.58 1.91 -99.93
CA PHE G 82 4.27 1.34 -98.77
C PHE G 82 5.78 1.35 -98.97
N ASN G 83 6.52 1.54 -97.88
CA ASN G 83 7.98 1.55 -97.95
C ASN G 83 8.59 0.33 -97.25
N VAL G 84 9.90 0.18 -97.37
CA VAL G 84 10.56 -1.04 -96.93
C VAL G 84 11.43 -0.87 -95.68
N LYS G 85 11.13 0.17 -94.89
CA LYS G 85 11.86 0.44 -93.66
C LYS G 85 11.97 -0.81 -92.79
N LEU G 86 13.20 -1.10 -92.35
CA LEU G 86 13.48 -2.31 -91.59
C LEU G 86 12.57 -2.46 -90.37
N GLY G 87 11.77 -3.51 -90.36
CA GLY G 87 10.86 -3.77 -89.26
C GLY G 87 9.40 -3.48 -89.59
N THR G 88 9.18 -2.76 -90.68
CA THR G 88 7.83 -2.37 -91.09
C THR G 88 7.05 -3.58 -91.62
N SER G 89 5.77 -3.66 -91.26
CA SER G 89 4.90 -4.70 -91.76
C SER G 89 3.52 -4.14 -92.12
N LYS G 90 2.85 -4.79 -93.07
CA LYS G 90 1.49 -4.42 -93.46
C LYS G 90 0.66 -5.65 -93.76
N HIS G 91 -0.62 -5.59 -93.44
CA HIS G 91 -1.56 -6.67 -93.75
C HIS G 91 -2.41 -6.32 -94.97
N PHE G 92 -2.62 -7.30 -95.84
CA PHE G 92 -3.50 -7.13 -96.99
C PHE G 92 -4.62 -8.16 -96.98
N TYR G 93 -5.81 -7.76 -97.41
CA TYR G 93 -6.97 -8.65 -97.48
C TYR G 93 -7.59 -8.60 -98.86
N MET G 94 -7.82 -9.77 -99.46
CA MET G 94 -8.35 -9.83 -100.81
C MET G 94 -8.93 -11.21 -101.13
N PHE G 95 -9.55 -11.32 -102.30
CA PHE G 95 -10.08 -12.60 -102.78
C PHE G 95 -9.27 -13.12 -103.95
N ASN G 96 -8.92 -14.40 -103.90
CA ASN G 96 -8.11 -15.00 -104.96
C ASN G 96 -8.98 -15.50 -106.12
N ASP G 97 -8.35 -16.17 -107.09
CA ASP G 97 -9.04 -16.64 -108.29
C ASP G 97 -10.17 -17.63 -107.99
N ASN G 98 -10.03 -18.37 -106.90
CA ASN G 98 -11.07 -19.33 -106.51
C ASN G 98 -12.07 -18.73 -105.53
N LYS G 99 -12.16 -17.40 -105.54
CA LYS G 99 -13.15 -16.65 -104.77
C LYS G 99 -13.08 -16.90 -103.27
N ASN G 100 -11.88 -17.17 -102.78
CA ASN G 100 -11.65 -17.34 -101.35
C ASN G 100 -10.84 -16.19 -100.78
N SER G 101 -11.21 -15.72 -99.60
CA SER G 101 -10.50 -14.63 -98.96
C SER G 101 -9.11 -15.09 -98.53
N VAL G 102 -8.09 -14.38 -99.00
CA VAL G 102 -6.72 -14.71 -98.62
C VAL G 102 -6.06 -13.53 -97.93
N ALA G 103 -5.14 -13.83 -97.02
CA ALA G 103 -4.42 -12.80 -96.29
C ALA G 103 -2.96 -12.76 -96.71
N VAL G 104 -2.49 -11.57 -97.10
CA VAL G 104 -1.12 -11.40 -97.57
C VAL G 104 -0.48 -10.23 -96.84
N GLY G 105 0.84 -10.13 -96.89
CA GLY G 105 1.56 -9.03 -96.27
C GLY G 105 3.05 -9.08 -96.55
N TYR G 106 3.78 -8.11 -96.02
CA TYR G 106 5.22 -8.06 -96.19
C TYR G 106 5.93 -7.55 -94.94
N VAL G 107 7.23 -7.80 -94.87
CA VAL G 107 8.06 -7.23 -93.82
C VAL G 107 9.26 -6.53 -94.45
N GLY G 108 9.49 -5.27 -94.07
CA GLY G 108 10.59 -4.49 -94.61
C GLY G 108 11.94 -4.97 -94.13
N CYS G 109 12.86 -5.14 -95.07
CA CYS G 109 14.21 -5.60 -94.75
C CYS G 109 15.24 -4.52 -95.03
N GLY G 110 14.81 -3.26 -95.01
CA GLY G 110 15.71 -2.14 -95.18
C GLY G 110 16.15 -1.91 -96.60
N SER G 111 17.32 -1.29 -96.76
CA SER G 111 17.87 -0.97 -98.07
C SER G 111 19.29 -1.50 -98.24
N VAL G 112 19.82 -2.12 -97.18
CA VAL G 112 21.14 -2.74 -97.26
C VAL G 112 21.01 -4.16 -97.81
N ALA G 113 21.81 -4.46 -98.83
CA ALA G 113 21.67 -5.70 -99.60
C ALA G 113 21.82 -6.97 -98.78
N ASP G 114 22.70 -6.96 -97.77
CA ASP G 114 22.94 -8.12 -96.96
C ASP G 114 22.70 -7.87 -95.47
N LEU G 115 21.67 -8.51 -94.93
CA LEU G 115 21.26 -8.34 -93.54
C LEU G 115 22.26 -8.92 -92.55
N SER G 116 22.43 -8.24 -91.42
CA SER G 116 23.26 -8.77 -90.34
C SER G 116 22.42 -9.63 -89.41
N GLU G 117 23.08 -10.30 -88.46
CA GLU G 117 22.40 -11.15 -87.50
C GLU G 117 21.37 -10.37 -86.69
N ALA G 118 21.68 -9.11 -86.40
CA ALA G 118 20.81 -8.25 -85.61
C ALA G 118 19.62 -7.74 -86.44
N ASP G 119 19.89 -7.35 -87.68
CA ASP G 119 18.84 -6.91 -88.60
C ASP G 119 17.81 -8.00 -88.79
N MET G 120 18.28 -9.23 -88.99
CA MET G 120 17.41 -10.37 -89.20
C MET G 120 16.53 -10.63 -87.99
N LYS G 121 17.09 -10.45 -86.79
CA LYS G 121 16.32 -10.57 -85.56
C LYS G 121 15.19 -9.55 -85.53
N ARG G 122 15.47 -8.34 -86.00
CA ARG G 122 14.48 -7.28 -86.02
C ARG G 122 13.35 -7.61 -86.99
N VAL G 123 13.70 -8.24 -88.11
CA VAL G 123 12.72 -8.67 -89.10
C VAL G 123 11.84 -9.79 -88.55
N VAL G 124 12.48 -10.76 -87.91
CA VAL G 124 11.78 -11.92 -87.37
C VAL G 124 10.80 -11.52 -86.26
N LEU G 125 11.22 -10.61 -85.40
CA LEU G 125 10.34 -10.09 -84.35
C LEU G 125 9.14 -9.37 -84.98
N SER G 126 9.40 -8.65 -86.06
CA SER G 126 8.32 -8.02 -86.81
C SER G 126 7.36 -9.07 -87.33
N LEU G 127 7.90 -10.19 -87.79
CA LEU G 127 7.11 -11.30 -88.30
C LEU G 127 6.31 -11.97 -87.18
N VAL G 128 6.96 -12.21 -86.04
CA VAL G 128 6.32 -12.87 -84.91
C VAL G 128 5.12 -12.06 -84.42
N THR G 129 5.23 -10.74 -84.49
CA THR G 129 4.13 -9.83 -84.15
C THR G 129 2.88 -10.16 -84.96
N MET G 130 3.08 -10.48 -86.24
CA MET G 130 1.98 -10.81 -87.13
C MET G 130 1.39 -12.18 -86.80
N LEU G 131 2.19 -13.04 -86.19
CA LEU G 131 1.72 -14.36 -85.76
C LEU G 131 0.94 -14.26 -84.46
N HIS G 132 1.34 -13.33 -83.61
CA HIS G 132 0.70 -13.15 -82.30
C HIS G 132 -0.64 -12.43 -82.42
N ASP G 133 -1.57 -12.83 -81.55
CA ASP G 133 -2.93 -12.29 -81.53
C ASP G 133 -3.61 -12.49 -82.89
N ASN G 134 -3.25 -13.60 -83.55
CA ASN G 134 -3.87 -13.97 -84.81
C ASN G 134 -3.88 -15.49 -84.94
N LYS G 135 -5.05 -16.10 -84.81
CA LYS G 135 -5.15 -17.56 -84.84
C LYS G 135 -5.00 -18.08 -86.26
N LEU G 136 -3.74 -18.25 -86.69
CA LEU G 136 -3.43 -18.72 -88.02
C LEU G 136 -3.17 -20.22 -88.02
N SER G 137 -3.51 -20.87 -89.13
CA SER G 137 -3.24 -22.30 -89.29
C SER G 137 -1.94 -22.52 -90.07
N LYS G 138 -1.67 -21.61 -91.00
CA LYS G 138 -0.49 -21.70 -91.84
C LYS G 138 0.20 -20.35 -92.04
N LEU G 139 1.53 -20.36 -92.00
CA LEU G 139 2.31 -19.19 -92.39
C LEU G 139 3.10 -19.50 -93.65
N THR G 140 3.11 -18.56 -94.59
CA THR G 140 3.89 -18.69 -95.81
C THR G 140 4.87 -17.53 -95.94
N VAL G 141 6.16 -17.85 -96.06
CA VAL G 141 7.19 -16.83 -96.18
C VAL G 141 7.87 -16.89 -97.53
N VAL G 142 7.96 -15.74 -98.20
CA VAL G 142 8.60 -15.65 -99.51
C VAL G 142 9.84 -14.76 -99.45
N PHE G 143 11.01 -15.36 -99.63
CA PHE G 143 12.27 -14.63 -99.59
C PHE G 143 12.54 -13.90 -100.90
N GLU G 144 12.34 -12.59 -100.90
CA GLU G 144 12.77 -11.77 -102.03
C GLU G 144 14.00 -10.98 -101.62
N ILE G 145 14.80 -11.57 -100.74
CA ILE G 145 16.06 -10.98 -100.30
C ILE G 145 17.16 -12.03 -100.39
N ASN G 146 18.41 -11.58 -100.33
CA ASN G 146 19.55 -12.49 -100.45
C ASN G 146 20.10 -12.91 -99.10
N VAL G 147 19.99 -14.20 -98.81
CA VAL G 147 20.55 -14.78 -97.59
C VAL G 147 21.30 -16.07 -97.92
N ASP G 148 22.40 -16.33 -97.22
CA ASP G 148 23.11 -17.58 -97.43
C ASP G 148 22.49 -18.68 -96.57
N LYS G 149 23.03 -19.88 -96.67
CA LYS G 149 22.47 -21.05 -95.99
C LYS G 149 22.43 -20.87 -94.47
N ASN G 150 23.50 -20.31 -93.92
CA ASN G 150 23.57 -20.09 -92.47
C ASN G 150 22.59 -19.01 -92.00
N LEU G 151 22.44 -17.95 -92.77
CA LEU G 151 21.53 -16.88 -92.41
C LEU G 151 20.08 -17.32 -92.55
N PHE G 152 19.82 -18.16 -93.55
CA PHE G 152 18.50 -18.74 -93.71
C PHE G 152 18.15 -19.60 -92.51
N ARG G 153 19.11 -20.38 -92.04
CA ARG G 153 18.90 -21.24 -90.89
C ARG G 153 18.70 -20.39 -89.63
N PHE G 154 19.44 -19.29 -89.54
CA PHE G 154 19.31 -18.38 -88.41
C PHE G 154 17.90 -17.81 -88.35
N PHE G 155 17.33 -17.53 -89.52
CA PHE G 155 15.96 -17.04 -89.63
C PHE G 155 14.98 -18.01 -89.00
N LEU G 156 15.05 -19.27 -89.43
CA LEU G 156 14.13 -20.30 -88.95
C LEU G 156 14.29 -20.53 -87.45
N GLU G 157 15.54 -20.57 -86.99
CA GLU G 157 15.83 -20.74 -85.57
C GLU G 157 15.23 -19.60 -84.75
N THR G 158 15.52 -18.37 -85.18
CA THR G 158 15.02 -17.18 -84.51
C THR G 158 13.50 -17.15 -84.55
N LEU G 159 12.93 -17.54 -85.69
CA LEU G 159 11.49 -17.60 -85.84
C LEU G 159 10.88 -18.61 -84.87
N PHE G 160 11.41 -19.84 -84.88
CA PHE G 160 10.92 -20.88 -83.99
C PHE G 160 11.05 -20.47 -82.53
N TYR G 161 12.15 -19.81 -82.19
CA TYR G 161 12.46 -19.47 -80.80
C TYR G 161 11.58 -18.34 -80.26
N GLU G 162 11.37 -17.31 -81.08
CA GLU G 162 10.59 -16.15 -80.65
C GLU G 162 9.09 -16.42 -80.70
N TYR G 163 8.69 -17.29 -81.61
CA TYR G 163 7.28 -17.71 -81.73
C TYR G 163 6.86 -18.48 -80.49
N MET G 164 7.77 -19.31 -79.99
CA MET G 164 7.52 -20.16 -78.84
C MET G 164 7.33 -19.34 -77.56
N THR G 165 6.37 -19.78 -76.73
CA THR G 165 6.09 -19.09 -75.47
C THR G 165 6.15 -20.05 -74.28
N ASP G 166 6.87 -19.66 -73.23
CA ASP G 166 7.07 -20.50 -72.05
C ASP G 166 5.97 -20.25 -71.02
N GLU G 167 5.17 -21.27 -70.73
CA GLU G 167 4.07 -21.15 -69.78
C GLU G 167 4.17 -22.18 -68.66
N ARG G 168 5.37 -22.70 -68.45
CA ARG G 168 5.59 -23.76 -67.46
C ARG G 168 5.19 -23.36 -66.05
N PHE G 169 5.24 -22.07 -65.75
CA PHE G 169 5.00 -21.60 -64.39
C PHE G 169 3.74 -20.73 -64.30
N LYS G 170 2.98 -20.71 -65.38
CA LYS G 170 1.66 -20.07 -65.37
C LYS G 170 0.62 -21.01 -64.78
N SER G 171 -0.28 -20.47 -63.97
CA SER G 171 -1.35 -21.26 -63.38
C SER G 171 -2.72 -20.67 -63.70
N THR G 172 -3.03 -19.54 -63.07
CA THR G 172 -4.31 -18.87 -63.25
C THR G 172 -4.27 -17.85 -64.40
N ASP G 173 -3.13 -17.77 -65.08
CA ASP G 173 -2.90 -16.69 -66.04
C ASP G 173 -2.36 -17.22 -67.37
N LYS G 174 -2.85 -18.37 -67.81
CA LYS G 174 -2.42 -18.93 -69.09
C LYS G 174 -3.24 -18.37 -70.24
N ASN G 175 -2.54 -17.90 -71.28
CA ASN G 175 -3.18 -17.32 -72.46
C ASN G 175 -3.98 -18.34 -73.24
N VAL G 176 -5.27 -18.06 -73.43
CA VAL G 176 -6.16 -18.96 -74.16
C VAL G 176 -6.55 -18.39 -75.52
N MET G 178 -4.18 -19.09 -77.69
CA MET G 178 -2.81 -19.45 -78.05
C MET G 178 -2.77 -20.66 -78.97
N GLU G 179 -3.01 -20.43 -80.26
CA GLU G 179 -2.89 -21.50 -81.26
C GLU G 179 -1.67 -21.26 -82.12
N TYR G 180 -0.82 -22.28 -82.24
CA TYR G 180 0.34 -22.19 -83.12
C TYR G 180 -0.02 -22.69 -84.51
N ILE G 181 0.66 -22.15 -85.52
CA ILE G 181 0.48 -22.64 -86.88
C ILE G 181 0.90 -24.10 -86.96
N LYS G 182 0.30 -24.84 -87.89
CA LYS G 182 0.63 -26.25 -88.04
C LYS G 182 1.42 -26.46 -89.31
N HIS G 183 1.47 -25.42 -90.15
CA HIS G 183 2.16 -25.51 -91.43
C HIS G 183 2.98 -24.25 -91.69
N LEU G 184 4.19 -24.44 -92.21
CA LEU G 184 5.06 -23.33 -92.57
C LEU G 184 5.59 -23.51 -93.98
N GLY G 185 5.18 -22.62 -94.89
CA GLY G 185 5.61 -22.68 -96.27
C GLY G 185 6.68 -21.65 -96.57
N VAL G 186 7.75 -22.07 -97.24
CA VAL G 186 8.84 -21.17 -97.58
C VAL G 186 9.14 -21.19 -99.07
N TYR G 187 9.12 -20.01 -99.69
CA TYR G 187 9.54 -19.86 -101.07
C TYR G 187 10.89 -19.15 -101.13
N ILE G 188 11.85 -19.76 -101.81
CA ILE G 188 13.18 -19.17 -101.94
C ILE G 188 13.84 -19.67 -103.22
N ASN G 189 14.67 -18.81 -103.82
CA ASN G 189 15.43 -19.21 -105.00
C ASN G 189 16.43 -20.30 -104.65
N ASN G 190 16.58 -21.27 -105.55
CA ASN G 190 17.46 -22.43 -105.33
C ASN G 190 17.07 -23.18 -104.06
N ALA G 191 15.82 -23.61 -104.00
CA ALA G 191 15.25 -24.19 -102.79
C ALA G 191 15.94 -25.48 -102.34
N ASP G 192 16.38 -26.29 -103.30
CA ASP G 192 16.98 -27.59 -103.00
C ASP G 192 18.23 -27.45 -102.13
N THR G 193 18.90 -26.31 -102.23
CA THR G 193 20.13 -26.08 -101.47
C THR G 193 19.84 -25.63 -100.05
N TYR G 194 18.60 -25.25 -99.78
CA TYR G 194 18.23 -24.73 -98.46
C TYR G 194 17.46 -25.75 -97.61
N LYS G 195 16.98 -26.80 -98.25
CA LYS G 195 16.16 -27.81 -97.58
C LYS G 195 16.91 -28.48 -96.42
N GLU G 196 18.19 -28.74 -96.62
CA GLU G 196 19.00 -29.44 -95.62
C GLU G 196 19.12 -28.65 -94.31
N GLU G 197 18.87 -27.34 -94.39
CA GLU G 197 18.98 -26.47 -93.23
C GLU G 197 17.76 -26.55 -92.32
N VAL G 198 16.63 -26.97 -92.88
CA VAL G 198 15.35 -26.94 -92.18
C VAL G 198 15.37 -27.69 -90.85
N GLU G 199 15.72 -28.97 -90.89
CA GLU G 199 15.73 -29.77 -89.67
C GLU G 199 16.89 -29.39 -88.77
N LYS G 200 17.98 -28.89 -89.36
CA LYS G 200 19.10 -28.39 -88.57
C LYS G 200 18.64 -27.24 -87.70
N ALA G 201 17.79 -26.38 -88.28
CA ALA G 201 17.22 -25.26 -87.55
C ALA G 201 16.33 -25.75 -86.41
N ARG G 202 15.47 -26.72 -86.70
CA ARG G 202 14.55 -27.27 -85.72
C ARG G 202 15.31 -27.90 -84.55
N VAL G 203 16.47 -28.46 -84.84
CA VAL G 203 17.33 -29.04 -83.81
C VAL G 203 18.02 -27.94 -83.00
N TYR G 204 18.63 -26.99 -83.70
CA TYR G 204 19.29 -25.86 -83.06
C TYR G 204 18.31 -25.06 -82.21
N TYR G 205 17.09 -24.92 -82.72
CA TYR G 205 16.02 -24.24 -82.00
C TYR G 205 15.82 -24.83 -80.61
N PHE G 206 15.63 -26.15 -80.55
CA PHE G 206 15.28 -26.78 -79.30
C PHE G 206 16.48 -26.82 -78.36
N GLY G 207 17.67 -26.99 -78.92
CA GLY G 207 18.87 -26.93 -78.10
C GLY G 207 18.97 -25.59 -77.44
N THR G 208 18.64 -24.55 -78.20
CA THR G 208 18.61 -23.18 -77.69
C THR G 208 17.47 -22.98 -76.70
N TYR G 209 16.30 -23.52 -77.03
CA TYR G 209 15.11 -23.35 -76.20
C TYR G 209 15.19 -24.20 -74.93
N TYR G 210 15.81 -25.37 -75.03
CA TYR G 210 16.01 -26.24 -73.87
C TYR G 210 16.87 -25.54 -72.83
N ALA G 211 17.97 -24.96 -73.28
CA ALA G 211 18.83 -24.18 -72.41
C ALA G 211 18.04 -23.02 -71.79
N SER G 212 17.24 -22.37 -72.61
CA SER G 212 16.40 -21.26 -72.17
C SER G 212 15.46 -21.67 -71.04
N GLN G 213 14.90 -22.88 -71.15
CA GLN G 213 13.99 -23.39 -70.12
C GLN G 213 14.72 -23.60 -68.79
N LEU G 214 15.96 -24.07 -68.86
CA LEU G 214 16.76 -24.30 -67.67
C LEU G 214 17.13 -22.99 -67.00
N ILE G 215 17.54 -22.01 -67.80
CA ILE G 215 17.93 -20.70 -67.29
C ILE G 215 16.73 -19.97 -66.69
N ALA G 216 15.60 -20.02 -67.39
CA ALA G 216 14.38 -19.35 -66.94
C ALA G 216 13.84 -19.97 -65.65
N ALA G 217 13.99 -21.28 -65.53
CA ALA G 217 13.53 -22.00 -64.34
C ALA G 217 14.19 -21.46 -63.07
N PRO G 218 13.37 -20.94 -62.15
CA PRO G 218 13.85 -20.34 -60.89
C PRO G 218 14.63 -21.31 -60.00
N SER G 219 15.40 -20.76 -59.07
CA SER G 219 16.38 -21.54 -58.32
C SER G 219 15.78 -22.54 -57.34
N ASN G 220 14.52 -22.36 -56.96
CA ASN G 220 13.86 -23.32 -56.10
C ASN G 220 13.38 -24.52 -56.92
N TYR G 221 13.30 -24.32 -58.23
CA TYR G 221 13.00 -25.39 -59.17
C TYR G 221 14.28 -26.01 -59.68
N CYS G 222 15.15 -25.16 -60.22
CA CYS G 222 16.43 -25.59 -60.76
C CYS G 222 17.53 -25.49 -59.71
N ASN G 223 17.79 -26.61 -59.04
CA ASN G 223 18.83 -26.69 -58.02
C ASN G 223 19.89 -27.71 -58.48
N PRO G 224 21.05 -27.78 -57.79
CA PRO G 224 22.10 -28.71 -58.22
C PRO G 224 21.64 -30.17 -58.38
N VAL G 225 20.70 -30.60 -57.55
CA VAL G 225 20.19 -31.97 -57.64
C VAL G 225 19.21 -32.12 -58.80
N SER G 226 18.27 -31.18 -58.89
CA SER G 226 17.25 -31.22 -59.93
C SER G 226 17.84 -30.99 -61.32
N LEU G 227 18.85 -30.13 -61.40
CA LEU G 227 19.51 -29.85 -62.67
C LEU G 227 20.29 -31.06 -63.16
N SER G 228 21.01 -31.71 -62.24
CA SER G 228 21.76 -32.91 -62.57
C SER G 228 20.82 -34.05 -62.96
N ASN G 229 19.67 -34.12 -62.30
CA ASN G 229 18.64 -35.08 -62.66
C ASN G 229 18.14 -34.83 -64.08
N ALA G 230 17.94 -33.57 -64.43
CA ALA G 230 17.48 -33.18 -65.75
C ALA G 230 18.52 -33.51 -66.81
N ALA G 231 19.80 -33.42 -66.44
CA ALA G 231 20.89 -33.78 -67.33
C ALA G 231 20.92 -35.29 -67.55
N VAL G 232 20.66 -36.04 -66.48
CA VAL G 232 20.57 -37.49 -66.54
C VAL G 232 19.41 -37.91 -67.44
N GLU G 233 18.27 -37.25 -67.26
CA GLU G 233 17.08 -37.54 -68.06
C GLU G 233 17.34 -37.30 -69.55
N LEU G 234 18.02 -36.18 -69.84
CA LEU G 234 18.33 -35.82 -71.21
C LEU G 234 19.25 -36.85 -71.86
N ALA G 235 20.27 -37.29 -71.13
CA ALA G 235 21.25 -38.24 -71.65
C ALA G 235 20.60 -39.57 -71.98
N GLN G 236 19.66 -39.99 -71.14
CA GLN G 236 18.92 -41.24 -71.36
C GLN G 236 18.12 -41.17 -72.66
N LYS G 237 17.62 -39.98 -72.98
CA LYS G 237 16.83 -39.78 -74.18
C LYS G 237 17.69 -39.71 -75.43
N LEU G 238 18.95 -39.33 -75.26
CA LEU G 238 19.88 -39.20 -76.38
C LEU G 238 20.86 -40.36 -76.46
N ASN G 239 20.69 -41.33 -75.58
CA ASN G 239 21.59 -42.47 -75.46
C ASN G 239 23.04 -42.03 -75.28
N LEU G 240 23.23 -40.96 -74.50
CA LEU G 240 24.56 -40.50 -74.15
C LEU G 240 25.04 -41.20 -72.88
N GLU G 241 26.34 -41.41 -72.78
CA GLU G 241 26.92 -41.90 -71.54
C GLU G 241 26.89 -40.77 -70.53
N TYR G 242 26.61 -41.09 -69.27
CA TYR G 242 26.56 -40.05 -68.24
C TYR G 242 27.08 -40.57 -66.92
N LYS G 243 27.61 -39.65 -66.12
CA LYS G 243 28.00 -39.96 -64.75
C LYS G 243 27.90 -38.73 -63.89
N ILE G 244 27.22 -38.86 -62.76
CA ILE G 244 27.07 -37.74 -61.84
C ILE G 244 27.89 -37.96 -60.56
N LEU G 245 28.78 -37.01 -60.24
CA LEU G 245 29.56 -37.12 -59.02
C LEU G 245 28.87 -36.47 -57.82
N GLY G 246 28.85 -37.20 -56.70
CA GLY G 246 28.41 -36.66 -55.43
C GLY G 246 29.60 -36.19 -54.63
N VAL G 247 29.34 -35.69 -53.43
CA VAL G 247 30.39 -35.11 -52.59
C VAL G 247 31.50 -36.13 -52.30
N LYS G 248 31.10 -37.37 -52.04
CA LYS G 248 32.03 -38.44 -51.73
C LYS G 248 33.10 -38.61 -52.80
N GLU G 249 32.67 -38.64 -54.06
CA GLU G 249 33.60 -38.74 -55.19
C GLU G 249 34.43 -37.47 -55.33
N LEU G 250 33.77 -36.33 -55.15
CA LEU G 250 34.42 -35.03 -55.28
C LEU G 250 35.46 -34.82 -54.18
N GLU G 251 35.24 -35.43 -53.03
CA GLU G 251 36.20 -35.34 -51.93
C GLU G 251 37.46 -36.12 -52.23
N GLU G 252 37.29 -37.33 -52.79
CA GLU G 252 38.44 -38.19 -53.09
C GLU G 252 39.20 -37.67 -54.30
N LEU G 253 38.54 -36.85 -55.12
CA LEU G 253 39.20 -36.21 -56.24
C LEU G 253 39.78 -34.87 -55.81
N LYS G 254 39.59 -34.54 -54.54
CA LYS G 254 40.19 -33.37 -53.91
C LYS G 254 39.75 -32.04 -54.53
N MET G 255 38.51 -31.96 -54.99
CA MET G 255 38.02 -30.72 -55.59
C MET G 255 37.62 -29.72 -54.51
N GLY G 256 38.62 -29.17 -53.83
CA GLY G 256 38.40 -28.29 -52.70
C GLY G 256 37.83 -26.93 -53.06
N ALA G 257 38.17 -26.43 -54.24
CA ALA G 257 37.69 -25.13 -54.69
C ALA G 257 36.20 -25.20 -55.01
N TYR G 258 35.82 -26.21 -55.77
CA TYR G 258 34.42 -26.42 -56.17
C TYR G 258 33.56 -26.73 -54.94
N LEU G 259 34.08 -27.52 -54.02
CA LEU G 259 33.31 -27.91 -52.84
C LEU G 259 33.12 -26.76 -51.85
N SER G 260 34.09 -25.85 -51.80
CA SER G 260 34.04 -24.72 -50.87
C SER G 260 32.87 -23.79 -51.18
N VAL G 261 32.62 -23.57 -52.46
CA VAL G 261 31.54 -22.69 -52.89
C VAL G 261 30.17 -23.24 -52.49
N GLY G 262 29.99 -24.55 -52.62
CA GLY G 262 28.71 -25.19 -52.33
C GLY G 262 28.53 -25.57 -50.87
N LYS G 263 29.52 -25.26 -50.04
CA LYS G 263 29.48 -25.62 -48.62
C LYS G 263 28.22 -25.13 -47.91
N GLY G 264 27.84 -23.89 -48.19
CA GLY G 264 26.73 -23.27 -47.49
C GLY G 264 25.35 -23.56 -48.05
N SER G 265 25.26 -24.48 -49.00
CA SER G 265 23.99 -24.81 -49.63
C SER G 265 23.32 -26.03 -48.99
N MET G 266 21.99 -26.06 -49.06
CA MET G 266 21.22 -27.21 -48.56
C MET G 266 21.20 -28.31 -49.61
N TYR G 267 21.63 -27.98 -50.83
CA TYR G 267 21.73 -28.96 -51.90
C TYR G 267 23.18 -29.36 -52.08
N PRO G 268 23.46 -30.67 -51.99
CA PRO G 268 24.82 -31.17 -52.21
C PRO G 268 25.30 -30.87 -53.62
N ASN G 269 26.60 -30.72 -53.80
CA ASN G 269 27.18 -30.49 -55.12
C ASN G 269 26.97 -31.69 -56.02
N LYS G 270 26.73 -31.42 -57.30
CA LYS G 270 26.60 -32.48 -58.29
C LYS G 270 27.42 -32.12 -59.54
N PHE G 271 28.40 -32.96 -59.86
CA PHE G 271 29.26 -32.71 -61.00
C PHE G 271 28.77 -33.50 -62.22
N ILE G 272 28.31 -32.78 -63.25
CA ILE G 272 27.76 -33.41 -64.44
C ILE G 272 28.83 -33.81 -65.43
N HIS G 273 28.81 -35.08 -65.83
CA HIS G 273 29.70 -35.56 -66.89
C HIS G 273 28.93 -36.37 -67.92
N LEU G 274 28.63 -35.73 -69.05
CA LEU G 274 28.01 -36.41 -70.18
C LEU G 274 29.06 -36.65 -71.26
N THR G 275 28.95 -37.78 -71.95
CA THR G 275 29.89 -38.09 -73.03
C THR G 275 29.17 -38.55 -74.29
N TYR G 276 29.56 -37.96 -75.41
CA TYR G 276 29.16 -38.46 -76.72
C TYR G 276 30.36 -39.07 -77.42
N LYS G 277 30.31 -40.37 -77.66
CA LYS G 277 31.37 -41.04 -78.41
C LYS G 277 30.86 -41.44 -79.79
N SER G 278 31.67 -41.17 -80.81
CA SER G 278 31.29 -41.51 -82.18
C SER G 278 31.59 -42.99 -82.47
N LYS G 279 30.70 -43.62 -83.23
CA LYS G 279 30.87 -45.01 -83.61
C LYS G 279 32.12 -45.19 -84.46
N GLY G 280 32.40 -44.20 -85.29
CA GLY G 280 33.60 -44.22 -86.11
C GLY G 280 34.84 -43.95 -85.27
N ASP G 281 36.00 -44.31 -85.79
CA ASP G 281 37.27 -44.11 -85.08
C ASP G 281 37.50 -42.63 -84.81
N VAL G 282 37.68 -42.29 -83.54
CA VAL G 282 37.77 -40.91 -83.09
C VAL G 282 39.04 -40.20 -83.56
N LYS G 283 38.88 -38.97 -84.05
CA LYS G 283 40.01 -38.16 -84.49
C LYS G 283 40.19 -36.92 -83.63
N LYS G 284 39.10 -36.46 -83.00
CA LYS G 284 39.15 -35.27 -82.16
C LYS G 284 38.43 -35.50 -80.83
N LYS G 285 39.08 -35.12 -79.74
CA LYS G 285 38.51 -35.19 -78.39
C LYS G 285 38.23 -33.78 -77.86
N ILE G 286 37.01 -33.53 -77.44
CA ILE G 286 36.64 -32.18 -76.99
C ILE G 286 35.91 -32.18 -75.65
N ALA G 287 36.31 -31.26 -74.78
CA ALA G 287 35.62 -31.07 -73.50
C ALA G 287 34.97 -29.68 -73.45
N LEU G 288 33.65 -29.65 -73.30
CA LEU G 288 32.92 -28.41 -73.13
C LEU G 288 32.52 -28.23 -71.67
N VAL G 289 32.95 -27.13 -71.07
CA VAL G 289 32.73 -26.88 -69.65
C VAL G 289 31.85 -25.67 -69.40
N GLY G 290 30.75 -25.86 -68.69
CA GLY G 290 29.85 -24.76 -68.38
C GLY G 290 29.75 -24.48 -66.89
N LYS G 291 29.75 -23.18 -66.54
CA LYS G 291 29.58 -22.77 -65.15
C LYS G 291 28.14 -23.07 -64.72
N GLY G 292 28.01 -23.82 -63.63
CA GLY G 292 26.71 -24.26 -63.18
C GLY G 292 26.33 -23.81 -61.77
N ILE G 293 26.29 -22.50 -61.56
CA ILE G 293 25.85 -21.96 -60.29
C ILE G 293 24.35 -21.69 -60.32
N THR G 294 23.58 -22.58 -59.70
CA THR G 294 22.12 -22.53 -59.77
C THR G 294 21.55 -21.25 -59.14
N PHE G 295 22.23 -20.75 -58.12
CA PHE G 295 21.92 -19.42 -57.59
C PHE G 295 23.16 -18.78 -56.97
N ASP G 296 23.37 -17.51 -57.28
CA ASP G 296 24.52 -16.78 -56.77
C ASP G 296 24.10 -15.56 -55.97
N SER G 297 24.09 -15.71 -54.64
CA SER G 297 23.73 -14.63 -53.74
C SER G 297 24.96 -13.81 -53.41
N GLY G 298 26.12 -14.33 -53.78
CA GLY G 298 27.39 -13.66 -53.51
C GLY G 298 28.11 -14.28 -52.34
N GLY G 299 27.45 -15.19 -51.63
CA GLY G 299 28.00 -15.76 -50.41
C GLY G 299 28.01 -14.69 -49.34
N TYR G 300 29.00 -14.73 -48.46
CA TYR G 300 29.10 -13.73 -47.41
C TYR G 300 29.37 -12.35 -47.98
N ASN G 301 30.05 -12.31 -49.13
CA ASN G 301 30.08 -11.10 -49.94
C ASN G 301 28.74 -10.99 -50.68
N LEU G 302 27.68 -10.79 -49.92
CA LEU G 302 26.32 -10.80 -50.45
C LEU G 302 26.10 -9.71 -51.50
N LYS G 303 25.33 -10.04 -52.53
CA LYS G 303 24.97 -9.07 -53.55
C LYS G 303 23.94 -8.08 -52.98
N ALA G 304 24.44 -7.03 -52.35
CA ALA G 304 23.58 -6.06 -51.69
C ALA G 304 23.74 -4.66 -52.26
N ALA G 305 24.81 -4.46 -53.02
CA ALA G 305 25.08 -3.16 -53.63
C ALA G 305 24.10 -2.87 -54.77
N PRO G 306 23.80 -1.58 -55.01
CA PRO G 306 22.94 -1.18 -56.12
C PRO G 306 23.47 -1.66 -57.47
N GLY G 307 22.65 -2.38 -58.22
CA GLY G 307 23.01 -2.84 -59.54
C GLY G 307 23.60 -4.24 -59.58
N SER G 308 23.64 -4.90 -58.42
CA SER G 308 24.20 -6.25 -58.34
C SER G 308 23.21 -7.29 -58.85
N MET G 309 21.94 -6.89 -58.98
CA MET G 309 20.90 -7.70 -59.62
C MET G 309 20.78 -9.12 -59.06
N ILE G 310 20.63 -9.23 -57.75
CA ILE G 310 20.55 -10.54 -57.10
C ILE G 310 19.30 -11.31 -57.54
N ASP G 311 18.29 -10.58 -58.02
CA ASP G 311 17.04 -11.19 -58.45
C ASP G 311 17.19 -11.91 -59.79
N LEU G 312 18.27 -11.59 -60.50
CA LEU G 312 18.53 -12.17 -61.81
C LEU G 312 19.36 -13.44 -61.69
N MET G 313 20.04 -13.59 -60.56
CA MET G 313 21.11 -14.59 -60.41
C MET G 313 20.69 -16.05 -60.41
N LYS G 314 19.51 -16.34 -60.96
CA LYS G 314 19.15 -17.72 -61.26
C LYS G 314 19.78 -18.09 -62.59
N PHE G 315 20.17 -17.05 -63.34
CA PHE G 315 20.72 -17.22 -64.68
C PHE G 315 22.20 -17.59 -64.63
N ASP G 316 22.72 -17.81 -63.43
CA ASP G 316 24.16 -18.01 -63.26
C ASP G 316 24.60 -19.43 -63.60
N MET G 317 23.67 -20.24 -64.10
CA MET G 317 24.01 -21.57 -64.61
C MET G 317 23.79 -21.61 -66.12
N SER G 318 23.80 -20.43 -66.74
CA SER G 318 23.56 -20.30 -68.17
C SER G 318 24.61 -21.03 -69.01
N GLY G 319 25.84 -21.07 -68.51
CA GLY G 319 26.91 -21.76 -69.20
C GLY G 319 26.66 -23.26 -69.22
N CYS G 320 26.26 -23.78 -68.07
CA CYS G 320 25.90 -25.19 -67.95
C CYS G 320 24.73 -25.52 -68.87
N ALA G 321 23.79 -24.58 -68.97
CA ALA G 321 22.61 -24.74 -69.81
C ALA G 321 22.99 -24.76 -71.29
N ALA G 322 23.95 -23.91 -71.66
CA ALA G 322 24.45 -23.86 -73.03
C ALA G 322 25.05 -25.21 -73.41
N VAL G 323 25.83 -25.78 -72.49
CA VAL G 323 26.51 -27.03 -72.72
C VAL G 323 25.53 -28.19 -72.89
N LEU G 324 24.50 -28.24 -72.06
CA LEU G 324 23.50 -29.30 -72.14
C LEU G 324 22.69 -29.21 -73.42
N GLY G 325 22.38 -27.98 -73.83
CA GLY G 325 21.68 -27.75 -75.09
C GLY G 325 22.54 -28.18 -76.26
N CYS G 326 23.85 -28.02 -76.11
CA CYS G 326 24.79 -28.49 -77.12
C CYS G 326 24.79 -30.01 -77.16
N ALA G 327 24.65 -30.62 -75.98
CA ALA G 327 24.57 -32.06 -75.87
C ALA G 327 23.34 -32.60 -76.59
N TYR G 328 22.26 -31.83 -76.57
CA TYR G 328 21.06 -32.21 -77.31
C TYR G 328 21.34 -32.20 -78.81
N CYS G 329 21.93 -31.11 -79.27
CA CYS G 329 22.18 -30.92 -80.69
C CYS G 329 23.12 -31.98 -81.24
N VAL G 330 24.19 -32.26 -80.50
CA VAL G 330 25.18 -33.25 -80.93
C VAL G 330 24.58 -34.65 -80.96
N GLY G 331 23.94 -35.05 -79.87
CA GLY G 331 23.34 -36.37 -79.78
C GLY G 331 22.25 -36.62 -80.80
N THR G 332 21.66 -35.54 -81.30
CA THR G 332 20.60 -35.62 -82.30
C THR G 332 21.19 -35.69 -83.71
N LEU G 333 22.15 -34.82 -83.98
CA LEU G 333 22.77 -34.77 -85.30
C LEU G 333 23.82 -35.87 -85.47
N LYS G 334 24.35 -36.34 -84.36
CA LYS G 334 25.34 -37.43 -84.33
C LYS G 334 26.51 -37.22 -85.29
N PRO G 335 27.42 -36.30 -84.95
CA PRO G 335 28.63 -36.12 -85.76
C PRO G 335 29.57 -37.31 -85.66
N GLU G 336 30.43 -37.49 -86.66
CA GLU G 336 31.30 -38.65 -86.71
C GLU G 336 32.76 -38.32 -86.38
N ASN G 337 33.51 -39.35 -86.03
CA ASN G 337 34.94 -39.24 -85.74
C ASN G 337 35.25 -38.21 -84.66
N VAL G 338 34.41 -38.17 -83.62
CA VAL G 338 34.59 -37.17 -82.57
C VAL G 338 34.05 -37.65 -81.22
N GLU G 339 34.74 -37.27 -80.15
CA GLU G 339 34.34 -37.62 -78.80
C GLU G 339 34.19 -36.36 -77.96
N ILE G 340 32.99 -36.11 -77.45
CA ILE G 340 32.71 -34.87 -76.73
C ILE G 340 32.33 -35.11 -75.29
N HIS G 341 32.98 -34.40 -74.38
CA HIS G 341 32.63 -34.46 -72.96
C HIS G 341 31.92 -33.19 -72.54
N PHE G 342 30.71 -33.34 -72.01
CA PHE G 342 29.93 -32.20 -71.54
C PHE G 342 30.02 -32.13 -70.01
N LEU G 343 30.75 -31.13 -69.52
CA LEU G 343 31.09 -31.07 -68.10
C LEU G 343 30.48 -29.85 -67.40
N SER G 344 30.04 -30.04 -66.16
CA SER G 344 29.54 -28.93 -65.35
C SER G 344 29.63 -29.23 -63.85
N ALA G 345 30.39 -28.41 -63.13
CA ALA G 345 30.47 -28.50 -61.68
C ALA G 345 29.35 -27.69 -61.05
N VAL G 346 28.23 -28.34 -60.75
CA VAL G 346 27.02 -27.64 -60.33
C VAL G 346 26.91 -27.51 -58.82
N CYS G 347 26.69 -26.28 -58.35
CA CYS G 347 26.45 -26.02 -56.94
C CYS G 347 25.70 -24.70 -56.73
N GLU G 348 25.55 -24.31 -55.48
CA GLU G 348 24.80 -23.12 -55.11
C GLU G 348 25.61 -22.25 -54.15
N ASN G 349 25.67 -20.96 -54.41
CA ASN G 349 26.43 -20.05 -53.56
C ASN G 349 25.54 -19.31 -52.57
N MET G 350 25.52 -19.79 -51.33
CA MET G 350 24.56 -19.29 -50.35
C MET G 350 25.20 -18.80 -49.05
N VAL G 351 24.42 -18.09 -48.25
CA VAL G 351 24.85 -17.64 -46.94
C VAL G 351 24.38 -18.62 -45.87
N SER G 352 25.33 -19.09 -45.05
CA SER G 352 25.03 -20.08 -44.03
C SER G 352 26.14 -20.11 -42.98
N LYS G 353 25.93 -20.89 -41.93
CA LYS G 353 26.98 -21.12 -40.94
C LYS G 353 28.00 -22.10 -41.51
N ASN G 354 27.61 -22.75 -42.60
CA ASN G 354 28.46 -23.73 -43.27
C ASN G 354 29.16 -23.14 -44.49
N SER G 355 28.89 -21.88 -44.79
CA SER G 355 29.45 -21.22 -45.96
C SER G 355 30.96 -20.98 -45.81
N TYR G 356 31.66 -20.83 -46.93
CA TYR G 356 33.07 -20.47 -46.87
C TYR G 356 33.18 -18.97 -46.68
N ARG G 357 34.25 -18.54 -46.01
CA ARG G 357 34.41 -17.15 -45.61
C ARG G 357 35.38 -16.39 -46.49
N PRO G 358 35.21 -15.07 -46.58
CA PRO G 358 36.23 -14.23 -47.23
C PRO G 358 37.55 -14.34 -46.47
N GLY G 359 38.61 -14.78 -47.15
CA GLY G 359 39.90 -14.91 -46.52
C GLY G 359 40.35 -16.36 -46.41
N ASP G 360 39.40 -17.28 -46.47
CA ASP G 360 39.69 -18.70 -46.44
C ASP G 360 40.73 -19.09 -47.50
N ILE G 361 41.63 -20.01 -47.15
CA ILE G 361 42.52 -20.58 -48.13
C ILE G 361 42.13 -22.02 -48.41
N ILE G 362 41.87 -22.30 -49.68
CA ILE G 362 41.36 -23.60 -50.10
C ILE G 362 42.26 -24.21 -51.18
N THR G 363 42.28 -25.53 -51.27
CA THR G 363 43.17 -26.21 -52.19
C THR G 363 42.41 -26.87 -53.34
N ALA G 364 42.79 -26.51 -54.57
CA ALA G 364 42.18 -27.10 -55.76
C ALA G 364 42.67 -28.51 -56.00
N SER G 365 42.03 -29.20 -56.93
CA SER G 365 42.31 -30.62 -57.19
C SER G 365 43.69 -30.86 -57.81
N ASN G 366 44.42 -29.79 -58.13
CA ASN G 366 45.76 -29.92 -58.68
C ASN G 366 46.83 -29.47 -57.68
N GLY G 367 46.41 -29.18 -56.46
CA GLY G 367 47.35 -28.86 -55.39
C GLY G 367 47.53 -27.37 -55.13
N LYS G 368 47.12 -26.53 -56.08
CA LYS G 368 47.24 -25.09 -55.91
C LYS G 368 46.34 -24.57 -54.79
N THR G 369 46.95 -23.91 -53.81
CA THR G 369 46.19 -23.29 -52.74
C THR G 369 45.72 -21.90 -53.17
N ILE G 370 44.48 -21.58 -52.84
CA ILE G 370 43.84 -20.36 -53.29
C ILE G 370 43.37 -19.50 -52.12
N GLU G 371 43.70 -18.21 -52.15
CA GLU G 371 43.17 -17.28 -51.15
C GLU G 371 41.93 -16.58 -51.68
N VAL G 372 40.79 -16.84 -51.03
CA VAL G 372 39.53 -16.23 -51.43
C VAL G 372 39.41 -14.80 -50.91
N GLY G 373 39.44 -13.83 -51.81
CA GLY G 373 39.32 -12.44 -51.43
C GLY G 373 37.88 -11.96 -51.45
N ASN G 374 37.04 -12.69 -52.18
CA ASN G 374 35.64 -12.32 -52.34
C ASN G 374 34.81 -13.54 -52.74
N THR G 375 33.81 -13.86 -51.93
CA THR G 375 33.04 -15.08 -52.14
C THR G 375 32.07 -14.98 -53.34
N ASP G 376 31.93 -13.78 -53.89
CA ASP G 376 31.04 -13.58 -55.03
C ASP G 376 31.79 -13.84 -56.35
N ALA G 377 33.09 -14.08 -56.25
CA ALA G 377 33.87 -14.51 -57.40
C ALA G 377 34.01 -16.03 -57.36
N GLU G 378 32.88 -16.71 -57.21
CA GLU G 378 32.87 -18.14 -56.94
C GLU G 378 32.97 -18.97 -58.22
N GLY G 379 32.58 -18.38 -59.35
CA GLY G 379 32.57 -19.09 -60.61
C GLY G 379 33.92 -19.65 -61.03
N ARG G 380 34.95 -18.85 -60.86
CA ARG G 380 36.30 -19.25 -61.26
C ARG G 380 36.81 -20.40 -60.40
N LEU G 381 36.31 -20.48 -59.16
CA LEU G 381 36.70 -21.56 -58.27
C LEU G 381 36.12 -22.89 -58.73
N THR G 382 34.86 -22.86 -59.16
CA THR G 382 34.19 -24.07 -59.64
C THR G 382 34.78 -24.50 -60.99
N LEU G 383 35.03 -23.52 -61.85
CA LEU G 383 35.63 -23.80 -63.15
C LEU G 383 37.05 -24.33 -62.98
N ALA G 384 37.74 -23.89 -61.94
CA ALA G 384 39.10 -24.32 -61.67
C ALA G 384 39.22 -25.84 -61.57
N ASP G 385 38.43 -26.44 -60.70
CA ASP G 385 38.44 -27.88 -60.51
C ASP G 385 37.88 -28.62 -61.72
N ALA G 386 36.93 -27.99 -62.40
CA ALA G 386 36.33 -28.58 -63.60
C ALA G 386 37.33 -28.64 -64.75
N LEU G 387 38.16 -27.60 -64.86
CA LEU G 387 39.20 -27.55 -65.89
C LEU G 387 40.27 -28.60 -65.62
N VAL G 388 40.64 -28.77 -64.35
CA VAL G 388 41.58 -29.81 -63.96
C VAL G 388 41.03 -31.17 -64.33
N TYR G 389 39.73 -31.36 -64.08
CA TYR G 389 39.04 -32.60 -64.42
C TYR G 389 39.04 -32.80 -65.93
N ALA G 390 38.76 -31.72 -66.65
CA ALA G 390 38.66 -31.77 -68.11
C ALA G 390 39.97 -32.21 -68.75
N GLU G 391 41.08 -31.60 -68.32
CA GLU G 391 42.38 -31.92 -68.91
C GLU G 391 42.82 -33.35 -68.58
N LYS G 392 42.35 -33.86 -67.44
CA LYS G 392 42.65 -35.23 -67.05
C LYS G 392 42.02 -36.23 -68.03
N LEU G 393 40.96 -35.82 -68.71
CA LEU G 393 40.31 -36.67 -69.70
C LEU G 393 41.20 -36.85 -70.93
N GLY G 394 42.19 -35.97 -71.07
CA GLY G 394 43.09 -36.02 -72.20
C GLY G 394 42.37 -35.70 -73.49
N VAL G 395 42.07 -34.42 -73.70
CA VAL G 395 41.39 -33.99 -74.90
C VAL G 395 42.31 -33.14 -75.78
N ASP G 396 41.83 -32.80 -76.96
CA ASP G 396 42.55 -31.89 -77.85
C ASP G 396 42.17 -30.46 -77.54
N TYR G 397 40.90 -30.25 -77.19
CA TYR G 397 40.37 -28.91 -76.94
C TYR G 397 39.56 -28.83 -75.65
N ILE G 398 39.80 -27.77 -74.88
CA ILE G 398 38.95 -27.43 -73.76
C ILE G 398 38.29 -26.09 -74.02
N VAL G 399 36.96 -26.05 -74.00
CA VAL G 399 36.23 -24.81 -74.17
C VAL G 399 35.26 -24.60 -73.02
N ASP G 400 35.43 -23.50 -72.28
CA ASP G 400 34.51 -23.20 -71.21
C ASP G 400 33.68 -21.96 -71.55
N ILE G 401 32.44 -21.94 -71.05
CA ILE G 401 31.53 -20.83 -71.28
C ILE G 401 30.79 -20.51 -69.98
N ALA G 402 30.80 -19.25 -69.58
CA ALA G 402 30.36 -18.90 -68.24
C ALA G 402 29.86 -17.45 -68.12
N THR G 403 28.85 -17.27 -67.27
CA THR G 403 28.43 -15.94 -66.84
C THR G 403 29.35 -15.48 -65.72
N LEU G 404 30.58 -15.11 -66.10
CA LEU G 404 31.65 -14.95 -65.13
C LEU G 404 31.77 -13.55 -64.52
N THR G 405 31.78 -12.52 -65.36
CA THR G 405 32.07 -11.17 -64.89
C THR G 405 31.06 -10.11 -65.37
N GLY G 406 30.58 -9.31 -64.43
CA GLY G 406 29.66 -8.24 -64.74
C GLY G 406 30.31 -7.15 -65.58
N ALA G 407 31.64 -7.14 -65.60
CA ALA G 407 32.39 -6.16 -66.38
C ALA G 407 32.15 -6.29 -67.88
N MET G 408 31.67 -7.46 -68.31
CA MET G 408 31.37 -7.71 -69.72
C MET G 408 30.33 -6.74 -70.27
N LEU G 409 29.44 -6.29 -69.41
CA LEU G 409 28.42 -5.31 -69.79
C LEU G 409 29.05 -3.95 -70.09
N TYR G 410 30.23 -3.71 -69.54
CA TYR G 410 30.94 -2.45 -69.73
C TYR G 410 31.97 -2.57 -70.84
N SER G 411 32.35 -3.80 -71.16
CA SER G 411 33.33 -4.05 -72.21
C SER G 411 32.67 -4.29 -73.57
N LEU G 412 31.85 -5.32 -73.65
CA LEU G 412 31.25 -5.72 -74.92
C LEU G 412 29.74 -5.49 -74.99
N GLY G 413 29.13 -5.27 -73.83
CA GLY G 413 27.70 -4.99 -73.78
C GLY G 413 26.83 -6.23 -73.79
N THR G 414 25.63 -6.09 -74.35
CA THR G 414 24.62 -7.15 -74.29
C THR G 414 24.57 -8.02 -75.54
N SER G 415 25.30 -7.63 -76.57
CA SER G 415 25.21 -8.33 -77.86
C SER G 415 26.37 -9.28 -78.14
N TYR G 416 27.58 -8.88 -77.77
CA TYR G 416 28.77 -9.68 -78.07
C TYR G 416 29.33 -10.35 -76.82
N ALA G 417 29.56 -11.66 -76.91
CA ALA G 417 30.27 -12.38 -75.86
C ALA G 417 31.77 -12.22 -76.07
N GLY G 418 32.54 -12.39 -75.00
CA GLY G 418 33.98 -12.30 -75.10
C GLY G 418 34.64 -13.65 -75.04
N VAL G 419 35.67 -13.85 -75.87
CA VAL G 419 36.44 -15.10 -75.82
C VAL G 419 37.90 -14.84 -75.48
N PHE G 420 38.39 -15.56 -74.48
CA PHE G 420 39.80 -15.53 -74.11
C PHE G 420 40.35 -16.92 -74.36
N GLY G 421 41.67 -17.03 -74.48
CA GLY G 421 42.28 -18.33 -74.72
C GLY G 421 43.80 -18.33 -74.67
N ASN G 422 44.39 -19.51 -74.79
CA ASN G 422 45.84 -19.66 -74.79
C ASN G 422 46.35 -20.18 -76.13
N ASN G 423 45.45 -20.27 -77.10
CA ASN G 423 45.75 -20.87 -78.39
C ASN G 423 45.01 -20.16 -79.52
N GLU G 424 45.76 -19.55 -80.43
CA GLU G 424 45.16 -18.76 -81.51
C GLU G 424 44.36 -19.59 -82.48
N GLU G 425 44.82 -20.81 -82.75
CA GLU G 425 44.11 -21.69 -83.67
C GLU G 425 42.73 -22.05 -83.11
N LEU G 426 42.66 -22.30 -81.81
CA LEU G 426 41.40 -22.62 -81.15
C LEU G 426 40.51 -21.38 -81.08
N ILE G 427 41.09 -20.24 -80.75
CA ILE G 427 40.36 -18.97 -80.71
C ILE G 427 39.77 -18.67 -82.09
N ASN G 428 40.58 -18.88 -83.12
CA ASN G 428 40.11 -18.72 -84.50
C ASN G 428 38.98 -19.69 -84.84
N LYS G 429 39.04 -20.89 -84.29
CA LYS G 429 38.00 -21.88 -84.53
C LYS G 429 36.68 -21.48 -83.87
N ILE G 430 36.77 -20.80 -82.73
CA ILE G 430 35.59 -20.29 -82.06
C ILE G 430 34.99 -19.13 -82.83
N LEU G 431 35.84 -18.22 -83.28
CA LEU G 431 35.40 -17.06 -84.05
C LEU G 431 34.70 -17.49 -85.34
N GLN G 432 35.18 -18.58 -85.93
CA GLN G 432 34.58 -19.13 -87.13
C GLN G 432 33.20 -19.71 -86.82
N SER G 433 33.08 -20.34 -85.66
CA SER G 433 31.80 -20.88 -85.20
C SER G 433 30.81 -19.74 -84.96
N SER G 434 31.34 -18.61 -84.49
CA SER G 434 30.52 -17.43 -84.21
C SER G 434 29.87 -16.91 -85.49
N LYS G 435 30.63 -16.93 -86.58
CA LYS G 435 30.14 -16.42 -87.86
C LYS G 435 29.07 -17.33 -88.45
N THR G 436 29.24 -18.64 -88.30
CA THR G 436 28.33 -19.59 -88.90
C THR G 436 27.08 -19.83 -88.04
N SER G 437 27.21 -19.60 -86.74
CA SER G 437 26.07 -19.76 -85.83
C SER G 437 25.32 -18.44 -85.67
N ASN G 438 25.96 -17.36 -86.12
CA ASN G 438 25.43 -16.01 -85.96
C ASN G 438 25.17 -15.64 -84.49
N GLU G 439 26.02 -16.16 -83.61
CA GLU G 439 26.06 -15.71 -82.24
C GLU G 439 27.36 -14.95 -82.01
N PRO G 440 27.27 -13.61 -81.96
CA PRO G 440 28.44 -12.72 -81.94
C PRO G 440 29.39 -12.95 -80.78
N VAL G 441 30.67 -13.15 -81.10
CA VAL G 441 31.72 -13.32 -80.10
C VAL G 441 32.92 -12.48 -80.51
N TRP G 442 33.58 -11.85 -79.54
CA TRP G 442 34.74 -11.01 -79.83
C TRP G 442 35.95 -11.44 -79.02
N TRP G 443 37.12 -11.43 -79.65
CA TRP G 443 38.36 -11.86 -79.00
C TRP G 443 38.91 -10.80 -78.06
N LEU G 444 39.14 -11.19 -76.81
CA LEU G 444 39.69 -10.29 -75.81
C LEU G 444 40.99 -10.85 -75.24
N PRO G 445 41.95 -9.98 -74.91
CA PRO G 445 43.29 -10.43 -74.53
C PRO G 445 43.42 -10.94 -73.11
N ILE G 446 44.25 -11.95 -72.93
CA ILE G 446 44.71 -12.34 -71.60
C ILE G 446 46.02 -11.63 -71.33
N ILE G 447 45.93 -10.44 -70.75
CA ILE G 447 47.09 -9.60 -70.53
C ILE G 447 47.95 -10.13 -69.37
N ASN G 448 49.12 -10.65 -69.70
CA ASN G 448 49.99 -11.29 -68.71
C ASN G 448 50.55 -10.34 -67.66
N GLU G 449 50.57 -9.05 -67.96
CA GLU G 449 51.13 -8.07 -67.03
C GLU G 449 50.33 -8.00 -65.74
N TYR G 450 49.05 -8.38 -65.80
CA TYR G 450 48.17 -8.34 -64.64
C TYR G 450 48.36 -9.52 -63.71
N ARG G 451 49.10 -10.53 -64.15
CA ARG G 451 49.24 -11.79 -63.41
C ARG G 451 49.82 -11.59 -62.00
N ALA G 452 50.69 -10.60 -61.84
CA ALA G 452 51.35 -10.36 -60.56
C ALA G 452 50.36 -9.96 -59.46
N THR G 453 49.22 -9.41 -59.85
CA THR G 453 48.21 -8.98 -58.88
C THR G 453 47.49 -10.17 -58.26
N LEU G 454 47.76 -11.37 -58.78
CA LEU G 454 47.17 -12.59 -58.25
C LEU G 454 48.15 -13.31 -57.34
N ASN G 455 49.35 -12.76 -57.20
CA ASN G 455 50.35 -13.32 -56.29
C ASN G 455 49.92 -13.15 -54.84
N SER G 456 49.57 -14.27 -54.20
CA SER G 456 49.13 -14.24 -52.81
C SER G 456 50.31 -14.29 -51.85
N LYS G 457 50.16 -13.66 -50.69
CA LYS G 457 51.21 -13.63 -49.69
C LYS G 457 51.33 -14.96 -48.95
N TYR G 458 50.22 -15.67 -48.82
CA TYR G 458 50.19 -16.92 -48.07
C TYR G 458 49.84 -18.13 -48.92
N ALA G 459 48.90 -17.97 -49.83
CA ALA G 459 48.49 -19.07 -50.70
C ALA G 459 49.32 -19.06 -51.99
N ASP G 460 49.14 -20.10 -52.80
CA ASP G 460 49.81 -20.17 -54.10
C ASP G 460 49.34 -19.06 -55.02
N ILE G 461 48.08 -18.67 -54.89
CA ILE G 461 47.50 -17.67 -55.77
C ILE G 461 46.26 -17.01 -55.17
N ASN G 462 46.04 -15.75 -55.52
CA ASN G 462 44.80 -15.05 -55.16
C ASN G 462 43.67 -15.38 -56.12
N GLN G 463 42.46 -15.38 -55.60
CA GLN G 463 41.26 -15.59 -56.41
C GLN G 463 40.95 -14.33 -57.22
N ILE G 464 41.13 -13.17 -56.61
CA ILE G 464 40.85 -11.90 -57.26
C ILE G 464 42.04 -10.97 -57.21
N SER G 465 42.01 -9.92 -58.03
CA SER G 465 43.06 -8.92 -58.04
C SER G 465 42.83 -7.87 -56.96
N SER G 466 43.90 -7.23 -56.52
CA SER G 466 43.81 -6.17 -55.52
C SER G 466 43.59 -4.82 -56.20
N SER G 467 44.41 -4.53 -57.20
CA SER G 467 44.37 -3.25 -57.88
C SER G 467 43.52 -3.26 -59.15
N VAL G 468 43.90 -4.11 -60.10
CA VAL G 468 43.31 -4.11 -61.44
C VAL G 468 41.79 -4.31 -61.46
N LYS G 469 41.09 -3.41 -62.16
CA LYS G 469 39.64 -3.45 -62.23
C LYS G 469 39.14 -4.18 -63.47
N ALA G 470 40.07 -4.68 -64.28
CA ALA G 470 39.71 -5.44 -65.47
C ALA G 470 39.38 -6.89 -65.12
N SER G 471 38.18 -7.08 -64.57
CA SER G 471 37.77 -8.36 -63.99
C SER G 471 37.79 -9.52 -64.99
N SER G 472 37.25 -9.28 -66.19
CA SER G 472 37.16 -10.32 -67.21
C SER G 472 38.52 -10.87 -67.60
N ILE G 473 39.52 -9.99 -67.65
CA ILE G 473 40.88 -10.39 -67.98
C ILE G 473 41.55 -11.09 -66.80
N VAL G 474 41.42 -10.49 -65.62
CA VAL G 474 41.99 -11.03 -64.40
C VAL G 474 41.48 -12.45 -64.14
N ALA G 475 40.17 -12.64 -64.33
CA ALA G 475 39.55 -13.95 -64.11
C ALA G 475 40.06 -14.98 -65.12
N SER G 476 40.31 -14.53 -66.35
CA SER G 476 40.86 -15.41 -67.38
C SER G 476 42.25 -15.88 -66.99
N LEU G 477 43.03 -14.98 -66.41
CA LEU G 477 44.36 -15.30 -65.92
C LEU G 477 44.31 -16.38 -64.85
N PHE G 478 43.33 -16.27 -63.96
CA PHE G 478 43.16 -17.24 -62.88
C PHE G 478 42.79 -18.61 -63.44
N LEU G 479 41.93 -18.61 -64.45
CA LEU G 479 41.48 -19.85 -65.07
C LEU G 479 42.63 -20.54 -65.81
N LYS G 480 43.47 -19.73 -66.45
CA LYS G 480 44.59 -20.24 -67.23
C LYS G 480 45.57 -21.04 -66.38
N GLU G 481 45.63 -20.72 -65.09
CA GLU G 481 46.53 -21.39 -64.16
C GLU G 481 46.17 -22.84 -63.90
N PHE G 482 45.00 -23.27 -64.39
CA PHE G 482 44.51 -24.61 -64.12
C PHE G 482 44.41 -25.45 -65.40
N VAL G 483 45.04 -24.96 -66.47
CA VAL G 483 45.21 -25.73 -67.69
C VAL G 483 46.70 -25.73 -68.06
N GLN G 484 47.35 -26.87 -67.91
CA GLN G 484 48.81 -26.93 -68.06
C GLN G 484 49.29 -27.08 -69.50
N ASN G 485 48.68 -27.98 -70.27
CA ASN G 485 49.21 -28.28 -71.60
C ASN G 485 48.12 -28.67 -72.62
N THR G 486 47.04 -27.91 -72.67
CA THR G 486 45.96 -28.18 -73.60
C THR G 486 45.40 -26.88 -74.20
N ALA G 487 45.06 -26.91 -75.47
CA ALA G 487 44.42 -25.77 -76.12
C ALA G 487 43.10 -25.46 -75.42
N TRP G 488 42.97 -24.22 -74.96
CA TRP G 488 41.83 -23.84 -74.12
C TRP G 488 41.32 -22.44 -74.42
N ALA G 489 40.01 -22.32 -74.53
CA ALA G 489 39.37 -21.02 -74.72
C ALA G 489 38.28 -20.79 -73.68
N HIS G 490 38.01 -19.52 -73.38
CA HIS G 490 37.05 -19.16 -72.34
C HIS G 490 36.05 -18.14 -72.86
N ILE G 491 34.76 -18.46 -72.77
CA ILE G 491 33.72 -17.58 -73.30
C ILE G 491 32.88 -16.95 -72.19
N ASP G 492 33.02 -15.64 -72.01
CA ASP G 492 32.32 -14.94 -70.95
C ASP G 492 30.97 -14.43 -71.45
N ILE G 493 29.89 -15.08 -71.03
CA ILE G 493 28.54 -14.74 -71.49
C ILE G 493 27.71 -14.03 -70.43
N ALA G 494 28.37 -13.38 -69.48
CA ALA G 494 27.66 -12.71 -68.40
C ALA G 494 26.80 -11.56 -68.92
N GLY G 495 27.24 -10.92 -70.00
CA GLY G 495 26.53 -9.78 -70.54
C GLY G 495 25.45 -10.11 -71.54
N VAL G 496 25.58 -11.27 -72.19
CA VAL G 496 24.71 -11.59 -73.32
C VAL G 496 23.70 -12.71 -73.06
N SER G 497 23.81 -13.36 -71.92
CA SER G 497 22.95 -14.51 -71.64
C SER G 497 21.48 -14.12 -71.48
N TRP G 498 21.23 -13.05 -70.74
CA TRP G 498 19.87 -12.63 -70.45
C TRP G 498 19.41 -11.48 -71.35
N ASN G 499 18.22 -11.63 -71.91
CA ASN G 499 17.61 -10.57 -72.70
C ASN G 499 16.81 -9.63 -71.80
N PHE G 500 17.44 -8.53 -71.41
CA PHE G 500 16.87 -7.62 -70.42
C PHE G 500 15.59 -6.93 -70.91
N LYS G 501 15.58 -6.54 -72.18
CA LYS G 501 14.44 -5.84 -72.75
C LYS G 501 13.22 -6.76 -72.87
N ALA G 502 13.47 -8.03 -73.16
CA ALA G 502 12.40 -9.00 -73.36
C ALA G 502 12.07 -9.77 -72.09
N ARG G 503 12.94 -9.63 -71.08
CA ARG G 503 12.79 -10.32 -69.79
C ARG G 503 12.79 -11.83 -69.92
N LYS G 504 13.75 -12.38 -70.66
CA LYS G 504 13.87 -13.83 -70.82
C LYS G 504 15.30 -14.19 -71.24
N PRO G 505 15.69 -15.47 -71.09
CA PRO G 505 17.04 -15.82 -71.50
C PRO G 505 17.17 -15.98 -73.02
N LYS G 506 18.39 -15.89 -73.53
CA LYS G 506 18.63 -16.11 -74.96
C LYS G 506 19.00 -17.55 -75.25
N GLY G 507 19.46 -18.26 -74.23
CA GLY G 507 20.00 -19.60 -74.43
C GLY G 507 21.25 -19.50 -75.29
N PHE G 508 22.05 -18.46 -75.02
CA PHE G 508 23.24 -18.16 -75.82
C PHE G 508 24.30 -19.23 -75.68
N GLY G 509 24.93 -19.59 -76.80
CA GLY G 509 26.08 -20.48 -76.77
C GLY G 509 25.84 -21.86 -77.35
N VAL G 510 24.59 -22.30 -77.38
CA VAL G 510 24.26 -23.63 -77.87
C VAL G 510 24.64 -23.81 -79.33
N ARG G 511 24.19 -22.88 -80.17
CA ARG G 511 24.50 -22.93 -81.60
C ARG G 511 25.97 -22.66 -81.86
N LEU G 512 26.55 -21.77 -81.06
CA LEU G 512 27.97 -21.45 -81.17
C LEU G 512 28.85 -22.68 -80.95
N LEU G 513 28.57 -23.41 -79.87
CA LEU G 513 29.36 -24.58 -79.52
C LEU G 513 29.11 -25.75 -80.47
N THR G 514 27.86 -25.96 -80.86
CA THR G 514 27.52 -27.05 -81.77
C THR G 514 28.19 -26.87 -83.12
N GLU G 515 28.21 -25.64 -83.62
CA GLU G 515 28.91 -25.33 -84.87
C GLU G 515 30.40 -25.60 -84.73
N PHE G 516 30.95 -25.26 -83.57
CA PHE G 516 32.36 -25.51 -83.28
C PHE G 516 32.67 -27.00 -83.33
N VAL G 517 31.83 -27.80 -82.68
CA VAL G 517 31.99 -29.25 -82.66
C VAL G 517 31.81 -29.86 -84.04
N LEU G 518 30.78 -29.43 -84.75
CA LEU G 518 30.41 -30.02 -86.03
C LEU G 518 31.41 -29.71 -87.15
N ASN G 519 31.83 -28.44 -87.24
CA ASN G 519 32.67 -28.01 -88.35
C ASN G 519 34.15 -28.33 -88.14
N ASP G 520 34.44 -29.15 -87.14
CA ASP G 520 35.81 -29.57 -86.87
C ASP G 520 35.92 -31.09 -86.78
N SER H 3 36.58 -30.25 -28.60
CA SER H 3 37.97 -30.44 -28.99
C SER H 3 38.06 -31.00 -30.41
N GLU H 4 37.08 -31.79 -30.80
CA GLU H 4 37.02 -32.34 -32.15
C GLU H 4 36.42 -31.30 -33.10
N VAL H 5 37.13 -31.00 -34.18
CA VAL H 5 36.72 -29.95 -35.10
C VAL H 5 35.64 -30.42 -36.08
N PRO H 6 34.47 -29.75 -36.05
CA PRO H 6 33.39 -30.03 -37.00
C PRO H 6 33.82 -29.70 -38.44
N GLN H 7 33.32 -30.48 -39.39
CA GLN H 7 33.56 -30.21 -40.81
C GLN H 7 32.25 -30.22 -41.57
N VAL H 8 32.21 -29.52 -42.69
CA VAL H 8 31.09 -29.64 -43.61
C VAL H 8 31.46 -30.70 -44.65
N VAL H 9 32.69 -30.60 -45.16
CA VAL H 9 33.23 -31.61 -46.06
C VAL H 9 34.52 -32.18 -45.49
N SER H 10 34.95 -33.31 -46.03
CA SER H 10 36.14 -33.99 -45.53
C SER H 10 37.40 -33.18 -45.76
N LEU H 11 37.37 -32.28 -46.74
CA LEU H 11 38.54 -31.49 -47.10
C LEU H 11 38.72 -30.27 -46.20
N ASP H 12 37.76 -30.03 -45.30
CA ASP H 12 37.88 -28.95 -44.34
C ASP H 12 39.00 -29.26 -43.34
N PRO H 13 39.93 -28.32 -43.15
CA PRO H 13 41.03 -28.52 -42.20
C PRO H 13 40.52 -28.65 -40.77
N THR H 14 41.24 -29.39 -39.93
CA THR H 14 40.81 -29.62 -38.56
C THR H 14 41.86 -29.19 -37.54
N SER H 15 42.85 -28.42 -37.99
CA SER H 15 43.87 -27.88 -37.10
C SER H 15 44.64 -26.74 -37.76
N ILE H 16 45.17 -25.84 -36.93
CA ILE H 16 46.01 -24.76 -37.41
C ILE H 16 47.45 -25.24 -37.55
N PRO H 17 48.00 -25.20 -38.76
CA PRO H 17 49.43 -25.49 -38.90
C PRO H 17 50.26 -24.46 -38.14
N ILE H 18 51.09 -24.92 -37.23
CA ILE H 18 51.97 -24.03 -36.46
C ILE H 18 53.42 -24.49 -36.60
N GLU H 19 54.30 -23.56 -36.98
CA GLU H 19 55.73 -23.85 -36.99
C GLU H 19 56.34 -23.31 -35.71
N TYR H 20 56.80 -24.23 -34.86
CA TYR H 20 57.40 -23.86 -33.59
C TYR H 20 58.90 -23.60 -33.74
N ASN H 21 59.62 -24.59 -34.23
CA ASN H 21 61.04 -24.43 -34.50
C ASN H 21 61.25 -23.74 -35.84
N THR H 22 61.45 -22.43 -35.80
CA THR H 22 61.66 -21.63 -37.00
C THR H 22 63.13 -21.66 -37.40
N PRO H 23 63.43 -21.35 -38.68
CA PRO H 23 64.82 -21.22 -39.13
C PRO H 23 65.60 -20.21 -38.29
N ILE H 24 64.89 -19.19 -37.79
CA ILE H 24 65.49 -18.18 -36.92
C ILE H 24 66.11 -18.82 -35.68
N HIS H 25 65.44 -19.84 -35.15
CA HIS H 25 65.94 -20.56 -33.98
C HIS H 25 67.22 -21.33 -34.28
N ASP H 26 67.45 -21.62 -35.56
CA ASP H 26 68.64 -22.36 -35.98
C ASP H 26 69.83 -21.44 -36.20
N ILE H 27 69.62 -20.14 -36.00
CA ILE H 27 70.69 -19.17 -36.16
C ILE H 27 71.52 -19.05 -34.89
N LYS H 28 72.80 -19.40 -34.98
CA LYS H 28 73.71 -19.22 -33.86
C LYS H 28 74.18 -17.77 -33.80
N VAL H 29 73.96 -17.13 -32.67
CA VAL H 29 74.28 -15.70 -32.54
C VAL H 29 75.44 -15.45 -31.59
N GLN H 30 76.42 -14.69 -32.06
CA GLN H 30 77.56 -14.30 -31.26
C GLN H 30 77.65 -12.78 -31.16
N VAL H 31 77.92 -12.28 -29.95
CA VAL H 31 78.06 -10.85 -29.75
C VAL H 31 79.47 -10.51 -29.28
N TYR H 32 80.22 -9.81 -30.12
CA TYR H 32 81.56 -9.39 -29.76
C TYR H 32 81.59 -7.91 -29.50
N ASP H 33 82.70 -7.45 -28.92
CA ASP H 33 82.89 -6.04 -28.62
C ASP H 33 83.73 -5.41 -29.73
N ILE H 34 83.32 -4.22 -30.17
CA ILE H 34 83.99 -3.53 -31.28
C ILE H 34 85.46 -3.25 -30.97
N LYS H 35 85.73 -2.82 -29.75
CA LYS H 35 87.07 -2.38 -29.36
C LYS H 35 88.10 -3.50 -29.35
N GLY H 36 87.73 -4.67 -29.86
CA GLY H 36 88.66 -5.76 -30.06
C GLY H 36 88.98 -5.92 -31.53
N GLY H 37 88.24 -5.20 -32.37
CA GLY H 37 88.43 -5.24 -33.80
C GLY H 37 87.41 -6.13 -34.49
N CYS H 38 87.24 -5.92 -35.80
CA CYS H 38 86.34 -6.75 -36.59
C CYS H 38 87.11 -7.69 -37.50
N ASN H 39 86.68 -8.94 -37.53
CA ASN H 39 87.19 -9.91 -38.49
C ASN H 39 86.24 -10.04 -39.66
N VAL H 40 86.78 -10.05 -40.88
CA VAL H 40 85.95 -10.16 -42.06
C VAL H 40 86.29 -11.40 -42.87
N GLU H 41 85.39 -12.38 -42.82
CA GLU H 41 85.56 -13.63 -43.56
C GLU H 41 84.21 -14.34 -43.70
N GLU H 42 83.90 -14.74 -44.93
CA GLU H 42 82.67 -15.48 -45.26
C GLU H 42 81.40 -14.67 -45.05
N GLY H 43 80.42 -14.89 -45.92
CA GLY H 43 79.12 -14.23 -45.80
C GLY H 43 79.14 -12.76 -46.12
N LEU H 44 78.28 -12.00 -45.46
CA LEU H 44 78.14 -10.57 -45.69
C LEU H 44 78.34 -9.76 -44.40
N THR H 45 79.20 -8.75 -44.47
CA THR H 45 79.48 -7.90 -43.30
C THR H 45 78.91 -6.50 -43.52
N ILE H 46 77.95 -6.11 -42.69
CA ILE H 46 77.26 -4.84 -42.86
C ILE H 46 77.52 -3.87 -41.71
N PHE H 47 78.03 -2.69 -42.05
CA PHE H 47 78.27 -1.63 -41.07
C PHE H 47 77.07 -0.69 -40.96
N LEU H 48 76.59 -0.51 -39.74
CA LEU H 48 75.53 0.48 -39.49
C LEU H 48 76.15 1.83 -39.21
N VAL H 49 76.14 2.71 -40.20
CA VAL H 49 76.79 4.01 -40.05
C VAL H 49 75.83 5.18 -40.16
N ASN H 50 76.16 6.26 -39.45
CA ASN H 50 75.41 7.50 -39.53
C ASN H 50 76.41 8.66 -39.61
N ASN H 51 75.89 9.88 -39.57
CA ASN H 51 76.75 11.06 -39.51
C ASN H 51 76.03 12.22 -38.84
N PRO H 52 76.22 12.36 -37.52
CA PRO H 52 75.64 13.47 -36.76
C PRO H 52 76.10 14.82 -37.31
N GLY H 53 75.15 15.70 -37.57
CA GLY H 53 75.45 17.01 -38.13
C GLY H 53 74.96 17.14 -39.57
N LYS H 54 75.74 16.62 -40.51
CA LYS H 54 75.39 16.69 -41.92
C LYS H 54 74.21 15.77 -42.25
N GLU H 55 73.34 16.23 -43.14
CA GLU H 55 72.16 15.46 -43.55
C GLU H 55 72.56 14.19 -44.29
N ASN H 56 73.01 14.36 -45.53
CA ASN H 56 73.53 13.25 -46.32
C ASN H 56 75.05 13.26 -46.31
N GLY H 57 75.62 13.38 -45.11
CA GLY H 57 77.05 13.40 -44.94
C GLY H 57 77.71 12.12 -45.39
N PRO H 58 79.03 12.17 -45.63
CA PRO H 58 79.77 11.01 -46.14
C PRO H 58 79.78 9.84 -45.16
N VAL H 59 80.16 8.67 -45.67
CA VAL H 59 80.28 7.48 -44.82
C VAL H 59 81.69 7.39 -44.25
N LYS H 60 81.79 7.27 -42.93
CA LYS H 60 83.08 7.17 -42.27
C LYS H 60 83.10 6.00 -41.29
N ILE H 61 83.89 4.98 -41.61
CA ILE H 61 83.97 3.78 -40.80
C ILE H 61 85.01 3.92 -39.69
N SER H 62 84.53 3.97 -38.45
CA SER H 62 85.37 4.25 -37.29
C SER H 62 85.92 2.99 -36.64
N SER H 63 85.20 1.88 -36.79
CA SER H 63 85.61 0.62 -36.18
C SER H 63 86.95 0.13 -36.72
N LYS H 64 87.71 -0.54 -35.86
CA LYS H 64 88.98 -1.13 -36.26
C LYS H 64 88.73 -2.47 -36.95
N VAL H 65 89.28 -2.62 -38.15
CA VAL H 65 89.09 -3.85 -38.91
C VAL H 65 90.37 -4.68 -38.93
N ASN H 66 90.31 -5.87 -38.34
CA ASN H 66 91.47 -6.74 -38.27
C ASN H 66 91.82 -7.38 -39.61
N ASP H 67 92.01 -6.54 -40.62
CA ASP H 67 92.43 -6.98 -41.94
C ASP H 67 93.00 -5.80 -42.72
N LYS H 68 94.26 -5.92 -43.13
CA LYS H 68 94.96 -4.84 -43.83
C LYS H 68 94.23 -4.39 -45.09
N GLN H 69 93.88 -5.36 -45.93
CA GLN H 69 93.18 -5.08 -47.18
C GLN H 69 91.81 -4.46 -46.95
N VAL H 70 91.01 -5.09 -46.11
CA VAL H 70 89.67 -4.62 -45.80
C VAL H 70 89.69 -3.19 -45.26
N SER H 71 90.68 -2.91 -44.42
CA SER H 71 90.88 -1.57 -43.87
C SER H 71 91.18 -0.59 -45.00
N GLU H 72 92.09 -0.97 -45.89
CA GLU H 72 92.49 -0.14 -47.01
C GLU H 72 91.30 0.16 -47.92
N PHE H 73 90.48 -0.86 -48.17
CA PHE H 73 89.28 -0.69 -48.98
C PHE H 73 88.30 0.27 -48.32
N LEU H 74 88.16 0.13 -47.00
CA LEU H 74 87.20 0.93 -46.25
C LEU H 74 87.77 2.26 -45.80
N LYS H 75 88.85 2.70 -46.44
CA LYS H 75 89.47 3.98 -46.11
C LYS H 75 88.50 5.13 -46.34
N ASP H 76 88.70 6.23 -45.62
CA ASP H 76 87.80 7.37 -45.67
C ASP H 76 87.65 7.95 -47.07
N GLU H 77 88.76 8.02 -47.80
CA GLU H 77 88.75 8.53 -49.17
C GLU H 77 87.85 7.68 -50.05
N ASN H 78 87.87 6.37 -49.85
CA ASN H 78 87.06 5.45 -50.62
C ASN H 78 85.59 5.47 -50.22
N MET H 79 85.34 5.80 -48.95
CA MET H 79 83.97 5.81 -48.42
C MET H 79 83.29 7.17 -48.57
N GLU H 80 84.05 8.15 -49.04
CA GLU H 80 83.57 9.53 -49.11
C GLU H 80 82.47 9.72 -50.17
N LYS H 81 82.44 8.86 -51.17
CA LYS H 81 81.47 8.96 -52.25
C LYS H 81 80.09 8.46 -51.82
N PHE H 82 80.04 7.79 -50.67
CA PHE H 82 78.78 7.26 -50.16
C PHE H 82 78.25 8.11 -49.02
N ASN H 83 76.92 8.24 -48.94
CA ASN H 83 76.31 9.03 -47.88
C ASN H 83 75.47 8.17 -46.94
N VAL H 84 74.99 8.78 -45.85
CA VAL H 84 74.31 8.05 -44.79
C VAL H 84 72.80 8.28 -44.75
N LYS H 85 72.21 8.56 -45.91
CA LYS H 85 70.76 8.72 -45.99
C LYS H 85 70.06 7.49 -45.43
N LEU H 86 69.01 7.72 -44.65
CA LEU H 86 68.32 6.65 -43.94
C LEU H 86 67.76 5.58 -44.87
N GLY H 87 68.25 4.36 -44.71
CA GLY H 87 67.74 3.23 -45.47
C GLY H 87 68.60 2.82 -46.66
N THR H 88 69.55 3.67 -47.02
CA THR H 88 70.41 3.37 -48.16
C THR H 88 71.34 2.21 -47.83
N SER H 89 71.79 1.50 -48.86
CA SER H 89 72.65 0.34 -48.66
C SER H 89 73.56 0.14 -49.87
N LYS H 90 74.74 -0.41 -49.61
CA LYS H 90 75.70 -0.70 -50.68
C LYS H 90 76.40 -2.03 -50.43
N HIS H 91 76.82 -2.68 -51.51
CA HIS H 91 77.59 -3.93 -51.40
C HIS H 91 79.02 -3.74 -51.91
N PHE H 92 79.97 -4.37 -51.24
CA PHE H 92 81.37 -4.31 -51.64
C PHE H 92 81.93 -5.70 -51.93
N TYR H 93 82.90 -5.77 -52.84
CA TYR H 93 83.58 -7.02 -53.14
C TYR H 93 85.09 -6.81 -53.09
N MET H 94 85.78 -7.67 -52.34
CA MET H 94 87.21 -7.51 -52.14
C MET H 94 87.87 -8.81 -51.66
N PHE H 95 89.18 -8.89 -51.82
CA PHE H 95 89.95 -10.01 -51.29
C PHE H 95 90.65 -9.58 -50.00
N ASN H 96 90.64 -10.44 -49.00
CA ASN H 96 91.25 -10.10 -47.71
C ASN H 96 92.73 -10.47 -47.64
N ASP H 97 93.27 -10.46 -46.44
CA ASP H 97 94.69 -10.76 -46.22
C ASP H 97 95.03 -12.19 -46.62
N ASN H 98 94.04 -13.07 -46.56
CA ASN H 98 94.22 -14.46 -46.97
C ASN H 98 93.97 -14.66 -48.46
N LYS H 99 93.79 -13.54 -49.17
CA LYS H 99 93.47 -13.54 -50.60
C LYS H 99 92.18 -14.30 -50.88
N ASN H 100 91.26 -14.29 -49.92
CA ASN H 100 89.95 -14.90 -50.11
C ASN H 100 88.86 -13.87 -50.32
N SER H 101 87.84 -14.25 -51.09
CA SER H 101 86.73 -13.35 -51.39
C SER H 101 85.86 -13.10 -50.16
N VAL H 102 85.56 -11.83 -49.90
CA VAL H 102 84.63 -11.46 -48.83
C VAL H 102 83.67 -10.39 -49.30
N ALA H 103 82.46 -10.40 -48.75
CA ALA H 103 81.44 -9.41 -49.11
C ALA H 103 81.20 -8.45 -47.96
N VAL H 104 81.28 -7.15 -48.24
CA VAL H 104 81.12 -6.12 -47.23
C VAL H 104 80.11 -5.08 -47.72
N GLY H 105 79.50 -4.35 -46.79
CA GLY H 105 78.58 -3.28 -47.16
C GLY H 105 78.15 -2.46 -45.96
N TYR H 106 77.26 -1.50 -46.18
CA TYR H 106 76.75 -0.67 -45.09
C TYR H 106 75.26 -0.36 -45.26
N VAL H 107 74.63 0.06 -44.17
CA VAL H 107 73.26 0.53 -44.20
C VAL H 107 73.17 1.90 -43.53
N GLY H 108 72.74 2.90 -44.29
CA GLY H 108 72.65 4.26 -43.78
C GLY H 108 71.67 4.42 -42.65
N CYS H 109 72.14 4.96 -41.53
CA CYS H 109 71.30 5.15 -40.35
C CYS H 109 70.93 6.61 -40.14
N GLY H 110 70.80 7.35 -41.23
CA GLY H 110 70.36 8.73 -41.17
C GLY H 110 71.39 9.70 -40.63
N SER H 111 70.89 10.80 -40.07
CA SER H 111 71.74 11.88 -39.62
C SER H 111 71.57 12.15 -38.12
N VAL H 112 70.50 11.59 -37.54
CA VAL H 112 70.18 11.79 -36.13
C VAL H 112 70.88 10.74 -35.25
N ALA H 113 71.47 11.20 -34.16
CA ALA H 113 72.24 10.32 -33.26
C ALA H 113 71.37 9.28 -32.56
N ASP H 114 70.09 9.61 -32.36
CA ASP H 114 69.18 8.70 -31.69
C ASP H 114 68.03 8.29 -32.61
N LEU H 115 68.07 7.05 -33.08
CA LEU H 115 67.06 6.54 -34.01
C LEU H 115 65.75 6.20 -33.28
N SER H 116 64.63 6.50 -33.93
CA SER H 116 63.33 6.20 -33.36
C SER H 116 62.88 4.79 -33.72
N GLU H 117 61.73 4.39 -33.19
CA GLU H 117 61.19 3.04 -33.41
C GLU H 117 60.97 2.75 -34.89
N ALA H 118 60.29 3.67 -35.58
CA ALA H 118 59.99 3.49 -36.99
C ALA H 118 61.24 3.66 -37.85
N ASP H 119 62.14 4.55 -37.42
CA ASP H 119 63.41 4.74 -38.12
C ASP H 119 64.26 3.49 -38.00
N MET H 120 64.25 2.88 -36.82
CA MET H 120 64.99 1.66 -36.59
C MET H 120 64.48 0.53 -37.48
N LYS H 121 63.17 0.47 -37.65
CA LYS H 121 62.56 -0.55 -38.47
C LYS H 121 62.95 -0.42 -39.94
N ARG H 122 63.05 0.82 -40.41
CA ARG H 122 63.42 1.08 -41.80
C ARG H 122 64.88 0.66 -42.04
N VAL H 123 65.71 0.82 -41.02
CA VAL H 123 67.10 0.37 -41.09
C VAL H 123 67.14 -1.16 -41.22
N VAL H 124 66.31 -1.83 -40.42
CA VAL H 124 66.21 -3.28 -40.45
C VAL H 124 65.68 -3.77 -41.80
N LEU H 125 64.69 -3.06 -42.33
CA LEU H 125 64.09 -3.41 -43.61
C LEU H 125 65.11 -3.36 -44.74
N SER H 126 66.06 -2.43 -44.63
CA SER H 126 67.13 -2.32 -45.61
C SER H 126 68.12 -3.47 -45.44
N LEU H 127 68.24 -3.92 -44.20
CA LEU H 127 69.15 -5.04 -43.88
C LEU H 127 68.60 -6.36 -44.40
N VAL H 128 67.28 -6.49 -44.39
CA VAL H 128 66.63 -7.74 -44.77
C VAL H 128 66.64 -7.94 -46.28
N THR H 129 66.52 -6.84 -47.04
CA THR H 129 66.59 -6.92 -48.49
C THR H 129 67.95 -7.41 -48.96
N MET H 130 68.96 -7.20 -48.12
CA MET H 130 70.31 -7.66 -48.42
C MET H 130 70.45 -9.16 -48.15
N LEU H 131 69.60 -9.68 -47.28
CA LEU H 131 69.64 -11.09 -46.90
C LEU H 131 68.85 -11.97 -47.87
N HIS H 132 67.82 -11.39 -48.48
CA HIS H 132 66.87 -12.16 -49.27
C HIS H 132 67.40 -12.62 -50.62
N ASP H 133 67.77 -11.67 -51.47
CA ASP H 133 68.19 -11.99 -52.83
C ASP H 133 69.61 -12.52 -52.91
N ASN H 134 70.11 -13.07 -51.80
CA ASN H 134 71.47 -13.59 -51.73
C ASN H 134 71.53 -14.85 -50.86
N LYS H 135 72.29 -15.83 -51.32
CA LYS H 135 72.45 -17.08 -50.57
C LYS H 135 73.65 -17.02 -49.64
N LEU H 136 73.51 -16.26 -48.55
CA LEU H 136 74.58 -16.09 -47.58
C LEU H 136 74.52 -17.14 -46.49
N SER H 137 75.67 -17.48 -45.94
CA SER H 137 75.74 -18.45 -44.85
C SER H 137 75.87 -17.75 -43.50
N LYS H 138 76.35 -16.51 -43.52
CA LYS H 138 76.56 -15.76 -42.29
C LYS H 138 76.38 -14.25 -42.48
N LEU H 139 75.70 -13.63 -41.53
CA LEU H 139 75.60 -12.18 -41.48
C LEU H 139 76.43 -11.63 -40.33
N THR H 140 77.16 -10.56 -40.60
CA THR H 140 77.87 -9.84 -39.54
C THR H 140 77.45 -8.37 -39.56
N VAL H 141 76.94 -7.90 -38.42
CA VAL H 141 76.48 -6.53 -38.31
C VAL H 141 77.35 -5.74 -37.33
N VAL H 142 77.94 -4.65 -37.81
CA VAL H 142 78.78 -3.82 -36.96
C VAL H 142 78.05 -2.53 -36.59
N PHE H 143 77.84 -2.33 -35.30
CA PHE H 143 77.08 -1.20 -34.80
C PHE H 143 77.93 0.04 -34.56
N GLU H 144 78.02 0.91 -35.57
CA GLU H 144 78.71 2.18 -35.41
C GLU H 144 77.71 3.29 -35.11
N ILE H 145 76.62 2.93 -34.45
CA ILE H 145 75.62 3.90 -33.99
C ILE H 145 75.28 3.64 -32.53
N ASN H 146 74.62 4.61 -31.90
CA ASN H 146 74.25 4.49 -30.49
C ASN H 146 72.86 3.89 -30.31
N VAL H 147 72.80 2.74 -29.67
CA VAL H 147 71.54 2.09 -29.34
C VAL H 147 71.56 1.52 -27.92
N ASP H 148 70.52 1.81 -27.14
CA ASP H 148 70.43 1.27 -25.79
C ASP H 148 69.95 -0.17 -25.84
N LYS H 149 69.92 -0.82 -24.67
CA LYS H 149 69.59 -2.25 -24.58
C LYS H 149 68.23 -2.58 -25.17
N ASN H 150 67.22 -1.75 -24.89
CA ASN H 150 65.89 -1.96 -25.43
C ASN H 150 65.86 -1.81 -26.94
N LEU H 151 66.55 -0.81 -27.46
CA LEU H 151 66.59 -0.55 -28.89
C LEU H 151 67.38 -1.64 -29.60
N PHE H 152 68.44 -2.11 -28.96
CA PHE H 152 69.24 -3.21 -29.51
C PHE H 152 68.41 -4.48 -29.61
N ARG H 153 67.69 -4.78 -28.54
CA ARG H 153 66.81 -5.94 -28.51
C ARG H 153 65.75 -5.83 -29.59
N PHE H 154 65.19 -4.63 -29.74
CA PHE H 154 64.18 -4.36 -30.76
C PHE H 154 64.74 -4.59 -32.16
N PHE H 155 66.02 -4.29 -32.35
CA PHE H 155 66.68 -4.52 -33.62
C PHE H 155 66.67 -6.00 -33.97
N LEU H 156 67.03 -6.85 -33.00
CA LEU H 156 67.07 -8.28 -33.21
C LEU H 156 65.67 -8.86 -33.45
N GLU H 157 64.72 -8.50 -32.59
CA GLU H 157 63.33 -8.92 -32.74
C GLU H 157 62.81 -8.63 -34.14
N THR H 158 62.93 -7.36 -34.54
CA THR H 158 62.43 -6.90 -35.82
C THR H 158 63.18 -7.57 -36.97
N LEU H 159 64.49 -7.73 -36.82
CA LEU H 159 65.30 -8.42 -37.82
C LEU H 159 64.84 -9.86 -37.96
N PHE H 160 64.61 -10.52 -36.83
CA PHE H 160 64.13 -11.89 -36.81
C PHE H 160 62.75 -11.98 -37.47
N TYR H 161 61.87 -11.07 -37.09
CA TYR H 161 60.48 -11.11 -37.56
C TYR H 161 60.36 -10.90 -39.06
N GLU H 162 61.01 -9.85 -39.57
CA GLU H 162 60.92 -9.52 -40.98
C GLU H 162 61.68 -10.50 -41.86
N TYR H 163 62.69 -11.16 -41.28
CA TYR H 163 63.48 -12.14 -42.02
C TYR H 163 62.65 -13.39 -42.29
N MET H 164 61.97 -13.86 -41.25
CA MET H 164 61.12 -15.05 -41.34
C MET H 164 60.01 -14.89 -42.36
N THR H 165 59.75 -15.95 -43.11
CA THR H 165 58.70 -15.93 -44.13
C THR H 165 57.73 -17.09 -43.93
N ASP H 166 56.46 -16.76 -43.72
CA ASP H 166 55.42 -17.75 -43.48
C ASP H 166 55.07 -18.50 -44.77
N GLU H 167 55.30 -19.81 -44.78
CA GLU H 167 55.03 -20.62 -45.96
C GLU H 167 54.10 -21.78 -45.68
N ARG H 168 53.34 -21.69 -44.59
CA ARG H 168 52.46 -22.79 -44.19
C ARG H 168 51.38 -23.10 -45.21
N PHE H 169 50.99 -22.11 -46.01
CA PHE H 169 49.84 -22.27 -46.90
C PHE H 169 50.24 -22.30 -48.37
N LYS H 170 51.55 -22.33 -48.62
CA LYS H 170 52.06 -22.51 -49.97
C LYS H 170 52.13 -23.99 -50.33
N SER H 171 52.02 -24.30 -51.61
CA SER H 171 52.16 -25.66 -52.09
C SER H 171 53.01 -25.71 -53.34
N THR H 172 52.46 -25.24 -54.45
CA THR H 172 53.16 -25.23 -55.73
C THR H 172 54.10 -24.03 -55.85
N VAL H 176 60.86 -20.97 -52.33
CA VAL H 176 61.53 -21.29 -53.59
C VAL H 176 62.95 -21.80 -53.35
N ASN H 177 63.93 -20.94 -53.62
CA ASN H 177 65.31 -21.23 -53.26
C ASN H 177 65.65 -20.50 -51.97
N MET H 178 64.94 -20.85 -50.90
CA MET H 178 65.01 -20.12 -49.64
C MET H 178 66.06 -20.68 -48.69
N GLU H 179 67.18 -19.99 -48.59
CA GLU H 179 68.27 -20.40 -47.71
C GLU H 179 68.56 -19.37 -46.64
N TYR H 180 68.16 -19.68 -45.40
CA TYR H 180 68.43 -18.81 -44.27
C TYR H 180 69.89 -18.90 -43.82
N ILE H 181 70.39 -17.82 -43.22
CA ILE H 181 71.72 -17.84 -42.64
C ILE H 181 71.74 -18.74 -41.41
N LYS H 182 72.90 -19.29 -41.09
CA LYS H 182 73.05 -20.16 -39.93
C LYS H 182 73.79 -19.46 -38.79
N HIS H 183 74.45 -18.35 -39.12
CA HIS H 183 75.21 -17.61 -38.12
C HIS H 183 74.97 -16.11 -38.22
N LEU H 184 74.82 -15.45 -37.08
CA LEU H 184 74.74 -14.01 -37.02
C LEU H 184 75.80 -13.44 -36.08
N GLY H 185 76.64 -12.55 -36.60
CA GLY H 185 77.66 -11.92 -35.80
C GLY H 185 77.38 -10.45 -35.54
N VAL H 186 77.56 -10.02 -34.30
CA VAL H 186 77.27 -8.64 -33.93
C VAL H 186 78.42 -8.01 -33.15
N TYR H 187 78.99 -6.95 -33.71
CA TYR H 187 80.01 -6.17 -33.02
C TYR H 187 79.40 -4.89 -32.46
N ILE H 188 79.60 -4.66 -31.16
CA ILE H 188 78.97 -3.53 -30.49
C ILE H 188 79.73 -3.14 -29.23
N ASN H 189 79.76 -1.84 -28.94
CA ASN H 189 80.39 -1.34 -27.71
C ASN H 189 79.60 -1.81 -26.49
N ASN H 190 80.32 -2.04 -25.38
CA ASN H 190 79.72 -2.58 -24.16
C ASN H 190 78.98 -3.88 -24.43
N ALA H 191 79.62 -4.76 -25.21
CA ALA H 191 79.01 -6.00 -25.65
C ALA H 191 78.46 -6.83 -24.50
N ASP H 192 79.21 -6.91 -23.40
CA ASP H 192 78.84 -7.71 -22.24
C ASP H 192 77.48 -7.32 -21.65
N THR H 193 77.09 -6.06 -21.85
CA THR H 193 75.80 -5.59 -21.38
C THR H 193 74.68 -6.03 -22.34
N TYR H 194 75.04 -6.23 -23.60
CA TYR H 194 74.06 -6.50 -24.64
C TYR H 194 73.76 -7.98 -24.86
N LYS H 195 74.66 -8.85 -24.41
CA LYS H 195 74.53 -10.28 -24.65
C LYS H 195 73.23 -10.86 -24.11
N GLU H 196 72.82 -10.38 -22.94
CA GLU H 196 71.61 -10.87 -22.28
C GLU H 196 70.36 -10.62 -23.11
N GLU H 197 70.40 -9.59 -23.95
CA GLU H 197 69.24 -9.19 -24.75
C GLU H 197 68.98 -10.13 -25.92
N VAL H 198 69.95 -10.96 -26.26
CA VAL H 198 69.86 -11.82 -27.43
C VAL H 198 68.72 -12.83 -27.36
N GLU H 199 68.75 -13.68 -26.33
CA GLU H 199 67.75 -14.74 -26.21
C GLU H 199 66.40 -14.20 -25.76
N LYS H 200 66.41 -13.02 -25.13
CA LYS H 200 65.15 -12.37 -24.78
C LYS H 200 64.49 -11.85 -26.05
N ALA H 201 65.29 -11.38 -26.99
CA ALA H 201 64.80 -10.95 -28.29
C ALA H 201 64.20 -12.14 -29.03
N ARG H 202 64.91 -13.26 -29.01
CA ARG H 202 64.48 -14.47 -29.69
C ARG H 202 63.15 -14.96 -29.15
N VAL H 203 63.00 -14.95 -27.82
CA VAL H 203 61.75 -15.29 -27.18
C VAL H 203 60.66 -14.29 -27.57
N TYR H 204 60.98 -13.01 -27.48
CA TYR H 204 60.04 -11.96 -27.85
C TYR H 204 59.64 -12.07 -29.31
N TYR H 205 60.63 -12.37 -30.16
CA TYR H 205 60.38 -12.53 -31.59
C TYR H 205 59.34 -13.61 -31.85
N PHE H 206 59.53 -14.80 -31.29
CA PHE H 206 58.63 -15.91 -31.59
C PHE H 206 57.25 -15.67 -31.01
N GLY H 207 57.21 -15.12 -29.80
CA GLY H 207 55.95 -14.79 -29.17
C GLY H 207 55.13 -13.87 -30.06
N THR H 208 55.83 -13.00 -30.77
CA THR H 208 55.22 -12.13 -31.75
C THR H 208 54.85 -12.91 -33.01
N TYR H 209 55.79 -13.72 -33.48
CA TYR H 209 55.58 -14.47 -34.72
C TYR H 209 54.56 -15.61 -34.52
N TYR H 210 54.48 -16.15 -33.31
CA TYR H 210 53.47 -17.16 -32.99
C TYR H 210 52.08 -16.57 -33.14
N ALA H 211 51.91 -15.35 -32.63
CA ALA H 211 50.65 -14.63 -32.76
C ALA H 211 50.33 -14.41 -34.24
N SER H 212 51.35 -14.02 -35.01
CA SER H 212 51.19 -13.79 -36.44
C SER H 212 50.68 -15.03 -37.15
N GLN H 213 51.27 -16.18 -36.83
CA GLN H 213 50.83 -17.46 -37.38
C GLN H 213 49.34 -17.69 -37.13
N LEU H 214 48.90 -17.38 -35.92
CA LEU H 214 47.50 -17.53 -35.57
C LEU H 214 46.61 -16.59 -36.37
N ILE H 215 46.98 -15.31 -36.40
CA ILE H 215 46.21 -14.31 -37.13
C ILE H 215 46.18 -14.57 -38.63
N ALA H 216 47.34 -14.85 -39.20
CA ALA H 216 47.46 -15.09 -40.65
C ALA H 216 46.66 -16.32 -41.08
N ALA H 217 46.54 -17.29 -40.18
CA ALA H 217 45.76 -18.48 -40.46
C ALA H 217 44.31 -18.12 -40.73
N PRO H 218 43.81 -18.47 -41.93
CA PRO H 218 42.44 -18.18 -42.38
C PRO H 218 41.39 -18.82 -41.49
N SER H 219 40.16 -18.33 -41.58
CA SER H 219 39.11 -18.69 -40.65
C SER H 219 38.60 -20.13 -40.80
N ASN H 220 38.91 -20.78 -41.92
CA ASN H 220 38.54 -22.19 -42.07
C ASN H 220 39.56 -23.08 -41.39
N TYR H 221 40.78 -22.57 -41.25
CA TYR H 221 41.81 -23.24 -40.45
C TYR H 221 41.66 -22.86 -38.99
N CYS H 222 41.65 -21.56 -38.73
CA CYS H 222 41.57 -21.04 -37.38
C CYS H 222 40.12 -20.75 -36.98
N ASN H 223 39.46 -21.78 -36.44
CA ASN H 223 38.10 -21.65 -35.92
C ASN H 223 38.14 -21.80 -34.39
N PRO H 224 37.05 -21.44 -33.69
CA PRO H 224 37.08 -21.46 -32.22
C PRO H 224 37.53 -22.79 -31.60
N VAL H 225 37.33 -23.89 -32.30
CA VAL H 225 37.75 -25.19 -31.78
C VAL H 225 39.24 -25.40 -31.99
N SER H 226 39.70 -25.18 -33.22
CA SER H 226 41.12 -25.36 -33.55
C SER H 226 42.00 -24.40 -32.76
N LEU H 227 41.53 -23.16 -32.61
CA LEU H 227 42.29 -22.13 -31.91
C LEU H 227 42.44 -22.47 -30.43
N SER H 228 41.35 -22.89 -29.80
CA SER H 228 41.39 -23.29 -28.40
C SER H 228 42.21 -24.55 -28.21
N ASN H 229 42.22 -25.41 -29.23
CA ASN H 229 43.06 -26.60 -29.20
C ASN H 229 44.54 -26.24 -29.29
N ALA H 230 44.87 -25.31 -30.17
CA ALA H 230 46.24 -24.83 -30.32
C ALA H 230 46.73 -24.17 -29.03
N ALA H 231 45.80 -23.57 -28.28
CA ALA H 231 46.13 -22.93 -27.02
C ALA H 231 46.44 -23.95 -25.93
N VAL H 232 45.66 -25.03 -25.91
CA VAL H 232 45.91 -26.14 -25.01
C VAL H 232 47.29 -26.73 -25.26
N GLU H 233 47.58 -26.94 -26.54
CA GLU H 233 48.87 -27.47 -26.96
C GLU H 233 50.01 -26.56 -26.53
N LEU H 234 49.77 -25.26 -26.56
CA LEU H 234 50.74 -24.28 -26.07
C LEU H 234 50.95 -24.44 -24.58
N ALA H 235 49.84 -24.59 -23.85
CA ALA H 235 49.88 -24.75 -22.40
C ALA H 235 50.60 -26.04 -22.02
N GLN H 236 50.49 -27.05 -22.87
CA GLN H 236 51.10 -28.34 -22.62
C GLN H 236 52.60 -28.34 -22.92
N LYS H 237 52.99 -27.65 -23.98
CA LYS H 237 54.41 -27.57 -24.35
C LYS H 237 55.12 -26.59 -23.43
N LEU H 238 54.36 -25.62 -22.93
CA LEU H 238 54.79 -24.85 -21.77
C LEU H 238 54.35 -25.62 -20.53
N ASN H 239 54.35 -24.99 -19.37
CA ASN H 239 53.92 -25.68 -18.16
C ASN H 239 52.78 -24.94 -17.47
N LEU H 240 51.86 -24.42 -18.27
CA LEU H 240 50.76 -23.63 -17.76
C LEU H 240 49.54 -24.49 -17.44
N GLU H 241 48.84 -24.13 -16.38
CA GLU H 241 47.52 -24.71 -16.12
C GLU H 241 46.58 -24.22 -17.20
N TYR H 242 45.62 -25.06 -17.58
CA TYR H 242 44.66 -24.69 -18.60
C TYR H 242 43.30 -25.30 -18.35
N LYS H 243 42.25 -24.59 -18.73
CA LYS H 243 40.93 -25.18 -18.82
C LYS H 243 40.16 -24.49 -19.94
N ILE H 244 39.47 -25.29 -20.75
CA ILE H 244 38.68 -24.76 -21.84
C ILE H 244 37.20 -24.93 -21.54
N LEU H 245 36.54 -23.81 -21.25
CA LEU H 245 35.13 -23.83 -20.94
C LEU H 245 34.31 -24.05 -22.21
N GLY H 246 33.38 -25.00 -22.16
CA GLY H 246 32.51 -25.30 -23.27
C GLY H 246 31.13 -24.73 -23.07
N VAL H 247 30.24 -24.94 -24.03
CA VAL H 247 28.89 -24.37 -24.01
C VAL H 247 28.15 -24.65 -22.70
N LYS H 248 28.19 -25.89 -22.25
CA LYS H 248 27.47 -26.30 -21.04
C LYS H 248 27.96 -25.55 -19.80
N GLU H 249 29.28 -25.47 -19.65
CA GLU H 249 29.86 -24.71 -18.53
C GLU H 249 29.50 -23.24 -18.65
N LEU H 250 29.67 -22.70 -19.86
CA LEU H 250 29.37 -21.29 -20.13
C LEU H 250 27.90 -21.00 -19.87
N GLU H 251 27.03 -21.96 -20.16
CA GLU H 251 25.60 -21.82 -19.89
C GLU H 251 25.34 -21.76 -18.39
N GLU H 252 26.10 -22.54 -17.62
CA GLU H 252 25.93 -22.59 -16.17
C GLU H 252 26.50 -21.33 -15.51
N LEU H 253 27.37 -20.63 -16.23
CA LEU H 253 27.94 -19.39 -15.72
C LEU H 253 27.14 -18.18 -16.21
N LYS H 254 26.06 -18.46 -16.92
CA LYS H 254 25.13 -17.44 -17.40
C LYS H 254 25.80 -16.40 -18.32
N MET H 255 26.80 -16.83 -19.07
CA MET H 255 27.52 -15.93 -19.97
C MET H 255 26.73 -15.73 -21.26
N GLY H 256 25.63 -14.99 -21.15
CA GLY H 256 24.67 -14.85 -22.23
C GLY H 256 25.04 -13.91 -23.35
N ALA H 257 25.90 -12.93 -23.08
CA ALA H 257 26.37 -12.03 -24.12
C ALA H 257 27.29 -12.76 -25.08
N TYR H 258 28.24 -13.49 -24.50
CA TYR H 258 29.25 -14.25 -25.25
C TYR H 258 28.62 -15.39 -26.04
N LEU H 259 27.70 -16.12 -25.41
CA LEU H 259 27.04 -17.24 -26.07
C LEU H 259 26.18 -16.80 -27.25
N SER H 260 25.59 -15.61 -27.15
CA SER H 260 24.78 -15.08 -28.23
C SER H 260 25.59 -14.88 -29.49
N VAL H 261 26.75 -14.22 -29.37
CA VAL H 261 27.61 -13.93 -30.52
C VAL H 261 27.88 -15.19 -31.38
N GLY H 262 28.10 -16.32 -30.74
CA GLY H 262 28.41 -17.54 -31.44
C GLY H 262 27.23 -18.41 -31.84
N LYS H 263 26.02 -17.96 -31.52
CA LYS H 263 24.80 -18.72 -31.79
C LYS H 263 24.68 -19.16 -33.25
N GLY H 264 25.14 -18.31 -34.17
CA GLY H 264 25.01 -18.58 -35.59
C GLY H 264 26.20 -19.30 -36.20
N SER H 265 27.18 -19.68 -35.37
CA SER H 265 28.37 -20.36 -35.86
C SER H 265 28.21 -21.87 -35.82
N MET H 266 28.93 -22.57 -36.69
CA MET H 266 28.92 -24.03 -36.68
C MET H 266 29.96 -24.56 -35.69
N TYR H 267 30.76 -23.64 -35.16
CA TYR H 267 31.77 -23.99 -34.16
C TYR H 267 31.33 -23.52 -32.79
N PRO H 268 31.21 -24.47 -31.84
CA PRO H 268 30.80 -24.15 -30.47
C PRO H 268 31.77 -23.20 -29.79
N ASN H 269 31.27 -22.33 -28.92
CA ASN H 269 32.10 -21.38 -28.20
C ASN H 269 33.14 -22.08 -27.34
N LYS H 270 34.34 -21.53 -27.29
CA LYS H 270 35.41 -22.06 -26.47
C LYS H 270 36.08 -20.95 -25.67
N PHE H 271 35.94 -21.01 -24.35
CA PHE H 271 36.57 -20.01 -23.49
C PHE H 271 37.92 -20.52 -23.01
N ILE H 272 38.97 -19.81 -23.40
CA ILE H 272 40.34 -20.19 -23.04
C ILE H 272 40.78 -19.55 -21.73
N HIS H 273 41.23 -20.38 -20.80
CA HIS H 273 41.75 -19.90 -19.52
C HIS H 273 43.09 -20.56 -19.21
N LEU H 274 44.17 -19.87 -19.52
CA LEU H 274 45.51 -20.33 -19.17
C LEU H 274 46.00 -19.58 -17.93
N THR H 275 46.85 -20.23 -17.14
CA THR H 275 47.37 -19.62 -15.93
C THR H 275 48.85 -19.90 -15.73
N TYR H 276 49.60 -18.85 -15.41
CA TYR H 276 50.99 -18.99 -14.99
C TYR H 276 51.14 -18.62 -13.52
N LYS H 277 51.77 -19.50 -12.75
CA LYS H 277 52.04 -19.22 -11.35
C LYS H 277 53.53 -19.33 -11.06
N SER H 278 54.08 -18.28 -10.46
CA SER H 278 55.48 -18.28 -10.06
C SER H 278 55.66 -19.11 -8.81
N LYS H 279 56.86 -19.65 -8.62
CA LYS H 279 57.16 -20.45 -7.43
C LYS H 279 57.17 -19.57 -6.18
N GLY H 280 57.80 -18.40 -6.29
CA GLY H 280 57.85 -17.45 -5.20
C GLY H 280 56.47 -16.93 -4.87
N ASP H 281 56.30 -16.41 -3.66
CA ASP H 281 55.01 -15.88 -3.21
C ASP H 281 54.52 -14.77 -4.13
N VAL H 282 53.25 -14.83 -4.50
CA VAL H 282 52.68 -13.90 -5.47
C VAL H 282 52.34 -12.55 -4.86
N LYS H 283 52.70 -11.49 -5.57
CA LYS H 283 52.42 -10.14 -5.13
C LYS H 283 51.44 -9.45 -6.07
N LYS H 284 51.44 -9.88 -7.33
CA LYS H 284 50.49 -9.37 -8.32
C LYS H 284 49.76 -10.49 -9.04
N LYS H 285 48.43 -10.41 -9.02
CA LYS H 285 47.59 -11.31 -9.81
C LYS H 285 47.05 -10.55 -11.03
N ILE H 286 47.42 -11.01 -12.22
CA ILE H 286 47.05 -10.29 -13.44
C ILE H 286 46.19 -11.14 -14.38
N ALA H 287 45.14 -10.53 -14.92
CA ALA H 287 44.29 -11.20 -15.90
C ALA H 287 44.37 -10.50 -17.25
N LEU H 288 44.86 -11.21 -18.27
CA LEU H 288 44.93 -10.66 -19.62
C LEU H 288 43.77 -11.19 -20.46
N VAL H 289 43.03 -10.27 -21.07
CA VAL H 289 41.86 -10.64 -21.85
C VAL H 289 42.03 -10.27 -23.33
N GLY H 290 41.98 -11.27 -24.19
CA GLY H 290 42.08 -11.05 -25.62
C GLY H 290 40.78 -11.31 -26.35
N LYS H 291 40.41 -10.41 -27.25
CA LYS H 291 39.24 -10.62 -28.10
C LYS H 291 39.54 -11.71 -29.12
N GLY H 292 38.75 -12.77 -29.08
CA GLY H 292 38.99 -13.91 -29.95
C GLY H 292 37.84 -14.22 -30.89
N ILE H 293 37.62 -13.35 -31.86
CA ILE H 293 36.64 -13.63 -32.91
C ILE H 293 37.35 -14.19 -34.14
N THR H 294 37.19 -15.49 -34.37
CA THR H 294 37.91 -16.17 -35.46
C THR H 294 37.51 -15.59 -36.80
N PHE H 295 36.23 -15.28 -36.96
CA PHE H 295 35.79 -14.50 -38.11
C PHE H 295 34.60 -13.61 -37.78
N ASP H 296 34.65 -12.37 -38.24
CA ASP H 296 33.57 -11.42 -38.03
C ASP H 296 32.91 -11.03 -39.35
N SER H 297 31.78 -11.67 -39.63
CA SER H 297 31.03 -11.36 -40.83
C SER H 297 30.18 -10.11 -40.61
N GLY H 298 30.02 -9.74 -39.34
CA GLY H 298 29.19 -8.62 -38.98
C GLY H 298 27.85 -9.08 -38.45
N GLY H 299 27.58 -10.38 -38.59
CA GLY H 299 26.28 -10.92 -38.24
C GLY H 299 25.24 -10.43 -39.23
N TYR H 300 24.01 -10.26 -38.77
CA TYR H 300 22.95 -9.77 -39.64
C TYR H 300 23.18 -8.32 -40.03
N ASN H 301 23.94 -7.60 -39.22
CA ASN H 301 24.47 -6.31 -39.64
C ASN H 301 25.73 -6.55 -40.48
N LEU H 302 25.53 -7.27 -41.59
CA LEU H 302 26.61 -7.74 -42.44
C LEU H 302 27.56 -6.63 -42.86
N LYS H 303 28.83 -6.99 -43.04
CA LYS H 303 29.82 -6.05 -43.55
C LYS H 303 29.74 -5.98 -45.07
N ALA H 304 28.76 -5.21 -45.55
CA ALA H 304 28.54 -5.08 -46.99
C ALA H 304 28.86 -3.67 -47.48
N ALA H 305 28.92 -2.74 -46.54
CA ALA H 305 29.25 -1.35 -46.85
C ALA H 305 30.66 -1.26 -47.42
N PRO H 306 30.89 -0.29 -48.33
CA PRO H 306 32.23 -0.08 -48.91
C PRO H 306 33.26 0.24 -47.83
N GLY H 307 34.37 -0.49 -47.83
CA GLY H 307 35.45 -0.24 -46.91
C GLY H 307 35.31 -0.94 -45.57
N SER H 308 34.30 -1.79 -45.44
CA SER H 308 34.12 -2.57 -44.21
C SER H 308 35.17 -3.68 -44.12
N MET H 309 35.81 -3.96 -45.25
CA MET H 309 36.95 -4.88 -45.33
C MET H 309 36.66 -6.26 -44.73
N ILE H 310 35.62 -6.92 -45.21
CA ILE H 310 35.19 -8.21 -44.65
C ILE H 310 36.23 -9.30 -44.89
N ASP H 311 37.02 -9.16 -45.95
CA ASP H 311 38.03 -10.17 -46.29
C ASP H 311 39.19 -10.14 -45.32
N LEU H 312 39.24 -9.11 -44.47
CA LEU H 312 40.29 -8.99 -43.48
C LEU H 312 39.92 -9.78 -42.21
N MET H 313 38.63 -9.82 -41.90
CA MET H 313 38.12 -10.15 -40.57
C MET H 313 38.52 -11.50 -39.94
N LYS H 314 39.43 -12.25 -40.57
CA LYS H 314 40.13 -13.31 -39.87
C LYS H 314 41.02 -12.63 -38.82
N PHE H 315 41.28 -11.37 -39.13
CA PHE H 315 41.95 -10.37 -38.32
C PHE H 315 41.41 -10.20 -36.89
N ASP H 316 40.16 -10.61 -36.65
CA ASP H 316 39.44 -10.25 -35.43
C ASP H 316 39.83 -11.05 -34.20
N MET H 317 40.87 -11.85 -34.34
CA MET H 317 41.36 -12.71 -33.27
C MET H 317 42.57 -12.10 -32.58
N SER H 318 43.23 -11.18 -33.28
CA SER H 318 44.51 -10.56 -32.90
C SER H 318 44.72 -10.35 -31.40
N GLY H 319 43.66 -9.96 -30.70
CA GLY H 319 43.72 -9.76 -29.26
C GLY H 319 44.05 -11.05 -28.54
N CYS H 320 43.33 -12.11 -28.87
CA CYS H 320 43.57 -13.42 -28.30
C CYS H 320 44.94 -13.95 -28.71
N ALA H 321 45.32 -13.71 -29.95
CA ALA H 321 46.62 -14.12 -30.47
C ALA H 321 47.75 -13.46 -29.68
N ALA H 322 47.56 -12.20 -29.34
CA ALA H 322 48.55 -11.45 -28.57
C ALA H 322 48.66 -11.96 -27.14
N VAL H 323 47.54 -12.37 -26.57
CA VAL H 323 47.54 -12.91 -25.21
C VAL H 323 48.27 -14.25 -25.16
N LEU H 324 48.00 -15.11 -26.15
CA LEU H 324 48.65 -16.40 -26.24
C LEU H 324 50.15 -16.23 -26.55
N GLY H 325 50.47 -15.25 -27.37
CA GLY H 325 51.85 -14.95 -27.69
C GLY H 325 52.60 -14.46 -26.45
N CYS H 326 51.89 -13.73 -25.59
CA CYS H 326 52.45 -13.29 -24.32
C CYS H 326 52.60 -14.47 -23.37
N ALA H 327 51.64 -15.38 -23.42
CA ALA H 327 51.67 -16.58 -22.60
C ALA H 327 52.89 -17.44 -22.90
N TYR H 328 53.36 -17.39 -24.14
CA TYR H 328 54.58 -18.11 -24.51
C TYR H 328 55.81 -17.45 -23.88
N CYS H 329 55.90 -16.13 -24.02
CA CYS H 329 57.03 -15.37 -23.48
C CYS H 329 57.11 -15.53 -21.97
N VAL H 330 55.97 -15.44 -21.30
CA VAL H 330 55.91 -15.59 -19.86
C VAL H 330 56.31 -17.00 -19.43
N GLY H 331 55.75 -18.00 -20.09
CA GLY H 331 56.05 -19.39 -19.80
C GLY H 331 57.52 -19.72 -20.03
N THR H 332 58.15 -18.98 -20.95
CA THR H 332 59.56 -19.18 -21.27
C THR H 332 60.47 -18.45 -20.28
N LEU H 333 60.21 -17.16 -20.10
CA LEU H 333 61.06 -16.33 -19.23
C LEU H 333 60.83 -16.62 -17.76
N LYS H 334 59.65 -17.17 -17.44
CA LYS H 334 59.28 -17.55 -16.08
C LYS H 334 59.55 -16.47 -15.05
N PRO H 335 58.75 -15.40 -15.05
CA PRO H 335 58.97 -14.28 -14.14
C PRO H 335 58.67 -14.63 -12.69
N GLU H 336 59.04 -13.73 -11.78
CA GLU H 336 58.89 -13.96 -10.35
C GLU H 336 57.67 -13.24 -9.78
N ASN H 337 57.22 -13.69 -8.62
CA ASN H 337 56.22 -12.99 -7.82
C ASN H 337 54.96 -12.58 -8.56
N VAL H 338 54.53 -13.39 -9.53
CA VAL H 338 53.37 -13.02 -10.33
C VAL H 338 52.49 -14.22 -10.69
N GLU H 339 51.19 -13.98 -10.77
CA GLU H 339 50.23 -14.98 -11.24
C GLU H 339 49.40 -14.40 -12.38
N ILE H 340 49.56 -14.97 -13.57
CA ILE H 340 48.90 -14.41 -14.74
C ILE H 340 47.86 -15.35 -15.34
N HIS H 341 46.66 -14.83 -15.54
CA HIS H 341 45.61 -15.58 -16.21
C HIS H 341 45.47 -15.07 -17.65
N PHE H 342 45.49 -16.01 -18.60
CA PHE H 342 45.39 -15.67 -20.01
C PHE H 342 43.99 -16.05 -20.52
N LEU H 343 43.15 -15.06 -20.73
CA LEU H 343 41.73 -15.28 -20.99
C LEU H 343 41.32 -14.90 -22.40
N SER H 344 40.37 -15.67 -22.95
CA SER H 344 39.78 -15.34 -24.25
C SER H 344 38.45 -16.05 -24.45
N ALA H 345 37.41 -15.27 -24.78
CA ALA H 345 36.12 -15.82 -25.14
C ALA H 345 36.06 -15.99 -26.65
N VAL H 346 36.45 -17.17 -27.12
CA VAL H 346 36.58 -17.42 -28.56
C VAL H 346 35.28 -17.90 -29.19
N CYS H 347 34.88 -17.25 -30.27
CA CYS H 347 33.70 -17.64 -31.03
C CYS H 347 33.71 -17.02 -32.43
N GLU H 348 32.64 -17.25 -33.17
CA GLU H 348 32.54 -16.78 -34.55
C GLU H 348 31.20 -16.07 -34.78
N ASN H 349 31.26 -14.86 -35.32
CA ASN H 349 30.06 -14.08 -35.60
C ASN H 349 29.61 -14.28 -37.04
N MET H 350 28.57 -15.07 -37.24
CA MET H 350 28.15 -15.47 -38.57
C MET H 350 26.67 -15.19 -38.85
N VAL H 351 26.29 -15.34 -40.11
CA VAL H 351 24.89 -15.20 -40.52
C VAL H 351 24.27 -16.58 -40.66
N SER H 352 23.19 -16.81 -39.93
CA SER H 352 22.55 -18.11 -39.89
C SER H 352 21.09 -17.98 -39.47
N LYS H 353 20.36 -19.09 -39.50
CA LYS H 353 19.01 -19.13 -38.95
C LYS H 353 19.09 -19.08 -37.43
N ASN H 354 20.27 -19.39 -36.91
CA ASN H 354 20.49 -19.47 -35.47
C ASN H 354 21.21 -18.23 -34.91
N SER H 355 21.52 -17.27 -35.78
CA SER H 355 22.20 -16.05 -35.36
C SER H 355 21.31 -15.20 -34.45
N TYR H 356 21.91 -14.36 -33.61
CA TYR H 356 21.15 -13.42 -32.81
C TYR H 356 20.79 -12.24 -33.70
N ARG H 357 19.73 -11.54 -33.34
CA ARG H 357 19.20 -10.48 -34.19
C ARG H 357 19.46 -9.12 -33.59
N PRO H 358 19.53 -8.10 -34.45
CA PRO H 358 19.50 -6.72 -33.97
C PRO H 358 18.21 -6.46 -33.20
N GLY H 359 18.32 -5.90 -32.00
CA GLY H 359 17.16 -5.64 -31.18
C GLY H 359 17.01 -6.63 -30.04
N ASP H 360 17.66 -7.78 -30.18
CA ASP H 360 17.64 -8.80 -29.13
C ASP H 360 18.17 -8.27 -27.80
N ILE H 361 17.52 -8.66 -26.71
CA ILE H 361 18.01 -8.33 -25.38
C ILE H 361 18.57 -9.59 -24.73
N ILE H 362 19.85 -9.53 -24.38
CA ILE H 362 20.54 -10.67 -23.79
C ILE H 362 21.05 -10.33 -22.40
N THR H 363 21.28 -11.38 -21.60
CA THR H 363 21.67 -11.20 -20.20
C THR H 363 23.11 -11.61 -19.94
N ALA H 364 23.91 -10.65 -19.50
CA ALA H 364 25.32 -10.92 -19.18
C ALA H 364 25.43 -11.73 -17.89
N SER H 365 26.63 -12.28 -17.65
CA SER H 365 26.86 -13.13 -16.49
C SER H 365 26.86 -12.34 -15.18
N ASN H 366 26.78 -11.02 -15.26
CA ASN H 366 26.69 -10.19 -14.07
C ASN H 366 25.26 -9.69 -13.84
N GLY H 367 24.33 -10.19 -14.66
CA GLY H 367 22.93 -9.89 -14.49
C GLY H 367 22.43 -8.71 -15.29
N LYS H 368 23.33 -7.96 -15.89
CA LYS H 368 22.96 -6.78 -16.68
C LYS H 368 22.36 -7.17 -18.02
N THR H 369 21.17 -6.65 -18.31
CA THR H 369 20.52 -6.89 -19.59
C THR H 369 21.02 -5.90 -20.64
N ILE H 370 21.28 -6.41 -21.84
CA ILE H 370 21.87 -5.60 -22.91
C ILE H 370 21.01 -5.64 -24.18
N GLU H 371 20.70 -4.47 -24.72
CA GLU H 371 19.99 -4.41 -25.99
C GLU H 371 20.98 -4.32 -27.15
N VAL H 372 20.96 -5.33 -28.01
CA VAL H 372 21.83 -5.36 -29.18
C VAL H 372 21.29 -4.46 -30.27
N GLY H 373 21.99 -3.36 -30.54
CA GLY H 373 21.60 -2.43 -31.58
C GLY H 373 22.28 -2.72 -32.89
N ASN H 374 23.33 -3.54 -32.83
CA ASN H 374 24.13 -3.86 -34.00
C ASN H 374 24.97 -5.12 -33.77
N THR H 375 24.71 -6.17 -34.55
CA THR H 375 25.36 -7.45 -34.37
C THR H 375 26.85 -7.41 -34.72
N ASP H 376 27.27 -6.36 -35.41
CA ASP H 376 28.66 -6.21 -35.82
C ASP H 376 29.52 -5.59 -34.70
N ALA H 377 28.86 -5.08 -33.67
CA ALA H 377 29.56 -4.61 -32.49
C ALA H 377 29.60 -5.72 -31.46
N GLU H 378 30.16 -6.87 -31.85
CA GLU H 378 30.04 -8.09 -31.05
C GLU H 378 31.22 -8.31 -30.10
N GLY H 379 32.33 -7.60 -30.36
CA GLY H 379 33.51 -7.76 -29.54
C GLY H 379 33.28 -7.37 -28.09
N ARG H 380 32.64 -6.23 -27.88
CA ARG H 380 32.38 -5.74 -26.53
C ARG H 380 31.40 -6.65 -25.79
N LEU H 381 30.65 -7.45 -26.55
CA LEU H 381 29.74 -8.43 -25.97
C LEU H 381 30.51 -9.61 -25.39
N THR H 382 31.45 -10.13 -26.17
CA THR H 382 32.28 -11.24 -25.71
C THR H 382 33.21 -10.78 -24.60
N LEU H 383 33.66 -9.52 -24.70
CA LEU H 383 34.56 -8.95 -23.71
C LEU H 383 33.84 -8.69 -22.39
N ALA H 384 32.55 -8.37 -22.48
CA ALA H 384 31.73 -8.13 -21.29
C ALA H 384 31.77 -9.34 -20.36
N ASP H 385 31.38 -10.49 -20.87
CA ASP H 385 31.37 -11.72 -20.09
C ASP H 385 32.78 -12.14 -19.68
N ALA H 386 33.77 -11.76 -20.47
CA ALA H 386 35.15 -12.09 -20.17
C ALA H 386 35.68 -11.30 -18.98
N LEU H 387 35.36 -10.01 -18.93
CA LEU H 387 35.80 -9.15 -17.84
C LEU H 387 35.12 -9.52 -16.53
N VAL H 388 33.84 -9.90 -16.60
CA VAL H 388 33.10 -10.35 -15.44
C VAL H 388 33.76 -11.61 -14.87
N TYR H 389 34.15 -12.51 -15.78
CA TYR H 389 34.86 -13.72 -15.43
C TYR H 389 36.22 -13.39 -14.82
N ALA H 390 36.88 -12.39 -15.38
CA ALA H 390 38.21 -11.99 -14.93
C ALA H 390 38.18 -11.39 -13.53
N GLU H 391 37.19 -10.55 -13.26
CA GLU H 391 37.08 -9.88 -11.97
C GLU H 391 36.75 -10.89 -10.86
N LYS H 392 36.10 -11.99 -11.23
CA LYS H 392 35.77 -13.04 -10.28
C LYS H 392 37.02 -13.78 -9.81
N LEU H 393 38.10 -13.70 -10.59
CA LEU H 393 39.33 -14.37 -10.26
C LEU H 393 40.07 -13.69 -9.10
N GLY H 394 39.62 -12.48 -8.75
CA GLY H 394 40.22 -11.72 -7.68
C GLY H 394 41.62 -11.27 -8.03
N VAL H 395 41.73 -10.45 -9.07
CA VAL H 395 43.02 -9.99 -9.55
C VAL H 395 43.26 -8.52 -9.21
N ASP H 396 44.49 -8.07 -9.38
CA ASP H 396 44.85 -6.68 -9.13
C ASP H 396 44.68 -5.83 -10.38
N TYR H 397 45.04 -6.40 -11.53
CA TYR H 397 44.93 -5.71 -12.81
C TYR H 397 44.16 -6.53 -13.83
N ILE H 398 43.27 -5.87 -14.56
CA ILE H 398 42.62 -6.48 -15.71
C ILE H 398 42.96 -5.71 -16.98
N VAL H 399 43.79 -6.29 -17.84
CA VAL H 399 44.13 -5.63 -19.10
C VAL H 399 43.48 -6.33 -20.28
N ASP H 400 42.74 -5.55 -21.07
CA ASP H 400 42.05 -6.05 -22.25
C ASP H 400 42.73 -5.56 -23.53
N ILE H 401 42.78 -6.41 -24.54
CA ILE H 401 43.37 -6.02 -25.83
C ILE H 401 42.53 -6.59 -26.98
N ALA H 402 42.11 -5.71 -27.88
CA ALA H 402 41.10 -6.09 -28.88
C ALA H 402 41.18 -5.26 -30.16
N THR H 403 40.80 -5.88 -31.27
CA THR H 403 40.54 -5.16 -32.52
C THR H 403 39.09 -4.71 -32.48
N LEU H 404 38.79 -3.76 -31.61
CA LEU H 404 37.41 -3.48 -31.24
C LEU H 404 36.69 -2.51 -32.18
N THR H 405 37.34 -1.41 -32.53
CA THR H 405 36.68 -0.36 -33.31
C THR H 405 37.48 0.12 -34.52
N GLY H 406 36.81 0.18 -35.67
CA GLY H 406 37.42 0.69 -36.88
C GLY H 406 37.71 2.18 -36.81
N ALA H 407 37.10 2.84 -35.84
CA ALA H 407 37.30 4.26 -35.63
C ALA H 407 38.75 4.60 -35.29
N MET H 408 39.49 3.59 -34.82
CA MET H 408 40.89 3.78 -34.43
C MET H 408 41.74 4.23 -35.62
N LEU H 409 41.34 3.82 -36.82
CA LEU H 409 42.05 4.23 -38.04
C LEU H 409 41.88 5.72 -38.31
N TYR H 410 40.84 6.31 -37.74
CA TYR H 410 40.58 7.73 -37.91
C TYR H 410 41.13 8.56 -36.76
N SER H 411 41.40 7.91 -35.64
CA SER H 411 41.90 8.58 -34.45
C SER H 411 43.42 8.58 -34.39
N LEU H 412 44.01 7.39 -34.34
CA LEU H 412 45.46 7.27 -34.21
C LEU H 412 46.11 6.70 -35.46
N GLY H 413 45.33 5.97 -36.27
CA GLY H 413 45.83 5.43 -37.51
C GLY H 413 46.35 4.00 -37.43
N THR H 414 47.45 3.74 -38.11
CA THR H 414 47.98 2.39 -38.25
C THR H 414 49.19 2.11 -37.38
N SER H 415 49.77 3.16 -36.79
CA SER H 415 51.01 3.02 -36.03
C SER H 415 50.80 2.93 -34.53
N TYR H 416 49.85 3.71 -34.01
CA TYR H 416 49.64 3.81 -32.57
C TYR H 416 48.33 3.16 -32.11
N ALA H 417 48.43 2.23 -31.16
CA ALA H 417 47.24 1.66 -30.53
C ALA H 417 46.70 2.62 -29.49
N GLY H 418 45.42 2.52 -29.18
CA GLY H 418 44.82 3.39 -28.19
C GLY H 418 44.53 2.63 -26.90
N VAL H 419 44.80 3.26 -25.76
CA VAL H 419 44.53 2.62 -24.48
C VAL H 419 43.51 3.41 -23.66
N PHE H 420 42.53 2.68 -23.13
CA PHE H 420 41.48 3.27 -22.31
C PHE H 420 41.49 2.59 -20.94
N GLY H 421 41.14 3.30 -19.88
CA GLY H 421 41.20 2.72 -18.55
C GLY H 421 40.42 3.43 -17.46
N ASN H 422 40.36 2.82 -16.28
CA ASN H 422 39.68 3.40 -15.13
C ASN H 422 40.62 3.69 -13.97
N ASN H 423 41.92 3.64 -14.24
CA ASN H 423 42.93 3.81 -13.20
C ASN H 423 44.22 4.43 -13.78
N GLU H 424 44.57 5.60 -13.29
CA GLU H 424 45.60 6.43 -13.94
C GLU H 424 46.98 5.78 -14.04
N GLU H 425 47.44 5.15 -12.96
CA GLU H 425 48.79 4.62 -12.93
C GLU H 425 48.91 3.26 -13.61
N LEU H 426 47.79 2.54 -13.71
CA LEU H 426 47.78 1.33 -14.52
C LEU H 426 48.00 1.72 -15.98
N ILE H 427 47.36 2.80 -16.38
CA ILE H 427 47.56 3.37 -17.71
C ILE H 427 49.02 3.77 -17.88
N ASN H 428 49.57 4.41 -16.85
CA ASN H 428 50.98 4.80 -16.85
C ASN H 428 51.91 3.61 -17.01
N LYS H 429 51.54 2.48 -16.41
CA LYS H 429 52.33 1.26 -16.51
C LYS H 429 52.31 0.71 -17.94
N ILE H 430 51.14 0.72 -18.56
CA ILE H 430 51.01 0.31 -19.95
C ILE H 430 51.82 1.22 -20.86
N LEU H 431 51.74 2.52 -20.59
CA LEU H 431 52.50 3.50 -21.37
C LEU H 431 54.00 3.30 -21.19
N GLN H 432 54.41 2.89 -20.00
CA GLN H 432 55.81 2.60 -19.74
C GLN H 432 56.23 1.36 -20.53
N SER H 433 55.38 0.35 -20.51
CA SER H 433 55.64 -0.89 -21.25
C SER H 433 55.65 -0.61 -22.75
N SER H 434 54.90 0.39 -23.17
CA SER H 434 54.88 0.80 -24.58
C SER H 434 56.25 1.34 -24.97
N LYS H 435 56.86 2.11 -24.08
CA LYS H 435 58.18 2.70 -24.32
C LYS H 435 59.26 1.62 -24.41
N THR H 436 59.20 0.63 -23.53
CA THR H 436 60.24 -0.38 -23.44
C THR H 436 60.07 -1.49 -24.48
N SER H 437 58.83 -1.76 -24.87
CA SER H 437 58.56 -2.80 -25.85
C SER H 437 58.60 -2.25 -27.27
N ASN H 438 58.64 -0.93 -27.38
CA ASN H 438 58.61 -0.23 -28.66
C ASN H 438 57.38 -0.59 -29.51
N GLU H 439 56.29 -0.92 -28.84
CA GLU H 439 55.00 -1.03 -29.49
C GLU H 439 54.17 0.18 -29.05
N PRO H 440 54.15 1.23 -29.87
CA PRO H 440 53.57 2.53 -29.53
C PRO H 440 52.09 2.49 -29.18
N VAL H 441 51.75 3.16 -28.08
CA VAL H 441 50.38 3.25 -27.62
C VAL H 441 50.11 4.69 -27.20
N TRP H 442 48.90 5.18 -27.42
CA TRP H 442 48.55 6.53 -26.96
C TRP H 442 47.33 6.51 -26.05
N TRP H 443 47.39 7.28 -24.98
CA TRP H 443 46.30 7.35 -24.01
C TRP H 443 45.12 8.16 -24.56
N LEU H 444 43.96 7.52 -24.62
CA LEU H 444 42.74 8.18 -25.05
C LEU H 444 41.72 8.19 -23.91
N PRO H 445 40.83 9.20 -23.89
CA PRO H 445 39.95 9.39 -22.73
C PRO H 445 38.64 8.58 -22.78
N ILE H 446 38.16 8.21 -21.60
CA ILE H 446 36.81 7.66 -21.45
C ILE H 446 35.87 8.79 -21.04
N ILE H 447 35.15 9.33 -22.01
CA ILE H 447 34.33 10.51 -21.79
C ILE H 447 32.96 10.15 -21.23
N ASN H 448 32.73 10.52 -19.97
CA ASN H 448 31.53 10.11 -19.25
C ASN H 448 30.24 10.78 -19.74
N GLU H 449 30.39 11.90 -20.45
CA GLU H 449 29.22 12.61 -20.96
C GLU H 449 28.48 11.77 -22.00
N TYR H 450 29.19 10.84 -22.64
CA TYR H 450 28.62 10.01 -23.69
C TYR H 450 27.86 8.81 -23.12
N ARG H 451 28.10 8.51 -21.86
CA ARG H 451 27.50 7.35 -21.19
C ARG H 451 25.97 7.37 -21.26
N ALA H 452 25.39 8.57 -21.32
CA ALA H 452 23.95 8.73 -21.40
C ALA H 452 23.37 8.08 -22.66
N THR H 453 24.16 8.04 -23.73
CA THR H 453 23.70 7.50 -25.01
C THR H 453 23.64 5.98 -24.99
N LEU H 454 24.07 5.37 -23.89
CA LEU H 454 23.99 3.92 -23.75
C LEU H 454 22.80 3.51 -22.90
N ASN H 455 22.00 4.50 -22.49
CA ASN H 455 20.78 4.22 -21.75
C ASN H 455 19.70 3.64 -22.65
N SER H 456 19.19 2.46 -22.28
CA SER H 456 18.19 1.78 -23.08
C SER H 456 16.79 1.94 -22.48
N LYS H 457 15.78 1.96 -23.33
CA LYS H 457 14.41 2.13 -22.88
C LYS H 457 13.86 0.87 -22.22
N TYR H 458 14.37 -0.29 -22.63
CA TYR H 458 13.83 -1.55 -22.15
C TYR H 458 14.88 -2.40 -21.43
N ALA H 459 16.10 -2.41 -21.93
CA ALA H 459 17.19 -3.13 -21.27
C ALA H 459 17.88 -2.24 -20.24
N ASP H 460 18.84 -2.81 -19.52
CA ASP H 460 19.63 -2.03 -18.56
C ASP H 460 20.53 -1.05 -19.29
N ILE H 461 21.08 -1.47 -20.42
CA ILE H 461 22.06 -0.69 -21.14
C ILE H 461 22.07 -1.03 -22.63
N ASN H 462 22.41 -0.04 -23.46
CA ASN H 462 22.59 -0.26 -24.88
C ASN H 462 23.99 -0.72 -25.23
N GLN H 463 24.09 -1.59 -26.22
CA GLN H 463 25.37 -2.04 -26.75
C GLN H 463 26.11 -0.91 -27.44
N ILE H 464 25.40 -0.19 -28.31
CA ILE H 464 26.00 0.88 -29.09
C ILE H 464 25.33 2.23 -28.80
N SER H 465 26.01 3.31 -29.18
CA SER H 465 25.46 4.65 -29.04
C SER H 465 24.52 4.99 -30.18
N SER H 466 23.50 5.78 -29.88
CA SER H 466 22.58 6.28 -30.90
C SER H 466 23.19 7.46 -31.63
N SER H 467 23.69 8.43 -30.87
CA SER H 467 24.16 9.69 -31.43
C SER H 467 25.67 9.75 -31.65
N VAL H 468 26.43 9.54 -30.59
CA VAL H 468 27.88 9.78 -30.61
C VAL H 468 28.65 8.90 -31.59
N LYS H 469 29.41 9.54 -32.48
CA LYS H 469 30.19 8.83 -33.50
C LYS H 469 31.58 8.46 -33.03
N ALA H 470 31.88 8.73 -31.76
CA ALA H 470 33.16 8.36 -31.18
C ALA H 470 33.11 6.94 -30.60
N SER H 471 32.99 5.96 -31.50
CA SER H 471 32.69 4.59 -31.12
C SER H 471 33.72 3.94 -30.21
N SER H 472 34.98 4.33 -30.35
CA SER H 472 36.04 3.74 -29.53
C SER H 472 35.88 4.15 -28.07
N ILE H 473 35.42 5.37 -27.84
CA ILE H 473 35.17 5.87 -26.50
C ILE H 473 33.87 5.27 -25.97
N VAL H 474 32.86 5.22 -26.81
CA VAL H 474 31.58 4.63 -26.45
C VAL H 474 31.73 3.16 -26.07
N ALA H 475 32.51 2.43 -26.86
CA ALA H 475 32.76 1.01 -26.60
C ALA H 475 33.47 0.82 -25.26
N SER H 476 34.42 1.70 -24.97
CA SER H 476 35.15 1.66 -23.72
C SER H 476 34.21 1.92 -22.54
N LEU H 477 33.27 2.84 -22.73
CA LEU H 477 32.24 3.11 -21.73
C LEU H 477 31.40 1.88 -21.44
N PHE H 478 31.13 1.10 -22.49
CA PHE H 478 30.35 -0.12 -22.34
C PHE H 478 31.12 -1.18 -21.56
N LEU H 479 32.42 -1.30 -21.86
CA LEU H 479 33.28 -2.25 -21.17
C LEU H 479 33.44 -1.90 -19.70
N LYS H 480 33.52 -0.60 -19.43
CA LYS H 480 33.70 -0.09 -18.07
C LYS H 480 32.56 -0.53 -17.14
N GLU H 481 31.40 -0.83 -17.73
CA GLU H 481 30.23 -1.23 -16.96
C GLU H 481 30.33 -2.66 -16.42
N PHE H 482 31.35 -3.40 -16.84
CA PHE H 482 31.49 -4.80 -16.44
C PHE H 482 32.72 -5.02 -15.58
N VAL H 483 33.31 -3.93 -15.10
CA VAL H 483 34.37 -3.99 -14.10
C VAL H 483 33.99 -3.08 -12.94
N GLN H 484 33.51 -3.69 -11.85
CA GLN H 484 32.91 -2.93 -10.76
C GLN H 484 33.93 -2.27 -9.83
N ASN H 485 35.02 -2.97 -9.51
CA ASN H 485 35.99 -2.44 -8.56
C ASN H 485 37.40 -2.99 -8.72
N THR H 486 37.89 -3.00 -9.96
CA THR H 486 39.26 -3.45 -10.24
C THR H 486 39.94 -2.49 -11.20
N ALA H 487 41.25 -2.33 -11.05
CA ALA H 487 42.03 -1.54 -12.00
C ALA H 487 41.98 -2.19 -13.37
N TRP H 488 41.45 -1.47 -14.36
CA TRP H 488 41.26 -2.03 -15.69
C TRP H 488 41.71 -1.09 -16.81
N ALA H 489 42.37 -1.65 -17.81
CA ALA H 489 42.79 -0.88 -18.98
C ALA H 489 42.47 -1.66 -20.26
N HIS H 490 42.17 -0.92 -21.33
CA HIS H 490 41.70 -1.51 -22.58
C HIS H 490 42.48 -0.99 -23.77
N ILE H 491 43.07 -1.91 -24.53
CA ILE H 491 43.91 -1.54 -25.68
C ILE H 491 43.24 -1.91 -27.00
N ASP H 492 42.86 -0.90 -27.77
CA ASP H 492 42.22 -1.11 -29.07
C ASP H 492 43.27 -1.17 -30.18
N ILE H 493 43.48 -2.37 -30.72
CA ILE H 493 44.50 -2.59 -31.73
C ILE H 493 43.92 -2.82 -33.12
N ALA H 494 42.73 -2.28 -33.36
CA ALA H 494 42.05 -2.48 -34.63
C ALA H 494 42.77 -1.82 -35.80
N GLY H 495 43.51 -0.75 -35.52
CA GLY H 495 44.19 0.00 -36.56
C GLY H 495 45.62 -0.45 -36.80
N VAL H 496 46.23 -1.06 -35.79
CA VAL H 496 47.65 -1.36 -35.84
C VAL H 496 48.01 -2.83 -36.04
N SER H 497 47.05 -3.73 -35.85
CA SER H 497 47.39 -5.16 -35.81
C SER H 497 47.75 -5.72 -37.19
N TRP H 498 47.16 -5.18 -38.26
CA TRP H 498 47.46 -5.65 -39.61
C TRP H 498 48.35 -4.67 -40.37
N ASN H 499 49.45 -5.18 -40.91
CA ASN H 499 50.33 -4.38 -41.76
C ASN H 499 49.79 -4.37 -43.19
N PHE H 500 49.11 -3.29 -43.55
CA PHE H 500 48.45 -3.20 -44.85
C PHE H 500 49.44 -3.12 -46.01
N LYS H 501 50.54 -2.42 -45.80
CA LYS H 501 51.57 -2.30 -46.84
C LYS H 501 52.23 -3.66 -47.10
N ALA H 502 52.54 -4.37 -46.02
CA ALA H 502 53.26 -5.64 -46.12
C ALA H 502 52.33 -6.83 -46.31
N ARG H 503 51.03 -6.59 -46.12
CA ARG H 503 50.01 -7.62 -46.28
C ARG H 503 50.16 -8.78 -45.29
N LYS H 504 50.43 -8.46 -44.03
CA LYS H 504 50.63 -9.49 -43.01
C LYS H 504 50.39 -8.93 -41.61
N PRO H 505 50.10 -9.83 -40.63
CA PRO H 505 49.94 -9.39 -39.25
C PRO H 505 51.21 -8.76 -38.67
N LYS H 506 51.06 -8.00 -37.59
CA LYS H 506 52.22 -7.45 -36.90
C LYS H 506 52.51 -8.23 -35.62
N GLY H 507 51.52 -9.00 -35.17
CA GLY H 507 51.60 -9.66 -33.89
C GLY H 507 51.67 -8.62 -32.79
N PHE H 508 50.97 -7.52 -33.00
CA PHE H 508 51.03 -6.37 -32.10
C PHE H 508 50.44 -6.69 -30.73
N GLY H 509 51.19 -6.37 -29.69
CA GLY H 509 50.71 -6.52 -28.33
C GLY H 509 51.50 -7.52 -27.50
N VAL H 510 52.12 -8.49 -28.16
CA VAL H 510 52.83 -9.56 -27.47
C VAL H 510 53.96 -9.02 -26.58
N ARG H 511 54.79 -8.17 -27.16
CA ARG H 511 55.91 -7.58 -26.44
C ARG H 511 55.45 -6.59 -25.39
N LEU H 512 54.45 -5.79 -25.76
CA LEU H 512 53.87 -4.79 -24.86
C LEU H 512 53.32 -5.43 -23.58
N LEU H 513 52.56 -6.51 -23.75
CA LEU H 513 51.97 -7.21 -22.62
C LEU H 513 53.03 -7.89 -21.76
N THR H 514 54.07 -8.42 -22.39
CA THR H 514 55.13 -9.11 -21.66
C THR H 514 55.93 -8.14 -20.81
N GLU H 515 56.29 -7.00 -21.41
CA GLU H 515 56.99 -5.95 -20.69
C GLU H 515 56.16 -5.45 -19.51
N PHE H 516 54.84 -5.49 -19.66
CA PHE H 516 53.93 -5.06 -18.60
C PHE H 516 53.98 -6.03 -17.42
N VAL H 517 54.23 -7.31 -17.70
CA VAL H 517 54.31 -8.32 -16.66
C VAL H 517 55.69 -8.37 -16.00
N LEU H 518 56.72 -8.11 -16.80
CA LEU H 518 58.10 -8.27 -16.34
C LEU H 518 58.57 -7.11 -15.47
N ASN H 519 58.38 -5.89 -15.95
CA ASN H 519 58.69 -4.69 -15.15
C ASN H 519 57.63 -4.45 -14.08
N ASP H 520 56.93 -5.52 -13.69
CA ASP H 520 55.78 -5.43 -12.82
C ASP H 520 56.07 -5.95 -11.42
N SER I 3 4.55 -25.88 -30.20
CA SER I 3 4.17 -25.34 -28.90
C SER I 3 5.37 -25.13 -28.01
N GLU I 4 6.39 -25.97 -28.19
CA GLU I 4 7.65 -25.84 -27.44
C GLU I 4 8.63 -24.97 -28.21
N VAL I 5 9.06 -23.87 -27.59
CA VAL I 5 9.97 -22.94 -28.26
C VAL I 5 11.38 -23.52 -28.34
N PRO I 6 11.89 -23.69 -29.56
CA PRO I 6 13.24 -24.24 -29.78
C PRO I 6 14.33 -23.27 -29.35
N GLN I 7 15.48 -23.82 -28.96
CA GLN I 7 16.59 -23.02 -28.45
C GLN I 7 17.89 -23.37 -29.17
N VAL I 8 18.81 -22.41 -29.21
CA VAL I 8 20.16 -22.68 -29.68
C VAL I 8 21.05 -22.94 -28.46
N VAL I 9 20.78 -22.20 -27.40
CA VAL I 9 21.43 -22.42 -26.11
C VAL I 9 20.37 -22.43 -25.00
N SER I 10 20.71 -22.98 -23.85
CA SER I 10 19.74 -23.09 -22.75
C SER I 10 19.33 -21.71 -22.22
N LEU I 11 20.18 -20.71 -22.46
CA LEU I 11 19.91 -19.36 -21.98
C LEU I 11 18.85 -18.64 -22.83
N ASP I 12 18.56 -19.19 -24.00
CA ASP I 12 17.52 -18.63 -24.86
C ASP I 12 16.15 -18.69 -24.18
N PRO I 13 15.44 -17.55 -24.14
CA PRO I 13 14.11 -17.49 -23.54
C PRO I 13 13.10 -18.36 -24.28
N THR I 14 12.09 -18.87 -23.59
CA THR I 14 11.12 -19.77 -24.19
C THR I 14 9.69 -19.27 -24.06
N SER I 15 9.53 -18.01 -23.66
CA SER I 15 8.21 -17.38 -23.59
C SER I 15 8.31 -15.87 -23.52
N ILE I 16 7.29 -15.18 -24.04
CA ILE I 16 7.24 -13.73 -23.95
C ILE I 16 6.73 -13.30 -22.58
N PRO I 17 7.55 -12.53 -21.84
CA PRO I 17 7.10 -12.01 -20.54
C PRO I 17 5.95 -11.02 -20.72
N ILE I 18 4.80 -11.34 -20.13
CA ILE I 18 3.61 -10.49 -20.28
C ILE I 18 3.07 -10.05 -18.93
N GLU I 19 2.85 -8.74 -18.79
CA GLU I 19 2.30 -8.15 -17.59
C GLU I 19 0.80 -7.91 -17.73
N TYR I 20 0.00 -8.74 -17.07
CA TYR I 20 -1.44 -8.59 -17.13
C TYR I 20 -1.95 -7.64 -16.05
N ASN I 21 -1.62 -7.94 -14.80
CA ASN I 21 -2.01 -7.09 -13.68
C ASN I 21 -1.10 -5.87 -13.54
N THR I 22 -1.41 -4.81 -14.27
CA THR I 22 -0.59 -3.60 -14.26
C THR I 22 -1.02 -2.65 -13.14
N PRO I 23 -0.11 -1.77 -12.68
CA PRO I 23 -0.43 -0.80 -11.63
C PRO I 23 -1.60 0.11 -12.00
N ILE I 24 -1.84 0.30 -13.29
CA ILE I 24 -2.98 1.08 -13.76
C ILE I 24 -4.29 0.45 -13.27
N HIS I 25 -4.32 -0.88 -13.24
CA HIS I 25 -5.51 -1.62 -12.82
C HIS I 25 -5.79 -1.48 -11.34
N ASP I 26 -4.78 -1.09 -10.56
CA ASP I 26 -4.94 -0.93 -9.12
C ASP I 26 -5.43 0.47 -8.77
N ILE I 27 -5.71 1.28 -9.78
CA ILE I 27 -6.15 2.66 -9.55
C ILE I 27 -7.66 2.75 -9.43
N LYS I 28 -8.13 3.21 -8.28
CA LYS I 28 -9.55 3.44 -8.07
C LYS I 28 -9.94 4.80 -8.63
N VAL I 29 -10.87 4.81 -9.57
CA VAL I 29 -11.27 6.04 -10.24
C VAL I 29 -12.69 6.45 -9.84
N GLN I 30 -12.81 7.69 -9.38
CA GLN I 30 -14.09 8.26 -9.01
C GLN I 30 -14.36 9.50 -9.85
N VAL I 31 -15.60 9.63 -10.34
CA VAL I 31 -15.96 10.78 -11.14
C VAL I 31 -17.05 11.61 -10.44
N TYR I 32 -16.77 12.90 -10.27
CA TYR I 32 -17.70 13.80 -9.60
C TYR I 32 -18.15 14.91 -10.53
N ASP I 33 -19.33 15.47 -10.27
CA ASP I 33 -19.83 16.57 -11.08
C ASP I 33 -19.23 17.89 -10.58
N ILE I 34 -18.76 18.71 -11.51
CA ILE I 34 -18.10 19.96 -11.17
C ILE I 34 -19.03 20.97 -10.48
N LYS I 35 -20.34 20.76 -10.64
CA LYS I 35 -21.33 21.68 -10.06
C LYS I 35 -21.47 21.48 -8.56
N GLY I 36 -20.88 20.40 -8.05
CA GLY I 36 -20.94 20.08 -6.64
C GLY I 36 -19.74 20.58 -5.86
N GLY I 37 -18.84 21.27 -6.55
CA GLY I 37 -17.66 21.82 -5.92
C GLY I 37 -16.50 20.83 -5.84
N CYS I 38 -15.29 21.35 -5.72
CA CYS I 38 -14.09 20.51 -5.67
C CYS I 38 -13.55 20.38 -4.26
N ASN I 39 -13.33 19.15 -3.82
CA ASN I 39 -12.66 18.91 -2.55
C ASN I 39 -11.17 18.69 -2.76
N VAL I 40 -10.36 19.39 -1.96
CA VAL I 40 -8.91 19.20 -1.97
C VAL I 40 -8.46 18.74 -0.60
N GLU I 41 -7.82 17.57 -0.53
CA GLU I 41 -7.44 16.99 0.75
C GLU I 41 -6.06 16.36 0.73
N GLU I 42 -5.68 15.77 -0.40
CA GLU I 42 -4.45 14.99 -0.47
C GLU I 42 -3.88 14.90 -1.89
N GLY I 43 -2.62 14.48 -1.98
CA GLY I 43 -1.96 14.30 -3.26
C GLY I 43 -1.90 15.56 -4.09
N LEU I 44 -1.98 15.40 -5.41
CA LEU I 44 -1.90 16.52 -6.32
C LEU I 44 -3.24 16.74 -7.04
N THR I 45 -3.68 17.99 -7.08
CA THR I 45 -4.93 18.34 -7.75
C THR I 45 -4.66 19.25 -8.95
N ILE I 46 -5.01 18.76 -10.14
CA ILE I 46 -4.70 19.47 -11.38
C ILE I 46 -5.95 19.97 -12.10
N PHE I 47 -5.95 21.26 -12.43
CA PHE I 47 -7.04 21.85 -13.19
C PHE I 47 -6.66 21.92 -14.68
N LEU I 48 -7.58 21.51 -15.54
CA LEU I 48 -7.38 21.65 -16.97
C LEU I 48 -8.01 22.94 -17.44
N VAL I 49 -7.18 23.95 -17.67
CA VAL I 49 -7.69 25.28 -17.97
C VAL I 49 -7.19 25.82 -19.32
N ASN I 50 -8.03 26.62 -19.95
CA ASN I 50 -7.66 27.36 -21.15
C ASN I 50 -8.19 28.78 -21.06
N ASN I 51 -8.04 29.53 -22.14
CA ASN I 51 -8.65 30.84 -22.25
C ASN I 51 -8.96 31.14 -23.71
N PRO I 52 -10.20 30.82 -24.13
CA PRO I 52 -10.64 30.90 -25.53
C PRO I 52 -10.45 32.28 -26.14
N GLY I 53 -9.79 32.34 -27.29
CA GLY I 53 -9.57 33.60 -27.98
C GLY I 53 -8.25 34.23 -27.59
N LYS I 54 -8.13 34.66 -26.33
CA LYS I 54 -6.92 35.28 -25.84
C LYS I 54 -5.79 34.27 -25.71
N GLU I 55 -4.87 34.30 -26.67
CA GLU I 55 -3.71 33.39 -26.66
C GLU I 55 -2.75 33.76 -25.54
N ASN I 56 -2.16 32.75 -24.91
CA ASN I 56 -1.30 32.95 -23.74
C ASN I 56 -1.99 33.77 -22.66
N GLY I 57 -3.32 33.66 -22.61
CA GLY I 57 -4.13 34.43 -21.69
C GLY I 57 -3.96 33.96 -20.27
N PRO I 58 -4.44 34.76 -19.31
CA PRO I 58 -4.29 34.47 -17.88
C PRO I 58 -5.04 33.21 -17.46
N VAL I 59 -4.54 32.55 -16.42
CA VAL I 59 -5.22 31.38 -15.85
C VAL I 59 -6.34 31.84 -14.93
N LYS I 60 -7.53 31.28 -15.11
CA LYS I 60 -8.66 31.58 -14.24
C LYS I 60 -9.35 30.29 -13.81
N ILE I 61 -9.42 30.07 -12.51
CA ILE I 61 -10.07 28.89 -11.96
C ILE I 61 -11.57 29.13 -11.77
N SER I 62 -12.38 28.36 -12.49
CA SER I 62 -13.81 28.59 -12.54
C SER I 62 -14.56 27.72 -11.53
N SER I 63 -14.06 26.50 -11.32
CA SER I 63 -14.70 25.55 -10.43
C SER I 63 -14.79 26.09 -9.00
N LYS I 64 -15.89 25.76 -8.33
CA LYS I 64 -16.03 26.08 -6.92
C LYS I 64 -15.14 25.15 -6.12
N VAL I 65 -14.32 25.71 -5.24
CA VAL I 65 -13.44 24.89 -4.41
C VAL I 65 -13.96 24.85 -2.98
N ASN I 66 -14.34 23.66 -2.53
CA ASN I 66 -14.91 23.49 -1.20
C ASN I 66 -13.86 23.53 -0.10
N ASP I 67 -13.10 24.62 -0.08
CA ASP I 67 -12.10 24.86 0.95
C ASP I 67 -11.73 26.34 0.91
N LYS I 68 -11.83 27.00 2.06
CA LYS I 68 -11.65 28.44 2.13
C LYS I 68 -10.25 28.88 1.70
N GLN I 69 -9.24 28.25 2.26
CA GLN I 69 -7.85 28.65 2.00
C GLN I 69 -7.43 28.38 0.56
N VAL I 70 -7.88 27.25 0.01
CA VAL I 70 -7.53 26.89 -1.37
C VAL I 70 -8.24 27.81 -2.36
N SER I 71 -9.49 28.15 -2.06
CA SER I 71 -10.25 29.08 -2.88
C SER I 71 -9.57 30.44 -2.92
N GLU I 72 -9.00 30.84 -1.79
CA GLU I 72 -8.30 32.12 -1.70
C GLU I 72 -7.02 32.11 -2.52
N PHE I 73 -6.27 31.02 -2.43
CA PHE I 73 -5.03 30.87 -3.20
C PHE I 73 -5.31 30.94 -4.69
N LEU I 74 -6.42 30.36 -5.12
CA LEU I 74 -6.74 30.27 -6.53
C LEU I 74 -7.56 31.45 -7.04
N LYS I 75 -7.51 32.57 -6.33
CA LYS I 75 -8.16 33.79 -6.79
C LYS I 75 -7.51 34.28 -8.08
N ASP I 76 -8.23 35.13 -8.81
CA ASP I 76 -7.76 35.60 -10.11
C ASP I 76 -6.56 36.52 -9.98
N GLU I 77 -6.51 37.28 -8.90
CA GLU I 77 -5.38 38.18 -8.64
C GLU I 77 -4.10 37.37 -8.47
N ASN I 78 -4.23 36.15 -7.96
CA ASN I 78 -3.09 35.28 -7.73
C ASN I 78 -2.69 34.51 -8.99
N MET I 79 -3.69 34.09 -9.77
CA MET I 79 -3.44 33.24 -10.93
C MET I 79 -3.05 34.01 -12.17
N GLU I 80 -3.18 35.34 -12.11
CA GLU I 80 -2.94 36.20 -13.27
C GLU I 80 -1.52 36.09 -13.82
N LYS I 81 -0.57 35.77 -12.95
CA LYS I 81 0.85 35.72 -13.35
C LYS I 81 1.16 34.50 -14.23
N PHE I 82 0.23 33.55 -14.30
CA PHE I 82 0.41 32.36 -15.13
C PHE I 82 -0.47 32.40 -16.38
N ASN I 83 0.02 31.82 -17.47
CA ASN I 83 -0.72 31.82 -18.73
C ASN I 83 -1.17 30.41 -19.15
N VAL I 84 -2.07 30.34 -20.12
CA VAL I 84 -2.72 29.09 -20.49
C VAL I 84 -2.12 28.42 -21.72
N LYS I 85 -0.86 28.71 -22.01
CA LYS I 85 -0.18 28.14 -23.17
C LYS I 85 -0.20 26.61 -23.15
N LEU I 86 -0.74 26.02 -24.22
CA LEU I 86 -0.87 24.57 -24.37
C LEU I 86 0.40 23.81 -24.00
N GLY I 87 0.33 23.05 -22.90
CA GLY I 87 1.46 22.25 -22.46
C GLY I 87 2.15 22.79 -21.23
N THR I 88 1.84 24.04 -20.88
CA THR I 88 2.39 24.69 -19.69
C THR I 88 1.81 24.08 -18.41
N SER I 89 2.66 23.88 -17.41
CA SER I 89 2.20 23.38 -16.13
C SER I 89 2.88 24.09 -14.96
N LYS I 90 2.19 24.14 -13.83
CA LYS I 90 2.74 24.74 -12.61
C LYS I 90 2.31 23.96 -11.37
N HIS I 91 3.17 23.92 -10.37
CA HIS I 91 2.84 23.31 -9.09
C HIS I 91 2.57 24.41 -8.06
N PHE I 92 1.55 24.19 -7.23
CA PHE I 92 1.25 25.09 -6.12
C PHE I 92 1.35 24.35 -4.79
N TYR I 93 1.85 25.01 -3.76
CA TYR I 93 1.92 24.42 -2.43
C TYR I 93 1.23 25.30 -1.40
N MET I 94 0.30 24.72 -0.65
CA MET I 94 -0.51 25.50 0.29
C MET I 94 -1.13 24.63 1.38
N PHE I 95 -1.71 25.30 2.38
CA PHE I 95 -2.45 24.62 3.44
C PHE I 95 -3.95 24.82 3.28
N ASN I 96 -4.72 23.76 3.50
CA ASN I 96 -6.17 23.86 3.41
C ASN I 96 -6.79 24.14 4.78
N ASP I 97 -8.11 24.11 4.86
CA ASP I 97 -8.84 24.50 6.06
C ASP I 97 -8.55 23.61 7.27
N ASN I 98 -8.07 22.40 7.02
CA ASN I 98 -7.73 21.48 8.10
C ASN I 98 -6.29 21.65 8.56
N LYS I 99 -5.67 22.74 8.12
CA LYS I 99 -4.26 23.03 8.41
C LYS I 99 -3.35 21.92 7.91
N ASN I 100 -3.77 21.25 6.85
CA ASN I 100 -2.96 20.21 6.22
C ASN I 100 -2.41 20.71 4.88
N SER I 101 -1.15 20.42 4.60
CA SER I 101 -0.53 20.88 3.37
C SER I 101 -1.04 20.06 2.18
N VAL I 102 -1.42 20.74 1.11
CA VAL I 102 -1.89 20.08 -0.10
C VAL I 102 -1.15 20.60 -1.34
N ALA I 103 -1.18 19.82 -2.41
CA ALA I 103 -0.54 20.20 -3.66
C ALA I 103 -1.58 20.39 -4.76
N VAL I 104 -1.53 21.55 -5.41
CA VAL I 104 -2.48 21.89 -6.46
C VAL I 104 -1.72 22.37 -7.70
N GLY I 105 -2.32 22.23 -8.88
CA GLY I 105 -1.68 22.68 -10.10
C GLY I 105 -2.64 22.82 -11.28
N TYR I 106 -2.08 23.16 -12.44
CA TYR I 106 -2.87 23.25 -13.66
C TYR I 106 -2.03 22.86 -14.87
N VAL I 107 -2.71 22.54 -15.97
CA VAL I 107 -2.03 22.30 -17.24
C VAL I 107 -2.69 23.14 -18.32
N GLY I 108 -1.87 23.91 -19.04
CA GLY I 108 -2.38 24.79 -20.08
C GLY I 108 -2.98 24.05 -21.24
N CYS I 109 -4.22 24.41 -21.60
CA CYS I 109 -4.90 23.78 -22.72
C CYS I 109 -5.07 24.74 -23.89
N GLY I 110 -4.15 25.69 -24.02
CA GLY I 110 -4.12 26.58 -25.15
C GLY I 110 -5.23 27.62 -25.18
N SER I 111 -5.53 28.12 -26.38
CA SER I 111 -6.53 29.17 -26.55
C SER I 111 -7.68 28.73 -27.45
N VAL I 112 -7.58 27.52 -27.98
CA VAL I 112 -8.62 26.99 -28.86
C VAL I 112 -9.64 26.18 -28.06
N ALA I 113 -10.92 26.49 -28.27
CA ALA I 113 -12.01 25.89 -27.52
C ALA I 113 -12.05 24.37 -27.66
N ASP I 114 -11.81 23.88 -28.88
CA ASP I 114 -11.86 22.45 -29.15
C ASP I 114 -10.47 21.87 -29.40
N LEU I 115 -9.99 21.07 -28.46
CA LEU I 115 -8.67 20.45 -28.57
C LEU I 115 -8.66 19.33 -29.60
N SER I 116 -7.61 19.26 -30.40
CA SER I 116 -7.46 18.18 -31.37
C SER I 116 -6.92 16.93 -30.70
N GLU I 117 -6.72 15.88 -31.50
CA GLU I 117 -6.18 14.62 -31.00
C GLU I 117 -4.75 14.81 -30.49
N ALA I 118 -3.96 15.55 -31.26
CA ALA I 118 -2.57 15.81 -30.89
C ALA I 118 -2.48 16.77 -29.71
N ASP I 119 -3.41 17.70 -29.62
CA ASP I 119 -3.44 18.67 -28.54
C ASP I 119 -3.67 17.98 -27.20
N MET I 120 -4.61 17.06 -27.15
CA MET I 120 -4.91 16.32 -25.93
C MET I 120 -3.72 15.47 -25.51
N LYS I 121 -3.02 14.92 -26.50
CA LYS I 121 -1.86 14.07 -26.25
C LYS I 121 -0.75 14.82 -25.51
N ARG I 122 -0.56 16.10 -25.86
CA ARG I 122 0.51 16.88 -25.25
C ARG I 122 0.08 17.47 -23.91
N VAL I 123 -1.23 17.61 -23.70
CA VAL I 123 -1.74 18.02 -22.40
C VAL I 123 -1.55 16.89 -21.40
N VAL I 124 -1.89 15.67 -21.81
CA VAL I 124 -1.68 14.48 -21.00
C VAL I 124 -0.21 14.30 -20.66
N LEU I 125 0.65 14.54 -21.65
CA LEU I 125 2.09 14.36 -21.47
C LEU I 125 2.66 15.31 -20.43
N SER I 126 2.12 16.52 -20.37
CA SER I 126 2.52 17.48 -19.34
C SER I 126 2.10 16.98 -17.97
N LEU I 127 0.90 16.43 -17.90
CA LEU I 127 0.35 15.91 -16.65
C LEU I 127 1.20 14.76 -16.09
N VAL I 128 1.69 13.92 -16.98
CA VAL I 128 2.51 12.78 -16.59
C VAL I 128 3.87 13.25 -16.07
N THR I 129 4.34 14.38 -16.58
CA THR I 129 5.59 14.96 -16.12
C THR I 129 5.47 15.34 -14.65
N MET I 130 4.26 15.70 -14.24
CA MET I 130 3.99 16.05 -12.85
C MET I 130 3.83 14.79 -12.02
N LEU I 131 3.53 13.68 -12.69
CA LEU I 131 3.37 12.39 -12.02
C LEU I 131 4.69 11.66 -11.84
N HIS I 132 5.65 11.95 -12.72
CA HIS I 132 6.96 11.32 -12.65
C HIS I 132 7.87 12.04 -11.66
N ASP I 133 8.78 11.29 -11.06
CA ASP I 133 9.73 11.83 -10.08
C ASP I 133 9.02 12.52 -8.91
N ASN I 134 7.80 12.05 -8.64
CA ASN I 134 7.03 12.51 -7.50
C ASN I 134 6.28 11.31 -6.91
N LYS I 135 6.29 11.21 -5.58
CA LYS I 135 5.68 10.05 -4.93
C LYS I 135 4.29 10.37 -4.39
N LEU I 136 3.35 10.57 -5.29
CA LEU I 136 1.98 10.90 -4.93
C LEU I 136 1.13 9.65 -4.73
N SER I 137 0.18 9.73 -3.80
CA SER I 137 -0.72 8.62 -3.52
C SER I 137 -2.01 8.74 -4.32
N LYS I 138 -2.36 9.96 -4.71
CA LYS I 138 -3.60 10.21 -5.41
C LYS I 138 -3.48 11.41 -6.35
N LEU I 139 -4.15 11.32 -7.49
CA LEU I 139 -4.25 12.44 -8.43
C LEU I 139 -5.71 12.82 -8.65
N THR I 140 -5.97 14.13 -8.70
CA THR I 140 -7.31 14.61 -9.00
C THR I 140 -7.26 15.59 -10.18
N VAL I 141 -8.01 15.28 -11.23
CA VAL I 141 -8.06 16.13 -12.41
C VAL I 141 -9.41 16.85 -12.51
N VAL I 142 -9.36 18.16 -12.65
CA VAL I 142 -10.58 18.96 -12.76
C VAL I 142 -10.69 19.56 -14.16
N PHE I 143 -11.66 19.08 -14.93
CA PHE I 143 -11.85 19.54 -16.30
C PHE I 143 -12.58 20.88 -16.36
N GLU I 144 -11.83 21.95 -16.60
CA GLU I 144 -12.43 23.26 -16.80
C GLU I 144 -12.39 23.61 -18.28
N ILE I 145 -12.38 22.57 -19.11
CA ILE I 145 -12.50 22.71 -20.55
C ILE I 145 -13.61 21.78 -21.03
N ASN I 146 -14.09 21.99 -22.25
CA ASN I 146 -15.17 21.17 -22.78
C ASN I 146 -14.66 19.98 -23.60
N VAL I 147 -15.04 18.78 -23.19
CA VAL I 147 -14.66 17.57 -23.90
C VAL I 147 -15.83 16.58 -23.96
N ASP I 148 -16.04 15.97 -25.12
CA ASP I 148 -17.11 14.98 -25.26
C ASP I 148 -16.67 13.64 -24.68
N LYS I 149 -17.54 12.64 -24.77
CA LYS I 149 -17.27 11.32 -24.22
C LYS I 149 -16.06 10.67 -24.89
N ASN I 150 -15.96 10.84 -26.20
CA ASN I 150 -14.85 10.29 -26.96
C ASN I 150 -13.50 10.84 -26.54
N LEU I 151 -13.41 12.16 -26.40
CA LEU I 151 -12.15 12.80 -26.05
C LEU I 151 -11.80 12.54 -24.58
N PHE I 152 -12.82 12.47 -23.73
CA PHE I 152 -12.62 12.20 -22.31
C PHE I 152 -12.02 10.81 -22.11
N ARG I 153 -12.56 9.83 -22.83
CA ARG I 153 -12.04 8.48 -22.77
C ARG I 153 -10.62 8.45 -23.32
N PHE I 154 -10.39 9.21 -24.39
CA PHE I 154 -9.07 9.31 -25.00
C PHE I 154 -8.06 9.87 -24.01
N PHE I 155 -8.50 10.83 -23.19
CA PHE I 155 -7.65 11.40 -22.14
C PHE I 155 -7.21 10.32 -21.17
N LEU I 156 -8.15 9.48 -20.75
CA LEU I 156 -7.88 8.41 -19.80
C LEU I 156 -6.97 7.34 -20.37
N GLU I 157 -7.25 6.90 -21.59
CA GLU I 157 -6.42 5.91 -22.28
C GLU I 157 -4.98 6.40 -22.38
N THR I 158 -4.82 7.60 -22.92
CA THR I 158 -3.51 8.21 -23.09
C THR I 158 -2.80 8.38 -21.75
N LEU I 159 -3.56 8.79 -20.74
CA LEU I 159 -3.02 8.97 -19.39
C LEU I 159 -2.43 7.67 -18.85
N PHE I 160 -3.25 6.62 -18.88
CA PHE I 160 -2.81 5.30 -18.42
C PHE I 160 -1.59 4.82 -19.19
N TYR I 161 -1.63 5.00 -20.50
CA TYR I 161 -0.58 4.49 -21.38
C TYR I 161 0.77 5.16 -21.13
N GLU I 162 0.76 6.48 -20.96
CA GLU I 162 2.01 7.24 -20.82
C GLU I 162 2.59 7.17 -19.42
N TYR I 163 1.73 7.05 -18.41
CA TYR I 163 2.21 6.93 -17.03
C TYR I 163 2.87 5.57 -16.83
N MET I 164 2.32 4.56 -17.47
CA MET I 164 2.84 3.19 -17.36
C MET I 164 4.27 3.07 -17.89
N THR I 165 5.10 2.31 -17.17
CA THR I 165 6.47 2.07 -17.60
C THR I 165 6.72 0.57 -17.77
N ASP I 166 7.38 0.21 -18.87
CA ASP I 166 7.67 -1.19 -19.17
C ASP I 166 9.07 -1.58 -18.66
N GLU I 167 9.11 -2.42 -17.64
CA GLU I 167 10.38 -2.79 -17.01
C GLU I 167 10.63 -4.30 -17.05
N ARG I 168 10.02 -4.98 -18.01
CA ARG I 168 10.12 -6.43 -18.12
C ARG I 168 11.54 -6.91 -18.41
N PHE I 169 12.32 -6.09 -19.09
CA PHE I 169 13.69 -6.47 -19.44
C PHE I 169 14.69 -5.63 -18.65
N LYS I 170 14.19 -4.91 -17.66
CA LYS I 170 15.05 -4.23 -16.70
C LYS I 170 15.50 -5.23 -15.63
N SER I 171 16.79 -5.22 -15.31
CA SER I 171 17.31 -6.11 -14.28
C SER I 171 18.03 -5.32 -13.20
N THR I 172 19.23 -4.83 -13.53
CA THR I 172 20.03 -4.08 -12.58
C THR I 172 19.71 -2.59 -12.61
N ASP I 173 18.72 -2.21 -13.41
CA ASP I 173 18.40 -0.79 -13.59
C ASP I 173 16.89 -0.51 -13.48
N LYS I 174 16.21 -1.20 -12.59
CA LYS I 174 14.81 -0.91 -12.33
C LYS I 174 14.71 0.17 -11.25
N ASN I 175 13.49 0.59 -10.94
CA ASN I 175 13.26 1.54 -9.86
C ASN I 175 11.82 1.48 -9.37
N MET I 178 9.98 5.00 -8.07
CA MET I 178 8.86 4.70 -8.97
C MET I 178 7.66 4.19 -8.19
N GLU I 179 6.72 5.08 -7.91
CA GLU I 179 5.53 4.73 -7.15
C GLU I 179 4.27 5.30 -7.81
N TYR I 180 3.40 4.41 -8.27
CA TYR I 180 2.17 4.81 -8.94
C TYR I 180 1.09 5.23 -7.95
N ILE I 181 0.29 6.23 -8.33
CA ILE I 181 -0.85 6.64 -7.53
C ILE I 181 -1.83 5.49 -7.36
N LYS I 182 -2.59 5.51 -6.28
CA LYS I 182 -3.55 4.44 -6.01
C LYS I 182 -4.99 4.92 -6.19
N HIS I 183 -5.16 6.23 -6.30
CA HIS I 183 -6.49 6.81 -6.46
C HIS I 183 -6.50 7.91 -7.51
N LEU I 184 -7.58 7.97 -8.29
CA LEU I 184 -7.75 9.00 -9.30
C LEU I 184 -9.15 9.61 -9.20
N GLY I 185 -9.20 10.93 -9.06
CA GLY I 185 -10.47 11.63 -9.00
C GLY I 185 -10.67 12.54 -10.18
N VAL I 186 -11.86 12.51 -10.78
CA VAL I 186 -12.16 13.36 -11.92
C VAL I 186 -13.41 14.20 -11.70
N TYR I 187 -13.27 15.51 -11.84
CA TYR I 187 -14.41 16.42 -11.78
C TYR I 187 -14.78 16.87 -13.19
N ILE I 188 -16.05 16.77 -13.53
CA ILE I 188 -16.51 17.17 -14.87
C ILE I 188 -17.99 17.50 -14.90
N ASN I 189 -18.35 18.47 -15.74
CA ASN I 189 -19.75 18.83 -15.94
C ASN I 189 -20.52 17.67 -16.57
N ASN I 190 -21.72 17.42 -16.05
CA ASN I 190 -22.53 16.27 -16.46
C ASN I 190 -21.77 14.97 -16.29
N ALA I 191 -21.29 14.72 -15.08
CA ALA I 191 -20.39 13.61 -14.79
C ALA I 191 -21.00 12.23 -15.01
N ASP I 192 -22.32 12.14 -14.87
CA ASP I 192 -23.02 10.86 -15.02
C ASP I 192 -22.86 10.30 -16.42
N THR I 193 -22.82 11.19 -17.41
CA THR I 193 -22.63 10.79 -18.81
C THR I 193 -21.25 10.19 -19.04
N TYR I 194 -20.30 10.57 -18.19
CA TYR I 194 -18.90 10.21 -18.42
C TYR I 194 -18.42 8.99 -17.62
N LYS I 195 -19.16 8.62 -16.58
CA LYS I 195 -18.76 7.50 -15.71
C LYS I 195 -18.58 6.20 -16.50
N GLU I 196 -19.41 6.04 -17.53
CA GLU I 196 -19.40 4.84 -18.37
C GLU I 196 -18.12 4.73 -19.19
N GLU I 197 -17.48 5.87 -19.45
CA GLU I 197 -16.28 5.90 -20.28
C GLU I 197 -15.04 5.41 -19.56
N VAL I 198 -15.08 5.44 -18.23
CA VAL I 198 -13.90 5.12 -17.42
C VAL I 198 -13.44 3.68 -17.61
N GLU I 199 -14.31 2.72 -17.31
CA GLU I 199 -13.92 1.32 -17.38
C GLU I 199 -13.71 0.88 -18.82
N LYS I 200 -14.32 1.58 -19.77
CA LYS I 200 -14.04 1.33 -21.17
C LYS I 200 -12.62 1.75 -21.52
N ALA I 201 -12.20 2.88 -20.96
CA ALA I 201 -10.85 3.39 -21.17
C ALA I 201 -9.81 2.41 -20.65
N ARG I 202 -10.08 1.86 -19.47
CA ARG I 202 -9.17 0.90 -18.86
C ARG I 202 -9.02 -0.35 -19.73
N VAL I 203 -10.12 -0.79 -20.32
CA VAL I 203 -10.09 -1.91 -21.25
C VAL I 203 -9.25 -1.56 -22.48
N TYR I 204 -9.61 -0.46 -23.14
CA TYR I 204 -8.88 0.01 -24.30
C TYR I 204 -7.40 0.19 -24.02
N TYR I 205 -7.09 0.78 -22.87
CA TYR I 205 -5.71 1.02 -22.49
C TYR I 205 -4.89 -0.26 -22.48
N PHE I 206 -5.38 -1.30 -21.81
CA PHE I 206 -4.62 -2.54 -21.74
C PHE I 206 -4.53 -3.21 -23.10
N GLY I 207 -5.59 -3.07 -23.89
CA GLY I 207 -5.58 -3.58 -25.26
C GLY I 207 -4.41 -3.00 -26.02
N THR I 208 -4.23 -1.69 -25.90
CA THR I 208 -3.11 -1.00 -26.52
C THR I 208 -1.79 -1.42 -25.88
N TYR I 209 -1.78 -1.47 -24.55
CA TYR I 209 -0.55 -1.75 -23.82
C TYR I 209 -0.09 -3.20 -24.00
N TYR I 210 -1.05 -4.11 -24.15
CA TYR I 210 -0.75 -5.51 -24.39
C TYR I 210 -0.02 -5.68 -25.72
N ALA I 211 -0.55 -5.04 -26.76
CA ALA I 211 0.09 -5.04 -28.07
C ALA I 211 1.45 -4.35 -27.98
N SER I 212 1.50 -3.26 -27.23
CA SER I 212 2.75 -2.53 -27.01
C SER I 212 3.80 -3.43 -26.38
N GLN I 213 3.37 -4.28 -25.45
CA GLN I 213 4.27 -5.24 -24.82
C GLN I 213 4.76 -6.27 -25.84
N LEU I 214 3.85 -6.73 -26.69
CA LEU I 214 4.18 -7.73 -27.70
C LEU I 214 5.19 -7.20 -28.71
N ILE I 215 5.02 -5.95 -29.12
CA ILE I 215 5.91 -5.34 -30.10
C ILE I 215 7.29 -5.06 -29.51
N ALA I 216 7.31 -4.45 -28.33
CA ALA I 216 8.56 -4.06 -27.67
C ALA I 216 9.42 -5.25 -27.31
N ALA I 217 8.81 -6.42 -27.20
CA ALA I 217 9.55 -7.65 -26.91
C ALA I 217 10.43 -8.03 -28.10
N PRO I 218 11.76 -8.12 -27.85
CA PRO I 218 12.74 -8.45 -28.89
C PRO I 218 12.47 -9.79 -29.55
N SER I 219 13.09 -10.01 -30.71
CA SER I 219 12.78 -11.18 -31.53
C SER I 219 13.34 -12.49 -30.98
N ASN I 220 14.20 -12.40 -29.96
CA ASN I 220 14.67 -13.60 -29.28
C ASN I 220 13.66 -14.04 -28.23
N TYR I 221 12.87 -13.09 -27.75
CA TYR I 221 11.76 -13.39 -26.85
C TYR I 221 10.48 -13.65 -27.63
N CYS I 222 10.19 -12.78 -28.60
CA CYS I 222 8.97 -12.87 -29.36
C CYS I 222 9.21 -13.49 -30.74
N ASN I 223 9.16 -14.82 -30.78
CA ASN I 223 9.33 -15.58 -32.01
C ASN I 223 7.98 -16.14 -32.45
N PRO I 224 7.90 -16.76 -33.66
CA PRO I 224 6.61 -17.33 -34.09
C PRO I 224 5.94 -18.26 -33.08
N VAL I 225 6.72 -19.11 -32.43
CA VAL I 225 6.16 -20.07 -31.48
C VAL I 225 5.68 -19.41 -30.20
N SER I 226 6.51 -18.53 -29.64
CA SER I 226 6.19 -17.89 -28.36
C SER I 226 5.02 -16.93 -28.49
N LEU I 227 4.91 -16.26 -29.65
CA LEU I 227 3.82 -15.34 -29.90
C LEU I 227 2.49 -16.08 -29.97
N SER I 228 2.49 -17.22 -30.65
CA SER I 228 1.30 -18.04 -30.78
C SER I 228 0.90 -18.67 -29.45
N ASN I 229 1.90 -19.03 -28.64
CA ASN I 229 1.64 -19.50 -27.29
C ASN I 229 0.95 -18.42 -26.46
N ALA I 230 1.40 -17.18 -26.66
CA ALA I 230 0.80 -16.04 -25.97
C ALA I 230 -0.62 -15.79 -26.47
N ALA I 231 -0.84 -16.03 -27.75
CA ALA I 231 -2.16 -15.84 -28.36
C ALA I 231 -3.18 -16.81 -27.77
N VAL I 232 -2.77 -18.07 -27.60
CA VAL I 232 -3.62 -19.08 -27.00
C VAL I 232 -3.93 -18.75 -25.55
N GLU I 233 -2.88 -18.44 -24.81
CA GLU I 233 -2.97 -18.06 -23.39
C GLU I 233 -3.98 -16.93 -23.20
N LEU I 234 -3.91 -15.93 -24.06
CA LEU I 234 -4.86 -14.81 -24.02
C LEU I 234 -6.28 -15.29 -24.24
N ALA I 235 -6.48 -16.11 -25.27
CA ALA I 235 -7.80 -16.60 -25.65
C ALA I 235 -8.40 -17.48 -24.54
N GLN I 236 -7.54 -18.21 -23.85
CA GLN I 236 -7.98 -19.07 -22.76
C GLN I 236 -8.52 -18.24 -21.59
N LYS I 237 -7.97 -17.04 -21.44
CA LYS I 237 -8.40 -16.13 -20.37
C LYS I 237 -9.69 -15.41 -20.73
N LEU I 238 -9.92 -15.25 -22.03
CA LEU I 238 -11.09 -14.51 -22.50
C LEU I 238 -12.22 -15.45 -22.92
N ASN I 239 -11.96 -16.74 -22.79
CA ASN I 239 -12.88 -17.78 -23.25
C ASN I 239 -13.22 -17.59 -24.73
N LEU I 240 -12.18 -17.42 -25.54
CA LEU I 240 -12.34 -17.36 -26.98
C LEU I 240 -11.97 -18.70 -27.59
N GLU I 241 -12.67 -19.09 -28.66
CA GLU I 241 -12.25 -20.26 -29.42
C GLU I 241 -10.92 -19.94 -30.09
N TYR I 242 -9.99 -20.89 -30.05
CA TYR I 242 -8.69 -20.64 -30.67
C TYR I 242 -8.19 -21.85 -31.44
N LYS I 243 -7.35 -21.58 -32.44
CA LYS I 243 -6.74 -22.62 -33.24
C LYS I 243 -5.38 -22.15 -33.76
N ILE I 244 -4.37 -22.98 -33.58
CA ILE I 244 -3.05 -22.68 -34.10
C ILE I 244 -2.69 -23.68 -35.20
N LEU I 245 -2.58 -23.20 -36.43
CA LEU I 245 -2.27 -24.06 -37.56
C LEU I 245 -0.78 -24.30 -37.66
N GLY I 246 -0.40 -25.57 -37.69
CA GLY I 246 1.00 -25.95 -37.80
C GLY I 246 1.43 -26.17 -39.23
N VAL I 247 2.73 -26.42 -39.41
CA VAL I 247 3.33 -26.54 -40.74
C VAL I 247 2.61 -27.54 -41.65
N LYS I 248 2.34 -28.74 -41.16
CA LYS I 248 1.71 -29.78 -41.96
C LYS I 248 0.30 -29.39 -42.42
N GLU I 249 -0.45 -28.75 -41.54
CA GLU I 249 -1.77 -28.26 -41.87
C GLU I 249 -1.66 -27.12 -42.88
N LEU I 250 -0.66 -26.26 -42.68
CA LEU I 250 -0.37 -25.18 -43.61
C LEU I 250 0.02 -25.75 -44.98
N GLU I 251 0.70 -26.89 -44.97
CA GLU I 251 1.10 -27.56 -46.20
C GLU I 251 -0.10 -28.07 -46.99
N GLU I 252 -1.01 -28.77 -46.31
CA GLU I 252 -2.17 -29.34 -46.98
C GLU I 252 -3.16 -28.25 -47.37
N LEU I 253 -3.06 -27.09 -46.73
CA LEU I 253 -3.83 -25.93 -47.15
C LEU I 253 -3.14 -25.23 -48.31
N LYS I 254 -1.97 -25.75 -48.68
CA LYS I 254 -1.19 -25.30 -49.83
C LYS I 254 -0.83 -23.81 -49.74
N MET I 255 -0.55 -23.35 -48.52
CA MET I 255 -0.13 -21.97 -48.31
C MET I 255 1.35 -21.79 -48.62
N GLY I 256 1.69 -21.86 -49.91
CA GLY I 256 3.08 -21.85 -50.34
C GLY I 256 3.79 -20.52 -50.24
N ALA I 257 3.04 -19.43 -50.29
CA ALA I 257 3.63 -18.09 -50.19
C ALA I 257 4.08 -17.82 -48.76
N TYR I 258 3.18 -18.06 -47.81
CA TYR I 258 3.45 -17.86 -46.39
C TYR I 258 4.54 -18.81 -45.90
N LEU I 259 4.48 -20.06 -46.35
CA LEU I 259 5.49 -21.05 -45.95
C LEU I 259 6.85 -20.76 -46.55
N SER I 260 6.88 -20.07 -47.69
CA SER I 260 8.14 -19.73 -48.35
C SER I 260 8.90 -18.66 -47.58
N VAL I 261 8.17 -17.74 -46.97
CA VAL I 261 8.78 -16.64 -46.22
C VAL I 261 9.46 -17.16 -44.95
N GLY I 262 8.85 -18.16 -44.32
CA GLY I 262 9.37 -18.68 -43.07
C GLY I 262 10.40 -19.79 -43.22
N LYS I 263 10.69 -20.17 -44.46
CA LYS I 263 11.59 -21.29 -44.75
C LYS I 263 12.95 -21.19 -44.07
N GLY I 264 13.51 -19.98 -44.01
CA GLY I 264 14.85 -19.79 -43.49
C GLY I 264 14.93 -19.64 -41.99
N SER I 265 13.78 -19.72 -41.30
CA SER I 265 13.74 -19.50 -39.86
C SER I 265 13.85 -20.80 -39.08
N MET I 266 14.49 -20.74 -37.92
CA MET I 266 14.60 -21.90 -37.05
C MET I 266 13.32 -22.14 -36.27
N TYR I 267 12.41 -21.17 -36.32
CA TYR I 267 11.12 -21.29 -35.68
C TYR I 267 10.07 -21.70 -36.72
N PRO I 268 9.35 -22.79 -36.45
CA PRO I 268 8.28 -23.26 -37.34
C PRO I 268 7.19 -22.20 -37.51
N ASN I 269 6.52 -22.22 -38.65
CA ASN I 269 5.41 -21.31 -38.89
C ASN I 269 4.21 -21.62 -38.00
N LYS I 270 3.59 -20.58 -37.45
CA LYS I 270 2.41 -20.73 -36.63
C LYS I 270 1.33 -19.77 -37.10
N PHE I 271 0.23 -20.31 -37.63
CA PHE I 271 -0.89 -19.46 -38.03
C PHE I 271 -1.88 -19.32 -36.89
N ILE I 272 -2.10 -18.08 -36.44
CA ILE I 272 -3.01 -17.83 -35.33
C ILE I 272 -4.43 -17.59 -35.81
N HIS I 273 -5.37 -18.36 -35.29
CA HIS I 273 -6.78 -18.16 -35.56
C HIS I 273 -7.57 -18.09 -34.25
N LEU I 274 -7.95 -16.87 -33.86
CA LEU I 274 -8.80 -16.64 -32.71
C LEU I 274 -10.19 -16.22 -33.18
N THR I 275 -11.23 -16.71 -32.50
CA THR I 275 -12.59 -16.40 -32.90
C THR I 275 -13.46 -15.98 -31.72
N TYR I 276 -14.20 -14.90 -31.90
CA TYR I 276 -15.21 -14.48 -30.94
C TYR I 276 -16.59 -14.45 -31.58
N LYS I 277 -17.54 -15.18 -31.00
CA LYS I 277 -18.91 -15.15 -31.48
C LYS I 277 -19.87 -14.70 -30.39
N SER I 278 -20.79 -13.81 -30.75
CA SER I 278 -21.77 -13.29 -29.81
C SER I 278 -22.82 -14.35 -29.47
N LYS I 279 -23.37 -14.25 -28.26
CA LYS I 279 -24.48 -15.12 -27.87
C LYS I 279 -25.77 -14.56 -28.43
N GLY I 280 -26.24 -15.15 -29.53
CA GLY I 280 -27.43 -14.67 -30.20
C GLY I 280 -27.25 -14.61 -31.70
N ASP I 281 -28.23 -14.04 -32.40
CA ASP I 281 -28.20 -13.95 -33.85
C ASP I 281 -27.05 -13.10 -34.36
N VAL I 282 -26.18 -13.71 -35.17
CA VAL I 282 -25.08 -12.99 -35.79
C VAL I 282 -25.59 -12.14 -36.95
N LYS I 283 -25.16 -10.88 -37.01
CA LYS I 283 -25.59 -9.99 -38.08
C LYS I 283 -24.40 -9.56 -38.95
N LYS I 284 -23.21 -9.59 -38.37
CA LYS I 284 -21.98 -9.28 -39.10
C LYS I 284 -20.87 -10.26 -38.78
N LYS I 285 -20.19 -10.74 -39.80
CA LYS I 285 -18.99 -11.56 -39.61
C LYS I 285 -17.77 -10.81 -40.13
N ILE I 286 -16.76 -10.65 -39.27
CA ILE I 286 -15.61 -9.82 -39.60
C ILE I 286 -14.30 -10.58 -39.42
N ALA I 287 -13.42 -10.45 -40.41
CA ALA I 287 -12.09 -11.05 -40.34
C ALA I 287 -11.01 -9.99 -40.21
N LEU I 288 -10.28 -10.04 -39.11
CA LEU I 288 -9.17 -9.11 -38.89
C LEU I 288 -7.83 -9.82 -39.12
N VAL I 289 -7.06 -9.31 -40.07
CA VAL I 289 -5.78 -9.92 -40.42
C VAL I 289 -4.61 -9.04 -40.01
N GLY I 290 -3.69 -9.59 -39.23
CA GLY I 290 -2.52 -8.85 -38.81
C GLY I 290 -1.23 -9.48 -39.31
N LYS I 291 -0.37 -8.66 -39.92
CA LYS I 291 0.93 -9.13 -40.35
C LYS I 291 1.79 -9.46 -39.14
N GLY I 292 2.30 -10.70 -39.10
CA GLY I 292 3.06 -11.15 -37.95
C GLY I 292 4.45 -11.66 -38.29
N ILE I 293 5.34 -10.75 -38.67
CA ILE I 293 6.73 -11.09 -38.92
C ILE I 293 7.57 -10.77 -37.71
N THR I 294 7.95 -11.81 -36.95
CA THR I 294 8.61 -11.61 -35.67
C THR I 294 9.97 -10.94 -35.78
N PHE I 295 10.67 -11.18 -36.88
CA PHE I 295 11.80 -10.35 -37.25
C PHE I 295 11.96 -10.30 -38.76
N ASP I 296 12.22 -9.11 -39.29
CA ASP I 296 12.40 -8.94 -40.72
C ASP I 296 13.84 -8.53 -41.03
N SER I 297 14.68 -9.51 -41.32
CA SER I 297 16.05 -9.26 -41.72
C SER I 297 16.08 -8.83 -43.18
N GLY I 298 15.03 -9.18 -43.90
CA GLY I 298 14.92 -8.85 -45.31
C GLY I 298 15.16 -10.05 -46.20
N GLY I 299 15.62 -11.15 -45.58
CA GLY I 299 16.01 -12.32 -46.34
C GLY I 299 17.30 -12.03 -47.09
N TYR I 300 17.50 -12.70 -48.21
CA TYR I 300 18.73 -12.52 -48.98
C TYR I 300 18.84 -11.10 -49.54
N ASN I 301 17.70 -10.43 -49.69
CA ASN I 301 17.69 -8.99 -49.91
C ASN I 301 17.83 -8.29 -48.55
N LEU I 302 18.99 -8.49 -47.93
CA LEU I 302 19.24 -8.02 -46.58
C LEU I 302 19.08 -6.52 -46.41
N LYS I 303 18.45 -6.12 -45.32
CA LYS I 303 18.40 -4.71 -44.94
C LYS I 303 19.79 -4.25 -44.54
N ALA I 304 20.59 -3.86 -45.53
CA ALA I 304 21.97 -3.45 -45.29
C ALA I 304 22.20 -2.01 -45.74
N ALA I 305 21.25 -1.47 -46.50
CA ALA I 305 21.35 -0.10 -46.99
C ALA I 305 21.14 0.88 -45.83
N PRO I 306 21.75 2.08 -45.93
CA PRO I 306 21.56 3.12 -44.92
C PRO I 306 20.10 3.53 -44.77
N GLY I 307 19.61 3.61 -43.54
CA GLY I 307 18.25 4.02 -43.29
C GLY I 307 17.25 2.88 -43.38
N SER I 308 17.74 1.66 -43.53
CA SER I 308 16.86 0.49 -43.59
C SER I 308 16.38 0.10 -42.19
N MET I 309 17.10 0.56 -41.17
CA MET I 309 16.71 0.41 -39.77
C MET I 309 16.40 -1.04 -39.38
N ILE I 310 17.37 -1.92 -39.54
CA ILE I 310 17.18 -3.34 -39.27
C ILE I 310 17.03 -3.61 -37.77
N ASP I 311 17.51 -2.68 -36.94
CA ASP I 311 17.47 -2.85 -35.50
C ASP I 311 16.08 -2.55 -34.95
N LEU I 312 15.24 -1.98 -35.80
CA LEU I 312 13.87 -1.64 -35.40
C LEU I 312 12.92 -2.78 -35.74
N MET I 313 13.32 -3.62 -36.69
CA MET I 313 12.43 -4.59 -37.31
C MET I 313 11.80 -5.64 -36.38
N LYS I 314 11.81 -5.38 -35.09
CA LYS I 314 11.06 -6.21 -34.14
C LYS I 314 9.62 -5.72 -34.09
N PHE I 315 9.34 -4.66 -34.86
CA PHE I 315 8.03 -4.01 -34.85
C PHE I 315 7.16 -4.56 -35.97
N ASP I 316 7.71 -5.52 -36.71
CA ASP I 316 7.05 -6.02 -37.92
C ASP I 316 5.92 -7.00 -37.64
N MET I 317 5.48 -7.05 -36.39
CA MET I 317 4.38 -7.91 -35.99
C MET I 317 3.28 -7.05 -35.39
N SER I 318 3.50 -5.73 -35.46
CA SER I 318 2.62 -4.73 -34.87
C SER I 318 1.19 -4.85 -35.35
N GLY I 319 1.01 -5.34 -36.58
CA GLY I 319 -0.31 -5.62 -37.10
C GLY I 319 -0.92 -6.78 -36.33
N CYS I 320 -0.14 -7.83 -36.14
CA CYS I 320 -0.60 -8.99 -35.38
C CYS I 320 -0.89 -8.60 -33.94
N ALA I 321 -0.04 -7.75 -33.38
CA ALA I 321 -0.24 -7.25 -32.01
C ALA I 321 -1.54 -6.49 -31.90
N ALA I 322 -1.79 -5.60 -32.86
CA ALA I 322 -3.02 -4.81 -32.88
C ALA I 322 -4.26 -5.71 -32.95
N VAL I 323 -4.16 -6.78 -33.75
CA VAL I 323 -5.25 -7.73 -33.89
C VAL I 323 -5.47 -8.50 -32.59
N LEU I 324 -4.39 -8.80 -31.87
CA LEU I 324 -4.48 -9.51 -30.61
C LEU I 324 -4.94 -8.60 -29.49
N GLY I 325 -4.52 -7.33 -29.54
CA GLY I 325 -4.96 -6.34 -28.57
C GLY I 325 -6.44 -6.07 -28.71
N CYS I 326 -6.91 -6.03 -29.94
CA CYS I 326 -8.33 -5.90 -30.24
C CYS I 326 -9.10 -7.07 -29.65
N ALA I 327 -8.55 -8.28 -29.83
CA ALA I 327 -9.16 -9.50 -29.31
C ALA I 327 -9.38 -9.41 -27.80
N TYR I 328 -8.44 -8.78 -27.09
CA TYR I 328 -8.62 -8.55 -25.67
C TYR I 328 -9.85 -7.71 -25.40
N CYS I 329 -9.93 -6.58 -26.09
CA CYS I 329 -11.03 -5.64 -25.92
C CYS I 329 -12.38 -6.27 -26.28
N VAL I 330 -12.41 -6.96 -27.41
CA VAL I 330 -13.64 -7.59 -27.89
C VAL I 330 -14.05 -8.75 -26.98
N GLY I 331 -13.08 -9.52 -26.52
CA GLY I 331 -13.36 -10.62 -25.61
C GLY I 331 -13.81 -10.12 -24.24
N THR I 332 -13.33 -8.94 -23.86
CA THR I 332 -13.66 -8.35 -22.58
C THR I 332 -14.99 -7.62 -22.61
N LEU I 333 -15.17 -6.74 -23.60
CA LEU I 333 -16.37 -5.94 -23.70
C LEU I 333 -17.56 -6.76 -24.22
N LYS I 334 -17.26 -7.87 -24.87
CA LYS I 334 -18.27 -8.81 -25.37
C LYS I 334 -19.42 -8.15 -26.14
N PRO I 335 -19.15 -7.70 -27.37
CA PRO I 335 -20.18 -7.03 -28.17
C PRO I 335 -21.23 -7.99 -28.70
N GLU I 336 -22.36 -7.43 -29.14
CA GLU I 336 -23.50 -8.23 -29.58
C GLU I 336 -23.59 -8.34 -31.09
N ASN I 337 -24.15 -9.45 -31.56
CA ASN I 337 -24.50 -9.65 -32.97
C ASN I 337 -23.31 -9.60 -33.94
N VAL I 338 -22.13 -9.98 -33.46
CA VAL I 338 -20.95 -10.01 -34.32
C VAL I 338 -20.15 -11.29 -34.15
N GLU I 339 -19.56 -11.76 -35.24
CA GLU I 339 -18.57 -12.82 -35.17
C GLU I 339 -17.25 -12.32 -35.71
N ILE I 340 -16.24 -12.27 -34.86
CA ILE I 340 -14.94 -11.76 -35.27
C ILE I 340 -13.90 -12.87 -35.35
N HIS I 341 -13.18 -12.91 -36.46
CA HIS I 341 -12.05 -13.82 -36.60
C HIS I 341 -10.75 -13.03 -36.55
N PHE I 342 -9.86 -13.41 -35.63
CA PHE I 342 -8.57 -12.74 -35.49
C PHE I 342 -7.49 -13.61 -36.10
N LEU I 343 -6.90 -13.14 -37.20
CA LEU I 343 -5.98 -13.95 -37.97
C LEU I 343 -4.60 -13.32 -38.09
N SER I 344 -3.57 -14.16 -37.99
CA SER I 344 -2.20 -13.72 -38.23
C SER I 344 -1.33 -14.88 -38.68
N ALA I 345 -0.76 -14.74 -39.87
CA ALA I 345 0.20 -15.70 -40.37
C ALA I 345 1.58 -15.36 -39.81
N VAL I 346 1.94 -15.99 -38.70
CA VAL I 346 3.17 -15.64 -37.99
C VAL I 346 4.37 -16.45 -38.43
N CYS I 347 5.45 -15.74 -38.79
CA CYS I 347 6.70 -16.37 -39.17
C CYS I 347 7.84 -15.36 -39.08
N GLU I 348 9.06 -15.82 -39.39
CA GLU I 348 10.24 -14.97 -39.28
C GLU I 348 11.02 -14.98 -40.59
N ASN I 349 11.45 -13.80 -41.03
CA ASN I 349 12.15 -13.67 -42.31
C ASN I 349 13.67 -13.62 -42.15
N MET I 350 14.32 -14.76 -42.35
CA MET I 350 15.74 -14.88 -42.02
C MET I 350 16.62 -15.29 -43.20
N VAL I 351 17.94 -15.19 -42.98
CA VAL I 351 18.91 -15.60 -43.98
C VAL I 351 19.52 -16.93 -43.58
N SER I 352 19.38 -17.92 -44.46
CA SER I 352 19.82 -19.28 -44.17
C SER I 352 20.08 -20.04 -45.46
N LYS I 353 20.53 -21.28 -45.33
CA LYS I 353 20.67 -22.15 -46.50
C LYS I 353 19.28 -22.57 -46.97
N ASN I 354 18.32 -22.50 -46.06
CA ASN I 354 16.95 -22.95 -46.33
C ASN I 354 16.01 -21.83 -46.77
N SER I 355 16.53 -20.61 -46.86
CA SER I 355 15.70 -19.44 -47.18
C SER I 355 15.20 -19.45 -48.63
N TYR I 356 14.09 -18.77 -48.86
CA TYR I 356 13.62 -18.50 -50.22
C TYR I 356 14.54 -17.48 -50.88
N ARG I 357 14.72 -17.59 -52.18
CA ARG I 357 15.65 -16.74 -52.90
C ARG I 357 14.92 -15.69 -53.73
N PRO I 358 15.62 -14.60 -54.05
CA PRO I 358 15.12 -13.68 -55.08
C PRO I 358 14.97 -14.42 -56.41
N GLY I 359 13.81 -14.31 -57.05
CA GLY I 359 13.59 -14.94 -58.33
C GLY I 359 12.77 -16.22 -58.25
N ASP I 360 12.61 -16.75 -57.04
CA ASP I 360 11.84 -17.97 -56.84
C ASP I 360 10.37 -17.78 -57.22
N ILE I 361 9.78 -18.83 -57.79
CA ILE I 361 8.36 -18.81 -58.14
C ILE I 361 7.58 -19.71 -57.19
N ILE I 362 6.66 -19.11 -56.45
CA ILE I 362 5.91 -19.82 -55.43
C ILE I 362 4.42 -19.83 -55.73
N THR I 363 3.71 -20.84 -55.21
CA THR I 363 2.27 -20.98 -55.45
C THR I 363 1.45 -20.72 -54.19
N ALA I 364 0.56 -19.75 -54.25
CA ALA I 364 -0.29 -19.41 -53.12
C ALA I 364 -1.44 -20.42 -52.99
N SER I 365 -2.19 -20.32 -51.90
CA SER I 365 -3.25 -21.27 -51.61
C SER I 365 -4.46 -21.14 -52.54
N ASN I 366 -4.47 -20.09 -53.36
CA ASN I 366 -5.52 -19.94 -54.36
C ASN I 366 -5.04 -20.35 -55.74
N GLY I 367 -3.80 -20.83 -55.81
CA GLY I 367 -3.26 -21.37 -57.04
C GLY I 367 -2.43 -20.40 -57.86
N LYS I 368 -2.54 -19.11 -57.56
CA LYS I 368 -1.78 -18.09 -58.29
C LYS I 368 -0.29 -18.19 -58.01
N THR I 369 0.50 -18.32 -59.07
CA THR I 369 1.95 -18.38 -58.94
C THR I 369 2.55 -16.98 -58.88
N ILE I 370 3.47 -16.78 -57.95
CA ILE I 370 4.08 -15.48 -57.71
C ILE I 370 5.58 -15.50 -57.98
N GLU I 371 6.07 -14.47 -58.67
CA GLU I 371 7.50 -14.33 -58.88
C GLU I 371 8.12 -13.41 -57.84
N VAL I 372 8.91 -13.98 -56.95
CA VAL I 372 9.56 -13.21 -55.90
C VAL I 372 10.66 -12.33 -56.48
N GLY I 373 10.43 -11.03 -56.50
CA GLY I 373 11.42 -10.09 -57.00
C GLY I 373 12.32 -9.56 -55.90
N ASN I 374 11.83 -9.65 -54.67
CA ASN I 374 12.58 -9.14 -53.52
C ASN I 374 12.15 -9.86 -52.25
N THR I 375 13.12 -10.46 -51.54
CA THR I 375 12.82 -11.21 -50.34
C THR I 375 12.46 -10.32 -49.15
N ASP I 376 12.75 -9.02 -49.25
CA ASP I 376 12.44 -8.10 -48.17
C ASP I 376 10.99 -7.60 -48.29
N ALA I 377 10.32 -7.99 -49.37
CA ALA I 377 8.91 -7.68 -49.52
C ALA I 377 8.07 -8.90 -49.12
N GLU I 378 8.30 -9.38 -47.90
CA GLU I 378 7.75 -10.68 -47.49
C GLU I 378 6.37 -10.60 -46.85
N GLY I 379 6.01 -9.43 -46.34
CA GLY I 379 4.74 -9.25 -45.66
C GLY I 379 3.56 -9.56 -46.57
N ARG I 380 3.61 -9.02 -47.79
CA ARG I 380 2.54 -9.21 -48.76
C ARG I 380 2.38 -10.68 -49.17
N LEU I 381 3.47 -11.43 -49.07
CA LEU I 381 3.42 -12.85 -49.41
C LEU I 381 2.65 -13.63 -48.35
N THR I 382 2.89 -13.30 -47.08
CA THR I 382 2.20 -13.97 -45.98
C THR I 382 0.74 -13.57 -45.93
N LEU I 383 0.48 -12.28 -46.13
CA LEU I 383 -0.89 -11.77 -46.09
C LEU I 383 -1.75 -12.36 -47.19
N ALA I 384 -1.14 -12.64 -48.33
CA ALA I 384 -1.86 -13.20 -49.47
C ALA I 384 -2.54 -14.52 -49.10
N ASP I 385 -1.81 -15.41 -48.45
CA ASP I 385 -2.37 -16.67 -47.97
C ASP I 385 -3.34 -16.41 -46.82
N ALA I 386 -3.04 -15.42 -46.00
CA ALA I 386 -3.90 -15.06 -44.87
C ALA I 386 -5.23 -14.53 -45.37
N LEU I 387 -5.21 -13.82 -46.50
CA LEU I 387 -6.42 -13.26 -47.07
C LEU I 387 -7.29 -14.34 -47.72
N VAL I 388 -6.64 -15.34 -48.31
CA VAL I 388 -7.36 -16.46 -48.90
C VAL I 388 -8.06 -17.28 -47.82
N TYR I 389 -7.34 -17.53 -46.74
CA TYR I 389 -7.90 -18.20 -45.57
C TYR I 389 -9.11 -17.45 -45.04
N ALA I 390 -8.97 -16.13 -44.95
CA ALA I 390 -10.02 -15.26 -44.43
C ALA I 390 -11.29 -15.34 -45.27
N GLU I 391 -11.16 -15.25 -46.58
CA GLU I 391 -12.31 -15.26 -47.46
C GLU I 391 -12.99 -16.63 -47.47
N LYS I 392 -12.21 -17.67 -47.18
CA LYS I 392 -12.77 -19.02 -47.09
C LYS I 392 -13.71 -19.16 -45.89
N LEU I 393 -13.56 -18.27 -44.91
CA LEU I 393 -14.42 -18.29 -43.73
C LEU I 393 -15.82 -17.78 -44.06
N GLY I 394 -15.95 -17.07 -45.17
CA GLY I 394 -17.22 -16.50 -45.57
C GLY I 394 -17.64 -15.38 -44.65
N VAL I 395 -16.81 -14.35 -44.54
CA VAL I 395 -17.10 -13.20 -43.71
C VAL I 395 -17.68 -12.06 -44.55
N ASP I 396 -18.13 -11.00 -43.88
CA ASP I 396 -18.69 -9.85 -44.58
C ASP I 396 -17.61 -8.82 -44.90
N TYR I 397 -16.71 -8.59 -43.94
CA TYR I 397 -15.64 -7.62 -44.10
C TYR I 397 -14.28 -8.25 -43.79
N ILE I 398 -13.28 -7.95 -44.61
CA ILE I 398 -11.92 -8.32 -44.30
C ILE I 398 -11.05 -7.08 -44.14
N VAL I 399 -10.50 -6.89 -42.96
CA VAL I 399 -9.61 -5.77 -42.71
C VAL I 399 -8.24 -6.27 -42.28
N ASP I 400 -7.21 -5.92 -43.05
CA ASP I 400 -5.86 -6.25 -42.64
C ASP I 400 -5.14 -5.00 -42.16
N ILE I 401 -4.20 -5.20 -41.23
CA ILE I 401 -3.41 -4.11 -40.67
C ILE I 401 -1.96 -4.56 -40.64
N ALA I 402 -1.07 -3.74 -41.21
CA ALA I 402 0.31 -4.20 -41.41
C ALA I 402 1.34 -3.08 -41.47
N THR I 403 2.53 -3.38 -40.99
CA THR I 403 3.69 -2.52 -41.19
C THR I 403 4.32 -2.92 -42.52
N LEU I 404 3.63 -2.59 -43.61
CA LEU I 404 3.93 -3.17 -44.91
C LEU I 404 5.05 -2.45 -45.68
N THR I 405 4.95 -1.13 -45.79
CA THR I 405 5.85 -0.39 -46.67
C THR I 405 6.49 0.83 -46.01
N GLY I 406 7.78 1.00 -46.24
CA GLY I 406 8.51 2.14 -45.72
C GLY I 406 8.10 3.44 -46.39
N ALA I 407 7.45 3.34 -47.54
CA ALA I 407 7.03 4.51 -48.31
C ALA I 407 6.04 5.38 -47.54
N MET I 408 5.32 4.77 -46.59
CA MET I 408 4.33 5.49 -45.80
C MET I 408 4.93 6.65 -45.02
N LEU I 409 6.24 6.57 -44.75
CA LEU I 409 6.94 7.66 -44.08
C LEU I 409 7.10 8.87 -45.00
N TYR I 410 7.16 8.62 -46.30
CA TYR I 410 7.34 9.69 -47.27
C TYR I 410 6.02 10.26 -47.75
N SER I 411 4.93 9.58 -47.41
CA SER I 411 3.60 10.00 -47.85
C SER I 411 2.80 10.65 -46.73
N LEU I 412 2.57 9.92 -45.65
CA LEU I 412 1.74 10.40 -44.56
C LEU I 412 2.53 10.70 -43.29
N GLY I 413 3.75 10.19 -43.22
CA GLY I 413 4.62 10.47 -42.09
C GLY I 413 4.43 9.54 -40.91
N THR I 414 4.53 10.08 -39.71
CA THR I 414 4.57 9.27 -38.49
C THR I 414 3.27 9.32 -37.68
N SER I 415 2.34 10.18 -38.08
CA SER I 415 1.10 10.34 -37.31
C SER I 415 -0.12 9.72 -37.99
N TYR I 416 -0.12 9.70 -39.32
CA TYR I 416 -1.28 9.18 -40.06
C TYR I 416 -0.98 7.87 -40.76
N ALA I 417 -1.77 6.85 -40.49
CA ALA I 417 -1.67 5.59 -41.20
C ALA I 417 -2.48 5.64 -42.48
N GLY I 418 -2.09 4.86 -43.48
CA GLY I 418 -2.81 4.82 -44.74
C GLY I 418 -3.84 3.71 -44.77
N VAL I 419 -4.96 3.97 -45.41
CA VAL I 419 -5.96 2.94 -45.63
C VAL I 419 -6.26 2.77 -47.12
N PHE I 420 -6.26 1.52 -47.56
CA PHE I 420 -6.59 1.18 -48.95
C PHE I 420 -7.74 0.19 -48.92
N GLY I 421 -8.41 0.01 -50.05
CA GLY I 421 -9.52 -0.94 -50.09
C GLY I 421 -10.25 -1.06 -51.42
N ASN I 422 -11.06 -2.10 -51.53
CA ASN I 422 -11.86 -2.34 -52.73
C ASN I 422 -13.33 -2.02 -52.51
N ASN I 423 -13.63 -1.33 -51.41
CA ASN I 423 -15.00 -1.08 -51.00
C ASN I 423 -15.12 0.25 -50.26
N GLU I 424 -15.84 1.20 -50.86
CA GLU I 424 -15.93 2.55 -50.31
C GLU I 424 -16.61 2.58 -48.94
N GLU I 425 -17.69 1.81 -48.79
CA GLU I 425 -18.44 1.78 -47.54
C GLU I 425 -17.57 1.27 -46.39
N LEU I 426 -16.79 0.23 -46.67
CA LEU I 426 -15.90 -0.35 -45.67
C LEU I 426 -14.80 0.64 -45.29
N ILE I 427 -14.28 1.36 -46.28
CA ILE I 427 -13.25 2.36 -46.04
C ILE I 427 -13.79 3.48 -45.15
N ASN I 428 -14.99 3.94 -45.46
CA ASN I 428 -15.62 5.01 -44.68
C ASN I 428 -15.95 4.60 -43.25
N LYS I 429 -16.18 3.32 -43.04
CA LYS I 429 -16.39 2.80 -41.69
C LYS I 429 -15.08 2.86 -40.91
N ILE I 430 -13.99 2.49 -41.58
CA ILE I 430 -12.65 2.56 -40.98
C ILE I 430 -12.31 3.98 -40.60
N LEU I 431 -12.57 4.93 -41.51
CA LEU I 431 -12.31 6.34 -41.25
C LEU I 431 -13.17 6.85 -40.11
N GLN I 432 -14.40 6.32 -40.01
CA GLN I 432 -15.30 6.69 -38.93
C GLN I 432 -14.75 6.17 -37.60
N SER I 433 -14.20 4.96 -37.63
CA SER I 433 -13.58 4.36 -36.46
C SER I 433 -12.33 5.13 -36.06
N SER I 434 -11.64 5.67 -37.06
CA SER I 434 -10.46 6.49 -36.82
C SER I 434 -10.82 7.73 -36.03
N LYS I 435 -11.98 8.31 -36.35
CA LYS I 435 -12.45 9.53 -35.69
C LYS I 435 -12.75 9.30 -34.21
N THR I 436 -13.46 8.22 -33.91
CA THR I 436 -13.92 7.97 -32.54
C THR I 436 -12.83 7.38 -31.65
N SER I 437 -11.84 6.74 -32.26
CA SER I 437 -10.74 6.15 -31.50
C SER I 437 -9.57 7.11 -31.40
N ASN I 438 -9.62 8.17 -32.19
CA ASN I 438 -8.55 9.18 -32.27
C ASN I 438 -7.20 8.60 -32.70
N GLU I 439 -7.24 7.52 -33.48
CA GLU I 439 -6.05 7.03 -34.15
C GLU I 439 -6.17 7.39 -35.63
N PRO I 440 -5.51 8.50 -36.02
CA PRO I 440 -5.67 9.15 -37.34
C PRO I 440 -5.29 8.26 -38.53
N VAL I 441 -6.14 8.27 -39.54
CA VAL I 441 -5.95 7.49 -40.76
C VAL I 441 -6.43 8.28 -41.98
N TRP I 442 -5.65 8.24 -43.07
CA TRP I 442 -6.02 8.94 -44.29
C TRP I 442 -6.23 7.97 -45.45
N TRP I 443 -7.25 8.22 -46.27
CA TRP I 443 -7.61 7.35 -47.38
C TRP I 443 -6.69 7.57 -48.58
N LEU I 444 -6.08 6.49 -49.06
CA LEU I 444 -5.19 6.55 -50.21
C LEU I 444 -5.70 5.67 -51.35
N PRO I 445 -5.41 6.05 -52.61
CA PRO I 445 -5.97 5.34 -53.76
C PRO I 445 -5.19 4.09 -54.15
N ILE I 446 -5.93 3.07 -54.60
CA ILE I 446 -5.32 1.93 -55.27
C ILE I 446 -5.43 2.19 -56.78
N ILE I 447 -4.32 2.65 -57.36
CA ILE I 447 -4.33 3.07 -58.76
C ILE I 447 -4.17 1.87 -59.70
N ASN I 448 -5.24 1.57 -60.43
CA ASN I 448 -5.28 0.39 -61.30
C ASN I 448 -4.27 0.42 -62.44
N GLU I 449 -3.83 1.61 -62.82
CA GLU I 449 -2.87 1.75 -63.92
C GLU I 449 -1.56 1.02 -63.63
N TYR I 450 -1.15 1.02 -62.37
CA TYR I 450 0.13 0.43 -61.97
C TYR I 450 0.11 -1.09 -62.01
N ARG I 451 -1.09 -1.68 -62.11
CA ARG I 451 -1.27 -3.13 -62.06
C ARG I 451 -0.45 -3.87 -63.12
N ALA I 452 -0.32 -3.26 -64.29
CA ALA I 452 0.40 -3.88 -65.41
C ALA I 452 1.88 -4.09 -65.10
N THR I 453 2.38 -3.38 -64.09
CA THR I 453 3.78 -3.51 -63.70
C THR I 453 3.97 -4.73 -62.81
N LEU I 454 2.88 -5.42 -62.50
CA LEU I 454 2.94 -6.65 -61.73
C LEU I 454 2.78 -7.87 -62.63
N ASN I 455 2.67 -7.61 -63.93
CA ASN I 455 2.60 -8.69 -64.91
C ASN I 455 3.95 -9.40 -65.01
N SER I 456 3.95 -10.71 -64.76
CA SER I 456 5.17 -11.50 -64.80
C SER I 456 5.32 -12.20 -66.14
N LYS I 457 6.55 -12.36 -66.59
CA LYS I 457 6.84 -13.06 -67.84
C LYS I 457 6.60 -14.55 -67.69
N TYR I 458 6.75 -15.06 -66.47
CA TYR I 458 6.72 -16.50 -66.23
C TYR I 458 5.64 -16.94 -65.24
N ALA I 459 5.57 -16.28 -64.09
CA ALA I 459 4.53 -16.60 -63.12
C ALA I 459 3.24 -15.86 -63.46
N ASP I 460 2.18 -16.11 -62.70
CA ASP I 460 0.94 -15.39 -62.89
C ASP I 460 1.10 -13.91 -62.58
N ILE I 461 1.76 -13.61 -61.45
CA ILE I 461 1.92 -12.23 -61.02
C ILE I 461 3.29 -11.97 -60.40
N ASN I 462 3.80 -10.77 -60.61
CA ASN I 462 5.01 -10.32 -59.93
C ASN I 462 4.70 -9.92 -58.50
N GLN I 463 5.67 -10.13 -57.61
CA GLN I 463 5.55 -9.73 -56.22
C GLN I 463 5.70 -8.22 -56.07
N ILE I 464 6.65 -7.65 -56.81
CA ILE I 464 6.92 -6.21 -56.76
C ILE I 464 6.91 -5.59 -58.15
N SER I 465 7.01 -4.26 -58.21
CA SER I 465 6.91 -3.53 -59.46
C SER I 465 8.26 -3.31 -60.11
N SER I 466 8.25 -3.26 -61.45
CA SER I 466 9.43 -2.88 -62.22
C SER I 466 9.73 -1.39 -62.10
N SER I 467 8.74 -0.58 -62.41
CA SER I 467 8.92 0.86 -62.59
C SER I 467 8.49 1.69 -61.39
N VAL I 468 7.23 1.51 -60.99
CA VAL I 468 6.57 2.41 -60.05
C VAL I 468 7.22 2.42 -58.66
N LYS I 469 7.56 3.62 -58.20
CA LYS I 469 8.16 3.81 -56.87
C LYS I 469 7.11 3.96 -55.78
N ALA I 470 5.84 3.94 -56.17
CA ALA I 470 4.74 4.02 -55.20
C ALA I 470 4.44 2.65 -54.61
N SER I 471 5.34 2.19 -53.75
CA SER I 471 5.30 0.82 -53.24
C SER I 471 4.09 0.53 -52.35
N SER I 472 3.57 1.54 -51.67
CA SER I 472 2.40 1.36 -50.83
C SER I 472 1.18 1.02 -51.68
N ILE I 473 1.12 1.67 -52.84
CA ILE I 473 0.01 1.47 -53.77
C ILE I 473 0.16 0.13 -54.49
N VAL I 474 1.38 -0.16 -54.94
CA VAL I 474 1.68 -1.42 -55.61
C VAL I 474 1.38 -2.61 -54.70
N ALA I 475 1.78 -2.51 -53.45
CA ALA I 475 1.55 -3.57 -52.48
C ALA I 475 0.06 -3.84 -52.29
N SER I 476 -0.74 -2.79 -52.37
CA SER I 476 -2.19 -2.92 -52.23
C SER I 476 -2.79 -3.64 -53.43
N LEU I 477 -2.31 -3.30 -54.62
CA LEU I 477 -2.74 -3.98 -55.85
C LEU I 477 -2.44 -5.46 -55.77
N PHE I 478 -1.34 -5.80 -55.12
CA PHE I 478 -0.95 -7.20 -54.96
C PHE I 478 -1.92 -7.93 -54.06
N LEU I 479 -2.21 -7.36 -52.90
CA LEU I 479 -3.14 -7.96 -51.95
C LEU I 479 -4.54 -8.06 -52.54
N LYS I 480 -4.89 -7.11 -53.40
CA LYS I 480 -6.22 -7.07 -54.00
C LYS I 480 -6.45 -8.27 -54.91
N GLU I 481 -5.37 -8.86 -55.40
CA GLU I 481 -5.45 -10.03 -56.28
C GLU I 481 -5.81 -11.30 -55.51
N PHE I 482 -5.90 -11.21 -54.19
CA PHE I 482 -6.17 -12.38 -53.36
C PHE I 482 -7.48 -12.25 -52.59
N VAL I 483 -8.22 -11.17 -52.83
CA VAL I 483 -9.57 -11.06 -52.32
C VAL I 483 -10.50 -11.05 -53.52
N GLN I 484 -11.18 -12.17 -53.75
CA GLN I 484 -11.93 -12.33 -54.99
C GLN I 484 -13.17 -11.43 -55.05
N ASN I 485 -14.02 -11.59 -54.03
CA ASN I 485 -15.33 -10.95 -53.98
C ASN I 485 -15.95 -10.92 -52.58
N THR I 486 -15.20 -10.22 -51.74
CA THR I 486 -15.53 -9.80 -50.38
C THR I 486 -15.03 -8.37 -50.18
N ALA I 487 -15.77 -7.54 -49.44
CA ALA I 487 -15.30 -6.19 -49.09
C ALA I 487 -14.02 -6.24 -48.25
N TRP I 488 -12.99 -5.53 -48.70
CA TRP I 488 -11.69 -5.62 -48.05
C TRP I 488 -11.00 -4.26 -47.94
N ALA I 489 -10.44 -3.97 -46.77
CA ALA I 489 -9.69 -2.74 -46.56
C ALA I 489 -8.31 -3.05 -45.99
N HIS I 490 -7.33 -2.20 -46.31
CA HIS I 490 -5.94 -2.44 -45.96
C HIS I 490 -5.36 -1.25 -45.20
N ILE I 491 -4.78 -1.52 -44.03
CA ILE I 491 -4.22 -0.45 -43.19
C ILE I 491 -2.72 -0.58 -43.01
N ASP I 492 -1.97 0.31 -43.66
CA ASP I 492 -0.52 0.30 -43.60
C ASP I 492 0.00 1.18 -42.45
N ILE I 493 0.50 0.55 -41.40
CA ILE I 493 0.94 1.28 -40.21
C ILE I 493 2.45 1.25 -40.02
N ALA I 494 3.20 1.13 -41.12
CA ALA I 494 4.66 1.08 -41.04
C ALA I 494 5.23 2.40 -40.52
N GLY I 495 4.57 3.50 -40.84
CA GLY I 495 5.07 4.81 -40.45
C GLY I 495 4.68 5.24 -39.05
N VAL I 496 3.58 4.70 -38.54
CA VAL I 496 3.03 5.19 -37.28
C VAL I 496 3.18 4.22 -36.12
N SER I 497 3.53 2.97 -36.41
CA SER I 497 3.58 1.93 -35.38
C SER I 497 4.58 2.23 -34.26
N TRP I 498 5.73 2.78 -34.63
CA TRP I 498 6.78 3.04 -33.65
C TRP I 498 6.92 4.53 -33.35
N ASN I 499 6.82 4.88 -32.08
CA ASN I 499 7.08 6.23 -31.62
C ASN I 499 8.59 6.46 -31.56
N PHE I 500 9.14 7.02 -32.63
CA PHE I 500 10.58 7.22 -32.73
C PHE I 500 11.12 8.18 -31.66
N LYS I 501 10.35 9.22 -31.36
CA LYS I 501 10.77 10.20 -30.37
C LYS I 501 10.81 9.60 -28.98
N ALA I 502 9.79 8.81 -28.64
CA ALA I 502 9.70 8.22 -27.31
C ALA I 502 10.39 6.87 -27.22
N ARG I 503 10.86 6.38 -28.37
CA ARG I 503 11.60 5.11 -28.44
C ARG I 503 10.77 3.94 -27.91
N LYS I 504 9.51 3.85 -28.32
CA LYS I 504 8.62 2.78 -27.86
C LYS I 504 7.42 2.61 -28.79
N PRO I 505 6.75 1.45 -28.72
CA PRO I 505 5.56 1.22 -29.55
C PRO I 505 4.39 2.11 -29.17
N LYS I 506 3.46 2.31 -30.11
CA LYS I 506 2.26 3.10 -29.85
C LYS I 506 1.08 2.19 -29.55
N GLY I 507 1.17 0.94 -29.98
CA GLY I 507 0.06 0.01 -29.88
C GLY I 507 -1.02 0.43 -30.87
N PHE I 508 -0.60 1.04 -31.97
CA PHE I 508 -1.52 1.60 -32.96
C PHE I 508 -2.40 0.51 -33.58
N GLY I 509 -3.70 0.78 -33.63
CA GLY I 509 -4.62 -0.10 -34.31
C GLY I 509 -5.67 -0.73 -33.41
N VAL I 510 -5.30 -1.02 -32.17
CA VAL I 510 -6.18 -1.70 -31.23
C VAL I 510 -7.51 -0.96 -31.05
N ARG I 511 -7.42 0.34 -30.78
CA ARG I 511 -8.61 1.15 -30.54
C ARG I 511 -9.46 1.32 -31.79
N LEU I 512 -8.81 1.54 -32.93
CA LEU I 512 -9.53 1.71 -34.19
C LEU I 512 -10.29 0.45 -34.57
N LEU I 513 -9.59 -0.69 -34.54
CA LEU I 513 -10.20 -1.97 -34.90
C LEU I 513 -11.33 -2.35 -33.96
N THR I 514 -11.21 -1.96 -32.69
CA THR I 514 -12.24 -2.28 -31.71
C THR I 514 -13.47 -1.38 -31.89
N GLU I 515 -13.23 -0.10 -32.14
CA GLU I 515 -14.33 0.83 -32.42
C GLU I 515 -15.04 0.40 -33.70
N PHE I 516 -14.27 -0.13 -34.65
CA PHE I 516 -14.83 -0.67 -35.89
C PHE I 516 -15.77 -1.84 -35.60
N VAL I 517 -15.30 -2.77 -34.77
CA VAL I 517 -16.08 -3.93 -34.38
C VAL I 517 -17.31 -3.53 -33.57
N LEU I 518 -17.13 -2.56 -32.67
CA LEU I 518 -18.19 -2.16 -31.75
C LEU I 518 -19.25 -1.27 -32.40
N ASN I 519 -18.82 -0.26 -33.14
CA ASN I 519 -19.75 0.73 -33.70
C ASN I 519 -20.39 0.27 -35.02
N ASP I 520 -20.48 -1.03 -35.22
CA ASP I 520 -21.12 -1.58 -36.41
C ASP I 520 -22.02 -2.77 -36.04
N SER J 3 12.63 41.89 -73.23
CA SER J 3 13.99 41.90 -72.71
C SER J 3 14.94 41.11 -73.61
N GLU J 4 16.20 41.50 -73.60
CA GLU J 4 17.22 40.82 -74.40
C GLU J 4 17.79 39.63 -73.66
N VAL J 5 17.70 38.45 -74.27
CA VAL J 5 18.27 37.23 -73.69
C VAL J 5 19.79 37.27 -73.73
N PRO J 6 20.44 37.17 -72.57
CA PRO J 6 21.90 37.20 -72.50
C PRO J 6 22.53 35.94 -73.07
N GLN J 7 23.72 36.07 -73.66
CA GLN J 7 24.43 34.95 -74.26
C GLN J 7 25.83 34.81 -73.68
N VAL J 8 26.39 33.61 -73.76
CA VAL J 8 27.80 33.40 -73.46
C VAL J 8 28.57 33.39 -74.77
N VAL J 9 28.05 32.64 -75.75
CA VAL J 9 28.58 32.63 -77.09
C VAL J 9 27.46 32.96 -78.07
N SER J 10 27.83 33.33 -79.30
CA SER J 10 26.84 33.77 -80.29
C SER J 10 25.92 32.64 -80.73
N LEU J 11 26.31 31.40 -80.47
CA LEU J 11 25.52 30.26 -80.89
C LEU J 11 24.44 29.90 -79.87
N ASP J 12 24.43 30.62 -78.74
CA ASP J 12 23.37 30.45 -77.75
C ASP J 12 22.05 31.03 -78.27
N PRO J 13 20.96 30.26 -78.17
CA PRO J 13 19.66 30.72 -78.63
C PRO J 13 19.14 31.89 -77.81
N THR J 14 18.27 32.70 -78.41
CA THR J 14 17.77 33.91 -77.75
C THR J 14 16.24 33.95 -77.69
N SER J 15 15.61 32.83 -78.02
CA SER J 15 14.16 32.70 -77.93
C SER J 15 13.75 31.24 -77.93
N ILE J 16 12.56 30.96 -77.42
CA ILE J 16 12.02 29.61 -77.49
C ILE J 16 11.25 29.44 -78.79
N PRO J 17 11.66 28.47 -79.62
CA PRO J 17 10.86 28.17 -80.81
C PRO J 17 9.49 27.64 -80.39
N ILE J 18 8.43 28.33 -80.82
CA ILE J 18 7.08 27.92 -80.48
C ILE J 18 6.28 27.66 -81.74
N GLU J 19 5.65 26.49 -81.82
CA GLU J 19 4.79 26.16 -82.93
C GLU J 19 3.33 26.42 -82.57
N TYR J 20 2.73 27.40 -83.23
CA TYR J 20 1.33 27.76 -82.95
C TYR J 20 0.35 27.04 -83.86
N ASN J 21 0.53 27.19 -85.16
CA ASN J 21 -0.36 26.53 -86.12
C ASN J 21 0.14 25.12 -86.43
N THR J 22 -0.47 24.15 -85.78
CA THR J 22 -0.08 22.75 -85.92
C THR J 22 -0.98 22.04 -86.92
N PRO J 23 -0.53 20.89 -87.46
CA PRO J 23 -1.36 20.12 -88.39
C PRO J 23 -2.71 19.67 -87.80
N ILE J 24 -2.79 19.59 -86.48
CA ILE J 24 -4.03 19.21 -85.82
C ILE J 24 -5.11 20.26 -86.08
N HIS J 25 -4.70 21.51 -86.20
CA HIS J 25 -5.63 22.61 -86.47
C HIS J 25 -6.13 22.58 -87.91
N ASP J 26 -5.58 21.68 -88.72
CA ASP J 26 -5.99 21.55 -90.11
C ASP J 26 -6.84 20.30 -90.32
N ILE J 27 -7.17 19.61 -89.24
CA ILE J 27 -8.02 18.43 -89.32
C ILE J 27 -9.49 18.81 -89.23
N LYS J 28 -10.26 18.45 -90.25
CA LYS J 28 -11.71 18.58 -90.20
C LYS J 28 -12.31 17.39 -89.46
N VAL J 29 -13.21 17.67 -88.51
CA VAL J 29 -13.78 16.62 -87.69
C VAL J 29 -15.29 16.54 -87.86
N GLN J 30 -15.76 15.39 -88.32
CA GLN J 30 -17.19 15.13 -88.45
C GLN J 30 -17.62 14.03 -87.48
N VAL J 31 -18.76 14.22 -86.83
CA VAL J 31 -19.27 13.24 -85.89
C VAL J 31 -20.68 12.77 -86.28
N TYR J 32 -20.77 11.51 -86.68
CA TYR J 32 -22.04 10.94 -87.11
C TYR J 32 -22.59 9.99 -86.06
N ASP J 33 -23.89 9.76 -86.09
CA ASP J 33 -24.50 8.81 -85.18
C ASP J 33 -24.31 7.40 -85.70
N ILE J 34 -24.00 6.47 -84.80
CA ILE J 34 -23.68 5.10 -85.18
C ILE J 34 -24.92 4.31 -85.55
N LYS J 35 -26.09 4.79 -85.15
CA LYS J 35 -27.35 4.09 -85.39
C LYS J 35 -27.74 4.04 -86.86
N GLY J 36 -26.99 4.72 -87.72
CA GLY J 36 -27.33 4.81 -89.12
C GLY J 36 -26.43 4.01 -90.04
N GLY J 37 -25.51 3.25 -89.46
CA GLY J 37 -24.56 2.47 -90.26
C GLY J 37 -23.38 3.32 -90.66
N CYS J 38 -22.24 2.66 -90.93
CA CYS J 38 -21.01 3.38 -91.22
C CYS J 38 -20.63 3.28 -92.69
N ASN J 39 -20.10 4.38 -93.23
CA ASN J 39 -19.55 4.37 -94.58
C ASN J 39 -18.04 4.23 -94.54
N VAL J 40 -17.53 3.21 -95.22
CA VAL J 40 -16.09 3.01 -95.36
C VAL J 40 -15.68 3.26 -96.80
N GLU J 41 -15.51 4.52 -97.14
CA GLU J 41 -15.19 4.90 -98.51
C GLU J 41 -13.76 5.41 -98.64
N GLU J 42 -13.38 6.33 -97.76
CA GLU J 42 -12.04 6.92 -97.82
C GLU J 42 -11.26 6.64 -96.55
N GLY J 43 -9.95 6.41 -96.72
CA GLY J 43 -9.04 6.34 -95.60
C GLY J 43 -9.12 5.11 -94.71
N LEU J 44 -8.66 5.28 -93.48
CA LEU J 44 -8.56 4.21 -92.50
C LEU J 44 -9.73 4.21 -91.52
N THR J 45 -10.42 3.08 -91.41
CA THR J 45 -11.52 2.94 -90.46
C THR J 45 -11.14 2.01 -89.31
N ILE J 46 -11.33 2.47 -88.09
CA ILE J 46 -11.01 1.67 -86.91
C ILE J 46 -12.21 1.54 -85.99
N PHE J 47 -12.56 0.30 -85.66
CA PHE J 47 -13.65 0.03 -84.72
C PHE J 47 -13.10 -0.15 -83.31
N LEU J 48 -13.72 0.51 -82.33
CA LEU J 48 -13.36 0.30 -80.93
C LEU J 48 -14.27 -0.74 -80.32
N VAL J 49 -13.68 -1.88 -79.94
CA VAL J 49 -14.45 -3.05 -79.55
C VAL J 49 -14.08 -3.56 -78.15
N ASN J 50 -15.07 -4.01 -77.40
CA ASN J 50 -14.81 -4.75 -76.17
C ASN J 50 -15.58 -6.07 -76.14
N ASN J 51 -15.39 -6.83 -75.08
CA ASN J 51 -16.13 -8.07 -74.88
C ASN J 51 -16.42 -8.28 -73.40
N PRO J 52 -17.54 -7.70 -72.91
CA PRO J 52 -17.91 -7.76 -71.50
C PRO J 52 -18.00 -9.17 -70.95
N GLY J 53 -17.36 -9.41 -69.81
CA GLY J 53 -17.42 -10.70 -69.15
C GLY J 53 -16.30 -11.64 -69.56
N LYS J 54 -16.22 -11.94 -70.86
CA LYS J 54 -15.21 -12.85 -71.36
C LYS J 54 -13.89 -12.15 -71.61
N GLU J 55 -12.97 -12.27 -70.64
CA GLU J 55 -11.66 -11.65 -70.73
C GLU J 55 -10.89 -12.14 -71.95
N ASN J 56 -10.26 -11.21 -72.65
CA ASN J 56 -9.51 -11.51 -73.87
C ASN J 56 -10.35 -12.27 -74.90
N GLY J 57 -11.66 -12.01 -74.89
CA GLY J 57 -12.57 -12.71 -75.78
C GLY J 57 -12.41 -12.28 -77.22
N PRO J 58 -13.05 -13.01 -78.15
CA PRO J 58 -12.94 -12.73 -79.58
C PRO J 58 -13.56 -11.39 -79.98
N VAL J 59 -13.11 -10.84 -81.09
CA VAL J 59 -13.63 -9.57 -81.59
C VAL J 59 -14.93 -9.78 -82.37
N LYS J 60 -15.94 -8.97 -82.07
CA LYS J 60 -17.19 -9.00 -82.82
C LYS J 60 -17.63 -7.58 -83.19
N ILE J 61 -17.62 -7.30 -84.50
CA ILE J 61 -18.09 -6.01 -84.99
C ILE J 61 -19.60 -6.08 -85.23
N SER J 62 -20.34 -5.17 -84.61
CA SER J 62 -21.79 -5.19 -84.68
C SER J 62 -22.37 -4.28 -85.76
N SER J 63 -21.70 -3.14 -85.98
CA SER J 63 -22.22 -2.10 -86.86
C SER J 63 -22.41 -2.55 -88.31
N LYS J 64 -23.53 -2.13 -88.90
CA LYS J 64 -23.77 -2.32 -90.33
C LYS J 64 -22.80 -1.46 -91.11
N VAL J 65 -22.22 -2.02 -92.16
CA VAL J 65 -21.30 -1.27 -93.01
C VAL J 65 -21.81 -1.26 -94.46
N ASN J 66 -22.12 -0.07 -94.96
CA ASN J 66 -22.68 0.06 -96.30
C ASN J 66 -21.63 -0.11 -97.40
N ASP J 67 -20.96 -1.26 -97.36
CA ASP J 67 -19.97 -1.63 -98.37
C ASP J 67 -19.77 -3.14 -98.33
N LYS J 68 -19.97 -3.80 -99.48
CA LYS J 68 -19.96 -5.25 -99.55
C LYS J 68 -18.63 -5.87 -99.13
N GLN J 69 -17.53 -5.34 -99.66
CA GLN J 69 -16.20 -5.91 -99.43
C GLN J 69 -15.79 -5.83 -97.96
N VAL J 70 -15.89 -4.64 -97.37
CA VAL J 70 -15.54 -4.44 -95.98
C VAL J 70 -16.45 -5.28 -95.07
N SER J 71 -17.71 -5.44 -95.48
CA SER J 71 -18.67 -6.23 -94.72
C SER J 71 -18.25 -7.70 -94.64
N GLU J 72 -17.84 -8.27 -95.77
CA GLU J 72 -17.38 -9.65 -95.81
C GLU J 72 -16.12 -9.80 -94.96
N PHE J 73 -15.33 -8.74 -94.89
CA PHE J 73 -14.12 -8.73 -94.07
C PHE J 73 -14.45 -8.72 -92.58
N LEU J 74 -15.50 -7.99 -92.22
CA LEU J 74 -15.84 -7.78 -90.81
C LEU J 74 -16.77 -8.85 -90.23
N LYS J 75 -16.95 -9.94 -90.96
CA LYS J 75 -17.86 -10.99 -90.51
C LYS J 75 -17.30 -11.73 -89.30
N ASP J 76 -18.18 -12.32 -88.51
CA ASP J 76 -17.81 -12.96 -87.25
C ASP J 76 -16.77 -14.07 -87.42
N GLU J 77 -16.84 -14.78 -88.54
CA GLU J 77 -15.90 -15.85 -88.83
C GLU J 77 -14.47 -15.33 -88.92
N ASN J 78 -14.32 -14.12 -89.46
CA ASN J 78 -13.00 -13.52 -89.65
C ASN J 78 -12.50 -12.81 -88.39
N MET J 79 -13.38 -12.05 -87.74
CA MET J 79 -12.99 -11.23 -86.61
C MET J 79 -12.75 -12.04 -85.34
N GLU J 80 -13.27 -13.25 -85.30
CA GLU J 80 -13.14 -14.09 -84.11
C GLU J 80 -11.71 -14.60 -83.93
N LYS J 81 -10.90 -14.47 -84.98
CA LYS J 81 -9.50 -14.87 -84.92
C LYS J 81 -8.64 -13.81 -84.23
N PHE J 82 -9.31 -12.76 -83.76
CA PHE J 82 -8.65 -11.69 -83.02
C PHE J 82 -9.28 -11.53 -81.64
N ASN J 83 -8.53 -11.03 -80.67
CA ASN J 83 -9.07 -10.81 -79.35
C ASN J 83 -9.08 -9.33 -78.96
N VAL J 84 -9.81 -9.01 -77.89
CA VAL J 84 -10.04 -7.62 -77.50
C VAL J 84 -9.16 -7.15 -76.35
N LYS J 85 -8.06 -7.87 -76.10
CA LYS J 85 -7.13 -7.50 -75.03
C LYS J 85 -6.74 -6.03 -75.17
N LEU J 86 -6.81 -5.31 -74.06
CA LEU J 86 -6.69 -3.85 -74.07
C LEU J 86 -5.42 -3.35 -74.76
N GLY J 87 -5.63 -2.61 -75.85
CA GLY J 87 -4.51 -2.02 -76.58
C GLY J 87 -4.11 -2.77 -77.82
N THR J 88 -4.60 -4.00 -77.95
CA THR J 88 -4.29 -4.83 -79.11
C THR J 88 -5.00 -4.31 -80.35
N SER J 89 -4.29 -4.30 -81.48
CA SER J 89 -4.88 -3.84 -82.73
C SER J 89 -4.40 -4.66 -83.93
N LYS J 90 -5.25 -4.72 -84.94
CA LYS J 90 -4.91 -5.27 -86.25
C LYS J 90 -5.57 -4.39 -87.30
N HIS J 91 -4.94 -4.20 -88.45
CA HIS J 91 -5.60 -3.50 -89.54
C HIS J 91 -5.12 -4.03 -90.90
N PHE J 92 -6.02 -4.01 -91.87
CA PHE J 92 -5.78 -4.62 -93.17
C PHE J 92 -6.07 -3.65 -94.31
N TYR J 93 -5.24 -3.70 -95.35
CA TYR J 93 -5.49 -2.91 -96.56
C TYR J 93 -6.22 -3.75 -97.58
N MET J 94 -7.32 -3.20 -98.12
CA MET J 94 -8.15 -3.91 -99.08
C MET J 94 -8.81 -2.93 -100.04
N PHE J 95 -9.48 -3.47 -101.06
CA PHE J 95 -10.25 -2.65 -101.98
C PHE J 95 -11.73 -2.69 -101.61
N ASN J 96 -12.39 -1.54 -101.65
CA ASN J 96 -13.82 -1.50 -101.39
C ASN J 96 -14.61 -1.74 -102.67
N ASP J 97 -15.92 -1.51 -102.62
CA ASP J 97 -16.80 -1.79 -103.75
C ASP J 97 -16.42 -0.99 -105.00
N ASN J 98 -15.83 0.17 -104.80
CA ASN J 98 -15.45 1.03 -105.91
C ASN J 98 -13.99 0.83 -106.30
N LYS J 99 -13.43 -0.30 -105.88
CA LYS J 99 -12.03 -0.66 -106.16
C LYS J 99 -11.07 0.39 -105.65
N ASN J 100 -11.40 1.01 -104.52
CA ASN J 100 -10.53 2.01 -103.90
C ASN J 100 -9.79 1.44 -102.70
N SER J 101 -8.56 1.90 -102.51
CA SER J 101 -7.73 1.45 -101.39
C SER J 101 -8.24 1.99 -100.06
N VAL J 102 -8.78 1.11 -99.23
CA VAL J 102 -9.17 1.47 -97.87
C VAL J 102 -8.47 0.56 -96.85
N ALA J 103 -8.41 1.01 -95.61
CA ALA J 103 -7.82 0.21 -94.55
C ALA J 103 -8.80 0.06 -93.39
N VAL J 104 -9.05 -1.18 -92.99
CA VAL J 104 -10.01 -1.46 -91.92
C VAL J 104 -9.32 -2.19 -90.77
N GLY J 105 -9.68 -1.82 -89.54
CA GLY J 105 -9.09 -2.44 -88.37
C GLY J 105 -9.86 -2.20 -87.10
N TYR J 106 -9.28 -2.61 -85.98
CA TYR J 106 -9.91 -2.47 -84.67
C TYR J 106 -8.88 -2.18 -83.58
N VAL J 107 -9.36 -1.75 -82.43
CA VAL J 107 -8.51 -1.65 -81.24
C VAL J 107 -9.25 -2.25 -80.04
N GLY J 108 -8.60 -3.20 -79.37
CA GLY J 108 -9.19 -3.87 -78.23
C GLY J 108 -9.36 -2.94 -77.03
N CYS J 109 -10.56 -2.89 -76.48
CA CYS J 109 -10.85 -2.03 -75.34
C CYS J 109 -11.17 -2.83 -74.08
N GLY J 110 -10.79 -4.11 -74.06
CA GLY J 110 -10.91 -4.92 -72.87
C GLY J 110 -12.25 -5.61 -72.69
N SER J 111 -12.57 -5.91 -71.43
CA SER J 111 -13.79 -6.63 -71.09
C SER J 111 -14.61 -5.92 -70.03
N VAL J 112 -14.18 -4.72 -69.66
CA VAL J 112 -14.93 -3.90 -68.72
C VAL J 112 -15.70 -2.82 -69.48
N ALA J 113 -16.99 -2.71 -69.19
CA ALA J 113 -17.88 -1.80 -69.92
C ALA J 113 -17.46 -0.34 -69.79
N ASP J 114 -16.95 0.02 -68.62
CA ASP J 114 -16.54 1.40 -68.38
C ASP J 114 -15.03 1.56 -68.42
N LEU J 115 -14.54 2.23 -69.47
CA LEU J 115 -13.11 2.48 -69.63
C LEU J 115 -12.68 3.64 -68.75
N SER J 116 -11.52 3.51 -68.12
CA SER J 116 -10.99 4.58 -67.28
C SER J 116 -10.13 5.52 -68.10
N GLU J 117 -9.67 6.60 -67.46
CA GLU J 117 -8.80 7.56 -68.12
C GLU J 117 -7.50 6.91 -68.60
N ALA J 118 -6.98 6.00 -67.79
CA ALA J 118 -5.75 5.28 -68.14
C ALA J 118 -5.99 4.30 -69.28
N ASP J 119 -7.10 3.56 -69.19
CA ASP J 119 -7.45 2.57 -70.22
C ASP J 119 -7.64 3.22 -71.58
N MET J 120 -8.29 4.37 -71.61
CA MET J 120 -8.55 5.08 -72.86
C MET J 120 -7.23 5.55 -73.49
N LYS J 121 -6.27 5.88 -72.64
CA LYS J 121 -4.97 6.35 -73.11
C LYS J 121 -4.23 5.25 -73.89
N ARG J 122 -4.39 4.01 -73.43
CA ARG J 122 -3.77 2.87 -74.10
C ARG J 122 -4.44 2.60 -75.45
N VAL J 123 -5.77 2.78 -75.49
CA VAL J 123 -6.52 2.62 -76.71
C VAL J 123 -6.09 3.67 -77.74
N VAL J 124 -5.90 4.90 -77.27
CA VAL J 124 -5.51 6.01 -78.13
C VAL J 124 -4.08 5.84 -78.65
N LEU J 125 -3.18 5.40 -77.77
CA LEU J 125 -1.79 5.17 -78.17
C LEU J 125 -1.70 4.07 -79.23
N SER J 126 -2.50 3.03 -79.06
CA SER J 126 -2.59 1.97 -80.06
C SER J 126 -3.10 2.52 -81.39
N LEU J 127 -4.02 3.47 -81.29
CA LEU J 127 -4.55 4.16 -82.46
C LEU J 127 -3.49 5.03 -83.13
N VAL J 128 -2.74 5.76 -82.30
CA VAL J 128 -1.72 6.68 -82.78
C VAL J 128 -0.58 5.94 -83.49
N THR J 129 -0.28 4.73 -83.01
CA THR J 129 0.76 3.90 -83.62
C THR J 129 0.43 3.58 -85.08
N MET J 130 -0.83 3.25 -85.34
CA MET J 130 -1.28 2.99 -86.70
C MET J 130 -1.22 4.24 -87.57
N LEU J 131 -1.49 5.39 -86.96
CA LEU J 131 -1.46 6.67 -87.68
C LEU J 131 -0.05 7.06 -88.11
N HIS J 132 0.93 6.77 -87.27
CA HIS J 132 2.32 7.14 -87.57
C HIS J 132 2.96 6.24 -88.63
N ASP J 133 2.25 5.19 -89.01
CA ASP J 133 2.69 4.32 -90.10
C ASP J 133 1.71 4.39 -91.27
N ASN J 134 0.93 5.46 -91.31
CA ASN J 134 -0.12 5.61 -92.31
C ASN J 134 0.07 6.86 -93.16
N LYS J 135 -0.21 6.73 -94.45
CA LYS J 135 -0.12 7.86 -95.37
C LYS J 135 -1.51 8.26 -95.88
N LEU J 136 -2.54 7.67 -95.30
CA LEU J 136 -3.92 7.96 -95.70
C LEU J 136 -4.38 9.31 -95.17
N SER J 137 -5.37 9.90 -95.84
CA SER J 137 -5.81 11.25 -95.55
C SER J 137 -6.92 11.32 -94.51
N LYS J 138 -7.58 10.18 -94.28
CA LYS J 138 -8.76 10.18 -93.42
C LYS J 138 -8.71 9.04 -92.40
N LEU J 139 -9.04 9.37 -91.15
CA LEU J 139 -9.21 8.36 -90.11
C LEU J 139 -10.64 8.38 -89.61
N THR J 140 -11.29 7.21 -89.64
CA THR J 140 -12.64 7.09 -89.10
C THR J 140 -12.63 6.16 -87.89
N VAL J 141 -13.14 6.65 -86.77
CA VAL J 141 -13.17 5.85 -85.54
C VAL J 141 -14.60 5.51 -85.14
N VAL J 142 -14.88 4.22 -85.03
CA VAL J 142 -16.23 3.75 -84.70
C VAL J 142 -16.31 3.28 -83.25
N PHE J 143 -17.08 4.00 -82.44
CA PHE J 143 -17.22 3.67 -81.02
C PHE J 143 -18.27 2.61 -80.76
N GLU J 144 -17.86 1.35 -80.69
CA GLU J 144 -18.76 0.29 -80.28
C GLU J 144 -18.58 0.03 -78.79
N ILE J 145 -18.33 1.10 -78.05
CA ILE J 145 -18.19 1.04 -76.60
C ILE J 145 -18.92 2.21 -75.95
N ASN J 146 -18.96 2.23 -74.62
CA ASN J 146 -19.63 3.30 -73.89
C ASN J 146 -18.66 4.38 -73.39
N VAL J 147 -18.88 5.61 -73.82
CA VAL J 147 -18.13 6.75 -73.30
C VAL J 147 -19.06 7.92 -73.03
N ASP J 148 -18.83 8.65 -71.95
CA ASP J 148 -19.59 9.85 -71.67
C ASP J 148 -18.99 11.02 -72.43
N LYS J 149 -19.59 12.19 -72.30
CA LYS J 149 -19.15 13.37 -73.05
C LYS J 149 -17.75 13.82 -72.67
N ASN J 150 -17.45 13.79 -71.37
CA ASN J 150 -16.12 14.16 -70.88
C ASN J 150 -15.05 13.22 -71.40
N LEU J 151 -15.29 11.91 -71.26
CA LEU J 151 -14.35 10.91 -71.74
C LEU J 151 -14.13 11.02 -73.24
N PHE J 152 -15.19 11.35 -73.97
CA PHE J 152 -15.09 11.52 -75.42
C PHE J 152 -14.21 12.71 -75.77
N ARG J 153 -14.40 13.82 -75.06
CA ARG J 153 -13.57 15.00 -75.27
C ARG J 153 -12.13 14.65 -74.91
N PHE J 154 -11.97 13.85 -73.86
CA PHE J 154 -10.66 13.37 -73.42
C PHE J 154 -10.01 12.52 -74.51
N PHE J 155 -10.82 11.72 -75.20
CA PHE J 155 -10.35 10.90 -76.32
C PHE J 155 -9.72 11.76 -77.40
N LEU J 156 -10.45 12.80 -77.82
CA LEU J 156 -9.98 13.71 -78.87
C LEU J 156 -8.71 14.43 -78.45
N GLU J 157 -8.70 14.96 -77.24
CA GLU J 157 -7.54 15.68 -76.70
C GLU J 157 -6.30 14.80 -76.70
N THR J 158 -6.43 13.61 -76.14
CA THR J 158 -5.33 12.65 -76.10
C THR J 158 -4.88 12.26 -77.48
N LEU J 159 -5.86 11.98 -78.36
CA LEU J 159 -5.56 11.64 -79.75
C LEU J 159 -4.76 12.75 -80.39
N PHE J 160 -5.26 13.97 -80.31
CA PHE J 160 -4.57 15.14 -80.86
C PHE J 160 -3.18 15.32 -80.26
N TYR J 161 -3.06 15.16 -78.94
CA TYR J 161 -1.80 15.41 -78.25
C TYR J 161 -0.73 14.38 -78.62
N GLU J 162 -1.09 13.11 -78.58
CA GLU J 162 -0.15 12.03 -78.84
C GLU J 162 0.22 11.94 -80.33
N TYR J 163 -0.75 12.25 -81.19
CA TYR J 163 -0.56 12.24 -82.64
C TYR J 163 0.49 13.26 -83.05
N MET J 164 0.40 14.46 -82.48
CA MET J 164 1.30 15.56 -82.82
C MET J 164 2.73 15.30 -82.34
N THR J 165 3.69 15.58 -83.21
CA THR J 165 5.11 15.36 -82.89
C THR J 165 5.92 16.65 -82.89
N ASP J 166 6.68 16.86 -81.82
CA ASP J 166 7.52 18.04 -81.68
C ASP J 166 8.83 17.87 -82.45
N GLU J 167 9.02 18.66 -83.49
CA GLU J 167 10.20 18.55 -84.35
C GLU J 167 11.04 19.82 -84.32
N ARG J 168 10.75 20.71 -83.38
CA ARG J 168 11.38 22.03 -83.32
C ARG J 168 12.91 21.97 -83.23
N PHE J 169 13.43 20.95 -82.56
CA PHE J 169 14.87 20.84 -82.35
C PHE J 169 15.50 19.76 -83.22
N LYS J 170 14.71 19.25 -84.17
CA LYS J 170 15.20 18.32 -85.17
C LYS J 170 15.78 19.08 -86.35
N SER J 171 16.79 18.50 -87.00
CA SER J 171 17.29 19.05 -88.26
C SER J 171 16.98 18.10 -89.40
N GLU J 179 3.10 13.80 -93.01
CA GLU J 179 1.83 13.57 -93.68
C GLU J 179 0.73 13.24 -92.68
N TYR J 180 0.11 14.29 -92.14
CA TYR J 180 -1.00 14.12 -91.20
C TYR J 180 -2.32 13.95 -91.96
N ILE J 181 -3.28 13.28 -91.33
CA ILE J 181 -4.62 13.19 -91.88
C ILE J 181 -5.26 14.57 -91.94
N LYS J 182 -6.22 14.74 -92.83
CA LYS J 182 -6.91 16.02 -92.96
C LYS J 182 -8.35 15.92 -92.47
N HIS J 183 -8.81 14.68 -92.23
CA HIS J 183 -10.18 14.45 -91.80
C HIS J 183 -10.25 13.42 -90.68
N LEU J 184 -11.20 13.62 -89.77
CA LEU J 184 -11.48 12.64 -88.72
C LEU J 184 -12.97 12.32 -88.67
N GLY J 185 -13.33 11.08 -89.01
CA GLY J 185 -14.70 10.64 -88.93
C GLY J 185 -14.95 9.92 -87.62
N VAL J 186 -16.06 10.22 -86.97
CA VAL J 186 -16.40 9.59 -85.70
C VAL J 186 -17.85 9.12 -85.65
N TYR J 187 -18.04 7.81 -85.61
CA TYR J 187 -19.38 7.24 -85.44
C TYR J 187 -19.61 6.91 -83.97
N ILE J 188 -20.66 7.48 -83.38
CA ILE J 188 -20.92 7.32 -81.96
C ILE J 188 -22.40 7.56 -81.63
N ASN J 189 -22.91 6.81 -80.66
CA ASN J 189 -24.29 6.94 -80.22
C ASN J 189 -24.58 8.33 -79.65
N ASN J 190 -25.69 8.92 -80.08
CA ASN J 190 -26.09 10.27 -79.68
C ASN J 190 -25.04 11.31 -80.06
N ALA J 191 -24.69 11.34 -81.34
CA ALA J 191 -23.63 12.21 -81.86
C ALA J 191 -23.90 13.69 -81.58
N ASP J 192 -25.16 14.10 -81.65
CA ASP J 192 -25.54 15.50 -81.50
C ASP J 192 -25.07 16.12 -80.19
N THR J 193 -24.92 15.30 -79.16
CA THR J 193 -24.51 15.79 -77.85
C THR J 193 -22.99 15.84 -77.71
N TYR J 194 -22.28 15.14 -78.59
CA TYR J 194 -20.83 15.10 -78.55
C TYR J 194 -20.20 16.15 -79.47
N LYS J 195 -20.99 16.65 -80.41
CA LYS J 195 -20.50 17.60 -81.41
C LYS J 195 -19.89 18.85 -80.78
N GLU J 196 -20.43 19.27 -79.65
CA GLU J 196 -19.95 20.46 -78.97
C GLU J 196 -18.63 20.22 -78.24
N GLU J 197 -18.26 18.95 -78.10
CA GLU J 197 -17.02 18.59 -77.40
C GLU J 197 -15.79 18.65 -78.30
N VAL J 198 -16.02 18.68 -79.62
CA VAL J 198 -14.93 18.63 -80.58
C VAL J 198 -14.02 19.85 -80.51
N GLU J 199 -14.58 21.05 -80.65
CA GLU J 199 -13.78 22.26 -80.67
C GLU J 199 -13.27 22.64 -79.28
N LYS J 200 -13.92 22.11 -78.25
CA LYS J 200 -13.41 22.29 -76.90
C LYS J 200 -12.15 21.46 -76.75
N ALA J 201 -12.19 20.25 -77.29
CA ALA J 201 -11.05 19.33 -77.26
C ALA J 201 -9.86 19.88 -78.04
N ARG J 202 -10.15 20.60 -79.12
CA ARG J 202 -9.09 21.17 -79.94
C ARG J 202 -8.41 22.31 -79.20
N VAL J 203 -9.18 23.06 -78.41
CA VAL J 203 -8.63 24.13 -77.59
C VAL J 203 -7.82 23.56 -76.44
N TYR J 204 -8.36 22.54 -75.79
CA TYR J 204 -7.66 21.89 -74.69
C TYR J 204 -6.39 21.22 -75.19
N TYR J 205 -6.44 20.74 -76.43
CA TYR J 205 -5.26 20.14 -77.05
C TYR J 205 -4.10 21.11 -77.10
N PHE J 206 -4.29 22.27 -77.70
CA PHE J 206 -3.17 23.18 -77.92
C PHE J 206 -2.65 23.77 -76.62
N GLY J 207 -3.56 24.04 -75.69
CA GLY J 207 -3.16 24.52 -74.38
C GLY J 207 -2.18 23.56 -73.75
N THR J 208 -2.49 22.26 -73.85
CA THR J 208 -1.64 21.21 -73.33
C THR J 208 -0.36 21.07 -74.15
N TYR J 209 -0.50 21.15 -75.47
CA TYR J 209 0.66 21.03 -76.34
C TYR J 209 1.56 22.26 -76.24
N TYR J 210 0.97 23.42 -75.95
CA TYR J 210 1.74 24.63 -75.75
C TYR J 210 2.60 24.52 -74.49
N ALA J 211 1.99 24.07 -73.40
CA ALA J 211 2.72 23.85 -72.16
C ALA J 211 3.83 22.83 -72.38
N SER J 212 3.51 21.79 -73.13
CA SER J 212 4.45 20.73 -73.45
C SER J 212 5.68 21.27 -74.18
N GLN J 213 5.46 22.19 -75.12
CA GLN J 213 6.54 22.79 -75.88
C GLN J 213 7.51 23.54 -74.98
N LEU J 214 6.96 24.22 -73.98
CA LEU J 214 7.78 24.97 -73.02
C LEU J 214 8.57 24.02 -72.12
N ILE J 215 7.93 22.92 -71.72
CA ILE J 215 8.54 21.98 -70.80
C ILE J 215 9.64 21.15 -71.48
N ALA J 216 9.41 20.75 -72.72
CA ALA J 216 10.38 19.96 -73.47
C ALA J 216 11.57 20.80 -73.92
N ALA J 217 11.34 22.09 -74.07
CA ALA J 217 12.40 23.02 -74.45
C ALA J 217 13.53 22.99 -73.44
N PRO J 218 14.76 22.70 -73.90
CA PRO J 218 15.94 22.67 -73.04
C PRO J 218 16.19 24.02 -72.37
N SER J 219 16.95 23.99 -71.28
CA SER J 219 17.13 25.18 -70.45
C SER J 219 17.96 26.27 -71.12
N ASN J 220 18.69 25.91 -72.18
CA ASN J 220 19.44 26.90 -72.93
C ASN J 220 18.52 27.64 -73.90
N TYR J 221 17.37 27.03 -74.20
CA TYR J 221 16.34 27.68 -75.00
C TYR J 221 15.32 28.36 -74.09
N CYS J 222 14.82 27.61 -73.11
CA CYS J 222 13.84 28.16 -72.18
C CYS J 222 14.53 28.60 -70.89
N ASN J 223 14.82 29.90 -70.81
CA ASN J 223 15.39 30.51 -69.62
C ASN J 223 14.41 31.57 -69.11
N PRO J 224 14.66 32.15 -67.92
CA PRO J 224 13.70 33.16 -67.40
C PRO J 224 13.36 34.29 -68.37
N VAL J 225 14.33 34.76 -69.15
CA VAL J 225 14.11 35.88 -70.04
C VAL J 225 13.29 35.47 -71.27
N SER J 226 13.65 34.36 -71.88
CA SER J 226 12.95 33.88 -73.07
C SER J 226 11.55 33.38 -72.75
N LEU J 227 11.39 32.80 -71.57
CA LEU J 227 10.09 32.26 -71.16
C LEU J 227 9.10 33.38 -70.86
N SER J 228 9.58 34.44 -70.23
CA SER J 228 8.73 35.60 -69.96
C SER J 228 8.39 36.31 -71.27
N ASN J 229 9.32 36.26 -72.22
CA ASN J 229 9.10 36.80 -73.55
C ASN J 229 8.02 36.03 -74.30
N ALA J 230 8.04 34.71 -74.17
CA ALA J 230 7.03 33.87 -74.79
C ALA J 230 5.66 34.15 -74.19
N ALA J 231 5.65 34.42 -72.89
CA ALA J 231 4.43 34.73 -72.16
C ALA J 231 3.82 36.05 -72.66
N VAL J 232 4.68 37.03 -72.89
CA VAL J 232 4.25 38.32 -73.43
C VAL J 232 3.64 38.12 -74.81
N GLU J 233 4.35 37.38 -75.66
CA GLU J 233 3.89 37.07 -77.01
C GLU J 233 2.52 36.38 -76.98
N LEU J 234 2.37 35.41 -76.08
CA LEU J 234 1.10 34.70 -75.90
C LEU J 234 0.00 35.65 -75.44
N ALA J 235 0.34 36.53 -74.50
CA ALA J 235 -0.62 37.47 -73.95
C ALA J 235 -1.12 38.45 -75.01
N GLN J 236 -0.21 38.86 -75.90
CA GLN J 236 -0.54 39.80 -76.96
C GLN J 236 -1.46 39.17 -78.00
N LYS J 237 -1.24 37.89 -78.30
CA LYS J 237 -2.07 37.18 -79.27
C LYS J 237 -3.47 36.90 -78.72
N LEU J 238 -3.59 36.82 -77.40
CA LEU J 238 -4.87 36.54 -76.76
C LEU J 238 -5.53 37.82 -76.25
N ASN J 239 -4.86 38.94 -76.47
CA ASN J 239 -5.31 40.24 -75.97
C ASN J 239 -5.56 40.23 -74.46
N LEU J 240 -4.61 39.67 -73.73
CA LEU J 240 -4.65 39.68 -72.28
C LEU J 240 -3.75 40.78 -71.73
N GLU J 241 -4.11 41.33 -70.58
CA GLU J 241 -3.25 42.28 -69.89
C GLU J 241 -2.01 41.56 -69.39
N TYR J 242 -0.85 42.20 -69.51
CA TYR J 242 0.38 41.58 -69.07
C TYR J 242 1.33 42.56 -68.39
N LYS J 243 2.18 42.02 -67.53
CA LYS J 243 3.19 42.81 -66.84
C LYS J 243 4.32 41.90 -66.37
N ILE J 244 5.50 42.07 -66.94
CA ILE J 244 6.67 41.33 -66.50
C ILE J 244 7.44 42.15 -65.47
N LEU J 245 7.55 41.63 -64.26
CA LEU J 245 8.26 42.33 -63.19
C LEU J 245 9.74 41.97 -63.20
N GLY J 246 10.58 42.99 -63.27
CA GLY J 246 12.02 42.79 -63.31
C GLY J 246 12.66 42.97 -61.94
N VAL J 247 13.99 42.82 -61.90
CA VAL J 247 14.74 42.79 -60.65
C VAL J 247 14.55 44.03 -59.78
N LYS J 248 14.69 45.21 -60.36
CA LYS J 248 14.51 46.46 -59.62
C LYS J 248 13.11 46.56 -59.03
N GLU J 249 12.12 46.08 -59.77
CA GLU J 249 10.75 46.05 -59.26
C GLU J 249 10.58 44.97 -58.20
N LEU J 250 11.25 43.84 -58.38
CA LEU J 250 11.20 42.76 -57.41
C LEU J 250 11.85 43.19 -56.10
N GLU J 251 12.83 44.09 -56.20
CA GLU J 251 13.57 44.56 -55.02
C GLU J 251 12.74 45.54 -54.18
N GLU J 252 11.98 46.41 -54.86
CA GLU J 252 11.14 47.36 -54.15
C GLU J 252 9.92 46.66 -53.56
N LEU J 253 9.59 45.50 -54.11
CA LEU J 253 8.53 44.66 -53.57
C LEU J 253 9.09 43.67 -52.55
N LYS J 254 10.39 43.73 -52.34
CA LYS J 254 11.08 42.97 -51.29
C LYS J 254 10.90 41.46 -51.37
N MET J 255 10.80 40.93 -52.59
CA MET J 255 10.65 39.48 -52.76
C MET J 255 12.00 38.78 -52.57
N GLY J 256 12.49 38.78 -51.33
CA GLY J 256 13.81 38.30 -51.01
C GLY J 256 14.07 36.82 -51.19
N ALA J 257 13.07 36.00 -50.90
CA ALA J 257 13.21 34.55 -51.03
C ALA J 257 13.32 34.15 -52.50
N TYR J 258 12.50 34.79 -53.34
CA TYR J 258 12.49 34.54 -54.78
C TYR J 258 13.77 35.06 -55.43
N LEU J 259 14.19 36.26 -55.01
CA LEU J 259 15.40 36.88 -55.55
C LEU J 259 16.66 36.14 -55.12
N SER J 260 16.62 35.57 -53.92
CA SER J 260 17.74 34.78 -53.42
C SER J 260 17.98 33.58 -54.33
N VAL J 261 16.91 32.90 -54.70
CA VAL J 261 17.00 31.70 -55.53
C VAL J 261 17.68 31.96 -56.87
N GLY J 262 17.43 33.12 -57.47
CA GLY J 262 17.96 33.45 -58.77
C GLY J 262 19.30 34.17 -58.77
N LYS J 263 19.91 34.29 -57.60
CA LYS J 263 21.17 35.03 -57.48
C LYS J 263 22.31 34.42 -58.29
N GLY J 264 22.30 33.10 -58.41
CA GLY J 264 23.39 32.40 -59.07
C GLY J 264 23.25 32.21 -60.57
N SER J 265 22.25 32.86 -61.16
CA SER J 265 22.00 32.70 -62.59
C SER J 265 22.53 33.89 -63.40
N MET J 266 22.93 33.61 -64.64
CA MET J 266 23.28 34.66 -65.58
C MET J 266 22.01 35.36 -66.05
N TYR J 267 20.89 34.68 -65.88
CA TYR J 267 19.59 35.18 -66.32
C TYR J 267 18.87 35.92 -65.20
N PRO J 268 18.47 37.17 -65.47
CA PRO J 268 17.74 37.98 -64.50
C PRO J 268 16.36 37.42 -64.20
N ASN J 269 15.95 37.48 -62.93
CA ASN J 269 14.64 37.00 -62.52
C ASN J 269 13.52 37.76 -63.22
N LYS J 270 12.51 37.03 -63.70
CA LYS J 270 11.36 37.64 -64.34
C LYS J 270 10.07 37.14 -63.72
N PHE J 271 9.25 38.06 -63.21
CA PHE J 271 7.97 37.68 -62.65
C PHE J 271 6.85 37.92 -63.66
N ILE J 272 6.17 36.84 -64.03
CA ILE J 272 5.11 36.91 -65.03
C ILE J 272 3.75 37.15 -64.38
N HIS J 273 3.07 38.20 -64.82
CA HIS J 273 1.72 38.50 -64.35
C HIS J 273 0.78 38.75 -65.53
N LEU J 274 0.03 37.73 -65.91
CA LEU J 274 -0.97 37.86 -66.96
C LEU J 274 -2.35 37.98 -66.32
N THR J 275 -3.28 38.64 -67.00
CA THR J 275 -4.62 38.82 -66.45
C THR J 275 -5.70 38.72 -67.52
N TYR J 276 -6.69 37.88 -67.25
CA TYR J 276 -7.90 37.85 -68.07
C TYR J 276 -9.06 38.48 -67.32
N LYS J 277 -9.65 39.52 -67.92
CA LYS J 277 -10.79 40.20 -67.32
C LYS J 277 -12.02 40.04 -68.19
N SER J 278 -13.11 39.58 -67.58
CA SER J 278 -14.38 39.41 -68.30
C SER J 278 -15.01 40.77 -68.61
N LYS J 279 -15.77 40.81 -69.70
CA LYS J 279 -16.52 42.01 -70.05
C LYS J 279 -17.68 42.16 -69.08
N GLY J 280 -18.32 41.05 -68.75
CA GLY J 280 -19.38 41.03 -67.77
C GLY J 280 -18.82 41.30 -66.39
N ASP J 281 -19.68 41.78 -65.49
CA ASP J 281 -19.29 42.13 -64.12
C ASP J 281 -18.57 40.98 -63.43
N VAL J 282 -17.49 41.30 -62.73
CA VAL J 282 -16.67 40.30 -62.06
C VAL J 282 -17.36 39.78 -60.80
N LYS J 283 -17.46 38.46 -60.67
CA LYS J 283 -18.11 37.86 -59.52
C LYS J 283 -17.19 36.88 -58.80
N LYS J 284 -16.17 36.40 -59.52
CA LYS J 284 -15.15 35.53 -58.92
C LYS J 284 -13.76 35.95 -59.37
N LYS J 285 -12.84 36.08 -58.42
CA LYS J 285 -11.48 36.49 -58.72
C LYS J 285 -10.51 35.37 -58.36
N ILE J 286 -9.80 34.86 -59.37
CA ILE J 286 -8.94 33.70 -59.19
C ILE J 286 -7.48 33.97 -59.54
N ALA J 287 -6.57 33.55 -58.67
CA ALA J 287 -5.15 33.66 -58.94
C ALA J 287 -4.53 32.28 -59.17
N LEU J 288 -3.92 32.09 -60.33
CA LEU J 288 -3.26 30.83 -60.66
C LEU J 288 -1.74 30.98 -60.60
N VAL J 289 -1.11 30.22 -59.71
CA VAL J 289 0.32 30.33 -59.48
C VAL J 289 1.07 29.09 -59.95
N GLY J 290 2.14 29.28 -60.71
CA GLY J 290 2.92 28.17 -61.21
C GLY J 290 4.40 28.28 -60.91
N LYS J 291 4.99 27.20 -60.44
CA LYS J 291 6.43 27.16 -60.20
C LYS J 291 7.19 27.24 -61.53
N GLY J 292 8.07 28.23 -61.64
CA GLY J 292 8.77 28.46 -62.89
C GLY J 292 10.27 28.48 -62.76
N ILE J 293 10.86 27.34 -62.39
CA ILE J 293 12.31 27.22 -62.36
C ILE J 293 12.78 26.59 -63.67
N THR J 294 13.39 27.40 -64.53
CA THR J 294 13.74 26.96 -65.88
C THR J 294 14.80 25.87 -65.89
N PHE J 295 15.64 25.85 -64.85
CA PHE J 295 16.51 24.71 -64.60
C PHE J 295 16.85 24.61 -63.12
N ASP J 296 16.76 23.40 -62.60
CA ASP J 296 17.04 23.16 -61.18
C ASP J 296 18.29 22.29 -61.03
N SER J 297 19.42 22.95 -60.78
CA SER J 297 20.66 22.23 -60.55
C SER J 297 20.73 21.77 -59.10
N GLY J 298 19.90 22.38 -58.26
CA GLY J 298 19.88 22.08 -56.84
C GLY J 298 20.62 23.13 -56.03
N GLY J 299 21.38 23.98 -56.71
CA GLY J 299 22.21 24.95 -56.04
C GLY J 299 23.43 24.26 -55.46
N TYR J 300 23.97 24.80 -54.38
CA TYR J 300 25.14 24.21 -53.74
C TYR J 300 24.79 22.86 -53.11
N ASN J 301 23.50 22.65 -52.86
CA ASN J 301 22.99 21.31 -52.59
C ASN J 301 22.73 20.62 -53.92
N LEU J 302 23.81 20.45 -54.69
CA LEU J 302 23.76 19.93 -56.04
C LEU J 302 23.07 18.56 -56.15
N LYS J 303 22.25 18.41 -57.19
CA LYS J 303 21.65 17.11 -57.49
C LYS J 303 22.72 16.16 -58.03
N ALA J 304 23.45 15.51 -57.12
CA ALA J 304 24.54 14.64 -57.51
C ALA J 304 24.32 13.21 -57.03
N ALA J 305 23.31 13.01 -56.18
CA ALA J 305 22.97 11.70 -55.68
C ALA J 305 22.39 10.84 -56.80
N PRO J 306 22.59 9.51 -56.72
CA PRO J 306 22.00 8.63 -57.73
C PRO J 306 20.48 8.64 -57.65
N GLY J 307 19.83 8.99 -58.76
CA GLY J 307 18.38 9.05 -58.80
C GLY J 307 17.84 10.47 -58.70
N SER J 308 18.74 11.44 -58.56
CA SER J 308 18.33 12.83 -58.46
C SER J 308 17.90 13.37 -59.84
N MET J 309 18.28 12.64 -60.89
CA MET J 309 17.85 12.91 -62.26
C MET J 309 17.98 14.37 -62.68
N ILE J 310 19.20 14.89 -62.66
CA ILE J 310 19.43 16.31 -62.96
C ILE J 310 19.20 16.63 -64.43
N ASP J 311 19.26 15.61 -65.29
CA ASP J 311 19.08 15.83 -66.72
C ASP J 311 17.61 16.08 -67.07
N LEU J 312 16.74 15.90 -66.08
CA LEU J 312 15.31 16.10 -66.28
C LEU J 312 14.91 17.54 -65.95
N MET J 313 15.76 18.24 -65.19
CA MET J 313 15.34 19.44 -64.48
C MET J 313 15.06 20.69 -65.34
N LYS J 314 15.05 20.55 -66.66
CA LYS J 314 14.50 21.58 -67.53
C LYS J 314 12.99 21.62 -67.31
N PHE J 315 12.52 20.52 -66.74
CA PHE J 315 11.11 20.22 -66.52
C PHE J 315 10.54 20.95 -65.30
N ASP J 316 11.43 21.54 -64.51
CA ASP J 316 11.06 22.17 -63.24
C ASP J 316 10.24 23.47 -63.38
N MET J 317 9.77 23.76 -64.59
CA MET J 317 8.89 24.91 -64.79
C MET J 317 7.55 24.49 -65.40
N SER J 318 7.17 23.23 -65.16
CA SER J 318 5.91 22.70 -65.69
C SER J 318 4.72 23.40 -65.09
N GLY J 319 4.78 23.70 -63.79
CA GLY J 319 3.72 24.43 -63.13
C GLY J 319 3.45 25.74 -63.84
N CYS J 320 4.52 26.47 -64.14
CA CYS J 320 4.43 27.72 -64.89
C CYS J 320 3.86 27.47 -66.28
N ALA J 321 4.33 26.42 -66.94
CA ALA J 321 3.86 26.06 -68.27
C ALA J 321 2.39 25.71 -68.25
N ALA J 322 1.97 24.99 -67.21
CA ALA J 322 0.57 24.60 -67.05
C ALA J 322 -0.32 25.84 -66.91
N VAL J 323 0.16 26.81 -66.15
CA VAL J 323 -0.58 28.06 -65.94
C VAL J 323 -0.72 28.83 -67.25
N LEU J 324 0.36 28.89 -68.03
CA LEU J 324 0.34 29.57 -69.31
C LEU J 324 -0.56 28.84 -70.31
N GLY J 325 -0.57 27.51 -70.22
CA GLY J 325 -1.46 26.71 -71.05
C GLY J 325 -2.91 27.00 -70.74
N CYS J 326 -3.21 27.15 -69.45
CA CYS J 326 -4.56 27.51 -69.02
C CYS J 326 -4.95 28.88 -69.56
N ALA J 327 -3.99 29.80 -69.56
CA ALA J 327 -4.22 31.16 -70.06
C ALA J 327 -4.63 31.13 -71.52
N TYR J 328 -4.05 30.22 -72.29
CA TYR J 328 -4.46 30.06 -73.68
C TYR J 328 -5.90 29.60 -73.78
N CYS J 329 -6.22 28.54 -73.03
CA CYS J 329 -7.56 27.96 -73.04
C CYS J 329 -8.60 28.97 -72.58
N VAL J 330 -8.28 29.71 -71.51
CA VAL J 330 -9.21 30.69 -70.97
C VAL J 330 -9.37 31.89 -71.90
N GLY J 331 -8.26 32.41 -72.40
CA GLY J 331 -8.27 33.55 -73.28
C GLY J 331 -8.95 33.26 -74.61
N THR J 332 -9.08 31.98 -74.94
CA THR J 332 -9.70 31.55 -76.19
C THR J 332 -11.19 31.29 -75.99
N LEU J 333 -11.54 30.67 -74.86
CA LEU J 333 -12.94 30.32 -74.59
C LEU J 333 -13.70 31.49 -74.01
N LYS J 334 -12.98 32.47 -73.46
CA LYS J 334 -13.56 33.71 -72.95
C LYS J 334 -14.73 33.48 -71.99
N PRO J 335 -14.43 33.06 -70.76
CA PRO J 335 -15.48 32.77 -69.77
C PRO J 335 -16.18 34.02 -69.21
N GLU J 336 -17.34 33.79 -68.63
CA GLU J 336 -18.21 34.85 -68.10
C GLU J 336 -17.84 35.25 -66.67
N ASN J 337 -18.08 36.52 -66.35
CA ASN J 337 -18.13 36.99 -64.96
C ASN J 337 -16.95 36.58 -64.08
N VAL J 338 -15.75 36.54 -64.67
CA VAL J 338 -14.59 36.06 -63.94
C VAL J 338 -13.32 36.85 -64.25
N GLU J 339 -12.53 37.10 -63.22
CA GLU J 339 -11.23 37.74 -63.39
C GLU J 339 -10.14 36.80 -62.91
N ILE J 340 -9.17 36.52 -63.78
CA ILE J 340 -8.11 35.56 -63.48
C ILE J 340 -6.72 36.17 -63.59
N HIS J 341 -5.87 35.85 -62.62
CA HIS J 341 -4.47 36.27 -62.66
C HIS J 341 -3.57 35.05 -62.85
N PHE J 342 -2.67 35.14 -63.84
CA PHE J 342 -1.76 34.04 -64.15
C PHE J 342 -0.34 34.40 -63.72
N LEU J 343 0.09 33.83 -62.60
CA LEU J 343 1.33 34.26 -61.95
C LEU J 343 2.43 33.20 -61.97
N SER J 344 3.67 33.66 -62.17
CA SER J 344 4.83 32.78 -62.04
C SER J 344 6.10 33.56 -61.71
N ALA J 345 6.71 33.20 -60.58
CA ALA J 345 8.03 33.73 -60.22
C ALA J 345 9.10 32.92 -60.94
N VAL J 346 9.47 33.36 -62.13
CA VAL J 346 10.39 32.60 -62.97
C VAL J 346 11.86 32.94 -62.69
N CYS J 347 12.66 31.92 -62.43
CA CYS J 347 14.10 32.10 -62.24
C CYS J 347 14.85 30.78 -62.49
N GLU J 348 16.15 30.79 -62.22
CA GLU J 348 16.99 29.64 -62.50
C GLU J 348 17.91 29.36 -61.32
N ASN J 349 17.87 28.14 -60.80
CA ASN J 349 18.66 27.77 -59.63
C ASN J 349 19.99 27.14 -60.03
N MET J 350 21.07 27.90 -59.90
CA MET J 350 22.38 27.47 -60.41
C MET J 350 23.49 27.59 -59.38
N VAL J 351 24.63 26.97 -59.68
CA VAL J 351 25.81 27.05 -58.85
C VAL J 351 26.75 28.13 -59.35
N SER J 352 27.01 29.12 -58.49
CA SER J 352 27.87 30.24 -58.85
C SER J 352 28.59 30.77 -57.62
N LYS J 353 29.48 31.73 -57.83
CA LYS J 353 30.08 32.45 -56.72
C LYS J 353 29.03 33.39 -56.14
N ASN J 354 27.96 33.60 -56.92
CA ASN J 354 26.88 34.50 -56.55
C ASN J 354 25.63 33.79 -56.03
N SER J 355 25.65 32.46 -56.01
CA SER J 355 24.50 31.68 -55.56
C SER J 355 24.27 31.81 -54.05
N TYR J 356 23.05 31.55 -53.60
CA TYR J 356 22.77 31.58 -52.16
C TYR J 356 23.29 30.30 -51.53
N ARG J 357 23.65 30.38 -50.25
CA ARG J 357 24.29 29.27 -49.57
C ARG J 357 23.35 28.56 -48.61
N PRO J 358 23.60 27.27 -48.38
CA PRO J 358 22.91 26.56 -47.30
C PRO J 358 23.20 27.22 -45.95
N GLY J 359 22.15 27.51 -45.18
CA GLY J 359 22.32 28.18 -43.92
C GLY J 359 21.93 29.64 -43.99
N ASP J 360 21.93 30.19 -45.20
CA ASP J 360 21.53 31.58 -45.43
C ASP J 360 20.14 31.84 -44.87
N ILE J 361 19.99 33.02 -44.26
CA ILE J 361 18.70 33.42 -43.73
C ILE J 361 18.20 34.63 -44.51
N ILE J 362 17.04 34.47 -45.14
CA ILE J 362 16.52 35.47 -46.05
C ILE J 362 15.13 35.95 -45.64
N THR J 363 14.71 37.08 -46.17
CA THR J 363 13.44 37.69 -45.77
C THR J 363 12.45 37.76 -46.93
N ALA J 364 11.33 37.07 -46.78
CA ALA J 364 10.28 37.10 -47.79
C ALA J 364 9.57 38.45 -47.79
N SER J 365 8.69 38.65 -48.76
CA SER J 365 8.06 39.95 -48.96
C SER J 365 7.03 40.30 -47.89
N ASN J 366 6.67 39.32 -47.06
CA ASN J 366 5.75 39.58 -45.96
C ASN J 366 6.49 39.81 -44.65
N GLY J 367 7.81 39.79 -44.71
CA GLY J 367 8.63 40.04 -43.54
C GLY J 367 9.10 38.77 -42.84
N LYS J 368 8.45 37.66 -43.14
CA LYS J 368 8.81 36.37 -42.55
C LYS J 368 10.24 35.97 -42.91
N THR J 369 11.01 35.64 -41.88
CA THR J 369 12.42 35.31 -42.04
C THR J 369 12.60 33.79 -42.18
N ILE J 370 13.39 33.40 -43.17
CA ILE J 370 13.51 31.98 -43.54
C ILE J 370 14.95 31.47 -43.49
N GLU J 371 15.17 30.35 -42.81
CA GLU J 371 16.49 29.73 -42.75
C GLU J 371 16.62 28.61 -43.77
N VAL J 372 17.51 28.80 -44.74
CA VAL J 372 17.70 27.81 -45.80
C VAL J 372 18.54 26.63 -45.34
N GLY J 373 17.93 25.45 -45.31
CA GLY J 373 18.64 24.24 -44.91
C GLY J 373 19.07 23.41 -46.11
N ASN J 374 18.51 23.73 -47.27
CA ASN J 374 18.81 23.01 -48.50
C ASN J 374 18.46 23.83 -49.73
N THR J 375 19.46 24.17 -50.53
CA THR J 375 19.27 25.04 -51.68
C THR J 375 18.44 24.37 -52.78
N ASP J 376 18.29 23.05 -52.68
CA ASP J 376 17.55 22.28 -53.67
C ASP J 376 16.05 22.29 -53.37
N ALA J 377 15.67 22.98 -52.30
CA ALA J 377 14.27 23.20 -51.98
C ALA J 377 13.87 24.62 -52.34
N GLU J 378 14.21 25.03 -53.55
CA GLU J 378 14.07 26.42 -53.97
C GLU J 378 12.67 26.76 -54.45
N GLY J 379 11.92 25.73 -54.87
CA GLY J 379 10.59 25.95 -55.40
C GLY J 379 9.65 26.63 -54.42
N ARG J 380 9.67 26.15 -53.18
CA ARG J 380 8.81 26.71 -52.15
C ARG J 380 9.24 28.15 -51.81
N LEU J 381 10.51 28.44 -52.03
CA LEU J 381 11.04 29.77 -51.75
C LEU J 381 10.51 30.77 -52.76
N THR J 382 10.46 30.35 -54.02
CA THR J 382 9.93 31.20 -55.09
C THR J 382 8.43 31.38 -54.94
N LEU J 383 7.73 30.29 -54.61
CA LEU J 383 6.29 30.32 -54.47
C LEU J 383 5.84 31.16 -53.28
N ALA J 384 6.67 31.21 -52.24
CA ALA J 384 6.35 31.96 -51.02
C ALA J 384 6.04 33.42 -51.34
N ASP J 385 6.96 34.07 -52.05
CA ASP J 385 6.76 35.45 -52.45
C ASP J 385 5.63 35.59 -53.47
N ALA J 386 5.48 34.57 -54.32
CA ALA J 386 4.43 34.55 -55.32
C ALA J 386 3.05 34.50 -54.66
N LEU J 387 2.93 33.67 -53.63
CA LEU J 387 1.69 33.56 -52.87
C LEU J 387 1.35 34.86 -52.15
N VAL J 388 2.38 35.56 -51.68
CA VAL J 388 2.19 36.85 -51.03
C VAL J 388 1.70 37.89 -52.04
N TYR J 389 2.28 37.86 -53.23
CA TYR J 389 1.88 38.73 -54.31
C TYR J 389 0.41 38.51 -54.67
N ALA J 390 0.03 37.24 -54.81
CA ALA J 390 -1.32 36.86 -55.22
C ALA J 390 -2.39 37.31 -54.23
N GLU J 391 -2.11 37.17 -52.93
CA GLU J 391 -3.10 37.50 -51.92
C GLU J 391 -3.30 39.00 -51.80
N LYS J 392 -2.28 39.76 -52.20
CA LYS J 392 -2.40 41.22 -52.20
C LYS J 392 -3.35 41.70 -53.30
N LEU J 393 -3.55 40.88 -54.32
CA LEU J 393 -4.47 41.21 -55.40
C LEU J 393 -5.93 41.13 -54.95
N GLY J 394 -6.15 40.48 -53.81
CA GLY J 394 -7.49 40.37 -53.25
C GLY J 394 -8.40 39.47 -54.06
N VAL J 395 -8.01 38.20 -54.18
CA VAL J 395 -8.78 37.23 -54.94
C VAL J 395 -9.56 36.31 -54.01
N ASP J 396 -10.46 35.51 -54.59
CA ASP J 396 -11.26 34.57 -53.82
C ASP J 396 -10.53 33.25 -53.65
N TYR J 397 -9.86 32.81 -54.71
CA TYR J 397 -9.16 31.53 -54.71
C TYR J 397 -7.71 31.67 -55.17
N ILE J 398 -6.79 31.09 -54.42
CA ILE J 398 -5.39 31.00 -54.85
C ILE J 398 -5.03 29.53 -55.03
N VAL J 399 -4.74 29.15 -56.26
CA VAL J 399 -4.34 27.77 -56.55
C VAL J 399 -2.97 27.71 -57.20
N ASP J 400 -2.01 27.08 -56.51
CA ASP J 400 -0.67 26.96 -57.07
C ASP J 400 -0.43 25.57 -57.61
N ILE J 401 0.39 25.49 -58.65
CA ILE J 401 0.74 24.20 -59.26
C ILE J 401 2.25 24.14 -59.44
N ALA J 402 2.86 23.04 -59.02
CA ALA J 402 4.32 22.99 -58.92
C ALA J 402 4.89 21.57 -58.96
N THR J 403 6.02 21.42 -59.63
CA THR J 403 6.83 20.21 -59.51
C THR J 403 7.68 20.34 -58.25
N LEU J 404 7.04 20.15 -57.10
CA LEU J 404 7.61 20.57 -55.83
C LEU J 404 8.47 19.51 -55.13
N THR J 405 7.92 18.33 -54.90
CA THR J 405 8.62 17.31 -54.12
C THR J 405 8.71 15.96 -54.81
N GLY J 406 9.90 15.37 -54.79
CA GLY J 406 10.13 14.07 -55.40
C GLY J 406 9.48 12.94 -54.63
N ALA J 407 9.14 13.20 -53.37
CA ALA J 407 8.50 12.20 -52.52
C ALA J 407 7.13 11.81 -53.06
N MET J 408 6.59 12.63 -53.97
CA MET J 408 5.32 12.33 -54.62
C MET J 408 5.42 11.03 -55.43
N LEU J 409 6.62 10.69 -55.85
CA LEU J 409 6.87 9.45 -56.57
C LEU J 409 6.74 8.24 -55.65
N TYR J 410 6.92 8.47 -54.35
CA TYR J 410 6.80 7.39 -53.37
C TYR J 410 5.42 7.32 -52.76
N SER J 411 4.62 8.37 -52.97
CA SER J 411 3.25 8.39 -52.46
C SER J 411 2.25 8.02 -53.55
N LEU J 412 2.03 8.93 -54.50
CA LEU J 412 1.00 8.72 -55.52
C LEU J 412 1.57 8.19 -56.85
N GLY J 413 2.87 8.39 -57.07
CA GLY J 413 3.51 7.86 -58.25
C GLY J 413 3.47 8.77 -59.46
N THR J 414 3.28 8.18 -60.64
CA THR J 414 3.40 8.90 -61.90
C THR J 414 2.06 9.29 -62.52
N SER J 415 0.97 8.79 -61.96
CA SER J 415 -0.34 8.99 -62.58
C SER J 415 -1.20 10.02 -61.84
N TYR J 416 -1.20 9.96 -60.52
CA TYR J 416 -2.03 10.85 -59.72
C TYR J 416 -1.22 11.99 -59.10
N ALA J 417 -1.66 13.22 -59.34
CA ALA J 417 -1.07 14.38 -58.68
C ALA J 417 -1.71 14.56 -57.31
N GLY J 418 -1.00 15.22 -56.40
CA GLY J 418 -1.51 15.44 -55.07
C GLY J 418 -1.98 16.87 -54.86
N VAL J 419 -3.08 17.03 -54.11
CA VAL J 419 -3.57 18.36 -53.80
C VAL J 419 -3.67 18.59 -52.29
N PHE J 420 -3.17 19.74 -51.86
CA PHE J 420 -3.25 20.15 -50.46
C PHE J 420 -3.97 21.50 -50.39
N GLY J 421 -4.30 21.94 -49.19
CA GLY J 421 -4.94 23.23 -49.04
C GLY J 421 -5.47 23.57 -47.66
N ASN J 422 -5.85 24.83 -47.48
CA ASN J 422 -6.41 25.30 -46.22
C ASN J 422 -7.93 25.41 -46.24
N ASN J 423 -8.52 25.16 -47.41
CA ASN J 423 -9.95 25.33 -47.60
C ASN J 423 -10.60 24.11 -48.24
N GLU J 424 -11.52 23.48 -47.52
CA GLU J 424 -12.15 22.25 -47.96
C GLU J 424 -12.98 22.41 -49.24
N GLU J 425 -13.67 23.54 -49.35
CA GLU J 425 -14.52 23.79 -50.50
C GLU J 425 -13.70 23.91 -51.78
N LEU J 426 -12.59 24.65 -51.70
CA LEU J 426 -11.72 24.83 -52.84
C LEU J 426 -11.09 23.50 -53.27
N ILE J 427 -10.75 22.67 -52.28
CA ILE J 427 -10.18 21.36 -52.56
C ILE J 427 -11.16 20.48 -53.33
N ASN J 428 -12.41 20.48 -52.89
CA ASN J 428 -13.46 19.71 -53.57
C ASN J 428 -13.70 20.23 -54.97
N LYS J 429 -13.57 21.54 -55.14
CA LYS J 429 -13.72 22.14 -56.47
C LYS J 429 -12.60 21.69 -57.39
N ILE J 430 -11.41 21.49 -56.84
CA ILE J 430 -10.28 20.97 -57.61
C ILE J 430 -10.51 19.50 -57.96
N LEU J 431 -11.02 18.74 -56.99
CA LEU J 431 -11.27 17.32 -57.20
C LEU J 431 -12.35 17.08 -58.25
N GLN J 432 -13.33 17.98 -58.32
CA GLN J 432 -14.37 17.88 -59.34
C GLN J 432 -13.81 18.26 -60.70
N SER J 433 -12.87 19.19 -60.70
CA SER J 433 -12.19 19.58 -61.92
C SER J 433 -11.29 18.47 -62.42
N SER J 434 -10.83 17.62 -61.50
CA SER J 434 -10.01 16.48 -61.84
C SER J 434 -10.83 15.39 -62.51
N LYS J 435 -12.10 15.30 -62.12
CA LYS J 435 -12.98 14.28 -62.66
C LYS J 435 -13.45 14.64 -64.07
N THR J 436 -13.66 15.93 -64.31
CA THR J 436 -14.17 16.38 -65.60
C THR J 436 -13.06 16.61 -66.62
N SER J 437 -11.86 16.96 -66.15
CA SER J 437 -10.71 17.13 -67.03
C SER J 437 -10.00 15.80 -67.26
N ASN J 438 -10.33 14.82 -66.43
CA ASN J 438 -9.72 13.49 -66.47
C ASN J 438 -8.21 13.51 -66.24
N GLU J 439 -7.73 14.54 -65.57
CA GLU J 439 -6.36 14.54 -65.07
C GLU J 439 -6.40 14.24 -63.57
N PRO J 440 -6.13 12.97 -63.21
CA PRO J 440 -6.36 12.44 -61.86
C PRO J 440 -5.57 13.16 -60.78
N VAL J 441 -6.28 13.54 -59.71
CA VAL J 441 -5.68 14.21 -58.57
C VAL J 441 -6.25 13.62 -57.28
N TRP J 442 -5.40 13.42 -56.27
CA TRP J 442 -5.86 12.90 -54.98
C TRP J 442 -5.55 13.86 -53.84
N TRP J 443 -6.49 13.99 -52.91
CA TRP J 443 -6.37 14.91 -51.78
C TRP J 443 -5.49 14.32 -50.68
N LEU J 444 -4.43 15.04 -50.33
CA LEU J 444 -3.54 14.63 -49.25
C LEU J 444 -3.58 15.65 -48.11
N PRO J 445 -3.34 15.20 -46.87
CA PRO J 445 -3.53 16.05 -45.70
C PRO J 445 -2.37 17.00 -45.40
N ILE J 446 -2.70 18.16 -44.83
CA ILE J 446 -1.70 19.05 -44.26
C ILE J 446 -1.69 18.81 -42.75
N ILE J 447 -0.89 17.85 -42.32
CA ILE J 447 -0.87 17.43 -40.92
C ILE J 447 -0.15 18.46 -40.05
N ASN J 448 -0.93 19.17 -39.23
CA ASN J 448 -0.42 20.29 -38.45
C ASN J 448 0.59 19.93 -37.37
N GLU J 449 0.59 18.67 -36.95
CA GLU J 449 1.52 18.25 -35.90
C GLU J 449 2.97 18.35 -36.38
N TYR J 450 3.15 18.29 -37.70
CA TYR J 450 4.48 18.36 -38.28
C TYR J 450 5.00 19.80 -38.33
N ARG J 451 4.12 20.78 -38.14
CA ARG J 451 4.47 22.19 -38.28
C ARG J 451 5.67 22.61 -37.44
N ALA J 452 5.76 22.06 -36.22
CA ALA J 452 6.81 22.45 -35.29
C ALA J 452 8.20 22.07 -35.76
N THR J 453 8.29 21.19 -36.76
CA THR J 453 9.58 20.82 -37.31
C THR J 453 10.14 21.96 -38.14
N LEU J 454 9.28 22.92 -38.48
CA LEU J 454 9.68 24.07 -39.26
C LEU J 454 10.08 25.24 -38.36
N ASN J 455 10.06 25.01 -37.06
CA ASN J 455 10.48 26.02 -36.10
C ASN J 455 12.00 26.19 -36.12
N SER J 456 12.45 27.37 -36.55
CA SER J 456 13.88 27.66 -36.63
C SER J 456 14.39 28.22 -35.30
N LYS J 457 15.68 28.05 -35.05
CA LYS J 457 16.29 28.55 -33.83
C LYS J 457 16.62 30.03 -33.97
N TYR J 458 16.84 30.47 -35.20
CA TYR J 458 17.27 31.84 -35.46
C TYR J 458 16.30 32.59 -36.38
N ALA J 459 15.69 31.86 -37.31
CA ALA J 459 14.76 32.45 -38.26
C ALA J 459 13.33 32.36 -37.75
N ASP J 460 12.41 33.03 -38.44
CA ASP J 460 10.99 32.91 -38.13
C ASP J 460 10.53 31.50 -38.41
N ILE J 461 11.10 30.91 -39.44
CA ILE J 461 10.71 29.57 -39.87
C ILE J 461 11.85 28.90 -40.64
N ASN J 462 11.90 27.57 -40.58
CA ASN J 462 12.78 26.80 -41.43
C ASN J 462 12.16 26.60 -42.80
N GLN J 463 13.00 26.34 -43.78
CA GLN J 463 12.54 26.03 -45.13
C GLN J 463 12.22 24.55 -45.26
N ILE J 464 13.06 23.72 -44.66
CA ILE J 464 12.82 22.27 -44.67
C ILE J 464 12.89 21.66 -43.29
N SER J 465 12.43 20.42 -43.19
CA SER J 465 12.52 19.65 -41.96
C SER J 465 13.85 18.90 -41.92
N SER J 466 14.43 18.79 -40.73
CA SER J 466 15.60 17.96 -40.55
C SER J 466 15.14 16.53 -40.29
N SER J 467 14.10 16.41 -39.47
CA SER J 467 13.57 15.10 -39.09
C SER J 467 12.59 14.54 -40.12
N VAL J 468 11.34 14.98 -40.04
CA VAL J 468 10.22 14.41 -40.80
C VAL J 468 10.49 14.18 -42.28
N LYS J 469 10.20 12.97 -42.75
CA LYS J 469 10.50 12.57 -44.11
C LYS J 469 9.32 12.80 -45.05
N ALA J 470 8.20 13.23 -44.49
CA ALA J 470 7.01 13.52 -45.30
C ALA J 470 7.15 14.87 -45.99
N SER J 471 8.09 14.95 -46.93
CA SER J 471 8.47 16.19 -47.59
C SER J 471 7.29 16.97 -48.16
N SER J 472 6.39 16.26 -48.81
CA SER J 472 5.27 16.88 -49.51
C SER J 472 4.34 17.63 -48.55
N ILE J 473 4.15 17.06 -47.37
CA ILE J 473 3.31 17.69 -46.35
C ILE J 473 4.03 18.87 -45.73
N VAL J 474 5.31 18.69 -45.44
CA VAL J 474 6.13 19.74 -44.84
C VAL J 474 6.22 20.95 -45.77
N ALA J 475 6.37 20.69 -47.06
CA ALA J 475 6.41 21.76 -48.06
C ALA J 475 5.09 22.51 -48.08
N SER J 476 3.99 21.78 -47.93
CA SER J 476 2.66 22.37 -47.87
C SER J 476 2.53 23.27 -46.65
N LEU J 477 3.00 22.76 -45.50
CA LEU J 477 3.01 23.53 -44.26
C LEU J 477 3.79 24.82 -44.40
N PHE J 478 4.86 24.78 -45.19
CA PHE J 478 5.67 25.96 -45.43
C PHE J 478 4.93 26.99 -46.27
N LEU J 479 4.36 26.55 -47.38
CA LEU J 479 3.62 27.43 -48.28
C LEU J 479 2.43 28.08 -47.56
N LYS J 480 1.78 27.30 -46.70
CA LYS J 480 0.58 27.74 -46.00
C LYS J 480 0.87 28.93 -45.08
N GLU J 481 2.12 29.07 -44.67
CA GLU J 481 2.53 30.20 -43.84
C GLU J 481 2.49 31.53 -44.60
N PHE J 482 2.38 31.46 -45.92
CA PHE J 482 2.44 32.65 -46.75
C PHE J 482 1.10 32.99 -47.39
N VAL J 483 0.05 32.34 -46.92
CA VAL J 483 -1.32 32.71 -47.26
C VAL J 483 -2.11 32.86 -45.97
N GLN J 484 -2.52 34.08 -45.65
CA GLN J 484 -3.13 34.38 -44.36
C GLN J 484 -4.64 34.20 -44.32
N ASN J 485 -5.33 34.75 -45.32
CA ASN J 485 -6.78 34.85 -45.25
C ASN J 485 -7.48 34.60 -46.59
N THR J 486 -7.06 33.56 -47.30
CA THR J 486 -7.64 33.25 -48.60
C THR J 486 -7.74 31.74 -48.81
N ALA J 487 -8.83 31.30 -49.44
CA ALA J 487 -8.94 29.91 -49.86
C ALA J 487 -7.78 29.57 -50.78
N TRP J 488 -7.01 28.56 -50.41
CA TRP J 488 -5.78 28.23 -51.11
C TRP J 488 -5.60 26.73 -51.31
N ALA J 489 -5.26 26.33 -52.53
CA ALA J 489 -4.99 24.94 -52.84
C ALA J 489 -3.62 24.80 -53.52
N HIS J 490 -2.98 23.67 -53.30
CA HIS J 490 -1.63 23.43 -53.80
C HIS J 490 -1.54 22.07 -54.51
N ILE J 491 -1.14 22.10 -55.78
CA ILE J 491 -1.08 20.88 -56.57
C ILE J 491 0.36 20.47 -56.89
N ASP J 492 0.78 19.33 -56.36
CA ASP J 492 2.14 18.84 -56.54
C ASP J 492 2.20 17.85 -57.72
N ILE J 493 2.73 18.32 -58.85
CA ILE J 493 2.78 17.51 -60.06
C ILE J 493 4.18 17.02 -60.37
N ALA J 494 5.03 16.97 -59.35
CA ALA J 494 6.43 16.58 -59.52
C ALA J 494 6.57 15.17 -60.07
N GLY J 495 5.62 14.29 -59.75
CA GLY J 495 5.69 12.91 -60.16
C GLY J 495 4.94 12.59 -61.44
N VAL J 496 3.98 13.44 -61.80
CA VAL J 496 3.08 13.12 -62.90
C VAL J 496 3.33 13.88 -64.20
N SER J 497 4.14 14.93 -64.14
CA SER J 497 4.18 15.87 -65.26
C SER J 497 5.16 15.49 -66.38
N TRP J 498 6.07 14.56 -66.11
CA TRP J 498 6.93 14.05 -67.18
C TRP J 498 6.64 12.58 -67.45
N ASN J 499 6.41 12.25 -68.71
CA ASN J 499 6.15 10.87 -69.12
C ASN J 499 7.48 10.14 -69.37
N PHE J 500 7.95 9.43 -68.36
CA PHE J 500 9.27 8.78 -68.41
C PHE J 500 9.36 7.70 -69.46
N LYS J 501 8.27 6.96 -69.67
CA LYS J 501 8.25 5.90 -70.65
C LYS J 501 8.31 6.45 -72.07
N ALA J 502 7.56 7.52 -72.32
CA ALA J 502 7.46 8.10 -73.66
C ALA J 502 8.49 9.20 -73.90
N ARG J 503 9.24 9.53 -72.84
CA ARG J 503 10.31 10.52 -72.92
C ARG J 503 9.82 11.90 -73.39
N LYS J 504 8.71 12.37 -72.82
CA LYS J 504 8.14 13.66 -73.20
C LYS J 504 7.21 14.17 -72.11
N PRO J 505 6.89 15.48 -72.13
CA PRO J 505 5.97 16.02 -71.12
C PRO J 505 4.55 15.50 -71.28
N LYS J 506 3.70 15.75 -70.29
CA LYS J 506 2.29 15.43 -70.38
C LYS J 506 1.45 16.69 -70.59
N GLY J 507 2.02 17.83 -70.23
CA GLY J 507 1.27 19.07 -70.24
C GLY J 507 0.26 19.06 -69.11
N PHE J 508 0.58 18.31 -68.06
CA PHE J 508 -0.34 18.07 -66.95
C PHE J 508 -0.68 19.35 -66.20
N GLY J 509 -1.97 19.66 -66.14
CA GLY J 509 -2.42 20.80 -65.36
C GLY J 509 -3.30 21.77 -66.15
N VAL J 510 -3.02 21.90 -67.44
CA VAL J 510 -3.76 22.83 -68.28
C VAL J 510 -5.25 22.57 -68.27
N ARG J 511 -5.63 21.33 -68.55
CA ARG J 511 -7.04 20.96 -68.66
C ARG J 511 -7.69 20.93 -67.27
N LEU J 512 -6.91 20.54 -66.27
CA LEU J 512 -7.37 20.57 -64.88
C LEU J 512 -7.79 21.98 -64.45
N LEU J 513 -6.85 22.91 -64.56
CA LEU J 513 -7.08 24.29 -64.12
C LEU J 513 -8.18 25.01 -64.89
N THR J 514 -8.29 24.72 -66.19
CA THR J 514 -9.27 25.39 -67.04
C THR J 514 -10.69 24.99 -66.67
N GLU J 515 -10.89 23.71 -66.39
CA GLU J 515 -12.20 23.22 -65.94
C GLU J 515 -12.58 23.87 -64.61
N PHE J 516 -11.58 24.07 -63.75
CA PHE J 516 -11.78 24.77 -62.49
C PHE J 516 -12.30 26.18 -62.73
N VAL J 517 -11.66 26.88 -63.66
CA VAL J 517 -12.08 28.21 -64.06
C VAL J 517 -13.47 28.23 -64.67
N LEU J 518 -13.70 27.36 -65.63
CA LEU J 518 -14.92 27.36 -66.44
C LEU J 518 -16.16 26.91 -65.68
N ASN J 519 -16.05 25.80 -64.95
CA ASN J 519 -17.22 25.19 -64.32
C ASN J 519 -17.41 25.59 -62.85
N ASP J 520 -16.84 26.73 -62.46
CA ASP J 520 -17.00 27.23 -61.10
C ASP J 520 -17.12 28.75 -61.07
N SER K 3 36.20 47.55 -47.69
CA SER K 3 35.38 47.68 -46.50
C SER K 3 33.89 47.69 -46.84
N GLU K 4 33.59 48.02 -48.09
CA GLU K 4 32.21 48.00 -48.57
C GLU K 4 31.84 46.60 -49.05
N VAL K 5 30.80 46.03 -48.44
CA VAL K 5 30.38 44.67 -48.77
C VAL K 5 29.63 44.61 -50.09
N PRO K 6 30.14 43.80 -51.03
CA PRO K 6 29.51 43.64 -52.35
C PRO K 6 28.18 42.91 -52.28
N GLN K 7 27.22 43.32 -53.10
CA GLN K 7 25.91 42.70 -53.13
C GLN K 7 25.57 42.13 -54.51
N VAL K 8 24.80 41.05 -54.54
CA VAL K 8 24.25 40.54 -55.79
C VAL K 8 22.92 41.21 -56.06
N VAL K 9 22.14 41.38 -55.01
CA VAL K 9 20.88 42.13 -55.07
C VAL K 9 20.83 43.10 -53.89
N SER K 10 20.00 44.13 -53.99
CA SER K 10 19.97 45.20 -53.00
C SER K 10 19.47 44.72 -51.63
N LEU K 11 18.84 43.54 -51.60
CA LEU K 11 18.32 42.99 -50.36
C LEU K 11 19.41 42.24 -49.59
N ASP K 12 20.56 42.05 -50.21
CA ASP K 12 21.68 41.37 -49.56
C ASP K 12 22.22 42.18 -48.40
N PRO K 13 22.40 41.53 -47.23
CA PRO K 13 22.92 42.18 -46.02
C PRO K 13 24.33 42.71 -46.24
N THR K 14 24.65 43.86 -45.64
CA THR K 14 25.95 44.47 -45.82
C THR K 14 26.72 44.57 -44.50
N SER K 15 26.18 43.96 -43.45
CA SER K 15 26.85 43.93 -42.16
C SER K 15 26.27 42.84 -41.27
N ILE K 16 27.06 42.41 -40.29
CA ILE K 16 26.59 41.46 -39.29
C ILE K 16 25.96 42.18 -38.10
N PRO K 17 24.69 41.89 -37.80
CA PRO K 17 24.08 42.47 -36.61
C PRO K 17 24.75 41.93 -35.35
N ILE K 18 25.11 42.83 -34.44
CA ILE K 18 25.75 42.45 -33.18
C ILE K 18 25.06 43.10 -32.00
N GLU K 19 24.64 42.28 -31.04
CA GLU K 19 24.12 42.79 -29.78
C GLU K 19 25.27 42.89 -28.77
N TYR K 20 25.52 44.10 -28.29
CA TYR K 20 26.58 44.31 -27.31
C TYR K 20 26.02 44.39 -25.89
N ASN K 21 24.94 45.14 -25.73
CA ASN K 21 24.28 45.26 -24.43
C ASN K 21 23.19 44.22 -24.25
N THR K 22 23.54 43.10 -23.62
CA THR K 22 22.60 42.01 -23.40
C THR K 22 21.91 42.16 -22.05
N PRO K 23 20.70 41.59 -21.91
CA PRO K 23 19.97 41.59 -20.64
C PRO K 23 20.79 41.02 -19.48
N ILE K 24 21.74 40.14 -19.80
CA ILE K 24 22.63 39.56 -18.82
C ILE K 24 23.40 40.65 -18.06
N HIS K 25 23.75 41.72 -18.78
CA HIS K 25 24.51 42.83 -18.20
C HIS K 25 23.69 43.62 -17.18
N ASP K 26 22.38 43.53 -17.27
CA ASP K 26 21.50 44.28 -16.37
C ASP K 26 21.18 43.51 -15.09
N ILE K 27 21.77 42.32 -14.96
CA ILE K 27 21.53 41.48 -13.80
C ILE K 27 22.47 41.83 -12.64
N LYS K 28 21.88 42.24 -11.52
CA LYS K 28 22.66 42.50 -10.32
C LYS K 28 22.88 41.20 -9.55
N VAL K 29 24.14 40.84 -9.36
CA VAL K 29 24.50 39.60 -8.69
C VAL K 29 25.03 39.84 -7.28
N GLN K 30 24.48 39.10 -6.31
CA GLN K 30 24.97 39.18 -4.94
C GLN K 30 25.22 37.79 -4.36
N VAL K 31 26.35 37.63 -3.68
CA VAL K 31 26.77 36.35 -3.14
C VAL K 31 26.70 36.38 -1.61
N TYR K 32 25.95 35.44 -1.03
CA TYR K 32 25.84 35.36 0.42
C TYR K 32 26.44 34.06 0.95
N ASP K 33 26.80 34.08 2.23
CA ASP K 33 27.25 32.87 2.90
C ASP K 33 26.05 32.12 3.46
N ILE K 34 26.03 30.81 3.30
CA ILE K 34 24.92 29.99 3.78
C ILE K 34 24.81 30.09 5.30
N LYS K 35 25.95 30.21 5.95
CA LYS K 35 25.98 30.43 7.40
C LYS K 35 25.30 31.76 7.73
N GLY K 36 24.18 31.67 8.44
CA GLY K 36 23.37 32.83 8.74
C GLY K 36 21.93 32.59 8.32
N GLY K 37 21.73 31.55 7.52
CA GLY K 37 20.41 31.20 7.04
C GLY K 37 20.07 31.89 5.74
N CYS K 38 19.17 31.28 4.97
CA CYS K 38 18.75 31.85 3.69
C CYS K 38 17.44 32.62 3.84
N ASN K 39 17.31 33.70 3.09
CA ASN K 39 16.06 34.45 3.05
C ASN K 39 15.27 34.19 1.77
N VAL K 40 13.99 33.86 1.94
CA VAL K 40 13.10 33.63 0.81
C VAL K 40 11.97 34.66 0.81
N GLU K 41 12.12 35.70 -0.01
CA GLU K 41 11.17 36.81 -0.03
C GLU K 41 10.56 37.06 -1.41
N GLU K 42 11.40 37.12 -2.44
CA GLU K 42 10.92 37.37 -3.79
C GLU K 42 11.44 36.32 -4.76
N GLY K 43 10.84 36.27 -5.94
CA GLY K 43 11.32 35.44 -7.03
C GLY K 43 11.40 33.95 -6.75
N LEU K 44 12.34 33.29 -7.42
CA LEU K 44 12.49 31.85 -7.35
C LEU K 44 13.77 31.43 -6.66
N THR K 45 13.65 30.51 -5.71
CA THR K 45 14.80 29.97 -5.00
C THR K 45 15.02 28.50 -5.36
N ILE K 46 16.23 28.19 -5.79
CA ILE K 46 16.58 26.83 -6.15
C ILE K 46 17.75 26.32 -5.30
N PHE K 47 17.54 25.18 -4.65
CA PHE K 47 18.61 24.51 -3.93
C PHE K 47 19.28 23.50 -4.84
N LEU K 48 20.61 23.52 -4.90
CA LEU K 48 21.34 22.52 -5.67
C LEU K 48 21.72 21.37 -4.76
N VAL K 49 21.11 20.21 -5.00
CA VAL K 49 21.16 19.10 -4.05
C VAL K 49 21.69 17.79 -4.65
N ASN K 50 22.57 17.13 -3.92
CA ASN K 50 23.01 15.78 -4.29
C ASN K 50 22.69 14.76 -3.18
N ASN K 51 23.18 13.54 -3.35
CA ASN K 51 23.04 12.51 -2.32
C ASN K 51 24.13 11.46 -2.48
N PRO K 52 25.31 11.73 -1.90
CA PRO K 52 26.46 10.80 -1.97
C PRO K 52 26.15 9.45 -1.35
N LYS K 54 21.49 6.80 -1.80
CA LYS K 54 22.61 6.92 -2.72
C LYS K 54 22.15 7.30 -4.12
N GLU K 55 22.41 6.43 -5.09
CA GLU K 55 22.06 6.67 -6.50
C GLU K 55 20.58 6.93 -6.67
N ASN K 56 20.25 8.09 -7.23
CA ASN K 56 18.86 8.56 -7.36
C ASN K 56 18.14 8.58 -6.02
N GLY K 57 18.88 8.91 -4.96
CA GLY K 57 18.34 8.96 -3.63
C GLY K 57 17.50 10.20 -3.38
N PRO K 58 16.91 10.31 -2.18
CA PRO K 58 15.96 11.37 -1.84
C PRO K 58 16.58 12.76 -1.69
N VAL K 59 15.75 13.79 -1.89
CA VAL K 59 16.17 15.17 -1.71
C VAL K 59 16.12 15.55 -0.23
N LYS K 60 17.20 16.10 0.28
CA LYS K 60 17.25 16.56 1.67
C LYS K 60 17.89 17.94 1.75
N ILE K 61 17.17 18.89 2.33
CA ILE K 61 17.67 20.26 2.46
C ILE K 61 18.35 20.46 3.80
N SER K 62 19.62 20.84 3.76
CA SER K 62 20.41 21.01 4.97
C SER K 62 20.49 22.47 5.42
N SER K 63 20.18 23.39 4.51
CA SER K 63 20.30 24.81 4.81
C SER K 63 19.10 25.33 5.58
N LYS K 64 19.36 26.24 6.50
CA LYS K 64 18.31 26.87 7.31
C LYS K 64 17.69 28.03 6.55
N VAL K 65 16.36 28.03 6.46
CA VAL K 65 15.64 29.11 5.80
C VAL K 65 14.91 29.97 6.83
N ASN K 66 15.16 31.28 6.78
CA ASN K 66 14.58 32.21 7.74
C ASN K 66 13.13 32.57 7.43
N ASP K 67 12.38 31.58 6.94
CA ASP K 67 10.96 31.74 6.66
C ASP K 67 10.23 30.48 7.10
N LYS K 68 9.19 30.64 7.90
CA LYS K 68 8.50 29.50 8.50
C LYS K 68 7.73 28.68 7.48
N GLN K 69 6.99 29.35 6.59
CA GLN K 69 6.18 28.68 5.58
C GLN K 69 7.05 27.84 4.64
N VAL K 70 8.15 28.44 4.17
CA VAL K 70 9.06 27.75 3.27
C VAL K 70 9.78 26.61 3.97
N SER K 71 10.17 26.84 5.22
CA SER K 71 10.83 25.82 6.03
C SER K 71 9.95 24.57 6.16
N GLU K 72 8.66 24.77 6.30
CA GLU K 72 7.70 23.67 6.39
C GLU K 72 7.71 22.85 5.10
N PHE K 73 7.73 23.54 3.97
CA PHE K 73 7.78 22.88 2.67
C PHE K 73 9.08 22.11 2.49
N LEU K 74 10.17 22.67 3.01
CA LEU K 74 11.49 22.08 2.83
C LEU K 74 11.80 20.98 3.85
N LYS K 75 10.80 20.62 4.65
CA LYS K 75 10.98 19.56 5.64
C LYS K 75 11.32 18.24 4.95
N ASP K 76 12.09 17.40 5.64
CA ASP K 76 12.59 16.15 5.07
C ASP K 76 11.50 15.25 4.50
N GLU K 77 10.34 15.21 5.14
CA GLU K 77 9.29 14.29 4.71
C GLU K 77 8.63 14.76 3.41
N ASN K 78 8.63 16.06 3.17
CA ASN K 78 8.09 16.60 1.92
C ASN K 78 9.07 16.40 0.76
N MET K 79 10.35 16.68 1.00
CA MET K 79 11.37 16.60 -0.03
C MET K 79 11.74 15.14 -0.33
N GLU K 80 11.37 14.25 0.58
CA GLU K 80 11.67 12.83 0.44
C GLU K 80 10.95 12.22 -0.76
N LYS K 81 9.90 12.89 -1.21
CA LYS K 81 9.11 12.45 -2.35
C LYS K 81 9.83 12.75 -3.67
N PHE K 82 10.95 13.46 -3.56
CA PHE K 82 11.73 13.83 -4.73
C PHE K 82 13.11 13.18 -4.68
N ASN K 83 13.72 12.97 -5.84
CA ASN K 83 15.05 12.38 -5.91
C ASN K 83 16.06 13.30 -6.60
N VAL K 84 17.35 13.02 -6.39
CA VAL K 84 18.41 13.93 -6.81
C VAL K 84 19.07 13.55 -8.13
N LYS K 85 18.40 12.70 -8.91
CA LYS K 85 18.89 12.31 -10.24
C LYS K 85 19.34 13.54 -11.02
N LEU K 86 20.58 13.51 -11.50
CA LEU K 86 21.21 14.65 -12.16
C LEU K 86 20.32 15.28 -13.22
N GLY K 87 19.88 16.52 -12.97
CA GLY K 87 19.06 17.24 -13.93
C GLY K 87 17.59 17.25 -13.58
N THR K 88 17.16 16.31 -12.73
CA THR K 88 15.78 16.27 -12.27
C THR K 88 15.49 17.51 -11.43
N SER K 89 14.30 18.07 -11.58
CA SER K 89 13.94 19.27 -10.82
C SER K 89 12.45 19.39 -10.56
N LYS K 90 12.12 20.08 -9.49
CA LYS K 90 10.75 20.45 -9.17
C LYS K 90 10.78 21.87 -8.62
N HIS K 91 9.69 22.63 -8.79
CA HIS K 91 9.54 23.88 -8.08
C HIS K 91 8.07 24.20 -7.87
N PHE K 92 7.77 24.81 -6.72
CA PHE K 92 6.40 25.05 -6.30
C PHE K 92 6.18 26.52 -5.98
N TYR K 93 4.97 27.01 -6.25
CA TYR K 93 4.60 28.36 -5.84
C TYR K 93 3.83 28.33 -4.52
N MET K 94 4.11 29.31 -3.68
CA MET K 94 3.55 29.37 -2.33
C MET K 94 3.69 30.76 -1.73
N PHE K 95 2.88 31.05 -0.72
CA PHE K 95 3.01 32.29 0.02
C PHE K 95 4.00 32.12 1.17
N ASN K 96 4.91 33.07 1.31
CA ASN K 96 5.85 33.05 2.42
C ASN K 96 5.23 33.71 3.65
N ASP K 97 6.05 33.98 4.67
CA ASP K 97 5.56 34.55 5.92
C ASP K 97 4.86 35.89 5.73
N ASN K 98 5.14 36.56 4.62
CA ASN K 98 4.58 37.88 4.35
C ASN K 98 3.39 37.83 3.41
N LYS K 99 2.84 36.64 3.21
CA LYS K 99 1.78 36.40 2.24
C LYS K 99 2.20 36.83 0.85
N ASN K 100 3.50 36.70 0.58
CA ASN K 100 4.06 37.06 -0.72
C ASN K 100 4.33 35.81 -1.55
N SER K 101 4.01 35.88 -2.84
CA SER K 101 4.22 34.74 -3.72
C SER K 101 5.70 34.49 -3.94
N VAL K 102 6.14 33.27 -3.60
CA VAL K 102 7.52 32.85 -3.83
C VAL K 102 7.54 31.47 -4.47
N ALA K 103 8.57 31.21 -5.26
CA ALA K 103 8.74 29.90 -5.88
C ALA K 103 9.99 29.23 -5.33
N VAL K 104 9.84 28.01 -4.84
CA VAL K 104 10.95 27.28 -4.25
C VAL K 104 11.06 25.88 -4.86
N GLY K 105 12.29 25.46 -5.14
CA GLY K 105 12.51 24.13 -5.68
C GLY K 105 13.97 23.72 -5.63
N TYR K 106 14.33 22.69 -6.38
CA TYR K 106 15.68 22.16 -6.37
C TYR K 106 16.11 21.69 -7.76
N VAL K 107 17.42 21.52 -7.94
CA VAL K 107 17.93 20.80 -9.09
C VAL K 107 18.79 19.64 -8.61
N GLY K 108 18.45 18.43 -9.04
CA GLY K 108 19.19 17.25 -8.66
C GLY K 108 20.61 17.30 -9.21
N CYS K 109 21.56 16.85 -8.41
CA CYS K 109 22.97 16.89 -8.81
C CYS K 109 23.64 15.52 -8.70
N GLY K 110 22.84 14.47 -8.79
CA GLY K 110 23.37 13.12 -8.79
C GLY K 110 23.93 12.68 -7.45
N SER K 111 24.91 11.77 -7.50
CA SER K 111 25.44 11.13 -6.30
C SER K 111 26.93 11.34 -6.10
N VAL K 112 27.58 11.98 -7.08
CA VAL K 112 29.02 12.20 -6.99
C VAL K 112 29.34 13.58 -6.42
N ALA K 113 30.27 13.61 -5.46
CA ALA K 113 30.61 14.84 -4.74
C ALA K 113 31.27 15.89 -5.64
N ASP K 114 32.05 15.42 -6.62
CA ASP K 114 32.78 16.33 -7.50
C ASP K 114 32.19 16.36 -8.91
N LEU K 115 31.43 17.40 -9.20
CA LEU K 115 30.76 17.54 -10.50
C LEU K 115 31.72 17.92 -11.62
N SER K 116 31.61 17.23 -12.74
CA SER K 116 32.38 17.57 -13.93
C SER K 116 31.77 18.77 -14.64
N GLU K 117 32.44 19.23 -15.69
CA GLU K 117 31.91 20.32 -16.49
C GLU K 117 30.61 19.92 -17.18
N ALA K 118 30.51 18.65 -17.54
CA ALA K 118 29.33 18.14 -18.21
C ALA K 118 28.12 18.04 -17.27
N ASP K 119 28.36 17.49 -16.08
CA ASP K 119 27.32 17.41 -15.06
C ASP K 119 26.82 18.79 -14.69
N MET K 120 27.76 19.72 -14.55
CA MET K 120 27.44 21.10 -14.20
C MET K 120 26.55 21.74 -15.27
N LYS K 121 26.82 21.42 -16.53
CA LYS K 121 26.04 21.99 -17.63
C LYS K 121 24.62 21.44 -17.63
N ARG K 122 24.48 20.16 -17.28
CA ARG K 122 23.16 19.55 -17.19
C ARG K 122 22.34 20.19 -16.06
N VAL K 123 23.03 20.63 -15.01
CA VAL K 123 22.39 21.29 -13.89
C VAL K 123 21.92 22.69 -14.26
N VAL K 124 22.74 23.40 -15.01
CA VAL K 124 22.39 24.74 -15.48
C VAL K 124 21.19 24.70 -16.41
N LEU K 125 21.17 23.72 -17.31
CA LEU K 125 20.08 23.58 -18.28
C LEU K 125 18.73 23.36 -17.60
N SER K 126 18.73 22.63 -16.48
CA SER K 126 17.51 22.47 -15.69
C SER K 126 17.10 23.81 -15.11
N LEU K 127 18.08 24.55 -14.59
CA LEU K 127 17.86 25.86 -14.01
C LEU K 127 17.27 26.83 -15.04
N VAL K 128 17.88 26.87 -16.23
CA VAL K 128 17.45 27.75 -17.29
C VAL K 128 16.07 27.38 -17.81
N THR K 129 15.76 26.09 -17.83
CA THR K 129 14.45 25.60 -18.24
C THR K 129 13.35 26.21 -17.37
N MET K 130 13.62 26.35 -16.08
CA MET K 130 12.68 26.97 -15.17
C MET K 130 12.65 28.49 -15.35
N LEU K 131 13.79 29.06 -15.68
CA LEU K 131 13.89 30.50 -15.91
C LEU K 131 13.09 30.93 -17.14
N HIS K 132 13.13 30.11 -18.17
CA HIS K 132 12.43 30.43 -19.42
C HIS K 132 10.92 30.26 -19.31
N ASP K 133 10.47 29.50 -18.32
CA ASP K 133 9.04 29.22 -18.15
C ASP K 133 8.41 30.01 -17.02
N ASN K 134 9.09 31.04 -16.53
CA ASN K 134 8.57 31.84 -15.42
C ASN K 134 8.92 33.32 -15.55
N LYS K 135 7.94 34.17 -15.28
CA LYS K 135 8.14 35.63 -15.38
C LYS K 135 8.70 36.19 -14.08
N LEU K 136 9.95 35.82 -13.78
CA LEU K 136 10.56 36.15 -12.49
C LEU K 136 11.42 37.40 -12.56
N SER K 137 11.53 38.08 -11.41
CA SER K 137 12.38 39.26 -11.29
C SER K 137 13.70 38.89 -10.63
N LYS K 138 13.69 37.79 -9.87
CA LYS K 138 14.87 37.35 -9.15
C LYS K 138 15.03 35.83 -9.14
N LEU K 139 16.25 35.39 -9.42
CA LEU K 139 16.63 34.01 -9.17
C LEU K 139 17.60 33.96 -8.00
N THR K 140 17.36 33.05 -7.07
CA THR K 140 18.29 32.81 -5.97
C THR K 140 18.74 31.36 -6.01
N VAL K 141 20.05 31.14 -6.04
CA VAL K 141 20.59 29.80 -6.09
C VAL K 141 21.35 29.47 -4.81
N VAL K 142 20.97 28.36 -4.18
CA VAL K 142 21.62 27.92 -2.95
C VAL K 142 22.48 26.70 -3.21
N PHE K 143 23.80 26.86 -3.06
CA PHE K 143 24.74 25.78 -3.30
C PHE K 143 24.92 24.88 -2.09
N GLU K 144 24.22 23.75 -2.07
CA GLU K 144 24.45 22.74 -1.05
C GLU K 144 25.32 21.63 -1.64
N ILE K 145 26.22 22.02 -2.53
CA ILE K 145 27.17 21.09 -3.14
C ILE K 145 28.55 21.72 -3.12
N ASN K 146 29.56 20.94 -3.53
CA ASN K 146 30.93 21.44 -3.54
C ASN K 146 31.41 21.81 -4.93
N VAL K 147 31.70 23.09 -5.12
CA VAL K 147 32.31 23.57 -6.36
C VAL K 147 33.48 24.50 -6.03
N ASP K 148 34.56 24.39 -6.79
CA ASP K 148 35.70 25.27 -6.58
C ASP K 148 35.41 26.65 -7.16
N LYS K 149 36.39 27.54 -7.13
CA LYS K 149 36.21 28.87 -7.69
C LYS K 149 36.00 28.80 -9.20
N ASN K 150 36.84 28.03 -9.88
CA ASN K 150 36.72 27.87 -11.32
C ASN K 150 35.36 27.30 -11.75
N LEU K 151 34.88 26.30 -11.03
CA LEU K 151 33.62 25.66 -11.38
C LEU K 151 32.44 26.59 -11.06
N PHE K 152 32.59 27.40 -10.02
CA PHE K 152 31.60 28.40 -9.69
C PHE K 152 31.49 29.43 -10.80
N ARG K 153 32.64 29.91 -11.27
CA ARG K 153 32.68 30.84 -12.39
C ARG K 153 32.10 30.18 -13.63
N PHE K 154 32.41 28.90 -13.82
CA PHE K 154 31.87 28.12 -14.92
C PHE K 154 30.35 28.00 -14.82
N PHE K 155 29.85 27.90 -13.60
CA PHE K 155 28.41 27.85 -13.36
C PHE K 155 27.74 29.12 -13.86
N LEU K 156 28.29 30.27 -13.47
CA LEU K 156 27.73 31.56 -13.86
C LEU K 156 27.80 31.79 -15.36
N GLU K 157 28.97 31.53 -15.94
CA GLU K 157 29.19 31.70 -17.37
C GLU K 157 28.20 30.87 -18.18
N THR K 158 28.11 29.59 -17.85
CA THR K 158 27.19 28.69 -18.52
C THR K 158 25.75 29.14 -18.30
N LEU K 159 25.44 29.59 -17.09
CA LEU K 159 24.10 30.10 -16.79
C LEU K 159 23.77 31.29 -17.67
N PHE K 160 24.68 32.27 -17.70
CA PHE K 160 24.48 33.48 -18.50
C PHE K 160 24.33 33.15 -19.98
N TYR K 161 25.20 32.26 -20.46
CA TYR K 161 25.22 31.92 -21.89
C TYR K 161 23.96 31.20 -22.33
N GLU K 162 23.53 30.20 -21.56
CA GLU K 162 22.35 29.41 -21.91
C GLU K 162 21.05 30.19 -21.68
N TYR K 163 21.11 31.17 -20.79
CA TYR K 163 19.95 32.01 -20.50
C TYR K 163 19.64 32.92 -21.68
N MET K 164 20.68 33.59 -22.19
CA MET K 164 20.57 34.53 -23.29
C MET K 164 20.01 33.87 -24.56
N THR K 165 19.13 34.59 -25.25
CA THR K 165 18.56 34.09 -26.48
C THR K 165 18.84 35.03 -27.65
N ASP K 166 19.50 34.50 -28.68
CA ASP K 166 19.83 35.25 -29.89
C ASP K 166 18.60 35.43 -30.77
N GLU K 167 18.20 36.68 -31.01
CA GLU K 167 17.00 36.95 -31.79
C GLU K 167 17.21 38.03 -32.86
N ARG K 168 18.45 38.21 -33.28
CA ARG K 168 18.78 39.22 -34.28
C ARG K 168 18.11 38.95 -35.63
N PHE K 169 17.77 37.70 -35.88
CA PHE K 169 17.20 37.31 -37.16
C PHE K 169 15.72 37.00 -37.05
N LYS K 170 15.13 37.33 -35.90
CA LYS K 170 13.69 37.18 -35.71
C LYS K 170 12.99 38.44 -36.22
N SER K 171 11.78 38.29 -36.75
CA SER K 171 11.01 39.44 -37.21
C SER K 171 10.18 40.03 -36.07
N GLU K 179 11.40 39.15 -20.84
CA GLU K 179 11.49 39.66 -19.47
C GLU K 179 12.48 38.84 -18.64
N TYR K 180 13.74 39.27 -18.65
CA TYR K 180 14.79 38.60 -17.89
C TYR K 180 14.77 39.03 -16.44
N ILE K 181 15.33 38.20 -15.56
CA ILE K 181 15.49 38.56 -14.16
C ILE K 181 16.42 39.76 -14.03
N LYS K 182 16.29 40.49 -12.93
CA LYS K 182 17.12 41.66 -12.70
C LYS K 182 18.04 41.45 -11.51
N HIS K 183 17.79 40.37 -10.77
CA HIS K 183 18.56 40.08 -9.57
C HIS K 183 18.95 38.61 -9.50
N LEU K 184 20.25 38.35 -9.33
CA LEU K 184 20.73 36.99 -9.09
C LEU K 184 21.34 36.90 -7.69
N GLY K 185 20.81 35.98 -6.88
CA GLY K 185 21.34 35.77 -5.54
C GLY K 185 22.00 34.42 -5.42
N VAL K 186 23.13 34.37 -4.70
CA VAL K 186 23.86 33.12 -4.52
C VAL K 186 24.19 32.87 -3.06
N TYR K 187 23.66 31.78 -2.51
CA TYR K 187 24.05 31.33 -1.18
C TYR K 187 25.09 30.22 -1.29
N ILE K 188 26.26 30.44 -0.68
CA ILE K 188 27.36 29.49 -0.79
C ILE K 188 28.33 29.67 0.37
N ASN K 189 28.92 28.57 0.83
CA ASN K 189 29.94 28.62 1.86
C ASN K 189 31.19 29.30 1.34
N ASN K 190 31.84 30.10 2.20
CA ASN K 190 32.95 30.95 1.81
C ASN K 190 32.57 31.94 0.71
N ALA K 191 31.48 32.68 0.95
CA ALA K 191 30.94 33.62 -0.02
C ALA K 191 31.98 34.64 -0.49
N ASP K 192 32.79 35.11 0.45
CA ASP K 192 33.79 36.14 0.15
C ASP K 192 34.81 35.68 -0.88
N THR K 193 35.11 34.39 -0.89
CA THR K 193 36.13 33.85 -1.80
C THR K 193 35.65 33.81 -3.25
N TYR K 194 34.34 33.69 -3.44
CA TYR K 194 33.77 33.54 -4.78
C TYR K 194 33.36 34.86 -5.42
N LYS K 195 33.32 35.93 -4.64
CA LYS K 195 32.79 37.21 -5.10
C LYS K 195 33.53 37.77 -6.32
N GLU K 196 34.83 37.51 -6.41
CA GLU K 196 35.65 38.07 -7.48
C GLU K 196 35.43 37.36 -8.81
N GLU K 197 34.85 36.17 -8.77
CA GLU K 197 34.62 35.39 -9.99
C GLU K 197 33.39 35.86 -10.75
N VAL K 198 32.56 36.67 -10.10
CA VAL K 198 31.30 37.13 -10.69
C VAL K 198 31.50 37.96 -11.95
N GLU K 199 32.18 39.10 -11.83
CA GLU K 199 32.35 39.99 -12.97
C GLU K 199 33.32 39.41 -14.00
N LYS K 200 34.18 38.50 -13.57
CA LYS K 200 35.04 37.79 -14.50
C LYS K 200 34.18 36.88 -15.36
N ALA K 201 33.17 36.27 -14.74
CA ALA K 201 32.25 35.39 -15.45
C ALA K 201 31.41 36.17 -16.46
N ARG K 202 31.00 37.38 -16.08
CA ARG K 202 30.19 38.21 -16.96
C ARG K 202 30.97 38.60 -18.21
N VAL K 203 32.26 38.88 -18.04
CA VAL K 203 33.13 39.19 -19.17
C VAL K 203 33.37 37.94 -20.03
N TYR K 204 33.66 36.82 -19.38
CA TYR K 204 33.84 35.56 -20.08
C TYR K 204 32.57 35.15 -20.82
N TYR K 205 31.41 35.48 -20.24
CA TYR K 205 30.13 35.19 -20.87
C TYR K 205 30.03 35.86 -22.24
N PHE K 206 30.28 37.17 -22.28
CA PHE K 206 30.06 37.91 -23.52
C PHE K 206 31.08 37.54 -24.59
N GLY K 207 32.32 37.29 -24.18
CA GLY K 207 33.34 36.86 -25.12
C GLY K 207 32.91 35.58 -25.81
N THR K 208 32.30 34.68 -25.04
CA THR K 208 31.75 33.45 -25.57
C THR K 208 30.51 33.73 -26.42
N TYR K 209 29.68 34.67 -25.95
CA TYR K 209 28.45 35.00 -26.64
C TYR K 209 28.69 35.81 -27.89
N TYR K 210 29.73 36.66 -27.87
CA TYR K 210 30.11 37.43 -29.04
C TYR K 210 30.54 36.49 -30.15
N ALA K 211 31.39 35.52 -29.80
CA ALA K 211 31.83 34.49 -30.73
C ALA K 211 30.62 33.68 -31.22
N SER K 212 29.68 33.44 -30.33
CA SER K 212 28.45 32.73 -30.66
C SER K 212 27.68 33.46 -31.76
N GLN K 213 27.58 34.77 -31.63
CA GLN K 213 26.85 35.59 -32.59
C GLN K 213 27.48 35.54 -33.98
N LEU K 214 28.81 35.54 -34.04
CA LEU K 214 29.50 35.49 -35.33
C LEU K 214 29.34 34.13 -36.00
N ILE K 215 29.30 33.07 -35.21
CA ILE K 215 29.18 31.72 -35.74
C ILE K 215 27.76 31.44 -36.25
N ALA K 216 26.77 31.86 -35.49
CA ALA K 216 25.38 31.60 -35.83
C ALA K 216 24.91 32.48 -36.99
N ALA K 217 25.55 33.63 -37.15
CA ALA K 217 25.23 34.53 -38.26
C ALA K 217 25.52 33.84 -39.59
N PRO K 218 24.48 33.71 -40.44
CA PRO K 218 24.56 33.01 -41.73
C PRO K 218 25.61 33.59 -42.66
N SER K 219 25.96 32.83 -43.70
CA SER K 219 27.07 33.20 -44.57
C SER K 219 26.75 34.38 -45.47
N ASN K 220 25.47 34.66 -45.69
CA ASN K 220 25.09 35.83 -46.45
C ASN K 220 25.25 37.09 -45.60
N TYR K 221 25.15 36.92 -44.28
CA TYR K 221 25.43 37.99 -43.33
C TYR K 221 26.90 38.04 -42.99
N CYS K 222 27.45 36.89 -42.61
CA CYS K 222 28.85 36.80 -42.23
C CYS K 222 29.71 36.38 -43.43
N ASN K 223 30.32 37.37 -44.07
CA ASN K 223 31.23 37.15 -45.18
C ASN K 223 32.59 37.77 -44.84
N PRO K 224 33.66 37.43 -45.60
CA PRO K 224 34.99 37.96 -45.30
C PRO K 224 35.06 39.46 -45.07
N VAL K 225 34.26 40.23 -45.80
CA VAL K 225 34.28 41.68 -45.67
C VAL K 225 33.54 42.13 -44.41
N SER K 226 32.35 41.61 -44.21
CA SER K 226 31.54 41.97 -43.05
C SER K 226 32.17 41.47 -41.75
N LEU K 227 32.82 40.30 -41.81
CA LEU K 227 33.48 39.75 -40.64
C LEU K 227 34.71 40.55 -40.27
N SER K 228 35.45 41.02 -41.28
CA SER K 228 36.62 41.84 -41.05
C SER K 228 36.21 43.22 -40.54
N ASN K 229 35.07 43.71 -41.02
CA ASN K 229 34.52 44.98 -40.56
C ASN K 229 34.07 44.89 -39.10
N ALA K 230 33.47 43.76 -38.75
CA ALA K 230 33.05 43.53 -37.37
C ALA K 230 34.26 43.51 -36.44
N ALA K 231 35.37 42.99 -36.94
CA ALA K 231 36.61 42.94 -36.17
C ALA K 231 37.14 44.33 -35.90
N VAL K 232 37.09 45.20 -36.90
CA VAL K 232 37.52 46.59 -36.76
C VAL K 232 36.68 47.31 -35.71
N GLU K 233 35.37 47.09 -35.75
CA GLU K 233 34.46 47.69 -34.78
C GLU K 233 34.81 47.27 -33.36
N LEU K 234 35.17 45.99 -33.19
CA LEU K 234 35.55 45.47 -31.88
C LEU K 234 36.86 46.09 -31.41
N ALA K 235 37.80 46.24 -32.33
CA ALA K 235 39.11 46.81 -32.02
C ALA K 235 39.00 48.26 -31.57
N GLN K 236 38.08 48.99 -32.18
CA GLN K 236 37.89 50.41 -31.86
C GLN K 236 37.24 50.60 -30.50
N LYS K 237 36.38 49.66 -30.12
CA LYS K 237 35.68 49.74 -28.84
C LYS K 237 36.60 49.33 -27.69
N LEU K 238 37.57 48.49 -27.98
CA LEU K 238 38.49 48.00 -26.96
C LEU K 238 39.81 48.76 -27.02
N ASN K 239 39.86 49.78 -27.88
CA ASN K 239 41.08 50.53 -28.13
C ASN K 239 42.26 49.64 -28.48
N LEU K 240 41.98 48.60 -29.26
CA LEU K 240 43.01 47.72 -29.78
C LEU K 240 43.50 48.24 -31.13
N GLU K 241 44.80 48.09 -31.38
CA GLU K 241 45.34 48.45 -32.69
C GLU K 241 44.95 47.38 -33.69
N TYR K 242 44.66 47.78 -34.92
CA TYR K 242 44.14 46.84 -35.91
C TYR K 242 44.67 47.11 -37.31
N LYS K 243 44.69 46.06 -38.11
CA LYS K 243 45.13 46.13 -39.49
C LYS K 243 44.36 45.10 -40.32
N ILE K 244 43.70 45.56 -41.37
CA ILE K 244 43.04 44.64 -42.29
C ILE K 244 43.79 44.59 -43.61
N LEU K 245 44.31 43.42 -43.93
CA LEU K 245 45.08 43.22 -45.16
C LEU K 245 44.16 42.84 -46.31
N GLY K 246 44.20 43.63 -47.37
CA GLY K 246 43.41 43.36 -48.56
C GLY K 246 44.22 42.58 -49.58
N VAL K 247 43.58 42.22 -50.69
CA VAL K 247 44.18 41.36 -51.71
C VAL K 247 45.53 41.89 -52.21
N LYS K 248 45.63 43.21 -52.40
CA LYS K 248 46.86 43.82 -52.88
C LYS K 248 48.05 43.55 -51.95
N GLU K 249 47.84 43.75 -50.65
CA GLU K 249 48.89 43.44 -49.67
C GLU K 249 49.17 41.95 -49.64
N LEU K 250 48.12 41.15 -49.73
CA LEU K 250 48.24 39.70 -49.67
C LEU K 250 49.01 39.14 -50.87
N GLU K 251 48.97 39.86 -51.99
CA GLU K 251 49.71 39.47 -53.18
C GLU K 251 51.19 39.81 -53.05
N GLU K 252 51.47 40.97 -52.46
CA GLU K 252 52.84 41.41 -52.23
C GLU K 252 53.54 40.49 -51.23
N LEU K 253 52.76 39.90 -50.32
CA LEU K 253 53.30 39.00 -49.31
C LEU K 253 53.38 37.56 -49.82
N LYS K 254 52.95 37.36 -51.07
CA LYS K 254 53.01 36.06 -51.73
C LYS K 254 52.22 34.98 -51.01
N MET K 255 51.14 35.36 -50.33
CA MET K 255 50.29 34.39 -49.63
C MET K 255 49.46 33.61 -50.63
N GLY K 256 50.08 32.63 -51.29
CA GLY K 256 49.45 31.91 -52.38
C GLY K 256 48.44 30.86 -51.97
N ALA K 257 48.71 30.16 -50.87
CA ALA K 257 47.79 29.14 -50.39
C ALA K 257 46.46 29.75 -49.96
N TYR K 258 46.54 30.78 -49.13
CA TYR K 258 45.36 31.49 -48.63
C TYR K 258 44.58 32.16 -49.75
N LEU K 259 45.29 32.76 -50.70
CA LEU K 259 44.63 33.44 -51.82
C LEU K 259 43.93 32.46 -52.77
N SER K 260 44.55 31.30 -52.98
CA SER K 260 44.00 30.29 -53.88
C SER K 260 42.61 29.85 -53.47
N VAL K 261 42.42 29.68 -52.16
CA VAL K 261 41.14 29.23 -51.61
C VAL K 261 40.01 30.20 -51.93
N GLY K 262 40.27 31.49 -51.75
CA GLY K 262 39.25 32.51 -51.92
C GLY K 262 39.01 32.94 -53.36
N LYS K 263 39.73 32.33 -54.30
CA LYS K 263 39.65 32.70 -55.72
C LYS K 263 38.24 32.64 -56.29
N GLY K 264 37.47 31.65 -55.86
CA GLY K 264 36.13 31.45 -56.39
C GLY K 264 35.04 32.17 -55.63
N SER K 265 35.43 33.16 -54.82
CA SER K 265 34.47 33.90 -54.01
C SER K 265 34.20 35.29 -54.56
N MET K 266 32.98 35.79 -54.34
CA MET K 266 32.63 37.14 -54.74
C MET K 266 33.13 38.14 -53.72
N TYR K 267 33.52 37.64 -52.56
CA TYR K 267 34.06 38.48 -51.49
C TYR K 267 35.57 38.40 -51.48
N PRO K 268 36.24 39.57 -51.54
CA PRO K 268 37.71 39.65 -51.51
C PRO K 268 38.28 39.10 -50.21
N ASN K 269 39.43 38.44 -50.29
CA ASN K 269 40.11 37.95 -49.10
C ASN K 269 40.47 39.08 -48.14
N LYS K 270 40.26 38.84 -46.85
CA LYS K 270 40.56 39.83 -45.83
C LYS K 270 41.30 39.18 -44.66
N PHE K 271 42.52 39.66 -44.41
CA PHE K 271 43.33 39.15 -43.30
C PHE K 271 43.17 40.04 -42.08
N ILE K 272 42.63 39.48 -41.00
CA ILE K 272 42.45 40.25 -39.78
C ILE K 272 43.67 40.14 -38.86
N HIS K 273 44.17 41.30 -38.43
CA HIS K 273 45.30 41.36 -37.51
C HIS K 273 45.03 42.37 -36.42
N LEU K 274 44.57 41.88 -35.26
CA LEU K 274 44.36 42.73 -34.09
C LEU K 274 45.51 42.54 -33.11
N THR K 275 45.80 43.57 -32.33
CA THR K 275 46.92 43.51 -31.40
C THR K 275 46.61 44.15 -30.05
N TYR K 276 46.84 43.40 -28.98
CA TYR K 276 46.82 43.96 -27.64
C TYR K 276 48.24 44.07 -27.10
N LYS K 277 48.61 45.26 -26.65
CA LYS K 277 49.90 45.45 -26.00
C LYS K 277 49.70 46.00 -24.60
N SER K 278 50.37 45.42 -23.63
CA SER K 278 50.25 45.84 -22.24
C SER K 278 51.01 47.13 -21.99
N LYS K 279 50.54 47.92 -21.03
CA LYS K 279 51.10 49.25 -20.77
C LYS K 279 52.40 49.21 -19.97
N GLY K 280 53.08 48.06 -19.99
CA GLY K 280 54.35 47.93 -19.31
C GLY K 280 55.37 47.20 -20.16
N ASP K 281 56.40 46.67 -19.53
CA ASP K 281 57.42 45.88 -20.24
C ASP K 281 56.82 44.57 -20.72
N VAL K 282 56.98 44.29 -22.02
CA VAL K 282 56.47 43.06 -22.60
C VAL K 282 57.41 41.89 -22.31
N LYS K 283 56.86 40.80 -21.77
CA LYS K 283 57.66 39.65 -21.38
C LYS K 283 57.27 38.40 -22.17
N LYS K 284 56.10 38.42 -22.78
CA LYS K 284 55.65 37.33 -23.63
C LYS K 284 54.89 37.86 -24.84
N LYS K 285 55.23 37.35 -26.01
CA LYS K 285 54.53 37.71 -27.24
C LYS K 285 53.78 36.50 -27.78
N ILE K 286 52.47 36.66 -27.97
CA ILE K 286 51.61 35.55 -28.36
C ILE K 286 50.82 35.88 -29.63
N ALA K 287 50.73 34.89 -30.53
CA ALA K 287 49.89 35.02 -31.72
C ALA K 287 48.78 33.98 -31.68
N LEU K 288 47.54 34.44 -31.74
CA LEU K 288 46.39 33.55 -31.79
C LEU K 288 45.81 33.52 -33.20
N VAL K 289 45.93 32.37 -33.86
CA VAL K 289 45.49 32.23 -35.24
C VAL K 289 44.18 31.45 -35.32
N GLY K 290 43.20 32.00 -36.00
CA GLY K 290 41.91 31.33 -36.11
C GLY K 290 41.48 31.08 -37.54
N LYS K 291 40.94 29.88 -37.78
CA LYS K 291 40.40 29.56 -39.09
C LYS K 291 39.18 30.44 -39.36
N GLY K 292 39.21 31.14 -40.48
CA GLY K 292 38.13 32.07 -40.81
C GLY K 292 37.56 31.83 -42.19
N ILE K 293 37.00 30.64 -42.41
CA ILE K 293 36.30 30.37 -43.65
C ILE K 293 34.81 30.60 -43.40
N THR K 294 34.29 31.68 -43.96
CA THR K 294 32.93 32.13 -43.68
C THR K 294 31.88 31.14 -44.20
N PHE K 295 32.23 30.43 -45.26
CA PHE K 295 31.41 29.32 -45.73
C PHE K 295 32.26 28.31 -46.47
N ASP K 296 32.04 27.03 -46.17
CA ASP K 296 32.81 25.97 -46.81
C ASP K 296 31.91 25.09 -47.66
N SER K 297 31.84 25.40 -48.95
CA SER K 297 31.10 24.58 -49.90
C SER K 297 31.85 23.28 -50.12
N GLY K 298 33.16 23.31 -49.89
CA GLY K 298 34.04 22.20 -50.18
C GLY K 298 34.80 22.46 -51.46
N GLY K 299 34.40 23.50 -52.18
CA GLY K 299 34.99 23.81 -53.47
C GLY K 299 34.54 22.79 -54.49
N TYR K 300 35.34 22.58 -55.53
CA TYR K 300 35.00 21.62 -56.58
C TYR K 300 34.86 20.21 -56.02
N ASN K 301 35.55 19.95 -54.91
CA ASN K 301 35.27 18.76 -54.11
C ASN K 301 34.07 19.06 -53.21
N LEU K 302 32.92 19.28 -53.83
CA LEU K 302 31.72 19.74 -53.14
C LEU K 302 31.31 18.82 -52.01
N LYS K 303 30.90 19.41 -50.89
CA LYS K 303 30.32 18.64 -49.80
C LYS K 303 28.96 18.10 -50.22
N ALA K 304 28.98 16.96 -50.90
CA ALA K 304 27.77 16.39 -51.48
C ALA K 304 27.53 14.96 -51.01
N ALA K 305 28.51 14.39 -50.31
CA ALA K 305 28.36 13.05 -49.77
C ALA K 305 27.39 13.05 -48.60
N PRO K 306 26.69 11.93 -48.38
CA PRO K 306 25.74 11.85 -47.27
C PRO K 306 26.41 12.09 -45.92
N GLY K 307 25.94 13.09 -45.18
CA GLY K 307 26.46 13.38 -43.87
C GLY K 307 27.64 14.34 -43.86
N SER K 308 27.87 15.00 -44.99
CA SER K 308 28.92 16.00 -45.07
C SER K 308 28.43 17.32 -44.47
N MET K 309 27.13 17.40 -44.23
CA MET K 309 26.52 18.51 -43.50
C MET K 309 26.91 19.89 -44.03
N ILE K 310 26.62 20.13 -45.29
CA ILE K 310 26.99 21.38 -45.94
C ILE K 310 26.18 22.56 -45.38
N ASP K 311 25.02 22.25 -44.80
CA ASP K 311 24.14 23.29 -44.26
C ASP K 311 24.68 23.91 -42.98
N LEU K 312 25.74 23.31 -42.44
CA LEU K 312 26.32 23.76 -41.17
C LEU K 312 27.54 24.65 -41.37
N MET K 313 28.14 24.58 -42.56
CA MET K 313 29.47 25.13 -42.80
C MET K 313 29.61 26.65 -42.69
N LYS K 314 28.61 27.30 -42.09
CA LYS K 314 28.78 28.70 -41.70
C LYS K 314 29.62 28.75 -40.42
N PHE K 315 29.68 27.62 -39.73
CA PHE K 315 30.41 27.50 -38.47
C PHE K 315 31.90 27.34 -38.71
N ASP K 316 32.31 27.39 -39.98
CA ASP K 316 33.69 27.09 -40.35
C ASP K 316 34.62 28.28 -40.10
N MET K 317 34.12 29.29 -39.41
CA MET K 317 34.95 30.39 -38.96
C MET K 317 34.88 30.51 -37.44
N SER K 318 34.49 29.40 -36.80
CA SER K 318 34.38 29.32 -35.35
C SER K 318 35.72 29.63 -34.68
N GLY K 319 36.81 29.23 -35.35
CA GLY K 319 38.15 29.50 -34.85
C GLY K 319 38.43 30.99 -34.82
N CYS K 320 38.13 31.68 -35.91
CA CYS K 320 38.25 33.13 -35.97
C CYS K 320 37.34 33.79 -34.94
N ALA K 321 36.13 33.25 -34.81
CA ALA K 321 35.17 33.75 -33.84
C ALA K 321 35.71 33.58 -32.42
N ALA K 322 36.35 32.44 -32.17
CA ALA K 322 36.93 32.17 -30.86
C ALA K 322 38.07 33.13 -30.55
N VAL K 323 38.87 33.44 -31.57
CA VAL K 323 40.00 34.35 -31.42
C VAL K 323 39.52 35.77 -31.13
N LEU K 324 38.44 36.18 -31.80
CA LEU K 324 37.89 37.52 -31.60
C LEU K 324 37.20 37.65 -30.24
N GLY K 325 36.53 36.59 -29.81
CA GLY K 325 35.90 36.56 -28.50
C GLY K 325 36.97 36.67 -27.42
N CYS K 326 38.13 36.08 -27.70
CA CYS K 326 39.28 36.20 -26.81
C CYS K 326 39.76 37.64 -26.75
N ALA K 327 39.76 38.30 -27.90
CA ALA K 327 40.21 39.69 -28.00
C ALA K 327 39.35 40.61 -27.13
N TYR K 328 38.06 40.29 -27.03
CA TYR K 328 37.18 41.06 -26.17
C TYR K 328 37.59 40.90 -24.71
N CYS K 329 37.73 39.66 -24.28
CA CYS K 329 38.10 39.34 -22.90
C CYS K 329 39.44 39.97 -22.51
N VAL K 330 40.44 39.78 -23.35
CA VAL K 330 41.77 40.32 -23.10
C VAL K 330 41.74 41.84 -23.06
N GLY K 331 41.07 42.44 -24.03
CA GLY K 331 40.94 43.88 -24.09
C GLY K 331 40.15 44.44 -22.91
N THR K 332 39.27 43.62 -22.36
CA THR K 332 38.45 44.02 -21.23
C THR K 332 39.20 43.87 -19.91
N LEU K 333 39.86 42.74 -19.74
CA LEU K 333 40.53 42.42 -18.48
C LEU K 333 41.95 42.98 -18.43
N LYS K 334 42.48 43.32 -19.61
CA LYS K 334 43.77 44.00 -19.75
C LYS K 334 44.91 43.41 -18.91
N PRO K 335 45.41 42.23 -19.30
CA PRO K 335 46.55 41.64 -18.59
C PRO K 335 47.81 42.47 -18.76
N GLU K 336 48.83 42.20 -17.95
CA GLU K 336 50.05 42.99 -17.99
C GLU K 336 51.23 42.21 -18.55
N ASN K 337 52.26 42.93 -18.99
CA ASN K 337 53.51 42.35 -19.47
C ASN K 337 53.37 41.41 -20.65
N VAL K 338 52.31 41.57 -21.43
CA VAL K 338 52.05 40.65 -22.54
C VAL K 338 51.65 41.38 -23.82
N GLU K 339 51.91 40.74 -24.95
CA GLU K 339 51.49 41.27 -26.24
C GLU K 339 50.81 40.17 -27.06
N ILE K 340 49.53 40.36 -27.35
CA ILE K 340 48.78 39.35 -28.08
C ILE K 340 48.37 39.81 -29.48
N HIS K 341 48.67 38.98 -30.47
CA HIS K 341 48.25 39.24 -31.84
C HIS K 341 47.09 38.33 -32.20
N PHE K 342 45.98 38.92 -32.61
CA PHE K 342 44.80 38.16 -32.98
C PHE K 342 44.69 38.09 -34.50
N LEU K 343 45.04 36.93 -35.05
CA LEU K 343 45.17 36.78 -36.51
C LEU K 343 44.10 35.88 -37.10
N SER K 344 43.62 36.25 -38.29
CA SER K 344 42.69 35.40 -39.04
C SER K 344 42.75 35.69 -40.53
N ALA K 345 43.08 34.67 -41.31
CA ALA K 345 43.04 34.77 -42.76
C ALA K 345 41.65 34.40 -43.25
N VAL K 346 40.79 35.40 -43.41
CA VAL K 346 39.39 35.16 -43.74
C VAL K 346 39.15 35.08 -45.25
N CYS K 347 38.37 34.07 -45.66
CA CYS K 347 37.95 33.93 -47.04
C CYS K 347 36.73 33.02 -47.12
N GLU K 348 36.35 32.66 -48.35
CA GLU K 348 35.18 31.81 -48.56
C GLU K 348 35.48 30.75 -49.62
N ASN K 349 35.12 29.51 -49.35
CA ASN K 349 35.40 28.42 -50.26
C ASN K 349 34.19 28.08 -51.13
N MET K 350 34.22 28.55 -52.38
CA MET K 350 33.06 28.41 -53.27
C MET K 350 33.39 27.75 -54.59
N VAL K 351 32.34 27.39 -55.33
CA VAL K 351 32.48 26.82 -56.67
C VAL K 351 32.18 27.87 -57.73
N SER K 352 33.14 28.08 -58.63
CA SER K 352 33.03 29.11 -59.65
C SER K 352 33.88 28.76 -60.85
N LYS K 353 33.87 29.63 -61.87
CA LYS K 353 34.78 29.47 -62.98
C LYS K 353 36.16 29.95 -62.56
N ASN K 354 36.20 30.68 -61.45
CA ASN K 354 37.43 31.28 -60.96
C ASN K 354 38.10 30.45 -59.86
N SER K 355 37.43 29.37 -59.44
CA SER K 355 37.92 28.56 -58.33
C SER K 355 39.19 27.78 -58.64
N TYR K 356 39.92 27.45 -57.58
CA TYR K 356 41.08 26.56 -57.68
C TYR K 356 40.59 25.13 -57.89
N ARG K 357 41.38 24.34 -58.63
CA ARG K 357 40.98 22.99 -58.97
C ARG K 357 41.75 21.93 -58.19
N PRO K 358 41.12 20.77 -58.00
CA PRO K 358 41.84 19.60 -57.53
C PRO K 358 43.00 19.27 -58.46
N GLY K 359 44.21 19.14 -57.92
CA GLY K 359 45.37 18.86 -58.74
C GLY K 359 46.27 20.06 -58.88
N ASP K 360 45.73 21.25 -58.62
CA ASP K 360 46.48 22.49 -58.72
C ASP K 360 47.71 22.50 -57.83
N ILE K 361 48.78 23.14 -58.32
CA ILE K 361 49.98 23.32 -57.52
C ILE K 361 50.17 24.81 -57.23
N ILE K 362 50.20 25.14 -55.94
CA ILE K 362 50.24 26.54 -55.51
C ILE K 362 51.44 26.80 -54.60
N THR K 363 51.84 28.07 -54.51
CA THR K 363 53.04 28.43 -53.76
C THR K 363 52.73 29.32 -52.55
N ALA K 364 53.02 28.82 -51.37
CA ALA K 364 52.77 29.55 -50.14
C ALA K 364 53.79 30.66 -49.91
N SER K 365 53.57 31.47 -48.88
CA SER K 365 54.39 32.64 -48.62
C SER K 365 55.82 32.31 -48.17
N ASN K 366 56.07 31.05 -47.85
CA ASN K 366 57.41 30.64 -47.44
C ASN K 366 58.14 29.87 -48.53
N GLY K 367 57.61 29.93 -49.74
CA GLY K 367 58.27 29.33 -50.89
C GLY K 367 57.86 27.90 -51.19
N LYS K 368 57.25 27.23 -50.23
CA LYS K 368 56.85 25.83 -50.41
C LYS K 368 55.72 25.66 -51.43
N THR K 369 55.97 24.84 -52.44
CA THR K 369 54.94 24.51 -53.42
C THR K 369 54.04 23.41 -52.89
N ILE K 370 52.74 23.56 -53.12
CA ILE K 370 51.74 22.65 -52.55
C ILE K 370 50.86 22.05 -53.63
N GLU K 371 50.74 20.72 -53.64
CA GLU K 371 49.84 20.07 -54.59
C GLU K 371 48.47 19.83 -53.95
N VAL K 372 47.47 20.55 -54.45
CA VAL K 372 46.10 20.41 -53.95
C VAL K 372 45.50 19.08 -54.41
N GLY K 373 45.15 18.23 -53.45
CA GLY K 373 44.55 16.95 -53.77
C GLY K 373 43.06 16.93 -53.46
N ASN K 374 42.61 17.94 -52.72
CA ASN K 374 41.21 18.07 -52.36
C ASN K 374 40.93 19.49 -51.87
N THR K 375 40.04 20.19 -52.57
CA THR K 375 39.77 21.59 -52.28
C THR K 375 39.00 21.79 -50.98
N ASP K 376 38.40 20.71 -50.47
CA ASP K 376 37.62 20.79 -49.24
C ASP K 376 38.55 20.82 -48.03
N ALA K 377 39.82 20.52 -48.25
CA ALA K 377 40.82 20.68 -47.20
C ALA K 377 41.45 22.06 -47.30
N GLU K 378 40.62 23.09 -47.31
CA GLU K 378 41.09 24.46 -47.55
C GLU K 378 41.62 25.10 -46.27
N GLY K 379 41.15 24.63 -45.12
CA GLY K 379 41.50 25.21 -43.85
C GLY K 379 43.00 25.25 -43.59
N ARG K 380 43.68 24.16 -43.92
CA ARG K 380 45.11 24.05 -43.69
C ARG K 380 45.90 24.96 -44.63
N LEU K 381 45.34 25.24 -45.80
CA LEU K 381 45.99 26.11 -46.77
C LEU K 381 46.00 27.55 -46.28
N THR K 382 44.86 28.00 -45.77
CA THR K 382 44.76 29.35 -45.22
C THR K 382 45.63 29.48 -43.97
N LEU K 383 45.58 28.46 -43.12
CA LEU K 383 46.38 28.44 -41.91
C LEU K 383 47.88 28.43 -42.22
N ALA K 384 48.27 27.76 -43.30
CA ALA K 384 49.67 27.68 -43.69
C ALA K 384 50.29 29.05 -43.87
N ASP K 385 49.61 29.90 -44.63
CA ASP K 385 50.08 31.26 -44.89
C ASP K 385 49.97 32.14 -43.65
N ALA K 386 48.98 31.87 -42.81
CA ALA K 386 48.79 32.64 -41.58
C ALA K 386 49.87 32.32 -40.55
N LEU K 387 50.27 31.05 -40.48
CA LEU K 387 51.33 30.63 -39.58
C LEU K 387 52.67 31.24 -40.00
N VAL K 388 52.89 31.36 -41.31
CA VAL K 388 54.08 32.02 -41.82
C VAL K 388 54.08 33.49 -41.40
N TYR K 389 52.93 34.13 -41.54
CA TYR K 389 52.74 35.51 -41.10
C TYR K 389 52.95 35.62 -39.60
N ALA K 390 52.41 34.66 -38.87
CA ALA K 390 52.50 34.64 -37.40
C ALA K 390 53.94 34.57 -36.92
N GLU K 391 54.74 33.71 -37.54
CA GLU K 391 56.12 33.51 -37.13
C GLU K 391 56.98 34.73 -37.44
N LYS K 392 56.60 35.47 -38.48
CA LYS K 392 57.34 36.65 -38.89
C LYS K 392 57.23 37.80 -37.90
N LEU K 393 56.33 37.65 -36.93
CA LEU K 393 56.16 38.66 -35.89
C LEU K 393 57.15 38.44 -34.75
N GLY K 394 57.74 37.25 -34.72
CA GLY K 394 58.69 36.91 -33.67
C GLY K 394 58.01 36.77 -32.32
N VAL K 395 57.12 35.79 -32.21
CA VAL K 395 56.40 35.55 -30.98
C VAL K 395 57.01 34.38 -30.19
N ASP K 396 56.56 34.22 -28.95
CA ASP K 396 57.04 33.12 -28.11
C ASP K 396 56.15 31.88 -28.29
N TYR K 397 54.85 32.12 -28.49
CA TYR K 397 53.91 31.04 -28.71
C TYR K 397 53.02 31.32 -29.91
N ILE K 398 52.75 30.28 -30.71
CA ILE K 398 51.73 30.35 -31.73
C ILE K 398 50.64 29.34 -31.43
N VAL K 399 49.42 29.82 -31.21
CA VAL K 399 48.30 28.92 -30.99
C VAL K 399 47.24 29.14 -32.05
N ASP K 400 46.90 28.08 -32.77
CA ASP K 400 45.81 28.18 -33.74
C ASP K 400 44.63 27.30 -33.32
N ILE K 401 43.43 27.80 -33.61
CA ILE K 401 42.21 27.10 -33.25
C ILE K 401 41.30 27.06 -34.48
N ALA K 402 40.82 25.87 -34.82
CA ALA K 402 40.17 25.67 -36.11
C ALA K 402 39.21 24.49 -36.17
N THR K 403 38.20 24.61 -37.03
CA THR K 403 37.33 23.49 -37.37
C THR K 403 37.94 22.76 -38.55
N LEU K 404 39.07 22.10 -38.32
CA LEU K 404 39.92 21.63 -39.40
C LEU K 404 39.54 20.28 -39.99
N THR K 405 39.26 19.30 -39.15
CA THR K 405 39.00 17.93 -39.64
C THR K 405 37.77 17.27 -39.02
N GLY K 406 36.93 16.69 -39.88
CA GLY K 406 35.74 16.00 -39.43
C GLY K 406 36.03 14.68 -38.76
N ALA K 407 37.29 14.25 -38.83
CA ALA K 407 37.70 13.00 -38.20
C ALA K 407 37.64 13.07 -36.68
N MET K 408 37.62 14.30 -36.16
CA MET K 408 37.57 14.53 -34.71
C MET K 408 36.30 13.95 -34.10
N LEU K 409 35.22 13.91 -34.88
CA LEU K 409 33.96 13.34 -34.42
C LEU K 409 34.09 11.84 -34.16
N TYR K 410 35.11 11.23 -34.75
CA TYR K 410 35.32 9.79 -34.63
C TYR K 410 36.42 9.44 -33.63
N SER K 411 37.15 10.45 -33.17
CA SER K 411 38.21 10.25 -32.19
C SER K 411 37.78 10.72 -30.79
N LEU K 412 37.47 12.01 -30.68
CA LEU K 412 37.11 12.58 -29.39
C LEU K 412 35.62 12.91 -29.29
N GLY K 413 34.98 13.06 -30.45
CA GLY K 413 33.54 13.32 -30.48
C GLY K 413 33.19 14.79 -30.34
N THR K 414 32.06 15.05 -29.67
CA THR K 414 31.51 16.40 -29.60
C THR K 414 31.73 17.09 -28.27
N SER K 415 32.57 16.52 -27.41
CA SER K 415 32.81 17.12 -26.09
C SER K 415 34.23 17.66 -25.96
N TYR K 416 35.21 16.84 -26.30
CA TYR K 416 36.62 17.20 -26.14
C TYR K 416 37.23 17.63 -27.46
N ALA K 417 37.88 18.79 -27.46
CA ALA K 417 38.64 19.22 -28.62
C ALA K 417 40.02 18.56 -28.58
N GLY K 418 40.70 18.52 -29.71
CA GLY K 418 42.03 17.95 -29.77
C GLY K 418 43.11 19.01 -29.86
N VAL K 419 44.21 18.81 -29.15
CA VAL K 419 45.34 19.72 -29.25
C VAL K 419 46.60 18.99 -29.74
N PHE K 420 47.20 19.53 -30.78
CA PHE K 420 48.43 18.99 -31.36
C PHE K 420 49.52 20.05 -31.24
N GLY K 421 50.78 19.64 -31.26
CA GLY K 421 51.86 20.60 -31.14
C GLY K 421 53.27 20.07 -31.34
N ASN K 422 54.22 20.98 -31.46
CA ASN K 422 55.63 20.65 -31.63
C ASN K 422 56.43 20.88 -30.35
N ASN K 423 55.73 21.32 -29.32
CA ASN K 423 56.36 21.74 -28.07
C ASN K 423 55.51 21.35 -26.86
N GLU K 424 56.00 20.37 -26.09
CA GLU K 424 55.22 19.77 -25.02
C GLU K 424 54.83 20.75 -23.91
N GLU K 425 55.72 21.69 -23.62
CA GLU K 425 55.46 22.66 -22.56
C GLU K 425 54.28 23.56 -22.89
N LEU K 426 54.16 23.97 -24.15
CA LEU K 426 53.04 24.79 -24.60
C LEU K 426 51.74 24.00 -24.54
N ILE K 427 51.79 22.75 -24.95
CA ILE K 427 50.64 21.85 -24.90
C ILE K 427 50.09 21.76 -23.48
N ASN K 428 50.99 21.64 -22.51
CA ASN K 428 50.59 21.53 -21.11
C ASN K 428 49.98 22.81 -20.56
N LYS K 429 50.45 23.95 -21.06
CA LYS K 429 49.86 25.23 -20.69
C LYS K 429 48.43 25.32 -21.22
N ILE K 430 48.22 24.75 -22.40
CA ILE K 430 46.89 24.67 -22.99
C ILE K 430 46.01 23.74 -22.16
N LEU K 431 46.55 22.58 -21.81
CA LEU K 431 45.83 21.59 -21.03
C LEU K 431 45.46 22.13 -19.64
N GLN K 432 46.34 22.96 -19.08
CA GLN K 432 46.05 23.60 -17.80
C GLN K 432 44.92 24.60 -17.97
N SER K 433 44.96 25.34 -19.08
CA SER K 433 43.91 26.31 -19.39
C SER K 433 42.59 25.62 -19.67
N SER K 434 42.66 24.39 -20.15
CA SER K 434 41.45 23.61 -20.40
C SER K 434 40.71 23.29 -19.10
N LYS K 435 41.49 22.99 -18.06
CA LYS K 435 40.91 22.63 -16.78
C LYS K 435 40.36 23.84 -16.04
N THR K 436 41.08 24.96 -16.08
CA THR K 436 40.63 26.16 -15.37
C THR K 436 39.49 26.87 -16.10
N SER K 437 39.40 26.68 -17.41
CA SER K 437 38.32 27.27 -18.20
C SER K 437 37.13 26.32 -18.30
N ASN K 438 37.38 25.05 -17.96
CA ASN K 438 36.38 23.99 -18.08
C ASN K 438 35.88 23.81 -19.51
N GLU K 439 36.73 24.17 -20.47
CA GLU K 439 36.50 23.82 -21.86
C GLU K 439 37.45 22.67 -22.19
N PRO K 440 36.94 21.43 -22.13
CA PRO K 440 37.75 20.21 -22.14
C PRO K 440 38.52 19.99 -23.44
N VAL K 441 39.81 19.71 -23.31
CA VAL K 441 40.69 19.52 -24.47
C VAL K 441 41.67 18.37 -24.20
N TRP K 442 41.81 17.47 -25.16
CA TRP K 442 42.66 16.29 -24.99
C TRP K 442 43.86 16.28 -25.94
N TRP K 443 45.00 15.84 -25.44
CA TRP K 443 46.25 15.86 -26.20
C TRP K 443 46.32 14.69 -27.18
N LEU K 444 46.58 15.01 -28.45
CA LEU K 444 46.71 13.99 -29.49
C LEU K 444 48.11 14.08 -30.12
N PRO K 445 48.63 12.95 -30.63
CA PRO K 445 50.01 12.91 -31.12
C PRO K 445 50.19 13.26 -32.61
N ILE K 446 51.29 13.93 -32.92
CA ILE K 446 51.70 14.11 -34.31
C ILE K 446 52.65 12.99 -34.68
N ILE K 447 52.11 11.94 -35.30
CA ILE K 447 52.91 10.75 -35.62
C ILE K 447 53.78 10.97 -36.86
N ASN K 448 55.09 11.00 -36.63
CA ASN K 448 56.06 11.30 -37.67
C ASN K 448 56.12 10.25 -38.78
N GLU K 449 55.79 9.01 -38.43
CA GLU K 449 55.80 7.92 -39.40
C GLU K 449 54.81 8.15 -40.53
N TYR K 450 53.91 9.11 -40.33
CA TYR K 450 52.90 9.45 -41.33
C TYR K 450 53.34 10.59 -42.25
N ARG K 451 54.40 11.29 -41.88
CA ARG K 451 54.87 12.45 -42.65
C ARG K 451 55.15 12.12 -44.11
N ALA K 452 55.59 10.89 -44.38
CA ALA K 452 55.98 10.49 -45.73
C ALA K 452 54.80 10.42 -46.70
N THR K 453 53.59 10.32 -46.17
CA THR K 453 52.41 10.25 -47.03
C THR K 453 52.12 11.61 -47.67
N LEU K 454 52.81 12.64 -47.20
CA LEU K 454 52.65 13.99 -47.73
C LEU K 454 53.71 14.30 -48.79
N ASN K 455 54.64 13.37 -49.00
CA ASN K 455 55.68 13.56 -50.01
C ASN K 455 55.09 13.54 -51.42
N SER K 456 55.06 14.70 -52.06
CA SER K 456 54.44 14.84 -53.37
C SER K 456 55.42 14.50 -54.49
N LYS K 457 54.88 14.05 -55.61
CA LYS K 457 55.68 13.68 -56.76
C LYS K 457 56.25 14.89 -57.50
N TYR K 458 55.50 15.99 -57.50
CA TYR K 458 55.88 17.18 -58.25
C TYR K 458 56.10 18.41 -57.38
N ALA K 459 55.21 18.62 -56.42
CA ALA K 459 55.34 19.76 -55.52
C ALA K 459 56.27 19.42 -54.36
N ASP K 460 56.58 20.43 -53.54
CA ASP K 460 57.41 20.21 -52.36
C ASP K 460 56.70 19.30 -51.37
N ILE K 461 55.38 19.39 -51.35
CA ILE K 461 54.58 18.67 -50.36
C ILE K 461 53.12 18.52 -50.80
N ASN K 462 52.49 17.43 -50.37
CA ASN K 462 51.07 17.22 -50.64
C ASN K 462 50.19 17.96 -49.63
N GLN K 463 49.04 18.43 -50.09
CA GLN K 463 48.05 19.04 -49.22
C GLN K 463 47.44 17.98 -48.30
N ILE K 464 47.04 16.86 -48.88
CA ILE K 464 46.41 15.79 -48.12
C ILE K 464 47.14 14.47 -48.29
N SER K 465 46.69 13.47 -47.54
CA SER K 465 47.13 12.10 -47.70
C SER K 465 46.10 11.32 -48.51
N SER K 466 46.58 10.34 -49.27
CA SER K 466 45.67 9.44 -49.98
C SER K 466 45.45 8.18 -49.15
N SER K 467 46.52 7.71 -48.53
CA SER K 467 46.49 6.48 -47.74
C SER K 467 45.93 6.71 -46.33
N VAL K 468 46.78 7.27 -45.47
CA VAL K 468 46.47 7.44 -44.06
C VAL K 468 45.15 8.16 -43.80
N LYS K 469 44.25 7.47 -43.09
CA LYS K 469 42.92 8.00 -42.83
C LYS K 469 42.85 8.68 -41.47
N ALA K 470 43.98 8.74 -40.77
CA ALA K 470 44.08 9.54 -39.56
C ALA K 470 44.23 11.00 -39.95
N SER K 471 43.14 11.59 -40.44
CA SER K 471 43.17 12.90 -41.08
C SER K 471 43.57 14.02 -40.14
N SER K 472 43.20 13.91 -38.87
CA SER K 472 43.55 14.93 -37.88
C SER K 472 45.06 15.01 -37.69
N ILE K 473 45.71 13.86 -37.73
CA ILE K 473 47.15 13.77 -37.54
C ILE K 473 47.91 14.22 -38.79
N VAL K 474 47.40 13.80 -39.96
CA VAL K 474 47.99 14.20 -41.23
C VAL K 474 47.95 15.72 -41.39
N ALA K 475 46.79 16.30 -41.10
CA ALA K 475 46.62 17.75 -41.19
C ALA K 475 47.54 18.47 -40.22
N SER K 476 47.80 17.84 -39.08
CA SER K 476 48.72 18.40 -38.08
C SER K 476 50.16 18.38 -38.59
N LEU K 477 50.52 17.28 -39.25
CA LEU K 477 51.84 17.17 -39.87
C LEU K 477 52.04 18.24 -40.93
N PHE K 478 50.98 18.53 -41.69
CA PHE K 478 51.02 19.55 -42.73
C PHE K 478 51.31 20.93 -42.14
N LEU K 479 50.47 21.35 -41.19
CA LEU K 479 50.62 22.65 -40.55
C LEU K 479 51.99 22.82 -39.92
N LYS K 480 52.55 21.72 -39.44
CA LYS K 480 53.86 21.74 -38.78
C LYS K 480 54.96 22.18 -39.74
N GLU K 481 54.75 21.93 -41.03
CA GLU K 481 55.74 22.27 -42.06
C GLU K 481 55.87 23.77 -42.29
N PHE K 482 55.05 24.57 -41.62
CA PHE K 482 55.03 26.01 -41.86
C PHE K 482 55.40 26.82 -40.61
N VAL K 483 55.88 26.12 -39.59
CA VAL K 483 56.44 26.76 -38.41
C VAL K 483 57.85 26.21 -38.17
N GLN K 484 58.85 27.06 -38.33
CA GLN K 484 60.24 26.60 -38.38
C GLN K 484 60.93 26.56 -37.03
N ASN K 485 60.78 27.62 -36.24
CA ASN K 485 61.45 27.68 -34.95
C ASN K 485 60.63 28.43 -33.89
N THR K 486 59.41 27.95 -33.68
CA THR K 486 58.51 28.57 -32.72
C THR K 486 57.62 27.52 -32.07
N ALA K 487 57.41 27.65 -30.75
CA ALA K 487 56.47 26.78 -30.06
C ALA K 487 55.08 26.98 -30.63
N TRP K 488 54.47 25.90 -31.09
CA TRP K 488 53.19 25.98 -31.80
C TRP K 488 52.23 24.87 -31.42
N ALA K 489 51.02 25.26 -31.04
CA ALA K 489 49.97 24.30 -30.72
C ALA K 489 48.80 24.46 -31.69
N HIS K 490 48.05 23.38 -31.89
CA HIS K 490 46.95 23.37 -32.84
C HIS K 490 45.70 22.74 -32.24
N ILE K 491 44.64 23.52 -32.13
CA ILE K 491 43.41 23.04 -31.50
C ILE K 491 42.29 22.81 -32.52
N ASP K 492 41.96 21.54 -32.72
CA ASP K 492 40.92 21.16 -33.68
C ASP K 492 39.57 21.05 -32.99
N ILE K 493 38.70 22.02 -33.27
CA ILE K 493 37.42 22.13 -32.58
C ILE K 493 36.24 21.80 -33.50
N ALA K 494 36.53 21.14 -34.61
CA ALA K 494 35.51 20.78 -35.59
C ALA K 494 34.40 19.93 -34.96
N GLY K 495 34.78 19.08 -34.01
CA GLY K 495 33.83 18.19 -33.36
C GLY K 495 33.01 18.85 -32.27
N VAL K 496 33.57 19.87 -31.63
CA VAL K 496 32.95 20.44 -30.44
C VAL K 496 32.32 21.81 -30.66
N SER K 497 32.63 22.45 -31.78
CA SER K 497 32.18 23.82 -32.03
C SER K 497 30.66 23.96 -31.98
N TRP K 498 29.96 23.16 -32.79
CA TRP K 498 28.52 23.27 -32.88
C TRP K 498 27.81 22.34 -31.91
N ASN K 499 26.83 22.88 -31.19
CA ASN K 499 25.97 22.07 -30.33
C ASN K 499 24.81 21.54 -31.16
N PHE K 500 24.94 20.29 -31.60
CA PHE K 500 23.94 19.66 -32.46
C PHE K 500 22.60 19.54 -31.77
N LYS K 501 22.63 19.10 -30.52
CA LYS K 501 21.40 18.92 -29.74
C LYS K 501 20.66 20.23 -29.55
N ALA K 502 21.40 21.29 -29.20
CA ALA K 502 20.78 22.57 -28.90
C ALA K 502 20.62 23.45 -30.14
N ARG K 503 21.12 22.97 -31.27
CA ARG K 503 21.01 23.67 -32.55
C ARG K 503 21.59 25.08 -32.51
N LYS K 504 22.79 25.21 -31.93
CA LYS K 504 23.45 26.50 -31.80
C LYS K 504 24.94 26.31 -31.55
N PRO K 505 25.74 27.39 -31.68
CA PRO K 505 27.16 27.22 -31.39
C PRO K 505 27.45 27.19 -29.89
N LYS K 506 28.65 26.76 -29.52
CA LYS K 506 29.09 26.77 -28.14
C LYS K 506 29.93 28.00 -27.82
N GLY K 507 30.48 28.60 -28.87
CA GLY K 507 31.45 29.67 -28.70
C GLY K 507 32.71 29.10 -28.07
N PHE K 508 33.00 27.85 -28.41
CA PHE K 508 34.09 27.10 -27.81
C PHE K 508 35.45 27.74 -28.08
N GLY K 509 36.25 27.91 -27.04
CA GLY K 509 37.62 28.34 -27.21
C GLY K 509 37.93 29.72 -26.67
N VAL K 510 36.91 30.53 -26.43
CA VAL K 510 37.12 31.88 -25.92
C VAL K 510 37.70 31.84 -24.51
N ARG K 511 37.08 31.04 -23.64
CA ARG K 511 37.52 30.93 -22.25
C ARG K 511 38.82 30.13 -22.14
N LEU K 512 39.01 29.16 -23.02
CA LEU K 512 40.23 28.38 -23.05
C LEU K 512 41.44 29.26 -23.35
N LEU K 513 41.33 30.02 -24.45
CA LEU K 513 42.43 30.88 -24.88
C LEU K 513 42.66 32.06 -23.93
N THR K 514 41.58 32.58 -23.34
CA THR K 514 41.71 33.70 -22.41
C THR K 514 42.47 33.29 -21.15
N GLU K 515 42.11 32.14 -20.60
CA GLU K 515 42.82 31.59 -19.45
C GLU K 515 44.30 31.40 -19.77
N PHE K 516 44.57 30.98 -21.00
CA PHE K 516 45.94 30.78 -21.46
C PHE K 516 46.74 32.08 -21.47
N VAL K 517 46.09 33.17 -21.84
CA VAL K 517 46.73 34.48 -21.91
C VAL K 517 46.96 35.08 -20.52
N LEU K 518 45.97 34.90 -19.64
CA LEU K 518 45.99 35.54 -18.33
C LEU K 518 46.90 34.83 -17.34
N ASN K 519 46.89 33.49 -17.34
CA ASN K 519 47.68 32.72 -16.40
C ASN K 519 49.07 32.39 -16.95
N SER L 3 48.55 35.09 -77.07
CA SER L 3 47.36 35.18 -76.24
C SER L 3 47.70 35.30 -74.76
N GLU L 4 47.17 36.32 -74.11
CA GLU L 4 47.41 36.55 -72.69
C GLU L 4 46.57 35.62 -71.83
N VAL L 5 47.22 34.92 -70.91
CA VAL L 5 46.53 34.03 -69.98
C VAL L 5 45.88 34.84 -68.87
N PRO L 6 44.56 34.70 -68.71
CA PRO L 6 43.82 35.43 -67.68
C PRO L 6 44.12 34.91 -66.26
N GLN L 7 44.17 35.84 -65.31
CA GLN L 7 44.41 35.50 -63.91
C GLN L 7 43.30 36.01 -62.99
N VAL L 8 43.01 35.24 -61.94
CA VAL L 8 42.12 35.71 -60.89
C VAL L 8 42.91 36.56 -59.91
N VAL L 9 44.12 36.10 -59.59
CA VAL L 9 45.02 36.84 -58.72
C VAL L 9 46.37 37.01 -59.42
N SER L 10 47.19 37.91 -58.92
CA SER L 10 48.47 38.22 -59.55
C SER L 10 49.46 37.05 -59.43
N LEU L 11 49.15 36.11 -58.55
CA LEU L 11 50.02 34.96 -58.32
C LEU L 11 49.69 33.79 -59.24
N ASP L 12 48.59 33.90 -59.98
CA ASP L 12 48.21 32.88 -60.95
C ASP L 12 49.25 32.79 -62.06
N PRO L 13 49.75 31.57 -62.34
CA PRO L 13 50.76 31.35 -63.38
C PRO L 13 50.22 31.63 -64.79
N THR L 14 51.06 32.15 -65.66
CA THR L 14 50.63 32.55 -67.00
C THR L 14 51.25 31.72 -68.11
N SER L 15 51.93 30.63 -67.75
CA SER L 15 52.54 29.75 -68.75
C SER L 15 52.97 28.41 -68.17
N ILE L 16 53.00 27.40 -69.02
CA ILE L 16 53.50 26.09 -68.64
C ILE L 16 55.02 26.05 -68.74
N PRO L 17 55.70 25.71 -67.63
CA PRO L 17 57.15 25.51 -67.69
C PRO L 17 57.50 24.25 -68.46
N ILE L 18 58.39 24.36 -69.44
CA ILE L 18 58.78 23.20 -70.25
C ILE L 18 60.28 23.03 -70.32
N GLU L 19 60.77 21.85 -69.92
CA GLU L 19 62.18 21.52 -70.11
C GLU L 19 62.40 20.97 -71.51
N TYR L 20 63.14 21.70 -72.32
CA TYR L 20 63.51 21.22 -73.65
C TYR L 20 64.86 20.51 -73.59
N ASN L 21 65.85 21.19 -73.05
CA ASN L 21 67.18 20.61 -72.88
C ASN L 21 67.26 19.79 -71.59
N THR L 22 67.09 18.47 -71.72
CA THR L 22 67.16 17.58 -70.58
C THR L 22 68.56 16.98 -70.47
N PRO L 23 68.96 16.57 -69.25
CA PRO L 23 70.24 15.88 -69.05
C PRO L 23 70.40 14.66 -69.95
N ILE L 24 69.27 14.03 -70.28
CA ILE L 24 69.25 12.88 -71.18
C ILE L 24 69.87 13.23 -72.53
N HIS L 25 69.65 14.47 -72.97
CA HIS L 25 70.18 14.93 -74.25
C HIS L 25 71.70 15.11 -74.25
N ASP L 26 72.30 15.06 -73.05
CA ASP L 26 73.75 15.23 -72.93
C ASP L 26 74.49 13.90 -72.82
N ILE L 27 73.75 12.80 -72.88
CA ILE L 27 74.34 11.48 -72.68
C ILE L 27 74.92 10.90 -73.96
N LYS L 28 76.22 10.60 -73.94
CA LYS L 28 76.89 9.97 -75.06
C LYS L 28 76.66 8.47 -75.07
N VAL L 29 76.07 7.96 -76.15
CA VAL L 29 75.77 6.54 -76.24
C VAL L 29 76.56 5.86 -77.35
N GLN L 30 77.34 4.85 -76.97
CA GLN L 30 78.11 4.07 -77.93
C GLN L 30 77.73 2.60 -77.83
N VAL L 31 77.65 1.93 -78.98
CA VAL L 31 77.22 0.54 -79.01
C VAL L 31 78.32 -0.37 -79.56
N TYR L 32 78.74 -1.34 -78.75
CA TYR L 32 79.81 -2.25 -79.14
C TYR L 32 79.30 -3.67 -79.34
N ASP L 33 80.07 -4.49 -80.05
CA ASP L 33 79.71 -5.89 -80.27
C ASP L 33 80.29 -6.75 -79.15
N ILE L 34 79.47 -7.64 -78.62
CA ILE L 34 79.84 -8.46 -77.46
C ILE L 34 81.00 -9.41 -77.75
N LYS L 35 81.23 -9.70 -79.04
CA LYS L 35 82.23 -10.69 -79.43
C LYS L 35 83.65 -10.30 -79.03
N GLY L 36 83.93 -9.01 -78.95
CA GLY L 36 85.27 -8.53 -78.66
C GLY L 36 85.62 -8.46 -77.19
N GLY L 37 84.67 -8.85 -76.33
CA GLY L 37 84.88 -8.80 -74.90
C GLY L 37 84.40 -7.49 -74.31
N CYS L 38 84.22 -7.48 -72.99
CA CYS L 38 83.70 -6.30 -72.31
C CYS L 38 84.77 -5.64 -71.44
N ASN L 39 84.89 -4.32 -71.58
CA ASN L 39 85.84 -3.55 -70.77
C ASN L 39 85.16 -2.92 -69.56
N VAL L 40 85.82 -2.99 -68.41
CA VAL L 40 85.31 -2.39 -67.18
C VAL L 40 86.31 -1.37 -66.65
N GLU L 41 85.93 -0.10 -66.66
CA GLU L 41 86.84 0.97 -66.25
C GLU L 41 86.14 2.05 -65.43
N GLU L 42 85.11 2.67 -66.01
CA GLU L 42 84.38 3.72 -65.33
C GLU L 42 82.96 3.28 -64.97
N GLY L 43 82.41 3.90 -63.94
CA GLY L 43 81.01 3.72 -63.59
C GLY L 43 80.52 2.30 -63.36
N LEU L 44 79.25 2.08 -63.65
CA LEU L 44 78.59 0.81 -63.38
C LEU L 44 78.33 0.00 -64.66
N THR L 45 78.61 -1.30 -64.58
CA THR L 45 78.34 -2.22 -65.68
C THR L 45 77.26 -3.22 -65.27
N ILE L 46 76.20 -3.31 -66.07
CA ILE L 46 75.07 -4.17 -65.75
C ILE L 46 74.84 -5.23 -66.82
N PHE L 47 74.76 -6.49 -66.39
CA PHE L 47 74.51 -7.60 -67.30
C PHE L 47 73.04 -7.99 -67.27
N LEU L 48 72.42 -8.05 -68.44
CA LEU L 48 71.05 -8.50 -68.55
C LEU L 48 71.03 -10.01 -68.81
N VAL L 49 70.62 -10.77 -67.79
CA VAL L 49 70.75 -12.23 -67.82
C VAL L 49 69.43 -12.94 -67.55
N ASN L 50 69.15 -13.98 -68.36
CA ASN L 50 68.01 -14.84 -68.14
C ASN L 50 68.45 -16.30 -68.01
N ASN L 51 67.52 -17.18 -67.68
CA ASN L 51 67.82 -18.61 -67.59
C ASN L 51 66.62 -19.48 -67.93
N PRO L 52 66.47 -19.82 -69.22
CA PRO L 52 65.41 -20.71 -69.68
C PRO L 52 65.44 -22.06 -68.98
N GLY L 53 64.32 -22.46 -68.38
CA GLY L 53 64.24 -23.71 -67.66
C GLY L 53 64.51 -23.53 -66.17
N GLU L 55 62.70 -21.87 -63.61
CA GLU L 55 62.02 -20.62 -63.89
C GLU L 55 62.72 -19.45 -63.20
N ASN L 56 63.21 -19.69 -61.99
CA ASN L 56 63.97 -18.68 -61.26
C ASN L 56 65.35 -19.20 -60.88
N GLY L 57 66.05 -19.73 -61.87
CA GLY L 57 67.33 -20.38 -61.66
C GLY L 57 68.49 -19.43 -61.41
N PRO L 58 69.70 -19.99 -61.32
CA PRO L 58 70.94 -19.26 -60.99
C PRO L 58 71.40 -18.31 -62.09
N VAL L 59 72.25 -17.35 -61.72
CA VAL L 59 72.83 -16.42 -62.68
C VAL L 59 74.13 -16.97 -63.25
N LYS L 60 74.29 -16.87 -64.56
CA LYS L 60 75.52 -17.33 -65.22
C LYS L 60 75.95 -16.35 -66.31
N ILE L 61 77.12 -15.73 -66.12
CA ILE L 61 77.62 -14.73 -67.06
C ILE L 61 78.41 -15.38 -68.19
N SER L 62 78.00 -15.11 -69.42
CA SER L 62 78.57 -15.78 -70.59
C SER L 62 79.61 -14.94 -71.33
N SER L 63 79.46 -13.62 -71.28
CA SER L 63 80.34 -12.72 -72.03
C SER L 63 81.75 -12.66 -71.43
N LYS L 64 82.73 -12.44 -72.30
CA LYS L 64 84.12 -12.31 -71.87
C LYS L 64 84.38 -10.93 -71.28
N VAL L 65 84.98 -10.90 -70.09
CA VAL L 65 85.28 -9.65 -69.41
C VAL L 65 86.78 -9.40 -69.37
N ASN L 66 87.21 -8.32 -70.01
CA ASN L 66 88.63 -7.99 -70.10
C ASN L 66 89.16 -7.34 -68.83
N ASP L 67 88.95 -8.01 -67.70
CA ASP L 67 89.49 -7.56 -66.42
C ASP L 67 89.57 -8.76 -65.48
N LYS L 68 90.77 -9.02 -64.97
CA LYS L 68 91.03 -10.22 -64.17
C LYS L 68 90.24 -10.27 -62.86
N VAL L 70 87.29 -8.26 -62.22
CA VAL L 70 85.86 -8.39 -62.41
C VAL L 70 85.49 -9.81 -62.85
N SER L 71 86.37 -10.43 -63.62
CA SER L 71 86.15 -11.81 -64.07
C SER L 71 86.12 -12.76 -62.87
N GLU L 72 86.93 -12.46 -61.87
CA GLU L 72 86.93 -13.23 -60.63
C GLU L 72 85.60 -13.03 -59.91
N PHE L 73 85.07 -11.81 -59.97
CA PHE L 73 83.79 -11.49 -59.36
C PHE L 73 82.64 -12.20 -60.07
N LEU L 74 82.78 -12.36 -61.39
CA LEU L 74 81.71 -12.91 -62.22
C LEU L 74 81.80 -14.42 -62.39
N LYS L 75 82.58 -15.08 -61.51
CA LYS L 75 82.74 -16.52 -61.56
C LYS L 75 81.40 -17.22 -61.37
N ASP L 76 81.25 -18.39 -61.98
CA ASP L 76 80.00 -19.16 -61.91
C ASP L 76 79.64 -19.52 -60.48
N GLU L 77 80.67 -19.81 -59.67
CA GLU L 77 80.46 -20.17 -58.28
C GLU L 77 79.89 -19.01 -57.47
N ASN L 78 80.32 -17.80 -57.80
CA ASN L 78 79.90 -16.61 -57.07
C ASN L 78 78.51 -16.12 -57.48
N MET L 79 78.23 -16.18 -58.78
CA MET L 79 76.97 -15.68 -59.32
C MET L 79 75.82 -16.65 -59.10
N GLU L 80 76.16 -17.91 -58.85
CA GLU L 80 75.15 -18.94 -58.61
C GLU L 80 74.32 -18.65 -57.36
N LYS L 81 74.83 -17.76 -56.51
CA LYS L 81 74.14 -17.39 -55.28
C LYS L 81 73.00 -16.41 -55.53
N PHE L 82 72.88 -15.93 -56.77
CA PHE L 82 71.80 -15.03 -57.15
C PHE L 82 70.90 -15.70 -58.19
N ASN L 83 69.62 -15.31 -58.23
CA ASN L 83 68.68 -15.87 -59.18
C ASN L 83 68.26 -14.86 -60.25
N VAL L 84 67.63 -15.35 -61.31
CA VAL L 84 67.30 -14.52 -62.47
C VAL L 84 65.85 -14.06 -62.51
N LYS L 85 65.14 -14.20 -61.39
CA LYS L 85 63.74 -13.76 -61.29
C LYS L 85 63.59 -12.33 -61.80
N LEU L 86 62.62 -12.15 -62.70
CA LEU L 86 62.43 -10.89 -63.42
C LEU L 86 62.36 -9.66 -62.52
N GLY L 87 63.36 -8.79 -62.63
CA GLY L 87 63.38 -7.56 -61.89
C GLY L 87 64.37 -7.55 -60.76
N THR L 88 64.76 -8.73 -60.29
CA THR L 88 65.76 -8.84 -59.24
C THR L 88 67.10 -8.32 -59.73
N SER L 89 67.82 -7.64 -58.86
CA SER L 89 69.12 -7.08 -59.22
C SER L 89 70.01 -6.90 -58.02
N LYS L 90 71.31 -7.00 -58.25
CA LYS L 90 72.32 -6.73 -57.24
C LYS L 90 73.54 -6.15 -57.91
N HIS L 91 74.24 -5.24 -57.23
CA HIS L 91 75.48 -4.71 -57.76
C HIS L 91 76.46 -4.42 -56.64
N PHE L 92 77.72 -4.78 -56.87
CA PHE L 92 78.77 -4.66 -55.86
C PHE L 92 79.80 -3.63 -56.27
N TYR L 93 80.51 -3.08 -55.30
CA TYR L 93 81.63 -2.20 -55.58
C TYR L 93 82.96 -2.90 -55.35
N MET L 94 83.93 -2.61 -56.21
CA MET L 94 85.23 -3.27 -56.15
C MET L 94 86.28 -2.50 -56.92
N PHE L 95 87.53 -2.97 -56.85
CA PHE L 95 88.61 -2.39 -57.62
C PHE L 95 88.97 -3.29 -58.80
N ASN L 96 89.19 -2.68 -59.96
CA ASN L 96 89.55 -3.44 -61.15
C ASN L 96 91.06 -3.65 -61.24
N ASP L 97 91.55 -3.90 -62.45
CA ASP L 97 92.97 -4.18 -62.65
C ASP L 97 93.85 -2.94 -62.47
N ASN L 98 93.29 -1.77 -62.72
CA ASN L 98 94.04 -0.52 -62.62
C ASN L 98 93.79 0.18 -61.28
N LYS L 99 93.35 -0.59 -60.30
CA LYS L 99 93.03 -0.08 -58.97
C LYS L 99 92.00 1.04 -59.00
N ASN L 100 91.08 0.97 -59.96
CA ASN L 100 89.99 1.93 -60.05
C ASN L 100 88.67 1.35 -59.52
N SER L 101 87.88 2.21 -58.88
CA SER L 101 86.61 1.77 -58.31
C SER L 101 85.56 1.56 -59.41
N VAL L 102 85.10 0.31 -59.53
CA VAL L 102 84.05 -0.02 -60.48
C VAL L 102 82.92 -0.77 -59.80
N ALA L 103 81.71 -0.61 -60.33
CA ALA L 103 80.56 -1.33 -59.82
C ALA L 103 80.02 -2.27 -60.89
N VAL L 104 79.87 -3.54 -60.53
CA VAL L 104 79.37 -4.55 -61.47
C VAL L 104 78.13 -5.23 -60.91
N GLY L 105 77.17 -5.54 -61.78
CA GLY L 105 75.95 -6.18 -61.35
C GLY L 105 75.11 -6.75 -62.48
N TYR L 106 73.96 -7.31 -62.12
CA TYR L 106 73.06 -7.91 -63.08
C TYR L 106 71.62 -7.48 -62.83
N VAL L 107 70.78 -7.64 -63.84
CA VAL L 107 69.33 -7.55 -63.66
C VAL L 107 68.69 -8.81 -64.23
N GLY L 108 67.83 -9.44 -63.44
CA GLY L 108 67.20 -10.68 -63.85
C GLY L 108 66.13 -10.50 -64.91
N CYS L 109 66.19 -11.31 -65.97
CA CYS L 109 65.26 -11.21 -67.07
C CYS L 109 64.31 -12.41 -67.15
N GLY L 110 64.15 -13.11 -66.05
CA GLY L 110 63.25 -14.26 -66.01
C GLY L 110 63.80 -15.46 -66.75
N SER L 111 62.90 -16.31 -67.25
CA SER L 111 63.29 -17.52 -67.94
C SER L 111 62.73 -17.60 -69.36
N VAL L 112 61.89 -16.64 -69.72
CA VAL L 112 61.34 -16.58 -71.07
C VAL L 112 62.35 -15.96 -72.02
N ALA L 113 62.56 -16.59 -73.17
CA ALA L 113 63.57 -16.15 -74.12
C ALA L 113 63.17 -14.86 -74.84
N ASP L 114 61.87 -14.69 -75.07
CA ASP L 114 61.36 -13.50 -75.72
C ASP L 114 60.63 -12.60 -74.74
N LEU L 115 61.27 -11.49 -74.37
CA LEU L 115 60.68 -10.56 -73.42
C LEU L 115 59.50 -9.80 -74.01
N SER L 116 58.52 -9.53 -73.16
CA SER L 116 57.37 -8.71 -73.55
C SER L 116 57.67 -7.25 -73.29
N GLU L 117 56.78 -6.37 -73.74
CA GLU L 117 56.90 -4.95 -73.47
C GLU L 117 56.87 -4.69 -71.96
N ALA L 118 55.98 -5.41 -71.27
CA ALA L 118 55.80 -5.25 -69.83
C ALA L 118 57.01 -5.75 -69.05
N ASP L 119 57.54 -6.90 -69.44
CA ASP L 119 58.69 -7.48 -68.78
C ASP L 119 59.93 -6.59 -68.91
N MET L 120 60.12 -6.04 -70.10
CA MET L 120 61.27 -5.17 -70.37
C MET L 120 61.22 -3.91 -69.51
N LYS L 121 60.01 -3.47 -69.18
CA LYS L 121 59.85 -2.31 -68.30
C LYS L 121 60.29 -2.63 -66.88
N ARG L 122 59.99 -3.85 -66.43
CA ARG L 122 60.42 -4.29 -65.10
C ARG L 122 61.95 -4.34 -65.02
N VAL L 123 62.58 -4.72 -66.13
CA VAL L 123 64.03 -4.74 -66.21
C VAL L 123 64.59 -3.32 -66.07
N VAL L 124 63.97 -2.38 -66.76
CA VAL L 124 64.46 -1.01 -66.81
C VAL L 124 64.25 -0.26 -65.51
N LEU L 125 63.09 -0.46 -64.87
CA LEU L 125 62.83 0.17 -63.58
C LEU L 125 63.83 -0.31 -62.53
N SER L 126 64.15 -1.59 -62.57
CA SER L 126 65.17 -2.15 -61.68
C SER L 126 66.53 -1.55 -62.01
N LEU L 127 66.75 -1.29 -63.30
CA LEU L 127 67.98 -0.65 -63.74
C LEU L 127 68.02 0.81 -63.29
N VAL L 128 66.90 1.50 -63.48
CA VAL L 128 66.78 2.90 -63.09
C VAL L 128 66.92 3.08 -61.58
N THR L 129 66.38 2.12 -60.83
CA THR L 129 66.49 2.14 -59.38
C THR L 129 67.95 2.29 -58.96
N MET L 130 68.84 1.57 -59.63
CA MET L 130 70.26 1.63 -59.33
C MET L 130 70.91 2.94 -59.77
N LEU L 131 70.37 3.55 -60.81
CA LEU L 131 70.89 4.83 -61.29
C LEU L 131 70.52 5.95 -60.32
N HIS L 132 69.32 5.87 -59.76
CA HIS L 132 68.84 6.87 -58.81
C HIS L 132 69.58 6.79 -57.47
N ASP L 133 70.21 5.65 -57.21
CA ASP L 133 70.87 5.42 -55.93
C ASP L 133 72.37 5.74 -55.96
N ASN L 134 72.90 5.99 -57.15
CA ASN L 134 74.34 6.10 -57.32
C ASN L 134 74.80 7.35 -58.07
N LYS L 135 75.96 7.88 -57.69
CA LYS L 135 76.57 9.02 -58.37
C LYS L 135 77.51 8.56 -59.49
N LEU L 136 76.94 7.96 -60.52
CA LEU L 136 77.72 7.38 -61.60
C LEU L 136 78.03 8.37 -62.72
N SER L 137 79.14 8.13 -63.40
CA SER L 137 79.53 8.95 -64.54
C SER L 137 79.13 8.27 -65.85
N LYS L 138 79.10 6.94 -65.82
CA LYS L 138 78.80 6.14 -67.00
C LYS L 138 78.07 4.86 -66.63
N LEU L 139 77.06 4.52 -67.41
CA LEU L 139 76.38 3.23 -67.27
C LEU L 139 76.70 2.36 -68.47
N THR L 140 76.99 1.09 -68.22
CA THR L 140 77.21 0.13 -69.30
C THR L 140 76.27 -1.06 -69.17
N VAL L 141 75.56 -1.35 -70.23
CA VAL L 141 74.63 -2.48 -70.24
C VAL L 141 75.14 -3.57 -71.18
N VAL L 142 75.20 -4.80 -70.67
CA VAL L 142 75.63 -5.93 -71.48
C VAL L 142 74.48 -6.92 -71.68
N PHE L 143 74.02 -7.04 -72.93
CA PHE L 143 72.88 -7.88 -73.25
C PHE L 143 73.26 -9.35 -73.42
N GLU L 144 72.89 -10.17 -72.44
CA GLU L 144 73.03 -11.61 -72.57
C GLU L 144 71.64 -12.22 -72.78
N ILE L 145 70.80 -11.47 -73.48
CA ILE L 145 69.48 -11.91 -73.87
C ILE L 145 69.27 -11.54 -75.34
N ASN L 146 68.22 -12.06 -75.95
CA ASN L 146 67.95 -11.74 -77.35
C ASN L 146 66.80 -10.76 -77.51
N VAL L 147 67.11 -9.57 -78.03
CA VAL L 147 66.09 -8.57 -78.35
C VAL L 147 66.24 -8.13 -79.79
N ASP L 148 65.13 -7.85 -80.45
CA ASP L 148 65.19 -7.36 -81.82
C ASP L 148 65.42 -5.85 -81.82
N LYS L 149 65.39 -5.25 -83.02
CA LYS L 149 65.66 -3.83 -83.20
C LYS L 149 64.64 -2.96 -82.45
N ASN L 150 63.37 -3.31 -82.61
CA ASN L 150 62.27 -2.54 -82.04
C ASN L 150 62.30 -2.59 -80.52
N LEU L 151 62.62 -3.76 -79.98
CA LEU L 151 62.65 -3.92 -78.53
C LEU L 151 63.86 -3.21 -77.94
N PHE L 152 64.98 -3.24 -78.66
CA PHE L 152 66.19 -2.55 -78.23
C PHE L 152 65.96 -1.05 -78.11
N ARG L 153 65.34 -0.47 -79.13
CA ARG L 153 65.01 0.95 -79.11
C ARG L 153 64.05 1.25 -77.96
N PHE L 154 63.06 0.39 -77.78
CA PHE L 154 62.09 0.52 -76.68
C PHE L 154 62.78 0.54 -75.33
N PHE L 155 63.84 -0.25 -75.20
CA PHE L 155 64.66 -0.27 -73.98
C PHE L 155 65.24 1.11 -73.71
N LEU L 156 65.87 1.69 -74.73
CA LEU L 156 66.52 2.99 -74.61
C LEU L 156 65.52 4.10 -74.25
N GLU L 157 64.40 4.12 -74.95
CA GLU L 157 63.33 5.08 -74.69
C GLU L 157 62.88 5.01 -73.23
N THR L 158 62.54 3.80 -72.81
CA THR L 158 62.05 3.57 -71.45
C THR L 158 63.10 3.93 -70.43
N LEU L 159 64.35 3.57 -70.73
CA LEU L 159 65.48 3.91 -69.86
C LEU L 159 65.58 5.42 -69.67
N PHE L 160 65.66 6.15 -70.78
CA PHE L 160 65.72 7.60 -70.74
C PHE L 160 64.52 8.21 -70.01
N TYR L 161 63.33 7.75 -70.38
CA TYR L 161 62.09 8.30 -69.83
C TYR L 161 61.97 8.09 -68.32
N GLU L 162 62.26 6.88 -67.87
CA GLU L 162 62.16 6.56 -66.45
C GLU L 162 63.29 7.18 -65.63
N TYR L 163 64.46 7.29 -66.24
CA TYR L 163 65.60 7.94 -65.62
C TYR L 163 65.27 9.39 -65.30
N MET L 164 64.64 10.06 -66.26
CA MET L 164 64.37 11.48 -66.20
C MET L 164 63.36 11.84 -65.10
N THR L 165 63.65 12.90 -64.35
CA THR L 165 62.82 13.32 -63.24
C THR L 165 62.32 14.75 -63.40
N ASP L 166 61.00 14.93 -63.25
CA ASP L 166 60.35 16.21 -63.46
C ASP L 166 60.34 17.04 -62.17
N GLU L 167 61.14 18.10 -62.14
CA GLU L 167 61.23 18.93 -60.94
C GLU L 167 60.85 20.39 -61.22
N ARG L 168 60.00 20.60 -62.22
CA ARG L 168 59.57 21.94 -62.61
C ARG L 168 58.80 22.66 -61.51
N PHE L 169 58.10 21.90 -60.68
CA PHE L 169 57.24 22.48 -59.66
C PHE L 169 57.81 22.27 -58.25
N LYS L 170 59.06 21.86 -58.18
CA LYS L 170 59.77 21.75 -56.91
C LYS L 170 60.38 23.09 -56.55
N SER L 171 60.38 23.44 -55.27
CA SER L 171 60.96 24.69 -54.81
C SER L 171 61.94 24.45 -53.67
N THR L 172 61.42 24.33 -52.45
CA THR L 172 62.24 24.06 -51.28
C THR L 172 62.66 22.61 -51.24
N GLU L 179 74.09 15.36 -61.85
CA GLU L 179 73.60 14.19 -61.13
C GLU L 179 73.39 13.00 -62.07
N TYR L 180 73.20 13.30 -63.34
CA TYR L 180 72.93 12.26 -64.34
C TYR L 180 74.21 11.74 -64.98
N ILE L 181 74.17 10.52 -65.47
CA ILE L 181 75.33 9.93 -66.16
C ILE L 181 75.62 10.67 -67.46
N LYS L 182 76.89 10.74 -67.83
CA LYS L 182 77.28 11.45 -69.04
C LYS L 182 77.55 10.49 -70.19
N HIS L 183 77.63 9.20 -69.88
CA HIS L 183 77.94 8.19 -70.89
C HIS L 183 77.12 6.91 -70.73
N LEU L 184 76.74 6.33 -71.87
CA LEU L 184 76.05 5.05 -71.89
C LEU L 184 76.76 4.08 -72.83
N GLY L 185 77.12 2.91 -72.29
CA GLY L 185 77.74 1.87 -73.09
C GLY L 185 76.81 0.70 -73.28
N VAL L 186 76.71 0.20 -74.51
CA VAL L 186 75.83 -0.93 -74.80
C VAL L 186 76.56 -2.05 -75.53
N TYR L 187 76.63 -3.22 -74.89
CA TYR L 187 77.06 -4.44 -75.55
C TYR L 187 75.81 -5.25 -75.89
N ILE L 188 75.65 -5.59 -77.15
CA ILE L 188 74.37 -6.12 -77.62
C ILE L 188 74.53 -7.34 -78.54
N ASN L 189 75.70 -7.44 -79.18
CA ASN L 189 75.98 -8.48 -80.19
C ASN L 189 75.21 -8.15 -81.48
N ASN L 190 75.89 -8.26 -82.61
CA ASN L 190 75.42 -7.72 -83.89
C ASN L 190 75.13 -6.23 -83.72
N ALA L 191 76.04 -5.55 -83.04
CA ALA L 191 75.87 -4.16 -82.63
C ALA L 191 75.55 -3.22 -83.78
N ASP L 192 76.32 -3.34 -84.86
CA ASP L 192 76.21 -2.45 -86.01
C ASP L 192 74.79 -2.32 -86.53
N THR L 193 73.99 -3.38 -86.38
CA THR L 193 72.60 -3.32 -86.84
C THR L 193 71.81 -2.38 -85.91
N TYR L 194 71.99 -2.52 -84.59
CA TYR L 194 71.22 -1.76 -83.60
C TYR L 194 71.55 -0.26 -83.54
N LYS L 195 72.71 0.12 -84.08
CA LYS L 195 73.22 1.49 -83.93
C LYS L 195 72.23 2.58 -84.39
N GLU L 196 71.51 2.31 -85.46
CA GLU L 196 70.59 3.30 -86.03
C GLU L 196 69.39 3.59 -85.12
N GLU L 197 69.17 2.71 -84.14
CA GLU L 197 68.02 2.83 -83.24
C GLU L 197 68.23 3.85 -82.14
N VAL L 198 69.49 4.22 -81.89
CA VAL L 198 69.85 5.01 -80.73
C VAL L 198 69.24 6.42 -80.73
N GLU L 199 69.51 7.19 -81.78
CA GLU L 199 69.03 8.57 -81.83
C GLU L 199 67.52 8.64 -82.04
N LYS L 200 66.97 7.61 -82.70
CA LYS L 200 65.52 7.52 -82.86
C LYS L 200 64.86 7.40 -81.50
N ALA L 201 65.48 6.61 -80.62
CA ALA L 201 65.00 6.44 -79.25
C ALA L 201 65.07 7.77 -78.50
N ARG L 202 66.17 8.49 -78.71
CA ARG L 202 66.37 9.79 -78.08
C ARG L 202 65.24 10.76 -78.46
N VAL L 203 64.82 10.68 -79.71
CA VAL L 203 63.70 11.50 -80.19
C VAL L 203 62.38 11.00 -79.62
N TYR L 204 62.15 9.69 -79.71
CA TYR L 204 60.95 9.07 -79.15
C TYR L 204 60.84 9.35 -77.66
N TYR L 205 61.98 9.34 -76.96
CA TYR L 205 62.00 9.64 -75.54
C TYR L 205 61.43 11.03 -75.24
N PHE L 206 61.94 12.05 -75.91
CA PHE L 206 61.54 13.40 -75.58
C PHE L 206 60.11 13.66 -76.01
N GLY L 207 59.70 13.06 -77.12
CA GLY L 207 58.32 13.14 -77.57
C GLY L 207 57.38 12.60 -76.51
N THR L 208 57.81 11.52 -75.86
CA THR L 208 57.05 10.93 -74.77
C THR L 208 57.19 11.77 -73.51
N TYR L 209 58.38 12.30 -73.27
CA TYR L 209 58.61 13.12 -72.09
C TYR L 209 57.98 14.50 -72.22
N TYR L 210 57.93 15.04 -73.44
CA TYR L 210 57.30 16.34 -73.66
C TYR L 210 55.81 16.28 -73.35
N ALA L 211 55.15 15.25 -73.85
CA ALA L 211 53.73 15.04 -73.57
C ALA L 211 53.53 14.88 -72.07
N SER L 212 54.42 14.14 -71.43
CA SER L 212 54.37 13.89 -70.00
C SER L 212 54.44 15.19 -69.20
N GLN L 213 55.20 16.16 -69.68
CA GLN L 213 55.34 17.43 -69.00
C GLN L 213 54.04 18.23 -69.02
N LEU L 214 53.34 18.18 -70.16
CA LEU L 214 52.07 18.88 -70.30
C LEU L 214 51.00 18.24 -69.44
N ILE L 215 50.92 16.92 -69.50
CA ILE L 215 49.93 16.16 -68.73
C ILE L 215 50.16 16.32 -67.23
N ALA L 216 51.41 16.24 -66.80
CA ALA L 216 51.75 16.35 -65.38
C ALA L 216 51.50 17.76 -64.85
N ALA L 217 51.66 18.75 -65.72
CA ALA L 217 51.41 20.14 -65.35
C ALA L 217 49.96 20.32 -64.90
N PRO L 218 49.76 20.82 -63.67
CA PRO L 218 48.42 21.04 -63.10
C PRO L 218 47.61 22.04 -63.92
N SER L 219 46.31 22.09 -63.64
CA SER L 219 45.37 22.84 -64.50
C SER L 219 45.44 24.35 -64.34
N ASN L 220 46.02 24.83 -63.24
CA ASN L 220 46.21 26.27 -63.08
C ASN L 220 47.39 26.76 -63.92
N TYR L 221 48.32 25.85 -64.19
CA TYR L 221 49.43 26.11 -65.09
C TYR L 221 49.03 25.81 -66.53
N CYS L 222 48.47 24.62 -66.74
CA CYS L 222 48.07 24.17 -68.07
C CYS L 222 46.59 24.43 -68.32
N ASN L 223 46.29 25.62 -68.82
CA ASN L 223 44.93 25.98 -69.21
C ASN L 223 44.86 26.08 -70.74
N PRO L 224 43.63 26.18 -71.30
CA PRO L 224 43.51 26.27 -72.76
C PRO L 224 44.40 27.32 -73.42
N VAL L 225 44.52 28.49 -72.80
CA VAL L 225 45.33 29.57 -73.38
C VAL L 225 46.83 29.24 -73.32
N SER L 226 47.28 28.76 -72.16
CA SER L 226 48.69 28.44 -71.98
C SER L 226 49.09 27.21 -72.79
N LEU L 227 48.14 26.29 -72.98
CA LEU L 227 48.42 25.06 -73.72
C LEU L 227 48.55 25.34 -75.21
N SER L 228 47.71 26.22 -75.73
CA SER L 228 47.77 26.57 -77.14
C SER L 228 48.99 27.43 -77.43
N ASN L 229 49.43 28.18 -76.42
CA ASN L 229 50.68 28.93 -76.52
C ASN L 229 51.87 28.00 -76.65
N ALA L 230 51.90 26.98 -75.81
CA ALA L 230 52.96 25.98 -75.81
C ALA L 230 53.06 25.30 -77.17
N ALA L 231 51.90 25.01 -77.76
CA ALA L 231 51.84 24.37 -79.07
C ALA L 231 52.44 25.28 -80.15
N VAL L 232 52.18 26.57 -80.03
CA VAL L 232 52.72 27.55 -80.96
C VAL L 232 54.24 27.60 -80.87
N GLU L 233 54.74 27.68 -79.64
CA GLU L 233 56.16 27.69 -79.36
C GLU L 233 56.84 26.45 -79.93
N LEU L 234 56.19 25.30 -79.74
CA LEU L 234 56.68 24.04 -80.29
C LEU L 234 56.72 24.06 -81.81
N ALA L 235 55.67 24.62 -82.41
CA ALA L 235 55.56 24.71 -83.86
C ALA L 235 56.66 25.58 -84.43
N GLN L 236 57.01 26.64 -83.72
CA GLN L 236 58.03 27.59 -84.17
C GLN L 236 59.43 26.98 -84.10
N LYS L 237 59.69 26.22 -83.05
CA LYS L 237 60.99 25.56 -82.90
C LYS L 237 61.20 24.48 -83.95
N LEU L 238 60.10 23.88 -84.41
CA LEU L 238 60.16 22.82 -85.41
C LEU L 238 59.92 23.34 -86.81
N ASN L 239 59.57 24.62 -86.89
CA ASN L 239 59.22 25.27 -88.16
C ASN L 239 58.05 24.59 -88.85
N LEU L 240 57.03 24.24 -88.07
CA LEU L 240 55.78 23.73 -88.62
C LEU L 240 54.80 24.88 -88.76
N GLU L 241 53.93 24.80 -89.77
CA GLU L 241 52.86 25.78 -89.90
C GLU L 241 51.87 25.59 -88.77
N TYR L 242 51.37 26.69 -88.22
CA TYR L 242 50.44 26.61 -87.10
C TYR L 242 49.34 27.65 -87.22
N LYS L 243 48.18 27.32 -86.68
CA LYS L 243 47.02 28.20 -86.71
C LYS L 243 46.18 27.98 -85.46
N ILE L 244 46.05 29.00 -84.63
CA ILE L 244 45.23 28.91 -83.44
C ILE L 244 43.88 29.59 -83.66
N LEU L 245 42.81 28.81 -83.58
CA LEU L 245 41.47 29.33 -83.79
C LEU L 245 40.83 29.78 -82.49
N GLY L 246 40.44 31.05 -82.43
CA GLY L 246 39.82 31.61 -81.24
C GLY L 246 38.31 31.57 -81.33
N VAL L 247 37.65 32.03 -80.26
CA VAL L 247 36.20 31.97 -80.14
C VAL L 247 35.46 32.58 -81.33
N LYS L 248 35.96 33.72 -81.81
CA LYS L 248 35.34 34.40 -82.94
C LYS L 248 35.26 33.50 -84.17
N GLU L 249 36.39 32.92 -84.55
CA GLU L 249 36.44 32.00 -85.69
C GLU L 249 35.63 30.74 -85.42
N LEU L 250 35.66 30.29 -84.17
CA LEU L 250 34.93 29.09 -83.78
C LEU L 250 33.42 29.31 -83.90
N GLU L 251 32.98 30.53 -83.61
CA GLU L 251 31.58 30.90 -83.78
C GLU L 251 31.20 30.95 -85.26
N GLU L 252 32.11 31.48 -86.07
CA GLU L 252 31.90 31.57 -87.51
C GLU L 252 31.84 30.19 -88.15
N LEU L 253 32.56 29.24 -87.56
CA LEU L 253 32.57 27.87 -88.05
C LEU L 253 31.43 27.06 -87.44
N LYS L 254 30.69 27.70 -86.54
CA LYS L 254 29.51 27.10 -85.91
C LYS L 254 29.80 25.81 -85.15
N MET L 255 30.92 25.79 -84.42
CA MET L 255 31.27 24.63 -83.61
C MET L 255 30.60 24.69 -82.24
N GLY L 256 29.27 24.56 -82.23
CA GLY L 256 28.46 24.72 -81.03
C GLY L 256 28.69 23.69 -79.94
N ALA L 257 28.94 22.45 -80.33
CA ALA L 257 29.20 21.38 -79.37
C ALA L 257 30.49 21.67 -78.59
N TYR L 258 31.56 21.93 -79.33
CA TYR L 258 32.86 22.27 -78.75
C TYR L 258 32.76 23.51 -77.86
N LEU L 259 32.07 24.53 -78.36
CA LEU L 259 31.94 25.79 -77.63
C LEU L 259 31.04 25.70 -76.41
N SER L 260 30.17 24.69 -76.38
CA SER L 260 29.25 24.52 -75.25
C SER L 260 29.97 24.04 -74.00
N VAL L 261 30.93 23.14 -74.19
CA VAL L 261 31.71 22.60 -73.08
C VAL L 261 32.51 23.69 -72.38
N GLY L 262 33.08 24.59 -73.16
CA GLY L 262 33.94 25.63 -72.62
C GLY L 262 33.23 26.88 -72.14
N LYS L 263 31.91 26.91 -72.27
CA LYS L 263 31.10 28.06 -71.87
C LYS L 263 31.34 28.49 -70.42
N GLY L 264 31.47 27.51 -69.53
CA GLY L 264 31.59 27.80 -68.11
C GLY L 264 33.00 28.06 -67.62
N SER L 265 33.95 28.17 -68.54
CA SER L 265 35.34 28.37 -68.17
C SER L 265 35.74 29.85 -68.18
N MET L 266 36.75 30.19 -67.37
CA MET L 266 37.31 31.54 -67.37
C MET L 266 38.35 31.66 -68.48
N TYR L 267 38.70 30.52 -69.08
CA TYR L 267 39.65 30.50 -70.19
C TYR L 267 38.92 30.29 -71.51
N PRO L 268 39.19 31.16 -72.49
CA PRO L 268 38.58 31.04 -73.81
C PRO L 268 39.01 29.76 -74.52
N ASN L 269 38.09 29.17 -75.28
CA ASN L 269 38.42 28.01 -76.11
C ASN L 269 39.51 28.34 -77.11
N LYS L 270 40.43 27.40 -77.31
CA LYS L 270 41.49 27.56 -78.29
C LYS L 270 41.65 26.29 -79.10
N PHE L 271 41.48 26.40 -80.42
CA PHE L 271 41.61 25.24 -81.30
C PHE L 271 42.98 25.23 -81.93
N ILE L 272 43.76 24.19 -81.63
CA ILE L 272 45.12 24.09 -82.13
C ILE L 272 45.20 23.33 -83.45
N HIS L 273 45.79 23.97 -84.45
CA HIS L 273 46.00 23.32 -85.75
C HIS L 273 47.46 23.44 -86.18
N LEU L 274 48.19 22.34 -86.04
CA LEU L 274 49.56 22.26 -86.51
C LEU L 274 49.63 21.45 -87.80
N THR L 275 50.61 21.75 -88.65
CA THR L 275 50.71 21.06 -89.93
C THR L 275 52.15 20.73 -90.29
N TYR L 276 52.36 19.48 -90.70
CA TYR L 276 53.64 19.07 -91.25
C TYR L 276 53.46 18.59 -92.69
N LYS L 277 54.28 19.13 -93.59
CA LYS L 277 54.30 18.64 -94.96
C LYS L 277 55.70 18.13 -95.29
N SER L 278 55.77 16.93 -95.86
CA SER L 278 57.05 16.37 -96.28
C SER L 278 57.59 17.14 -97.48
N LYS L 279 58.90 17.12 -97.65
CA LYS L 279 59.53 17.71 -98.82
C LYS L 279 59.36 16.78 -100.00
N GLY L 280 58.75 17.28 -101.08
CA GLY L 280 58.63 16.53 -102.31
C GLY L 280 57.47 15.57 -102.40
N ASP L 281 56.33 16.07 -102.89
CA ASP L 281 55.19 15.26 -103.27
C ASP L 281 54.57 14.43 -102.14
N VAL L 282 53.41 14.86 -101.65
CA VAL L 282 52.70 14.11 -100.61
C VAL L 282 51.99 12.91 -101.22
N LYS L 283 52.05 11.78 -100.52
CA LYS L 283 51.42 10.54 -100.99
C LYS L 283 50.21 10.18 -100.12
N LYS L 284 50.25 10.62 -98.86
CA LYS L 284 49.16 10.34 -97.93
C LYS L 284 48.95 11.51 -96.98
N LYS L 285 47.71 11.92 -96.81
CA LYS L 285 47.37 12.99 -95.89
C LYS L 285 46.69 12.45 -94.64
N ILE L 286 47.30 12.70 -93.48
CA ILE L 286 46.80 12.17 -92.22
C ILE L 286 46.44 13.29 -91.24
N ALA L 287 45.32 13.14 -90.56
CA ALA L 287 44.90 14.10 -89.55
C ALA L 287 44.82 13.44 -88.17
N LEU L 288 45.63 13.92 -87.24
CA LEU L 288 45.64 13.40 -85.88
C LEU L 288 44.88 14.31 -84.93
N VAL L 289 43.82 13.78 -84.33
CA VAL L 289 42.95 14.56 -83.46
C VAL L 289 43.13 14.17 -81.99
N GLY L 290 43.43 15.15 -81.14
CA GLY L 290 43.62 14.88 -79.73
C GLY L 290 42.61 15.58 -78.85
N LYS L 291 42.05 14.85 -77.90
CA LYS L 291 41.14 15.43 -76.93
C LYS L 291 41.92 16.32 -75.96
N GLY L 292 41.49 17.57 -75.84
CA GLY L 292 42.23 18.54 -75.06
C GLY L 292 41.45 19.25 -73.97
N ILE L 293 40.94 18.48 -73.00
CA ILE L 293 40.29 19.05 -71.84
C ILE L 293 41.32 19.25 -70.73
N THR L 294 41.70 20.51 -70.49
CA THR L 294 42.77 20.82 -69.54
C THR L 294 42.38 20.47 -68.10
N PHE L 295 41.09 20.60 -67.78
CA PHE L 295 40.56 20.05 -66.54
C PHE L 295 39.11 19.65 -66.71
N ASP L 296 38.77 18.46 -66.24
CA ASP L 296 37.41 17.96 -66.33
C ASP L 296 36.77 17.80 -64.96
N SER L 297 36.10 18.85 -64.51
CA SER L 297 35.35 18.78 -63.26
C SER L 297 34.11 17.91 -63.46
N GLY L 298 33.60 17.91 -64.68
CA GLY L 298 32.43 17.13 -65.02
C GLY L 298 31.23 18.00 -65.35
N GLY L 299 31.41 19.31 -65.21
CA GLY L 299 30.31 20.25 -65.40
C GLY L 299 29.31 20.10 -64.27
N TYR L 300 28.04 20.37 -64.56
CA TYR L 300 27.01 20.26 -63.53
C TYR L 300 26.79 18.81 -63.12
N ASN L 301 27.18 17.88 -63.98
CA ASN L 301 27.33 16.48 -63.57
C ASN L 301 28.68 16.34 -62.91
N LEU L 302 28.82 17.00 -61.76
CA LEU L 302 30.10 17.06 -61.04
C LEU L 302 30.64 15.68 -60.71
N LYS L 303 31.94 15.52 -60.84
CA LYS L 303 32.60 14.28 -60.44
C LYS L 303 32.65 14.23 -58.91
N ALA L 304 31.52 13.86 -58.30
CA ALA L 304 31.41 13.83 -56.85
C ALA L 304 31.22 12.41 -56.33
N ALA L 305 30.93 11.49 -57.24
CA ALA L 305 30.74 10.09 -56.90
C ALA L 305 32.05 9.46 -56.44
N PRO L 306 31.97 8.47 -55.53
CA PRO L 306 33.16 7.76 -55.08
C PRO L 306 33.90 7.11 -56.25
N GLY L 307 35.20 7.37 -56.35
CA GLY L 307 36.02 6.76 -57.38
C GLY L 307 36.02 7.49 -58.72
N SER L 308 35.45 8.70 -58.73
CA SER L 308 35.44 9.49 -59.96
C SER L 308 36.76 10.23 -60.16
N MET L 309 37.58 10.24 -59.12
CA MET L 309 38.96 10.74 -59.20
C MET L 309 39.10 12.13 -59.79
N ILE L 310 38.43 13.11 -59.20
CA ILE L 310 38.42 14.46 -59.75
C ILE L 310 39.81 15.12 -59.70
N ASP L 311 40.66 14.64 -58.80
CA ASP L 311 42.00 15.21 -58.63
C ASP L 311 42.98 14.75 -59.71
N LEU L 312 42.56 13.79 -60.52
CA LEU L 312 43.39 13.27 -61.59
C LEU L 312 43.14 14.02 -62.90
N MET L 313 41.99 14.69 -62.98
CA MET L 313 41.43 15.17 -64.24
C MET L 313 42.18 16.34 -64.90
N LYS L 314 43.44 16.55 -64.52
CA LYS L 314 44.31 17.42 -65.29
C LYS L 314 44.84 16.62 -66.47
N PHE L 315 44.74 15.30 -66.36
CA PHE L 315 45.26 14.36 -67.35
C PHE L 315 44.34 14.25 -68.56
N ASP L 316 43.22 14.98 -68.52
CA ASP L 316 42.18 14.82 -69.53
C ASP L 316 42.53 15.49 -70.87
N MET L 317 43.77 15.96 -71.00
CA MET L 317 44.26 16.45 -72.28
C MET L 317 45.44 15.61 -72.73
N SER L 318 45.47 14.35 -72.28
CA SER L 318 46.52 13.42 -72.66
C SER L 318 46.48 13.13 -74.15
N GLY L 319 45.28 13.14 -74.72
CA GLY L 319 45.11 12.94 -76.14
C GLY L 319 45.81 14.03 -76.93
N CYS L 320 45.58 15.28 -76.52
CA CYS L 320 46.24 16.42 -77.13
C CYS L 320 47.75 16.35 -77.00
N ALA L 321 48.21 16.02 -75.79
CA ALA L 321 49.63 15.94 -75.51
C ALA L 321 50.31 14.85 -76.34
N ALA L 322 49.61 13.74 -76.54
CA ALA L 322 50.13 12.64 -77.35
C ALA L 322 50.32 13.09 -78.79
N VAL L 323 49.39 13.92 -79.27
CA VAL L 323 49.47 14.46 -80.62
C VAL L 323 50.65 15.42 -80.76
N LEU L 324 50.81 16.29 -79.77
CA LEU L 324 51.90 17.26 -79.78
C LEU L 324 53.25 16.58 -79.63
N GLY L 325 53.29 15.49 -78.86
CA GLY L 325 54.49 14.70 -78.74
C GLY L 325 54.87 14.10 -80.08
N CYS L 326 53.85 13.67 -80.82
CA CYS L 326 54.03 13.16 -82.17
C CYS L 326 54.55 14.26 -83.09
N ALA L 327 54.01 15.47 -82.92
CA ALA L 327 54.42 16.61 -83.71
C ALA L 327 55.91 16.89 -83.57
N TYR L 328 56.43 16.73 -82.36
CA TYR L 328 57.86 16.88 -82.13
C TYR L 328 58.65 15.82 -82.88
N CYS L 329 58.23 14.57 -82.74
CA CYS L 329 58.93 13.45 -83.35
C CYS L 329 58.93 13.54 -84.88
N VAL L 330 57.76 13.83 -85.44
CA VAL L 330 57.62 13.95 -86.89
C VAL L 330 58.44 15.11 -87.42
N GLY L 331 58.38 16.25 -86.74
CA GLY L 331 59.11 17.43 -87.15
C GLY L 331 60.61 17.27 -87.06
N THR L 332 61.06 16.34 -86.22
CA THR L 332 62.49 16.11 -86.02
C THR L 332 63.03 15.07 -87.00
N LEU L 333 62.33 13.94 -87.11
CA LEU L 333 62.76 12.86 -87.99
C LEU L 333 62.51 13.18 -89.46
N LYS L 334 61.53 14.05 -89.70
CA LYS L 334 61.18 14.51 -91.05
C LYS L 334 60.96 13.37 -92.05
N PRO L 335 59.88 12.58 -91.84
CA PRO L 335 59.61 11.47 -92.76
C PRO L 335 59.20 11.96 -94.15
N GLU L 336 59.22 11.06 -95.14
CA GLU L 336 58.87 11.43 -96.50
C GLU L 336 57.45 11.01 -96.88
N ASN L 337 56.90 11.69 -97.89
CA ASN L 337 55.63 11.33 -98.51
C ASN L 337 54.42 11.44 -97.58
N VAL L 338 54.50 12.33 -96.59
CA VAL L 338 53.37 12.52 -95.67
C VAL L 338 53.05 13.99 -95.41
N GLU L 339 51.76 14.30 -95.32
CA GLU L 339 51.31 15.59 -94.83
C GLU L 339 50.41 15.36 -93.63
N ILE L 340 50.80 15.89 -92.47
CA ILE L 340 50.09 15.59 -91.23
C ILE L 340 49.48 16.82 -90.58
N HIS L 341 48.23 16.69 -90.14
CA HIS L 341 47.57 17.75 -89.39
C HIS L 341 47.39 17.36 -87.94
N PHE L 342 47.95 18.18 -87.05
CA PHE L 342 47.88 17.93 -85.61
C PHE L 342 46.81 18.82 -84.99
N LEU L 343 45.67 18.23 -84.64
CA LEU L 343 44.52 18.99 -84.19
C LEU L 343 44.13 18.71 -82.73
N SER L 344 43.62 19.75 -82.07
CA SER L 344 43.08 19.59 -80.72
C SER L 344 42.12 20.72 -80.37
N ALA L 345 40.86 20.38 -80.12
CA ALA L 345 39.87 21.33 -79.66
C ALA L 345 40.01 21.52 -78.15
N VAL L 346 40.79 22.51 -77.74
CA VAL L 346 41.16 22.67 -76.34
C VAL L 346 40.19 23.58 -75.56
N CYS L 347 39.73 23.09 -74.43
CA CYS L 347 38.85 23.85 -73.55
C CYS L 347 38.88 23.28 -72.13
N GLU L 348 38.05 23.85 -71.25
CA GLU L 348 37.99 23.43 -69.86
C GLU L 348 36.53 23.25 -69.40
N ASN L 349 36.24 22.12 -68.77
CA ASN L 349 34.88 21.82 -68.33
C ASN L 349 34.67 22.19 -66.86
N MET L 350 33.99 23.31 -66.63
CA MET L 350 33.88 23.86 -65.28
C MET L 350 32.43 24.14 -64.88
N VAL L 351 32.22 24.31 -63.58
CA VAL L 351 30.91 24.66 -63.05
C VAL L 351 30.80 26.17 -62.85
N SER L 352 29.79 26.77 -63.47
CA SER L 352 29.61 28.22 -63.43
C SER L 352 28.17 28.58 -63.73
N LYS L 353 27.85 29.86 -63.69
CA LYS L 353 26.53 30.33 -64.08
C LYS L 353 26.40 30.32 -65.60
N ASN L 354 27.56 30.32 -66.28
CA ASN L 354 27.61 30.35 -67.73
C ASN L 354 27.79 28.97 -68.34
N SER L 355 27.73 27.93 -67.52
CA SER L 355 27.97 26.57 -67.97
C SER L 355 26.80 26.00 -68.76
N TYR L 356 27.07 25.00 -69.60
CA TYR L 356 26.01 24.22 -70.25
C TYR L 356 25.37 23.31 -69.21
N ARG L 357 24.08 23.02 -69.39
CA ARG L 357 23.29 22.24 -68.46
C ARG L 357 22.96 20.89 -69.06
N PRO L 358 22.74 19.88 -68.20
CA PRO L 358 22.18 18.61 -68.65
C PRO L 358 20.81 18.85 -69.30
N GLY L 359 20.60 18.30 -70.49
CA GLY L 359 19.34 18.45 -71.17
C GLY L 359 19.40 19.47 -72.30
N ASP L 360 20.43 20.32 -72.29
CA ASP L 360 20.64 21.30 -73.34
C ASP L 360 20.73 20.63 -74.71
N ILE L 361 20.09 21.24 -75.70
CA ILE L 361 20.22 20.77 -77.07
C ILE L 361 21.10 21.73 -77.85
N ILE L 362 22.20 21.20 -78.37
CA ILE L 362 23.22 22.01 -79.04
C ILE L 362 23.47 21.51 -80.46
N THR L 363 24.08 22.33 -81.29
CA THR L 363 24.26 22.01 -82.69
C THR L 363 25.73 21.99 -83.10
N ALA L 364 26.18 20.84 -83.61
CA ALA L 364 27.56 20.71 -84.08
C ALA L 364 27.77 21.46 -85.39
N SER L 365 29.02 21.49 -85.86
CA SER L 365 29.37 22.29 -87.02
C SER L 365 28.88 21.69 -88.34
N ASN L 366 28.31 20.48 -88.29
CA ASN L 366 27.75 19.87 -89.48
C ASN L 366 26.22 19.92 -89.47
N GLY L 367 25.66 20.58 -88.47
CA GLY L 367 24.22 20.79 -88.42
C GLY L 367 23.45 19.85 -87.51
N LYS L 368 24.08 18.75 -87.10
CA LYS L 368 23.44 17.78 -86.23
C LYS L 368 23.16 18.35 -84.84
N THR L 369 21.90 18.32 -84.42
CA THR L 369 21.54 18.76 -83.09
C THR L 369 21.79 17.64 -82.08
N ILE L 370 22.29 18.01 -80.91
CA ILE L 370 22.70 17.03 -79.90
C ILE L 370 22.06 17.31 -78.55
N GLU L 371 21.32 16.34 -78.02
CA GLU L 371 20.76 16.47 -76.68
C GLU L 371 21.77 16.01 -75.64
N VAL L 372 22.21 16.95 -74.80
CA VAL L 372 23.18 16.66 -73.76
C VAL L 372 22.51 15.94 -72.58
N GLY L 373 22.84 14.66 -72.41
CA GLY L 373 22.27 13.88 -71.33
C GLY L 373 23.12 13.91 -70.07
N ASN L 374 24.39 14.28 -70.25
CA ASN L 374 25.33 14.33 -69.13
C ASN L 374 26.50 15.28 -69.44
N THR L 375 26.76 16.24 -68.54
CA THR L 375 27.81 17.21 -68.77
C THR L 375 29.21 16.63 -68.62
N ASP L 376 29.31 15.45 -67.99
CA ASP L 376 30.61 14.83 -67.75
C ASP L 376 31.09 14.05 -68.97
N ALA L 377 30.21 13.93 -69.97
CA ALA L 377 30.61 13.30 -71.23
C ALA L 377 30.93 14.36 -72.28
N GLU L 378 31.85 15.25 -71.94
CA GLU L 378 32.13 16.42 -72.76
C GLU L 378 33.16 16.18 -73.86
N GLY L 379 33.95 15.12 -73.70
CA GLY L 379 35.03 14.84 -74.63
C GLY L 379 34.54 14.55 -76.05
N ARG L 380 33.48 13.76 -76.15
CA ARG L 380 32.93 13.40 -77.45
C ARG L 380 32.28 14.61 -78.13
N LEU L 381 31.85 15.57 -77.31
CA LEU L 381 31.25 16.79 -77.84
C LEU L 381 32.31 17.64 -78.53
N THR L 382 33.48 17.74 -77.91
CA THR L 382 34.58 18.51 -78.46
C THR L 382 35.17 17.81 -79.68
N LEU L 383 35.25 16.49 -79.61
CA LEU L 383 35.81 15.69 -80.69
C LEU L 383 34.95 15.72 -81.95
N ALA L 384 33.63 15.74 -81.76
CA ALA L 384 32.69 15.78 -82.88
C ALA L 384 32.96 16.96 -83.79
N ASP L 385 33.13 18.13 -83.21
CA ASP L 385 33.41 19.35 -83.98
C ASP L 385 34.80 19.32 -84.58
N ALA L 386 35.72 18.62 -83.92
CA ALA L 386 37.08 18.48 -84.42
C ALA L 386 37.13 17.49 -85.57
N LEU L 387 36.30 16.45 -85.50
CA LEU L 387 36.24 15.43 -86.54
C LEU L 387 35.61 15.98 -87.82
N VAL L 388 34.64 16.88 -87.67
CA VAL L 388 34.04 17.56 -88.81
C VAL L 388 35.09 18.45 -89.47
N TYR L 389 35.84 19.16 -88.64
CA TYR L 389 36.93 20.02 -89.07
C TYR L 389 37.98 19.22 -89.84
N ALA L 390 38.34 18.07 -89.30
CA ALA L 390 39.39 17.24 -89.86
C ALA L 390 39.02 16.67 -91.23
N GLU L 391 37.76 16.30 -91.41
CA GLU L 391 37.32 15.71 -92.68
C GLU L 391 37.30 16.76 -93.78
N LYS L 392 37.07 18.00 -93.40
CA LYS L 392 37.08 19.11 -94.35
C LYS L 392 38.48 19.37 -94.90
N LEU L 393 39.50 18.83 -94.23
CA LEU L 393 40.88 19.04 -94.65
C LEU L 393 41.28 18.13 -95.82
N GLY L 394 40.39 17.20 -96.17
CA GLY L 394 40.63 16.31 -97.30
C GLY L 394 41.75 15.31 -97.07
N VAL L 395 41.74 14.66 -95.92
CA VAL L 395 42.75 13.66 -95.59
C VAL L 395 42.27 12.26 -95.92
N ASP L 396 43.19 11.31 -95.95
CA ASP L 396 42.85 9.91 -96.19
C ASP L 396 42.53 9.20 -94.89
N TYR L 397 43.30 9.52 -93.85
CA TYR L 397 43.16 8.89 -92.54
C TYR L 397 42.85 9.92 -91.46
N ILE L 398 41.86 9.63 -90.62
CA ILE L 398 41.59 10.44 -89.43
C ILE L 398 41.73 9.60 -88.18
N VAL L 399 42.74 9.88 -87.37
CA VAL L 399 42.95 9.14 -86.13
C VAL L 399 42.78 10.06 -84.92
N ASP L 400 41.91 9.69 -84.01
CA ASP L 400 41.76 10.44 -82.77
C ASP L 400 42.25 9.63 -81.58
N ILE L 401 42.77 10.34 -80.58
CA ILE L 401 43.26 9.72 -79.36
C ILE L 401 42.71 10.52 -78.17
N ALA L 402 42.17 9.82 -77.18
CA ALA L 402 41.40 10.50 -76.14
C ALA L 402 41.23 9.69 -74.86
N THR L 403 41.25 10.39 -73.73
CA THR L 403 40.82 9.82 -72.46
C THR L 403 39.31 9.91 -72.40
N LEU L 404 38.63 9.13 -73.24
CA LEU L 404 37.22 9.30 -73.48
C LEU L 404 36.32 8.67 -72.41
N THR L 405 36.48 7.37 -72.17
CA THR L 405 35.59 6.66 -71.26
C THR L 405 36.34 5.90 -70.17
N GLY L 406 35.91 6.10 -68.91
CA GLY L 406 36.49 5.40 -67.78
C GLY L 406 36.18 3.92 -67.78
N ALA L 407 35.28 3.51 -68.66
CA ALA L 407 34.90 2.11 -68.78
C ALA L 407 36.04 1.25 -69.31
N MET L 408 37.03 1.88 -69.92
CA MET L 408 38.21 1.18 -70.42
C MET L 408 38.97 0.49 -69.30
N LEU L 409 38.88 1.05 -68.10
CA LEU L 409 39.50 0.45 -66.92
C LEU L 409 38.86 -0.90 -66.59
N TYR L 410 37.64 -1.11 -67.08
CA TYR L 410 36.90 -2.34 -66.82
C TYR L 410 37.06 -3.36 -67.93
N SER L 411 37.40 -2.89 -69.13
CA SER L 411 37.58 -3.78 -70.27
C SER L 411 39.03 -4.22 -70.42
N LEU L 412 39.89 -3.31 -70.88
CA LEU L 412 41.29 -3.65 -71.13
C LEU L 412 42.20 -3.33 -69.94
N GLY L 413 41.76 -2.42 -69.08
CA GLY L 413 42.52 -2.10 -67.89
C GLY L 413 43.49 -0.95 -68.06
N THR L 414 44.68 -1.08 -67.45
CA THR L 414 45.64 0.01 -67.39
C THR L 414 46.81 -0.14 -68.36
N SER L 415 46.88 -1.28 -69.05
CA SER L 415 48.03 -1.54 -69.93
C SER L 415 47.70 -1.39 -71.41
N TYR L 416 46.51 -1.80 -71.81
CA TYR L 416 46.13 -1.77 -73.22
C TYR L 416 45.12 -0.68 -73.56
N ALA L 417 45.49 0.19 -74.48
CA ALA L 417 44.52 1.12 -75.06
C ALA L 417 43.61 0.33 -75.97
N GLY L 418 42.41 0.85 -76.21
CA GLY L 418 41.49 0.24 -77.14
C GLY L 418 41.39 1.06 -78.40
N VAL L 419 41.25 0.40 -79.54
CA VAL L 419 41.07 1.11 -80.79
C VAL L 419 39.74 0.76 -81.45
N PHE L 420 39.00 1.80 -81.85
CA PHE L 420 37.75 1.64 -82.56
C PHE L 420 37.92 2.27 -83.94
N GLY L 421 37.19 1.77 -84.93
CA GLY L 421 37.33 2.31 -86.27
C GLY L 421 36.23 1.91 -87.24
N ASN L 422 36.15 2.65 -88.35
CA ASN L 422 35.18 2.37 -89.40
C ASN L 422 35.83 1.78 -90.65
N ASN L 423 37.13 1.48 -90.54
CA ASN L 423 37.89 0.93 -91.65
C ASN L 423 38.91 -0.10 -91.15
N GLU L 424 38.73 -1.36 -91.56
CA GLU L 424 39.55 -2.46 -91.09
C GLU L 424 41.04 -2.26 -91.32
N GLU L 425 41.41 -1.84 -92.53
CA GLU L 425 42.82 -1.73 -92.88
C GLU L 425 43.51 -0.62 -92.10
N LEU L 426 42.79 0.43 -91.78
CA LEU L 426 43.33 1.50 -90.93
C LEU L 426 43.58 0.96 -89.53
N ILE L 427 42.60 0.24 -89.01
CA ILE L 427 42.73 -0.40 -87.69
C ILE L 427 43.93 -1.35 -87.69
N ASN L 428 44.08 -2.11 -88.77
CA ASN L 428 45.21 -3.02 -88.92
C ASN L 428 46.54 -2.30 -88.88
N LYS L 429 46.62 -1.15 -89.55
CA LYS L 429 47.85 -0.35 -89.53
C LYS L 429 48.15 0.15 -88.13
N ILE L 430 47.11 0.58 -87.41
CA ILE L 430 47.26 1.02 -86.03
C ILE L 430 47.82 -0.12 -85.17
N LEU L 431 47.24 -1.31 -85.33
CA LEU L 431 47.68 -2.48 -84.57
C LEU L 431 49.13 -2.84 -84.87
N GLN L 432 49.54 -2.68 -86.12
CA GLN L 432 50.92 -2.98 -86.52
C GLN L 432 51.88 -1.98 -85.89
N SER L 433 51.44 -0.72 -85.81
CA SER L 433 52.23 0.33 -85.20
C SER L 433 52.30 0.12 -83.69
N SER L 434 51.32 -0.59 -83.14
CA SER L 434 51.32 -0.94 -81.73
C SER L 434 52.42 -1.96 -81.46
N LYS L 435 52.70 -2.79 -82.45
CA LYS L 435 53.68 -3.86 -82.31
C LYS L 435 55.11 -3.32 -82.33
N THR L 436 55.39 -2.43 -83.28
CA THR L 436 56.75 -1.92 -83.46
C THR L 436 57.08 -0.81 -82.47
N SER L 437 56.06 -0.16 -81.93
CA SER L 437 56.27 0.89 -80.94
C SER L 437 56.28 0.33 -79.52
N ASN L 438 55.78 -0.90 -79.39
CA ASN L 438 55.59 -1.55 -78.10
C ASN L 438 54.71 -0.73 -77.15
N GLU L 439 53.74 -0.03 -77.73
CA GLU L 439 52.68 0.59 -76.94
C GLU L 439 51.38 -0.16 -77.24
N PRO L 440 51.05 -1.13 -76.37
CA PRO L 440 49.99 -2.12 -76.62
C PRO L 440 48.61 -1.51 -76.85
N VAL L 441 47.96 -1.96 -77.91
CA VAL L 441 46.61 -1.53 -78.27
C VAL L 441 45.80 -2.76 -78.70
N TRP L 442 44.55 -2.84 -78.25
CA TRP L 442 43.69 -3.96 -78.61
C TRP L 442 42.44 -3.47 -79.34
N TRP L 443 42.07 -4.18 -80.41
CA TRP L 443 40.94 -3.79 -81.24
C TRP L 443 39.61 -4.17 -80.60
N LEU L 444 38.76 -3.17 -80.39
CA LEU L 444 37.43 -3.37 -79.85
C LEU L 444 36.38 -3.02 -80.93
N PRO L 445 35.22 -3.69 -80.89
CA PRO L 445 34.23 -3.52 -81.95
C PRO L 445 33.35 -2.29 -81.80
N ILE L 446 32.87 -1.76 -82.93
CA ILE L 446 31.81 -0.77 -82.94
C ILE L 446 30.50 -1.48 -83.29
N ILE L 447 29.71 -1.78 -82.27
CA ILE L 447 28.51 -2.61 -82.43
C ILE L 447 27.29 -1.80 -82.85
N ASN L 448 26.89 -1.96 -84.12
CA ASN L 448 25.80 -1.19 -84.70
C ASN L 448 24.44 -1.42 -84.04
N GLU L 449 24.32 -2.52 -83.30
CA GLU L 449 23.06 -2.84 -82.64
C GLU L 449 22.75 -1.85 -81.52
N TYR L 450 23.77 -1.14 -81.07
CA TYR L 450 23.61 -0.18 -79.98
C TYR L 450 23.31 1.23 -80.48
N ARG L 451 23.26 1.42 -81.80
CA ARG L 451 23.05 2.75 -82.36
C ARG L 451 21.69 3.33 -81.99
N ALA L 452 20.68 2.46 -81.89
CA ALA L 452 19.31 2.90 -81.63
C ALA L 452 19.15 3.59 -80.28
N THR L 453 20.09 3.37 -79.37
CA THR L 453 20.00 3.96 -78.04
C THR L 453 20.37 5.44 -78.06
N LEU L 454 20.95 5.89 -79.17
CA LEU L 454 21.36 7.29 -79.30
C LEU L 454 20.28 8.11 -79.98
N ASN L 455 19.15 7.49 -80.28
CA ASN L 455 18.03 8.18 -80.90
C ASN L 455 17.31 9.10 -79.92
N SER L 456 17.65 10.38 -79.98
CA SER L 456 17.01 11.38 -79.12
C SER L 456 15.57 11.62 -79.56
N LYS L 457 14.71 11.90 -78.58
CA LYS L 457 13.30 12.17 -78.85
C LYS L 457 13.13 13.53 -79.52
N TYR L 458 14.00 14.48 -79.18
CA TYR L 458 13.83 15.86 -79.61
C TYR L 458 14.94 16.37 -80.54
N ALA L 459 16.18 16.09 -80.19
CA ALA L 459 17.30 16.49 -81.04
C ALA L 459 17.56 15.42 -82.11
N ASP L 460 18.56 15.66 -82.95
CA ASP L 460 18.93 14.69 -83.98
C ASP L 460 19.54 13.43 -83.34
N ILE L 461 20.31 13.63 -82.27
CA ILE L 461 20.99 12.51 -81.64
C ILE L 461 21.26 12.76 -80.15
N ASN L 462 21.33 11.67 -79.39
CA ASN L 462 21.73 11.72 -77.99
C ASN L 462 23.25 11.73 -77.82
N GLN L 463 23.72 12.55 -76.90
CA GLN L 463 25.12 12.54 -76.51
C GLN L 463 25.50 11.19 -75.88
N ILE L 464 24.63 10.71 -75.00
CA ILE L 464 24.88 9.45 -74.29
C ILE L 464 23.70 8.48 -74.37
N SER L 465 23.98 7.24 -74.01
CA SER L 465 22.93 6.25 -73.80
C SER L 465 22.48 6.29 -72.36
N SER L 466 21.23 5.90 -72.11
CA SER L 466 20.73 5.80 -70.74
C SER L 466 20.88 4.37 -70.25
N SER L 467 20.51 3.41 -71.11
CA SER L 467 20.51 2.00 -70.75
C SER L 467 21.88 1.35 -70.89
N VAL L 468 22.37 1.24 -72.12
CA VAL L 468 23.60 0.53 -72.44
C VAL L 468 24.78 0.98 -71.59
N LYS L 469 25.46 0.02 -70.97
CA LYS L 469 26.56 0.32 -70.06
C LYS L 469 27.91 0.18 -70.75
N ALA L 470 27.90 -0.29 -71.99
CA ALA L 470 29.12 -0.38 -72.79
C ALA L 470 29.49 1.01 -73.30
N SER L 471 29.90 1.87 -72.37
CA SER L 471 30.10 3.29 -72.64
C SER L 471 31.16 3.58 -73.72
N SER L 472 32.21 2.78 -73.74
CA SER L 472 33.27 2.95 -74.72
C SER L 472 32.75 2.74 -76.15
N ILE L 473 31.92 1.72 -76.31
CA ILE L 473 31.35 1.40 -77.61
C ILE L 473 30.29 2.43 -78.02
N VAL L 474 29.45 2.83 -77.08
CA VAL L 474 28.44 3.85 -77.33
C VAL L 474 29.09 5.16 -77.76
N ALA L 475 30.15 5.55 -77.04
CA ALA L 475 30.87 6.78 -77.33
C ALA L 475 31.49 6.74 -78.73
N SER L 476 31.93 5.57 -79.15
CA SER L 476 32.48 5.39 -80.48
C SER L 476 31.38 5.56 -81.53
N LEU L 477 30.22 4.98 -81.25
CA LEU L 477 29.05 5.13 -82.10
C LEU L 477 28.71 6.60 -82.31
N PHE L 478 28.87 7.39 -81.24
CA PHE L 478 28.59 8.82 -81.32
C PHE L 478 29.58 9.52 -82.24
N LEU L 479 30.87 9.26 -82.04
CA LEU L 479 31.92 9.89 -82.83
C LEU L 479 31.79 9.55 -84.31
N LYS L 480 31.42 8.31 -84.60
CA LYS L 480 31.30 7.83 -85.98
C LYS L 480 30.29 8.66 -86.77
N GLU L 481 29.28 9.18 -86.08
CA GLU L 481 28.24 9.98 -86.71
C GLU L 481 28.75 11.30 -87.26
N PHE L 482 30.02 11.61 -87.03
CA PHE L 482 30.58 12.88 -87.47
C PHE L 482 31.74 12.69 -88.46
N VAL L 483 31.85 11.49 -89.02
CA VAL L 483 32.78 11.21 -90.10
C VAL L 483 32.03 10.51 -91.23
N GLN L 484 31.87 11.20 -92.36
CA GLN L 484 30.99 10.74 -93.43
C GLN L 484 31.59 9.66 -94.32
N ASN L 485 32.78 9.92 -94.84
CA ASN L 485 33.35 9.07 -95.88
C ASN L 485 34.88 9.08 -95.87
N THR L 486 35.46 8.90 -94.69
CA THR L 486 36.91 8.87 -94.54
C THR L 486 37.29 7.72 -93.61
N ALA L 487 38.43 7.10 -93.87
CA ALA L 487 38.96 6.08 -92.98
C ALA L 487 39.29 6.70 -91.63
N TRP L 488 38.68 6.19 -90.57
CA TRP L 488 38.79 6.82 -89.25
C TRP L 488 38.98 5.81 -88.12
N ALA L 489 39.89 6.12 -87.21
CA ALA L 489 40.16 5.28 -86.05
C ALA L 489 40.15 6.08 -84.76
N HIS L 490 39.71 5.45 -83.68
CA HIS L 490 39.55 6.10 -82.38
C HIS L 490 40.26 5.34 -81.27
N ILE L 491 41.23 5.99 -80.63
CA ILE L 491 42.04 5.34 -79.60
C ILE L 491 41.69 5.86 -78.21
N ASP L 492 40.95 5.06 -77.45
CA ASP L 492 40.56 5.43 -76.10
C ASP L 492 41.69 5.08 -75.13
N ILE L 493 42.27 6.11 -74.51
CA ILE L 493 43.43 5.93 -73.64
C ILE L 493 43.15 6.35 -72.20
N ALA L 494 41.89 6.28 -71.80
CA ALA L 494 41.49 6.72 -70.47
C ALA L 494 42.11 5.87 -69.38
N GLY L 495 42.29 4.58 -69.65
CA GLY L 495 42.79 3.65 -68.66
C GLY L 495 44.31 3.55 -68.61
N VAL L 496 44.96 3.86 -69.71
CA VAL L 496 46.41 3.66 -69.82
C VAL L 496 47.23 4.94 -69.71
N SER L 497 46.56 6.09 -69.78
CA SER L 497 47.25 7.37 -69.82
C SER L 497 48.11 7.63 -68.58
N TRP L 498 47.53 7.43 -67.41
CA TRP L 498 48.20 7.73 -66.15
C TRP L 498 48.76 6.48 -65.48
N ASN L 499 49.99 6.58 -64.98
CA ASN L 499 50.58 5.49 -64.21
C ASN L 499 50.28 5.70 -62.74
N PHE L 500 49.28 4.98 -62.23
CA PHE L 500 48.81 5.16 -60.87
C PHE L 500 49.83 4.70 -59.83
N LYS L 501 50.50 3.59 -60.11
CA LYS L 501 51.52 3.07 -59.20
C LYS L 501 52.68 4.03 -59.04
N ALA L 502 53.16 4.56 -60.17
CA ALA L 502 54.31 5.46 -60.17
C ALA L 502 53.89 6.93 -60.02
N ARG L 503 52.59 7.17 -60.04
CA ARG L 503 52.02 8.50 -59.80
C ARG L 503 52.50 9.55 -60.81
N LYS L 504 52.54 9.18 -62.08
CA LYS L 504 52.97 10.09 -63.14
C LYS L 504 52.38 9.69 -64.50
N PRO L 505 52.42 10.60 -65.48
CA PRO L 505 51.91 10.24 -66.82
C PRO L 505 52.79 9.21 -67.52
N LYS L 506 52.21 8.46 -68.46
CA LYS L 506 52.98 7.53 -69.27
C LYS L 506 53.45 8.20 -70.56
N GLY L 507 52.76 9.26 -70.96
CA GLY L 507 53.01 9.88 -72.25
C GLY L 507 52.56 8.94 -73.35
N PHE L 508 51.50 8.19 -73.06
CA PHE L 508 51.04 7.12 -73.94
C PHE L 508 50.52 7.63 -75.28
N GLY L 509 50.99 7.02 -76.37
CA GLY L 509 50.46 7.31 -77.68
C GLY L 509 51.42 8.03 -78.62
N VAL L 510 52.40 8.74 -78.04
CA VAL L 510 53.35 9.50 -78.83
C VAL L 510 54.12 8.61 -79.80
N ARG L 511 54.63 7.48 -79.28
CA ARG L 511 55.37 6.54 -80.11
C ARG L 511 54.45 5.75 -81.01
N LEU L 512 53.24 5.47 -80.54
CA LEU L 512 52.23 4.77 -81.32
C LEU L 512 51.87 5.54 -82.59
N LEU L 513 51.61 6.83 -82.44
CA LEU L 513 51.21 7.67 -83.56
C LEU L 513 52.36 7.95 -84.52
N THR L 514 53.58 7.97 -83.98
CA THR L 514 54.76 8.24 -84.81
C THR L 514 55.10 7.06 -85.70
N GLU L 515 55.06 5.86 -85.12
CA GLU L 515 55.28 4.63 -85.87
C GLU L 515 54.22 4.46 -86.95
N PHE L 516 53.01 4.91 -86.67
CA PHE L 516 51.91 4.86 -87.62
C PHE L 516 52.20 5.75 -88.83
N VAL L 517 52.67 6.96 -88.54
CA VAL L 517 53.05 7.91 -89.57
C VAL L 517 54.20 7.38 -90.42
N LEU L 518 55.22 6.85 -89.75
CA LEU L 518 56.47 6.47 -90.41
C LEU L 518 56.31 5.21 -91.28
N ASN L 519 55.62 4.20 -90.75
CA ASN L 519 55.48 2.93 -91.46
C ASN L 519 54.45 2.96 -92.58
N ASP L 520 53.90 4.14 -92.85
CA ASP L 520 52.87 4.29 -93.88
C ASP L 520 53.31 5.24 -94.97
ZN ZN M . -23.81 -26.01 42.79
C CO3 N . -18.61 -24.89 42.09
O1 CO3 N . -19.73 -25.51 41.86
O2 CO3 N . -17.63 -25.50 42.69
O3 CO3 N . -18.45 -23.65 41.72
ZN ZN O . -23.00 -24.06 45.29
C10 R5X P . -27.36 -19.10 37.50
C21 R5X P . -18.22 -18.41 43.22
C22 R5X P . -17.48 -17.84 44.26
C24 R5X P . -18.65 -19.20 45.87
C01 R5X P . -24.43 -20.96 39.51
C02 R5X P . -23.37 -21.46 40.26
C03 R5X P . -22.96 -20.84 41.42
C04 R5X P . -23.62 -19.70 41.87
C05 R5X P . -24.69 -19.20 41.12
C06 R5X P . -25.09 -19.83 39.93
N07 R5X P . -26.10 -19.37 39.20
N08 R5X P . -26.95 -18.59 39.54
C09 R5X P . -27.78 -18.38 38.52
C11 R5X P . -26.29 -19.74 37.94
C12 R5X P . -21.89 -21.44 42.10
N13 R5X P . -21.02 -20.61 42.96
C14 R5X P . -22.40 -22.58 42.98
O15 R5X P . -23.23 -22.38 43.87
N16 R5X P . -21.86 -23.77 42.70
O17 R5X P . -22.28 -24.86 43.48
C18 R5X P . -19.93 -19.97 42.52
C19 R5X P . -19.19 -19.36 43.52
O20 R5X P . -19.56 -19.97 41.35
C23 R5X P . -17.69 -18.23 45.58
C25 R5X P . -19.39 -19.77 44.84
N26 R5X P . -16.55 -16.92 43.98
S SO4 Q . -30.62 -31.58 61.52
O1 SO4 Q . -30.82 -32.99 61.83
O2 SO4 Q . -31.78 -30.81 61.97
O3 SO4 Q . -30.45 -31.40 60.08
O4 SO4 Q . -29.42 -31.11 62.20
S SO4 R . -40.78 -28.06 30.32
O1 SO4 R . -40.40 -29.03 31.35
O2 SO4 R . -41.45 -26.92 30.95
O3 SO4 R . -39.59 -27.59 29.62
O4 SO4 R . -41.69 -28.68 29.37
ZN ZN S . -17.52 -17.18 68.87
C CO3 T . -19.54 -13.76 72.28
O1 CO3 T . -20.44 -14.10 73.16
O2 CO3 T . -18.91 -14.68 71.61
O3 CO3 T . -19.28 -12.51 72.09
ZN ZN U . -20.23 -16.37 67.53
C10 R5X V . -12.19 -11.88 63.54
C21 R5X V . -21.68 -9.04 68.89
C22 R5X V . -22.99 -8.57 68.77
C24 R5X V . -23.53 -10.48 67.41
C01 R5X V . -15.06 -12.54 66.33
C02 R5X V . -16.14 -12.67 67.19
C03 R5X V . -17.41 -12.28 66.81
C04 R5X V . -17.63 -11.77 65.54
C05 R5X V . -16.55 -11.63 64.66
C06 R5X V . -15.27 -12.02 65.05
N07 R5X V . -14.22 -11.90 64.23
N08 R5X V . -14.26 -11.65 63.05
C09 R5X V . -13.03 -11.62 62.55
C11 R5X V . -12.95 -12.06 64.62
C12 R5X V . -18.41 -12.48 67.78
N13 R5X V . -19.69 -11.75 67.63
C14 R5X V . -18.77 -13.96 67.83
O15 R5X V . -19.17 -14.57 66.84
N16 R5X V . -18.64 -14.52 69.05
O17 R5X V . -18.99 -15.91 69.15
C18 R5X V . -19.99 -10.69 68.39
C19 R5X V . -21.28 -10.21 68.25
O20 R5X V . -19.21 -10.17 69.21
C23 R5X V . -23.92 -9.30 68.03
C25 R5X V . -22.22 -10.94 67.53
N26 R5X V . -23.35 -7.45 69.36
OH4 1PE W . -0.01 -40.66 73.15
C14 1PE W . 0.70 -40.20 70.90
C24 1PE W . -0.03 -41.16 71.82
OH5 1PE W . 2.04 -40.01 71.35
C15 1PE W . 4.27 -39.24 70.87
C25 1PE W . 2.82 -39.28 70.40
OH6 1PE W . 4.44 -38.27 71.89
C16 1PE W . 5.75 -37.42 73.73
C26 1PE W . 5.66 -38.42 72.59
OH7 1PE W . 5.34 -38.03 74.96
OH3 1PE X . 6.54 -34.86 78.01
C13 1PE X . 4.82 -34.37 76.39
C23 1PE X . 5.65 -35.46 77.06
OH4 1PE X . 5.70 -33.39 75.82
C14 1PE X . 6.36 -32.18 73.86
C24 1PE X . 5.22 -32.89 74.58
OH5 1PE X . 7.49 -33.03 73.84
C15 1PE X . 9.82 -33.35 73.26
C25 1PE X . 8.59 -32.45 73.15
ZN ZN Y . -44.32 -16.32 59.86
C CO3 Z . -46.75 -15.47 55.16
O1 CO3 Z . -46.59 -15.67 56.43
O2 CO3 Z . -47.04 -16.46 54.38
O3 CO3 Z . -46.60 -14.28 54.67
ZN ZN AA . -41.90 -16.46 57.69
C10 R5X BA . -42.95 -7.63 62.19
C21 R5X BA . -42.83 -11.52 51.91
C22 R5X BA . -42.15 -11.74 50.73
C24 R5X BA . -40.69 -13.29 51.86
C01 R5X BA . -43.82 -10.53 59.54
C02 R5X BA . -44.02 -11.47 58.55
C03 R5X BA . -43.06 -11.69 57.56
C04 R5X BA . -41.88 -10.96 57.57
C05 R5X BA . -41.67 -10.01 58.59
C06 R5X BA . -42.64 -9.80 59.57
N07 R5X BA . -42.47 -8.91 60.53
N08 R5X BA . -41.46 -8.34 60.81
C09 R5X BA . -41.68 -7.51 61.85
C11 R5X BA . -43.45 -8.52 61.35
C12 R5X BA . -43.39 -12.67 56.62
N13 R5X BA . -42.70 -12.65 55.32
C14 R5X BA . -43.21 -14.05 57.25
O15 R5X BA . -42.12 -14.40 57.72
N16 R5X BA . -44.30 -14.82 57.21
O17 R5X BA . -44.19 -16.13 57.77
C18 R5X BA . -43.15 -11.96 54.27
C19 R5X BA . -42.44 -12.17 53.08
O20 R5X BA . -44.13 -11.22 54.29
C23 R5X BA . -41.08 -12.63 50.70
C25 R5X BA . -41.38 -13.07 53.05
N26 R5X BA . -42.52 -11.11 49.62
ZN ZN CA . -39.65 13.12 44.90
C CO3 DA . -41.68 13.32 49.77
O1 CO3 DA . -41.93 12.14 50.25
O2 CO3 DA . -41.44 13.47 48.50
O3 CO3 DA . -41.66 14.35 50.56
ZN ZN EA . -37.12 12.32 46.88
C10 R5X FA . -40.37 3.72 43.00
C21 R5X FA . -39.19 8.22 52.77
C22 R5X FA . -38.32 8.19 53.85
C24 R5X FA . -36.53 8.95 52.44
C01 R5X FA . -41.20 7.41 45.30
C02 R5X FA . -40.98 8.40 46.26
C03 R5X FA . -39.91 8.30 47.14
C04 R5X FA . -39.05 7.22 47.07
C05 R5X FA . -39.27 6.23 46.11
C06 R5X FA . -40.35 6.32 45.23
N07 R5X FA . -40.59 5.40 44.31
N08 R5X FA . -41.61 5.31 43.67
C09 R5X FA . -41.55 4.29 42.83
C11 R5X FA . -39.75 4.42 43.94
C12 R5X FA . -39.77 9.35 48.06
N13 R5X FA . -39.00 9.10 49.29
C14 R5X FA . -39.12 10.55 47.37
O15 R5X FA . -38.01 10.47 46.85
N16 R5X FA . -39.86 11.67 47.41
O17 R5X FA . -39.31 12.82 46.81
C18 R5X FA . -39.58 8.67 50.42
C19 R5X FA . -38.72 8.61 51.51
O20 R5X FA . -40.77 8.38 50.54
C23 R5X FA . -36.99 8.56 53.68
C25 R5X FA . -37.40 8.99 51.35
N26 R5X FA . -38.76 7.81 55.05
ZN ZN GA . -15.54 14.52 59.40
C CO3 HA . -10.99 11.86 59.53
O1 CO3 HA . -11.98 12.63 59.86
O2 CO3 HA . -11.04 10.59 59.80
O3 CO3 HA . -9.95 12.35 58.92
ZN ZN IA . -15.84 12.59 56.85
C10 R5X JA . -21.41 8.30 63.68
C21 R5X JA . -12.34 6.06 58.00
C22 R5X JA . -11.98 5.33 56.88
C24 R5X JA . -13.88 6.20 55.69
C01 R5X JA . -17.51 10.03 62.45
C02 R5X JA . -16.39 10.19 61.65
C03 R5X JA . -16.21 9.41 60.51
C04 R5X JA . -17.17 8.48 60.15
C05 R5X JA . -18.30 8.32 60.96
C06 R5X JA . -18.47 9.10 62.10
N07 R5X JA . -19.54 8.97 62.88
N08 R5X JA . -19.75 9.63 63.88
C09 R5X JA . -20.90 9.26 64.43
C11 R5X JA . -20.54 8.12 62.70
C12 R5X JA . -15.05 9.66 59.77
N13 R5X JA . -14.65 8.63 58.80
C14 R5X JA . -15.27 10.94 58.96
O15 R5X JA . -16.20 11.02 58.16
N16 R5X JA . -14.37 11.90 59.19
O17 R5X JA . -14.54 13.12 58.44
C18 R5X JA . -13.82 7.62 59.08
C19 R5X JA . -13.47 6.86 57.98
O20 R5X JA . -13.34 7.40 60.19
C23 R5X JA . -12.75 5.39 55.73
C25 R5X JA . -14.23 6.94 56.81
N26 R5X JA . -10.90 4.55 56.92
S SO4 KA . -21.57 22.70 41.34
O1 SO4 KA . -21.41 22.63 42.79
O2 SO4 KA . -22.96 22.42 40.98
O3 SO4 KA . -21.23 24.04 40.88
O4 SO4 KA . -20.70 21.71 40.72
OH4 1PE LA . -19.20 38.74 78.44
C14 1PE LA . -19.94 36.87 77.12
C24 1PE LA . -18.75 37.64 77.66
OH5 1PE LA . -20.66 36.26 78.20
C15 1PE LA . -22.64 35.09 78.93
C25 1PE LA . -21.84 35.61 77.75
OH6 1PE LA . -23.26 36.19 79.60
C16 1PE LA . -24.79 36.93 81.33
C26 1PE LA . -24.21 35.75 80.58
OH7 1PE LA . -23.81 37.45 82.23
C13 1PE MA . 5.82 16.95 86.56
OH4 1PE MA . 4.83 16.08 86.03
C14 1PE MA . 3.18 14.38 86.45
C24 1PE MA . 4.28 15.24 87.05
OH5 1PE MA . 3.71 13.64 85.35
C15 1PE MA . 3.85 11.40 84.52
C25 1PE MA . 2.93 12.48 85.08
OH6 1PE MA . 3.18 10.14 84.57
C16 1PE MA . 3.31 7.75 84.33
C26 1PE MA . 4.01 9.07 84.12
S SO4 NA . -28.61 38.17 74.40
O1 SO4 NA . -28.00 39.39 74.93
O2 SO4 NA . -29.68 37.70 75.26
O3 SO4 NA . -29.12 38.44 73.06
O4 SO4 NA . -27.58 37.13 74.32
ZN ZN OA . -15.52 4.89 32.93
C CO3 PA . -19.19 1.94 29.67
O1 CO3 PA . -19.25 0.66 29.88
O2 CO3 PA . -18.19 2.63 30.10
O3 CO3 PA . -20.15 2.53 29.02
ZN ZN QA . -18.27 4.76 34.68
C10 R5X RA . -12.40 -2.28 38.76
C21 R5X RA . -22.26 -1.52 33.70
C22 R5X RA . -23.62 -1.49 33.98
C24 R5X RA . -23.30 0.50 35.31
C01 R5X RA . -14.57 -0.66 35.26
C02 R5X RA . -15.64 -0.15 34.55
C03 R5X RA . -16.90 -0.04 35.12
C04 R5X RA . -17.09 -0.42 36.45
C05 R5X RA . -16.01 -0.94 37.16
C06 R5X RA . -14.76 -1.06 36.57
N07 R5X RA . -13.69 -1.54 37.22
N08 R5X RA . -12.61 -1.75 36.71
C09 R5X RA . -11.76 -2.22 37.61
C11 R5X RA . -13.63 -1.85 38.53
C12 R5X RA . -17.88 0.51 34.29
N13 R5X RA . -19.30 0.30 34.62
C14 R5X RA . -17.66 2.02 34.20
O15 R5X RA . -17.61 2.72 35.22
N16 R5X RA . -17.57 2.49 32.95
O17 R5X RA . -17.37 3.91 32.80
C18 R5X RA . -20.05 -0.57 33.93
C19 R5X RA . -21.42 -0.55 34.24
O20 R5X RA . -19.61 -1.30 33.04
C23 R5X RA . -24.14 -0.47 34.78
C25 R5X RA . -21.94 0.46 35.02
N26 R5X RA . -24.43 -2.42 33.49
C13 1PE SA . 9.75 20.16 27.30
C23 1PE SA . 8.91 20.40 26.05
OH4 1PE SA . 10.25 18.83 27.30
C14 1PE SA . 11.76 17.23 28.30
C24 1PE SA . 11.25 18.66 28.30
OH5 1PE SA . 12.23 16.87 27.02
C15 1PE SA . 13.05 15.11 25.57
C25 1PE SA . 12.83 15.57 27.01
OH3 1PE TA . 10.98 11.56 22.09
C13 1PE TA . 10.68 10.94 24.40
C23 1PE TA . 10.63 12.06 23.38
OH4 1PE TA . 12.00 10.40 24.45
C14 1PE TA . 13.66 9.14 25.65
C24 1PE TA . 12.20 9.57 25.60
OH5 1PE TA . 14.48 10.30 25.46
C15 1PE TA . 16.62 11.10 24.70
C25 1PE TA . 15.86 9.95 25.36
C13 1PE UA . 1.55 22.62 41.98
C23 1PE UA . 2.98 22.11 41.78
OH4 1PE UA . 1.56 24.05 41.90
C14 1PE UA . 0.47 25.87 40.80
C24 1PE UA . 0.27 24.57 41.56
OH5 1PE UA . 1.34 25.61 39.70
C15 1PE UA . 2.90 26.46 38.09
C25 1PE UA . 1.75 26.80 39.04
OH6 1PE UA . 3.98 25.93 38.85
S SO4 VA . 13.00 15.26 31.65
O1 SO4 VA . 13.50 14.05 32.32
O2 SO4 VA . 11.54 15.27 31.64
O3 SO4 VA . 13.49 16.44 32.35
O4 SO4 VA . 13.48 15.28 30.27
ZN ZN WA . 28.54 -16.49 -60.31
C CO3 XA . 33.79 -15.29 -61.04
O1 CO3 XA . 32.61 -15.78 -61.22
O2 CO3 XA . 34.73 -16.02 -60.52
O3 CO3 XA . 34.05 -14.06 -61.38
ZN ZN YA . 29.19 -14.51 -57.85
C10 R5X ZA . 24.91 -9.28 -65.50
C21 R5X ZA . 34.42 -9.24 -59.63
C22 R5X ZA . 35.14 -8.66 -58.58
C24 R5X ZA . 33.54 -9.51 -57.00
C01 R5X ZA . 27.87 -11.24 -63.54
C02 R5X ZA . 28.95 -11.73 -62.82
C03 R5X ZA . 29.39 -11.12 -61.66
C04 R5X ZA . 28.72 -9.98 -61.20
C05 R5X ZA . 27.64 -9.48 -61.93
C06 R5X ZA . 27.22 -10.10 -63.10
N07 R5X ZA . 26.18 -9.65 -63.82
N08 R5X ZA . 25.24 -9.02 -63.40
C09 R5X ZA . 24.40 -8.75 -64.39
C11 R5X ZA . 26.05 -9.86 -65.12
C12 R5X ZA . 30.48 -11.73 -61.02
N13 R5X ZA . 31.29 -10.92 -60.08
C14 R5X ZA . 29.99 -12.94 -60.22
O15 R5X ZA . 29.13 -12.82 -59.34
N16 R5X ZA . 30.58 -14.10 -60.55
O17 R5X ZA . 30.16 -15.28 -59.82
C18 R5X ZA . 32.55 -10.57 -60.38
C19 R5X ZA . 33.26 -9.95 -59.35
O20 R5X ZA . 33.09 -10.82 -61.46
C23 R5X ZA . 34.69 -8.79 -57.27
C25 R5X ZA . 32.83 -10.10 -58.04
N26 R5X ZA . 36.24 -7.95 -58.84
OH3 1PE AB . 10.27 -35.57 -82.43
C13 1PE AB . 10.94 -34.01 -80.73
C23 1PE AB . 10.32 -35.37 -81.02
OH4 1PE AB . 11.30 -33.93 -79.35
C14 1PE AB . 13.00 -33.17 -77.85
C24 1PE AB . 12.22 -32.87 -79.13
OH5 1PE AB . 13.38 -34.53 -77.83
C15 1PE AB . 14.67 -36.11 -76.52
C25 1PE AB . 14.61 -34.71 -77.12
OH6 1PE AB . 14.77 -37.09 -77.55
C16 1PE AB . 13.96 -39.36 -77.28
C26 1PE AB . 13.60 -37.90 -77.54
OH7 1PE AB . 12.97 -39.92 -76.40
OH3 1PE BB . 9.68 -36.71 -71.12
C13 1PE BB . 9.96 -38.07 -69.14
C23 1PE BB . 9.00 -37.60 -70.24
OH4 1PE BB . 11.01 -38.85 -69.70
C14 1PE BB . 13.06 -40.07 -69.30
C24 1PE BB . 11.79 -39.47 -68.68
OH5 1PE BB . 12.74 -40.71 -70.53
C15 1PE BB . 13.36 -42.24 -72.27
C25 1PE BB . 13.82 -41.48 -71.02
OH6 1PE BB . 14.45 -43.00 -72.78
ZN ZN CB . 34.84 -7.70 -34.33
C CO3 DB . 32.83 -4.04 -30.76
O1 CO3 DB . 31.89 -4.14 -29.88
O2 CO3 DB . 33.42 -5.10 -31.22
O3 CO3 DB . 33.18 -2.86 -31.18
ZN ZN EB . 32.24 -6.68 -35.57
C10 R5X FB . 39.47 -2.07 -40.68
C21 R5X FB . 30.56 0.36 -34.46
C22 R5X FB . 29.21 0.65 -34.58
C24 R5X FB . 28.88 -1.39 -35.80
C01 R5X FB . 37.43 -2.95 -36.85
C02 R5X FB . 36.38 -3.07 -35.96
C03 R5X FB . 35.09 -2.67 -36.32
C04 R5X FB . 34.86 -2.16 -37.59
C05 R5X FB . 35.93 -2.03 -38.49
C06 R5X FB . 37.22 -2.44 -38.11
N07 R5X FB . 38.26 -2.33 -38.94
N08 R5X FB . 39.42 -2.47 -38.59
C09 R5X FB . 40.23 -2.31 -39.63
C11 R5X FB . 38.22 -2.09 -40.25
C12 R5X FB . 34.12 -2.87 -35.33
N13 R5X FB . 32.79 -2.25 -35.49
C14 R5X FB . 33.87 -4.36 -35.18
O15 R5X FB . 33.58 -5.06 -36.16
N16 R5X FB . 33.95 -4.82 -33.92
O17 R5X FB . 33.69 -6.22 -33.73
C18 R5X FB . 32.44 -1.10 -34.90
C19 R5X FB . 31.09 -0.79 -35.03
O20 R5X FB . 33.19 -0.38 -34.25
C23 R5X FB . 28.37 -0.23 -35.25
C25 R5X FB . 30.24 -1.68 -35.69
N26 R5X FB . 28.70 1.75 -34.04
S SO4 GB . 21.92 -22.08 -41.55
O1 SO4 GB . 21.66 -23.45 -41.14
O2 SO4 GB . 20.79 -21.23 -41.18
O3 SO4 GB . 22.12 -22.01 -42.99
O4 SO4 GB . 23.14 -21.59 -40.89
C12 1PE HB . 58.96 -25.97 -25.39
C22 1PE HB . 58.26 -24.70 -25.83
OH3 1PE HB . 58.10 -24.72 -27.25
C13 1PE HB . 58.07 -23.39 -29.25
C23 1PE HB . 57.70 -23.46 -27.77
OH4 1PE HB . 59.24 -22.60 -29.43
C14 1PE HB . 61.57 -22.90 -30.09
C24 1PE HB . 60.40 -23.39 -29.24
OH5 1PE HB . 62.62 -23.84 -29.92
C25 1PE HB . 63.84 -23.45 -30.55
ZN ZN IB . 8.11 -6.89 -43.28
C CO3 JB . 5.77 -6.07 -47.75
O1 CO3 JB . 6.01 -6.24 -46.48
O2 CO3 JB . 5.49 -7.10 -48.49
O3 CO3 JB . 5.82 -4.89 -48.28
ZN ZN KB . 10.47 -6.97 -45.42
C10 R5X LB . 10.85 2.04 -40.98
C21 R5X LB . 9.89 -3.08 -51.12
C22 R5X LB . 10.73 -2.95 -52.21
C24 R5X LB . 12.39 -1.92 -50.80
C01 R5X LB . 8.59 -0.93 -43.38
C02 R5X LB . 8.39 -1.84 -44.40
C03 R5X LB . 9.36 -2.02 -45.37
C04 R5X LB . 10.53 -1.28 -45.33
C05 R5X LB . 10.74 -0.35 -44.30
C06 R5X LB . 9.75 -0.19 -43.32
N07 R5X LB . 9.92 0.69 -42.34
N08 R5X LB . 9.04 1.11 -41.63
C09 R5X LB . 9.54 1.97 -40.75
C11 R5X LB . 11.09 1.23 -41.99
C12 R5X LB . 9.13 -2.95 -46.39
N13 R5X LB . 9.98 -2.74 -47.57
C14 R5X LB . 9.33 -4.38 -45.87
O15 R5X LB . 10.43 -4.75 -45.47
N16 R5X LB . 8.23 -5.14 -45.90
O17 R5X LB . 8.37 -6.53 -45.42
C18 R5X LB . 9.42 -2.76 -48.79
C19 R5X LB . 10.29 -2.62 -49.86
O20 R5X LB . 8.22 -2.95 -48.99
C23 R5X LB . 11.99 -2.38 -52.06
C25 R5X LB . 11.55 -2.05 -49.70
N26 R5X LB . 10.33 -3.39 -53.40
OH3 1PE MB . -4.84 -18.46 -17.47
C13 1PE MB . -2.70 -19.11 -18.37
C23 1PE MB . -4.19 -18.96 -18.64
OH4 1PE MB . -2.14 -17.84 -18.07
C14 1PE MB . -0.35 -16.56 -17.06
C24 1PE MB . -0.84 -17.94 -17.49
OH5 1PE MB . -1.23 -16.00 -16.11
C15 1PE MB . -1.79 -14.13 -14.69
C25 1PE MB . -0.75 -14.77 -15.59
OH6 1PE MB . -2.93 -13.74 -15.45
C12 1PE NB . -7.32 -7.59 -14.48
C22 1PE NB . -6.27 -7.40 -15.54
OH3 1PE NB . -6.36 -8.46 -16.50
C13 1PE NB . -5.88 -9.27 -18.71
C23 1PE NB . -5.72 -8.11 -17.73
OH4 1PE NB . -7.17 -9.83 -18.54
C14 1PE NB . -8.25 -11.95 -18.68
C24 1PE NB . -7.42 -10.92 -19.42
OH5 1PE NB . -9.19 -11.27 -17.85
C15 1PE NB . -10.61 -11.30 -15.90
C25 1PE NB . -9.71 -12.12 -16.83
ZN ZN OB . 12.66 22.55 -58.18
C CO3 PB . 10.58 22.78 -53.36
O1 CO3 PB . 10.49 21.61 -52.80
O2 CO3 PB . 10.49 22.88 -54.66
O3 CO3 PB . 10.76 23.84 -52.64
ZN ZN QB . 15.21 21.92 -56.21
C10 R5X RB . 12.04 13.32 -60.16
C21 R5X RB . 13.18 17.73 -50.30
C22 R5X RB . 14.06 17.64 -49.22
C24 R5X RB . 15.90 18.16 -50.68
C01 R5X RB . 11.13 16.93 -57.74
C02 R5X RB . 11.34 17.90 -56.76
C03 R5X RB . 12.44 17.82 -55.93
C04 R5X RB . 13.35 16.78 -56.04
C05 R5X RB . 13.15 15.80 -57.02
C06 R5X RB . 12.03 15.88 -57.86
N07 R5X RB . 11.81 14.97 -58.81
N08 R5X RB . 10.78 14.89 -59.44
C09 R5X RB . 10.85 13.88 -60.31
C11 R5X RB . 12.65 14.02 -59.21
C12 R5X RB . 12.56 18.85 -54.99
N13 R5X RB . 13.35 18.57 -53.78
C14 R5X RB . 13.14 20.09 -55.67
O15 R5X RB . 14.22 20.04 -56.26
N16 R5X RB . 12.40 21.20 -55.55
O17 R5X RB . 12.89 22.40 -56.16
C18 R5X RB . 12.80 18.11 -52.65
C19 R5X RB . 13.67 18.01 -51.58
O20 R5X RB . 11.60 17.84 -52.53
C23 R5X RB . 15.42 17.86 -49.40
C25 R5X RB . 15.03 18.24 -51.76
N26 R5X RB . 13.59 17.36 -48.01
OH4 1PE SB . -5.49 28.52 -84.59
C14 1PE SB . -3.54 27.76 -83.39
C24 1PE SB . -4.16 28.03 -84.76
OH5 1PE SB . -3.35 29.00 -82.70
C15 1PE SB . -2.61 30.10 -80.69
C25 1PE SB . -3.02 28.78 -81.32
OH6 1PE SB . -3.58 31.10 -81.01
C16 1PE SB . -3.69 33.41 -81.68
C26 1PE SB . -3.11 32.41 -80.69
OH7 1PE SB . -5.11 33.44 -81.58
ZN ZN TB . 36.74 24.17 -43.61
C CO3 UB . 41.41 21.28 -43.63
O1 CO3 UB . 40.59 22.17 -43.18
O2 CO3 UB . 41.14 20.01 -43.52
O3 CO3 UB . 42.51 21.66 -44.21
ZN ZN VB . 36.68 22.18 -46.15
C10 R5X WB . 31.07 17.70 -39.38
C21 R5X WB . 40.28 15.69 -44.91
C22 R5X WB . 40.71 14.88 -45.96
C24 R5X WB . 38.82 15.60 -47.27
C01 R5X WB . 34.94 19.53 -40.62
C02 R5X WB . 36.05 19.69 -41.42
C03 R5X WB . 36.22 18.93 -42.56
C04 R5X WB . 35.26 17.99 -42.92
C05 R5X WB . 34.14 17.81 -42.12
C06 R5X WB . 33.98 18.58 -40.97
N07 R5X WB . 32.92 18.44 -40.19
N08 R5X WB . 32.68 19.10 -39.21
C09 R5X WB . 31.54 18.71 -38.64
C11 R5X WB . 31.95 17.54 -40.36
C12 R5X WB . 37.37 19.19 -43.31
N13 R5X WB . 37.79 18.16 -44.27
C14 R5X WB . 37.14 20.49 -44.08
O15 R5X WB . 36.26 20.56 -44.94
N16 R5X WB . 37.96 21.49 -43.76
O17 R5X WB . 37.80 22.71 -44.45
C18 R5X WB . 38.73 17.26 -43.99
C19 R5X WB . 39.12 16.44 -45.04
O20 R5X WB . 39.27 17.16 -42.88
C23 R5X WB . 39.97 14.83 -47.15
C25 R5X WB . 38.39 16.40 -46.22
N26 R5X WB . 41.81 14.15 -45.83
S SO4 XB . 30.74 32.21 -61.75
O1 SO4 XB . 31.17 32.34 -60.37
O2 SO4 XB . 29.38 31.67 -61.77
O3 SO4 XB . 30.75 33.52 -62.41
O4 SO4 XB . 31.65 31.31 -62.46
OH3 1PE YB . 28.73 47.89 -20.94
C13 1PE YB . 27.76 45.96 -21.99
C23 1PE YB . 27.54 47.40 -21.56
OH4 1PE YB . 28.71 45.92 -23.07
C14 1PE YB . 30.03 44.56 -24.55
C24 1PE YB . 29.24 44.61 -23.26
OH5 1PE YB . 30.89 45.69 -24.62
C15 1PE YB . 32.46 46.96 -25.91
C25 1PE YB . 31.81 45.59 -25.70
OH6 1PE YB . 32.79 47.52 -24.64
C16 1PE YB . 33.16 49.53 -23.36
C26 1PE YB . 33.17 48.89 -24.74
OH7 1PE YB . 33.40 50.93 -23.47
ZN ZN ZB . 36.85 14.26 -70.19
C CO3 AC . 33.24 11.68 -73.42
O1 CO3 AC . 33.21 10.38 -73.28
O2 CO3 AC . 34.19 12.37 -72.87
O3 CO3 AC . 32.31 12.28 -74.10
ZN ZN BC . 34.00 14.28 -68.41
C10 R5X CC . 39.97 7.32 -64.42
C21 R5X CC . 30.30 7.80 -69.28
C22 R5X CC . 28.92 7.94 -69.16
C24 R5X CC . 29.21 10.13 -68.21
C01 R5X CC . 37.86 8.94 -67.94
C02 R5X CC . 36.80 9.47 -68.66
C03 R5X CC . 35.53 9.57 -68.12
C04 R5X CC . 35.31 9.16 -66.80
C05 R5X CC . 36.37 8.63 -66.07
C06 R5X CC . 37.64 8.52 -66.64
N07 R5X CC . 38.69 8.03 -65.97
N08 R5X CC . 39.74 7.70 -66.50
C09 R5X CC . 40.59 7.25 -65.59
C11 R5X CC . 38.78 7.81 -64.66
C12 R5X CC . 34.57 10.15 -68.96
N13 R5X CC . 33.14 9.88 -68.75
C14 R5X CC . 34.75 11.67 -68.92
O15 R5X CC . 34.82 12.27 -67.86
N16 R5X CC . 34.82 12.24 -70.12
O17 R5X CC . 34.98 13.63 -70.15
C18 R5X CC . 32.52 8.72 -68.98
C19 R5X CC . 31.13 8.83 -68.84
O20 R5X CC . 33.06 7.68 -69.33
C23 R5X CC . 28.37 9.10 -68.62
C25 R5X CC . 30.59 9.99 -68.32
N26 R5X CC . 28.11 6.95 -69.55
OH5 1PE DC . 66.83 19.03 -76.82
C15 1PE DC . 65.01 20.24 -77.82
C25 1PE DC . 65.51 18.89 -77.32
OH6 1PE DC . 63.88 20.04 -78.67
C16 1PE DC . 62.95 20.91 -80.71
C26 1PE DC . 63.52 21.25 -79.33
OH7 1PE DC . 63.47 21.84 -81.66
#